data_6ODE
#
_entry.id   6ODE
#
_cell.length_a   120.603
_cell.length_b   198.380
_cell.length_c   166.513
_cell.angle_alpha   90.000
_cell.angle_beta   103.100
_cell.angle_gamma   90.000
#
_symmetry.space_group_name_H-M   'P 1 21 1'
#
loop_
_entity.id
_entity.type
_entity.pdbx_description
1 polymer 'Proteasome subunit alpha'
2 polymer 'Proteasome subunit beta'
3 non-polymer N-{(2S)-1-({(1S)-1-[5-(2-fluorophenyl)-1H-imidazol-2-yl]ethyl}amino)-1,4-dioxo-4-[(2R)-2-phenylpyrrolidin-1-yl]butan-2-yl}-5-methyl-1,2-oxazole-3-carboxamide
4 water water
#
loop_
_entity_poly.entity_id
_entity_poly.type
_entity_poly.pdbx_seq_one_letter_code
_entity_poly.pdbx_strand_id
1 'polypeptide(L)'
;MEQAMRERSELARKGIARAKSVVALAYAGGVLFVAENPSRSLQKISELYDRVGFAAAGKFNEFDNLRRGGIQFADTRGYA
YDRRDVTGRQLANVYAQTLGTIFTEQAKPYEVELCVAEVAHYGETKRPELYRITYDGSIADEPHFVVMGGTTEPIANALK
ESYAENASLTDALRIAVAALRAGSADTSGGDQPTLGVASLEVAVLDANRPRRAFRRITGSALQALLVDQESPQSDGESSG
;
A,B,C,D,E,F,G,O,P,Q,R,S,T,U
2 'polypeptide(L)'
;TTIVALKYPGGVVMAGDRRSTQGNMISGRDVRKVYITDDYTATGIAGTAAVAVEFARLYAVELEHYEKLEGVPLTFAGKI
NRLAIMVRGNLAAAMQGLLALPLLAGYDIHASDPQSAGRIVSFDAAGGWNIEEEGYQAVGSGSLFAKSSMKKLYSQVTDG
DSGLRVAVEALYDAADDDSATGGPDLVRGIFPTAVIIDADGAVDVPESRIAELARAIIESRSGADTFGSDGGEK
;
H,I,J,K,L,M,N,V,W,X,Y,Z,a,b
#
loop_
_chem_comp.id
_chem_comp.type
_chem_comp.name
_chem_comp.formula
M9G peptide-like N-{(2S)-1-({(1S)-1-[5-(2-fluorophenyl)-1H-imidazol-2-yl]ethyl}amino)-1,4-dioxo-4-[(2R)-2-phenylpyrrolidin-1-yl]butan-2-yl}-5-methyl-1,2-oxazole-3-carboxamide 'C30 H31 F N6 O4'
#
# COMPACT_ATOMS: atom_id res chain seq x y z
N MET A 1 -28.11 -66.03 -8.59
CA MET A 1 -26.69 -65.72 -8.50
C MET A 1 -25.89 -66.94 -8.02
N GLU A 2 -26.60 -67.95 -7.52
CA GLU A 2 -25.94 -69.11 -6.96
C GLU A 2 -25.03 -69.79 -7.99
N GLN A 3 -25.48 -69.87 -9.24
CA GLN A 3 -24.66 -70.49 -10.27
C GLN A 3 -23.75 -69.51 -11.01
N ALA A 4 -24.02 -68.21 -10.93
CA ALA A 4 -23.13 -67.25 -11.56
C ALA A 4 -21.74 -67.30 -10.95
N MET A 5 -21.67 -67.29 -9.60
CA MET A 5 -20.38 -67.39 -8.92
C MET A 5 -19.74 -68.76 -9.15
N ARG A 6 -20.55 -69.81 -9.22
CA ARG A 6 -20.03 -71.11 -9.63
C ARG A 6 -19.38 -71.03 -11.01
N GLU A 7 -19.98 -70.25 -11.92
CA GLU A 7 -19.45 -70.11 -13.27
C GLU A 7 -18.12 -69.38 -13.27
N ARG A 8 -18.04 -68.27 -12.52
CA ARG A 8 -16.79 -67.51 -12.48
C ARG A 8 -15.68 -68.32 -11.83
N SER A 9 -15.98 -69.01 -10.72
CA SER A 9 -15.03 -69.93 -10.12
C SER A 9 -14.59 -70.99 -11.11
N GLU A 10 -15.52 -71.49 -11.92
CA GLU A 10 -15.18 -72.51 -12.92
C GLU A 10 -14.22 -71.94 -13.97
N LEU A 11 -14.53 -70.76 -14.49
CA LEU A 11 -13.69 -70.14 -15.52
C LEU A 11 -12.28 -69.88 -14.99
N ALA A 12 -12.18 -69.28 -13.81
CA ALA A 12 -10.87 -69.02 -13.22
C ALA A 12 -10.11 -70.31 -13.00
N ARG A 13 -10.76 -71.30 -12.38
CA ARG A 13 -10.10 -72.59 -12.12
C ARG A 13 -9.60 -73.23 -13.41
N LYS A 14 -10.37 -73.11 -14.49
CA LYS A 14 -9.94 -73.63 -15.78
C LYS A 14 -8.69 -72.91 -16.28
N GLY A 15 -8.79 -71.58 -16.41
CA GLY A 15 -7.67 -70.82 -16.94
C GLY A 15 -6.38 -71.03 -16.16
N ILE A 16 -6.49 -71.11 -14.83
CA ILE A 16 -5.33 -71.40 -14.01
C ILE A 16 -4.83 -72.82 -14.27
N ALA A 17 -5.76 -73.77 -14.33
CA ALA A 17 -5.39 -75.17 -14.54
C ALA A 17 -4.71 -75.39 -15.88
N ARG A 18 -4.85 -74.46 -16.83
CA ARG A 18 -4.23 -74.61 -18.14
C ARG A 18 -2.86 -73.94 -18.25
N ALA A 19 -2.42 -73.23 -17.22
CA ALA A 19 -1.17 -72.49 -17.29
C ALA A 19 0.00 -73.32 -16.74
N LYS A 20 1.22 -72.84 -17.02
CA LYS A 20 2.41 -73.48 -16.49
C LYS A 20 2.47 -73.31 -14.97
N SER A 21 3.30 -74.14 -14.34
CA SER A 21 3.31 -74.24 -12.89
C SER A 21 4.45 -73.45 -12.27
N VAL A 22 4.21 -72.95 -11.05
CA VAL A 22 5.17 -72.20 -10.27
C VAL A 22 5.26 -72.83 -8.90
N VAL A 23 6.48 -72.88 -8.36
CA VAL A 23 6.75 -73.48 -7.06
C VAL A 23 7.55 -72.51 -6.21
N ALA A 24 7.17 -72.37 -4.94
CA ALA A 24 7.92 -71.57 -3.98
C ALA A 24 8.24 -72.43 -2.76
N LEU A 25 9.52 -72.46 -2.39
CA LEU A 25 10.04 -73.28 -1.30
C LEU A 25 10.69 -72.41 -0.25
N ALA A 26 10.72 -72.91 0.99
CA ALA A 26 11.49 -72.30 2.07
C ALA A 26 12.71 -73.17 2.32
N TYR A 27 13.90 -72.61 2.09
CA TYR A 27 15.14 -73.34 2.27
C TYR A 27 16.05 -72.59 3.24
N ALA A 28 17.18 -73.21 3.57
CA ALA A 28 18.04 -72.72 4.65
C ALA A 28 18.48 -71.28 4.43
N GLY A 29 18.55 -70.84 3.17
CA GLY A 29 19.02 -69.50 2.87
C GLY A 29 17.92 -68.48 2.66
N GLY A 30 16.67 -68.91 2.64
CA GLY A 30 15.56 -68.00 2.42
C GLY A 30 14.41 -68.64 1.69
N VAL A 31 13.96 -68.03 0.59
CA VAL A 31 12.86 -68.57 -0.21
C VAL A 31 13.34 -68.74 -1.65
N LEU A 32 12.96 -69.86 -2.26
CA LEU A 32 13.34 -70.20 -3.63
C LEU A 32 12.10 -70.25 -4.50
N PHE A 33 12.04 -69.38 -5.49
CA PHE A 33 11.00 -69.40 -6.52
C PHE A 33 11.56 -70.07 -7.76
N VAL A 34 10.91 -71.14 -8.20
CA VAL A 34 11.22 -71.80 -9.47
C VAL A 34 9.93 -71.91 -10.27
N ALA A 35 9.91 -71.31 -11.46
CA ALA A 35 8.73 -71.33 -12.30
C ALA A 35 9.08 -71.82 -13.69
N GLU A 36 8.18 -72.59 -14.30
CA GLU A 36 8.36 -73.04 -15.68
C GLU A 36 8.03 -71.88 -16.60
N ASN A 37 9.04 -71.32 -17.25
CA ASN A 37 8.86 -70.13 -18.07
C ASN A 37 9.81 -70.16 -19.26
N PRO A 38 9.30 -70.39 -20.47
CA PRO A 38 10.19 -70.41 -21.65
C PRO A 38 10.67 -69.02 -22.06
N SER A 39 9.97 -67.97 -21.69
CA SER A 39 10.28 -66.63 -22.16
C SER A 39 11.61 -66.14 -21.58
N ARG A 40 12.31 -65.33 -22.37
CA ARG A 40 13.59 -64.77 -21.97
C ARG A 40 13.47 -63.36 -21.40
N SER A 41 12.26 -62.80 -21.32
CA SER A 41 12.12 -61.41 -20.89
C SER A 41 10.80 -61.14 -20.17
N LEU A 42 9.87 -62.09 -20.17
CA LEU A 42 8.60 -61.94 -19.46
C LEU A 42 8.69 -62.67 -18.12
N GLN A 43 8.35 -61.98 -17.04
CA GLN A 43 8.62 -62.44 -15.69
C GLN A 43 7.37 -62.95 -15.00
N LYS A 44 7.53 -64.02 -14.23
CA LYS A 44 6.49 -64.52 -13.34
C LYS A 44 6.86 -64.40 -11.87
N ILE A 45 8.14 -64.23 -11.56
CA ILE A 45 8.64 -64.00 -10.21
C ILE A 45 9.20 -62.58 -10.17
N SER A 46 8.93 -61.86 -9.09
CA SER A 46 9.35 -60.48 -9.04
C SER A 46 9.53 -60.04 -7.59
N GLU A 47 10.34 -58.99 -7.42
CA GLU A 47 10.51 -58.34 -6.14
C GLU A 47 9.31 -57.46 -5.83
N LEU A 48 8.82 -57.54 -4.59
CA LEU A 48 7.80 -56.62 -4.09
C LEU A 48 8.39 -55.55 -3.18
N TYR A 49 9.16 -55.95 -2.17
CA TYR A 49 9.78 -54.99 -1.27
C TYR A 49 11.06 -55.62 -0.73
N ASP A 50 11.75 -54.86 0.13
CA ASP A 50 13.07 -55.24 0.63
C ASP A 50 13.21 -56.74 0.89
N ARG A 51 12.28 -57.30 1.66
CA ARG A 51 12.34 -58.71 2.02
C ARG A 51 11.13 -59.49 1.53
N VAL A 52 10.34 -58.93 0.60
CA VAL A 52 9.09 -59.54 0.17
C VAL A 52 9.15 -59.79 -1.34
N GLY A 53 8.77 -61.01 -1.75
CA GLY A 53 8.79 -61.39 -3.14
C GLY A 53 7.44 -61.92 -3.60
N PHE A 54 7.32 -62.03 -4.93
CA PHE A 54 6.05 -62.23 -5.62
C PHE A 54 6.19 -63.31 -6.67
N ALA A 55 5.28 -64.29 -6.64
CA ALA A 55 5.21 -65.32 -7.67
C ALA A 55 3.76 -65.47 -8.11
N ALA A 56 3.56 -65.89 -9.36
CA ALA A 56 2.20 -65.90 -9.89
C ALA A 56 2.08 -66.91 -11.02
N ALA A 57 0.84 -67.34 -11.25
CA ALA A 57 0.51 -68.23 -12.36
C ALA A 57 -0.84 -67.84 -12.95
N GLY A 58 -0.96 -67.97 -14.27
CA GLY A 58 -2.21 -67.65 -14.94
C GLY A 58 -2.05 -66.75 -16.16
N LYS A 59 -3.02 -65.87 -16.40
CA LYS A 59 -2.88 -64.92 -17.49
C LYS A 59 -1.87 -63.84 -17.12
N PHE A 60 -0.91 -63.59 -18.02
CA PHE A 60 0.20 -62.71 -17.70
C PHE A 60 -0.29 -61.30 -17.36
N ASN A 61 -1.10 -60.70 -18.23
CA ASN A 61 -1.49 -59.32 -18.03
C ASN A 61 -2.21 -59.13 -16.70
N GLU A 62 -2.94 -60.16 -16.25
CA GLU A 62 -3.72 -60.03 -15.03
C GLU A 62 -2.83 -60.06 -13.78
N PHE A 63 -1.98 -61.09 -13.65
CA PHE A 63 -1.12 -61.12 -12.46
C PHE A 63 0.02 -60.11 -12.55
N ASP A 64 0.30 -59.57 -13.74
CA ASP A 64 1.21 -58.45 -13.83
C ASP A 64 0.55 -57.17 -13.35
N ASN A 65 -0.74 -56.99 -13.68
CA ASN A 65 -1.50 -55.91 -13.06
C ASN A 65 -1.44 -56.01 -11.53
N LEU A 66 -1.76 -57.20 -11.01
CA LEU A 66 -1.73 -57.39 -9.55
C LEU A 66 -0.32 -57.14 -9.00
N ARG A 67 0.72 -57.54 -9.74
CA ARG A 67 2.08 -57.32 -9.28
C ARG A 67 2.39 -55.83 -9.17
N ARG A 68 2.15 -55.08 -10.24
CA ARG A 68 2.39 -53.65 -10.23
C ARG A 68 1.60 -52.96 -9.12
N GLY A 69 0.34 -53.37 -8.93
CA GLY A 69 -0.43 -52.85 -7.81
C GLY A 69 0.19 -53.17 -6.47
N GLY A 70 0.80 -54.34 -6.33
CA GLY A 70 1.44 -54.69 -5.08
C GLY A 70 2.69 -53.87 -4.82
N ILE A 71 3.47 -53.60 -5.87
CA ILE A 71 4.60 -52.70 -5.74
C ILE A 71 4.15 -51.30 -5.36
N GLN A 72 3.03 -50.86 -5.96
CA GLN A 72 2.46 -49.56 -5.62
C GLN A 72 2.08 -49.50 -4.14
N PHE A 73 1.35 -50.52 -3.66
CA PHE A 73 0.95 -50.55 -2.26
C PHE A 73 2.18 -50.57 -1.35
N ALA A 74 3.17 -51.40 -1.67
CA ALA A 74 4.35 -51.52 -0.83
C ALA A 74 5.11 -50.20 -0.74
N ASP A 75 5.40 -49.59 -1.90
CA ASP A 75 6.16 -48.34 -1.89
C ASP A 75 5.39 -47.23 -1.20
N THR A 76 4.08 -47.14 -1.43
CA THR A 76 3.28 -46.10 -0.80
C THR A 76 3.28 -46.27 0.71
N ARG A 77 3.08 -47.50 1.19
CA ARG A 77 3.06 -47.74 2.63
C ARG A 77 4.43 -47.45 3.25
N GLY A 78 5.50 -47.92 2.62
CA GLY A 78 6.84 -47.65 3.12
C GLY A 78 7.15 -46.17 3.19
N TYR A 79 6.65 -45.39 2.23
CA TYR A 79 6.87 -43.95 2.26
C TYR A 79 6.04 -43.29 3.35
N ALA A 80 4.78 -43.67 3.47
CA ALA A 80 3.89 -43.02 4.45
C ALA A 80 4.35 -43.29 5.88
N TYR A 81 4.88 -44.49 6.14
CA TYR A 81 5.31 -44.88 7.49
C TYR A 81 6.78 -45.07 7.45
N ASP A 82 7.29 -46.31 7.44
CA ASP A 82 8.71 -46.58 7.27
C ASP A 82 8.86 -47.90 6.50
N ARG A 83 10.06 -48.13 5.99
CA ARG A 83 10.30 -49.37 5.24
C ARG A 83 9.99 -50.60 6.07
N ARG A 84 10.34 -50.57 7.36
CA ARG A 84 10.21 -51.75 8.21
C ARG A 84 8.80 -51.95 8.75
N ASP A 85 7.83 -51.15 8.30
CA ASP A 85 6.43 -51.42 8.58
C ASP A 85 5.77 -52.24 7.48
N VAL A 86 6.40 -52.33 6.31
CA VAL A 86 5.89 -53.12 5.20
C VAL A 86 6.19 -54.59 5.47
N THR A 87 5.14 -55.41 5.51
CA THR A 87 5.28 -56.83 5.77
C THR A 87 4.65 -57.62 4.64
N GLY A 88 5.11 -58.86 4.48
CA GLY A 88 4.50 -59.75 3.51
C GLY A 88 3.08 -60.13 3.86
N ARG A 89 2.79 -60.24 5.17
CA ARG A 89 1.41 -60.46 5.60
C ARG A 89 0.50 -59.36 5.09
N GLN A 90 0.96 -58.11 5.14
CA GLN A 90 0.18 -56.99 4.61
C GLN A 90 -0.13 -57.19 3.14
N LEU A 91 0.90 -57.44 2.32
CA LEU A 91 0.69 -57.57 0.89
C LEU A 91 -0.23 -58.74 0.56
N ALA A 92 -0.10 -59.85 1.30
CA ALA A 92 -1.05 -60.94 1.13
C ALA A 92 -2.47 -60.49 1.48
N ASN A 93 -2.61 -59.65 2.50
CA ASN A 93 -3.92 -59.14 2.90
C ASN A 93 -4.54 -58.31 1.78
N VAL A 94 -3.78 -57.36 1.23
CA VAL A 94 -4.29 -56.52 0.15
C VAL A 94 -4.58 -57.34 -1.09
N TYR A 95 -3.81 -58.40 -1.33
CA TYR A 95 -4.10 -59.27 -2.46
C TYR A 95 -5.40 -60.04 -2.24
N ALA A 96 -5.68 -60.44 -1.00
CA ALA A 96 -6.93 -61.13 -0.71
C ALA A 96 -8.12 -60.20 -0.91
N GLN A 97 -8.05 -58.99 -0.33
CA GLN A 97 -9.12 -58.02 -0.52
C GLN A 97 -9.31 -57.71 -2.01
N THR A 98 -8.22 -57.43 -2.71
CA THR A 98 -8.28 -57.06 -4.12
C THR A 98 -8.90 -58.18 -4.95
N LEU A 99 -8.30 -59.38 -4.89
CA LEU A 99 -8.77 -60.49 -5.72
C LEU A 99 -10.19 -60.90 -5.35
N GLY A 100 -10.58 -60.75 -4.08
CA GLY A 100 -11.98 -60.96 -3.73
C GLY A 100 -12.88 -59.98 -4.47
N THR A 101 -12.54 -58.69 -4.41
CA THR A 101 -13.35 -57.68 -5.10
C THR A 101 -13.40 -57.96 -6.60
N ILE A 102 -12.26 -58.24 -7.22
CA ILE A 102 -12.22 -58.53 -8.65
C ILE A 102 -13.08 -59.74 -8.97
N PHE A 103 -13.00 -60.78 -8.14
CA PHE A 103 -13.78 -61.99 -8.39
C PHE A 103 -15.28 -61.71 -8.33
N THR A 104 -15.71 -60.86 -7.40
CA THR A 104 -17.13 -60.63 -7.24
C THR A 104 -17.71 -59.57 -8.18
N GLU A 105 -16.92 -58.58 -8.59
CA GLU A 105 -17.48 -57.39 -9.23
C GLU A 105 -17.00 -57.11 -10.64
N GLN A 106 -15.81 -57.58 -11.03
CA GLN A 106 -15.29 -57.24 -12.34
C GLN A 106 -16.01 -58.02 -13.43
N ALA A 107 -15.77 -57.61 -14.69
CA ALA A 107 -16.42 -58.25 -15.83
C ALA A 107 -16.02 -59.71 -15.94
N LYS A 108 -14.72 -59.98 -15.87
CA LYS A 108 -14.21 -61.34 -15.83
C LYS A 108 -13.30 -61.48 -14.61
N PRO A 109 -13.43 -62.55 -13.85
CA PRO A 109 -12.49 -62.77 -12.74
C PRO A 109 -11.09 -63.03 -13.26
N TYR A 110 -10.11 -62.66 -12.44
CA TYR A 110 -8.71 -62.87 -12.83
C TYR A 110 -8.35 -64.35 -12.73
N GLU A 111 -7.81 -64.88 -13.83
CA GLU A 111 -7.35 -66.26 -13.87
C GLU A 111 -5.91 -66.32 -13.35
N VAL A 112 -5.77 -66.09 -12.05
CA VAL A 112 -4.46 -65.95 -11.42
C VAL A 112 -4.41 -66.74 -10.12
N GLU A 113 -3.21 -67.15 -9.75
CA GLU A 113 -2.90 -67.66 -8.41
C GLU A 113 -1.62 -66.99 -7.96
N LEU A 114 -1.61 -66.50 -6.73
CA LEU A 114 -0.55 -65.61 -6.25
C LEU A 114 0.16 -66.21 -5.05
N CYS A 115 1.46 -65.89 -4.94
CA CYS A 115 2.25 -66.22 -3.76
C CYS A 115 3.03 -64.99 -3.35
N VAL A 116 2.93 -64.65 -2.06
CA VAL A 116 3.69 -63.55 -1.46
C VAL A 116 4.56 -64.16 -0.36
N ALA A 117 5.86 -63.95 -0.47
CA ALA A 117 6.81 -64.61 0.43
C ALA A 117 7.67 -63.59 1.17
N GLU A 118 7.91 -63.84 2.45
CA GLU A 118 8.75 -62.95 3.24
C GLU A 118 9.82 -63.74 3.99
N VAL A 119 11.06 -63.29 3.86
CA VAL A 119 12.16 -63.76 4.68
C VAL A 119 12.47 -62.69 5.72
N ALA A 120 13.39 -63.00 6.63
CA ALA A 120 13.70 -62.08 7.72
C ALA A 120 14.58 -60.94 7.22
N HIS A 121 14.57 -59.85 7.97
CA HIS A 121 15.50 -58.76 7.73
C HIS A 121 16.90 -59.18 8.13
N TYR A 122 17.89 -58.50 7.56
CA TYR A 122 19.29 -58.89 7.76
C TYR A 122 19.64 -58.87 9.25
N GLY A 123 20.35 -59.92 9.68
CA GLY A 123 20.76 -60.04 11.06
C GLY A 123 19.68 -60.48 12.03
N GLU A 124 18.45 -60.60 11.59
CA GLU A 124 17.35 -61.06 12.42
C GLU A 124 17.07 -62.53 12.14
N THR A 125 16.33 -63.16 13.06
CA THR A 125 16.06 -64.59 13.01
C THR A 125 14.55 -64.79 12.96
N LYS A 126 14.02 -64.98 11.76
CA LYS A 126 12.60 -65.27 11.55
C LYS A 126 12.48 -66.25 10.39
N ARG A 127 11.69 -67.31 10.58
CA ARG A 127 11.53 -68.28 9.51
C ARG A 127 10.67 -67.69 8.40
N PRO A 128 10.97 -68.01 7.14
CA PRO A 128 10.21 -67.42 6.03
C PRO A 128 8.76 -67.85 6.08
N GLU A 129 7.87 -66.91 5.75
CA GLU A 129 6.45 -67.22 5.63
C GLU A 129 6.03 -67.13 4.18
N LEU A 130 5.23 -68.12 3.76
CA LEU A 130 4.71 -68.18 2.40
C LEU A 130 3.20 -67.99 2.45
N TYR A 131 2.67 -67.20 1.51
CA TYR A 131 1.24 -66.92 1.44
C TYR A 131 0.73 -67.27 0.05
N ARG A 132 -0.33 -68.07 -0.01
CA ARG A 132 -1.01 -68.37 -1.27
C ARG A 132 -2.34 -67.64 -1.28
N ILE A 133 -2.53 -66.77 -2.28
CA ILE A 133 -3.79 -66.07 -2.49
C ILE A 133 -4.43 -66.63 -3.76
N THR A 134 -5.70 -67.00 -3.66
CA THR A 134 -6.44 -67.68 -4.71
C THR A 134 -7.27 -66.67 -5.51
N TYR A 135 -7.71 -67.09 -6.70
CA TYR A 135 -8.46 -66.23 -7.61
C TYR A 135 -9.68 -65.59 -6.98
N ASP A 136 -10.21 -66.15 -5.89
CA ASP A 136 -11.40 -65.62 -5.24
C ASP A 136 -11.09 -64.89 -3.94
N GLY A 137 -9.81 -64.65 -3.64
CA GLY A 137 -9.44 -63.93 -2.44
C GLY A 137 -9.18 -64.79 -1.23
N SER A 138 -9.34 -66.11 -1.33
CA SER A 138 -8.96 -66.99 -0.23
C SER A 138 -7.45 -66.91 -0.03
N ILE A 139 -7.03 -66.96 1.24
CA ILE A 139 -5.63 -66.79 1.60
C ILE A 139 -5.21 -67.94 2.50
N ALA A 140 -4.05 -68.52 2.21
CA ALA A 140 -3.53 -69.70 2.89
C ALA A 140 -2.11 -69.43 3.36
N ASP A 141 -1.81 -69.94 4.56
CA ASP A 141 -0.55 -69.67 5.26
C ASP A 141 0.28 -70.96 5.22
N GLU A 142 1.41 -70.92 4.51
CA GLU A 142 2.22 -72.10 4.34
C GLU A 142 3.65 -71.87 4.84
N PRO A 143 4.23 -72.87 5.53
CA PRO A 143 5.58 -72.71 6.08
C PRO A 143 6.67 -73.36 5.24
N HIS A 144 6.31 -74.26 4.33
CA HIS A 144 7.28 -75.06 3.59
C HIS A 144 7.28 -74.73 2.10
N PHE A 145 6.15 -74.91 1.41
CA PHE A 145 6.13 -74.71 -0.03
C PHE A 145 4.70 -74.43 -0.49
N VAL A 146 4.59 -73.69 -1.59
CA VAL A 146 3.32 -73.52 -2.29
C VAL A 146 3.52 -73.88 -3.75
N VAL A 147 2.48 -74.44 -4.35
CA VAL A 147 2.44 -74.81 -5.76
C VAL A 147 1.25 -74.12 -6.41
N MET A 148 1.43 -73.61 -7.62
CA MET A 148 0.37 -72.88 -8.31
C MET A 148 0.41 -73.18 -9.80
N GLY A 149 -0.76 -73.12 -10.42
CA GLY A 149 -0.86 -73.26 -11.86
C GLY A 149 -0.75 -74.68 -12.37
N GLY A 150 -1.50 -74.99 -13.43
CA GLY A 150 -1.46 -76.31 -14.01
C GLY A 150 -2.04 -77.38 -13.08
N THR A 151 -1.65 -78.62 -13.35
CA THR A 151 -2.03 -79.75 -12.51
C THR A 151 -1.10 -79.77 -11.30
N THR A 152 -1.61 -79.30 -10.16
CA THR A 152 -0.76 -79.06 -9.00
C THR A 152 -0.62 -80.27 -8.08
N GLU A 153 -1.58 -81.20 -8.09
CA GLU A 153 -1.51 -82.33 -7.17
C GLU A 153 -0.28 -83.21 -7.38
N PRO A 154 0.12 -83.57 -8.61
CA PRO A 154 1.39 -84.30 -8.76
C PRO A 154 2.58 -83.57 -8.15
N ILE A 155 2.68 -82.26 -8.39
CA ILE A 155 3.81 -81.49 -7.87
C ILE A 155 3.78 -81.44 -6.35
N ALA A 156 2.61 -81.16 -5.77
CA ALA A 156 2.49 -81.09 -4.32
C ALA A 156 2.76 -82.44 -3.67
N ASN A 157 2.51 -83.55 -4.38
CA ASN A 157 2.86 -84.86 -3.85
C ASN A 157 4.36 -85.11 -3.94
N ALA A 158 4.98 -84.79 -5.08
CA ALA A 158 6.43 -84.94 -5.22
C ALA A 158 7.16 -84.14 -4.16
N LEU A 159 6.75 -82.88 -3.95
CA LEU A 159 7.30 -82.09 -2.86
C LEU A 159 6.96 -82.71 -1.50
N LYS A 160 5.74 -83.24 -1.37
CA LYS A 160 5.34 -83.86 -0.11
C LYS A 160 6.27 -85.01 0.26
N GLU A 161 6.86 -85.67 -0.72
CA GLU A 161 7.77 -86.78 -0.44
C GLU A 161 9.23 -86.34 -0.38
N SER A 162 9.62 -85.31 -1.13
CA SER A 162 11.04 -84.98 -1.29
C SER A 162 11.48 -83.76 -0.48
N TYR A 163 10.56 -83.02 0.13
CA TYR A 163 10.94 -81.78 0.79
C TYR A 163 11.55 -82.04 2.16
N ALA A 164 12.56 -81.24 2.50
CA ALA A 164 13.16 -81.22 3.82
C ALA A 164 13.40 -79.78 4.24
N GLU A 165 13.20 -79.50 5.52
CA GLU A 165 13.45 -78.15 6.03
C GLU A 165 14.93 -77.81 5.92
N ASN A 166 15.20 -76.52 5.71
CA ASN A 166 16.56 -75.96 5.73
C ASN A 166 17.50 -76.67 4.78
N ALA A 167 17.00 -77.10 3.63
CA ALA A 167 17.88 -77.63 2.60
C ALA A 167 18.74 -76.52 2.01
N SER A 168 19.82 -76.91 1.34
CA SER A 168 20.68 -75.95 0.68
C SER A 168 20.01 -75.43 -0.59
N LEU A 169 20.67 -74.49 -1.26
CA LEU A 169 20.13 -73.95 -2.49
C LEU A 169 20.12 -74.99 -3.60
N THR A 170 21.24 -75.71 -3.76
CA THR A 170 21.34 -76.71 -4.84
C THR A 170 20.35 -77.85 -4.61
N ASP A 171 20.21 -78.30 -3.36
CA ASP A 171 19.26 -79.37 -3.06
C ASP A 171 17.82 -78.90 -3.27
N ALA A 172 17.45 -77.77 -2.67
CA ALA A 172 16.08 -77.26 -2.84
C ALA A 172 15.75 -77.03 -4.31
N LEU A 173 16.74 -76.59 -5.09
CA LEU A 173 16.52 -76.41 -6.53
C LEU A 173 16.31 -77.74 -7.23
N ARG A 174 17.12 -78.74 -6.88
CA ARG A 174 16.95 -80.08 -7.44
C ARG A 174 15.55 -80.62 -7.16
N ILE A 175 15.14 -80.56 -5.90
CA ILE A 175 13.82 -81.06 -5.49
C ILE A 175 12.72 -80.29 -6.20
N ALA A 176 12.90 -78.98 -6.36
CA ALA A 176 11.87 -78.15 -6.99
C ALA A 176 11.72 -78.48 -8.46
N VAL A 177 12.84 -78.59 -9.19
CA VAL A 177 12.78 -78.91 -10.61
C VAL A 177 12.21 -80.32 -10.81
N ALA A 178 12.55 -81.25 -9.92
CA ALA A 178 11.95 -82.58 -9.99
C ALA A 178 10.43 -82.51 -9.84
N ALA A 179 9.98 -81.87 -8.76
CA ALA A 179 8.54 -81.78 -8.52
C ALA A 179 7.81 -81.06 -9.66
N LEU A 180 8.46 -80.08 -10.30
CA LEU A 180 7.87 -79.47 -11.47
C LEU A 180 7.81 -80.46 -12.64
N ARG A 181 8.82 -81.32 -12.76
CA ARG A 181 8.77 -82.35 -13.80
C ARG A 181 7.61 -83.32 -13.56
N ALA A 182 7.23 -83.53 -12.30
CA ALA A 182 6.09 -84.39 -11.99
C ALA A 182 4.79 -83.86 -12.62
N GLY A 183 4.74 -82.59 -12.98
CA GLY A 183 3.55 -82.02 -13.61
C GLY A 183 3.36 -82.42 -15.05
N SER A 184 4.43 -82.77 -15.76
CA SER A 184 4.37 -83.26 -17.14
C SER A 184 3.61 -82.31 -18.06
N THR A 194 15.29 -82.04 -18.97
CA THR A 194 14.47 -81.36 -19.97
C THR A 194 14.14 -79.93 -19.55
N LEU A 195 14.33 -79.63 -18.26
CA LEU A 195 14.05 -78.30 -17.70
C LEU A 195 15.39 -77.62 -17.40
N GLY A 196 15.91 -76.90 -18.38
CA GLY A 196 17.17 -76.20 -18.27
C GLY A 196 16.99 -74.71 -18.06
N VAL A 197 18.04 -73.96 -18.38
CA VAL A 197 18.02 -72.52 -18.16
C VAL A 197 17.09 -71.81 -19.13
N ALA A 198 16.74 -72.44 -20.25
CA ALA A 198 15.83 -71.87 -21.22
C ALA A 198 14.37 -72.25 -20.96
N SER A 199 14.12 -73.06 -19.93
CA SER A 199 12.76 -73.42 -19.56
C SER A 199 12.39 -73.01 -18.15
N LEU A 200 13.25 -72.25 -17.46
CA LEU A 200 13.05 -71.98 -16.05
C LEU A 200 13.30 -70.51 -15.75
N GLU A 201 12.54 -70.00 -14.78
CA GLU A 201 12.77 -68.70 -14.14
C GLU A 201 13.00 -68.97 -12.67
N VAL A 202 14.21 -68.69 -12.19
CA VAL A 202 14.62 -69.01 -10.82
C VAL A 202 15.07 -67.74 -10.14
N ALA A 203 14.55 -67.51 -8.93
CA ALA A 203 14.98 -66.38 -8.12
C ALA A 203 14.84 -66.76 -6.65
N VAL A 204 15.48 -65.98 -5.78
CA VAL A 204 15.49 -66.27 -4.35
C VAL A 204 15.29 -64.98 -3.56
N LEU A 205 14.65 -65.11 -2.40
CA LEU A 205 14.69 -64.12 -1.33
C LEU A 205 15.77 -64.61 -0.36
N ASP A 206 16.94 -64.00 -0.47
CA ASP A 206 18.14 -64.41 0.26
C ASP A 206 18.26 -63.57 1.52
N ALA A 207 18.02 -64.19 2.68
CA ALA A 207 18.07 -63.48 3.95
C ALA A 207 19.48 -63.04 4.32
N ASN A 208 20.51 -63.48 3.59
CA ASN A 208 21.88 -63.08 3.86
C ASN A 208 22.25 -61.78 3.16
N ARG A 209 21.27 -61.01 2.73
CA ARG A 209 21.54 -59.75 2.05
C ARG A 209 21.13 -58.57 2.93
N PRO A 210 21.84 -57.45 2.82
CA PRO A 210 21.60 -56.31 3.72
C PRO A 210 20.19 -55.76 3.65
N ARG A 211 19.74 -55.34 2.45
CA ARG A 211 18.41 -54.76 2.31
C ARG A 211 17.55 -55.53 1.32
N ARG A 212 17.85 -55.46 0.02
CA ARG A 212 17.01 -56.11 -0.98
C ARG A 212 17.39 -57.57 -1.09
N ALA A 213 16.52 -58.45 -0.59
CA ALA A 213 16.80 -59.88 -0.55
C ALA A 213 16.61 -60.56 -1.89
N PHE A 214 15.87 -59.96 -2.81
CA PHE A 214 15.53 -60.63 -4.07
C PHE A 214 16.72 -60.64 -5.01
N ARG A 215 17.05 -61.82 -5.54
CA ARG A 215 18.04 -61.96 -6.59
C ARG A 215 17.57 -63.01 -7.59
N ARG A 216 18.02 -62.89 -8.83
CA ARG A 216 17.69 -63.85 -9.87
C ARG A 216 18.90 -64.73 -10.18
N ILE A 217 18.63 -65.99 -10.51
CA ILE A 217 19.65 -66.94 -10.89
C ILE A 217 19.41 -67.31 -12.35
N THR A 218 20.31 -66.89 -13.23
CA THR A 218 20.13 -67.06 -14.67
C THR A 218 21.45 -67.48 -15.30
N GLY A 219 21.34 -68.18 -16.42
CA GLY A 219 22.49 -68.33 -17.29
C GLY A 219 23.51 -69.28 -16.68
N SER A 220 24.75 -68.78 -16.57
CA SER A 220 25.87 -69.60 -16.09
C SER A 220 25.65 -70.06 -14.66
N ALA A 221 25.18 -69.15 -13.79
CA ALA A 221 24.96 -69.49 -12.39
C ALA A 221 23.91 -70.59 -12.25
N LEU A 222 22.78 -70.44 -12.97
CA LEU A 222 21.71 -71.42 -12.89
C LEU A 222 22.14 -72.76 -13.46
N GLN A 223 22.84 -72.74 -14.61
CA GLN A 223 23.39 -73.98 -15.17
C GLN A 223 24.29 -74.68 -14.18
N ALA A 224 25.15 -73.90 -13.50
CA ALA A 224 26.03 -74.49 -12.49
C ALA A 224 25.25 -75.03 -11.30
N LEU A 225 24.09 -74.45 -11.00
CA LEU A 225 23.30 -74.94 -9.88
C LEU A 225 22.50 -76.18 -10.22
N LEU A 226 22.17 -76.38 -11.49
CA LEU A 226 21.40 -77.56 -11.89
C LEU A 226 22.26 -78.81 -12.04
N VAL A 227 23.56 -78.66 -12.28
CA VAL A 227 24.42 -79.81 -12.53
C VAL A 227 24.90 -80.45 -11.22
N MET B 1 -37.86 -61.25 -6.95
CA MET B 1 -37.28 -60.58 -5.78
C MET B 1 -37.03 -61.55 -4.64
N GLU B 2 -38.08 -62.27 -4.23
CA GLU B 2 -37.96 -63.23 -3.14
C GLU B 2 -36.89 -64.28 -3.45
N GLN B 3 -36.87 -64.75 -4.69
CA GLN B 3 -35.96 -65.84 -5.04
C GLN B 3 -34.50 -65.38 -5.01
N ALA B 4 -34.22 -64.18 -5.53
CA ALA B 4 -32.86 -63.66 -5.50
C ALA B 4 -32.34 -63.55 -4.06
N MET B 5 -33.19 -63.06 -3.16
CA MET B 5 -32.80 -62.94 -1.76
C MET B 5 -32.61 -64.31 -1.12
N ARG B 6 -33.40 -65.30 -1.52
CA ARG B 6 -33.20 -66.64 -0.99
C ARG B 6 -31.90 -67.26 -1.50
N GLU B 7 -31.55 -66.98 -2.76
CA GLU B 7 -30.26 -67.43 -3.30
C GLU B 7 -29.12 -66.80 -2.52
N ARG B 8 -29.19 -65.49 -2.29
CA ARG B 8 -28.16 -64.81 -1.49
C ARG B 8 -28.05 -65.43 -0.10
N SER B 9 -29.18 -65.54 0.60
CA SER B 9 -29.18 -66.09 1.95
C SER B 9 -28.60 -67.51 1.97
N GLU B 10 -28.88 -68.30 0.94
CA GLU B 10 -28.37 -69.67 0.90
C GLU B 10 -26.87 -69.69 0.64
N LEU B 11 -26.39 -68.85 -0.27
CA LEU B 11 -24.95 -68.76 -0.53
C LEU B 11 -24.20 -68.37 0.74
N ALA B 12 -24.76 -67.43 1.51
CA ALA B 12 -24.12 -67.03 2.76
C ALA B 12 -24.18 -68.14 3.80
N ARG B 13 -25.36 -68.76 3.97
CA ARG B 13 -25.52 -69.84 4.92
C ARG B 13 -24.53 -70.98 4.67
N LYS B 14 -24.48 -71.45 3.42
CA LYS B 14 -23.54 -72.51 3.07
C LYS B 14 -22.10 -72.05 3.22
N GLY B 15 -21.81 -70.81 2.84
CA GLY B 15 -20.44 -70.31 2.97
C GLY B 15 -19.96 -70.32 4.41
N ILE B 16 -20.85 -69.97 5.35
CA ILE B 16 -20.50 -70.00 6.76
C ILE B 16 -20.45 -71.44 7.27
N ALA B 17 -21.29 -72.31 6.71
CA ALA B 17 -21.35 -73.69 7.19
C ALA B 17 -20.04 -74.44 6.98
N ARG B 18 -19.27 -74.07 5.95
CA ARG B 18 -17.98 -74.69 5.72
C ARG B 18 -16.87 -74.08 6.57
N ALA B 19 -17.13 -72.94 7.19
CA ALA B 19 -16.10 -72.25 7.97
C ALA B 19 -16.00 -72.84 9.37
N LYS B 20 -14.79 -72.77 9.93
CA LYS B 20 -14.55 -73.29 11.27
C LYS B 20 -15.22 -72.40 12.31
N SER B 21 -15.55 -73.00 13.45
CA SER B 21 -16.42 -72.37 14.43
C SER B 21 -15.66 -71.45 15.38
N VAL B 22 -16.40 -70.49 15.93
CA VAL B 22 -15.91 -69.53 16.91
C VAL B 22 -16.95 -69.44 18.02
N VAL B 23 -16.49 -69.27 19.26
CA VAL B 23 -17.35 -69.24 20.43
C VAL B 23 -16.93 -68.10 21.34
N ALA B 24 -17.92 -67.47 21.97
CA ALA B 24 -17.71 -66.38 22.91
C ALA B 24 -18.50 -66.65 24.18
N LEU B 25 -17.83 -66.55 25.33
CA LEU B 25 -18.44 -66.86 26.62
C LEU B 25 -18.16 -65.77 27.63
N ALA B 26 -19.19 -65.30 28.31
CA ALA B 26 -19.01 -64.38 29.42
C ALA B 26 -18.56 -65.15 30.65
N TYR B 27 -17.50 -64.67 31.30
CA TYR B 27 -16.98 -65.31 32.50
C TYR B 27 -16.65 -64.24 33.54
N ALA B 28 -16.26 -64.71 34.73
CA ALA B 28 -16.12 -63.82 35.89
C ALA B 28 -15.15 -62.68 35.62
N GLY B 29 -14.07 -62.95 34.88
CA GLY B 29 -13.09 -61.94 34.60
C GLY B 29 -13.33 -61.12 33.36
N GLY B 30 -14.45 -61.33 32.65
CA GLY B 30 -14.72 -60.58 31.44
C GLY B 30 -15.39 -61.40 30.36
N VAL B 31 -14.84 -61.37 29.14
CA VAL B 31 -15.38 -62.12 28.02
C VAL B 31 -14.25 -62.94 27.39
N LEU B 32 -14.56 -64.15 26.96
CA LEU B 32 -13.59 -65.10 26.43
C LEU B 32 -13.95 -65.43 24.98
N PHE B 33 -12.96 -65.29 24.09
CA PHE B 33 -13.10 -65.59 22.67
C PHE B 33 -12.21 -66.78 22.34
N VAL B 34 -12.82 -67.89 21.92
CA VAL B 34 -12.11 -69.11 21.53
C VAL B 34 -12.52 -69.47 20.12
N ALA B 35 -11.56 -69.57 19.21
CA ALA B 35 -11.84 -69.85 17.82
C ALA B 35 -10.88 -70.91 17.30
N GLU B 36 -11.39 -71.76 16.40
CA GLU B 36 -10.56 -72.73 15.71
C GLU B 36 -9.81 -72.02 14.59
N ASN B 37 -8.48 -71.91 14.72
CA ASN B 37 -7.69 -71.22 13.72
C ASN B 37 -6.29 -71.82 13.63
N PRO B 38 -5.98 -72.56 12.56
CA PRO B 38 -4.65 -73.13 12.43
C PRO B 38 -3.58 -72.14 12.00
N SER B 39 -3.96 -70.98 11.47
CA SER B 39 -3.00 -70.09 10.84
C SER B 39 -2.04 -69.48 11.86
N ARG B 40 -0.84 -69.16 11.39
CA ARG B 40 0.20 -68.57 12.23
C ARG B 40 0.07 -67.04 12.33
N SER B 41 -0.59 -66.40 11.37
CA SER B 41 -0.69 -64.94 11.38
C SER B 41 -2.03 -64.42 10.88
N LEU B 42 -3.00 -65.29 10.62
CA LEU B 42 -4.34 -64.88 10.20
C LEU B 42 -5.28 -65.02 11.40
N GLN B 43 -5.93 -63.92 11.77
CA GLN B 43 -6.71 -63.86 13.00
C GLN B 43 -8.18 -63.59 12.71
N LYS B 44 -9.04 -64.24 13.49
CA LYS B 44 -10.47 -64.05 13.41
C LYS B 44 -11.02 -63.22 14.57
N ILE B 45 -10.28 -63.15 15.68
CA ILE B 45 -10.66 -62.37 16.85
C ILE B 45 -9.77 -61.14 16.91
N SER B 46 -10.36 -60.00 17.27
CA SER B 46 -9.61 -58.75 17.23
C SER B 46 -10.17 -57.78 18.27
N GLU B 47 -9.36 -56.76 18.54
CA GLU B 47 -9.79 -55.63 19.37
C GLU B 47 -10.48 -54.59 18.50
N LEU B 48 -11.57 -54.03 19.02
CA LEU B 48 -12.24 -52.91 18.38
C LEU B 48 -11.99 -51.61 19.15
N TYR B 49 -12.34 -51.58 20.43
CA TYR B 49 -12.12 -50.38 21.23
C TYR B 49 -11.78 -50.82 22.65
N ASP B 50 -11.54 -49.83 23.52
CA ASP B 50 -11.03 -50.07 24.87
C ASP B 50 -11.65 -51.29 25.52
N ARG B 51 -12.98 -51.36 25.55
CA ARG B 51 -13.68 -52.45 26.21
C ARG B 51 -14.54 -53.26 25.24
N VAL B 52 -14.25 -53.18 23.94
CA VAL B 52 -15.09 -53.82 22.93
C VAL B 52 -14.23 -54.69 22.02
N GLY B 53 -14.60 -55.97 21.90
CA GLY B 53 -13.91 -56.92 21.06
C GLY B 53 -14.75 -57.51 19.96
N PHE B 54 -14.08 -58.06 18.94
CA PHE B 54 -14.70 -58.51 17.70
C PHE B 54 -14.27 -59.95 17.42
N ALA B 55 -15.25 -60.80 17.09
CA ALA B 55 -14.97 -62.16 16.65
C ALA B 55 -15.80 -62.45 15.40
N ALA B 56 -15.28 -63.32 14.53
CA ALA B 56 -15.93 -63.51 13.24
C ALA B 56 -15.72 -64.93 12.74
N ALA B 57 -16.68 -65.39 11.94
CA ALA B 57 -16.59 -66.68 11.26
C ALA B 57 -17.01 -66.51 9.80
N GLY B 58 -16.32 -67.21 8.91
CA GLY B 58 -16.66 -67.16 7.49
C GLY B 58 -15.49 -66.91 6.57
N LYS B 59 -15.66 -66.00 5.61
CA LYS B 59 -14.63 -65.72 4.61
C LYS B 59 -13.70 -64.64 5.13
N PHE B 60 -12.39 -64.91 5.06
CA PHE B 60 -11.41 -64.07 5.76
C PHE B 60 -11.44 -62.62 5.27
N ASN B 61 -11.31 -62.42 3.96
CA ASN B 61 -11.21 -61.06 3.45
C ASN B 61 -12.46 -60.24 3.74
N GLU B 62 -13.62 -60.90 3.83
CA GLU B 62 -14.87 -60.17 4.06
C GLU B 62 -14.99 -59.74 5.52
N PHE B 63 -14.86 -60.67 6.47
CA PHE B 63 -14.95 -60.22 7.85
C PHE B 63 -13.72 -59.43 8.29
N ASP B 64 -12.64 -59.47 7.51
CA ASP B 64 -11.51 -58.61 7.78
C ASP B 64 -11.78 -57.18 7.30
N ASN B 65 -12.42 -57.05 6.13
CA ASN B 65 -12.93 -55.75 5.73
C ASN B 65 -13.88 -55.18 6.78
N LEU B 66 -14.80 -56.01 7.28
CA LEU B 66 -15.72 -55.55 8.31
C LEU B 66 -14.99 -55.22 9.62
N ARG B 67 -13.94 -55.97 9.95
CA ARG B 67 -13.16 -55.67 11.14
C ARG B 67 -12.48 -54.30 11.03
N ARG B 68 -11.84 -54.04 9.88
CA ARG B 68 -11.21 -52.75 9.67
C ARG B 68 -12.24 -51.62 9.70
N GLY B 69 -13.41 -51.83 9.08
CA GLY B 69 -14.43 -50.80 9.08
C GLY B 69 -14.97 -50.53 10.48
N GLY B 70 -15.06 -51.57 11.31
CA GLY B 70 -15.49 -51.38 12.68
C GLY B 70 -14.46 -50.62 13.51
N ILE B 71 -13.18 -50.96 13.33
CA ILE B 71 -12.12 -50.22 14.00
C ILE B 71 -12.17 -48.74 13.59
N GLN B 72 -12.40 -48.48 12.30
CA GLN B 72 -12.46 -47.11 11.82
C GLN B 72 -13.64 -46.36 12.42
N PHE B 73 -14.82 -46.98 12.41
CA PHE B 73 -15.99 -46.36 13.03
C PHE B 73 -15.70 -46.02 14.49
N ALA B 74 -15.15 -46.97 15.24
CA ALA B 74 -14.94 -46.78 16.66
C ALA B 74 -13.96 -45.64 16.93
N ASP B 75 -12.80 -45.66 16.25
CA ASP B 75 -11.81 -44.61 16.50
C ASP B 75 -12.34 -43.25 16.05
N THR B 76 -13.06 -43.19 14.94
CA THR B 76 -13.63 -41.93 14.48
C THR B 76 -14.62 -41.36 15.50
N ARG B 77 -15.52 -42.21 16.00
CA ARG B 77 -16.49 -41.75 16.99
C ARG B 77 -15.81 -41.31 18.28
N GLY B 78 -14.82 -42.07 18.75
CA GLY B 78 -14.08 -41.65 19.92
C GLY B 78 -13.37 -40.32 19.72
N TYR B 79 -12.93 -40.03 18.50
CA TYR B 79 -12.28 -38.76 18.24
C TYR B 79 -13.29 -37.61 18.16
N ALA B 80 -14.46 -37.87 17.58
CA ALA B 80 -15.45 -36.81 17.40
C ALA B 80 -16.07 -36.39 18.73
N TYR B 81 -16.10 -37.28 19.71
CA TYR B 81 -16.68 -36.98 21.01
C TYR B 81 -15.72 -37.37 22.12
N ASP B 82 -15.89 -38.59 22.65
CA ASP B 82 -15.01 -39.07 23.70
C ASP B 82 -14.93 -40.59 23.62
N ARG B 83 -13.86 -41.13 24.20
CA ARG B 83 -13.62 -42.57 24.11
C ARG B 83 -14.68 -43.38 24.85
N ARG B 84 -15.31 -42.80 25.87
CA ARG B 84 -16.31 -43.53 26.63
C ARG B 84 -17.71 -43.48 26.00
N ASP B 85 -17.91 -42.63 25.00
CA ASP B 85 -19.15 -42.66 24.24
C ASP B 85 -19.19 -43.82 23.25
N VAL B 86 -18.08 -44.51 23.05
CA VAL B 86 -18.05 -45.69 22.21
C VAL B 86 -18.53 -46.89 23.01
N THR B 87 -19.51 -47.61 22.47
CA THR B 87 -20.12 -48.74 23.16
C THR B 87 -20.24 -49.92 22.20
N GLY B 88 -20.50 -51.09 22.78
CA GLY B 88 -20.70 -52.28 21.97
C GLY B 88 -22.04 -52.29 21.25
N ARG B 89 -23.06 -51.71 21.88
CA ARG B 89 -24.39 -51.69 21.25
C ARG B 89 -24.36 -50.97 19.92
N GLN B 90 -23.63 -49.85 19.83
CA GLN B 90 -23.62 -49.10 18.58
C GLN B 90 -22.68 -49.70 17.54
N LEU B 91 -21.64 -50.40 17.97
CA LEU B 91 -20.84 -51.17 17.02
C LEU B 91 -21.66 -52.31 16.42
N ALA B 92 -22.45 -52.99 17.25
CA ALA B 92 -23.34 -54.03 16.74
C ALA B 92 -24.41 -53.44 15.84
N ASN B 93 -24.91 -52.26 16.19
CA ASN B 93 -25.93 -51.60 15.37
C ASN B 93 -25.39 -51.25 14.00
N VAL B 94 -24.22 -50.61 13.95
CA VAL B 94 -23.64 -50.22 12.67
C VAL B 94 -23.21 -51.44 11.87
N TYR B 95 -22.81 -52.52 12.55
CA TYR B 95 -22.50 -53.76 11.84
C TYR B 95 -23.76 -54.36 11.22
N ALA B 96 -24.90 -54.28 11.93
CA ALA B 96 -26.16 -54.75 11.35
C ALA B 96 -26.55 -53.92 10.14
N GLN B 97 -26.42 -52.60 10.24
CA GLN B 97 -26.69 -51.73 9.09
C GLN B 97 -25.81 -52.10 7.90
N THR B 98 -24.50 -52.19 8.13
CA THR B 98 -23.57 -52.46 7.03
C THR B 98 -23.84 -53.81 6.39
N LEU B 99 -24.03 -54.84 7.21
CA LEU B 99 -24.30 -56.17 6.64
C LEU B 99 -25.64 -56.23 5.94
N GLY B 100 -26.60 -55.41 6.36
CA GLY B 100 -27.84 -55.31 5.59
C GLY B 100 -27.61 -54.73 4.21
N THR B 101 -26.91 -53.59 4.14
CA THR B 101 -26.62 -52.99 2.84
C THR B 101 -25.81 -53.94 1.95
N ILE B 102 -24.81 -54.60 2.51
CA ILE B 102 -24.00 -55.53 1.73
C ILE B 102 -24.84 -56.70 1.22
N PHE B 103 -25.60 -57.32 2.13
CA PHE B 103 -26.42 -58.47 1.76
C PHE B 103 -27.40 -58.11 0.65
N THR B 104 -27.93 -56.88 0.69
CA THR B 104 -28.97 -56.51 -0.26
C THR B 104 -28.42 -56.05 -1.61
N GLU B 105 -27.37 -55.22 -1.60
CA GLU B 105 -27.01 -54.47 -2.79
C GLU B 105 -25.71 -54.90 -3.46
N GLN B 106 -24.83 -55.59 -2.75
CA GLN B 106 -23.52 -55.90 -3.32
C GLN B 106 -23.61 -57.04 -4.33
N ALA B 107 -22.53 -57.20 -5.10
CA ALA B 107 -22.48 -58.22 -6.14
C ALA B 107 -22.71 -59.61 -5.55
N LYS B 108 -22.00 -59.94 -4.47
CA LYS B 108 -22.18 -61.18 -3.74
C LYS B 108 -22.31 -60.88 -2.25
N PRO B 109 -23.27 -61.49 -1.56
CA PRO B 109 -23.41 -61.24 -0.12
C PRO B 109 -22.18 -61.72 0.64
N TYR B 110 -21.93 -61.08 1.78
CA TYR B 110 -20.81 -61.46 2.62
C TYR B 110 -21.12 -62.75 3.36
N GLU B 111 -20.22 -63.73 3.26
CA GLU B 111 -20.37 -65.01 3.94
C GLU B 111 -19.67 -64.94 5.29
N VAL B 112 -20.27 -64.17 6.20
CA VAL B 112 -19.68 -63.89 7.51
C VAL B 112 -20.75 -63.97 8.59
N GLU B 113 -20.29 -64.15 9.83
CA GLU B 113 -21.12 -64.03 11.01
C GLU B 113 -20.27 -63.40 12.11
N LEU B 114 -20.79 -62.35 12.74
CA LEU B 114 -20.00 -61.49 13.61
C LEU B 114 -20.50 -61.57 15.04
N CYS B 115 -19.59 -61.26 15.97
CA CYS B 115 -19.89 -61.13 17.38
C CYS B 115 -19.15 -59.92 17.92
N VAL B 116 -19.90 -58.99 18.52
CA VAL B 116 -19.34 -57.81 19.17
C VAL B 116 -19.61 -57.94 20.66
N ALA B 117 -18.55 -57.81 21.47
CA ALA B 117 -18.65 -57.98 22.91
C ALA B 117 -18.13 -56.75 23.64
N GLU B 118 -18.75 -56.46 24.79
CA GLU B 118 -18.36 -55.31 25.59
C GLU B 118 -18.28 -55.70 27.06
N VAL B 119 -17.16 -55.37 27.70
CA VAL B 119 -17.01 -55.56 29.13
C VAL B 119 -17.18 -54.22 29.83
N ALA B 120 -17.24 -54.25 31.16
CA ALA B 120 -17.32 -53.03 31.93
C ALA B 120 -15.98 -52.31 31.93
N HIS B 121 -16.03 -50.98 32.02
CA HIS B 121 -14.82 -50.22 32.21
C HIS B 121 -14.22 -50.54 33.58
N TYR B 122 -12.96 -50.15 33.77
CA TYR B 122 -12.24 -50.50 34.99
C TYR B 122 -12.98 -49.98 36.22
N GLY B 123 -13.10 -50.83 37.23
CA GLY B 123 -13.67 -50.46 38.50
C GLY B 123 -15.18 -50.41 38.55
N GLU B 124 -15.86 -50.55 37.42
CA GLU B 124 -17.32 -50.50 37.38
C GLU B 124 -17.88 -51.92 37.37
N THR B 125 -19.16 -52.02 37.73
CA THR B 125 -19.85 -53.30 37.88
C THR B 125 -20.97 -53.36 36.84
N LYS B 126 -20.66 -53.95 35.68
CA LYS B 126 -21.61 -54.12 34.60
C LYS B 126 -21.43 -55.50 34.01
N ARG B 127 -22.54 -56.23 33.87
CA ARG B 127 -22.46 -57.53 33.23
C ARG B 127 -22.07 -57.37 31.76
N PRO B 128 -21.24 -58.25 31.22
CA PRO B 128 -20.80 -58.11 29.83
C PRO B 128 -21.96 -58.18 28.86
N GLU B 129 -21.66 -57.83 27.61
CA GLU B 129 -22.65 -57.85 26.53
C GLU B 129 -22.10 -58.60 25.33
N LEU B 130 -22.96 -59.43 24.74
CA LEU B 130 -22.62 -60.20 23.53
C LEU B 130 -23.70 -59.98 22.49
N TYR B 131 -23.30 -59.56 21.30
CA TYR B 131 -24.20 -59.40 20.16
C TYR B 131 -23.72 -60.27 19.01
N ARG B 132 -24.67 -60.97 18.39
CA ARG B 132 -24.43 -61.73 17.17
C ARG B 132 -25.07 -60.99 16.00
N ILE B 133 -24.31 -60.74 14.95
CA ILE B 133 -24.82 -60.13 13.72
C ILE B 133 -24.65 -61.14 12.60
N THR B 134 -25.76 -61.44 11.92
CA THR B 134 -25.75 -62.44 10.86
C THR B 134 -25.56 -61.78 9.50
N TYR B 135 -25.48 -62.62 8.46
CA TYR B 135 -25.11 -62.16 7.13
C TYR B 135 -26.14 -61.21 6.53
N ASP B 136 -27.38 -61.22 7.01
CA ASP B 136 -28.43 -60.39 6.45
C ASP B 136 -28.79 -59.21 7.35
N GLY B 137 -27.89 -58.84 8.25
CA GLY B 137 -28.12 -57.70 9.13
C GLY B 137 -28.93 -58.00 10.37
N SER B 138 -29.38 -59.24 10.56
CA SER B 138 -30.11 -59.59 11.77
C SER B 138 -29.18 -59.54 12.97
N ILE B 139 -29.66 -58.96 14.07
CA ILE B 139 -28.85 -58.74 15.25
C ILE B 139 -29.55 -59.37 16.45
N ALA B 140 -28.77 -60.02 17.31
CA ALA B 140 -29.31 -60.76 18.44
C ALA B 140 -28.50 -60.44 19.70
N ASP B 141 -29.22 -60.26 20.81
CA ASP B 141 -28.65 -59.90 22.10
C ASP B 141 -28.61 -61.16 22.96
N GLU B 142 -27.40 -61.68 23.23
CA GLU B 142 -27.33 -62.94 23.95
C GLU B 142 -26.67 -62.75 25.31
N PRO B 143 -27.21 -63.39 26.36
CA PRO B 143 -26.72 -63.13 27.72
C PRO B 143 -25.42 -63.85 28.08
N HIS B 144 -25.22 -65.05 27.55
CA HIS B 144 -24.19 -65.94 28.07
C HIS B 144 -23.13 -66.31 27.04
N PHE B 145 -23.54 -66.78 25.87
CA PHE B 145 -22.57 -67.26 24.90
C PHE B 145 -23.08 -67.06 23.48
N VAL B 146 -22.15 -67.09 22.53
CA VAL B 146 -22.44 -66.97 21.11
C VAL B 146 -21.60 -68.00 20.36
N VAL B 147 -22.22 -68.67 19.38
CA VAL B 147 -21.55 -69.66 18.55
C VAL B 147 -21.77 -69.28 17.09
N MET B 148 -20.70 -69.25 16.30
CA MET B 148 -20.78 -68.86 14.90
C MET B 148 -19.91 -69.75 14.04
N GLY B 149 -20.43 -70.14 12.88
CA GLY B 149 -19.61 -70.86 11.90
C GLY B 149 -19.75 -72.37 11.96
N GLY B 150 -19.85 -72.99 10.79
CA GLY B 150 -20.00 -74.43 10.72
C GLY B 150 -21.35 -74.90 11.24
N THR B 151 -21.38 -76.16 11.65
CA THR B 151 -22.54 -76.73 12.32
C THR B 151 -22.51 -76.29 13.77
N THR B 152 -23.43 -75.42 14.15
CA THR B 152 -23.40 -74.78 15.47
C THR B 152 -24.27 -75.48 16.51
N GLU B 153 -25.09 -76.45 16.11
CA GLU B 153 -25.97 -77.09 17.08
C GLU B 153 -25.21 -77.89 18.13
N PRO B 154 -24.21 -78.73 17.79
CA PRO B 154 -23.49 -79.46 18.85
C PRO B 154 -22.77 -78.55 19.84
N ILE B 155 -22.20 -77.44 19.37
CA ILE B 155 -21.54 -76.51 20.29
C ILE B 155 -22.57 -75.77 21.13
N ALA B 156 -23.70 -75.42 20.52
CA ALA B 156 -24.73 -74.66 21.22
C ALA B 156 -25.34 -75.49 22.35
N ASN B 157 -25.79 -76.71 22.05
CA ASN B 157 -26.39 -77.52 23.11
C ASN B 157 -25.32 -78.09 24.04
N ALA B 158 -24.10 -78.27 23.55
CA ALA B 158 -22.99 -78.64 24.44
C ALA B 158 -22.70 -77.54 25.44
N LEU B 159 -22.95 -76.28 25.06
CA LEU B 159 -22.80 -75.17 26.00
C LEU B 159 -24.01 -75.03 26.91
N LYS B 160 -25.22 -75.24 26.38
CA LYS B 160 -26.43 -75.14 27.18
C LYS B 160 -26.35 -76.02 28.42
N GLU B 161 -25.79 -77.22 28.28
CA GLU B 161 -25.71 -78.16 29.39
C GLU B 161 -24.59 -77.80 30.36
N SER B 162 -23.45 -77.36 29.84
CA SER B 162 -22.23 -77.27 30.64
C SER B 162 -21.79 -75.82 30.90
N TYR B 163 -22.68 -74.85 30.71
CA TYR B 163 -22.32 -73.46 30.94
C TYR B 163 -22.69 -73.04 32.36
N ALA B 164 -21.74 -72.44 33.05
CA ALA B 164 -21.95 -71.85 34.37
C ALA B 164 -21.55 -70.39 34.35
N GLU B 165 -22.38 -69.54 34.95
CA GLU B 165 -22.06 -68.12 35.02
C GLU B 165 -20.90 -67.87 35.97
N ASN B 166 -20.13 -66.82 35.68
CA ASN B 166 -19.03 -66.36 36.51
C ASN B 166 -17.97 -67.44 36.71
N ALA B 167 -17.82 -68.34 35.74
CA ALA B 167 -16.78 -69.34 35.78
C ALA B 167 -15.41 -68.68 35.68
N SER B 168 -14.40 -69.37 36.22
CA SER B 168 -13.04 -68.87 36.16
C SER B 168 -12.51 -68.97 34.72
N LEU B 169 -11.30 -68.44 34.51
CA LEU B 169 -10.73 -68.42 33.17
C LEU B 169 -10.49 -69.82 32.64
N THR B 170 -9.84 -70.67 33.43
CA THR B 170 -9.56 -72.04 32.99
C THR B 170 -10.85 -72.83 32.79
N ASP B 171 -11.79 -72.70 33.72
CA ASP B 171 -13.08 -73.38 33.59
C ASP B 171 -13.75 -73.03 32.27
N ALA B 172 -14.00 -71.74 32.05
CA ALA B 172 -14.65 -71.29 30.82
C ALA B 172 -13.86 -71.74 29.59
N LEU B 173 -12.52 -71.72 29.67
CA LEU B 173 -11.71 -72.13 28.54
C LEU B 173 -11.94 -73.60 28.20
N ARG B 174 -12.06 -74.45 29.22
CA ARG B 174 -12.26 -75.86 28.95
C ARG B 174 -13.70 -76.18 28.54
N ILE B 175 -14.67 -75.42 29.04
CA ILE B 175 -16.03 -75.54 28.52
C ILE B 175 -16.07 -75.18 27.05
N ALA B 176 -15.29 -74.16 26.66
CA ALA B 176 -15.28 -73.71 25.27
C ALA B 176 -14.55 -74.71 24.37
N VAL B 177 -13.37 -75.17 24.80
CA VAL B 177 -12.62 -76.15 24.01
C VAL B 177 -13.42 -77.45 23.88
N ALA B 178 -14.07 -77.86 24.97
CA ALA B 178 -14.88 -79.07 24.93
C ALA B 178 -16.05 -78.92 23.98
N ALA B 179 -16.82 -77.83 24.12
CA ALA B 179 -17.97 -77.61 23.24
C ALA B 179 -17.54 -77.52 21.79
N LEU B 180 -16.41 -76.87 21.53
CA LEU B 180 -15.91 -76.75 20.16
C LEU B 180 -15.64 -78.12 19.54
N ARG B 181 -15.15 -79.07 20.34
CA ARG B 181 -14.95 -80.44 19.87
C ARG B 181 -16.28 -81.19 19.81
N ALA B 182 -17.17 -80.69 18.96
CA ALA B 182 -18.48 -81.30 18.75
C ALA B 182 -19.11 -80.77 17.46
N LEU B 195 -7.44 -80.50 19.27
CA LEU B 195 -7.25 -79.05 19.25
C LEU B 195 -6.42 -78.57 20.43
N GLY B 196 -5.21 -78.10 20.15
CA GLY B 196 -4.33 -77.56 21.16
C GLY B 196 -3.91 -76.13 20.86
N VAL B 197 -2.71 -75.76 21.29
CA VAL B 197 -2.25 -74.38 21.10
C VAL B 197 -1.99 -74.10 19.63
N ALA B 198 -1.46 -75.07 18.89
CA ALA B 198 -1.08 -74.84 17.51
C ALA B 198 -2.27 -74.77 16.55
N SER B 199 -3.48 -75.09 17.02
CA SER B 199 -4.67 -75.06 16.16
C SER B 199 -5.79 -74.20 16.74
N LEU B 200 -5.48 -73.32 17.69
CA LEU B 200 -6.49 -72.49 18.32
C LEU B 200 -6.04 -71.04 18.38
N GLU B 201 -7.03 -70.15 18.36
CA GLU B 201 -6.83 -68.71 18.56
C GLU B 201 -7.70 -68.29 19.73
N VAL B 202 -7.09 -67.69 20.74
CA VAL B 202 -7.76 -67.38 22.00
C VAL B 202 -7.42 -65.95 22.40
N ALA B 203 -8.43 -65.19 22.81
CA ALA B 203 -8.23 -63.87 23.36
C ALA B 203 -9.31 -63.59 24.39
N VAL B 204 -9.13 -62.53 25.17
CA VAL B 204 -10.06 -62.17 26.22
C VAL B 204 -10.23 -60.66 26.28
N LEU B 205 -11.43 -60.24 26.68
CA LEU B 205 -11.71 -58.88 27.13
C LEU B 205 -11.67 -58.94 28.66
N ASP B 206 -10.58 -58.45 29.23
CA ASP B 206 -10.33 -58.53 30.66
C ASP B 206 -10.80 -57.24 31.31
N ALA B 207 -11.92 -57.30 32.02
CA ALA B 207 -12.46 -56.13 32.73
C ALA B 207 -11.57 -55.70 33.90
N ASN B 208 -10.41 -56.33 34.09
CA ASN B 208 -9.48 -55.97 35.15
C ASN B 208 -8.33 -55.10 34.66
N ARG B 209 -8.15 -54.96 33.34
CA ARG B 209 -7.13 -54.05 32.84
C ARG B 209 -7.65 -52.61 32.90
N PRO B 210 -6.75 -51.64 33.10
CA PRO B 210 -7.22 -50.25 33.31
C PRO B 210 -8.02 -49.67 32.15
N ARG B 211 -7.46 -49.69 30.93
CA ARG B 211 -8.15 -49.14 29.77
C ARG B 211 -8.33 -50.16 28.67
N ARG B 212 -7.26 -50.63 28.03
CA ARG B 212 -7.37 -51.60 26.95
C ARG B 212 -7.63 -52.99 27.53
N ALA B 213 -8.82 -53.53 27.28
CA ALA B 213 -9.20 -54.81 27.86
C ALA B 213 -8.79 -56.01 27.02
N PHE B 214 -8.63 -55.82 25.71
CA PHE B 214 -8.33 -56.93 24.81
C PHE B 214 -6.90 -57.41 25.03
N ARG B 215 -6.74 -58.71 25.30
CA ARG B 215 -5.42 -59.30 25.42
C ARG B 215 -5.49 -60.74 24.91
N ARG B 216 -4.49 -61.13 24.13
CA ARG B 216 -4.45 -62.47 23.55
C ARG B 216 -3.71 -63.43 24.47
N ILE B 217 -4.06 -64.71 24.35
CA ILE B 217 -3.44 -65.78 25.13
C ILE B 217 -2.80 -66.73 24.11
N THR B 218 -1.47 -66.67 23.98
CA THR B 218 -0.76 -67.39 22.96
C THR B 218 0.39 -68.19 23.55
N GLY B 219 0.70 -69.31 22.90
CA GLY B 219 1.99 -69.96 23.14
C GLY B 219 2.03 -70.59 24.52
N SER B 220 3.05 -70.19 25.29
CA SER B 220 3.28 -70.77 26.61
C SER B 220 2.09 -70.58 27.55
N ALA B 221 1.49 -69.38 27.53
CA ALA B 221 0.41 -69.08 28.46
C ALA B 221 -0.84 -69.87 28.13
N LEU B 222 -1.13 -70.05 26.85
CA LEU B 222 -2.33 -70.80 26.45
C LEU B 222 -2.23 -72.26 26.88
N GLN B 223 -1.07 -72.88 26.65
CA GLN B 223 -0.87 -74.24 27.15
C GLN B 223 -0.86 -74.28 28.67
N ALA B 224 -0.36 -73.21 29.31
CA ALA B 224 -0.38 -73.14 30.76
C ALA B 224 -1.81 -73.18 31.29
N LEU B 225 -2.73 -72.47 30.64
CA LEU B 225 -4.13 -72.54 31.02
C LEU B 225 -4.78 -73.87 30.65
N LEU B 226 -4.02 -74.81 30.06
CA LEU B 226 -4.56 -76.08 29.63
C LEU B 226 -3.81 -77.25 30.26
N VAL B 227 -3.88 -77.37 31.59
CA VAL B 227 -3.26 -78.48 32.29
C VAL B 227 -4.28 -79.19 33.17
N MET C 1 -44.05 -55.49 -14.74
CA MET C 1 -44.18 -54.39 -13.80
C MET C 1 -45.00 -54.79 -12.58
N GLU C 2 -46.26 -55.18 -12.83
CA GLU C 2 -47.10 -55.71 -11.75
C GLU C 2 -46.46 -56.93 -11.10
N GLN C 3 -45.63 -57.66 -11.85
CA GLN C 3 -45.03 -58.88 -11.32
C GLN C 3 -43.80 -58.59 -10.47
N ALA C 4 -43.15 -57.44 -10.66
CA ALA C 4 -42.10 -57.05 -9.73
C ALA C 4 -42.71 -56.56 -8.41
N MET C 5 -43.79 -55.78 -8.51
CA MET C 5 -44.39 -55.20 -7.32
C MET C 5 -45.11 -56.25 -6.46
N ARG C 6 -45.54 -57.35 -7.06
CA ARG C 6 -46.10 -58.42 -6.24
C ARG C 6 -45.02 -59.15 -5.45
N GLU C 7 -43.82 -59.26 -6.03
CA GLU C 7 -42.71 -59.86 -5.29
C GLU C 7 -42.22 -58.95 -4.18
N ARG C 8 -42.15 -57.65 -4.44
CA ARG C 8 -41.79 -56.71 -3.38
C ARG C 8 -42.85 -56.70 -2.28
N SER C 9 -44.12 -56.56 -2.67
CA SER C 9 -45.20 -56.46 -1.70
C SER C 9 -45.34 -57.74 -0.88
N GLU C 10 -45.18 -58.90 -1.52
CA GLU C 10 -45.26 -60.16 -0.79
C GLU C 10 -44.07 -60.33 0.15
N LEU C 11 -42.85 -60.07 -0.37
CA LEU C 11 -41.65 -60.20 0.46
C LEU C 11 -41.77 -59.35 1.71
N ALA C 12 -42.08 -58.06 1.56
CA ALA C 12 -42.24 -57.20 2.72
C ALA C 12 -43.39 -57.67 3.60
N ARG C 13 -44.51 -58.06 2.99
CA ARG C 13 -45.69 -58.47 3.74
C ARG C 13 -45.37 -59.62 4.69
N LYS C 14 -44.84 -60.72 4.16
CA LYS C 14 -44.49 -61.85 5.01
C LYS C 14 -43.34 -61.50 5.96
N GLY C 15 -42.39 -60.66 5.51
CA GLY C 15 -41.35 -60.21 6.40
C GLY C 15 -41.90 -59.58 7.66
N ILE C 16 -42.92 -58.74 7.53
CA ILE C 16 -43.55 -58.15 8.71
C ILE C 16 -44.43 -59.18 9.42
N ALA C 17 -44.98 -60.15 8.70
CA ALA C 17 -45.80 -61.17 9.33
C ALA C 17 -45.00 -62.00 10.32
N ARG C 18 -43.76 -62.35 9.96
CA ARG C 18 -42.92 -63.15 10.84
C ARG C 18 -42.45 -62.40 12.07
N ALA C 19 -42.51 -61.06 12.05
CA ALA C 19 -41.94 -60.25 13.11
C ALA C 19 -42.87 -60.22 14.33
N LYS C 20 -42.37 -59.63 15.41
CA LYS C 20 -43.15 -59.46 16.62
C LYS C 20 -44.16 -58.33 16.46
N SER C 21 -45.00 -58.16 17.48
CA SER C 21 -46.17 -57.29 17.40
C SER C 21 -46.01 -56.08 18.30
N VAL C 22 -46.51 -54.94 17.83
CA VAL C 22 -46.47 -53.66 18.52
C VAL C 22 -47.88 -53.08 18.55
N VAL C 23 -48.21 -52.41 19.65
CA VAL C 23 -49.52 -51.78 19.81
C VAL C 23 -49.32 -50.41 20.45
N ALA C 24 -50.07 -49.42 19.96
CA ALA C 24 -50.05 -48.07 20.51
C ALA C 24 -51.48 -47.58 20.64
N LEU C 25 -51.81 -47.02 21.81
CA LEU C 25 -53.17 -46.60 22.13
C LEU C 25 -53.16 -45.18 22.69
N ALA C 26 -54.31 -44.53 22.59
CA ALA C 26 -54.52 -43.22 23.20
C ALA C 26 -55.20 -43.41 24.55
N TYR C 27 -54.52 -42.99 25.62
CA TYR C 27 -55.08 -43.04 26.96
C TYR C 27 -55.13 -41.63 27.54
N ALA C 28 -55.74 -41.52 28.72
CA ALA C 28 -56.04 -40.20 29.29
C ALA C 28 -54.81 -39.31 29.41
N GLY C 29 -53.65 -39.90 29.66
CA GLY C 29 -52.42 -39.14 29.81
C GLY C 29 -51.57 -39.01 28.57
N GLY C 30 -52.03 -39.50 27.42
CA GLY C 30 -51.25 -39.39 26.21
C GLY C 30 -51.32 -40.62 25.33
N VAL C 31 -50.15 -41.16 24.96
CA VAL C 31 -50.09 -42.31 24.06
C VAL C 31 -49.21 -43.38 24.66
N LEU C 32 -49.69 -44.62 24.64
CA LEU C 32 -49.00 -45.78 25.20
C LEU C 32 -48.44 -46.65 24.09
N PHE C 33 -47.16 -46.98 24.20
CA PHE C 33 -46.44 -47.86 23.28
C PHE C 33 -46.06 -49.13 24.03
N VAL C 34 -46.62 -50.27 23.62
CA VAL C 34 -46.24 -51.56 24.16
C VAL C 34 -45.87 -52.49 23.02
N ALA C 35 -44.71 -53.13 23.11
CA ALA C 35 -44.23 -54.02 22.07
C ALA C 35 -43.52 -55.21 22.71
N GLU C 36 -43.63 -56.36 22.04
CA GLU C 36 -42.90 -57.55 22.46
C GLU C 36 -41.42 -57.37 22.14
N ASN C 37 -40.58 -57.34 23.17
CA ASN C 37 -39.15 -57.11 22.98
C ASN C 37 -38.38 -57.82 24.09
N PRO C 38 -37.81 -58.99 23.81
CA PRO C 38 -36.97 -59.67 24.82
C PRO C 38 -35.58 -59.10 24.96
N SER C 39 -35.16 -58.20 24.07
CA SER C 39 -33.80 -57.67 24.11
C SER C 39 -33.64 -56.65 25.23
N ARG C 40 -32.57 -56.80 26.00
CA ARG C 40 -32.24 -55.85 27.06
C ARG C 40 -31.69 -54.54 26.53
N SER C 41 -31.35 -54.45 25.25
CA SER C 41 -30.67 -53.27 24.72
C SER C 41 -31.21 -52.76 23.40
N LEU C 42 -31.81 -53.60 22.56
CA LEU C 42 -32.34 -53.15 21.27
C LEU C 42 -33.80 -52.76 21.42
N GLN C 43 -34.19 -51.66 20.77
CA GLN C 43 -35.46 -51.02 21.03
C GLN C 43 -36.24 -50.82 19.73
N LYS C 44 -37.56 -50.92 19.83
CA LYS C 44 -38.47 -50.67 18.72
C LYS C 44 -39.33 -49.44 18.93
N ILE C 45 -39.33 -48.86 20.13
CA ILE C 45 -40.07 -47.64 20.46
C ILE C 45 -39.05 -46.56 20.80
N SER C 46 -39.19 -45.40 20.18
CA SER C 46 -38.22 -44.34 20.39
C SER C 46 -38.88 -42.98 20.28
N GLU C 47 -38.22 -41.99 20.89
CA GLU C 47 -38.62 -40.60 20.77
C GLU C 47 -38.19 -40.03 19.43
N LEU C 48 -39.04 -39.19 18.86
CA LEU C 48 -38.66 -38.40 17.68
C LEU C 48 -38.48 -36.93 18.03
N TYR C 49 -39.50 -36.29 18.60
CA TYR C 49 -39.43 -34.89 18.95
C TYR C 49 -40.23 -34.66 20.22
N ASP C 50 -40.27 -33.40 20.66
CA ASP C 50 -40.88 -33.00 21.92
C ASP C 50 -42.13 -33.81 22.26
N ARG C 51 -43.13 -33.78 21.38
CA ARG C 51 -44.37 -34.49 21.61
C ARG C 51 -44.61 -35.58 20.56
N VAL C 52 -43.55 -36.02 19.88
CA VAL C 52 -43.69 -36.94 18.74
C VAL C 52 -42.90 -38.20 19.03
N GLY C 53 -43.58 -39.35 18.95
CA GLY C 53 -42.99 -40.65 19.22
C GLY C 53 -43.06 -41.62 18.06
N PHE C 54 -42.21 -42.64 18.10
CA PHE C 54 -41.99 -43.55 16.98
C PHE C 54 -42.11 -45.00 17.45
N ALA C 55 -42.83 -45.81 16.69
CA ALA C 55 -42.89 -47.24 16.93
C ALA C 55 -42.82 -47.96 15.58
N ALA C 56 -42.44 -49.23 15.63
CA ALA C 56 -42.29 -49.98 14.39
C ALA C 56 -42.19 -51.47 14.69
N ALA C 57 -42.65 -52.27 13.74
CA ALA C 57 -42.46 -53.71 13.77
C ALA C 57 -41.83 -54.15 12.45
N GLY C 58 -41.11 -55.27 12.51
CA GLY C 58 -40.46 -55.82 11.33
C GLY C 58 -38.97 -55.98 11.55
N LYS C 59 -38.19 -55.66 10.52
CA LYS C 59 -36.75 -55.89 10.54
C LYS C 59 -36.03 -54.74 11.24
N PHE C 60 -35.22 -55.08 12.25
CA PHE C 60 -34.68 -54.06 13.15
C PHE C 60 -33.85 -53.03 12.40
N ASN C 61 -32.80 -53.47 11.71
CA ASN C 61 -31.87 -52.53 11.09
C ASN C 61 -32.59 -51.56 10.14
N GLU C 62 -33.67 -52.03 9.50
CA GLU C 62 -34.35 -51.21 8.51
C GLU C 62 -35.21 -50.13 9.17
N PHE C 63 -36.08 -50.51 10.11
CA PHE C 63 -36.85 -49.48 10.78
C PHE C 63 -36.00 -48.64 11.73
N ASP C 64 -34.77 -49.07 12.03
CA ASP C 64 -33.85 -48.23 12.77
C ASP C 64 -33.19 -47.21 11.85
N ASN C 65 -32.89 -47.61 10.61
CA ASN C 65 -32.51 -46.63 9.61
C ASN C 65 -33.60 -45.58 9.44
N LEU C 66 -34.85 -46.02 9.28
CA LEU C 66 -35.96 -45.07 9.16
C LEU C 66 -36.14 -44.23 10.43
N ARG C 67 -35.89 -44.83 11.60
CA ARG C 67 -35.97 -44.09 12.85
C ARG C 67 -34.96 -42.94 12.88
N ARG C 68 -33.70 -43.25 12.57
CA ARG C 68 -32.67 -42.22 12.52
C ARG C 68 -33.00 -41.16 11.48
N GLY C 69 -33.52 -41.57 10.32
CA GLY C 69 -33.92 -40.59 9.32
C GLY C 69 -35.03 -39.67 9.80
N GLY C 70 -35.97 -40.21 10.59
CA GLY C 70 -37.00 -39.37 11.17
C GLY C 70 -36.43 -38.38 12.18
N ILE C 71 -35.47 -38.82 12.99
CA ILE C 71 -34.85 -37.90 13.95
C ILE C 71 -34.07 -36.81 13.22
N GLN C 72 -33.39 -37.18 12.14
CA GLN C 72 -32.67 -36.18 11.33
C GLN C 72 -33.64 -35.16 10.74
N PHE C 73 -34.74 -35.64 10.16
CA PHE C 73 -35.74 -34.73 9.61
C PHE C 73 -36.29 -33.79 10.68
N ALA C 74 -36.68 -34.35 11.83
CA ALA C 74 -37.30 -33.55 12.88
C ALA C 74 -36.34 -32.49 13.42
N ASP C 75 -35.12 -32.90 13.75
CA ASP C 75 -34.18 -31.94 14.32
C ASP C 75 -33.77 -30.88 13.30
N THR C 76 -33.56 -31.28 12.04
CA THR C 76 -33.22 -30.31 11.01
C THR C 76 -34.33 -29.28 10.83
N ARG C 77 -35.58 -29.74 10.75
CA ARG C 77 -36.71 -28.83 10.61
C ARG C 77 -36.82 -27.90 11.81
N GLY C 78 -36.75 -28.46 13.02
CA GLY C 78 -36.81 -27.63 14.20
C GLY C 78 -35.72 -26.58 14.27
N TYR C 79 -34.55 -26.88 13.69
CA TYR C 79 -33.49 -25.89 13.66
C TYR C 79 -33.72 -24.84 12.58
N ALA C 80 -34.25 -25.26 11.42
CA ALA C 80 -34.44 -24.31 10.32
C ALA C 80 -35.58 -23.35 10.59
N TYR C 81 -36.60 -23.79 11.33
CA TYR C 81 -37.70 -22.91 11.71
C TYR C 81 -37.79 -22.81 13.22
N ASP C 82 -38.84 -23.40 13.81
CA ASP C 82 -38.96 -23.47 15.24
C ASP C 82 -39.40 -24.89 15.61
N ARG C 83 -39.11 -25.28 16.85
CA ARG C 83 -39.52 -26.60 17.31
C ARG C 83 -41.03 -26.77 17.20
N ARG C 84 -41.79 -25.68 17.34
CA ARG C 84 -43.23 -25.76 17.31
C ARG C 84 -43.77 -26.07 15.92
N ASP C 85 -42.97 -25.88 14.87
CA ASP C 85 -43.41 -26.19 13.52
C ASP C 85 -43.30 -27.68 13.21
N VAL C 86 -42.53 -28.43 13.99
CA VAL C 86 -42.37 -29.86 13.78
C VAL C 86 -43.58 -30.58 14.32
N THR C 87 -44.30 -31.29 13.45
CA THR C 87 -45.54 -31.97 13.79
C THR C 87 -45.44 -33.45 13.45
N GLY C 88 -46.27 -34.25 14.13
CA GLY C 88 -46.34 -35.67 13.82
C GLY C 88 -46.92 -35.95 12.46
N ARG C 89 -47.81 -35.08 11.97
CA ARG C 89 -48.40 -35.28 10.66
C ARG C 89 -47.33 -35.24 9.57
N GLN C 90 -46.45 -34.25 9.61
CA GLN C 90 -45.43 -34.15 8.57
C GLN C 90 -44.35 -35.20 8.75
N LEU C 91 -44.14 -35.69 9.97
CA LEU C 91 -43.27 -36.84 10.16
C LEU C 91 -43.84 -38.07 9.47
N ALA C 92 -45.14 -38.30 9.65
CA ALA C 92 -45.80 -39.40 8.95
C ALA C 92 -45.80 -39.19 7.44
N ASN C 93 -45.88 -37.93 7.01
CA ASN C 93 -45.91 -37.64 5.58
C ASN C 93 -44.56 -37.91 4.92
N VAL C 94 -43.48 -37.44 5.55
CA VAL C 94 -42.17 -37.72 5.02
C VAL C 94 -41.85 -39.21 5.14
N TYR C 95 -42.43 -39.89 6.13
CA TYR C 95 -42.26 -41.34 6.20
C TYR C 95 -42.98 -42.04 5.05
N ALA C 96 -44.16 -41.55 4.67
CA ALA C 96 -44.84 -42.11 3.51
C ALA C 96 -44.03 -41.89 2.24
N GLN C 97 -43.53 -40.67 2.05
CA GLN C 97 -42.70 -40.37 0.89
C GLN C 97 -41.46 -41.28 0.85
N THR C 98 -40.75 -41.37 1.96
CA THR C 98 -39.50 -42.12 2.01
C THR C 98 -39.75 -43.62 1.78
N LEU C 99 -40.78 -44.17 2.43
CA LEU C 99 -41.06 -45.59 2.25
C LEU C 99 -41.59 -45.88 0.85
N GLY C 100 -42.22 -44.92 0.20
CA GLY C 100 -42.61 -45.11 -1.19
C GLY C 100 -41.40 -45.19 -2.11
N THR C 101 -40.48 -44.23 -1.98
CA THR C 101 -39.26 -44.27 -2.77
C THR C 101 -38.45 -45.54 -2.49
N ILE C 102 -38.39 -45.94 -1.22
CA ILE C 102 -37.70 -47.18 -0.86
C ILE C 102 -38.37 -48.37 -1.52
N PHE C 103 -39.69 -48.46 -1.42
CA PHE C 103 -40.40 -49.63 -1.93
C PHE C 103 -40.28 -49.76 -3.44
N THR C 104 -40.26 -48.65 -4.17
CA THR C 104 -40.17 -48.77 -5.61
C THR C 104 -38.74 -48.84 -6.13
N GLU C 105 -37.76 -48.29 -5.41
CA GLU C 105 -36.42 -48.12 -5.97
C GLU C 105 -35.30 -48.80 -5.21
N GLN C 106 -35.45 -49.09 -3.92
CA GLN C 106 -34.40 -49.79 -3.19
C GLN C 106 -34.22 -51.19 -3.76
N ALA C 107 -33.03 -51.76 -3.53
CA ALA C 107 -32.74 -53.09 -4.06
C ALA C 107 -33.63 -54.15 -3.44
N LYS C 108 -34.09 -53.94 -2.20
CA LYS C 108 -35.01 -54.84 -1.52
C LYS C 108 -35.95 -53.97 -0.69
N PRO C 109 -37.25 -54.21 -0.74
CA PRO C 109 -38.18 -53.39 0.05
C PRO C 109 -37.93 -53.56 1.55
N TYR C 110 -38.34 -52.53 2.30
CA TYR C 110 -38.15 -52.53 3.74
C TYR C 110 -39.27 -53.33 4.41
N GLU C 111 -38.89 -54.35 5.18
CA GLU C 111 -39.84 -55.19 5.91
C GLU C 111 -40.18 -54.49 7.24
N VAL C 112 -40.88 -53.36 7.12
CA VAL C 112 -41.16 -52.50 8.26
C VAL C 112 -42.61 -52.06 8.26
N GLU C 113 -43.10 -51.69 9.44
CA GLU C 113 -44.39 -51.05 9.61
C GLU C 113 -44.25 -50.03 10.74
N LEU C 114 -44.61 -48.78 10.46
CA LEU C 114 -44.29 -47.66 11.34
C LEU C 114 -45.55 -47.01 11.89
N CYS C 115 -45.40 -46.43 13.08
CA CYS C 115 -46.43 -45.61 13.70
C CYS C 115 -45.79 -44.36 14.27
N VAL C 116 -46.33 -43.20 13.90
CA VAL C 116 -45.89 -41.89 14.39
C VAL C 116 -47.01 -41.31 15.23
N ALA C 117 -46.71 -40.96 16.48
CA ALA C 117 -47.72 -40.47 17.40
C ALA C 117 -47.38 -39.07 17.89
N GLU C 118 -48.42 -38.29 18.19
CA GLU C 118 -48.24 -36.96 18.75
C GLU C 118 -49.32 -36.66 19.77
N VAL C 119 -48.91 -36.28 20.97
CA VAL C 119 -49.83 -35.78 21.97
C VAL C 119 -49.76 -34.26 21.96
N ALA C 120 -50.67 -33.63 22.69
CA ALA C 120 -50.71 -32.18 22.73
C ALA C 120 -49.49 -31.62 23.45
N HIS C 121 -49.10 -30.40 23.07
CA HIS C 121 -48.09 -29.69 23.83
C HIS C 121 -48.62 -29.38 25.24
N TYR C 122 -47.70 -29.08 26.14
CA TYR C 122 -48.06 -28.92 27.55
C TYR C 122 -49.17 -27.90 27.73
N GLY C 123 -50.10 -28.21 28.64
CA GLY C 123 -51.18 -27.30 28.97
C GLY C 123 -52.13 -27.00 27.84
N GLU C 124 -52.16 -27.83 26.80
CA GLU C 124 -53.05 -27.62 25.66
C GLU C 124 -54.00 -28.80 25.51
N THR C 125 -55.16 -28.53 24.93
CA THR C 125 -56.21 -29.52 24.71
C THR C 125 -56.22 -29.89 23.23
N LYS C 126 -55.77 -31.10 22.91
CA LYS C 126 -55.71 -31.57 21.54
C LYS C 126 -55.78 -33.09 21.54
N ARG C 127 -56.70 -33.64 20.74
CA ARG C 127 -56.83 -35.08 20.63
C ARG C 127 -55.52 -35.69 20.12
N PRO C 128 -54.97 -36.70 20.79
CA PRO C 128 -53.75 -37.33 20.29
C PRO C 128 -53.93 -37.87 18.87
N GLU C 129 -52.84 -37.90 18.13
CA GLU C 129 -52.83 -38.32 16.74
C GLU C 129 -51.94 -39.54 16.58
N LEU C 130 -52.45 -40.55 15.87
CA LEU C 130 -51.70 -41.76 15.59
C LEU C 130 -51.72 -42.02 14.09
N TYR C 131 -50.54 -42.17 13.52
CA TYR C 131 -50.35 -42.37 12.09
C TYR C 131 -49.68 -43.72 11.84
N ARG C 132 -50.15 -44.42 10.82
CA ARG C 132 -49.63 -45.72 10.44
C ARG C 132 -49.11 -45.64 9.00
N ILE C 133 -47.88 -46.07 8.81
CA ILE C 133 -47.20 -46.03 7.52
C ILE C 133 -46.68 -47.43 7.21
N THR C 134 -47.04 -47.95 6.05
CA THR C 134 -46.73 -49.32 5.66
C THR C 134 -45.61 -49.35 4.63
N TYR C 135 -45.18 -50.56 4.29
CA TYR C 135 -43.95 -50.77 3.54
C TYR C 135 -43.98 -50.16 2.14
N ASP C 136 -45.16 -49.88 1.59
CA ASP C 136 -45.27 -49.33 0.25
C ASP C 136 -45.59 -47.84 0.25
N GLY C 137 -45.48 -47.18 1.39
CA GLY C 137 -45.79 -45.77 1.49
C GLY C 137 -47.24 -45.44 1.78
N SER C 138 -48.10 -46.45 1.92
CA SER C 138 -49.49 -46.20 2.28
C SER C 138 -49.55 -45.61 3.68
N ILE C 139 -50.34 -44.55 3.83
CA ILE C 139 -50.42 -43.79 5.07
C ILE C 139 -51.87 -43.73 5.50
N ALA C 140 -52.11 -43.83 6.81
CA ALA C 140 -53.47 -43.75 7.31
C ALA C 140 -53.45 -43.28 8.75
N ASP C 141 -54.35 -42.37 9.10
CA ASP C 141 -54.50 -41.93 10.47
C ASP C 141 -55.55 -42.78 11.18
N GLU C 142 -55.24 -43.19 12.41
CA GLU C 142 -56.15 -43.95 13.23
C GLU C 142 -56.58 -43.11 14.44
N PRO C 143 -57.83 -43.26 14.88
CA PRO C 143 -58.32 -42.41 15.98
C PRO C 143 -58.09 -42.99 17.37
N HIS C 144 -57.79 -44.28 17.46
CA HIS C 144 -57.73 -44.91 18.77
C HIS C 144 -56.50 -45.77 18.99
N PHE C 145 -56.17 -46.66 18.04
CA PHE C 145 -55.02 -47.53 18.23
C PHE C 145 -54.39 -47.88 16.89
N VAL C 146 -53.12 -48.28 16.96
CA VAL C 146 -52.39 -48.82 15.83
C VAL C 146 -51.72 -50.12 16.27
N VAL C 147 -51.77 -51.12 15.39
CA VAL C 147 -51.17 -52.43 15.65
C VAL C 147 -50.33 -52.82 14.44
N MET C 148 -49.16 -53.40 14.70
CA MET C 148 -48.21 -53.71 13.64
C MET C 148 -47.51 -55.02 13.92
N GLY C 149 -47.23 -55.79 12.89
CA GLY C 149 -46.43 -56.99 13.06
C GLY C 149 -47.23 -58.20 13.50
N GLY C 150 -46.80 -59.37 13.03
CA GLY C 150 -47.52 -60.59 13.30
C GLY C 150 -48.84 -60.62 12.54
N THR C 151 -49.76 -61.43 13.03
CA THR C 151 -51.12 -61.48 12.50
C THR C 151 -51.93 -60.42 13.23
N THR C 152 -52.28 -59.35 12.52
CA THR C 152 -52.82 -58.15 13.17
C THR C 152 -54.27 -58.31 13.57
N GLU C 153 -55.05 -59.14 12.87
CA GLU C 153 -56.49 -59.20 13.09
C GLU C 153 -56.88 -59.54 14.53
N PRO C 154 -56.33 -60.58 15.17
CA PRO C 154 -56.75 -60.88 16.55
C PRO C 154 -56.45 -59.74 17.51
N ILE C 155 -55.33 -59.06 17.34
CA ILE C 155 -55.02 -57.89 18.17
C ILE C 155 -56.01 -56.76 17.90
N ALA C 156 -56.34 -56.55 16.62
CA ALA C 156 -57.20 -55.44 16.25
C ALA C 156 -58.61 -55.62 16.81
N ASN C 157 -59.22 -56.79 16.59
CA ASN C 157 -60.58 -56.97 17.09
C ASN C 157 -60.60 -57.22 18.59
N ALA C 158 -59.51 -57.74 19.15
CA ALA C 158 -59.38 -57.80 20.60
C ALA C 158 -59.41 -56.40 21.20
N LEU C 159 -58.74 -55.45 20.56
CA LEU C 159 -58.75 -54.06 21.04
C LEU C 159 -60.12 -53.43 20.83
N LYS C 160 -60.68 -53.54 19.62
CA LYS C 160 -62.03 -53.11 19.32
C LYS C 160 -63.00 -53.56 20.41
N GLU C 161 -62.82 -54.80 20.88
CA GLU C 161 -63.67 -55.32 21.93
C GLU C 161 -63.28 -54.80 23.30
N SER C 162 -62.03 -54.39 23.49
CA SER C 162 -61.53 -54.02 24.81
C SER C 162 -61.17 -52.54 24.95
N TYR C 163 -61.25 -51.74 23.88
CA TYR C 163 -60.80 -50.36 23.96
C TYR C 163 -61.82 -49.47 24.67
N ALA C 164 -61.32 -48.59 25.51
CA ALA C 164 -62.12 -47.57 26.18
C ALA C 164 -61.36 -46.26 26.16
N GLU C 165 -61.95 -45.23 25.55
CA GLU C 165 -61.28 -43.95 25.41
C GLU C 165 -61.00 -43.30 26.76
N ASN C 166 -59.83 -42.68 26.88
CA ASN C 166 -59.41 -41.96 28.07
C ASN C 166 -59.30 -42.86 29.30
N ALA C 167 -58.87 -44.10 29.11
CA ALA C 167 -58.60 -44.98 30.24
C ALA C 167 -57.37 -44.51 31.01
N SER C 168 -57.23 -45.02 32.23
CA SER C 168 -56.06 -44.69 33.03
C SER C 168 -54.84 -45.46 32.51
N LEU C 169 -53.67 -45.12 33.08
CA LEU C 169 -52.43 -45.71 32.61
C LEU C 169 -52.42 -47.23 32.82
N THR C 170 -52.82 -47.68 34.00
CA THR C 170 -52.76 -49.10 34.31
C THR C 170 -53.82 -49.88 33.53
N ASP C 171 -55.00 -49.27 33.33
CA ASP C 171 -56.05 -49.95 32.58
C ASP C 171 -55.72 -49.98 31.09
N ALA C 172 -55.17 -48.89 30.56
CA ALA C 172 -54.72 -48.89 29.17
C ALA C 172 -53.63 -49.93 28.95
N LEU C 173 -52.70 -50.05 29.90
CA LEU C 173 -51.63 -51.02 29.75
C LEU C 173 -52.18 -52.45 29.81
N ARG C 174 -53.15 -52.71 30.68
CA ARG C 174 -53.66 -54.07 30.79
C ARG C 174 -54.55 -54.44 29.60
N ILE C 175 -55.28 -53.48 29.05
CA ILE C 175 -55.94 -53.71 27.77
C ILE C 175 -54.90 -53.96 26.69
N ALA C 176 -53.73 -53.33 26.81
CA ALA C 176 -52.68 -53.50 25.81
C ALA C 176 -52.06 -54.89 25.86
N VAL C 177 -51.59 -55.32 27.03
CA VAL C 177 -50.99 -56.65 27.16
C VAL C 177 -52.04 -57.73 26.93
N ALA C 178 -53.27 -57.50 27.41
CA ALA C 178 -54.34 -58.46 27.19
C ALA C 178 -54.64 -58.63 25.72
N ALA C 179 -54.71 -57.53 24.97
CA ALA C 179 -54.91 -57.62 23.53
C ALA C 179 -53.72 -58.29 22.85
N LEU C 180 -52.50 -57.97 23.31
CA LEU C 180 -51.31 -58.56 22.72
C LEU C 180 -51.26 -60.06 22.97
N ARG C 181 -51.95 -60.54 24.00
CA ARG C 181 -51.87 -61.95 24.36
C ARG C 181 -52.44 -62.84 23.25
N ALA C 182 -53.35 -62.30 22.44
CA ALA C 182 -53.99 -63.07 21.39
C ALA C 182 -53.13 -63.24 20.14
N GLY C 183 -51.82 -63.43 20.32
CA GLY C 183 -50.92 -63.60 19.19
C GLY C 183 -49.53 -64.07 19.59
N LEU C 195 -45.54 -60.84 27.96
CA LEU C 195 -46.21 -61.17 29.21
C LEU C 195 -45.50 -60.52 30.40
N GLY C 196 -44.17 -60.67 30.46
CA GLY C 196 -43.38 -60.20 31.57
C GLY C 196 -42.53 -58.99 31.23
N VAL C 197 -41.88 -58.45 32.27
CA VAL C 197 -41.02 -57.28 32.10
C VAL C 197 -39.83 -57.62 31.22
N ALA C 198 -39.24 -58.79 31.42
CA ALA C 198 -38.06 -59.19 30.64
C ALA C 198 -38.39 -59.50 29.19
N SER C 199 -39.67 -59.50 28.81
CA SER C 199 -40.08 -59.82 27.45
C SER C 199 -40.79 -58.67 26.74
N LEU C 200 -41.03 -57.55 27.43
CA LEU C 200 -41.80 -56.45 26.87
C LEU C 200 -41.06 -55.14 27.00
N GLU C 201 -41.24 -54.28 26.01
CA GLU C 201 -40.76 -52.91 26.01
C GLU C 201 -41.95 -51.97 25.97
N VAL C 202 -41.93 -50.94 26.81
CA VAL C 202 -43.09 -50.06 26.95
C VAL C 202 -42.63 -48.65 27.27
N ALA C 203 -43.20 -47.68 26.55
CA ALA C 203 -42.97 -46.26 26.80
C ALA C 203 -44.28 -45.51 26.59
N VAL C 204 -44.27 -44.21 26.87
CA VAL C 204 -45.44 -43.36 26.68
C VAL C 204 -45.00 -41.99 26.21
N LEU C 205 -45.84 -41.38 25.37
CA LEU C 205 -45.84 -39.94 25.15
C LEU C 205 -46.77 -39.34 26.20
N ASP C 206 -46.18 -38.79 27.25
CA ASP C 206 -46.91 -38.25 28.40
C ASP C 206 -47.15 -36.76 28.17
N ALA C 207 -48.39 -36.42 27.82
CA ALA C 207 -48.79 -35.05 27.53
C ALA C 207 -48.75 -34.14 28.75
N ASN C 208 -48.24 -34.55 29.91
CA ASN C 208 -48.22 -33.68 31.08
C ASN C 208 -46.82 -33.25 31.50
N ARG C 209 -45.78 -33.77 30.88
CA ARG C 209 -44.44 -33.26 31.16
C ARG C 209 -44.20 -31.99 30.34
N PRO C 210 -43.44 -31.02 30.89
CA PRO C 210 -43.35 -29.70 30.25
C PRO C 210 -42.86 -29.73 28.80
N ARG C 211 -41.68 -30.31 28.55
CA ARG C 211 -41.06 -30.26 27.23
C ARG C 211 -41.10 -31.61 26.53
N ARG C 212 -40.26 -32.56 26.94
CA ARG C 212 -40.15 -33.84 26.23
C ARG C 212 -41.21 -34.81 26.75
N ALA C 213 -42.16 -35.18 25.89
CA ALA C 213 -43.26 -36.04 26.33
C ALA C 213 -42.84 -37.49 26.45
N PHE C 214 -41.84 -37.92 25.67
CA PHE C 214 -41.47 -39.33 25.63
C PHE C 214 -40.86 -39.75 26.96
N ARG C 215 -41.17 -40.98 27.37
CA ARG C 215 -40.75 -41.48 28.67
C ARG C 215 -40.88 -42.99 28.69
N ARG C 216 -39.79 -43.70 28.97
CA ARG C 216 -39.84 -45.15 29.05
C ARG C 216 -40.41 -45.58 30.39
N ILE C 217 -40.88 -46.83 30.44
CA ILE C 217 -41.35 -47.45 31.68
C ILE C 217 -40.60 -48.77 31.82
N THR C 218 -39.72 -48.86 32.81
CA THR C 218 -38.71 -49.90 32.87
C THR C 218 -38.69 -50.58 34.23
N GLY C 219 -38.75 -51.91 34.22
CA GLY C 219 -38.26 -52.68 35.35
C GLY C 219 -39.22 -52.63 36.54
N SER C 220 -38.68 -52.20 37.68
CA SER C 220 -39.43 -52.21 38.94
C SER C 220 -40.67 -51.34 38.85
N ALA C 221 -40.48 -50.05 38.53
CA ALA C 221 -41.61 -49.16 38.32
C ALA C 221 -42.55 -49.69 37.26
N LEU C 222 -42.03 -50.46 36.29
CA LEU C 222 -42.89 -51.06 35.28
C LEU C 222 -43.86 -52.06 35.90
N GLN C 223 -43.33 -53.10 36.54
CA GLN C 223 -44.24 -54.13 37.04
C GLN C 223 -45.07 -53.64 38.23
N ALA C 224 -44.65 -52.58 38.91
CA ALA C 224 -45.57 -51.90 39.83
C ALA C 224 -46.87 -51.56 39.11
N LEU C 225 -46.78 -51.18 37.84
CA LEU C 225 -47.97 -50.86 37.04
C LEU C 225 -48.77 -52.12 36.70
N LEU C 226 -48.10 -53.25 36.50
CA LEU C 226 -48.78 -54.47 36.09
C LEU C 226 -49.61 -55.09 37.21
N VAL C 227 -49.34 -54.74 38.47
CA VAL C 227 -50.05 -55.30 39.62
C VAL C 227 -51.46 -54.73 39.75
N MET D 1 -40.69 -53.75 -25.50
CA MET D 1 -41.07 -52.59 -24.72
C MET D 1 -42.56 -52.27 -24.88
N GLU D 2 -43.14 -52.72 -26.00
CA GLU D 2 -44.56 -52.55 -26.20
C GLU D 2 -45.36 -53.24 -25.10
N GLN D 3 -44.98 -54.48 -24.78
CA GLN D 3 -45.58 -55.17 -23.64
C GLN D 3 -45.21 -54.51 -22.32
N ALA D 4 -44.00 -53.96 -22.21
CA ALA D 4 -43.61 -53.27 -20.99
C ALA D 4 -44.49 -52.05 -20.74
N MET D 5 -44.67 -51.22 -21.77
CA MET D 5 -45.58 -50.08 -21.64
C MET D 5 -47.01 -50.54 -21.42
N ARG D 6 -47.38 -51.71 -21.94
CA ARG D 6 -48.70 -52.28 -21.65
C ARG D 6 -48.83 -52.60 -20.16
N GLU D 7 -47.77 -53.13 -19.54
CA GLU D 7 -47.81 -53.45 -18.12
C GLU D 7 -47.78 -52.21 -17.25
N ARG D 8 -47.06 -51.17 -17.69
CA ARG D 8 -47.07 -49.91 -16.94
C ARG D 8 -48.45 -49.25 -17.00
N SER D 9 -49.02 -49.14 -18.20
CA SER D 9 -50.35 -48.57 -18.34
C SER D 9 -51.38 -49.39 -17.58
N GLU D 10 -51.20 -50.71 -17.55
CA GLU D 10 -52.14 -51.56 -16.84
C GLU D 10 -52.04 -51.36 -15.32
N LEU D 11 -50.82 -51.39 -14.80
CA LEU D 11 -50.62 -51.19 -13.35
C LEU D 11 -51.15 -49.83 -12.92
N ALA D 12 -50.89 -48.79 -13.71
CA ALA D 12 -51.37 -47.46 -13.35
C ALA D 12 -52.89 -47.38 -13.43
N ARG D 13 -53.48 -47.97 -14.47
CA ARG D 13 -54.93 -47.93 -14.63
C ARG D 13 -55.63 -48.65 -13.48
N LYS D 14 -55.20 -49.87 -13.17
CA LYS D 14 -55.81 -50.62 -12.08
C LYS D 14 -55.55 -49.94 -10.74
N GLY D 15 -54.39 -49.32 -10.59
CA GLY D 15 -54.10 -48.58 -9.37
C GLY D 15 -55.07 -47.42 -9.16
N ILE D 16 -55.29 -46.63 -10.21
CA ILE D 16 -56.23 -45.52 -10.11
C ILE D 16 -57.65 -46.03 -9.87
N ALA D 17 -58.00 -47.14 -10.51
CA ALA D 17 -59.37 -47.65 -10.40
C ALA D 17 -59.72 -48.14 -9.01
N ARG D 18 -58.72 -48.47 -8.19
CA ARG D 18 -58.94 -48.98 -6.84
C ARG D 18 -59.03 -47.87 -5.80
N ALA D 19 -59.01 -46.61 -6.20
CA ALA D 19 -58.94 -45.49 -5.27
C ALA D 19 -60.27 -44.74 -5.22
N LYS D 20 -60.39 -43.88 -4.21
CA LYS D 20 -61.57 -43.05 -4.05
C LYS D 20 -61.71 -42.09 -5.24
N SER D 21 -62.89 -41.50 -5.36
CA SER D 21 -63.22 -40.64 -6.48
C SER D 21 -63.16 -39.17 -6.06
N VAL D 22 -63.10 -38.29 -7.06
CA VAL D 22 -63.07 -36.86 -6.83
C VAL D 22 -63.62 -36.16 -8.07
N VAL D 23 -64.38 -35.09 -7.83
CA VAL D 23 -65.06 -34.35 -8.89
C VAL D 23 -64.77 -32.86 -8.72
N ALA D 24 -64.70 -32.16 -9.85
CA ALA D 24 -64.56 -30.71 -9.90
C ALA D 24 -65.65 -30.15 -10.79
N LEU D 25 -66.32 -29.09 -10.32
CA LEU D 25 -67.40 -28.46 -11.07
C LEU D 25 -67.14 -26.96 -11.20
N ALA D 26 -67.60 -26.39 -12.31
CA ALA D 26 -67.54 -24.96 -12.54
C ALA D 26 -68.91 -24.36 -12.25
N TYR D 27 -69.03 -23.67 -11.13
CA TYR D 27 -70.28 -23.05 -10.72
C TYR D 27 -70.14 -21.53 -10.73
N ALA D 28 -71.25 -20.85 -10.45
CA ALA D 28 -71.33 -19.41 -10.67
C ALA D 28 -70.28 -18.65 -9.88
N GLY D 29 -69.97 -19.12 -8.66
CA GLY D 29 -68.98 -18.44 -7.85
C GLY D 29 -67.55 -18.83 -8.10
N GLY D 30 -67.32 -19.92 -8.86
CA GLY D 30 -65.97 -20.36 -9.12
C GLY D 30 -65.86 -21.85 -9.44
N VAL D 31 -64.96 -22.54 -8.74
CA VAL D 31 -64.76 -23.98 -8.94
C VAL D 31 -64.96 -24.68 -7.60
N LEU D 32 -65.57 -25.86 -7.65
CA LEU D 32 -65.83 -26.66 -6.46
C LEU D 32 -65.14 -28.02 -6.60
N PHE D 33 -64.29 -28.33 -5.63
CA PHE D 33 -63.65 -29.64 -5.50
C PHE D 33 -64.34 -30.42 -4.40
N VAL D 34 -64.86 -31.61 -4.74
CA VAL D 34 -65.46 -32.52 -3.77
C VAL D 34 -64.83 -33.89 -3.95
N ALA D 35 -64.30 -34.45 -2.86
CA ALA D 35 -63.61 -35.73 -2.92
C ALA D 35 -64.00 -36.59 -1.73
N GLU D 36 -64.07 -37.90 -1.96
CA GLU D 36 -64.24 -38.85 -0.86
C GLU D 36 -62.92 -38.97 -0.10
N ASN D 37 -62.98 -38.74 1.21
CA ASN D 37 -61.77 -38.87 2.02
C ASN D 37 -62.13 -39.03 3.48
N PRO D 38 -62.01 -40.24 4.04
CA PRO D 38 -62.30 -40.44 5.46
C PRO D 38 -61.22 -39.93 6.40
N SER D 39 -60.12 -39.39 5.85
CA SER D 39 -59.04 -38.88 6.67
C SER D 39 -59.38 -37.52 7.26
N ARG D 40 -58.76 -37.23 8.40
CA ARG D 40 -58.94 -35.97 9.10
C ARG D 40 -57.90 -34.93 8.70
N SER D 41 -56.70 -35.37 8.30
CA SER D 41 -55.60 -34.45 8.04
C SER D 41 -54.86 -34.70 6.73
N LEU D 42 -55.16 -35.78 6.00
CA LEU D 42 -54.47 -36.09 4.76
C LEU D 42 -55.30 -35.56 3.60
N GLN D 43 -54.70 -34.67 2.81
CA GLN D 43 -55.42 -33.85 1.83
C GLN D 43 -55.29 -34.43 0.43
N LYS D 44 -56.40 -34.51 -0.30
CA LYS D 44 -56.41 -34.80 -1.72
C LYS D 44 -56.68 -33.56 -2.57
N ILE D 45 -57.13 -32.48 -1.95
CA ILE D 45 -57.37 -31.20 -2.61
C ILE D 45 -56.48 -30.16 -1.94
N SER D 46 -55.88 -29.28 -2.75
CA SER D 46 -55.00 -28.27 -2.20
C SER D 46 -54.92 -27.07 -3.13
N GLU D 47 -54.28 -26.03 -2.62
CA GLU D 47 -54.04 -24.81 -3.37
C GLU D 47 -52.66 -24.86 -4.03
N LEU D 48 -52.60 -24.44 -5.30
CA LEU D 48 -51.33 -24.26 -5.98
C LEU D 48 -50.90 -22.79 -5.98
N TYR D 49 -51.75 -21.90 -6.48
CA TYR D 49 -51.41 -20.49 -6.54
C TYR D 49 -52.68 -19.66 -6.32
N ASP D 50 -52.51 -18.34 -6.30
CA ASP D 50 -53.55 -17.36 -6.04
C ASP D 50 -54.94 -17.80 -6.46
N ARG D 51 -55.13 -18.05 -7.76
CA ARG D 51 -56.42 -18.44 -8.31
C ARG D 51 -56.41 -19.86 -8.85
N VAL D 52 -55.37 -20.65 -8.57
CA VAL D 52 -55.19 -21.96 -9.18
C VAL D 52 -55.20 -23.01 -8.08
N GLY D 53 -56.05 -24.04 -8.27
CA GLY D 53 -56.20 -25.11 -7.31
C GLY D 53 -55.92 -26.47 -7.92
N PHE D 54 -55.81 -27.47 -7.03
CA PHE D 54 -55.29 -28.78 -7.37
C PHE D 54 -56.14 -29.86 -6.71
N ALA D 55 -56.47 -30.89 -7.48
CA ALA D 55 -57.14 -32.08 -6.95
C ALA D 55 -56.47 -33.32 -7.53
N ALA D 56 -56.61 -34.44 -6.84
CA ALA D 56 -55.90 -35.65 -7.26
C ALA D 56 -56.54 -36.88 -6.64
N ALA D 57 -56.44 -38.00 -7.36
CA ALA D 57 -56.89 -39.29 -6.88
C ALA D 57 -55.82 -40.34 -7.15
N GLY D 58 -55.74 -41.32 -6.26
CA GLY D 58 -54.78 -42.40 -6.41
C GLY D 58 -53.90 -42.63 -5.18
N LYS D 59 -52.67 -43.08 -5.40
CA LYS D 59 -51.74 -43.30 -4.31
C LYS D 59 -51.30 -41.97 -3.72
N PHE D 60 -51.42 -41.84 -2.39
CA PHE D 60 -51.30 -40.53 -1.77
C PHE D 60 -49.91 -39.92 -1.96
N ASN D 61 -48.86 -40.66 -1.58
CA ASN D 61 -47.53 -40.06 -1.56
C ASN D 61 -47.08 -39.61 -2.95
N GLU D 62 -47.62 -40.24 -4.00
CA GLU D 62 -47.23 -39.87 -5.35
C GLU D 62 -47.88 -38.55 -5.79
N PHE D 63 -49.18 -38.38 -5.53
CA PHE D 63 -49.78 -37.10 -5.89
C PHE D 63 -49.49 -36.00 -4.87
N ASP D 64 -48.96 -36.35 -3.70
CA ASP D 64 -48.46 -35.33 -2.79
C ASP D 64 -47.08 -34.86 -3.22
N ASN D 65 -46.23 -35.78 -3.68
CA ASN D 65 -44.98 -35.39 -4.32
C ASN D 65 -45.25 -34.48 -5.51
N LEU D 66 -46.19 -34.89 -6.39
CA LEU D 66 -46.54 -34.05 -7.53
C LEU D 66 -47.12 -32.71 -7.06
N ARG D 67 -47.90 -32.73 -5.99
CA ARG D 67 -48.48 -31.48 -5.47
C ARG D 67 -47.38 -30.51 -5.06
N ARG D 68 -46.40 -30.99 -4.28
CA ARG D 68 -45.29 -30.14 -3.88
C ARG D 68 -44.50 -29.67 -5.10
N GLY D 69 -44.37 -30.52 -6.11
CA GLY D 69 -43.72 -30.10 -7.35
C GLY D 69 -44.45 -28.95 -8.01
N GLY D 70 -45.79 -28.99 -7.98
CA GLY D 70 -46.57 -27.92 -8.58
C GLY D 70 -46.46 -26.62 -7.79
N ILE D 71 -46.49 -26.71 -6.46
CA ILE D 71 -46.37 -25.50 -5.65
C ILE D 71 -44.97 -24.90 -5.79
N GLN D 72 -43.95 -25.76 -5.88
CA GLN D 72 -42.59 -25.29 -6.13
C GLN D 72 -42.49 -24.58 -7.47
N PHE D 73 -43.01 -25.20 -8.53
CA PHE D 73 -42.98 -24.58 -9.85
C PHE D 73 -43.70 -23.23 -9.83
N ALA D 74 -44.91 -23.21 -9.27
CA ALA D 74 -45.71 -21.99 -9.27
C ALA D 74 -45.00 -20.88 -8.51
N ASP D 75 -44.47 -21.18 -7.33
CA ASP D 75 -43.78 -20.16 -6.54
C ASP D 75 -42.55 -19.64 -7.26
N THR D 76 -41.77 -20.54 -7.88
CA THR D 76 -40.57 -20.09 -8.58
C THR D 76 -40.93 -19.20 -9.76
N ARG D 77 -41.91 -19.60 -10.56
CA ARG D 77 -42.33 -18.79 -11.70
C ARG D 77 -42.84 -17.42 -11.25
N GLY D 78 -43.69 -17.41 -10.21
CA GLY D 78 -44.19 -16.14 -9.71
C GLY D 78 -43.09 -15.23 -9.20
N TYR D 79 -42.05 -15.81 -8.59
CA TYR D 79 -40.93 -14.98 -8.14
C TYR D 79 -40.12 -14.44 -9.31
N ALA D 80 -39.86 -15.29 -10.31
CA ALA D 80 -39.00 -14.87 -11.42
C ALA D 80 -39.68 -13.84 -12.31
N TYR D 81 -41.02 -13.83 -12.37
CA TYR D 81 -41.74 -12.89 -13.20
C TYR D 81 -42.71 -12.15 -12.29
N ASP D 82 -44.00 -12.16 -12.59
CA ASP D 82 -45.03 -11.61 -11.71
C ASP D 82 -46.04 -12.69 -11.38
N ARG D 83 -46.64 -12.57 -10.20
CA ARG D 83 -47.66 -13.54 -9.80
C ARG D 83 -48.78 -13.64 -10.85
N ARG D 84 -49.03 -12.55 -11.57
CA ARG D 84 -50.08 -12.55 -12.59
C ARG D 84 -49.73 -13.44 -13.78
N ASP D 85 -48.46 -13.82 -13.95
CA ASP D 85 -48.04 -14.66 -15.05
C ASP D 85 -48.21 -16.15 -14.78
N VAL D 86 -48.40 -16.53 -13.52
CA VAL D 86 -48.65 -17.93 -13.16
C VAL D 86 -50.09 -18.27 -13.54
N THR D 87 -50.26 -19.21 -14.47
CA THR D 87 -51.56 -19.58 -14.98
C THR D 87 -51.81 -21.06 -14.78
N GLY D 88 -53.08 -21.45 -14.90
CA GLY D 88 -53.42 -22.86 -14.79
C GLY D 88 -52.86 -23.69 -15.93
N ARG D 89 -52.82 -23.12 -17.13
CA ARG D 89 -52.30 -23.85 -18.29
C ARG D 89 -50.83 -24.22 -18.09
N GLN D 90 -50.05 -23.32 -17.50
CA GLN D 90 -48.64 -23.60 -17.24
C GLN D 90 -48.49 -24.85 -16.37
N LEU D 91 -49.28 -24.93 -15.30
CA LEU D 91 -49.15 -26.05 -14.37
C LEU D 91 -49.74 -27.34 -14.95
N ALA D 92 -50.81 -27.24 -15.72
CA ALA D 92 -51.35 -28.41 -16.40
C ALA D 92 -50.32 -28.99 -17.37
N ASN D 93 -49.66 -28.11 -18.13
CA ASN D 93 -48.63 -28.58 -19.05
C ASN D 93 -47.47 -29.21 -18.30
N VAL D 94 -46.93 -28.50 -17.30
CA VAL D 94 -45.76 -29.04 -16.58
C VAL D 94 -46.11 -30.36 -15.90
N TYR D 95 -47.38 -30.54 -15.53
CA TYR D 95 -47.82 -31.84 -15.01
C TYR D 95 -47.88 -32.88 -16.11
N ALA D 96 -48.27 -32.48 -17.33
CA ALA D 96 -48.29 -33.43 -18.43
C ALA D 96 -46.89 -33.92 -18.77
N GLN D 97 -45.96 -32.97 -18.96
CA GLN D 97 -44.57 -33.33 -19.21
C GLN D 97 -44.00 -34.17 -18.07
N THR D 98 -44.30 -33.77 -16.82
CA THR D 98 -43.73 -34.46 -15.67
C THR D 98 -44.24 -35.89 -15.55
N LEU D 99 -45.56 -36.08 -15.67
CA LEU D 99 -46.11 -37.43 -15.61
C LEU D 99 -45.75 -38.25 -16.84
N GLY D 100 -45.44 -37.61 -17.97
CA GLY D 100 -44.90 -38.34 -19.10
C GLY D 100 -43.53 -38.91 -18.79
N THR D 101 -42.65 -38.08 -18.22
CA THR D 101 -41.32 -38.56 -17.85
C THR D 101 -41.41 -39.63 -16.75
N ILE D 102 -42.32 -39.44 -15.79
CA ILE D 102 -42.50 -40.45 -14.75
C ILE D 102 -42.98 -41.76 -15.36
N PHE D 103 -43.97 -41.68 -16.23
CA PHE D 103 -44.58 -42.88 -16.81
C PHE D 103 -43.61 -43.64 -17.71
N THR D 104 -42.70 -42.92 -18.37
CA THR D 104 -41.80 -43.57 -19.32
C THR D 104 -40.47 -43.98 -18.69
N GLU D 105 -40.02 -43.29 -17.64
CA GLU D 105 -38.65 -43.45 -17.17
C GLU D 105 -38.52 -43.97 -15.74
N GLN D 106 -39.46 -43.68 -14.84
CA GLN D 106 -39.28 -44.04 -13.46
C GLN D 106 -39.43 -45.55 -13.24
N ALA D 107 -39.05 -45.99 -12.05
CA ALA D 107 -39.11 -47.41 -11.70
C ALA D 107 -40.53 -47.94 -11.84
N LYS D 108 -41.48 -47.33 -11.14
CA LYS D 108 -42.89 -47.64 -11.29
C LYS D 108 -43.65 -46.38 -11.68
N PRO D 109 -44.57 -46.46 -12.64
CA PRO D 109 -45.39 -45.30 -12.96
C PRO D 109 -46.19 -44.82 -11.75
N TYR D 110 -46.57 -43.56 -11.77
CA TYR D 110 -47.38 -43.01 -10.70
C TYR D 110 -48.83 -43.42 -10.88
N GLU D 111 -49.44 -43.95 -9.82
CA GLU D 111 -50.85 -44.33 -9.85
C GLU D 111 -51.71 -43.15 -9.39
N VAL D 112 -51.74 -42.12 -10.23
CA VAL D 112 -52.36 -40.85 -9.88
C VAL D 112 -53.13 -40.29 -11.07
N GLU D 113 -54.10 -39.42 -10.75
CA GLU D 113 -54.82 -38.62 -11.74
C GLU D 113 -55.04 -37.24 -11.14
N LEU D 114 -54.75 -36.20 -11.91
CA LEU D 114 -54.71 -34.84 -11.39
C LEU D 114 -55.70 -33.93 -12.13
N CYS D 115 -56.23 -32.96 -11.40
CA CYS D 115 -57.04 -31.89 -11.96
C CYS D 115 -56.48 -30.55 -11.52
N VAL D 116 -56.34 -29.63 -12.47
CA VAL D 116 -55.83 -28.29 -12.21
C VAL D 116 -56.90 -27.29 -12.62
N ALA D 117 -57.38 -26.49 -11.68
CA ALA D 117 -58.46 -25.56 -11.95
C ALA D 117 -57.99 -24.12 -11.76
N GLU D 118 -58.59 -23.20 -12.52
CA GLU D 118 -58.26 -21.79 -12.39
C GLU D 118 -59.52 -20.96 -12.56
N VAL D 119 -59.76 -20.04 -11.62
CA VAL D 119 -60.87 -19.10 -11.73
C VAL D 119 -60.31 -17.73 -12.13
N ALA D 120 -61.20 -16.78 -12.37
CA ALA D 120 -60.78 -15.44 -12.76
C ALA D 120 -60.22 -14.69 -11.56
N HIS D 121 -59.41 -13.68 -11.85
CA HIS D 121 -58.97 -12.77 -10.81
C HIS D 121 -60.11 -11.87 -10.36
N TYR D 122 -59.93 -11.22 -9.22
CA TYR D 122 -61.00 -10.43 -8.64
C TYR D 122 -61.44 -9.31 -9.59
N GLY D 123 -62.75 -9.18 -9.77
CA GLY D 123 -63.32 -8.17 -10.63
C GLY D 123 -63.28 -8.47 -12.11
N GLU D 124 -62.79 -9.64 -12.51
CA GLU D 124 -62.66 -9.99 -13.92
C GLU D 124 -63.72 -11.02 -14.31
N THR D 125 -64.03 -11.04 -15.60
CA THR D 125 -65.02 -11.96 -16.17
C THR D 125 -64.27 -13.00 -17.00
N LYS D 126 -64.28 -14.24 -16.53
CA LYS D 126 -63.52 -15.32 -17.19
C LYS D 126 -64.07 -16.65 -16.70
N ARG D 127 -64.65 -17.43 -17.60
CA ARG D 127 -65.22 -18.71 -17.23
C ARG D 127 -64.11 -19.63 -16.73
N PRO D 128 -64.30 -20.34 -15.62
CA PRO D 128 -63.22 -21.17 -15.05
C PRO D 128 -62.64 -22.17 -16.02
N GLU D 129 -61.41 -22.60 -15.75
CA GLU D 129 -60.72 -23.60 -16.55
C GLU D 129 -60.46 -24.85 -15.70
N LEU D 130 -60.71 -26.01 -16.30
CA LEU D 130 -60.51 -27.30 -15.66
C LEU D 130 -59.64 -28.16 -16.57
N TYR D 131 -58.49 -28.61 -16.04
CA TYR D 131 -57.56 -29.45 -16.77
C TYR D 131 -57.45 -30.80 -16.08
N ARG D 132 -57.34 -31.85 -16.89
CA ARG D 132 -57.23 -33.22 -16.41
C ARG D 132 -55.95 -33.83 -16.96
N ILE D 133 -55.14 -34.41 -16.08
CA ILE D 133 -53.87 -35.03 -16.47
C ILE D 133 -53.85 -36.45 -15.92
N THR D 134 -53.57 -37.42 -16.80
CA THR D 134 -53.63 -38.83 -16.47
C THR D 134 -52.22 -39.39 -16.28
N TYR D 135 -52.16 -40.66 -15.88
CA TYR D 135 -50.92 -41.29 -15.42
C TYR D 135 -49.83 -41.32 -16.48
N ASP D 136 -50.17 -41.18 -17.77
CA ASP D 136 -49.18 -41.24 -18.84
C ASP D 136 -48.89 -39.87 -19.43
N GLY D 137 -49.33 -38.80 -18.77
CA GLY D 137 -49.10 -37.46 -19.26
C GLY D 137 -50.09 -36.96 -20.28
N SER D 138 -51.17 -37.70 -20.53
CA SER D 138 -52.22 -37.19 -21.41
C SER D 138 -52.98 -36.08 -20.71
N ILE D 139 -53.21 -34.98 -21.42
CA ILE D 139 -53.81 -33.78 -20.86
C ILE D 139 -55.07 -33.46 -21.64
N ALA D 140 -56.13 -33.08 -20.92
CA ALA D 140 -57.44 -32.86 -21.50
C ALA D 140 -58.06 -31.61 -20.90
N ASP D 141 -58.66 -30.80 -21.76
CA ASP D 141 -59.31 -29.56 -21.36
C ASP D 141 -60.81 -29.81 -21.23
N GLU D 142 -61.36 -29.54 -20.04
CA GLU D 142 -62.78 -29.77 -19.83
C GLU D 142 -63.48 -28.45 -19.52
N PRO D 143 -64.70 -28.26 -20.03
CA PRO D 143 -65.38 -26.97 -19.84
C PRO D 143 -66.27 -26.91 -18.61
N HIS D 144 -66.77 -28.05 -18.15
CA HIS D 144 -67.81 -28.06 -17.11
C HIS D 144 -67.40 -28.80 -15.85
N PHE D 145 -66.87 -30.02 -15.97
CA PHE D 145 -66.58 -30.80 -14.77
C PHE D 145 -65.52 -31.85 -15.11
N VAL D 146 -64.85 -32.33 -14.06
CA VAL D 146 -63.83 -33.35 -14.17
C VAL D 146 -64.09 -34.43 -13.13
N VAL D 147 -63.87 -35.69 -13.50
CA VAL D 147 -64.05 -36.84 -12.63
C VAL D 147 -62.79 -37.69 -12.66
N MET D 148 -62.28 -38.07 -11.50
CA MET D 148 -61.05 -38.85 -11.43
C MET D 148 -61.14 -39.88 -10.32
N GLY D 149 -60.58 -41.07 -10.57
CA GLY D 149 -60.45 -42.10 -9.56
C GLY D 149 -61.63 -43.04 -9.49
N GLY D 150 -61.35 -44.33 -9.23
CA GLY D 150 -62.41 -45.30 -9.06
C GLY D 150 -63.16 -45.56 -10.34
N THR D 151 -64.48 -45.69 -10.22
CA THR D 151 -65.36 -45.94 -11.37
C THR D 151 -65.84 -44.61 -11.92
N THR D 152 -65.31 -44.22 -13.09
CA THR D 152 -65.55 -42.91 -13.64
C THR D 152 -66.85 -42.82 -14.45
N GLU D 153 -67.23 -43.90 -15.13
CA GLU D 153 -68.40 -43.85 -16.01
C GLU D 153 -69.69 -43.45 -15.29
N PRO D 154 -70.10 -44.08 -14.17
CA PRO D 154 -71.37 -43.67 -13.55
C PRO D 154 -71.39 -42.22 -13.08
N ILE D 155 -70.34 -41.77 -12.38
CA ILE D 155 -70.27 -40.38 -11.93
C ILE D 155 -70.34 -39.43 -13.12
N ALA D 156 -69.59 -39.72 -14.18
CA ALA D 156 -69.61 -38.90 -15.38
C ALA D 156 -71.03 -38.80 -15.95
N ASN D 157 -71.72 -39.94 -16.07
CA ASN D 157 -73.07 -39.91 -16.62
C ASN D 157 -74.01 -39.09 -15.74
N ALA D 158 -73.96 -39.31 -14.43
CA ALA D 158 -74.81 -38.55 -13.51
C ALA D 158 -74.58 -37.05 -13.67
N LEU D 159 -73.32 -36.62 -13.69
CA LEU D 159 -73.04 -35.20 -13.88
C LEU D 159 -73.47 -34.71 -15.26
N LYS D 160 -73.37 -35.56 -16.28
CA LYS D 160 -73.84 -35.18 -17.60
C LYS D 160 -75.34 -34.96 -17.62
N GLU D 161 -76.07 -35.64 -16.74
CA GLU D 161 -77.52 -35.47 -16.67
C GLU D 161 -77.96 -34.38 -15.72
N SER D 162 -77.15 -34.01 -14.74
CA SER D 162 -77.57 -33.09 -13.69
C SER D 162 -76.81 -31.77 -13.66
N TYR D 163 -75.91 -31.51 -14.60
CA TYR D 163 -75.11 -30.29 -14.57
C TYR D 163 -75.82 -29.15 -15.29
N ALA D 164 -75.76 -27.97 -14.69
CA ALA D 164 -76.24 -26.73 -15.31
C ALA D 164 -75.24 -25.64 -15.02
N GLU D 165 -74.87 -24.87 -16.04
CA GLU D 165 -73.90 -23.80 -15.87
C GLU D 165 -74.41 -22.77 -14.88
N ASN D 166 -73.46 -22.10 -14.22
CA ASN D 166 -73.74 -21.03 -13.26
C ASN D 166 -74.68 -21.48 -12.14
N ALA D 167 -74.55 -22.74 -11.73
CA ALA D 167 -75.32 -23.24 -10.60
C ALA D 167 -74.84 -22.59 -9.30
N SER D 168 -75.62 -22.76 -8.25
CA SER D 168 -75.27 -22.21 -6.94
C SER D 168 -74.28 -23.12 -6.23
N LEU D 169 -73.83 -22.69 -5.06
CA LEU D 169 -72.90 -23.52 -4.28
C LEU D 169 -73.60 -24.73 -3.69
N THR D 170 -74.80 -24.52 -3.12
CA THR D 170 -75.58 -25.63 -2.59
C THR D 170 -75.92 -26.63 -3.68
N ASP D 171 -76.52 -26.15 -4.77
CA ASP D 171 -76.83 -26.98 -5.93
C ASP D 171 -75.62 -27.80 -6.35
N ALA D 172 -74.58 -27.13 -6.86
CA ALA D 172 -73.40 -27.85 -7.36
C ALA D 172 -72.83 -28.79 -6.32
N LEU D 173 -72.92 -28.43 -5.03
CA LEU D 173 -72.40 -29.29 -3.98
C LEU D 173 -73.15 -30.62 -3.94
N ARG D 174 -74.46 -30.59 -3.69
CA ARG D 174 -75.15 -31.86 -3.55
C ARG D 174 -75.34 -32.58 -4.88
N ILE D 175 -75.31 -31.85 -6.01
CA ILE D 175 -75.15 -32.49 -7.31
C ILE D 175 -73.89 -33.33 -7.34
N ALA D 176 -72.79 -32.74 -6.87
CA ALA D 176 -71.51 -33.46 -6.85
C ALA D 176 -71.58 -34.68 -5.94
N VAL D 177 -72.10 -34.51 -4.72
CA VAL D 177 -72.12 -35.64 -3.79
C VAL D 177 -73.08 -36.72 -4.29
N ALA D 178 -74.09 -36.33 -5.08
CA ALA D 178 -74.95 -37.34 -5.69
C ALA D 178 -74.19 -38.11 -6.76
N ALA D 179 -73.44 -37.40 -7.61
CA ALA D 179 -72.59 -38.06 -8.59
C ALA D 179 -71.65 -39.05 -7.91
N LEU D 180 -70.93 -38.60 -6.87
CA LEU D 180 -70.07 -39.50 -6.12
C LEU D 180 -70.85 -40.65 -5.51
N ARG D 181 -72.11 -40.41 -5.13
CA ARG D 181 -72.94 -41.48 -4.59
C ARG D 181 -73.32 -42.50 -5.66
N ALA D 182 -73.24 -42.12 -6.93
CA ALA D 182 -73.49 -43.06 -8.03
C ALA D 182 -72.30 -43.98 -8.29
N GLY D 183 -71.34 -44.06 -7.38
CA GLY D 183 -70.19 -44.92 -7.57
C GLY D 183 -69.41 -45.18 -6.30
N LEU D 195 -73.67 -38.18 1.50
CA LEU D 195 -72.48 -38.74 2.12
C LEU D 195 -72.01 -37.83 3.26
N GLY D 196 -71.58 -38.43 4.36
CA GLY D 196 -71.31 -37.68 5.58
C GLY D 196 -70.16 -36.71 5.43
N VAL D 197 -70.01 -35.86 6.46
CA VAL D 197 -68.96 -34.85 6.45
C VAL D 197 -67.60 -35.48 6.76
N ALA D 198 -67.55 -36.37 7.75
CA ALA D 198 -66.31 -37.07 8.07
C ALA D 198 -65.84 -37.98 6.94
N SER D 199 -66.65 -38.16 5.90
CA SER D 199 -66.30 -38.96 4.74
C SER D 199 -65.93 -38.11 3.53
N LEU D 200 -65.88 -36.79 3.67
CA LEU D 200 -65.70 -35.89 2.53
C LEU D 200 -64.65 -34.84 2.82
N GLU D 201 -63.98 -34.41 1.74
CA GLU D 201 -63.09 -33.26 1.73
C GLU D 201 -63.55 -32.34 0.60
N VAL D 202 -63.77 -31.07 0.90
CA VAL D 202 -64.41 -30.17 -0.04
C VAL D 202 -63.79 -28.78 0.09
N ALA D 203 -63.44 -28.18 -1.06
CA ALA D 203 -62.92 -26.83 -1.09
C ALA D 203 -63.39 -26.17 -2.38
N VAL D 204 -63.10 -24.87 -2.50
CA VAL D 204 -63.52 -24.11 -3.67
C VAL D 204 -62.42 -23.12 -4.04
N LEU D 205 -62.31 -22.88 -5.35
CA LEU D 205 -61.66 -21.69 -5.88
C LEU D 205 -62.75 -20.63 -5.99
N ASP D 206 -62.76 -19.72 -5.03
CA ASP D 206 -63.79 -18.68 -4.89
C ASP D 206 -63.35 -17.46 -5.68
N ALA D 207 -63.96 -17.27 -6.85
CA ALA D 207 -63.60 -16.15 -7.72
C ALA D 207 -63.95 -14.80 -7.12
N ASN D 208 -64.69 -14.76 -6.02
CA ASN D 208 -65.06 -13.49 -5.39
C ASN D 208 -64.05 -13.01 -4.37
N ARG D 209 -63.24 -13.91 -3.81
CA ARG D 209 -62.22 -13.51 -2.86
C ARG D 209 -61.20 -12.60 -3.53
N PRO D 210 -60.65 -11.62 -2.80
CA PRO D 210 -59.75 -10.64 -3.41
C PRO D 210 -58.40 -11.21 -3.81
N ARG D 211 -57.75 -11.95 -2.91
CA ARG D 211 -56.39 -12.40 -3.11
C ARG D 211 -56.39 -13.89 -3.38
N ARG D 212 -56.26 -14.74 -2.37
CA ARG D 212 -56.17 -16.18 -2.57
C ARG D 212 -57.56 -16.78 -2.66
N ALA D 213 -57.85 -17.40 -3.81
CA ALA D 213 -59.21 -17.86 -4.09
C ALA D 213 -59.55 -19.16 -3.38
N PHE D 214 -58.55 -20.00 -3.10
CA PHE D 214 -58.80 -21.31 -2.51
C PHE D 214 -59.27 -21.15 -1.07
N ARG D 215 -60.33 -21.88 -0.72
CA ARG D 215 -60.77 -21.96 0.67
C ARG D 215 -61.48 -23.30 0.88
N ARG D 216 -61.21 -23.91 2.03
CA ARG D 216 -61.80 -25.19 2.38
C ARG D 216 -63.12 -24.97 3.12
N ILE D 217 -64.12 -25.78 2.78
CA ILE D 217 -65.39 -25.77 3.48
C ILE D 217 -65.41 -26.96 4.42
N THR D 218 -65.43 -26.71 5.73
CA THR D 218 -65.21 -27.75 6.72
C THR D 218 -66.27 -27.73 7.79
N GLY D 219 -66.66 -28.92 8.25
CA GLY D 219 -67.45 -29.08 9.46
C GLY D 219 -68.79 -28.37 9.51
N SER D 220 -68.85 -27.26 10.23
CA SER D 220 -70.13 -26.57 10.44
C SER D 220 -70.70 -26.06 9.12
N ALA D 221 -69.87 -25.39 8.31
CA ALA D 221 -70.36 -24.81 7.07
C ALA D 221 -70.68 -25.88 6.03
N LEU D 222 -69.92 -26.98 6.03
CA LEU D 222 -70.22 -28.06 5.11
C LEU D 222 -71.50 -28.79 5.51
N GLN D 223 -71.70 -28.99 6.81
CA GLN D 223 -72.90 -29.64 7.32
C GLN D 223 -74.16 -28.94 6.84
N ALA D 224 -74.15 -27.61 6.86
CA ALA D 224 -75.32 -26.83 6.46
C ALA D 224 -75.78 -27.15 5.04
N LEU D 225 -74.91 -27.73 4.23
CA LEU D 225 -75.21 -27.96 2.82
C LEU D 225 -75.18 -29.45 2.49
N MET E 1 -31.88 -56.00 -31.32
CA MET E 1 -31.69 -54.91 -32.28
C MET E 1 -32.92 -54.75 -33.20
N GLU E 2 -33.02 -55.61 -34.21
CA GLU E 2 -34.14 -55.53 -35.14
C GLU E 2 -35.47 -55.71 -34.43
N GLN E 3 -35.51 -56.62 -33.44
CA GLN E 3 -36.72 -56.82 -32.66
C GLN E 3 -37.13 -55.52 -31.94
N ALA E 4 -36.19 -54.94 -31.17
CA ALA E 4 -36.52 -53.75 -30.39
C ALA E 4 -36.83 -52.56 -31.30
N MET E 5 -36.09 -52.41 -32.40
CA MET E 5 -36.29 -51.26 -33.27
C MET E 5 -37.60 -51.36 -34.05
N ARG E 6 -37.95 -52.55 -34.53
CA ARG E 6 -39.23 -52.73 -35.18
C ARG E 6 -40.38 -52.53 -34.18
N GLU E 7 -40.18 -52.97 -32.94
CA GLU E 7 -41.21 -52.75 -31.92
C GLU E 7 -41.37 -51.26 -31.61
N ARG E 8 -40.27 -50.53 -31.52
CA ARG E 8 -40.33 -49.09 -31.28
C ARG E 8 -41.05 -48.38 -32.43
N SER E 9 -40.63 -48.67 -33.66
CA SER E 9 -41.29 -48.07 -34.82
C SER E 9 -42.78 -48.36 -34.84
N GLU E 10 -43.17 -49.59 -34.49
CA GLU E 10 -44.58 -49.94 -34.44
C GLU E 10 -45.32 -49.12 -33.39
N LEU E 11 -44.76 -49.05 -32.18
CA LEU E 11 -45.37 -48.25 -31.11
C LEU E 11 -45.59 -46.81 -31.56
N ALA E 12 -44.58 -46.21 -32.19
CA ALA E 12 -44.71 -44.84 -32.64
C ALA E 12 -45.78 -44.70 -33.71
N ARG E 13 -45.73 -45.56 -34.73
CA ARG E 13 -46.70 -45.47 -35.82
C ARG E 13 -48.13 -45.58 -35.32
N LYS E 14 -48.39 -46.55 -34.43
CA LYS E 14 -49.73 -46.69 -33.88
C LYS E 14 -50.11 -45.48 -33.04
N GLY E 15 -49.19 -44.98 -32.22
CA GLY E 15 -49.48 -43.80 -31.42
C GLY E 15 -49.88 -42.60 -32.26
N ILE E 16 -49.18 -42.37 -33.37
CA ILE E 16 -49.52 -41.24 -34.23
C ILE E 16 -50.79 -41.52 -35.04
N ALA E 17 -51.07 -42.79 -35.32
CA ALA E 17 -52.33 -43.12 -35.98
C ALA E 17 -53.53 -42.85 -35.09
N ARG E 18 -53.37 -43.00 -33.77
CA ARG E 18 -54.49 -42.76 -32.86
C ARG E 18 -54.88 -41.29 -32.80
N ALA E 19 -53.95 -40.38 -33.09
CA ALA E 19 -54.16 -38.96 -32.83
C ALA E 19 -54.88 -38.27 -33.99
N LYS E 20 -55.39 -37.08 -33.70
CA LYS E 20 -56.07 -36.26 -34.70
C LYS E 20 -55.08 -35.73 -35.73
N SER E 21 -55.62 -35.16 -36.81
CA SER E 21 -54.83 -34.85 -37.99
C SER E 21 -54.54 -33.36 -38.11
N VAL E 22 -53.48 -33.05 -38.85
CA VAL E 22 -53.01 -31.69 -39.08
C VAL E 22 -52.62 -31.56 -40.55
N VAL E 23 -52.88 -30.38 -41.13
CA VAL E 23 -52.59 -30.10 -42.53
C VAL E 23 -51.92 -28.73 -42.63
N ALA E 24 -50.87 -28.66 -43.47
CA ALA E 24 -50.19 -27.41 -43.78
C ALA E 24 -50.18 -27.23 -45.30
N LEU E 25 -50.61 -26.06 -45.75
CA LEU E 25 -50.78 -25.76 -47.17
C LEU E 25 -49.98 -24.53 -47.57
N ALA E 26 -49.49 -24.54 -48.81
CA ALA E 26 -48.89 -23.35 -49.39
C ALA E 26 -49.94 -22.60 -50.19
N TYR E 27 -50.07 -21.30 -49.93
CA TYR E 27 -51.05 -20.48 -50.62
C TYR E 27 -50.44 -19.11 -50.91
N ALA E 28 -51.22 -18.28 -51.62
CA ALA E 28 -50.68 -17.04 -52.18
C ALA E 28 -50.21 -16.07 -51.10
N GLY E 29 -50.78 -16.13 -49.90
CA GLY E 29 -50.36 -15.30 -48.81
C GLY E 29 -49.31 -15.89 -47.91
N GLY E 30 -48.89 -17.14 -48.16
CA GLY E 30 -47.90 -17.78 -47.32
C GLY E 30 -48.20 -19.24 -47.05
N VAL E 31 -48.34 -19.61 -45.77
CA VAL E 31 -48.62 -20.98 -45.40
C VAL E 31 -49.80 -20.99 -44.42
N LEU E 32 -50.63 -22.03 -44.52
CA LEU E 32 -51.82 -22.17 -43.69
C LEU E 32 -51.73 -23.46 -42.89
N PHE E 33 -51.92 -23.35 -41.58
CA PHE E 33 -51.96 -24.50 -40.68
C PHE E 33 -53.39 -24.70 -40.17
N VAL E 34 -53.90 -25.91 -40.31
CA VAL E 34 -55.22 -26.27 -39.78
C VAL E 34 -55.11 -27.61 -39.07
N ALA E 35 -55.71 -27.71 -37.90
CA ALA E 35 -55.60 -28.91 -37.09
C ALA E 35 -56.91 -29.14 -36.33
N GLU E 36 -57.36 -30.40 -36.30
CA GLU E 36 -58.52 -30.74 -35.49
C GLU E 36 -58.14 -30.67 -34.02
N ASN E 37 -58.76 -29.75 -33.28
CA ASN E 37 -58.38 -29.46 -31.90
C ASN E 37 -59.59 -28.86 -31.18
N PRO E 38 -60.31 -29.66 -30.40
CA PRO E 38 -61.44 -29.12 -29.63
C PRO E 38 -61.04 -28.30 -28.41
N SER E 39 -59.75 -28.22 -28.08
CA SER E 39 -59.33 -27.57 -26.85
C SER E 39 -59.30 -26.05 -27.00
N ARG E 40 -59.70 -25.35 -25.94
CA ARG E 40 -59.74 -23.89 -25.94
C ARG E 40 -58.41 -23.26 -25.51
N SER E 41 -57.38 -24.07 -25.21
CA SER E 41 -56.15 -23.47 -24.69
C SER E 41 -54.89 -24.24 -25.05
N LEU E 42 -55.00 -25.53 -25.35
CA LEU E 42 -53.84 -26.33 -25.75
C LEU E 42 -53.66 -26.22 -27.26
N GLN E 43 -52.43 -25.98 -27.70
CA GLN E 43 -52.14 -25.64 -29.09
C GLN E 43 -51.25 -26.71 -29.73
N LYS E 44 -51.55 -27.01 -30.99
CA LYS E 44 -50.76 -27.91 -31.81
C LYS E 44 -49.96 -27.20 -32.89
N ILE E 45 -50.29 -25.95 -33.20
CA ILE E 45 -49.56 -25.12 -34.15
C ILE E 45 -48.95 -23.97 -33.38
N SER E 46 -47.72 -23.59 -33.76
CA SER E 46 -47.00 -22.61 -32.96
C SER E 46 -45.99 -21.88 -33.82
N GLU E 47 -45.66 -20.66 -33.39
CA GLU E 47 -44.60 -19.89 -34.01
C GLU E 47 -43.24 -20.39 -33.55
N LEU E 48 -42.30 -20.44 -34.48
CA LEU E 48 -40.91 -20.76 -34.16
C LEU E 48 -39.99 -19.54 -34.29
N TYR E 49 -39.99 -18.89 -35.44
CA TYR E 49 -39.20 -17.67 -35.61
C TYR E 49 -39.93 -16.76 -36.59
N ASP E 50 -39.28 -15.63 -36.91
CA ASP E 50 -39.90 -14.56 -37.69
C ASP E 50 -40.78 -15.06 -38.83
N ARG E 51 -40.22 -15.91 -39.68
CA ARG E 51 -40.95 -16.44 -40.83
C ARG E 51 -41.02 -17.96 -40.78
N VAL E 52 -40.92 -18.55 -39.59
CA VAL E 52 -40.86 -20.00 -39.44
C VAL E 52 -41.94 -20.43 -38.46
N GLY E 53 -42.85 -21.30 -38.92
CA GLY E 53 -43.92 -21.83 -38.10
C GLY E 53 -43.82 -23.35 -37.96
N PHE E 54 -44.63 -23.88 -37.05
CA PHE E 54 -44.48 -25.24 -36.57
C PHE E 54 -45.86 -25.87 -36.38
N ALA E 55 -45.98 -27.14 -36.74
CA ALA E 55 -47.20 -27.89 -36.48
C ALA E 55 -46.82 -29.33 -36.17
N ALA E 56 -47.69 -30.01 -35.43
CA ALA E 56 -47.36 -31.34 -34.95
C ALA E 56 -48.61 -32.16 -34.71
N ALA E 57 -48.43 -33.48 -34.79
CA ALA E 57 -49.48 -34.43 -34.47
C ALA E 57 -48.92 -35.53 -33.58
N GLY E 58 -49.78 -36.02 -32.66
CA GLY E 58 -49.44 -37.12 -31.82
C GLY E 58 -49.65 -36.78 -30.35
N LYS E 59 -48.73 -37.27 -29.50
CA LYS E 59 -48.83 -37.10 -28.07
C LYS E 59 -48.40 -35.68 -27.67
N PHE E 60 -49.25 -34.99 -26.89
CA PHE E 60 -49.10 -33.55 -26.71
C PHE E 60 -47.78 -33.22 -26.01
N ASN E 61 -47.54 -33.80 -24.83
CA ASN E 61 -46.38 -33.42 -24.04
C ASN E 61 -45.08 -33.62 -24.82
N GLU E 62 -45.06 -34.59 -25.74
CA GLU E 62 -43.83 -34.90 -26.46
C GLU E 62 -43.57 -33.89 -27.59
N PHE E 63 -44.55 -33.65 -28.46
CA PHE E 63 -44.32 -32.65 -29.50
C PHE E 63 -44.27 -31.24 -28.92
N ASP E 64 -44.80 -31.03 -27.72
CA ASP E 64 -44.62 -29.75 -27.05
C ASP E 64 -43.21 -29.62 -26.51
N ASN E 65 -42.67 -30.70 -25.94
CA ASN E 65 -41.23 -30.73 -25.63
C ASN E 65 -40.42 -30.32 -26.85
N LEU E 66 -40.66 -30.96 -27.99
CA LEU E 66 -39.93 -30.61 -29.20
C LEU E 66 -40.21 -29.18 -29.64
N ARG E 67 -41.40 -28.66 -29.33
CA ARG E 67 -41.75 -27.30 -29.69
C ARG E 67 -40.91 -26.29 -28.91
N ARG E 68 -40.90 -26.41 -27.58
CA ARG E 68 -40.09 -25.54 -26.75
C ARG E 68 -38.61 -25.66 -27.12
N GLY E 69 -38.15 -26.89 -27.38
CA GLY E 69 -36.78 -27.06 -27.80
C GLY E 69 -36.48 -26.34 -29.10
N GLY E 70 -37.40 -26.41 -30.06
CA GLY E 70 -37.20 -25.73 -31.31
C GLY E 70 -37.13 -24.22 -31.15
N ILE E 71 -38.03 -23.66 -30.34
CA ILE E 71 -37.98 -22.22 -30.07
C ILE E 71 -36.66 -21.86 -29.39
N GLN E 72 -36.17 -22.74 -28.51
CA GLN E 72 -34.87 -22.52 -27.89
C GLN E 72 -33.76 -22.44 -28.95
N PHE E 73 -33.73 -23.41 -29.86
CA PHE E 73 -32.72 -23.42 -30.91
C PHE E 73 -32.79 -22.14 -31.74
N ALA E 74 -33.99 -21.79 -32.21
CA ALA E 74 -34.13 -20.62 -33.09
C ALA E 74 -33.70 -19.35 -32.39
N ASP E 75 -34.18 -19.12 -31.15
CA ASP E 75 -33.82 -17.90 -30.44
C ASP E 75 -32.33 -17.83 -30.17
N THR E 76 -31.71 -18.96 -29.78
CA THR E 76 -30.30 -18.92 -29.44
C THR E 76 -29.43 -18.70 -30.67
N ARG E 77 -29.79 -19.32 -31.80
CA ARG E 77 -29.06 -19.04 -33.04
C ARG E 77 -29.24 -17.59 -33.45
N GLY E 78 -30.46 -17.07 -33.34
CA GLY E 78 -30.70 -15.68 -33.69
C GLY E 78 -29.86 -14.72 -32.88
N TYR E 79 -29.73 -14.99 -31.58
CA TYR E 79 -28.88 -14.15 -30.74
C TYR E 79 -27.40 -14.32 -31.09
N ALA E 80 -26.97 -15.55 -31.36
CA ALA E 80 -25.57 -15.81 -31.63
C ALA E 80 -25.11 -15.18 -32.95
N TYR E 81 -26.00 -15.12 -33.94
CA TYR E 81 -25.65 -14.58 -35.24
C TYR E 81 -26.60 -13.42 -35.55
N ASP E 82 -27.61 -13.63 -36.40
CA ASP E 82 -28.63 -12.63 -36.66
C ASP E 82 -29.95 -13.34 -36.86
N ARG E 83 -31.04 -12.57 -36.72
CA ARG E 83 -32.36 -13.14 -36.94
C ARG E 83 -32.54 -13.61 -38.37
N ARG E 84 -31.84 -12.99 -39.31
CA ARG E 84 -31.94 -13.38 -40.72
C ARG E 84 -31.33 -14.75 -40.98
N ASP E 85 -30.37 -15.17 -40.15
CA ASP E 85 -29.66 -16.43 -40.38
C ASP E 85 -30.47 -17.66 -39.97
N VAL E 86 -31.43 -17.50 -39.05
CA VAL E 86 -32.30 -18.62 -38.71
C VAL E 86 -33.21 -18.93 -39.89
N THR E 87 -33.18 -20.18 -40.34
CA THR E 87 -33.98 -20.61 -41.46
C THR E 87 -34.83 -21.81 -41.05
N GLY E 88 -35.92 -22.03 -41.78
CA GLY E 88 -36.76 -23.18 -41.51
C GLY E 88 -36.04 -24.50 -41.73
N ARG E 89 -35.11 -24.53 -42.68
CA ARG E 89 -34.40 -25.77 -42.98
C ARG E 89 -33.46 -26.17 -41.85
N GLN E 90 -32.88 -25.19 -41.15
CA GLN E 90 -32.09 -25.50 -39.96
C GLN E 90 -32.95 -26.15 -38.88
N LEU E 91 -34.15 -25.61 -38.67
CA LEU E 91 -35.06 -26.18 -37.68
C LEU E 91 -35.47 -27.60 -38.08
N ALA E 92 -35.75 -27.81 -39.37
CA ALA E 92 -36.08 -29.15 -39.83
C ALA E 92 -34.90 -30.10 -39.62
N ASN E 93 -33.68 -29.61 -39.82
CA ASN E 93 -32.50 -30.44 -39.65
C ASN E 93 -32.32 -30.86 -38.19
N VAL E 94 -32.33 -29.87 -37.29
CA VAL E 94 -32.14 -30.18 -35.87
C VAL E 94 -33.30 -31.01 -35.35
N TYR E 95 -34.49 -30.89 -35.95
CA TYR E 95 -35.60 -31.77 -35.58
C TYR E 95 -35.36 -33.19 -36.07
N ALA E 96 -34.74 -33.35 -37.25
CA ALA E 96 -34.42 -34.68 -37.74
C ALA E 96 -33.40 -35.37 -36.85
N GLN E 97 -32.33 -34.65 -36.50
CA GLN E 97 -31.32 -35.21 -35.61
C GLN E 97 -31.89 -35.52 -34.24
N THR E 98 -32.64 -34.57 -33.67
CA THR E 98 -33.21 -34.74 -32.34
C THR E 98 -34.16 -35.94 -32.29
N LEU E 99 -35.04 -36.04 -33.28
CA LEU E 99 -35.98 -37.16 -33.31
C LEU E 99 -35.27 -38.49 -33.60
N GLY E 100 -34.15 -38.45 -34.33
CA GLY E 100 -33.37 -39.66 -34.49
C GLY E 100 -32.81 -40.16 -33.17
N THR E 101 -32.13 -39.26 -32.44
CA THR E 101 -31.59 -39.64 -31.14
C THR E 101 -32.69 -40.10 -30.20
N ILE E 102 -33.81 -39.36 -30.15
CA ILE E 102 -34.93 -39.77 -29.31
C ILE E 102 -35.41 -41.16 -29.68
N PHE E 103 -35.52 -41.43 -30.98
CA PHE E 103 -36.05 -42.72 -31.43
C PHE E 103 -35.13 -43.87 -31.07
N THR E 104 -33.81 -43.67 -31.12
CA THR E 104 -32.91 -44.78 -30.89
C THR E 104 -32.42 -44.92 -29.46
N GLU E 105 -32.52 -43.87 -28.64
CA GLU E 105 -31.88 -43.85 -27.33
C GLU E 105 -32.82 -43.68 -26.15
N GLN E 106 -34.00 -43.09 -26.33
CA GLN E 106 -34.85 -42.81 -25.18
C GLN E 106 -35.66 -44.04 -24.79
N ALA E 107 -36.21 -44.00 -23.57
CA ALA E 107 -36.92 -45.16 -23.03
C ALA E 107 -38.13 -45.53 -23.86
N LYS E 108 -38.83 -44.53 -24.43
CA LYS E 108 -39.95 -44.78 -25.32
C LYS E 108 -39.81 -43.79 -26.47
N PRO E 109 -39.93 -44.24 -27.73
CA PRO E 109 -39.90 -43.31 -28.85
C PRO E 109 -41.03 -42.29 -28.74
N TYR E 110 -40.82 -41.15 -29.38
CA TYR E 110 -41.82 -40.08 -29.36
C TYR E 110 -42.90 -40.37 -30.38
N GLU E 111 -44.15 -40.44 -29.93
CA GLU E 111 -45.30 -40.64 -30.81
C GLU E 111 -45.73 -39.28 -31.37
N VAL E 112 -44.85 -38.70 -32.20
CA VAL E 112 -45.06 -37.39 -32.76
C VAL E 112 -44.69 -37.38 -34.24
N GLU E 113 -45.18 -36.35 -34.94
CA GLU E 113 -44.89 -36.11 -36.34
C GLU E 113 -44.91 -34.61 -36.53
N LEU E 114 -43.85 -34.05 -37.12
CA LEU E 114 -43.64 -32.61 -37.10
C LEU E 114 -43.60 -32.01 -38.50
N CYS E 115 -43.90 -30.72 -38.57
CA CYS E 115 -43.83 -29.94 -39.80
C CYS E 115 -43.30 -28.55 -39.50
N VAL E 116 -42.26 -28.15 -40.22
CA VAL E 116 -41.67 -26.83 -40.12
C VAL E 116 -41.91 -26.11 -41.45
N ALA E 117 -42.37 -24.86 -41.37
CA ALA E 117 -42.73 -24.09 -42.56
C ALA E 117 -42.03 -22.75 -42.55
N GLU E 118 -41.64 -22.29 -43.74
CA GLU E 118 -41.00 -20.98 -43.88
C GLU E 118 -41.61 -20.24 -45.05
N VAL E 119 -42.02 -19.00 -44.81
CA VAL E 119 -42.46 -18.11 -45.88
C VAL E 119 -41.36 -17.08 -46.12
N ALA E 120 -41.54 -16.23 -47.11
CA ALA E 120 -40.51 -15.27 -47.46
C ALA E 120 -40.51 -14.10 -46.47
N HIS E 121 -39.41 -13.35 -46.48
CA HIS E 121 -39.33 -12.13 -45.72
C HIS E 121 -40.03 -10.99 -46.46
N TYR E 122 -40.40 -9.95 -45.71
CA TYR E 122 -41.21 -8.88 -46.27
C TYR E 122 -40.50 -8.22 -47.45
N GLY E 123 -41.22 -8.08 -48.56
CA GLY E 123 -40.66 -7.52 -49.77
C GLY E 123 -39.97 -8.51 -50.67
N GLU E 124 -39.71 -9.72 -50.21
CA GLU E 124 -39.03 -10.71 -51.00
C GLU E 124 -40.02 -11.58 -51.77
N THR E 125 -39.50 -12.31 -52.75
CA THR E 125 -40.27 -13.26 -53.55
C THR E 125 -39.56 -14.61 -53.47
N LYS E 126 -40.17 -15.55 -52.75
CA LYS E 126 -39.57 -16.86 -52.55
C LYS E 126 -40.68 -17.85 -52.24
N ARG E 127 -40.71 -18.95 -52.99
CA ARG E 127 -41.76 -19.96 -52.79
C ARG E 127 -41.68 -20.50 -51.36
N PRO E 128 -42.81 -20.65 -50.68
CA PRO E 128 -42.79 -21.18 -49.32
C PRO E 128 -42.19 -22.58 -49.27
N GLU E 129 -41.61 -22.91 -48.12
CA GLU E 129 -40.94 -24.18 -47.92
C GLU E 129 -41.62 -24.94 -46.80
N LEU E 130 -41.92 -26.22 -47.05
CA LEU E 130 -42.56 -27.09 -46.08
C LEU E 130 -41.67 -28.31 -45.84
N TYR E 131 -41.57 -28.72 -44.58
CA TYR E 131 -40.78 -29.88 -44.20
C TYR E 131 -41.57 -30.73 -43.22
N ARG E 132 -41.53 -32.05 -43.43
CA ARG E 132 -42.11 -33.01 -42.50
C ARG E 132 -40.99 -33.87 -41.92
N ILE E 133 -41.01 -34.02 -40.60
CA ILE E 133 -40.06 -34.84 -39.86
C ILE E 133 -40.82 -35.96 -39.18
N THR E 134 -40.38 -37.19 -39.40
CA THR E 134 -41.00 -38.41 -38.90
C THR E 134 -40.43 -38.76 -37.53
N TYR E 135 -41.19 -39.57 -36.77
CA TYR E 135 -40.79 -39.96 -35.42
C TYR E 135 -39.40 -40.56 -35.36
N ASP E 136 -38.88 -41.09 -36.46
CA ASP E 136 -37.56 -41.72 -36.47
C ASP E 136 -36.48 -40.82 -37.05
N GLY E 137 -36.80 -39.55 -37.30
CA GLY E 137 -35.83 -38.60 -37.81
C GLY E 137 -35.81 -38.44 -39.31
N SER E 138 -36.59 -39.24 -40.05
CA SER E 138 -36.66 -39.08 -41.49
C SER E 138 -37.33 -37.75 -41.84
N ILE E 139 -36.76 -37.06 -42.82
CA ILE E 139 -37.15 -35.69 -43.16
C ILE E 139 -37.43 -35.62 -44.65
N ALA E 140 -38.44 -34.83 -45.02
CA ALA E 140 -38.76 -34.66 -46.44
C ALA E 140 -39.35 -33.27 -46.65
N ASP E 141 -38.88 -32.60 -47.71
CA ASP E 141 -39.42 -31.29 -48.07
C ASP E 141 -40.54 -31.46 -49.08
N GLU E 142 -41.67 -30.80 -48.83
CA GLU E 142 -42.85 -30.85 -49.66
C GLU E 142 -43.08 -29.49 -50.32
N PRO E 143 -43.49 -29.48 -51.59
CA PRO E 143 -43.71 -28.19 -52.28
C PRO E 143 -45.10 -27.62 -52.06
N HIS E 144 -46.09 -28.48 -51.87
CA HIS E 144 -47.50 -28.05 -51.87
C HIS E 144 -48.15 -28.17 -50.49
N PHE E 145 -48.16 -29.37 -49.90
CA PHE E 145 -48.84 -29.55 -48.63
C PHE E 145 -48.15 -30.64 -47.81
N VAL E 146 -48.53 -30.71 -46.53
CA VAL E 146 -48.06 -31.72 -45.60
C VAL E 146 -49.24 -32.16 -44.74
N VAL E 147 -49.40 -33.46 -44.55
CA VAL E 147 -50.43 -34.03 -43.69
C VAL E 147 -49.78 -34.89 -42.62
N MET E 148 -50.27 -34.78 -41.39
CA MET E 148 -49.72 -35.55 -40.28
C MET E 148 -50.85 -36.08 -39.41
N GLY E 149 -50.65 -37.28 -38.87
CA GLY E 149 -51.55 -37.79 -37.85
C GLY E 149 -52.76 -38.50 -38.42
N GLY E 150 -53.21 -39.52 -37.69
CA GLY E 150 -54.40 -40.26 -38.09
C GLY E 150 -54.19 -41.02 -39.38
N THR E 151 -55.29 -41.28 -40.07
CA THR E 151 -55.27 -41.96 -41.37
C THR E 151 -54.95 -40.91 -42.43
N THR E 152 -53.67 -40.81 -42.81
CA THR E 152 -53.22 -39.75 -43.69
C THR E 152 -53.66 -39.94 -45.14
N GLU E 153 -54.12 -41.14 -45.51
CA GLU E 153 -54.37 -41.42 -46.92
C GLU E 153 -55.53 -40.62 -47.49
N PRO E 154 -56.74 -40.63 -46.89
CA PRO E 154 -57.84 -39.85 -47.49
C PRO E 154 -57.54 -38.36 -47.58
N ILE E 155 -56.93 -37.79 -46.55
CA ILE E 155 -56.62 -36.37 -46.55
C ILE E 155 -55.59 -36.05 -47.62
N ALA E 156 -54.53 -36.86 -47.68
CA ALA E 156 -53.47 -36.65 -48.67
C ALA E 156 -54.00 -36.78 -50.10
N ASN E 157 -55.00 -37.64 -50.31
CA ASN E 157 -55.57 -37.78 -51.65
C ASN E 157 -56.49 -36.61 -52.00
N ALA E 158 -57.43 -36.28 -51.09
CA ALA E 158 -58.33 -35.16 -51.32
C ALA E 158 -57.55 -33.88 -51.61
N LEU E 159 -56.52 -33.61 -50.81
CA LEU E 159 -55.62 -32.51 -51.12
C LEU E 159 -54.91 -32.74 -52.44
N LYS E 160 -54.54 -33.98 -52.71
CA LYS E 160 -53.72 -34.28 -53.90
C LYS E 160 -54.44 -33.87 -55.18
N GLU E 161 -55.76 -34.08 -55.24
CA GLU E 161 -56.49 -33.76 -56.46
C GLU E 161 -57.35 -32.51 -56.36
N SER E 162 -57.47 -31.89 -55.18
CA SER E 162 -58.30 -30.71 -55.04
C SER E 162 -57.53 -29.48 -54.57
N TYR E 163 -56.20 -29.51 -54.60
CA TYR E 163 -55.37 -28.37 -54.24
C TYR E 163 -54.85 -27.68 -55.50
N ALA E 164 -54.78 -26.36 -55.45
CA ALA E 164 -54.25 -25.56 -56.55
C ALA E 164 -53.27 -24.53 -55.99
N GLU E 165 -52.19 -24.31 -56.74
CA GLU E 165 -51.16 -23.37 -56.31
C GLU E 165 -51.71 -21.95 -56.25
N ASN E 166 -51.19 -21.18 -55.30
CA ASN E 166 -51.49 -19.74 -55.18
C ASN E 166 -52.99 -19.48 -55.09
N ALA E 167 -53.70 -20.36 -54.39
CA ALA E 167 -55.11 -20.11 -54.15
C ALA E 167 -55.27 -18.98 -53.13
N SER E 168 -56.51 -18.58 -52.90
CA SER E 168 -56.79 -17.52 -51.95
C SER E 168 -56.74 -18.09 -50.53
N LEU E 169 -56.89 -17.19 -49.55
CA LEU E 169 -56.89 -17.62 -48.15
C LEU E 169 -58.11 -18.48 -47.84
N THR E 170 -59.30 -17.96 -48.12
CA THR E 170 -60.53 -18.68 -47.78
C THR E 170 -60.65 -19.97 -48.57
N ASP E 171 -60.21 -19.97 -49.82
CA ASP E 171 -60.20 -21.21 -50.60
C ASP E 171 -59.31 -22.26 -49.95
N ALA E 172 -58.08 -21.86 -49.59
CA ALA E 172 -57.16 -22.79 -48.93
C ALA E 172 -57.75 -23.32 -47.64
N LEU E 173 -58.42 -22.47 -46.86
CA LEU E 173 -59.08 -22.92 -45.66
C LEU E 173 -60.15 -23.97 -45.97
N ARG E 174 -60.97 -23.71 -46.99
CA ARG E 174 -62.06 -24.63 -47.33
C ARG E 174 -61.52 -25.98 -47.77
N ILE E 175 -60.56 -26.00 -48.69
CA ILE E 175 -60.01 -27.28 -49.14
C ILE E 175 -59.34 -28.00 -47.99
N ALA E 176 -58.66 -27.26 -47.11
CA ALA E 176 -58.00 -27.88 -45.96
C ALA E 176 -59.01 -28.59 -45.06
N VAL E 177 -60.05 -27.87 -44.63
CA VAL E 177 -61.05 -28.47 -43.74
C VAL E 177 -61.78 -29.61 -44.43
N ALA E 178 -62.07 -29.45 -45.72
CA ALA E 178 -62.73 -30.50 -46.47
C ALA E 178 -61.90 -31.79 -46.49
N ALA E 179 -60.58 -31.65 -46.70
CA ALA E 179 -59.72 -32.83 -46.65
C ALA E 179 -59.68 -33.43 -45.25
N LEU E 180 -59.65 -32.56 -44.21
CA LEU E 180 -59.65 -33.07 -42.85
C LEU E 180 -60.90 -33.88 -42.54
N ARG E 181 -62.04 -33.49 -43.11
CA ARG E 181 -63.28 -34.22 -42.84
C ARG E 181 -63.23 -35.65 -43.34
N ALA E 182 -62.48 -35.90 -44.42
CA ALA E 182 -62.42 -37.25 -44.99
C ALA E 182 -61.93 -38.26 -43.97
N GLY E 183 -60.82 -37.97 -43.30
CA GLY E 183 -60.29 -38.85 -42.27
C GLY E 183 -61.13 -38.86 -41.02
N THR E 194 -68.19 -33.03 -39.43
CA THR E 194 -68.56 -31.72 -38.90
C THR E 194 -67.37 -31.07 -38.21
N LEU E 195 -66.83 -30.02 -38.82
CA LEU E 195 -65.68 -29.30 -38.29
C LEU E 195 -65.98 -27.81 -38.31
N GLY E 196 -65.74 -27.15 -37.17
CA GLY E 196 -66.00 -25.74 -37.04
C GLY E 196 -65.05 -25.02 -36.09
N VAL E 197 -65.42 -23.81 -35.69
CA VAL E 197 -64.56 -23.02 -34.81
C VAL E 197 -64.31 -23.75 -33.50
N ALA E 198 -65.37 -24.30 -32.91
CA ALA E 198 -65.27 -24.98 -31.62
C ALA E 198 -64.49 -26.28 -31.69
N SER E 199 -63.97 -26.66 -32.87
CA SER E 199 -63.21 -27.90 -32.99
C SER E 199 -61.99 -27.77 -33.91
N LEU E 200 -61.58 -26.55 -34.26
CA LEU E 200 -60.44 -26.35 -35.15
C LEU E 200 -59.47 -25.35 -34.57
N GLU E 201 -58.19 -25.56 -34.88
CA GLU E 201 -57.12 -24.61 -34.60
C GLU E 201 -56.51 -24.22 -35.94
N VAL E 202 -56.50 -22.92 -36.24
CA VAL E 202 -56.04 -22.42 -37.53
C VAL E 202 -55.04 -21.29 -37.28
N ALA E 203 -53.90 -21.35 -37.97
CA ALA E 203 -52.91 -20.29 -37.94
C ALA E 203 -52.35 -20.11 -39.34
N VAL E 204 -51.52 -19.08 -39.51
CA VAL E 204 -51.06 -18.71 -40.84
C VAL E 204 -49.70 -18.03 -40.73
N LEU E 205 -48.79 -18.42 -41.62
CA LEU E 205 -47.54 -17.70 -41.87
C LEU E 205 -47.81 -16.74 -43.02
N ASP E 206 -48.03 -15.47 -42.69
CA ASP E 206 -48.46 -14.44 -43.63
C ASP E 206 -47.24 -13.69 -44.14
N ALA E 207 -46.88 -13.94 -45.40
CA ALA E 207 -45.70 -13.32 -45.99
C ALA E 207 -45.86 -11.85 -46.29
N ASN E 208 -47.05 -11.28 -46.08
CA ASN E 208 -47.26 -9.84 -46.22
C ASN E 208 -46.96 -9.09 -44.92
N ARG E 209 -46.56 -9.79 -43.87
CA ARG E 209 -46.22 -9.27 -42.55
C ARG E 209 -44.77 -8.78 -42.52
N PRO E 210 -44.53 -7.61 -41.93
CA PRO E 210 -43.16 -7.05 -41.96
C PRO E 210 -42.14 -7.88 -41.21
N ARG E 211 -42.46 -8.41 -40.02
CA ARG E 211 -41.47 -9.23 -39.33
C ARG E 211 -41.99 -10.60 -38.94
N ARG E 212 -43.03 -10.67 -38.12
CA ARG E 212 -43.50 -11.94 -37.56
C ARG E 212 -44.69 -12.42 -38.37
N ALA E 213 -44.50 -13.48 -39.15
CA ALA E 213 -45.54 -13.90 -40.08
C ALA E 213 -46.62 -14.71 -39.38
N PHE E 214 -46.31 -15.32 -38.25
CA PHE E 214 -47.26 -16.20 -37.58
C PHE E 214 -48.41 -15.40 -36.98
N ARG E 215 -49.63 -15.80 -37.29
CA ARG E 215 -50.82 -15.16 -36.77
C ARG E 215 -51.94 -16.19 -36.73
N ARG E 216 -52.65 -16.24 -35.61
CA ARG E 216 -53.75 -17.18 -35.45
C ARG E 216 -55.05 -16.58 -36.00
N ILE E 217 -55.93 -17.46 -36.44
CA ILE E 217 -57.25 -17.08 -36.94
C ILE E 217 -58.28 -17.66 -35.98
N THR E 218 -58.98 -16.79 -35.26
CA THR E 218 -59.77 -17.19 -34.11
C THR E 218 -61.14 -16.51 -34.12
N GLY E 219 -62.17 -17.26 -33.73
CA GLY E 219 -63.48 -16.71 -33.47
C GLY E 219 -64.18 -16.03 -34.62
N SER E 220 -64.50 -14.74 -34.44
CA SER E 220 -65.32 -14.03 -35.42
C SER E 220 -64.66 -14.02 -36.79
N ALA E 221 -63.35 -13.71 -36.84
CA ALA E 221 -62.65 -13.71 -38.12
C ALA E 221 -62.68 -15.08 -38.76
N LEU E 222 -62.45 -16.13 -37.97
CA LEU E 222 -62.49 -17.50 -38.48
C LEU E 222 -63.85 -17.79 -39.11
N GLN E 223 -64.93 -17.69 -38.31
CA GLN E 223 -66.26 -17.97 -38.82
C GLN E 223 -66.58 -17.14 -40.05
N ALA E 224 -66.13 -15.89 -40.08
CA ALA E 224 -66.25 -15.08 -41.29
C ALA E 224 -65.46 -15.68 -42.44
N LEU E 225 -64.46 -16.51 -42.16
CA LEU E 225 -63.68 -17.13 -43.22
C LEU E 225 -64.26 -18.47 -43.68
N LEU E 226 -64.90 -19.23 -42.80
CA LEU E 226 -65.44 -20.53 -43.21
C LEU E 226 -66.61 -20.35 -44.18
N VAL E 227 -67.55 -19.48 -43.84
CA VAL E 227 -68.72 -19.25 -44.69
C VAL E 227 -68.36 -18.37 -45.87
N MET F 1 -23.27 -62.07 -28.57
CA MET F 1 -22.07 -61.40 -29.06
C MET F 1 -22.02 -61.43 -30.59
N GLU F 2 -21.61 -62.57 -31.14
CA GLU F 2 -21.70 -62.75 -32.59
C GLU F 2 -23.15 -62.73 -33.04
N GLN F 3 -24.09 -62.97 -32.12
CA GLN F 3 -25.51 -62.79 -32.40
C GLN F 3 -25.81 -61.37 -32.84
N ALA F 4 -25.36 -60.38 -32.05
CA ALA F 4 -25.76 -59.00 -32.29
C ALA F 4 -25.13 -58.41 -33.56
N MET F 5 -23.92 -58.85 -33.91
CA MET F 5 -23.17 -58.15 -34.95
C MET F 5 -23.73 -58.43 -36.34
N ARG F 6 -24.21 -59.66 -36.60
CA ARG F 6 -24.87 -59.91 -37.88
C ARG F 6 -26.21 -59.19 -37.95
N GLU F 7 -26.87 -59.00 -36.82
CA GLU F 7 -28.11 -58.23 -36.78
C GLU F 7 -27.84 -56.77 -37.15
N ARG F 8 -26.80 -56.19 -36.56
CA ARG F 8 -26.50 -54.79 -36.81
C ARG F 8 -26.00 -54.58 -38.24
N SER F 9 -25.16 -55.49 -38.73
CA SER F 9 -24.74 -55.42 -40.12
C SER F 9 -25.93 -55.57 -41.06
N GLU F 10 -26.90 -56.41 -40.69
CA GLU F 10 -28.10 -56.57 -41.51
C GLU F 10 -28.94 -55.29 -41.51
N LEU F 11 -29.10 -54.67 -40.34
CA LEU F 11 -29.86 -53.43 -40.25
C LEU F 11 -29.20 -52.34 -41.09
N ALA F 12 -27.88 -52.24 -41.03
CA ALA F 12 -27.18 -51.23 -41.82
C ALA F 12 -27.28 -51.51 -43.31
N ARG F 13 -27.01 -52.76 -43.71
CA ARG F 13 -27.07 -53.12 -45.13
C ARG F 13 -28.45 -52.87 -45.69
N LYS F 14 -29.49 -53.35 -45.00
CA LYS F 14 -30.86 -53.09 -45.43
C LYS F 14 -31.14 -51.60 -45.51
N GLY F 15 -30.71 -50.84 -44.51
CA GLY F 15 -30.95 -49.41 -44.53
C GLY F 15 -30.31 -48.71 -45.72
N ILE F 16 -29.10 -49.15 -46.10
CA ILE F 16 -28.40 -48.51 -47.21
C ILE F 16 -29.04 -48.93 -48.53
N ALA F 17 -29.44 -50.20 -48.66
CA ALA F 17 -30.13 -50.63 -49.88
C ALA F 17 -31.47 -49.91 -50.03
N ARG F 18 -32.04 -49.44 -48.93
CA ARG F 18 -33.27 -48.65 -48.96
C ARG F 18 -33.06 -47.30 -49.64
N ALA F 19 -31.82 -46.81 -49.71
CA ALA F 19 -31.54 -45.45 -50.10
C ALA F 19 -31.10 -45.37 -51.57
N LYS F 20 -31.09 -44.15 -52.09
CA LYS F 20 -30.72 -43.91 -53.48
C LYS F 20 -29.21 -43.89 -53.64
N SER F 21 -28.77 -44.03 -54.90
CA SER F 21 -27.37 -44.27 -55.21
C SER F 21 -26.62 -42.96 -55.43
N VAL F 22 -25.30 -43.04 -55.33
CA VAL F 22 -24.41 -41.89 -55.48
C VAL F 22 -23.07 -42.38 -55.99
N VAL F 23 -22.46 -41.61 -56.88
CA VAL F 23 -21.21 -41.99 -57.52
C VAL F 23 -20.20 -40.84 -57.41
N ALA F 24 -18.93 -41.20 -57.20
CA ALA F 24 -17.80 -40.29 -57.27
C ALA F 24 -16.83 -40.83 -58.31
N LEU F 25 -16.29 -39.93 -59.13
CA LEU F 25 -15.60 -40.32 -60.36
C LEU F 25 -14.42 -39.39 -60.59
N ALA F 26 -13.22 -39.96 -60.70
CA ALA F 26 -12.03 -39.17 -61.01
C ALA F 26 -11.99 -38.86 -62.51
N TYR F 27 -11.79 -37.58 -62.84
CA TYR F 27 -11.76 -37.15 -64.24
C TYR F 27 -10.69 -36.08 -64.39
N ALA F 28 -10.54 -35.61 -65.63
CA ALA F 28 -9.41 -34.75 -65.99
C ALA F 28 -9.35 -33.47 -65.17
N GLY F 29 -10.50 -32.94 -64.77
CA GLY F 29 -10.54 -31.73 -63.97
C GLY F 29 -10.58 -31.92 -62.48
N GLY F 30 -10.56 -33.17 -62.00
CA GLY F 30 -10.63 -33.41 -60.57
C GLY F 30 -11.53 -34.58 -60.21
N VAL F 31 -12.53 -34.35 -59.36
CA VAL F 31 -13.44 -35.40 -58.95
C VAL F 31 -14.87 -34.93 -59.17
N LEU F 32 -15.76 -35.84 -59.57
CA LEU F 32 -17.14 -35.54 -59.89
C LEU F 32 -18.05 -36.33 -58.96
N PHE F 33 -18.92 -35.63 -58.24
CA PHE F 33 -19.94 -36.25 -57.39
C PHE F 33 -21.29 -36.10 -58.07
N VAL F 34 -21.95 -37.22 -58.30
CA VAL F 34 -23.29 -37.25 -58.90
C VAL F 34 -24.17 -38.14 -58.02
N ALA F 35 -25.16 -37.55 -57.36
CA ALA F 35 -26.06 -38.28 -56.49
C ALA F 35 -27.49 -38.14 -56.98
N GLU F 36 -28.25 -39.23 -56.87
CA GLU F 36 -29.68 -39.19 -57.14
C GLU F 36 -30.38 -38.55 -55.95
N ASN F 37 -30.91 -37.34 -56.13
CA ASN F 37 -31.50 -36.58 -55.03
C ASN F 37 -32.62 -35.70 -55.56
N PRO F 38 -33.88 -36.08 -55.35
CA PRO F 38 -35.00 -35.22 -55.76
C PRO F 38 -35.21 -34.01 -54.85
N SER F 39 -34.61 -33.98 -53.68
CA SER F 39 -34.77 -32.85 -52.77
C SER F 39 -34.02 -31.63 -53.31
N ARG F 40 -34.53 -30.49 -52.95
CA ARG F 40 -33.98 -29.25 -53.35
C ARG F 40 -33.13 -28.58 -52.33
N SER F 41 -33.48 -28.74 -51.08
CA SER F 41 -32.83 -28.04 -49.98
C SER F 41 -31.92 -28.93 -49.15
N LEU F 42 -32.05 -30.25 -49.22
CA LEU F 42 -31.28 -31.17 -48.39
C LEU F 42 -30.28 -31.91 -49.27
N GLN F 43 -29.01 -31.84 -48.89
CA GLN F 43 -27.89 -32.26 -49.73
C GLN F 43 -27.30 -33.59 -49.27
N LYS F 44 -26.62 -34.26 -50.20
CA LYS F 44 -25.85 -35.47 -49.91
C LYS F 44 -24.39 -35.36 -50.31
N ILE F 45 -24.01 -34.30 -51.03
CA ILE F 45 -22.61 -34.03 -51.36
C ILE F 45 -22.24 -32.70 -50.70
N SER F 46 -21.04 -32.64 -50.13
CA SER F 46 -20.64 -31.46 -49.39
C SER F 46 -19.14 -31.27 -49.47
N GLU F 47 -18.72 -30.06 -49.13
CA GLU F 47 -17.31 -29.71 -49.02
C GLU F 47 -16.83 -29.95 -47.60
N LEU F 48 -15.65 -30.55 -47.47
CA LEU F 48 -15.01 -30.73 -46.18
C LEU F 48 -13.87 -29.74 -45.97
N TYR F 49 -12.95 -29.65 -46.92
CA TYR F 49 -11.85 -28.70 -46.82
C TYR F 49 -11.46 -28.27 -48.22
N ASP F 50 -10.45 -27.40 -48.30
CA ASP F 50 -10.04 -26.75 -49.54
C ASP F 50 -10.06 -27.70 -50.74
N ARG F 51 -9.45 -28.88 -50.58
CA ARG F 51 -9.38 -29.85 -51.66
C ARG F 51 -10.01 -31.18 -51.28
N VAL F 52 -10.93 -31.19 -50.32
CA VAL F 52 -11.49 -32.43 -49.79
C VAL F 52 -13.01 -32.34 -49.82
N GLY F 53 -13.65 -33.24 -50.57
CA GLY F 53 -15.09 -33.30 -50.68
C GLY F 53 -15.70 -34.55 -50.08
N PHE F 54 -17.00 -34.49 -49.81
CA PHE F 54 -17.73 -35.49 -49.04
C PHE F 54 -18.99 -35.90 -49.80
N ALA F 55 -19.21 -37.21 -49.90
CA ALA F 55 -20.44 -37.75 -50.46
C ALA F 55 -20.94 -38.86 -49.53
N ALA F 56 -22.26 -39.06 -49.53
CA ALA F 56 -22.83 -40.02 -48.59
C ALA F 56 -24.13 -40.60 -49.13
N ALA F 57 -24.46 -41.79 -48.65
CA ALA F 57 -25.72 -42.45 -48.99
C ALA F 57 -26.28 -43.10 -47.75
N GLY F 58 -27.60 -43.05 -47.60
CA GLY F 58 -28.26 -43.69 -46.47
C GLY F 58 -29.23 -42.80 -45.72
N LYS F 59 -29.35 -43.00 -44.42
CA LYS F 59 -30.28 -42.22 -43.61
C LYS F 59 -29.72 -40.82 -43.38
N PHE F 60 -30.52 -39.79 -43.69
CA PHE F 60 -30.00 -38.44 -43.86
C PHE F 60 -29.39 -37.89 -42.57
N ASN F 61 -30.16 -37.91 -41.48
CA ASN F 61 -29.68 -37.29 -40.24
C ASN F 61 -28.35 -37.88 -39.79
N GLU F 62 -28.12 -39.16 -40.07
CA GLU F 62 -26.91 -39.83 -39.61
C GLU F 62 -25.68 -39.39 -40.40
N PHE F 63 -25.71 -39.53 -41.73
CA PHE F 63 -24.54 -39.10 -42.49
C PHE F 63 -24.40 -37.58 -42.51
N ASP F 64 -25.47 -36.85 -42.16
CA ASP F 64 -25.33 -35.41 -41.95
C ASP F 64 -24.59 -35.14 -40.65
N ASN F 65 -24.88 -35.92 -39.59
CA ASN F 65 -24.08 -35.84 -38.38
C ASN F 65 -22.61 -36.09 -38.68
N LEU F 66 -22.32 -37.17 -39.41
CA LEU F 66 -20.92 -37.44 -39.77
C LEU F 66 -20.34 -36.32 -40.62
N ARG F 67 -21.17 -35.68 -41.45
CA ARG F 67 -20.71 -34.58 -42.28
C ARG F 67 -20.27 -33.40 -41.42
N ARG F 68 -21.11 -33.02 -40.45
CA ARG F 68 -20.76 -31.92 -39.56
C ARG F 68 -19.55 -32.24 -38.71
N GLY F 69 -19.46 -33.48 -38.21
CA GLY F 69 -18.27 -33.91 -37.49
C GLY F 69 -17.01 -33.85 -38.33
N GLY F 70 -17.13 -34.14 -39.63
CA GLY F 70 -15.96 -34.06 -40.50
C GLY F 70 -15.54 -32.63 -40.76
N ILE F 71 -16.51 -31.73 -40.96
CA ILE F 71 -16.18 -30.32 -41.09
C ILE F 71 -15.53 -29.80 -39.81
N GLN F 72 -16.01 -30.27 -38.66
CA GLN F 72 -15.43 -29.86 -37.38
C GLN F 72 -13.99 -30.34 -37.25
N PHE F 73 -13.75 -31.63 -37.52
CA PHE F 73 -12.40 -32.18 -37.45
C PHE F 73 -11.45 -31.44 -38.39
N ALA F 74 -11.90 -31.19 -39.62
CA ALA F 74 -11.04 -30.55 -40.60
C ALA F 74 -10.69 -29.11 -40.19
N ASP F 75 -11.71 -28.31 -39.87
CA ASP F 75 -11.44 -26.92 -39.50
C ASP F 75 -10.60 -26.83 -38.23
N THR F 76 -10.85 -27.71 -37.26
CA THR F 76 -10.09 -27.69 -36.02
C THR F 76 -8.63 -28.06 -36.26
N ARG F 77 -8.38 -29.12 -37.04
CA ARG F 77 -7.01 -29.49 -37.36
C ARG F 77 -6.31 -28.37 -38.13
N GLY F 78 -7.00 -27.78 -39.12
CA GLY F 78 -6.39 -26.73 -39.91
C GLY F 78 -6.06 -25.49 -39.11
N TYR F 79 -6.88 -25.18 -38.10
CA TYR F 79 -6.57 -24.07 -37.21
C TYR F 79 -5.45 -24.43 -36.24
N ALA F 80 -5.36 -25.70 -35.82
CA ALA F 80 -4.35 -26.09 -34.85
C ALA F 80 -2.95 -26.13 -35.47
N TYR F 81 -2.87 -26.36 -36.79
CA TYR F 81 -1.59 -26.42 -37.48
C TYR F 81 -1.61 -25.51 -38.71
N ASP F 82 -1.95 -26.08 -39.86
CA ASP F 82 -2.10 -25.29 -41.08
C ASP F 82 -3.02 -26.02 -42.04
N ARG F 83 -3.60 -25.26 -42.97
CA ARG F 83 -4.55 -25.82 -43.92
C ARG F 83 -3.95 -26.94 -44.76
N ARG F 84 -2.64 -26.90 -44.99
CA ARG F 84 -1.99 -27.91 -45.81
C ARG F 84 -1.90 -29.26 -45.10
N ASP F 85 -1.94 -29.28 -43.77
CA ASP F 85 -1.84 -30.54 -43.04
C ASP F 85 -3.13 -31.35 -43.09
N VAL F 86 -4.24 -30.76 -43.50
CA VAL F 86 -5.51 -31.47 -43.59
C VAL F 86 -5.55 -32.24 -44.90
N THR F 87 -5.80 -33.55 -44.81
CA THR F 87 -5.77 -34.43 -45.96
C THR F 87 -7.04 -35.28 -46.00
N GLY F 88 -7.45 -35.66 -47.21
CA GLY F 88 -8.59 -36.55 -47.36
C GLY F 88 -8.35 -37.90 -46.71
N ARG F 89 -7.11 -38.29 -46.63
CA ARG F 89 -6.76 -39.49 -45.99
C ARG F 89 -7.02 -39.43 -44.54
N GLN F 90 -6.69 -38.35 -43.88
CA GLN F 90 -6.98 -38.12 -42.47
C GLN F 90 -8.47 -38.22 -42.21
N LEU F 91 -9.28 -37.57 -43.05
CA LEU F 91 -10.72 -37.55 -42.83
C LEU F 91 -11.34 -38.92 -43.04
N ALA F 92 -10.87 -39.65 -44.05
CA ALA F 92 -11.33 -41.02 -44.21
C ALA F 92 -10.95 -41.89 -43.01
N ASN F 93 -9.79 -41.61 -42.41
CA ASN F 93 -9.34 -42.39 -41.27
C ASN F 93 -10.20 -42.12 -40.04
N VAL F 94 -10.42 -40.85 -39.70
CA VAL F 94 -11.25 -40.53 -38.55
C VAL F 94 -12.70 -40.92 -38.81
N TYR F 95 -13.12 -40.95 -40.08
CA TYR F 95 -14.44 -41.48 -40.40
C TYR F 95 -14.51 -42.97 -40.16
N ALA F 96 -13.44 -43.70 -40.51
CA ALA F 96 -13.39 -45.14 -40.23
C ALA F 96 -13.48 -45.40 -38.72
N GLN F 97 -12.68 -44.68 -37.94
CA GLN F 97 -12.71 -44.83 -36.49
C GLN F 97 -14.10 -44.51 -35.93
N THR F 98 -14.68 -43.39 -36.35
CA THR F 98 -15.98 -42.96 -35.84
C THR F 98 -17.07 -43.97 -36.19
N LEU F 99 -17.11 -44.40 -37.45
CA LEU F 99 -18.15 -45.33 -37.87
C LEU F 99 -17.97 -46.69 -37.23
N GLY F 100 -16.74 -47.10 -36.95
CA GLY F 100 -16.52 -48.32 -36.20
C GLY F 100 -17.11 -48.23 -34.82
N THR F 101 -16.72 -47.19 -34.08
CA THR F 101 -17.22 -47.00 -32.72
C THR F 101 -18.74 -46.95 -32.70
N ILE F 102 -19.33 -46.22 -33.63
CA ILE F 102 -20.79 -46.18 -33.75
C ILE F 102 -21.34 -47.58 -33.98
N PHE F 103 -20.72 -48.33 -34.89
CA PHE F 103 -21.27 -49.63 -35.27
C PHE F 103 -21.26 -50.62 -34.12
N THR F 104 -20.27 -50.53 -33.22
CA THR F 104 -20.19 -51.50 -32.14
C THR F 104 -20.78 -51.03 -30.82
N GLU F 105 -20.96 -49.72 -30.62
CA GLU F 105 -21.35 -49.22 -29.31
C GLU F 105 -22.60 -48.36 -29.28
N GLN F 106 -23.00 -47.76 -30.40
CA GLN F 106 -24.22 -46.96 -30.41
C GLN F 106 -25.44 -47.87 -30.24
N ALA F 107 -26.56 -47.25 -29.82
CA ALA F 107 -27.78 -48.02 -29.57
C ALA F 107 -28.26 -48.71 -30.84
N LYS F 108 -28.11 -48.06 -31.99
CA LYS F 108 -28.42 -48.59 -33.31
C LYS F 108 -27.33 -48.10 -34.25
N PRO F 109 -26.80 -48.98 -35.10
CA PRO F 109 -25.76 -48.56 -36.03
C PRO F 109 -26.28 -47.53 -37.01
N TYR F 110 -25.34 -46.83 -37.66
CA TYR F 110 -25.68 -45.85 -38.68
C TYR F 110 -25.83 -46.55 -40.02
N GLU F 111 -26.95 -46.28 -40.70
CA GLU F 111 -27.20 -46.84 -42.02
C GLU F 111 -26.66 -45.86 -43.08
N VAL F 112 -25.33 -45.74 -43.11
CA VAL F 112 -24.67 -44.76 -43.96
C VAL F 112 -23.51 -45.41 -44.70
N GLU F 113 -23.12 -44.77 -45.79
CA GLU F 113 -21.92 -45.09 -46.55
C GLU F 113 -21.29 -43.79 -47.01
N LEU F 114 -20.00 -43.62 -46.73
CA LEU F 114 -19.32 -42.35 -46.90
C LEU F 114 -18.22 -42.47 -47.94
N CYS F 115 -18.04 -41.42 -48.72
CA CYS F 115 -16.93 -41.30 -49.67
C CYS F 115 -16.24 -39.98 -49.42
N VAL F 116 -14.94 -40.03 -49.15
CA VAL F 116 -14.11 -38.84 -49.00
C VAL F 116 -13.18 -38.77 -50.21
N ALA F 117 -13.09 -37.61 -50.83
CA ALA F 117 -12.28 -37.45 -52.03
C ALA F 117 -11.35 -36.26 -51.87
N GLU F 118 -10.14 -36.37 -52.43
CA GLU F 118 -9.19 -35.28 -52.43
C GLU F 118 -8.60 -35.07 -53.81
N VAL F 119 -8.50 -33.81 -54.22
CA VAL F 119 -7.82 -33.44 -55.44
C VAL F 119 -6.53 -32.71 -55.08
N ALA F 120 -5.67 -32.53 -56.06
CA ALA F 120 -4.40 -31.86 -55.84
C ALA F 120 -4.63 -30.38 -55.56
N HIS F 121 -3.61 -29.75 -54.97
CA HIS F 121 -3.64 -28.31 -54.76
C HIS F 121 -3.32 -27.58 -56.05
N TYR F 122 -3.74 -26.32 -56.13
CA TYR F 122 -3.65 -25.56 -57.37
C TYR F 122 -2.23 -25.54 -57.90
N GLY F 123 -2.08 -25.88 -59.18
CA GLY F 123 -0.79 -25.88 -59.84
C GLY F 123 0.06 -27.10 -59.59
N GLU F 124 -0.40 -28.04 -58.78
CA GLU F 124 0.38 -29.24 -58.47
C GLU F 124 -0.14 -30.44 -59.25
N THR F 125 0.69 -31.48 -59.33
CA THR F 125 0.43 -32.65 -60.15
C THR F 125 0.33 -33.88 -59.26
N LYS F 126 -0.89 -34.22 -58.85
CA LYS F 126 -1.16 -35.40 -58.03
C LYS F 126 -2.49 -36.00 -58.45
N ARG F 127 -2.56 -37.33 -58.49
CA ARG F 127 -3.81 -37.97 -58.89
C ARG F 127 -4.84 -37.89 -57.75
N PRO F 128 -6.13 -37.81 -58.09
CA PRO F 128 -7.17 -37.74 -57.06
C PRO F 128 -7.21 -38.99 -56.20
N GLU F 129 -7.82 -38.86 -55.03
CA GLU F 129 -7.98 -39.97 -54.10
C GLU F 129 -9.45 -40.12 -53.72
N LEU F 130 -9.90 -41.37 -53.68
CA LEU F 130 -11.27 -41.72 -53.31
C LEU F 130 -11.23 -42.76 -52.20
N TYR F 131 -12.03 -42.54 -51.16
CA TYR F 131 -12.07 -43.43 -50.00
C TYR F 131 -13.51 -43.80 -49.67
N ARG F 132 -13.77 -45.09 -49.58
CA ARG F 132 -15.08 -45.62 -49.21
C ARG F 132 -15.03 -46.11 -47.77
N ILE F 133 -15.76 -45.44 -46.89
CA ILE F 133 -15.92 -45.86 -45.50
C ILE F 133 -17.33 -46.40 -45.35
N THR F 134 -17.45 -47.66 -44.94
CA THR F 134 -18.74 -48.31 -44.83
C THR F 134 -19.20 -48.37 -43.38
N TYR F 135 -20.39 -48.94 -43.17
CA TYR F 135 -21.10 -48.77 -41.90
C TYR F 135 -20.34 -49.35 -40.72
N ASP F 136 -19.52 -50.39 -40.93
CA ASP F 136 -18.79 -51.00 -39.85
C ASP F 136 -17.38 -50.43 -39.67
N GLY F 137 -17.08 -49.31 -40.35
CA GLY F 137 -15.80 -48.66 -40.21
C GLY F 137 -14.73 -49.11 -41.18
N SER F 138 -15.00 -50.12 -42.00
CA SER F 138 -14.03 -50.56 -42.98
C SER F 138 -13.79 -49.45 -44.00
N ILE F 139 -12.52 -49.27 -44.39
CA ILE F 139 -12.10 -48.19 -45.26
C ILE F 139 -11.42 -48.78 -46.49
N ALA F 140 -11.72 -48.19 -47.65
CA ALA F 140 -11.30 -48.73 -48.94
C ALA F 140 -10.69 -47.63 -49.79
N ASP F 141 -9.61 -47.98 -50.48
CA ASP F 141 -8.86 -47.06 -51.33
C ASP F 141 -9.26 -47.33 -52.78
N GLU F 142 -9.98 -46.39 -53.39
CA GLU F 142 -10.39 -46.72 -54.74
C GLU F 142 -9.68 -45.82 -55.76
N PRO F 143 -9.28 -46.37 -56.91
CA PRO F 143 -8.47 -45.60 -57.86
C PRO F 143 -9.30 -44.76 -58.83
N HIS F 144 -10.46 -45.26 -59.23
CA HIS F 144 -11.23 -44.66 -60.31
C HIS F 144 -12.57 -44.09 -59.84
N PHE F 145 -13.41 -44.90 -59.23
CA PHE F 145 -14.77 -44.49 -58.92
C PHE F 145 -15.25 -45.22 -57.66
N VAL F 146 -16.12 -44.54 -56.92
CA VAL F 146 -16.82 -45.13 -55.78
C VAL F 146 -18.31 -45.00 -56.04
N VAL F 147 -19.06 -46.06 -55.73
CA VAL F 147 -20.51 -46.02 -55.79
C VAL F 147 -21.05 -46.49 -54.45
N MET F 148 -22.10 -45.83 -53.98
CA MET F 148 -22.66 -46.11 -52.66
C MET F 148 -24.18 -46.01 -52.72
N GLY F 149 -24.86 -46.88 -51.99
CA GLY F 149 -26.30 -46.81 -51.84
C GLY F 149 -27.08 -47.66 -52.81
N GLY F 150 -28.12 -48.33 -52.31
CA GLY F 150 -29.02 -49.07 -53.18
C GLY F 150 -28.36 -50.27 -53.83
N THR F 151 -28.67 -50.47 -55.10
CA THR F 151 -28.16 -51.59 -55.88
C THR F 151 -26.83 -51.17 -56.49
N THR F 152 -25.72 -51.57 -55.87
CA THR F 152 -24.43 -51.04 -56.24
C THR F 152 -23.79 -51.81 -57.39
N GLU F 153 -23.98 -53.12 -57.45
CA GLU F 153 -23.29 -53.95 -58.43
C GLU F 153 -23.63 -53.47 -59.84
N PRO F 154 -24.90 -53.34 -60.22
CA PRO F 154 -25.20 -52.90 -61.61
C PRO F 154 -24.59 -51.55 -61.99
N ILE F 155 -24.74 -50.51 -61.16
CA ILE F 155 -24.09 -49.22 -61.42
C ILE F 155 -22.59 -49.43 -61.64
N ALA F 156 -21.95 -50.10 -60.67
CA ALA F 156 -20.55 -50.41 -60.76
C ALA F 156 -20.19 -50.96 -62.14
N ASN F 157 -20.87 -52.03 -62.59
CA ASN F 157 -20.56 -52.65 -63.88
C ASN F 157 -20.50 -51.63 -65.02
N ALA F 158 -21.55 -50.82 -65.17
CA ALA F 158 -21.50 -49.79 -66.21
C ALA F 158 -20.24 -48.95 -66.08
N LEU F 159 -19.83 -48.61 -64.86
CA LEU F 159 -18.58 -47.85 -64.74
C LEU F 159 -17.32 -48.70 -64.99
N LYS F 160 -17.32 -49.99 -64.62
CA LYS F 160 -16.16 -50.84 -64.82
C LYS F 160 -15.88 -51.03 -66.31
N GLU F 161 -16.94 -51.25 -67.09
CA GLU F 161 -16.79 -51.40 -68.54
C GLU F 161 -16.56 -50.07 -69.23
N SER F 162 -17.15 -48.98 -68.73
CA SER F 162 -17.20 -47.75 -69.53
C SER F 162 -16.27 -46.64 -69.07
N TYR F 163 -15.77 -46.65 -67.84
CA TYR F 163 -14.93 -45.55 -67.37
C TYR F 163 -13.61 -45.52 -68.11
N ALA F 164 -13.23 -44.34 -68.57
CA ALA F 164 -11.90 -44.08 -69.13
C ALA F 164 -11.24 -42.98 -68.31
N GLU F 165 -9.95 -43.14 -68.03
CA GLU F 165 -9.23 -42.17 -67.22
C GLU F 165 -9.13 -40.82 -67.93
N ASN F 166 -9.10 -39.76 -67.13
CA ASN F 166 -8.90 -38.40 -67.61
C ASN F 166 -9.94 -38.00 -68.66
N ALA F 167 -11.17 -38.50 -68.52
CA ALA F 167 -12.26 -38.03 -69.35
C ALA F 167 -12.61 -36.59 -69.00
N SER F 168 -13.32 -35.93 -69.92
CA SER F 168 -13.73 -34.56 -69.68
C SER F 168 -14.87 -34.51 -68.66
N LEU F 169 -15.19 -33.29 -68.23
CA LEU F 169 -16.32 -33.10 -67.31
C LEU F 169 -17.63 -33.56 -67.95
N THR F 170 -17.84 -33.20 -69.21
CA THR F 170 -19.08 -33.59 -69.89
C THR F 170 -19.16 -35.10 -70.05
N ASP F 171 -18.09 -35.72 -70.55
CA ASP F 171 -18.09 -37.16 -70.74
C ASP F 171 -18.30 -37.88 -69.41
N ALA F 172 -17.51 -37.52 -68.40
CA ALA F 172 -17.62 -38.18 -67.09
C ALA F 172 -19.01 -38.00 -66.49
N LEU F 173 -19.62 -36.83 -66.72
CA LEU F 173 -20.98 -36.62 -66.20
C LEU F 173 -21.98 -37.50 -66.93
N ARG F 174 -21.91 -37.56 -68.26
CA ARG F 174 -22.83 -38.40 -69.02
C ARG F 174 -22.71 -39.86 -68.61
N ILE F 175 -21.48 -40.35 -68.44
CA ILE F 175 -21.29 -41.75 -68.11
C ILE F 175 -21.66 -42.02 -66.65
N ALA F 176 -21.52 -41.02 -65.77
CA ALA F 176 -21.95 -41.20 -64.39
C ALA F 176 -23.46 -41.29 -64.30
N VAL F 177 -24.18 -40.45 -65.04
CA VAL F 177 -25.64 -40.52 -65.05
C VAL F 177 -26.09 -41.84 -65.65
N ALA F 178 -25.58 -42.16 -66.85
CA ALA F 178 -25.97 -43.39 -67.53
C ALA F 178 -25.72 -44.61 -66.66
N ALA F 179 -24.54 -44.68 -66.05
CA ALA F 179 -24.25 -45.77 -65.12
C ALA F 179 -25.19 -45.74 -63.93
N LEU F 180 -25.57 -44.55 -63.46
CA LEU F 180 -26.45 -44.44 -62.31
C LEU F 180 -27.82 -45.05 -62.59
N ARG F 181 -28.30 -44.91 -63.82
CA ARG F 181 -29.61 -45.50 -64.12
C ARG F 181 -29.57 -47.03 -64.15
N ALA F 182 -28.47 -47.61 -64.60
CA ALA F 182 -28.38 -49.05 -64.87
C ALA F 182 -28.85 -49.89 -63.69
N LEU F 195 -33.95 -39.00 -64.41
CA LEU F 195 -32.68 -38.39 -64.03
C LEU F 195 -32.46 -37.06 -64.74
N GLY F 196 -32.60 -35.97 -63.99
CA GLY F 196 -32.41 -34.65 -64.55
C GLY F 196 -32.09 -33.64 -63.47
N VAL F 197 -32.16 -32.36 -63.85
CA VAL F 197 -31.84 -31.27 -62.93
C VAL F 197 -32.71 -31.33 -61.68
N ALA F 198 -33.96 -31.77 -61.82
CA ALA F 198 -34.87 -31.86 -60.69
C ALA F 198 -34.76 -33.18 -59.93
N SER F 199 -33.88 -34.09 -60.35
CA SER F 199 -33.70 -35.36 -59.66
C SER F 199 -32.26 -35.65 -59.29
N LEU F 200 -31.31 -34.79 -59.64
CA LEU F 200 -29.90 -35.04 -59.43
C LEU F 200 -29.26 -33.89 -58.66
N GLU F 201 -28.34 -34.25 -57.77
CA GLU F 201 -27.44 -33.30 -57.12
C GLU F 201 -26.03 -33.56 -57.62
N VAL F 202 -25.43 -32.56 -58.25
CA VAL F 202 -24.10 -32.67 -58.84
C VAL F 202 -23.17 -31.67 -58.17
N ALA F 203 -21.93 -32.09 -57.96
CA ALA F 203 -20.90 -31.20 -57.46
C ALA F 203 -19.55 -31.68 -57.97
N VAL F 204 -18.54 -30.84 -57.83
CA VAL F 204 -17.22 -31.15 -58.39
C VAL F 204 -16.13 -30.65 -57.44
N LEU F 205 -15.06 -31.42 -57.33
CA LEU F 205 -13.79 -30.95 -56.80
C LEU F 205 -12.94 -30.59 -58.02
N ASP F 206 -12.93 -29.28 -58.32
CA ASP F 206 -12.25 -28.74 -59.49
C ASP F 206 -10.80 -28.41 -59.09
N ALA F 207 -9.87 -29.27 -59.50
CA ALA F 207 -8.46 -29.08 -59.18
C ALA F 207 -7.90 -27.79 -59.75
N ASN F 208 -8.63 -27.10 -60.63
CA ASN F 208 -8.14 -25.88 -61.26
C ASN F 208 -8.44 -24.63 -60.43
N ARG F 209 -9.32 -24.71 -59.45
CA ARG F 209 -9.60 -23.55 -58.62
C ARG F 209 -8.40 -23.23 -57.73
N PRO F 210 -8.19 -21.95 -57.41
CA PRO F 210 -6.98 -21.59 -56.64
C PRO F 210 -6.99 -22.10 -55.21
N ARG F 211 -8.12 -21.98 -54.51
CA ARG F 211 -8.17 -22.46 -53.13
C ARG F 211 -9.29 -23.49 -52.95
N ARG F 212 -10.50 -23.02 -52.70
CA ARG F 212 -11.65 -23.92 -52.51
C ARG F 212 -11.98 -24.60 -53.83
N ALA F 213 -11.72 -25.90 -53.90
CA ALA F 213 -11.93 -26.67 -55.12
C ALA F 213 -13.37 -27.14 -55.30
N PHE F 214 -14.18 -27.11 -54.24
CA PHE F 214 -15.54 -27.61 -54.30
C PHE F 214 -16.45 -26.56 -54.91
N ARG F 215 -17.18 -26.94 -55.97
CA ARG F 215 -18.21 -26.08 -56.53
C ARG F 215 -19.32 -26.94 -57.09
N ARG F 216 -20.56 -26.51 -56.85
CA ARG F 216 -21.71 -27.24 -57.36
C ARG F 216 -22.01 -26.83 -58.80
N ILE F 217 -22.77 -27.67 -59.48
CA ILE F 217 -23.21 -27.41 -60.84
C ILE F 217 -24.72 -27.63 -60.86
N THR F 218 -25.47 -26.52 -60.95
CA THR F 218 -26.91 -26.56 -60.77
C THR F 218 -27.60 -25.70 -61.81
N GLY F 219 -28.88 -26.00 -62.04
CA GLY F 219 -29.73 -25.13 -62.82
C GLY F 219 -29.41 -25.15 -64.30
N SER F 220 -29.43 -23.96 -64.91
CA SER F 220 -29.16 -23.85 -66.34
C SER F 220 -27.74 -24.29 -66.69
N ALA F 221 -26.77 -24.02 -65.79
CA ALA F 221 -25.41 -24.50 -66.02
C ALA F 221 -25.36 -26.02 -65.99
N LEU F 222 -26.17 -26.65 -65.14
CA LEU F 222 -26.22 -28.11 -65.11
C LEU F 222 -26.89 -28.65 -66.37
N GLN F 223 -27.90 -27.94 -66.87
CA GLN F 223 -28.56 -28.38 -68.10
C GLN F 223 -27.63 -28.26 -69.30
N ALA F 224 -26.80 -27.21 -69.32
CA ALA F 224 -25.87 -27.02 -70.43
C ALA F 224 -24.91 -28.19 -70.59
N LEU F 225 -24.71 -28.99 -69.54
CA LEU F 225 -23.91 -30.20 -69.60
C LEU F 225 -24.75 -31.44 -69.91
N LEU F 226 -26.03 -31.27 -70.19
CA LEU F 226 -26.92 -32.39 -70.51
C LEU F 226 -27.68 -32.12 -71.81
N MET G 1 -21.11 -66.93 -18.20
CA MET G 1 -19.73 -66.49 -18.08
C MET G 1 -18.86 -67.10 -19.16
N GLU G 2 -18.72 -68.44 -19.15
CA GLU G 2 -17.86 -69.11 -20.11
C GLU G 2 -18.38 -68.96 -21.53
N GLN G 3 -19.71 -68.91 -21.71
CA GLN G 3 -20.26 -68.83 -23.06
C GLN G 3 -20.00 -67.46 -23.69
N ALA G 4 -20.12 -66.39 -22.88
CA ALA G 4 -19.83 -65.05 -23.39
C ALA G 4 -18.38 -64.93 -23.83
N MET G 5 -17.44 -65.32 -22.97
CA MET G 5 -16.03 -65.22 -23.31
C MET G 5 -15.65 -66.17 -24.44
N ARG G 6 -16.33 -67.31 -24.55
CA ARG G 6 -16.11 -68.20 -25.68
C ARG G 6 -16.58 -67.57 -26.98
N GLU G 7 -17.75 -66.92 -26.96
CA GLU G 7 -18.25 -66.24 -28.16
C GLU G 7 -17.35 -65.07 -28.55
N ARG G 8 -16.77 -64.39 -27.56
CA ARG G 8 -15.84 -63.31 -27.87
C ARG G 8 -14.55 -63.85 -28.48
N SER G 9 -13.99 -64.89 -27.87
CA SER G 9 -12.80 -65.52 -28.43
C SER G 9 -13.05 -66.02 -29.85
N GLU G 10 -14.26 -66.52 -30.11
CA GLU G 10 -14.59 -67.00 -31.45
C GLU G 10 -14.75 -65.85 -32.43
N LEU G 11 -15.46 -64.80 -32.03
CA LEU G 11 -15.61 -63.64 -32.90
C LEU G 11 -14.26 -63.08 -33.30
N ALA G 12 -13.38 -62.86 -32.32
CA ALA G 12 -12.06 -62.34 -32.63
C ALA G 12 -11.26 -63.32 -33.49
N ARG G 13 -11.32 -64.62 -33.16
CA ARG G 13 -10.57 -65.62 -33.91
C ARG G 13 -10.95 -65.61 -35.38
N LYS G 14 -12.25 -65.69 -35.67
CA LYS G 14 -12.71 -65.70 -37.05
C LYS G 14 -12.45 -64.37 -37.73
N GLY G 15 -12.53 -63.26 -36.99
CA GLY G 15 -12.19 -61.97 -37.58
C GLY G 15 -10.75 -61.92 -38.04
N ILE G 16 -9.83 -62.47 -37.24
CA ILE G 16 -8.42 -62.46 -37.61
C ILE G 16 -8.13 -63.46 -38.73
N ALA G 17 -8.82 -64.60 -38.73
CA ALA G 17 -8.58 -65.58 -39.78
C ALA G 17 -8.95 -65.06 -41.16
N ARG G 18 -9.88 -64.11 -41.24
CA ARG G 18 -10.30 -63.55 -42.52
C ARG G 18 -9.35 -62.46 -43.04
N ALA G 19 -8.36 -62.05 -42.25
CA ALA G 19 -7.49 -60.95 -42.64
C ALA G 19 -6.24 -61.45 -43.36
N LYS G 20 -5.58 -60.52 -44.04
CA LYS G 20 -4.30 -60.81 -44.68
C LYS G 20 -3.24 -61.08 -43.62
N SER G 21 -2.18 -61.78 -44.01
CA SER G 21 -1.17 -62.25 -43.08
C SER G 21 0.06 -61.35 -43.10
N VAL G 22 0.70 -61.26 -41.94
CA VAL G 22 1.87 -60.42 -41.72
C VAL G 22 2.99 -61.27 -41.14
N VAL G 23 4.22 -60.96 -41.52
CA VAL G 23 5.41 -61.70 -41.10
C VAL G 23 6.45 -60.73 -40.57
N ALA G 24 7.11 -61.10 -39.47
CA ALA G 24 8.20 -60.32 -38.89
C ALA G 24 9.38 -61.26 -38.67
N LEU G 25 10.51 -60.94 -39.30
CA LEU G 25 11.70 -61.81 -39.30
C LEU G 25 12.88 -61.09 -38.67
N ALA G 26 13.64 -61.81 -37.85
CA ALA G 26 14.89 -61.29 -37.31
C ALA G 26 16.02 -61.68 -38.26
N TYR G 27 16.77 -60.69 -38.74
CA TYR G 27 17.86 -60.95 -39.66
C TYR G 27 19.11 -60.17 -39.21
N ALA G 28 20.21 -60.41 -39.92
CA ALA G 28 21.51 -59.89 -39.48
C ALA G 28 21.53 -58.37 -39.39
N GLY G 29 20.72 -57.69 -40.20
CA GLY G 29 20.67 -56.24 -40.15
C GLY G 29 19.65 -55.65 -39.19
N GLY G 30 18.82 -56.50 -38.57
CA GLY G 30 17.81 -56.02 -37.65
C GLY G 30 16.52 -56.79 -37.74
N VAL G 31 15.41 -56.09 -37.98
CA VAL G 31 14.10 -56.73 -38.10
C VAL G 31 13.49 -56.36 -39.44
N LEU G 32 12.77 -57.31 -40.05
CA LEU G 32 12.09 -57.13 -41.31
C LEU G 32 10.60 -57.35 -41.10
N PHE G 33 9.79 -56.46 -41.68
CA PHE G 33 8.34 -56.56 -41.67
C PHE G 33 7.85 -56.71 -43.11
N VAL G 34 7.08 -57.77 -43.37
CA VAL G 34 6.50 -58.01 -44.69
C VAL G 34 5.03 -58.38 -44.50
N ALA G 35 4.14 -57.54 -45.01
CA ALA G 35 2.70 -57.77 -44.87
C ALA G 35 2.03 -57.72 -46.24
N GLU G 36 0.90 -58.42 -46.35
CA GLU G 36 0.08 -58.37 -47.56
C GLU G 36 -0.81 -57.13 -47.47
N ASN G 37 -0.48 -56.11 -48.25
CA ASN G 37 -1.23 -54.86 -48.20
C ASN G 37 -1.40 -54.28 -49.60
N PRO G 38 -2.61 -54.34 -50.17
CA PRO G 38 -2.82 -53.76 -51.51
C PRO G 38 -2.90 -52.25 -51.50
N SER G 39 -3.39 -51.67 -50.40
CA SER G 39 -3.66 -50.24 -50.35
C SER G 39 -2.36 -49.44 -50.47
N ARG G 40 -2.46 -48.31 -51.18
CA ARG G 40 -1.29 -47.45 -51.36
C ARG G 40 -1.04 -46.57 -50.16
N SER G 41 -2.08 -46.23 -49.39
CA SER G 41 -1.96 -45.23 -48.34
C SER G 41 -2.43 -45.70 -46.96
N LEU G 42 -2.86 -46.95 -46.82
CA LEU G 42 -3.28 -47.50 -45.53
C LEU G 42 -2.25 -48.53 -45.08
N GLN G 43 -1.62 -48.26 -43.95
CA GLN G 43 -0.47 -49.04 -43.50
C GLN G 43 -0.86 -50.08 -42.45
N LYS G 44 -0.12 -51.19 -42.44
CA LYS G 44 -0.20 -52.19 -41.39
C LYS G 44 1.08 -52.28 -40.57
N ILE G 45 2.15 -51.60 -41.00
CA ILE G 45 3.44 -51.59 -40.33
C ILE G 45 3.84 -50.15 -40.09
N SER G 46 4.34 -49.85 -38.89
CA SER G 46 4.59 -48.47 -38.52
C SER G 46 5.75 -48.39 -37.55
N GLU G 47 6.27 -47.18 -37.40
CA GLU G 47 7.26 -46.90 -36.37
C GLU G 47 6.57 -46.58 -35.05
N LEU G 48 7.04 -47.19 -33.97
CA LEU G 48 6.63 -46.81 -32.63
C LEU G 48 7.63 -45.88 -31.96
N TYR G 49 8.90 -46.26 -31.95
CA TYR G 49 9.92 -45.44 -31.30
C TYR G 49 11.26 -45.71 -31.98
N ASP G 50 12.29 -45.03 -31.47
CA ASP G 50 13.63 -45.03 -32.07
C ASP G 50 14.06 -46.39 -32.59
N ARG G 51 14.07 -47.40 -31.72
CA ARG G 51 14.44 -48.75 -32.11
C ARG G 51 13.27 -49.72 -32.01
N VAL G 52 12.03 -49.22 -31.98
CA VAL G 52 10.85 -50.05 -31.76
C VAL G 52 9.90 -49.88 -32.93
N GLY G 53 9.42 -51.02 -33.46
CA GLY G 53 8.48 -51.02 -34.56
C GLY G 53 7.27 -51.88 -34.23
N PHE G 54 6.26 -51.77 -35.10
CA PHE G 54 4.91 -52.26 -34.84
C PHE G 54 4.35 -52.87 -36.13
N ALA G 55 3.69 -54.02 -35.99
CA ALA G 55 3.00 -54.65 -37.10
C ALA G 55 1.70 -55.26 -36.58
N ALA G 56 0.71 -55.39 -37.46
CA ALA G 56 -0.60 -55.84 -37.01
C ALA G 56 -1.36 -56.50 -38.14
N ALA G 57 -2.29 -57.39 -37.77
CA ALA G 57 -3.20 -58.03 -38.70
C ALA G 57 -4.60 -57.99 -38.13
N GLY G 58 -5.59 -57.78 -39.01
CA GLY G 58 -6.98 -57.75 -38.59
C GLY G 58 -7.75 -56.53 -39.02
N LYS G 59 -8.65 -56.05 -38.15
CA LYS G 59 -9.47 -54.88 -38.47
C LYS G 59 -8.64 -53.62 -38.42
N PHE G 60 -8.69 -52.82 -39.50
CA PHE G 60 -7.77 -51.70 -39.63
C PHE G 60 -7.99 -50.65 -38.55
N ASN G 61 -9.23 -50.17 -38.40
CA ASN G 61 -9.48 -49.08 -37.47
C ASN G 61 -9.09 -49.46 -36.04
N GLU G 62 -9.21 -50.75 -35.70
CA GLU G 62 -8.91 -51.19 -34.34
C GLU G 62 -7.40 -51.23 -34.08
N PHE G 63 -6.63 -51.90 -34.96
CA PHE G 63 -5.19 -51.89 -34.71
C PHE G 63 -4.55 -50.55 -35.03
N ASP G 64 -5.24 -49.66 -35.73
CA ASP G 64 -4.76 -48.28 -35.86
C ASP G 64 -5.02 -47.50 -34.59
N ASN G 65 -6.14 -47.77 -33.92
CA ASN G 65 -6.31 -47.26 -32.56
C ASN G 65 -5.18 -47.73 -31.66
N LEU G 66 -4.87 -49.03 -31.70
CA LEU G 66 -3.83 -49.56 -30.83
C LEU G 66 -2.47 -49.00 -31.20
N ARG G 67 -2.22 -48.78 -32.49
CA ARG G 67 -0.95 -48.20 -32.91
C ARG G 67 -0.80 -46.77 -32.40
N ARG G 68 -1.83 -45.95 -32.61
CA ARG G 68 -1.79 -44.58 -32.11
C ARG G 68 -1.60 -44.55 -30.60
N GLY G 69 -2.33 -45.40 -29.87
CA GLY G 69 -2.13 -45.48 -28.43
C GLY G 69 -0.73 -45.90 -28.04
N GLY G 70 -0.11 -46.77 -28.85
CA GLY G 70 1.26 -47.17 -28.57
C GLY G 70 2.24 -46.04 -28.79
N ILE G 71 2.02 -45.23 -29.83
CA ILE G 71 2.86 -44.05 -30.05
C ILE G 71 2.68 -43.06 -28.91
N GLN G 72 1.43 -42.82 -28.49
CA GLN G 72 1.17 -41.96 -27.34
C GLN G 72 1.93 -42.45 -26.12
N PHE G 73 1.81 -43.74 -25.80
CA PHE G 73 2.52 -44.31 -24.66
C PHE G 73 4.02 -44.09 -24.78
N ALA G 74 4.60 -44.43 -25.94
CA ALA G 74 6.04 -44.34 -26.11
C ALA G 74 6.52 -42.89 -25.95
N ASP G 75 5.88 -41.96 -26.65
CA ASP G 75 6.31 -40.56 -26.60
C ASP G 75 6.19 -39.99 -25.20
N THR G 76 5.07 -40.26 -24.52
CA THR G 76 4.89 -39.75 -23.16
C THR G 76 5.94 -40.33 -22.21
N ARG G 77 6.20 -41.64 -22.33
CA ARG G 77 7.23 -42.25 -21.50
C ARG G 77 8.59 -41.62 -21.75
N GLY G 78 8.97 -41.48 -23.02
CA GLY G 78 10.26 -40.91 -23.35
C GLY G 78 10.41 -39.48 -22.90
N TYR G 79 9.31 -38.72 -22.86
CA TYR G 79 9.38 -37.36 -22.34
C TYR G 79 9.48 -37.35 -20.82
N ALA G 80 8.74 -38.22 -20.14
CA ALA G 80 8.79 -38.24 -18.68
C ALA G 80 10.15 -38.70 -18.15
N TYR G 81 10.84 -39.55 -18.92
CA TYR G 81 12.13 -40.09 -18.50
C TYR G 81 13.14 -39.72 -19.58
N ASP G 82 13.77 -40.70 -20.22
CA ASP G 82 14.63 -40.46 -21.37
C ASP G 82 14.20 -41.39 -22.49
N ARG G 83 14.63 -41.05 -23.70
CA ARG G 83 14.34 -41.93 -24.84
C ARG G 83 14.94 -43.31 -24.64
N ARG G 84 16.12 -43.38 -24.02
CA ARG G 84 16.81 -44.64 -23.77
C ARG G 84 16.06 -45.55 -22.80
N ASP G 85 15.01 -45.05 -22.14
CA ASP G 85 14.22 -45.87 -21.23
C ASP G 85 13.04 -46.56 -21.92
N VAL G 86 12.69 -46.14 -23.13
CA VAL G 86 11.55 -46.72 -23.84
C VAL G 86 12.00 -47.99 -24.55
N THR G 87 11.41 -49.12 -24.18
CA THR G 87 11.80 -50.43 -24.70
C THR G 87 10.62 -51.11 -25.39
N GLY G 88 10.94 -52.12 -26.20
CA GLY G 88 9.90 -52.91 -26.83
C GLY G 88 9.15 -53.78 -25.84
N ARG G 89 9.83 -54.26 -24.79
CA ARG G 89 9.15 -55.01 -23.75
C ARG G 89 8.05 -54.17 -23.11
N GLN G 90 8.32 -52.88 -22.87
CA GLN G 90 7.30 -51.98 -22.34
C GLN G 90 6.07 -51.95 -23.22
N LEU G 91 6.26 -51.70 -24.52
CA LEU G 91 5.12 -51.57 -25.42
C LEU G 91 4.36 -52.88 -25.56
N ALA G 92 5.06 -54.01 -25.59
CA ALA G 92 4.39 -55.30 -25.63
C ALA G 92 3.57 -55.54 -24.37
N ASN G 93 4.12 -55.18 -23.20
CA ASN G 93 3.40 -55.34 -21.95
C ASN G 93 2.14 -54.50 -21.92
N VAL G 94 2.27 -53.19 -22.21
CA VAL G 94 1.12 -52.31 -22.17
C VAL G 94 0.09 -52.71 -23.21
N TYR G 95 0.54 -53.30 -24.33
CA TYR G 95 -0.39 -53.81 -25.32
C TYR G 95 -1.16 -55.01 -24.80
N ALA G 96 -0.47 -55.91 -24.09
CA ALA G 96 -1.16 -57.07 -23.52
C ALA G 96 -2.19 -56.64 -22.48
N GLN G 97 -1.84 -55.70 -21.60
CA GLN G 97 -2.79 -55.17 -20.63
C GLN G 97 -3.98 -54.52 -21.33
N THR G 98 -3.71 -53.69 -22.34
CA THR G 98 -4.77 -52.96 -23.02
C THR G 98 -5.71 -53.91 -23.75
N LEU G 99 -5.16 -54.86 -24.52
CA LEU G 99 -5.99 -55.82 -25.24
C LEU G 99 -6.75 -56.74 -24.29
N GLY G 100 -6.18 -57.04 -23.12
CA GLY G 100 -6.95 -57.74 -22.11
C GLY G 100 -8.18 -56.97 -21.68
N THR G 101 -7.98 -55.69 -21.33
CA THR G 101 -9.11 -54.85 -20.93
C THR G 101 -10.15 -54.76 -22.04
N ILE G 102 -9.72 -54.56 -23.29
CA ILE G 102 -10.66 -54.44 -24.40
C ILE G 102 -11.43 -55.74 -24.59
N PHE G 103 -10.71 -56.87 -24.61
CA PHE G 103 -11.36 -58.16 -24.83
C PHE G 103 -12.37 -58.47 -23.75
N THR G 104 -12.14 -57.99 -22.52
CA THR G 104 -13.03 -58.35 -21.43
C THR G 104 -14.15 -57.35 -21.19
N GLU G 105 -14.00 -56.09 -21.59
CA GLU G 105 -14.94 -55.05 -21.18
C GLU G 105 -15.53 -54.21 -22.30
N GLN G 106 -14.93 -54.18 -23.49
CA GLN G 106 -15.52 -53.43 -24.58
C GLN G 106 -16.76 -54.14 -25.13
N ALA G 107 -17.55 -53.40 -25.89
CA ALA G 107 -18.78 -53.95 -26.45
C ALA G 107 -18.48 -55.12 -27.39
N LYS G 108 -17.54 -54.92 -28.31
CA LYS G 108 -17.04 -55.98 -29.16
C LYS G 108 -15.54 -56.08 -29.00
N PRO G 109 -14.98 -57.28 -28.86
CA PRO G 109 -13.53 -57.42 -28.77
C PRO G 109 -12.85 -56.95 -30.05
N TYR G 110 -11.59 -56.56 -29.91
CA TYR G 110 -10.81 -56.15 -31.07
C TYR G 110 -10.34 -57.38 -31.82
N GLU G 111 -10.59 -57.40 -33.14
CA GLU G 111 -10.14 -58.49 -33.99
C GLU G 111 -8.78 -58.13 -34.58
N VAL G 112 -7.78 -58.13 -33.70
CA VAL G 112 -6.43 -57.69 -34.05
C VAL G 112 -5.42 -58.69 -33.51
N GLU G 113 -4.26 -58.71 -34.15
CA GLU G 113 -3.11 -59.48 -33.69
C GLU G 113 -1.88 -58.61 -33.89
N LEU G 114 -1.13 -58.39 -32.81
CA LEU G 114 -0.09 -57.37 -32.75
C LEU G 114 1.30 -57.98 -32.63
N CYS G 115 2.27 -57.29 -33.20
CA CYS G 115 3.69 -57.63 -33.08
C CYS G 115 4.47 -56.37 -32.76
N VAL G 116 5.31 -56.44 -31.74
CA VAL G 116 6.22 -55.35 -31.37
C VAL G 116 7.64 -55.88 -31.53
N ALA G 117 8.47 -55.17 -32.27
CA ALA G 117 9.84 -55.59 -32.51
C ALA G 117 10.82 -54.52 -32.04
N GLU G 118 11.95 -54.95 -31.48
CA GLU G 118 12.97 -54.01 -31.04
C GLU G 118 14.35 -54.51 -31.44
N VAL G 119 15.16 -53.62 -32.00
CA VAL G 119 16.53 -53.93 -32.35
C VAL G 119 17.46 -53.18 -31.40
N ALA G 120 18.76 -53.46 -31.52
CA ALA G 120 19.75 -52.84 -30.66
C ALA G 120 19.89 -51.36 -30.99
N HIS G 121 20.48 -50.61 -30.06
CA HIS G 121 20.82 -49.22 -30.31
C HIS G 121 22.13 -49.14 -31.09
N TYR G 122 22.28 -48.05 -31.85
CA TYR G 122 23.42 -47.92 -32.75
C TYR G 122 24.72 -48.09 -32.00
N GLY G 123 25.54 -49.04 -32.45
CA GLY G 123 26.81 -49.31 -31.82
C GLY G 123 26.76 -50.31 -30.68
N GLU G 124 25.60 -50.90 -30.40
CA GLU G 124 25.47 -51.90 -29.36
C GLU G 124 25.18 -53.26 -29.96
N THR G 125 25.41 -54.30 -29.15
CA THR G 125 25.23 -55.69 -29.55
C THR G 125 24.10 -56.29 -28.72
N LYS G 126 23.00 -56.62 -29.39
CA LYS G 126 21.81 -57.13 -28.71
C LYS G 126 20.93 -57.81 -29.75
N ARG G 127 20.54 -59.05 -29.48
CA ARG G 127 19.71 -59.78 -30.43
C ARG G 127 18.33 -59.14 -30.52
N PRO G 128 17.78 -59.00 -31.73
CA PRO G 128 16.44 -58.41 -31.86
C PRO G 128 15.40 -59.19 -31.07
N GLU G 129 14.40 -58.48 -30.56
CA GLU G 129 13.31 -59.08 -29.81
C GLU G 129 12.01 -58.91 -30.59
N LEU G 130 11.21 -59.97 -30.61
CA LEU G 130 9.89 -59.95 -31.23
C LEU G 130 8.87 -60.40 -30.21
N TYR G 131 7.80 -59.63 -30.04
CA TYR G 131 6.70 -59.94 -29.16
C TYR G 131 5.42 -60.03 -29.97
N ARG G 132 4.56 -60.97 -29.58
CA ARG G 132 3.28 -61.18 -30.21
C ARG G 132 2.19 -61.11 -29.15
N ILE G 133 1.18 -60.27 -29.41
CA ILE G 133 0.06 -60.06 -28.51
C ILE G 133 -1.22 -60.42 -29.25
N THR G 134 -2.03 -61.29 -28.65
CA THR G 134 -3.24 -61.78 -29.28
C THR G 134 -4.46 -61.03 -28.75
N TYR G 135 -5.63 -61.39 -29.28
CA TYR G 135 -6.82 -60.58 -29.07
C TYR G 135 -7.26 -60.56 -27.61
N ASP G 136 -6.97 -61.61 -26.85
CA ASP G 136 -7.41 -61.67 -25.46
C ASP G 136 -6.37 -61.12 -24.48
N GLY G 137 -5.26 -60.58 -24.98
CA GLY G 137 -4.20 -60.09 -24.13
C GLY G 137 -3.04 -61.03 -23.91
N SER G 138 -3.10 -62.23 -24.49
CA SER G 138 -1.96 -63.14 -24.39
C SER G 138 -0.76 -62.56 -25.10
N ILE G 139 0.43 -62.85 -24.57
CA ILE G 139 1.67 -62.26 -25.06
C ILE G 139 2.76 -63.33 -25.00
N ALA G 140 3.61 -63.34 -26.01
CA ALA G 140 4.73 -64.27 -26.04
C ALA G 140 5.80 -63.74 -26.98
N ASP G 141 7.05 -63.82 -26.55
CA ASP G 141 8.17 -63.38 -27.37
C ASP G 141 8.76 -64.58 -28.12
N GLU G 142 9.17 -64.34 -29.36
CA GLU G 142 9.73 -65.36 -30.22
C GLU G 142 11.13 -64.96 -30.67
N PRO G 143 12.05 -65.91 -30.81
CA PRO G 143 13.44 -65.55 -31.12
C PRO G 143 13.69 -65.25 -32.58
N HIS G 144 12.87 -65.77 -33.49
CA HIS G 144 13.17 -65.73 -34.92
C HIS G 144 12.11 -65.02 -35.74
N PHE G 145 10.85 -65.41 -35.62
CA PHE G 145 9.83 -64.87 -36.50
C PHE G 145 8.48 -64.82 -35.79
N VAL G 146 7.59 -64.01 -36.36
CA VAL G 146 6.20 -63.91 -35.90
C VAL G 146 5.31 -63.88 -37.13
N VAL G 147 4.23 -64.65 -37.10
CA VAL G 147 3.22 -64.67 -38.15
C VAL G 147 1.88 -64.29 -37.54
N MET G 148 1.11 -63.47 -38.25
CA MET G 148 -0.16 -62.99 -37.74
C MET G 148 -1.20 -62.95 -38.85
N GLY G 149 -2.45 -63.21 -38.48
CA GLY G 149 -3.56 -63.05 -39.39
C GLY G 149 -3.72 -64.18 -40.40
N GLY G 150 -4.96 -64.46 -40.78
CA GLY G 150 -5.22 -65.46 -41.79
C GLY G 150 -4.90 -66.87 -41.33
N THR G 151 -4.58 -67.72 -42.31
CA THR G 151 -4.17 -69.10 -42.04
C THR G 151 -2.66 -69.08 -41.78
N THR G 152 -2.29 -69.10 -40.50
CA THR G 152 -0.89 -68.94 -40.11
C THR G 152 -0.10 -70.24 -40.15
N GLU G 153 -0.75 -71.40 -39.99
CA GLU G 153 -0.02 -72.65 -39.88
C GLU G 153 0.88 -72.96 -41.07
N PRO G 154 0.42 -72.88 -42.33
CA PRO G 154 1.34 -73.13 -43.45
C PRO G 154 2.52 -72.17 -43.48
N ILE G 155 2.29 -70.89 -43.19
CA ILE G 155 3.36 -69.90 -43.23
C ILE G 155 4.38 -70.18 -42.13
N ALA G 156 3.91 -70.53 -40.93
CA ALA G 156 4.84 -70.81 -39.84
C ALA G 156 5.62 -72.09 -40.07
N ASN G 157 5.02 -73.09 -40.75
CA ASN G 157 5.78 -74.28 -41.09
C ASN G 157 6.83 -73.97 -42.17
N ALA G 158 6.43 -73.20 -43.19
CA ALA G 158 7.38 -72.80 -44.22
C ALA G 158 8.56 -72.04 -43.63
N LEU G 159 8.29 -71.18 -42.65
CA LEU G 159 9.38 -70.45 -41.99
C LEU G 159 10.21 -71.38 -41.10
N LYS G 160 9.56 -72.32 -40.42
CA LYS G 160 10.30 -73.30 -39.64
C LYS G 160 11.23 -74.14 -40.51
N GLU G 161 10.91 -74.28 -41.80
CA GLU G 161 11.75 -75.04 -42.71
C GLU G 161 12.77 -74.17 -43.45
N SER G 162 12.49 -72.88 -43.63
CA SER G 162 13.32 -72.02 -44.46
C SER G 162 14.12 -70.99 -43.69
N TYR G 163 13.71 -70.62 -42.47
CA TYR G 163 14.41 -69.57 -41.75
C TYR G 163 15.82 -70.01 -41.38
N ALA G 164 16.80 -69.16 -41.71
CA ALA G 164 18.17 -69.32 -41.26
C ALA G 164 18.57 -68.05 -40.52
N GLU G 165 19.15 -68.21 -39.33
CA GLU G 165 19.50 -67.07 -38.50
C GLU G 165 20.54 -66.21 -39.19
N ASN G 166 20.43 -64.89 -39.00
CA ASN G 166 21.41 -63.92 -39.50
C ASN G 166 21.51 -63.94 -41.01
N ALA G 167 20.37 -64.01 -41.70
CA ALA G 167 20.37 -63.92 -43.14
C ALA G 167 20.61 -62.47 -43.59
N SER G 168 20.83 -62.31 -44.89
CA SER G 168 20.90 -60.98 -45.46
C SER G 168 19.50 -60.41 -45.62
N LEU G 169 19.43 -59.11 -45.94
CA LEU G 169 18.13 -58.50 -46.18
C LEU G 169 17.44 -59.13 -47.39
N THR G 170 18.19 -59.38 -48.46
CA THR G 170 17.63 -60.02 -49.64
C THR G 170 17.17 -61.43 -49.32
N ASP G 171 18.01 -62.21 -48.64
CA ASP G 171 17.64 -63.57 -48.25
C ASP G 171 16.40 -63.55 -47.36
N ALA G 172 16.44 -62.78 -46.27
CA ALA G 172 15.32 -62.74 -45.34
C ALA G 172 14.04 -62.33 -46.05
N LEU G 173 14.12 -61.36 -46.97
CA LEU G 173 12.93 -60.93 -47.70
C LEU G 173 12.39 -62.06 -48.58
N ARG G 174 13.26 -62.72 -49.34
CA ARG G 174 12.81 -63.83 -50.18
C ARG G 174 12.18 -64.94 -49.35
N ILE G 175 12.79 -65.27 -48.20
CA ILE G 175 12.23 -66.26 -47.29
C ILE G 175 10.84 -65.83 -46.82
N ALA G 176 10.68 -64.54 -46.52
CA ALA G 176 9.41 -64.04 -45.99
C ALA G 176 8.32 -64.07 -47.04
N VAL G 177 8.62 -63.60 -48.25
CA VAL G 177 7.59 -63.57 -49.30
C VAL G 177 7.28 -64.97 -49.78
N ALA G 178 8.26 -65.87 -49.77
CA ALA G 178 7.97 -67.27 -50.07
C ALA G 178 7.03 -67.87 -49.04
N ALA G 179 7.31 -67.64 -47.75
CA ALA G 179 6.46 -68.18 -46.69
C ALA G 179 5.05 -67.59 -46.77
N LEU G 180 4.94 -66.30 -47.11
CA LEU G 180 3.62 -65.68 -47.28
C LEU G 180 2.91 -66.22 -48.51
N ARG G 181 3.67 -66.58 -49.55
CA ARG G 181 3.07 -67.07 -50.79
C ARG G 181 2.39 -68.42 -50.59
N ALA G 182 2.82 -69.18 -49.60
CA ALA G 182 2.22 -70.47 -49.26
C ALA G 182 1.14 -70.34 -48.19
N GLY G 183 0.31 -69.30 -48.27
CA GLY G 183 -0.75 -69.11 -47.31
C GLY G 183 -1.96 -68.42 -47.90
N SER G 184 -1.87 -68.06 -49.18
CA SER G 184 -2.95 -67.35 -49.87
C SER G 184 -4.18 -68.23 -50.03
N GLY G 196 3.46 -59.56 -55.49
CA GLY G 196 3.86 -58.39 -56.25
C GLY G 196 4.15 -57.18 -55.39
N VAL G 197 4.95 -56.25 -55.93
CA VAL G 197 5.34 -55.07 -55.16
C VAL G 197 4.13 -54.18 -54.87
N ALA G 198 3.22 -54.05 -55.84
CA ALA G 198 2.01 -53.28 -55.65
C ALA G 198 1.01 -53.95 -54.69
N SER G 199 1.41 -55.02 -54.00
CA SER G 199 0.52 -55.75 -53.11
C SER G 199 1.13 -56.08 -51.76
N LEU G 200 2.37 -55.71 -51.51
CA LEU G 200 3.04 -56.01 -50.25
C LEU G 200 3.59 -54.73 -49.63
N GLU G 201 3.40 -54.59 -48.33
CA GLU G 201 3.98 -53.50 -47.55
C GLU G 201 5.19 -54.03 -46.80
N VAL G 202 6.36 -53.45 -47.06
CA VAL G 202 7.62 -53.91 -46.51
C VAL G 202 8.26 -52.76 -45.74
N ALA G 203 8.92 -53.10 -44.62
CA ALA G 203 9.66 -52.12 -43.85
C ALA G 203 10.71 -52.86 -43.02
N VAL G 204 11.60 -52.10 -42.38
CA VAL G 204 12.66 -52.67 -41.57
C VAL G 204 12.92 -51.81 -40.35
N LEU G 205 13.36 -52.47 -39.28
CA LEU G 205 14.09 -51.84 -38.19
C LEU G 205 15.56 -52.09 -38.48
N ASP G 206 16.25 -51.04 -38.93
CA ASP G 206 17.64 -51.12 -39.39
C ASP G 206 18.54 -50.73 -38.23
N ALA G 207 19.18 -51.73 -37.61
CA ALA G 207 20.06 -51.47 -36.48
C ALA G 207 21.29 -50.65 -36.84
N ASN G 208 21.54 -50.43 -38.13
CA ASN G 208 22.68 -49.62 -38.56
C ASN G 208 22.32 -48.14 -38.70
N ARG G 209 21.07 -47.77 -38.47
CA ARG G 209 20.69 -46.37 -38.52
C ARG G 209 21.11 -45.65 -37.24
N PRO G 210 21.48 -44.37 -37.34
CA PRO G 210 22.02 -43.68 -36.15
C PRO G 210 21.03 -43.54 -35.01
N ARG G 211 19.76 -43.26 -35.28
CA ARG G 211 18.78 -43.12 -34.21
C ARG G 211 17.43 -43.70 -34.58
N ARG G 212 16.78 -43.14 -35.61
CA ARG G 212 15.48 -43.62 -36.06
C ARG G 212 15.69 -44.85 -36.94
N ALA G 213 15.37 -46.03 -36.40
CA ALA G 213 15.69 -47.28 -37.08
C ALA G 213 14.69 -47.67 -38.15
N PHE G 214 13.44 -47.22 -38.02
CA PHE G 214 12.40 -47.62 -38.95
C PHE G 214 12.65 -47.06 -40.34
N ARG G 215 12.38 -47.87 -41.37
CA ARG G 215 12.62 -47.44 -42.74
C ARG G 215 11.79 -48.29 -43.70
N ARG G 216 11.06 -47.62 -44.58
CA ARG G 216 10.24 -48.31 -45.57
C ARG G 216 11.06 -48.64 -46.81
N ILE G 217 10.59 -49.64 -47.56
CA ILE G 217 11.23 -50.07 -48.79
C ILE G 217 10.15 -50.20 -49.86
N THR G 218 10.16 -49.28 -50.82
CA THR G 218 9.09 -49.17 -51.80
C THR G 218 9.65 -49.06 -53.20
N GLY G 219 8.83 -49.48 -54.18
CA GLY G 219 9.09 -49.14 -55.57
C GLY G 219 10.32 -49.83 -56.13
N SER G 220 11.21 -49.03 -56.72
CA SER G 220 12.40 -49.57 -57.35
C SER G 220 13.29 -50.29 -56.35
N ALA G 221 13.41 -49.75 -55.12
CA ALA G 221 14.26 -50.36 -54.12
C ALA G 221 13.78 -51.77 -53.78
N LEU G 222 12.47 -51.93 -53.56
CA LEU G 222 11.92 -53.25 -53.27
C LEU G 222 11.99 -54.17 -54.49
N GLN G 223 11.80 -53.60 -55.68
CA GLN G 223 11.85 -54.40 -56.90
C GLN G 223 13.24 -55.02 -57.10
N ALA G 224 14.28 -54.18 -57.00
CA ALA G 224 15.64 -54.71 -57.10
C ALA G 224 15.99 -55.59 -55.91
N LEU G 225 15.42 -55.29 -54.73
CA LEU G 225 15.71 -56.07 -53.54
C LEU G 225 15.09 -57.47 -53.60
N LEU G 226 14.04 -57.65 -54.40
CA LEU G 226 13.44 -58.97 -54.56
C LEU G 226 14.26 -59.83 -55.51
N VAL G 227 14.45 -59.36 -56.74
CA VAL G 227 15.15 -60.11 -57.77
C VAL G 227 16.61 -60.36 -57.39
N THR H 1 25.21 -24.64 5.36
CA THR H 1 25.22 -25.89 4.60
C THR H 1 26.13 -25.77 3.38
N THR H 2 26.98 -26.78 3.19
CA THR H 2 27.81 -26.88 2.00
C THR H 2 27.90 -28.33 1.58
N ILE H 3 27.64 -28.59 0.30
CA ILE H 3 27.74 -29.92 -0.29
C ILE H 3 28.71 -29.83 -1.45
N VAL H 4 29.76 -30.65 -1.42
CA VAL H 4 30.74 -30.70 -2.49
C VAL H 4 30.66 -32.06 -3.19
N ALA H 5 30.99 -32.05 -4.48
CA ALA H 5 31.12 -33.27 -5.26
C ALA H 5 32.21 -33.03 -6.31
N LEU H 6 33.03 -34.05 -6.54
CA LEU H 6 34.07 -33.93 -7.55
C LEU H 6 34.33 -35.28 -8.18
N LYS H 7 34.71 -35.26 -9.47
CA LYS H 7 35.05 -36.46 -10.20
C LYS H 7 36.54 -36.74 -10.06
N TYR H 8 36.86 -38.03 -9.91
CA TYR H 8 38.23 -38.52 -9.94
C TYR H 8 38.29 -39.67 -10.93
N PRO H 9 39.50 -40.07 -11.37
CA PRO H 9 39.61 -41.21 -12.29
C PRO H 9 38.87 -42.43 -11.80
N GLY H 10 37.74 -42.73 -12.43
CA GLY H 10 36.97 -43.91 -12.11
C GLY H 10 35.85 -43.74 -11.11
N GLY H 11 35.57 -42.51 -10.66
CA GLY H 11 34.48 -42.36 -9.71
C GLY H 11 34.21 -40.91 -9.36
N VAL H 12 33.37 -40.75 -8.34
CA VAL H 12 32.97 -39.43 -7.84
C VAL H 12 32.94 -39.48 -6.31
N VAL H 13 33.10 -38.32 -5.70
CA VAL H 13 33.02 -38.14 -4.25
C VAL H 13 32.04 -37.02 -3.95
N MET H 14 31.24 -37.19 -2.89
CA MET H 14 30.33 -36.14 -2.44
C MET H 14 30.36 -36.08 -0.92
N ALA H 15 30.66 -34.92 -0.36
CA ALA H 15 30.71 -34.73 1.07
C ALA H 15 29.84 -33.56 1.48
N GLY H 16 29.34 -33.61 2.71
CA GLY H 16 28.52 -32.55 3.25
C GLY H 16 28.83 -32.32 4.71
N ASP H 17 28.58 -31.09 5.16
CA ASP H 17 28.86 -30.70 6.53
C ASP H 17 27.77 -31.25 7.44
N ARG H 18 27.78 -30.82 8.71
CA ARG H 18 26.93 -31.42 9.73
C ARG H 18 26.11 -30.40 10.51
N ARG H 19 26.16 -29.13 10.13
CA ARG H 19 25.53 -28.08 10.92
C ARG H 19 24.11 -27.81 10.47
N SER H 20 23.24 -27.49 11.42
CA SER H 20 21.93 -26.94 11.17
C SER H 20 21.78 -25.66 11.97
N THR H 21 21.40 -24.58 11.30
CA THR H 21 21.17 -23.31 11.96
C THR H 21 19.71 -22.90 11.82
N GLN H 22 19.31 -21.97 12.67
CA GLN H 22 18.04 -21.25 12.52
C GLN H 22 18.38 -19.78 12.80
N GLY H 23 18.50 -19.00 11.74
CA GLY H 23 19.06 -17.68 11.86
C GLY H 23 20.52 -17.74 12.26
N ASN H 24 20.84 -17.23 13.44
CA ASN H 24 22.19 -17.33 13.98
C ASN H 24 22.37 -18.50 14.95
N MET H 25 21.28 -19.05 15.47
CA MET H 25 21.37 -20.08 16.49
C MET H 25 21.66 -21.44 15.87
N ILE H 26 22.58 -22.17 16.49
CA ILE H 26 22.95 -23.50 16.03
C ILE H 26 21.89 -24.48 16.50
N SER H 27 21.22 -25.13 15.54
CA SER H 27 20.12 -26.03 15.84
C SER H 27 20.46 -27.50 15.60
N GLY H 28 21.64 -27.79 15.06
CA GLY H 28 22.03 -29.16 14.82
C GLY H 28 23.53 -29.25 14.62
N ARG H 29 24.11 -30.36 15.07
CA ARG H 29 25.54 -30.57 14.99
C ARG H 29 25.92 -31.85 14.26
N ASP H 30 24.95 -32.69 13.89
CA ASP H 30 25.25 -33.99 13.27
C ASP H 30 24.23 -34.28 12.19
N VAL H 31 23.86 -33.28 11.39
CA VAL H 31 22.91 -33.49 10.32
C VAL H 31 23.55 -34.30 9.21
N ARG H 32 22.80 -35.26 8.67
CA ARG H 32 23.25 -36.09 7.55
C ARG H 32 22.57 -35.55 6.28
N LYS H 33 23.36 -34.92 5.42
CA LYS H 33 22.83 -34.24 4.24
C LYS H 33 23.20 -34.94 2.94
N VAL H 34 23.97 -36.02 2.99
CA VAL H 34 24.36 -36.77 1.79
C VAL H 34 23.73 -38.16 1.90
N TYR H 35 22.93 -38.52 0.92
CA TYR H 35 22.15 -39.75 0.92
C TYR H 35 22.53 -40.62 -0.26
N ILE H 36 22.65 -41.92 -0.02
CA ILE H 36 22.74 -42.91 -1.10
C ILE H 36 21.31 -43.21 -1.53
N THR H 37 20.86 -42.55 -2.59
CA THR H 37 19.51 -42.77 -3.09
C THR H 37 19.39 -43.99 -3.98
N ASP H 38 20.52 -44.54 -4.43
CA ASP H 38 20.54 -45.63 -5.40
C ASP H 38 21.96 -46.17 -5.45
N ASP H 39 22.10 -47.41 -5.90
CA ASP H 39 23.38 -48.10 -5.87
C ASP H 39 24.49 -47.35 -6.59
N TYR H 40 24.15 -46.44 -7.51
CA TYR H 40 25.16 -45.74 -8.29
C TYR H 40 24.97 -44.23 -8.30
N THR H 41 24.05 -43.69 -7.50
CA THR H 41 23.83 -42.25 -7.42
C THR H 41 23.66 -41.83 -5.97
N ALA H 42 24.16 -40.65 -5.64
CA ALA H 42 24.02 -40.05 -4.33
C ALA H 42 23.53 -38.61 -4.48
N THR H 43 22.76 -38.15 -3.49
CA THR H 43 22.15 -36.84 -3.51
C THR H 43 22.50 -36.08 -2.24
N GLY H 44 23.05 -34.88 -2.39
CA GLY H 44 23.31 -33.99 -1.28
C GLY H 44 22.50 -32.72 -1.44
N ILE H 45 21.81 -32.34 -0.38
CA ILE H 45 20.79 -31.31 -0.46
C ILE H 45 21.15 -30.16 0.47
N ALA H 46 20.72 -28.95 0.08
CA ALA H 46 20.90 -27.74 0.87
C ALA H 46 19.59 -26.98 0.94
N GLY H 47 19.28 -26.44 2.12
CA GLY H 47 18.08 -25.66 2.28
C GLY H 47 17.27 -26.13 3.47
N THR H 48 16.00 -25.78 3.48
CA THR H 48 15.12 -26.13 4.60
C THR H 48 15.02 -27.64 4.73
N ALA H 49 15.19 -28.12 5.97
CA ALA H 49 15.42 -29.55 6.20
C ALA H 49 14.24 -30.41 5.76
N ALA H 50 13.01 -29.96 6.03
CA ALA H 50 11.83 -30.75 5.68
C ALA H 50 11.81 -31.06 4.19
N VAL H 51 12.05 -30.06 3.35
CA VAL H 51 12.06 -30.27 1.91
C VAL H 51 13.22 -31.17 1.51
N ALA H 52 14.36 -31.06 2.20
CA ALA H 52 15.50 -31.92 1.88
C ALA H 52 15.18 -33.39 2.13
N VAL H 53 14.69 -33.69 3.33
CA VAL H 53 14.35 -35.07 3.67
C VAL H 53 13.29 -35.61 2.72
N GLU H 54 12.23 -34.83 2.48
CA GLU H 54 11.20 -35.26 1.54
C GLU H 54 11.79 -35.55 0.17
N PHE H 55 12.70 -34.69 -0.28
CA PHE H 55 13.37 -34.89 -1.57
C PHE H 55 14.12 -36.22 -1.60
N ALA H 56 14.94 -36.46 -0.58
CA ALA H 56 15.77 -37.68 -0.57
C ALA H 56 14.91 -38.94 -0.55
N ARG H 57 13.97 -39.01 0.39
CA ARG H 57 13.11 -40.20 0.49
C ARG H 57 12.32 -40.40 -0.79
N LEU H 58 11.63 -39.36 -1.25
CA LEU H 58 10.77 -39.50 -2.41
C LEU H 58 11.57 -39.86 -3.67
N TYR H 59 12.80 -39.35 -3.77
CA TYR H 59 13.63 -39.64 -4.93
C TYR H 59 14.10 -41.10 -4.92
N ALA H 60 14.61 -41.57 -3.78
CA ALA H 60 14.98 -42.97 -3.66
C ALA H 60 13.80 -43.88 -3.98
N VAL H 61 12.63 -43.55 -3.41
CA VAL H 61 11.44 -44.37 -3.62
C VAL H 61 10.99 -44.34 -5.07
N GLU H 62 11.17 -43.21 -5.76
CA GLU H 62 10.78 -43.15 -7.17
C GLU H 62 11.69 -44.01 -8.03
N LEU H 63 13.01 -43.86 -7.86
CA LEU H 63 13.94 -44.67 -8.65
C LEU H 63 13.73 -46.16 -8.40
N GLU H 64 13.62 -46.55 -7.13
CA GLU H 64 13.36 -47.96 -6.81
C GLU H 64 12.01 -48.40 -7.36
N HIS H 65 11.03 -47.50 -7.38
CA HIS H 65 9.71 -47.83 -7.91
C HIS H 65 9.79 -48.19 -9.39
N TYR H 66 10.44 -47.33 -10.19
CA TYR H 66 10.61 -47.65 -11.60
C TYR H 66 11.39 -48.95 -11.77
N GLU H 67 12.43 -49.15 -10.95
CA GLU H 67 13.24 -50.36 -11.09
C GLU H 67 12.41 -51.62 -10.89
N LYS H 68 11.64 -51.67 -9.80
CA LYS H 68 10.85 -52.87 -9.51
C LYS H 68 9.67 -53.03 -10.46
N LEU H 69 9.14 -51.92 -10.99
CA LEU H 69 8.04 -52.04 -11.92
C LEU H 69 8.49 -52.52 -13.30
N GLU H 70 9.64 -52.05 -13.77
CA GLU H 70 10.06 -52.27 -15.15
C GLU H 70 11.24 -53.22 -15.29
N GLY H 71 11.81 -53.70 -14.18
CA GLY H 71 12.87 -54.69 -14.23
C GLY H 71 14.25 -54.17 -14.57
N VAL H 72 14.38 -52.90 -14.92
CA VAL H 72 15.67 -52.29 -15.24
C VAL H 72 15.71 -50.89 -14.64
N PRO H 73 16.79 -50.49 -13.97
CA PRO H 73 16.86 -49.13 -13.43
C PRO H 73 16.84 -48.08 -14.53
N LEU H 74 16.46 -46.87 -14.15
CA LEU H 74 16.39 -45.76 -15.09
C LEU H 74 17.78 -45.44 -15.64
N THR H 75 17.81 -44.98 -16.89
CA THR H 75 19.02 -44.36 -17.41
C THR H 75 19.34 -43.12 -16.59
N PHE H 76 20.62 -42.72 -16.64
CA PHE H 76 21.02 -41.57 -15.83
C PHE H 76 20.25 -40.32 -16.22
N ALA H 77 20.01 -40.13 -17.52
CA ALA H 77 19.19 -39.01 -17.96
C ALA H 77 17.79 -39.07 -17.34
N GLY H 78 17.23 -40.28 -17.22
CA GLY H 78 15.95 -40.41 -16.56
C GLY H 78 15.98 -39.95 -15.12
N LYS H 79 17.04 -40.35 -14.38
CA LYS H 79 17.18 -39.92 -13.00
C LYS H 79 17.28 -38.40 -12.90
N ILE H 80 18.10 -37.79 -13.76
CA ILE H 80 18.20 -36.33 -13.80
C ILE H 80 16.84 -35.70 -14.02
N ASN H 81 16.13 -36.15 -15.06
CA ASN H 81 14.85 -35.56 -15.40
C ASN H 81 13.85 -35.68 -14.25
N ARG H 82 13.83 -36.83 -13.57
CA ARG H 82 12.90 -37.03 -12.47
C ARG H 82 13.21 -36.09 -11.31
N LEU H 83 14.48 -36.03 -10.90
CA LEU H 83 14.85 -35.14 -9.80
C LEU H 83 14.50 -33.70 -10.14
N ALA H 84 14.81 -33.27 -11.37
CA ALA H 84 14.49 -31.91 -11.81
C ALA H 84 12.99 -31.66 -11.71
N ILE H 85 12.17 -32.60 -12.21
CA ILE H 85 10.73 -32.46 -12.14
C ILE H 85 10.28 -32.30 -10.69
N MET H 86 10.94 -33.01 -9.77
CA MET H 86 10.60 -32.88 -8.36
C MET H 86 10.86 -31.45 -7.85
N VAL H 87 12.06 -30.94 -8.10
CA VAL H 87 12.39 -29.58 -7.66
C VAL H 87 11.40 -28.57 -8.24
N ARG H 88 11.16 -28.65 -9.54
CA ARG H 88 10.16 -27.77 -10.17
C ARG H 88 8.79 -27.92 -9.52
N GLY H 89 8.46 -29.14 -9.08
CA GLY H 89 7.21 -29.36 -8.38
C GLY H 89 7.17 -28.73 -7.00
N ASN H 90 8.33 -28.41 -6.43
CA ASN H 90 8.37 -27.68 -5.16
C ASN H 90 8.56 -26.17 -5.33
N LEU H 91 8.87 -25.69 -6.54
CA LEU H 91 9.11 -24.27 -6.78
C LEU H 91 8.15 -23.33 -6.04
N ALA H 92 6.84 -23.62 -6.14
CA ALA H 92 5.83 -22.77 -5.49
C ALA H 92 6.08 -22.68 -3.99
N ALA H 93 6.34 -23.81 -3.33
CA ALA H 93 6.66 -23.79 -1.92
C ALA H 93 7.99 -23.09 -1.66
N ALA H 94 8.93 -23.17 -2.61
CA ALA H 94 10.20 -22.48 -2.44
C ALA H 94 10.00 -20.97 -2.38
N MET H 95 9.06 -20.44 -3.17
CA MET H 95 8.79 -19.01 -3.11
C MET H 95 8.27 -18.57 -1.75
N GLN H 96 7.59 -19.48 -1.03
CA GLN H 96 7.11 -19.18 0.31
C GLN H 96 8.20 -19.28 1.37
N GLY H 97 9.40 -19.74 1.01
CA GLY H 97 10.49 -19.90 1.95
C GLY H 97 10.87 -21.34 2.23
N LEU H 98 10.19 -22.31 1.63
CA LEU H 98 10.54 -23.72 1.81
C LEU H 98 11.40 -24.19 0.63
N LEU H 99 12.54 -23.52 0.50
CA LEU H 99 13.45 -23.71 -0.62
C LEU H 99 14.53 -24.73 -0.27
N ALA H 100 14.80 -25.64 -1.20
CA ALA H 100 15.84 -26.65 -1.03
C ALA H 100 16.30 -27.13 -2.39
N LEU H 101 17.61 -27.20 -2.59
CA LEU H 101 18.22 -27.55 -3.86
C LEU H 101 19.11 -28.77 -3.73
N PRO H 102 19.00 -29.74 -4.62
CA PRO H 102 19.89 -30.90 -4.60
C PRO H 102 21.11 -30.74 -5.51
N LEU H 103 22.09 -31.59 -5.24
CA LEU H 103 23.28 -31.80 -6.05
C LEU H 103 23.45 -33.30 -6.20
N LEU H 104 23.54 -33.77 -7.43
CA LEU H 104 23.48 -35.18 -7.75
C LEU H 104 24.85 -35.67 -8.23
N ALA H 105 25.39 -36.65 -7.54
CA ALA H 105 26.59 -37.36 -7.95
C ALA H 105 26.21 -38.75 -8.42
N GLY H 106 27.02 -39.31 -9.33
CA GLY H 106 26.66 -40.63 -9.83
C GLY H 106 27.77 -41.25 -10.64
N TYR H 107 27.57 -42.52 -10.97
CA TYR H 107 28.44 -43.30 -11.84
C TYR H 107 27.56 -43.98 -12.88
N ASP H 108 27.67 -43.56 -14.13
CA ASP H 108 26.84 -44.09 -15.21
C ASP H 108 27.43 -45.40 -15.71
N ILE H 109 26.78 -46.52 -15.39
CA ILE H 109 27.29 -47.83 -15.80
C ILE H 109 27.19 -48.05 -17.30
N HIS H 110 26.46 -47.21 -18.02
CA HIS H 110 26.31 -47.34 -19.47
C HIS H 110 27.14 -46.32 -20.24
N ALA H 111 28.04 -45.61 -19.56
CA ALA H 111 28.90 -44.64 -20.23
C ALA H 111 29.96 -45.36 -21.06
N SER H 112 30.61 -44.60 -21.95
CA SER H 112 31.62 -45.18 -22.83
C SER H 112 32.89 -45.48 -22.06
N ASP H 113 33.52 -44.45 -21.48
CA ASP H 113 34.79 -44.60 -20.79
C ASP H 113 34.55 -44.79 -19.31
N PRO H 114 34.89 -45.94 -18.73
CA PRO H 114 34.73 -46.11 -17.27
C PRO H 114 35.63 -45.20 -16.44
N GLN H 115 36.63 -44.57 -17.04
CA GLN H 115 37.45 -43.60 -16.31
C GLN H 115 36.74 -42.27 -16.14
N SER H 116 35.79 -41.96 -17.04
CA SER H 116 35.07 -40.69 -16.99
C SER H 116 33.56 -40.90 -16.82
N ALA H 117 33.14 -42.07 -16.35
CA ALA H 117 31.74 -42.37 -16.13
C ALA H 117 31.18 -41.73 -14.86
N GLY H 118 31.91 -40.80 -14.25
CA GLY H 118 31.36 -40.04 -13.15
C GLY H 118 30.52 -38.87 -13.63
N ARG H 119 29.50 -38.54 -12.84
CA ARG H 119 28.53 -37.52 -13.23
C ARG H 119 28.22 -36.62 -12.05
N ILE H 120 28.13 -35.32 -12.33
CA ILE H 120 27.75 -34.31 -11.34
C ILE H 120 26.75 -33.37 -12.00
N VAL H 121 25.54 -33.29 -11.42
CA VAL H 121 24.46 -32.46 -11.94
C VAL H 121 24.02 -31.51 -10.84
N SER H 122 23.89 -30.23 -11.18
CA SER H 122 23.38 -29.20 -10.29
C SER H 122 22.02 -28.71 -10.77
N PHE H 123 21.23 -28.18 -9.84
CA PHE H 123 19.84 -27.83 -10.09
C PHE H 123 19.55 -26.45 -9.53
N ASP H 124 18.47 -25.85 -10.02
CA ASP H 124 17.95 -24.59 -9.48
C ASP H 124 16.51 -24.77 -9.03
N ALA H 125 15.91 -23.68 -8.54
CA ALA H 125 14.58 -23.77 -7.95
C ALA H 125 13.50 -24.06 -8.98
N ALA H 126 13.72 -23.67 -10.23
CA ALA H 126 12.76 -23.93 -11.30
C ALA H 126 12.94 -25.29 -11.95
N GLY H 127 13.86 -26.12 -11.45
CA GLY H 127 14.08 -27.43 -12.01
C GLY H 127 15.01 -27.47 -13.20
N GLY H 128 15.75 -26.39 -13.48
CA GLY H 128 16.76 -26.44 -14.52
C GLY H 128 17.97 -27.19 -14.01
N TRP H 129 18.49 -28.09 -14.84
CA TRP H 129 19.63 -28.92 -14.47
C TRP H 129 20.81 -28.63 -15.40
N ASN H 130 22.02 -28.77 -14.85
CA ASN H 130 23.23 -28.68 -15.65
C ASN H 130 24.18 -29.78 -15.23
N ILE H 131 24.69 -30.51 -16.22
CA ILE H 131 25.71 -31.52 -15.97
C ILE H 131 27.07 -30.82 -15.98
N GLU H 132 27.80 -30.95 -14.87
CA GLU H 132 29.07 -30.27 -14.73
C GLU H 132 30.14 -30.95 -15.58
N GLU H 133 30.89 -30.13 -16.33
CA GLU H 133 32.01 -30.61 -17.13
C GLU H 133 33.36 -30.25 -16.53
N GLU H 134 33.40 -29.36 -15.54
CA GLU H 134 34.66 -28.85 -15.01
C GLU H 134 35.25 -29.72 -13.90
N GLY H 135 34.52 -30.74 -13.43
CA GLY H 135 35.08 -31.73 -12.54
C GLY H 135 34.67 -31.60 -11.09
N TYR H 136 34.07 -30.48 -10.68
CA TYR H 136 33.65 -30.30 -9.30
C TYR H 136 32.46 -29.36 -9.26
N GLN H 137 31.78 -29.36 -8.12
CA GLN H 137 30.60 -28.53 -7.92
C GLN H 137 30.26 -28.55 -6.43
N ALA H 138 29.48 -27.54 -6.01
CA ALA H 138 29.03 -27.43 -4.63
C ALA H 138 27.70 -26.69 -4.61
N VAL H 139 26.97 -26.83 -3.50
CA VAL H 139 25.71 -26.13 -3.33
C VAL H 139 25.57 -25.79 -1.85
N GLY H 140 24.98 -24.63 -1.58
CA GLY H 140 24.77 -24.16 -0.23
C GLY H 140 25.41 -22.81 0.01
N SER H 141 25.18 -22.29 1.22
CA SER H 141 25.65 -20.96 1.57
C SER H 141 27.18 -20.85 1.57
N GLY H 142 27.88 -21.98 1.59
CA GLY H 142 29.33 -22.00 1.48
C GLY H 142 29.84 -22.46 0.13
N SER H 143 28.96 -22.63 -0.86
CA SER H 143 29.38 -23.21 -2.13
C SER H 143 30.39 -22.33 -2.86
N LEU H 144 30.28 -21.01 -2.71
CA LEU H 144 31.22 -20.11 -3.37
C LEU H 144 32.66 -20.38 -2.90
N PHE H 145 32.85 -20.44 -1.57
CA PHE H 145 34.19 -20.67 -1.04
C PHE H 145 34.68 -22.09 -1.33
N ALA H 146 33.76 -23.07 -1.34
CA ALA H 146 34.15 -24.44 -1.64
C ALA H 146 34.62 -24.57 -3.09
N LYS H 147 33.83 -24.04 -4.03
CA LYS H 147 34.24 -24.06 -5.44
C LYS H 147 35.55 -23.31 -5.63
N SER H 148 35.70 -22.16 -4.97
CA SER H 148 36.95 -21.41 -5.10
C SER H 148 38.13 -22.18 -4.49
N SER H 149 37.88 -23.05 -3.53
CA SER H 149 38.95 -23.88 -2.98
C SER H 149 39.32 -25.00 -3.95
N MET H 150 38.31 -25.71 -4.46
CA MET H 150 38.56 -26.80 -5.40
C MET H 150 39.15 -26.32 -6.71
N LYS H 151 38.95 -25.05 -7.07
CA LYS H 151 39.59 -24.50 -8.26
C LYS H 151 41.10 -24.52 -8.13
N LYS H 152 41.63 -24.32 -6.92
CA LYS H 152 43.06 -24.36 -6.69
C LYS H 152 43.57 -25.73 -6.28
N LEU H 153 42.71 -26.58 -5.71
CA LEU H 153 43.16 -27.87 -5.21
C LEU H 153 42.88 -29.04 -6.14
N TYR H 154 42.13 -28.83 -7.23
CA TYR H 154 41.68 -29.96 -8.05
C TYR H 154 42.82 -30.65 -8.78
N SER H 155 43.94 -29.97 -9.03
CA SER H 155 45.06 -30.61 -9.71
C SER H 155 45.65 -31.76 -8.91
N GLN H 156 45.39 -31.83 -7.60
CA GLN H 156 45.89 -32.91 -6.77
C GLN H 156 45.07 -34.18 -6.89
N VAL H 157 43.96 -34.16 -7.62
CA VAL H 157 43.05 -35.30 -7.67
C VAL H 157 43.58 -36.30 -8.69
N THR H 158 44.02 -37.46 -8.22
CA THR H 158 44.48 -38.53 -9.10
C THR H 158 43.85 -39.89 -8.81
N ASP H 159 43.36 -40.13 -7.59
CA ASP H 159 42.72 -41.39 -7.24
C ASP H 159 41.56 -41.08 -6.30
N GLY H 160 41.05 -42.12 -5.63
CA GLY H 160 39.93 -41.90 -4.72
C GLY H 160 40.33 -41.11 -3.49
N ASP H 161 41.45 -41.48 -2.86
CA ASP H 161 41.88 -40.82 -1.64
C ASP H 161 42.09 -39.34 -1.85
N SER H 162 42.83 -38.98 -2.90
CA SER H 162 43.13 -37.57 -3.14
C SER H 162 41.86 -36.76 -3.38
N GLY H 163 40.94 -37.30 -4.18
CA GLY H 163 39.67 -36.61 -4.39
C GLY H 163 38.90 -36.43 -3.09
N LEU H 164 38.92 -37.45 -2.22
CA LEU H 164 38.26 -37.32 -0.93
C LEU H 164 38.91 -36.23 -0.08
N ARG H 165 40.25 -36.16 -0.10
CA ARG H 165 40.95 -35.15 0.68
C ARG H 165 40.64 -33.74 0.18
N VAL H 166 40.64 -33.56 -1.14
CA VAL H 166 40.26 -32.26 -1.71
C VAL H 166 38.83 -31.91 -1.31
N ALA H 167 37.94 -32.90 -1.31
CA ALA H 167 36.56 -32.66 -0.89
C ALA H 167 36.50 -32.17 0.56
N VAL H 168 37.19 -32.88 1.45
CA VAL H 168 37.15 -32.53 2.87
C VAL H 168 37.75 -31.14 3.09
N GLU H 169 38.84 -30.82 2.40
CA GLU H 169 39.45 -29.50 2.58
C GLU H 169 38.54 -28.40 2.03
N ALA H 170 37.87 -28.66 0.91
CA ALA H 170 36.90 -27.71 0.39
C ALA H 170 35.80 -27.44 1.41
N LEU H 171 35.27 -28.49 2.03
CA LEU H 171 34.32 -28.29 3.12
C LEU H 171 34.94 -27.50 4.26
N TYR H 172 36.23 -27.68 4.51
CA TYR H 172 36.90 -26.95 5.60
C TYR H 172 36.95 -25.45 5.30
N ASP H 173 37.29 -25.08 4.07
CA ASP H 173 37.26 -23.67 3.70
C ASP H 173 35.84 -23.12 3.76
N ALA H 174 34.87 -23.90 3.30
CA ALA H 174 33.48 -23.50 3.38
C ALA H 174 33.10 -23.13 4.80
N ALA H 175 33.36 -24.02 5.76
CA ALA H 175 33.10 -23.69 7.16
C ALA H 175 33.95 -22.52 7.63
N ASP H 176 35.13 -22.35 7.03
CA ASP H 176 36.04 -21.29 7.47
C ASP H 176 35.52 -19.90 7.12
N ASP H 177 34.77 -19.78 6.03
CA ASP H 177 34.27 -18.47 5.58
C ASP H 177 32.76 -18.32 5.68
N ASP H 178 32.04 -19.35 6.12
CA ASP H 178 30.58 -19.32 6.17
C ASP H 178 30.12 -19.91 7.50
N SER H 179 29.37 -19.12 8.26
CA SER H 179 28.93 -19.57 9.59
C SER H 179 27.81 -20.58 9.52
N ALA H 180 27.05 -20.61 8.42
CA ALA H 180 26.03 -21.62 8.24
C ALA H 180 26.62 -23.00 7.97
N THR H 181 27.92 -23.10 7.71
CA THR H 181 28.60 -24.35 7.45
C THR H 181 29.50 -24.68 8.64
N GLY H 182 29.28 -25.85 9.24
CA GLY H 182 30.08 -26.27 10.37
C GLY H 182 31.26 -27.12 9.93
N GLY H 183 32.40 -26.91 10.60
CA GLY H 183 33.61 -27.63 10.28
C GLY H 183 33.77 -28.85 11.15
N PRO H 184 34.99 -29.42 11.17
CA PRO H 184 35.26 -30.56 12.06
C PRO H 184 35.21 -30.13 13.52
N ASP H 185 34.49 -30.91 14.33
CA ASP H 185 34.40 -30.70 15.77
C ASP H 185 35.28 -31.76 16.43
N LEU H 186 36.52 -31.40 16.71
CA LEU H 186 37.45 -32.34 17.33
C LEU H 186 37.06 -32.68 18.75
N VAL H 187 36.30 -31.82 19.43
CA VAL H 187 35.88 -32.11 20.80
C VAL H 187 34.78 -33.16 20.81
N ARG H 188 33.73 -32.96 20.01
CA ARG H 188 32.63 -33.91 19.95
C ARG H 188 32.89 -35.08 19.02
N GLY H 189 33.96 -35.01 18.21
CA GLY H 189 34.26 -36.09 17.28
C GLY H 189 33.31 -36.19 16.10
N ILE H 190 32.77 -35.06 15.65
CA ILE H 190 31.81 -35.03 14.55
C ILE H 190 32.51 -34.41 13.34
N PHE H 191 32.41 -35.08 12.20
CA PHE H 191 33.11 -34.72 10.98
C PHE H 191 32.15 -34.79 9.80
N PRO H 192 32.50 -34.19 8.66
CA PRO H 192 31.62 -34.27 7.49
C PRO H 192 31.35 -35.71 7.08
N THR H 193 30.32 -35.89 6.26
CA THR H 193 29.99 -37.20 5.72
C THR H 193 30.31 -37.23 4.24
N ALA H 194 30.67 -38.42 3.74
CA ALA H 194 31.07 -38.56 2.35
C ALA H 194 30.57 -39.89 1.79
N VAL H 195 30.20 -39.84 0.51
CA VAL H 195 29.86 -41.02 -0.27
C VAL H 195 30.79 -41.04 -1.48
N ILE H 196 31.34 -42.22 -1.78
CA ILE H 196 32.17 -42.43 -2.94
C ILE H 196 31.44 -43.40 -3.87
N ILE H 197 31.51 -43.16 -5.17
CA ILE H 197 30.84 -44.01 -6.15
C ILE H 197 31.82 -44.35 -7.26
N ASP H 198 32.02 -45.63 -7.50
CA ASP H 198 32.82 -46.09 -8.63
C ASP H 198 32.04 -47.22 -9.32
N ALA H 199 32.74 -47.98 -10.17
CA ALA H 199 32.09 -49.04 -10.94
C ALA H 199 31.53 -50.15 -10.05
N ASP H 200 31.97 -50.24 -8.80
CA ASP H 200 31.45 -51.23 -7.86
C ASP H 200 30.28 -50.69 -7.05
N GLY H 201 29.79 -49.49 -7.36
CA GLY H 201 28.63 -48.94 -6.70
C GLY H 201 28.96 -47.74 -5.83
N ALA H 202 28.05 -47.47 -4.90
CA ALA H 202 28.15 -46.34 -3.98
C ALA H 202 28.37 -46.85 -2.57
N VAL H 203 29.38 -46.31 -1.89
CA VAL H 203 29.77 -46.70 -0.54
C VAL H 203 29.79 -45.45 0.33
N ASP H 204 29.36 -45.61 1.58
CA ASP H 204 29.54 -44.58 2.59
C ASP H 204 31.00 -44.56 3.04
N VAL H 205 31.61 -43.39 3.03
CA VAL H 205 33.01 -43.27 3.45
C VAL H 205 33.06 -43.29 4.98
N PRO H 206 33.90 -44.13 5.59
CA PRO H 206 33.88 -44.27 7.04
C PRO H 206 34.33 -43.00 7.75
N GLU H 207 33.86 -42.84 8.99
CA GLU H 207 34.12 -41.63 9.76
C GLU H 207 35.61 -41.44 10.03
N SER H 208 36.32 -42.53 10.31
CA SER H 208 37.72 -42.43 10.76
C SER H 208 38.61 -41.80 9.69
N ARG H 209 38.43 -42.23 8.44
CA ARG H 209 39.25 -41.70 7.34
C ARG H 209 39.05 -40.19 7.20
N ILE H 210 37.80 -39.74 7.24
CA ILE H 210 37.50 -38.32 7.17
C ILE H 210 38.11 -37.59 8.37
N ALA H 211 38.03 -38.21 9.56
CA ALA H 211 38.59 -37.59 10.75
C ALA H 211 40.09 -37.34 10.59
N GLU H 212 40.84 -38.36 10.15
CA GLU H 212 42.28 -38.18 10.02
C GLU H 212 42.62 -37.20 8.90
N LEU H 213 41.83 -37.17 7.82
CA LEU H 213 42.05 -36.16 6.79
C LEU H 213 41.86 -34.75 7.36
N ALA H 214 40.81 -34.58 8.18
CA ALA H 214 40.60 -33.29 8.83
C ALA H 214 41.78 -32.93 9.72
N ARG H 215 42.29 -33.89 10.49
CA ARG H 215 43.42 -33.61 11.37
C ARG H 215 44.66 -33.22 10.56
N ALA H 216 44.88 -33.89 9.42
CA ALA H 216 46.01 -33.52 8.57
C ALA H 216 45.86 -32.09 8.07
N ILE H 217 44.63 -31.69 7.69
CA ILE H 217 44.41 -30.32 7.24
C ILE H 217 44.67 -29.33 8.36
N ILE H 218 44.13 -29.62 9.56
CA ILE H 218 44.28 -28.72 10.69
C ILE H 218 45.76 -28.54 11.05
N GLU H 219 46.47 -29.65 11.25
CA GLU H 219 47.90 -29.57 11.53
C GLU H 219 48.65 -28.85 10.43
N SER H 220 48.23 -29.03 9.18
CA SER H 220 48.93 -28.38 8.08
C SER H 220 48.77 -26.87 8.12
N ARG H 221 47.58 -26.39 8.50
CA ARG H 221 47.37 -24.94 8.55
C ARG H 221 47.90 -24.30 9.82
N SER H 222 48.27 -25.09 10.82
CA SER H 222 48.83 -24.53 12.05
C SER H 222 50.30 -24.19 11.88
N THR I 1 5.45 -21.34 27.88
CA THR I 1 5.51 -22.79 27.87
C THR I 1 6.95 -23.29 27.79
N THR I 2 7.24 -24.38 28.49
CA THR I 2 8.53 -25.05 28.36
C THR I 2 8.34 -26.54 28.58
N ILE I 3 8.81 -27.33 27.62
CA ILE I 3 8.83 -28.78 27.71
C ILE I 3 10.28 -29.23 27.55
N VAL I 4 10.73 -30.08 28.47
CA VAL I 4 12.07 -30.66 28.38
C VAL I 4 11.95 -32.17 28.28
N ALA I 5 12.96 -32.77 27.65
CA ALA I 5 13.09 -34.22 27.57
C ALA I 5 14.57 -34.57 27.60
N LEU I 6 14.94 -35.58 28.38
CA LEU I 6 16.33 -36.01 28.43
C LEU I 6 16.40 -37.53 28.59
N LYS I 7 17.42 -38.11 27.95
CA LYS I 7 17.68 -39.54 28.00
C LYS I 7 18.55 -39.88 29.20
N TYR I 8 18.24 -41.00 29.84
CA TYR I 8 19.06 -41.57 30.89
C TYR I 8 19.29 -43.04 30.57
N PRO I 9 20.25 -43.70 31.25
CA PRO I 9 20.51 -45.12 30.96
C PRO I 9 19.26 -45.99 31.01
N GLY I 10 18.86 -46.50 29.85
CA GLY I 10 17.69 -47.36 29.77
C GLY I 10 16.37 -46.66 29.86
N GLY I 11 16.32 -45.35 29.63
CA GLY I 11 15.04 -44.67 29.70
C GLY I 11 15.13 -43.24 29.20
N VAL I 12 13.97 -42.58 29.25
CA VAL I 12 13.85 -41.19 28.83
C VAL I 12 12.77 -40.54 29.69
N VAL I 13 12.94 -39.25 29.99
CA VAL I 13 11.99 -38.53 30.82
C VAL I 13 11.61 -37.23 30.13
N MET I 14 10.35 -36.81 30.32
CA MET I 14 9.85 -35.56 29.75
C MET I 14 9.00 -34.85 30.78
N ALA I 15 9.24 -33.55 30.95
CA ALA I 15 8.50 -32.77 31.93
C ALA I 15 8.13 -31.41 31.35
N GLY I 16 6.98 -30.89 31.77
CA GLY I 16 6.50 -29.61 31.30
C GLY I 16 5.82 -28.84 32.41
N ASP I 17 5.71 -27.53 32.18
CA ASP I 17 5.13 -26.61 33.16
C ASP I 17 3.61 -26.57 33.03
N ARG I 18 2.97 -25.76 33.88
CA ARG I 18 1.52 -25.77 34.02
C ARG I 18 0.86 -24.44 33.68
N ARG I 19 1.58 -23.51 33.06
CA ARG I 19 1.10 -22.15 32.90
C ARG I 19 0.51 -21.92 31.51
N SER I 20 -0.57 -21.14 31.46
CA SER I 20 -1.13 -20.62 30.23
C SER I 20 -1.23 -19.10 30.33
N THR I 21 -0.68 -18.39 29.35
CA THR I 21 -0.74 -16.94 29.32
C THR I 21 -1.44 -16.46 28.06
N GLN I 22 -2.05 -15.29 28.16
CA GLN I 22 -2.75 -14.63 27.06
C GLN I 22 -2.15 -13.23 26.98
N GLY I 23 -1.06 -13.10 26.23
CA GLY I 23 -0.25 -11.90 26.32
C GLY I 23 0.50 -11.88 27.64
N ASN I 24 0.02 -11.10 28.60
CA ASN I 24 0.63 -11.03 29.91
C ASN I 24 -0.20 -11.63 31.03
N MET I 25 -1.50 -11.82 30.82
CA MET I 25 -2.37 -12.32 31.87
C MET I 25 -2.19 -13.83 32.05
N ILE I 26 -2.28 -14.28 33.29
CA ILE I 26 -2.25 -15.71 33.61
C ILE I 26 -3.63 -16.29 33.28
N SER I 27 -3.71 -17.07 32.21
CA SER I 27 -4.95 -17.72 31.83
C SER I 27 -5.02 -19.17 32.29
N GLY I 28 -3.97 -19.68 32.92
CA GLY I 28 -4.00 -21.05 33.43
C GLY I 28 -2.86 -21.39 34.36
N ARG I 29 -3.14 -22.15 35.41
CA ARG I 29 -2.14 -22.53 36.40
C ARG I 29 -1.90 -24.03 36.50
N ASP I 30 -2.72 -24.86 35.84
CA ASP I 30 -2.61 -26.31 35.98
C ASP I 30 -2.69 -27.01 34.63
N VAL I 31 -2.20 -26.36 33.57
CA VAL I 31 -2.26 -26.95 32.23
C VAL I 31 -1.36 -28.18 32.20
N ARG I 32 -1.89 -29.28 31.65
CA ARG I 32 -1.13 -30.51 31.47
C ARG I 32 -0.67 -30.55 30.01
N LYS I 33 0.64 -30.49 29.81
CA LYS I 33 1.23 -30.32 28.49
C LYS I 33 2.03 -31.52 28.00
N VAL I 34 2.13 -32.58 28.78
CA VAL I 34 2.86 -33.78 28.40
C VAL I 34 1.87 -34.95 28.36
N TYR I 35 1.68 -35.52 27.17
CA TYR I 35 0.67 -36.54 26.94
C TYR I 35 1.33 -37.88 26.63
N ILE I 36 0.87 -38.93 27.30
CA ILE I 36 1.29 -40.29 26.98
C ILE I 36 0.51 -40.73 25.73
N THR I 37 1.21 -40.82 24.60
CA THR I 37 0.54 -41.11 23.34
C THR I 37 0.43 -42.60 23.07
N ASP I 38 1.38 -43.41 23.51
CA ASP I 38 1.17 -44.86 23.55
C ASP I 38 2.09 -45.46 24.60
N ASP I 39 2.02 -46.79 24.74
CA ASP I 39 2.70 -47.50 25.82
C ASP I 39 4.19 -47.20 25.90
N TYR I 40 4.79 -46.70 24.82
CA TYR I 40 6.21 -46.39 24.83
C TYR I 40 6.53 -45.01 24.26
N THR I 41 5.55 -44.11 24.21
CA THR I 41 5.82 -42.81 23.62
C THR I 41 4.98 -41.74 24.29
N ALA I 42 5.63 -40.63 24.65
CA ALA I 42 5.00 -39.46 25.24
C ALA I 42 5.34 -38.22 24.41
N THR I 43 4.34 -37.36 24.23
CA THR I 43 4.46 -36.14 23.45
C THR I 43 4.25 -34.93 24.36
N GLY I 44 5.17 -33.97 24.29
CA GLY I 44 4.98 -32.72 24.99
C GLY I 44 4.98 -31.54 24.03
N ILE I 45 3.93 -30.74 24.02
CA ILE I 45 3.75 -29.73 22.98
C ILE I 45 3.87 -28.34 23.60
N ALA I 46 4.21 -27.36 22.77
CA ALA I 46 4.27 -25.97 23.18
C ALA I 46 3.64 -25.10 22.10
N GLY I 47 2.81 -24.14 22.52
CA GLY I 47 2.17 -23.23 21.58
C GLY I 47 0.68 -23.03 21.81
N THR I 48 -0.07 -22.87 20.72
CA THR I 48 -1.50 -22.61 20.80
C THR I 48 -2.23 -23.84 21.33
N ALA I 49 -3.02 -23.65 22.39
CA ALA I 49 -3.58 -24.75 23.14
C ALA I 49 -4.43 -25.67 22.27
N ALA I 50 -5.29 -25.10 21.43
CA ALA I 50 -6.17 -25.91 20.59
C ALA I 50 -5.37 -26.85 19.69
N VAL I 51 -4.40 -26.29 18.97
CA VAL I 51 -3.54 -27.09 18.11
C VAL I 51 -2.79 -28.14 18.92
N ALA I 52 -2.41 -27.79 20.15
CA ALA I 52 -1.66 -28.73 20.99
C ALA I 52 -2.52 -29.95 21.33
N VAL I 53 -3.67 -29.72 21.97
CA VAL I 53 -4.49 -30.84 22.40
C VAL I 53 -4.93 -31.68 21.20
N GLU I 54 -5.27 -31.04 20.08
CA GLU I 54 -5.71 -31.84 18.94
C GLU I 54 -4.55 -32.59 18.31
N PHE I 55 -3.34 -32.03 18.36
CA PHE I 55 -2.14 -32.77 18.00
C PHE I 55 -2.04 -34.07 18.82
N ALA I 56 -2.11 -33.94 20.14
CA ALA I 56 -1.93 -35.10 21.01
C ALA I 56 -3.01 -36.15 20.77
N ARG I 57 -4.27 -35.73 20.77
CA ARG I 57 -5.37 -36.67 20.63
C ARG I 57 -5.32 -37.36 19.27
N LEU I 58 -5.13 -36.57 18.20
CA LEU I 58 -5.06 -37.16 16.87
C LEU I 58 -3.89 -38.12 16.74
N TYR I 59 -2.74 -37.77 17.33
CA TYR I 59 -1.56 -38.63 17.24
C TYR I 59 -1.81 -39.97 17.93
N ALA I 60 -2.27 -39.93 19.19
CA ALA I 60 -2.55 -41.17 19.91
C ALA I 60 -3.55 -42.03 19.16
N VAL I 61 -4.65 -41.42 18.69
CA VAL I 61 -5.66 -42.16 17.94
C VAL I 61 -5.06 -42.78 16.68
N GLU I 62 -4.13 -42.08 16.03
CA GLU I 62 -3.53 -42.59 14.82
C GLU I 62 -2.67 -43.83 15.11
N LEU I 63 -1.83 -43.73 16.14
CA LEU I 63 -0.96 -44.85 16.47
C LEU I 63 -1.77 -46.08 16.87
N GLU I 64 -2.66 -45.93 17.86
CA GLU I 64 -3.47 -47.08 18.27
C GLU I 64 -4.31 -47.60 17.11
N HIS I 65 -4.76 -46.70 16.23
CA HIS I 65 -5.51 -47.10 15.04
C HIS I 65 -4.71 -48.06 14.18
N TYR I 66 -3.50 -47.67 13.79
CA TYR I 66 -2.65 -48.55 13.01
C TYR I 66 -2.40 -49.86 13.74
N GLU I 67 -2.20 -49.79 15.06
CA GLU I 67 -1.89 -50.99 15.84
C GLU I 67 -3.03 -51.99 15.77
N LYS I 68 -4.27 -51.52 15.98
CA LYS I 68 -5.41 -52.43 15.94
C LYS I 68 -5.70 -52.90 14.53
N LEU I 69 -5.37 -52.10 13.53
CA LEU I 69 -5.63 -52.50 12.15
C LEU I 69 -4.68 -53.61 11.71
N GLU I 70 -3.37 -53.38 11.85
CA GLU I 70 -2.38 -54.33 11.36
C GLU I 70 -1.93 -55.34 12.41
N GLY I 71 -2.36 -55.19 13.67
CA GLY I 71 -1.98 -56.12 14.72
C GLY I 71 -0.60 -55.91 15.29
N VAL I 72 0.17 -54.97 14.76
CA VAL I 72 1.52 -54.68 15.24
C VAL I 72 1.65 -53.16 15.37
N PRO I 73 2.35 -52.65 16.38
CA PRO I 73 2.60 -51.21 16.44
C PRO I 73 3.49 -50.74 15.29
N LEU I 74 3.52 -49.43 15.10
CA LEU I 74 4.43 -48.82 14.15
C LEU I 74 5.86 -48.87 14.69
N THR I 75 6.81 -48.97 13.77
CA THR I 75 8.19 -48.70 14.14
C THR I 75 8.31 -47.26 14.61
N PHE I 76 9.40 -46.97 15.33
CA PHE I 76 9.56 -45.61 15.83
C PHE I 76 9.72 -44.61 14.69
N ALA I 77 10.46 -44.99 13.65
CA ALA I 77 10.58 -44.15 12.46
C ALA I 77 9.21 -43.78 11.89
N GLY I 78 8.30 -44.74 11.85
CA GLY I 78 6.96 -44.45 11.37
C GLY I 78 6.22 -43.48 12.26
N LYS I 79 6.42 -43.59 13.58
CA LYS I 79 5.78 -42.66 14.51
C LYS I 79 6.29 -41.24 14.28
N ILE I 80 7.62 -41.09 14.18
CA ILE I 80 8.20 -39.79 13.82
C ILE I 80 7.55 -39.27 12.55
N ASN I 81 7.57 -40.08 11.49
CA ASN I 81 7.10 -39.63 10.18
C ASN I 81 5.64 -39.18 10.25
N ARG I 82 4.80 -39.90 11.00
CA ARG I 82 3.40 -39.51 11.09
C ARG I 82 3.24 -38.19 11.84
N LEU I 83 3.94 -38.03 12.97
CA LEU I 83 3.85 -36.76 13.70
C LEU I 83 4.32 -35.60 12.83
N ALA I 84 5.44 -35.77 12.14
CA ALA I 84 5.97 -34.74 11.26
C ALA I 84 4.95 -34.38 10.17
N ILE I 85 4.37 -35.38 9.53
CA ILE I 85 3.36 -35.10 8.51
C ILE I 85 2.19 -34.32 9.10
N MET I 86 1.85 -34.60 10.36
CA MET I 86 0.77 -33.86 11.01
C MET I 86 1.12 -32.38 11.16
N VAL I 87 2.31 -32.08 11.70
CA VAL I 87 2.65 -30.67 11.93
C VAL I 87 2.80 -29.93 10.59
N ARG I 88 3.40 -30.57 9.59
CA ARG I 88 3.42 -29.99 8.25
C ARG I 88 2.01 -29.73 7.75
N GLY I 89 1.06 -30.58 8.12
CA GLY I 89 -0.33 -30.32 7.82
C GLY I 89 -0.83 -29.04 8.46
N ASN I 90 -0.40 -28.77 9.69
CA ASN I 90 -0.85 -27.55 10.37
C ASN I 90 -0.03 -26.31 9.99
N LEU I 91 0.96 -26.45 9.11
CA LEU I 91 1.81 -25.31 8.74
C LEU I 91 1.00 -24.05 8.37
N ALA I 92 -0.05 -24.21 7.57
CA ALA I 92 -0.78 -23.04 7.05
C ALA I 92 -1.40 -22.22 8.20
N ALA I 93 -2.27 -22.87 8.99
CA ALA I 93 -2.85 -22.20 10.14
C ALA I 93 -1.78 -21.69 11.09
N ALA I 94 -0.66 -22.40 11.22
CA ALA I 94 0.43 -21.91 12.04
C ALA I 94 0.95 -20.58 11.52
N MET I 95 1.07 -20.44 10.20
CA MET I 95 1.48 -19.17 9.62
C MET I 95 0.43 -18.10 9.83
N GLN I 96 -0.84 -18.49 9.96
CA GLN I 96 -1.88 -17.51 10.29
C GLN I 96 -2.10 -17.37 11.79
N GLY I 97 -1.15 -17.79 12.62
CA GLY I 97 -1.16 -17.51 14.05
C GLY I 97 -1.37 -18.70 14.95
N LEU I 98 -1.72 -19.88 14.42
CA LEU I 98 -2.03 -21.04 15.24
C LEU I 98 -0.87 -22.04 15.23
N LEU I 99 0.22 -21.62 15.87
CA LEU I 99 1.48 -22.34 15.84
C LEU I 99 1.65 -23.21 17.09
N ALA I 100 2.02 -24.47 16.89
CA ALA I 100 2.31 -25.38 17.98
C ALA I 100 3.36 -26.39 17.52
N LEU I 101 4.35 -26.63 18.37
CA LEU I 101 5.45 -27.52 18.05
C LEU I 101 5.54 -28.64 19.08
N PRO I 102 5.65 -29.91 18.64
CA PRO I 102 5.75 -31.01 19.59
C PRO I 102 7.17 -31.49 19.81
N LEU I 103 7.39 -32.09 20.97
CA LEU I 103 8.64 -32.74 21.35
C LEU I 103 8.32 -34.18 21.67
N LEU I 104 9.06 -35.10 21.04
CA LEU I 104 8.78 -36.53 21.12
C LEU I 104 9.80 -37.19 22.04
N ALA I 105 9.31 -37.95 23.01
CA ALA I 105 10.14 -38.80 23.84
C ALA I 105 9.61 -40.22 23.78
N GLY I 106 10.50 -41.20 23.64
CA GLY I 106 10.02 -42.56 23.50
C GLY I 106 11.08 -43.59 23.80
N TYR I 107 10.64 -44.85 23.87
CA TYR I 107 11.51 -45.99 24.12
C TYR I 107 11.27 -47.02 23.03
N ASP I 108 12.30 -47.31 22.24
CA ASP I 108 12.19 -48.25 21.12
C ASP I 108 12.41 -49.67 21.62
N ILE I 109 11.37 -50.50 21.50
CA ILE I 109 11.52 -51.92 21.84
C ILE I 109 12.50 -52.61 20.90
N HIS I 110 12.61 -52.12 19.66
CA HIS I 110 13.37 -52.79 18.62
C HIS I 110 14.77 -52.24 18.44
N ALA I 111 15.33 -51.61 19.47
CA ALA I 111 16.73 -51.22 19.44
C ALA I 111 17.59 -52.35 19.97
N SER I 112 18.83 -52.43 19.47
CA SER I 112 19.75 -53.45 19.94
C SER I 112 20.13 -53.21 21.40
N ASP I 113 20.71 -52.05 21.68
CA ASP I 113 21.20 -51.69 23.01
C ASP I 113 20.05 -51.23 23.89
N PRO I 114 19.68 -52.01 24.92
CA PRO I 114 18.62 -51.55 25.84
C PRO I 114 19.05 -50.36 26.67
N GLN I 115 20.35 -50.10 26.78
CA GLN I 115 20.82 -48.96 27.55
C GLN I 115 20.53 -47.65 26.82
N SER I 116 20.61 -47.65 25.49
CA SER I 116 20.43 -46.46 24.68
C SER I 116 19.18 -46.53 23.81
N ALA I 117 18.18 -47.31 24.24
CA ALA I 117 16.94 -47.43 23.50
C ALA I 117 16.07 -46.18 23.61
N GLY I 118 16.46 -45.20 24.41
CA GLY I 118 15.69 -43.97 24.50
C GLY I 118 15.82 -43.13 23.24
N ARG I 119 14.78 -42.36 22.97
CA ARG I 119 14.68 -41.56 21.75
C ARG I 119 14.10 -40.20 22.08
N ILE I 120 14.71 -39.15 21.54
CA ILE I 120 14.23 -37.78 21.67
C ILE I 120 14.24 -37.15 20.28
N VAL I 121 13.08 -36.70 19.83
CA VAL I 121 12.93 -36.13 18.49
C VAL I 121 12.31 -34.74 18.63
N SER I 122 12.86 -33.77 17.92
CA SER I 122 12.31 -32.42 17.89
C SER I 122 11.83 -32.08 16.48
N PHE I 123 10.90 -31.12 16.41
CA PHE I 123 10.21 -30.81 15.17
C PHE I 123 10.16 -29.31 14.96
N ASP I 124 9.89 -28.91 13.71
CA ASP I 124 9.69 -27.51 13.35
C ASP I 124 8.34 -27.35 12.66
N ALA I 125 8.00 -26.09 12.36
CA ALA I 125 6.68 -25.80 11.80
C ALA I 125 6.51 -26.39 10.41
N ALA I 126 7.59 -26.57 9.67
CA ALA I 126 7.53 -27.09 8.31
C ALA I 126 7.55 -28.62 8.25
N GLY I 127 7.52 -29.29 9.41
CA GLY I 127 7.54 -30.74 9.44
C GLY I 127 8.90 -31.37 9.59
N GLY I 128 9.98 -30.58 9.51
CA GLY I 128 11.30 -31.14 9.70
C GLY I 128 11.47 -31.68 11.11
N TRP I 129 12.24 -32.76 11.21
CA TRP I 129 12.43 -33.45 12.48
C TRP I 129 13.88 -33.85 12.63
N ASN I 130 14.33 -33.98 13.88
CA ASN I 130 15.71 -34.33 14.17
C ASN I 130 15.76 -35.18 15.44
N ILE I 131 16.43 -36.32 15.34
CA ILE I 131 16.69 -37.16 16.51
C ILE I 131 17.90 -36.59 17.23
N GLU I 132 17.77 -36.40 18.55
CA GLU I 132 18.77 -35.69 19.34
C GLU I 132 19.82 -36.67 19.86
N GLU I 133 21.09 -36.41 19.53
CA GLU I 133 22.19 -37.29 19.86
C GLU I 133 23.01 -36.79 21.05
N GLU I 134 22.59 -35.71 21.69
CA GLU I 134 23.34 -35.14 22.81
C GLU I 134 22.64 -35.28 24.15
N GLY I 135 21.49 -35.96 24.20
CA GLY I 135 20.89 -36.40 25.45
C GLY I 135 19.62 -35.67 25.85
N TYR I 136 19.51 -34.39 25.52
CA TYR I 136 18.39 -33.58 26.00
C TYR I 136 17.93 -32.61 24.92
N GLN I 137 16.73 -32.09 25.12
CA GLN I 137 16.14 -31.09 24.23
C GLN I 137 14.99 -30.41 24.97
N ALA I 138 14.63 -29.22 24.49
CA ALA I 138 13.53 -28.46 25.06
C ALA I 138 12.85 -27.66 23.97
N VAL I 139 11.56 -27.41 24.15
CA VAL I 139 10.77 -26.62 23.21
C VAL I 139 9.87 -25.68 24.02
N GLY I 140 9.67 -24.48 23.49
CA GLY I 140 8.81 -23.50 24.11
C GLY I 140 9.53 -22.18 24.33
N SER I 141 8.80 -21.26 24.97
CA SER I 141 9.30 -19.90 25.14
C SER I 141 10.50 -19.83 26.07
N GLY I 142 10.64 -20.78 26.99
CA GLY I 142 11.76 -20.78 27.89
C GLY I 142 12.73 -21.91 27.62
N SER I 143 12.67 -22.45 26.40
CA SER I 143 13.43 -23.67 26.09
C SER I 143 14.93 -23.42 26.01
N LEU I 144 15.35 -22.20 25.65
CA LEU I 144 16.78 -21.92 25.60
C LEU I 144 17.40 -21.93 26.99
N PHE I 145 16.76 -21.25 27.95
CA PHE I 145 17.25 -21.28 29.32
C PHE I 145 17.30 -22.70 29.86
N ALA I 146 16.30 -23.52 29.53
CA ALA I 146 16.27 -24.89 30.00
C ALA I 146 17.39 -25.72 29.35
N LYS I 147 17.66 -25.49 28.06
CA LYS I 147 18.71 -26.24 27.39
C LYS I 147 20.09 -25.85 27.90
N SER I 148 20.28 -24.58 28.27
CA SER I 148 21.55 -24.17 28.83
C SER I 148 21.72 -24.65 30.27
N SER I 149 20.62 -24.76 31.03
CA SER I 149 20.70 -25.39 32.34
C SER I 149 21.07 -26.87 32.19
N MET I 150 20.44 -27.56 31.25
CA MET I 150 20.76 -28.97 31.03
C MET I 150 22.16 -29.17 30.47
N LYS I 151 22.72 -28.16 29.79
CA LYS I 151 24.10 -28.27 29.33
C LYS I 151 25.08 -28.39 30.50
N LYS I 152 24.78 -27.74 31.62
CA LYS I 152 25.66 -27.81 32.79
C LYS I 152 25.27 -28.92 33.75
N LEU I 153 24.01 -29.33 33.77
CA LEU I 153 23.56 -30.33 34.74
C LEU I 153 23.58 -31.76 34.20
N TYR I 154 23.64 -31.95 32.89
CA TYR I 154 23.41 -33.28 32.31
C TYR I 154 24.47 -34.30 32.73
N SER I 155 25.65 -33.86 33.16
CA SER I 155 26.70 -34.80 33.52
C SER I 155 26.33 -35.65 34.74
N GLN I 156 25.37 -35.19 35.54
CA GLN I 156 24.98 -35.88 36.77
C GLN I 156 23.89 -36.91 36.55
N VAL I 157 23.42 -37.09 35.32
CA VAL I 157 22.32 -38.00 35.04
C VAL I 157 22.88 -39.41 34.87
N THR I 158 22.55 -40.29 35.82
CA THR I 158 22.98 -41.68 35.79
C THR I 158 21.84 -42.67 35.97
N ASP I 159 20.66 -42.23 36.40
CA ASP I 159 19.50 -43.08 36.53
C ASP I 159 18.26 -42.23 36.28
N GLY I 160 17.09 -42.85 36.45
CA GLY I 160 15.85 -42.12 36.26
C GLY I 160 15.66 -41.00 37.27
N ASP I 161 16.14 -41.20 38.50
CA ASP I 161 15.93 -40.19 39.54
C ASP I 161 16.74 -38.93 39.28
N SER I 162 18.05 -39.07 39.04
CA SER I 162 18.86 -37.91 38.73
C SER I 162 18.37 -37.22 37.46
N GLY I 163 17.91 -37.99 36.47
CA GLY I 163 17.37 -37.40 35.26
C GLY I 163 16.11 -36.59 35.52
N LEU I 164 15.22 -37.11 36.37
CA LEU I 164 14.04 -36.35 36.75
C LEU I 164 14.43 -35.08 37.49
N ARG I 165 15.47 -35.15 38.34
CA ARG I 165 15.90 -33.96 39.06
C ARG I 165 16.42 -32.90 38.09
N VAL I 166 17.31 -33.28 37.18
CA VAL I 166 17.83 -32.32 36.20
C VAL I 166 16.71 -31.75 35.36
N ALA I 167 15.70 -32.57 35.03
CA ALA I 167 14.56 -32.08 34.27
C ALA I 167 13.80 -31.01 35.06
N VAL I 168 13.43 -31.32 36.31
CA VAL I 168 12.67 -30.38 37.12
C VAL I 168 13.44 -29.09 37.33
N GLU I 169 14.76 -29.21 37.55
CA GLU I 169 15.58 -28.01 37.73
C GLU I 169 15.69 -27.21 36.43
N ALA I 170 15.71 -27.88 35.28
CA ALA I 170 15.73 -27.16 34.01
C ALA I 170 14.45 -26.38 33.80
N LEU I 171 13.30 -27.00 34.10
CA LEU I 171 12.05 -26.25 34.10
C LEU I 171 12.08 -25.10 35.09
N TYR I 172 12.75 -25.30 36.23
CA TYR I 172 12.84 -24.26 37.24
C TYR I 172 13.62 -23.05 36.73
N ASP I 173 14.74 -23.29 36.02
CA ASP I 173 15.49 -22.19 35.45
C ASP I 173 14.71 -21.52 34.32
N ALA I 174 14.02 -22.32 33.48
CA ALA I 174 13.20 -21.76 32.42
C ALA I 174 12.15 -20.80 33.01
N ALA I 175 11.37 -21.27 33.98
CA ALA I 175 10.40 -20.39 34.61
C ALA I 175 11.06 -19.24 35.35
N ASP I 176 12.31 -19.42 35.78
CA ASP I 176 13.03 -18.36 36.48
C ASP I 176 13.39 -17.22 35.54
N ASP I 177 13.67 -17.51 34.27
CA ASP I 177 14.03 -16.48 33.30
C ASP I 177 12.90 -16.15 32.33
N ASP I 178 11.78 -16.86 32.40
CA ASP I 178 10.69 -16.71 31.43
C ASP I 178 9.37 -16.58 32.18
N SER I 179 8.68 -15.46 31.95
CA SER I 179 7.38 -15.24 32.59
C SER I 179 6.26 -16.05 31.96
N ALA I 180 6.43 -16.48 30.71
CA ALA I 180 5.43 -17.36 30.10
C ALA I 180 5.51 -18.78 30.62
N THR I 181 6.61 -19.15 31.28
CA THR I 181 6.78 -20.46 31.87
C THR I 181 6.54 -20.38 33.37
N GLY I 182 5.78 -21.34 33.90
CA GLY I 182 5.40 -21.34 35.30
C GLY I 182 6.29 -22.23 36.14
N GLY I 183 6.68 -21.72 37.31
CA GLY I 183 7.47 -22.47 38.25
C GLY I 183 6.62 -23.14 39.31
N PRO I 184 7.26 -23.84 40.24
CA PRO I 184 6.50 -24.55 41.29
C PRO I 184 5.74 -23.57 42.17
N ASP I 185 4.42 -23.75 42.23
CA ASP I 185 3.56 -22.98 43.11
C ASP I 185 3.39 -23.78 44.39
N LEU I 186 4.07 -23.34 45.45
CA LEU I 186 3.95 -24.01 46.74
C LEU I 186 2.71 -23.56 47.51
N VAL I 187 2.17 -22.39 47.20
CA VAL I 187 0.95 -21.92 47.86
C VAL I 187 -0.23 -22.78 47.43
N ARG I 188 -0.38 -23.00 46.12
CA ARG I 188 -1.48 -23.79 45.60
C ARG I 188 -1.14 -25.27 45.49
N GLY I 189 0.12 -25.64 45.63
CA GLY I 189 0.51 -27.04 45.50
C GLY I 189 0.37 -27.55 44.08
N ILE I 190 0.86 -26.77 43.12
CA ILE I 190 0.86 -27.16 41.71
C ILE I 190 2.31 -27.20 41.25
N PHE I 191 2.68 -28.29 40.58
CA PHE I 191 4.04 -28.55 40.14
C PHE I 191 4.02 -29.00 38.70
N PRO I 192 5.17 -28.98 38.01
CA PRO I 192 5.22 -29.51 36.65
C PRO I 192 4.78 -30.97 36.60
N THR I 193 4.47 -31.43 35.39
CA THR I 193 4.13 -32.82 35.19
C THR I 193 5.22 -33.51 34.39
N ALA I 194 5.42 -34.79 34.68
CA ALA I 194 6.47 -35.56 34.04
C ALA I 194 5.95 -36.95 33.69
N VAL I 195 6.43 -37.45 32.55
CA VAL I 195 6.26 -38.83 32.13
C VAL I 195 7.65 -39.45 32.00
N ILE I 196 7.80 -40.67 32.46
CA ILE I 196 9.06 -41.39 32.34
C ILE I 196 8.79 -42.69 31.60
N ILE I 197 9.72 -43.07 30.72
CA ILE I 197 9.54 -44.22 29.85
C ILE I 197 10.79 -45.09 29.90
N ASP I 198 10.61 -46.37 30.19
CA ASP I 198 11.71 -47.33 30.15
C ASP I 198 11.20 -48.59 29.46
N ALA I 199 11.89 -49.70 29.70
CA ALA I 199 11.49 -50.96 29.07
C ALA I 199 10.12 -51.41 29.53
N ASP I 200 9.71 -50.99 30.73
CA ASP I 200 8.39 -51.31 31.24
C ASP I 200 7.30 -50.41 30.68
N GLY I 201 7.64 -49.41 29.89
CA GLY I 201 6.63 -48.54 29.31
C GLY I 201 6.70 -47.09 29.75
N ALA I 202 5.62 -46.34 29.47
CA ALA I 202 5.52 -44.93 29.83
C ALA I 202 4.55 -44.81 30.99
N VAL I 203 5.00 -44.16 32.07
CA VAL I 203 4.19 -43.95 33.26
C VAL I 203 4.26 -42.49 33.66
N ASP I 204 3.18 -42.00 34.25
CA ASP I 204 3.12 -40.66 34.79
C ASP I 204 3.86 -40.61 36.12
N VAL I 205 4.80 -39.68 36.25
CA VAL I 205 5.52 -39.53 37.51
C VAL I 205 4.58 -38.92 38.55
N PRO I 206 4.48 -39.50 39.75
CA PRO I 206 3.53 -38.98 40.73
C PRO I 206 3.87 -37.57 41.18
N GLU I 207 2.83 -36.85 41.61
CA GLU I 207 3.00 -35.46 42.04
C GLU I 207 3.98 -35.34 43.20
N SER I 208 3.97 -36.32 44.11
CA SER I 208 4.79 -36.23 45.32
C SER I 208 6.27 -36.12 44.98
N ARG I 209 6.72 -36.89 43.99
CA ARG I 209 8.14 -36.91 43.66
C ARG I 209 8.60 -35.57 43.09
N ILE I 210 7.80 -35.00 42.19
CA ILE I 210 8.13 -33.70 41.61
C ILE I 210 8.05 -32.59 42.66
N ALA I 211 7.07 -32.68 43.57
CA ALA I 211 6.98 -31.72 44.66
C ALA I 211 8.22 -31.78 45.54
N GLU I 212 8.65 -32.99 45.90
CA GLU I 212 9.84 -33.16 46.73
C GLU I 212 11.07 -32.57 46.06
N LEU I 213 11.27 -32.90 44.77
CA LEU I 213 12.42 -32.34 44.05
C LEU I 213 12.33 -30.82 43.99
N ALA I 214 11.13 -30.27 43.76
CA ALA I 214 10.95 -28.83 43.68
C ALA I 214 11.37 -28.17 44.99
N ARG I 215 10.90 -28.71 46.12
CA ARG I 215 11.26 -28.14 47.42
C ARG I 215 12.77 -28.24 47.66
N ALA I 216 13.36 -29.37 47.29
CA ALA I 216 14.81 -29.53 47.45
C ALA I 216 15.56 -28.47 46.65
N ILE I 217 15.11 -28.16 45.43
CA ILE I 217 15.77 -27.13 44.63
C ILE I 217 15.58 -25.75 45.25
N ILE I 218 14.35 -25.44 45.68
CA ILE I 218 14.06 -24.11 46.23
C ILE I 218 14.91 -23.84 47.47
N GLU I 219 14.97 -24.81 48.40
CA GLU I 219 15.85 -24.64 49.54
C GLU I 219 17.32 -24.62 49.13
N SER I 220 17.67 -25.38 48.08
CA SER I 220 19.05 -25.36 47.61
C SER I 220 19.48 -23.98 47.16
N ARG I 221 18.56 -23.19 46.58
CA ARG I 221 18.93 -21.88 46.07
C ARG I 221 18.98 -20.78 47.13
N SER I 222 18.41 -21.01 48.32
CA SER I 222 18.37 -19.98 49.34
C SER I 222 19.73 -19.77 50.00
N THR J 1 -20.81 -7.12 27.98
CA THR J 1 -21.29 -8.44 28.37
C THR J 1 -20.38 -9.05 29.42
N THR J 2 -20.99 -9.73 30.40
CA THR J 2 -20.23 -10.53 31.36
C THR J 2 -21.05 -11.76 31.73
N ILE J 3 -20.40 -12.92 31.71
CA ILE J 3 -20.99 -14.17 32.14
C ILE J 3 -20.12 -14.72 33.27
N VAL J 4 -20.77 -15.15 34.35
CA VAL J 4 -20.05 -15.73 35.48
C VAL J 4 -20.59 -17.14 35.75
N ALA J 5 -19.72 -17.99 36.28
CA ALA J 5 -20.11 -19.33 36.71
C ALA J 5 -19.21 -19.75 37.85
N LEU J 6 -19.79 -20.41 38.86
CA LEU J 6 -18.99 -20.89 39.98
C LEU J 6 -19.57 -22.20 40.50
N LYS J 7 -18.68 -22.98 41.12
CA LYS J 7 -19.02 -24.28 41.70
C LYS J 7 -19.35 -24.12 43.18
N TYR J 8 -20.46 -24.71 43.60
CA TYR J 8 -20.83 -24.75 45.01
C TYR J 8 -21.04 -26.21 45.43
N PRO J 9 -21.02 -26.50 46.75
CA PRO J 9 -21.18 -27.90 47.18
C PRO J 9 -22.38 -28.60 46.57
N GLY J 10 -22.12 -29.50 45.62
CA GLY J 10 -23.17 -30.27 45.00
C GLY J 10 -23.85 -29.63 43.82
N GLY J 11 -23.23 -28.63 43.19
CA GLY J 11 -23.84 -28.02 42.03
C GLY J 11 -23.01 -26.89 41.48
N VAL J 12 -23.59 -26.17 40.52
CA VAL J 12 -22.93 -25.10 39.81
C VAL J 12 -23.97 -24.03 39.46
N VAL J 13 -23.54 -22.77 39.43
CA VAL J 13 -24.42 -21.64 39.13
C VAL J 13 -23.79 -20.79 38.04
N MET J 14 -24.63 -20.28 37.13
CA MET J 14 -24.17 -19.38 36.07
C MET J 14 -25.14 -18.22 35.94
N ALA J 15 -24.61 -17.02 35.79
CA ALA J 15 -25.43 -15.82 35.65
C ALA J 15 -24.86 -14.92 34.57
N GLY J 16 -25.74 -14.11 33.99
CA GLY J 16 -25.34 -13.21 32.93
C GLY J 16 -26.13 -11.92 33.00
N ASP J 17 -25.51 -10.84 32.52
CA ASP J 17 -26.15 -9.54 32.43
C ASP J 17 -27.07 -9.49 31.19
N ARG J 18 -27.69 -8.34 30.98
CA ARG J 18 -28.77 -8.20 30.00
C ARG J 18 -28.51 -7.11 28.97
N ARG J 19 -27.33 -6.50 28.97
CA ARG J 19 -27.06 -5.34 28.14
C ARG J 19 -26.58 -5.73 26.75
N SER J 20 -26.99 -4.95 25.76
CA SER J 20 -26.45 -5.02 24.40
C SER J 20 -26.09 -3.62 23.96
N THR J 21 -24.90 -3.46 23.39
CA THR J 21 -24.49 -2.16 22.88
C THR J 21 -24.12 -2.24 21.40
N GLN J 22 -24.06 -1.07 20.79
CA GLN J 22 -23.59 -0.88 19.42
C GLN J 22 -22.56 0.24 19.52
N GLY J 23 -21.32 -0.13 19.81
CA GLY J 23 -20.31 0.85 20.17
C GLY J 23 -20.60 1.44 21.53
N ASN J 24 -21.02 2.71 21.57
CA ASN J 24 -21.44 3.35 22.81
C ASN J 24 -22.95 3.40 22.97
N MET J 25 -23.71 3.28 21.88
CA MET J 25 -25.16 3.29 21.98
C MET J 25 -25.67 2.01 22.63
N ILE J 26 -26.64 2.16 23.53
CA ILE J 26 -27.28 1.03 24.18
C ILE J 26 -28.40 0.54 23.27
N SER J 27 -28.29 -0.69 22.80
CA SER J 27 -29.27 -1.29 21.89
C SER J 27 -29.95 -2.51 22.48
N GLY J 28 -29.79 -2.77 23.78
CA GLY J 28 -30.43 -3.91 24.39
C GLY J 28 -30.44 -3.86 25.90
N ARG J 29 -31.58 -4.20 26.52
CA ARG J 29 -31.70 -4.22 27.97
C ARG J 29 -32.21 -5.52 28.54
N ASP J 30 -32.80 -6.41 27.73
CA ASP J 30 -33.39 -7.66 28.21
C ASP J 30 -32.77 -8.86 27.52
N VAL J 31 -31.53 -8.73 27.08
CA VAL J 31 -30.84 -9.82 26.37
C VAL J 31 -30.59 -10.96 27.34
N ARG J 32 -31.08 -12.15 27.00
CA ARG J 32 -30.88 -13.35 27.78
C ARG J 32 -29.69 -14.10 27.21
N LYS J 33 -28.61 -14.22 27.98
CA LYS J 33 -27.35 -14.76 27.48
C LYS J 33 -27.00 -16.11 28.09
N VAL J 34 -27.86 -16.68 28.93
CA VAL J 34 -27.63 -17.97 29.56
C VAL J 34 -28.75 -18.91 29.13
N TYR J 35 -28.38 -20.08 28.63
CA TYR J 35 -29.35 -21.02 28.07
C TYR J 35 -29.18 -22.38 28.73
N ILE J 36 -30.29 -22.99 29.13
CA ILE J 36 -30.29 -24.40 29.52
C ILE J 36 -30.15 -25.20 28.24
N THR J 37 -28.91 -25.55 27.89
CA THR J 37 -28.66 -26.31 26.66
C THR J 37 -28.99 -27.79 26.81
N ASP J 38 -29.08 -28.29 28.04
CA ASP J 38 -29.27 -29.72 28.26
C ASP J 38 -29.69 -29.90 29.72
N ASP J 39 -30.36 -31.03 29.98
CA ASP J 39 -30.95 -31.27 31.30
C ASP J 39 -29.95 -31.11 32.44
N TYR J 40 -28.64 -31.15 32.15
CA TYR J 40 -27.63 -30.97 33.18
C TYR J 40 -26.54 -29.97 32.78
N THR J 41 -26.73 -29.19 31.71
CA THR J 41 -25.71 -28.23 31.30
C THR J 41 -26.35 -26.95 30.78
N ALA J 42 -25.69 -25.84 31.09
CA ALA J 42 -26.06 -24.51 30.61
C ALA J 42 -24.85 -23.84 29.97
N THR J 43 -25.13 -22.99 28.98
CA THR J 43 -24.12 -22.31 28.19
C THR J 43 -24.41 -20.82 28.19
N GLY J 44 -23.44 -20.01 28.61
CA GLY J 44 -23.54 -18.56 28.58
C GLY J 44 -22.47 -17.99 27.68
N ILE J 45 -22.89 -17.14 26.75
CA ILE J 45 -22.05 -16.71 25.65
C ILE J 45 -21.83 -15.20 25.74
N ALA J 46 -20.69 -14.75 25.19
CA ALA J 46 -20.35 -13.33 25.12
C ALA J 46 -19.84 -13.02 23.73
N GLY J 47 -20.36 -11.96 23.12
CA GLY J 47 -19.91 -11.56 21.80
C GLY J 47 -21.02 -11.26 20.81
N THR J 48 -20.76 -11.51 19.52
CA THR J 48 -21.72 -11.19 18.47
C THR J 48 -23.02 -11.95 18.67
N ALA J 49 -24.14 -11.21 18.68
CA ALA J 49 -25.44 -11.79 19.04
C ALA J 49 -25.81 -12.95 18.12
N ALA J 50 -25.68 -12.75 16.81
CA ALA J 50 -26.01 -13.81 15.86
C ALA J 50 -25.24 -15.08 16.16
N VAL J 51 -23.92 -14.96 16.34
CA VAL J 51 -23.09 -16.13 16.62
C VAL J 51 -23.49 -16.77 17.94
N ALA J 52 -23.84 -15.95 18.94
CA ALA J 52 -24.23 -16.51 20.23
C ALA J 52 -25.49 -17.35 20.13
N VAL J 53 -26.55 -16.78 19.55
CA VAL J 53 -27.81 -17.52 19.42
C VAL J 53 -27.61 -18.77 18.55
N GLU J 54 -26.77 -18.67 17.52
CA GLU J 54 -26.47 -19.85 16.71
C GLU J 54 -25.81 -20.94 17.54
N PHE J 55 -24.76 -20.57 18.30
CA PHE J 55 -24.07 -21.51 19.16
C PHE J 55 -25.04 -22.20 20.11
N ALA J 56 -25.85 -21.43 20.82
CA ALA J 56 -26.78 -21.99 21.79
C ALA J 56 -27.75 -22.97 21.13
N ARG J 57 -28.48 -22.49 20.12
CA ARG J 57 -29.52 -23.31 19.51
C ARG J 57 -28.95 -24.58 18.89
N LEU J 58 -27.94 -24.42 18.01
CA LEU J 58 -27.39 -25.59 17.34
C LEU J 58 -26.75 -26.55 18.33
N TYR J 59 -26.14 -26.01 19.39
CA TYR J 59 -25.50 -26.87 20.39
C TYR J 59 -26.53 -27.74 21.10
N ALA J 60 -27.63 -27.12 21.56
CA ALA J 60 -28.68 -27.90 22.23
C ALA J 60 -29.27 -28.94 21.28
N VAL J 61 -29.58 -28.53 20.05
CA VAL J 61 -30.09 -29.47 19.06
C VAL J 61 -29.11 -30.62 18.84
N GLU J 62 -27.81 -30.34 18.95
CA GLU J 62 -26.80 -31.37 18.75
C GLU J 62 -26.83 -32.38 19.90
N LEU J 63 -26.83 -31.89 21.14
CA LEU J 63 -26.85 -32.80 22.28
C LEU J 63 -28.09 -33.68 22.29
N GLU J 64 -29.28 -33.07 22.13
CA GLU J 64 -30.49 -33.88 22.10
C GLU J 64 -30.51 -34.81 20.90
N HIS J 65 -29.95 -34.37 19.77
CA HIS J 65 -29.84 -35.23 18.60
C HIS J 65 -29.09 -36.51 18.92
N TYR J 66 -27.90 -36.38 19.51
CA TYR J 66 -27.14 -37.57 19.91
C TYR J 66 -27.94 -38.42 20.89
N GLU J 67 -28.57 -37.78 21.88
CA GLU J 67 -29.28 -38.55 22.89
C GLU J 67 -30.44 -39.35 22.29
N LYS J 68 -31.08 -38.83 21.25
CA LYS J 68 -32.20 -39.56 20.66
C LYS J 68 -31.74 -40.61 19.67
N LEU J 69 -30.63 -40.38 18.96
CA LEU J 69 -30.14 -41.39 18.03
C LEU J 69 -29.53 -42.57 18.77
N GLU J 70 -28.73 -42.31 19.80
CA GLU J 70 -27.99 -43.36 20.48
C GLU J 70 -28.63 -43.83 21.78
N GLY J 71 -29.81 -43.31 22.13
CA GLY J 71 -30.49 -43.72 23.34
C GLY J 71 -29.81 -43.36 24.63
N VAL J 72 -28.73 -42.59 24.59
CA VAL J 72 -27.99 -42.22 25.80
C VAL J 72 -27.34 -40.86 25.56
N PRO J 73 -27.30 -39.98 26.55
CA PRO J 73 -26.66 -38.67 26.33
C PRO J 73 -25.15 -38.81 26.23
N LEU J 74 -24.53 -37.75 25.74
CA LEU J 74 -23.08 -37.71 25.63
C LEU J 74 -22.42 -37.63 27.00
N THR J 75 -21.23 -38.23 27.10
CA THR J 75 -20.38 -37.95 28.24
C THR J 75 -20.01 -36.47 28.24
N PHE J 76 -19.73 -35.93 29.43
CA PHE J 76 -19.42 -34.51 29.53
C PHE J 76 -18.22 -34.13 28.68
N ALA J 77 -17.24 -35.04 28.58
CA ALA J 77 -16.11 -34.80 27.69
C ALA J 77 -16.57 -34.64 26.24
N GLY J 78 -17.58 -35.41 25.84
CA GLY J 78 -18.10 -35.28 24.49
C GLY J 78 -18.80 -33.95 24.26
N LYS J 79 -19.59 -33.49 25.25
CA LYS J 79 -20.22 -32.18 25.14
C LYS J 79 -19.16 -31.08 25.01
N ILE J 80 -18.14 -31.12 25.87
CA ILE J 80 -17.02 -30.19 25.76
C ILE J 80 -16.45 -30.21 24.36
N ASN J 81 -16.18 -31.42 23.84
CA ASN J 81 -15.52 -31.55 22.55
C ASN J 81 -16.38 -30.97 21.43
N ARG J 82 -17.68 -31.23 21.47
CA ARG J 82 -18.57 -30.71 20.43
C ARG J 82 -18.61 -29.18 20.47
N LEU J 83 -18.77 -28.61 21.66
CA LEU J 83 -18.78 -27.15 21.77
C LEU J 83 -17.49 -26.54 21.23
N ALA J 84 -16.34 -27.13 21.61
CA ALA J 84 -15.06 -26.63 21.15
C ALA J 84 -14.93 -26.72 19.63
N ILE J 85 -15.35 -27.84 19.04
CA ILE J 85 -15.32 -27.99 17.59
C ILE J 85 -16.17 -26.90 16.94
N MET J 86 -17.34 -26.61 17.51
CA MET J 86 -18.20 -25.56 16.97
C MET J 86 -17.50 -24.20 16.98
N VAL J 87 -16.91 -23.83 18.11
CA VAL J 87 -16.21 -22.55 18.21
C VAL J 87 -15.10 -22.46 17.17
N ARG J 88 -14.27 -23.51 17.08
CA ARG J 88 -13.26 -23.56 16.03
C ARG J 88 -13.89 -23.38 14.66
N GLY J 89 -15.07 -23.94 14.45
CA GLY J 89 -15.75 -23.78 13.18
C GLY J 89 -16.11 -22.33 12.88
N ASN J 90 -16.39 -21.55 13.93
CA ASN J 90 -16.67 -20.13 13.73
C ASN J 90 -15.42 -19.25 13.77
N LEU J 91 -14.23 -19.82 14.02
CA LEU J 91 -13.00 -19.03 14.04
C LEU J 91 -12.84 -18.15 12.80
N ALA J 92 -13.14 -18.70 11.61
CA ALA J 92 -12.88 -17.99 10.36
C ALA J 92 -13.60 -16.65 10.33
N ALA J 93 -14.92 -16.66 10.52
CA ALA J 93 -15.67 -15.41 10.55
C ALA J 93 -15.36 -14.61 11.81
N ALA J 94 -14.93 -15.27 12.89
CA ALA J 94 -14.51 -14.54 14.08
C ALA J 94 -13.35 -13.61 13.78
N MET J 95 -12.44 -14.02 12.88
CA MET J 95 -11.39 -13.11 12.45
C MET J 95 -11.92 -11.99 11.56
N GLN J 96 -13.17 -12.05 11.12
CA GLN J 96 -13.79 -11.00 10.34
C GLN J 96 -14.77 -10.16 11.15
N GLY J 97 -14.73 -10.25 12.47
CA GLY J 97 -15.57 -9.45 13.35
C GLY J 97 -16.67 -10.22 14.04
N LEU J 98 -17.05 -11.40 13.54
CA LEU J 98 -18.13 -12.20 14.12
C LEU J 98 -17.57 -13.12 15.22
N LEU J 99 -17.10 -12.50 16.29
CA LEU J 99 -16.46 -13.19 17.40
C LEU J 99 -17.45 -13.41 18.54
N ALA J 100 -17.41 -14.60 19.13
CA ALA J 100 -18.27 -14.93 20.27
C ALA J 100 -17.68 -16.15 20.96
N LEU J 101 -17.54 -16.05 22.29
CA LEU J 101 -16.96 -17.11 23.09
C LEU J 101 -17.98 -17.68 24.07
N PRO J 102 -17.99 -19.00 24.26
CA PRO J 102 -18.90 -19.60 25.23
C PRO J 102 -18.22 -19.94 26.55
N LEU J 103 -19.02 -19.96 27.62
CA LEU J 103 -18.64 -20.47 28.91
C LEU J 103 -19.65 -21.56 29.28
N LEU J 104 -19.14 -22.72 29.69
CA LEU J 104 -19.95 -23.90 29.92
C LEU J 104 -20.01 -24.20 31.41
N ALA J 105 -21.21 -24.48 31.91
CA ALA J 105 -21.40 -24.95 33.27
C ALA J 105 -22.21 -26.23 33.23
N GLY J 106 -21.82 -27.21 34.02
CA GLY J 106 -22.51 -28.49 33.98
C GLY J 106 -22.43 -29.23 35.30
N TYR J 107 -23.12 -30.36 35.35
CA TYR J 107 -23.08 -31.26 36.50
C TYR J 107 -23.01 -32.68 35.94
N ASP J 108 -21.84 -33.31 36.05
CA ASP J 108 -21.63 -34.61 35.44
C ASP J 108 -22.27 -35.68 36.32
N ILE J 109 -23.35 -36.29 35.81
CA ILE J 109 -24.03 -37.35 36.54
C ILE J 109 -23.12 -38.56 36.73
N HIS J 110 -22.09 -38.71 35.90
CA HIS J 110 -21.15 -39.81 36.01
C HIS J 110 -19.88 -39.44 36.76
N ALA J 111 -19.98 -38.53 37.73
CA ALA J 111 -18.85 -38.17 38.56
C ALA J 111 -18.85 -39.02 39.83
N SER J 112 -17.65 -39.28 40.36
CA SER J 112 -17.53 -40.11 41.55
C SER J 112 -18.20 -39.46 42.76
N ASP J 113 -17.81 -38.22 43.06
CA ASP J 113 -18.34 -37.53 44.22
C ASP J 113 -19.42 -36.55 43.78
N PRO J 114 -20.69 -36.76 44.14
CA PRO J 114 -21.74 -35.80 43.75
C PRO J 114 -21.52 -34.41 44.34
N GLN J 115 -20.73 -34.28 45.41
CA GLN J 115 -20.41 -32.96 45.93
C GLN J 115 -19.52 -32.20 44.96
N SER J 116 -18.60 -32.90 44.29
CA SER J 116 -17.69 -32.28 43.33
C SER J 116 -17.98 -32.74 41.91
N ALA J 117 -19.25 -32.68 41.49
CA ALA J 117 -19.63 -32.99 40.13
C ALA J 117 -19.87 -31.74 39.29
N GLY J 118 -19.77 -30.55 39.90
CA GLY J 118 -19.91 -29.32 39.13
C GLY J 118 -18.73 -29.13 38.20
N ARG J 119 -19.01 -28.59 37.01
CA ARG J 119 -18.03 -28.42 35.97
C ARG J 119 -18.12 -27.01 35.39
N ILE J 120 -16.96 -26.41 35.14
CA ILE J 120 -16.86 -25.11 34.46
C ILE J 120 -15.80 -25.23 33.39
N VAL J 121 -16.16 -24.95 32.15
CA VAL J 121 -15.25 -25.10 31.02
C VAL J 121 -15.23 -23.78 30.26
N SER J 122 -14.03 -23.25 30.01
CA SER J 122 -13.85 -22.03 29.25
C SER J 122 -13.24 -22.34 27.89
N PHE J 123 -13.51 -21.48 26.91
CA PHE J 123 -13.09 -21.66 25.53
C PHE J 123 -12.48 -20.36 25.01
N ASP J 124 -11.71 -20.49 23.94
CA ASP J 124 -11.14 -19.35 23.23
C ASP J 124 -11.55 -19.40 21.76
N ALA J 125 -11.14 -18.38 21.01
CA ALA J 125 -11.58 -18.21 19.63
C ALA J 125 -11.24 -19.40 18.74
N ALA J 126 -10.25 -20.21 19.11
CA ALA J 126 -9.80 -21.33 18.30
C ALA J 126 -10.30 -22.68 18.80
N GLY J 127 -11.22 -22.70 19.75
CA GLY J 127 -11.75 -23.94 20.26
C GLY J 127 -10.96 -24.58 21.38
N GLY J 128 -9.81 -24.00 21.75
CA GLY J 128 -9.11 -24.48 22.92
C GLY J 128 -10.02 -24.40 24.13
N TRP J 129 -9.92 -25.36 25.04
CA TRP J 129 -10.81 -25.40 26.18
C TRP J 129 -10.02 -25.72 27.44
N ASN J 130 -10.53 -25.27 28.58
CA ASN J 130 -9.88 -25.47 29.86
C ASN J 130 -10.94 -25.71 30.92
N ILE J 131 -10.83 -26.83 31.63
CA ILE J 131 -11.69 -27.11 32.77
C ILE J 131 -11.15 -26.36 33.98
N GLU J 132 -12.02 -25.62 34.66
CA GLU J 132 -11.62 -24.79 35.79
C GLU J 132 -11.64 -25.63 37.07
N GLU J 133 -10.48 -25.72 37.73
CA GLU J 133 -10.36 -26.40 39.01
C GLU J 133 -10.16 -25.42 40.16
N GLU J 134 -10.45 -24.14 39.96
CA GLU J 134 -10.34 -23.15 41.02
C GLU J 134 -11.68 -22.60 41.48
N GLY J 135 -12.78 -23.02 40.88
CA GLY J 135 -14.09 -22.72 41.43
C GLY J 135 -14.98 -21.85 40.56
N TYR J 136 -14.43 -20.77 40.02
CA TYR J 136 -15.21 -19.78 39.29
C TYR J 136 -14.52 -19.44 37.98
N GLN J 137 -15.29 -18.81 37.10
CA GLN J 137 -14.79 -18.36 35.80
C GLN J 137 -15.78 -17.35 35.23
N ALA J 138 -15.28 -16.51 34.33
CA ALA J 138 -16.10 -15.47 33.73
C ALA J 138 -15.58 -15.17 32.33
N VAL J 139 -16.47 -14.69 31.47
CA VAL J 139 -16.13 -14.36 30.09
C VAL J 139 -16.89 -13.10 29.69
N GLY J 140 -16.21 -12.23 28.94
CA GLY J 140 -16.82 -11.00 28.46
C GLY J 140 -15.99 -9.79 28.82
N SER J 141 -16.53 -8.62 28.49
CA SER J 141 -15.81 -7.36 28.70
C SER J 141 -15.64 -7.00 30.16
N GLY J 142 -16.41 -7.62 31.06
CA GLY J 142 -16.24 -7.38 32.48
C GLY J 142 -15.78 -8.61 33.23
N SER J 143 -15.24 -9.59 32.49
CA SER J 143 -14.86 -10.85 33.10
C SER J 143 -13.74 -10.69 34.11
N LEU J 144 -12.86 -9.70 33.91
CA LEU J 144 -11.75 -9.52 34.84
C LEU J 144 -12.24 -8.95 36.17
N PHE J 145 -13.09 -7.92 36.12
CA PHE J 145 -13.61 -7.34 37.36
C PHE J 145 -14.42 -8.37 38.14
N ALA J 146 -15.19 -9.20 37.44
CA ALA J 146 -15.97 -10.22 38.12
C ALA J 146 -15.09 -11.33 38.68
N LYS J 147 -14.06 -11.74 37.93
CA LYS J 147 -13.15 -12.77 38.42
C LYS J 147 -12.40 -12.29 39.65
N SER J 148 -11.94 -11.04 39.64
CA SER J 148 -11.23 -10.50 40.79
C SER J 148 -12.18 -10.22 41.97
N SER J 149 -13.46 -10.03 41.71
CA SER J 149 -14.43 -9.94 42.81
C SER J 149 -14.66 -11.31 43.45
N MET J 150 -14.88 -12.34 42.61
CA MET J 150 -15.09 -13.68 43.13
C MET J 150 -13.83 -14.22 43.81
N LYS J 151 -12.65 -13.73 43.42
CA LYS J 151 -11.42 -14.11 44.12
C LYS J 151 -11.52 -13.80 45.60
N LYS J 152 -12.18 -12.71 45.95
CA LYS J 152 -12.33 -12.32 47.35
C LYS J 152 -13.63 -12.83 47.97
N LEU J 153 -14.68 -13.06 47.17
CA LEU J 153 -15.97 -13.46 47.72
C LEU J 153 -16.22 -14.96 47.70
N TYR J 154 -15.31 -15.76 47.15
CA TYR J 154 -15.62 -17.17 46.93
C TYR J 154 -15.62 -17.99 48.22
N SER J 155 -14.87 -17.56 49.24
CA SER J 155 -14.87 -18.28 50.51
C SER J 155 -16.21 -18.16 51.25
N GLN J 156 -17.12 -17.32 50.78
CA GLN J 156 -18.44 -17.21 51.39
C GLN J 156 -19.41 -18.27 50.87
N VAL J 157 -19.11 -18.90 49.74
CA VAL J 157 -20.01 -19.88 49.15
C VAL J 157 -20.02 -21.14 50.00
N THR J 158 -21.19 -21.51 50.50
CA THR J 158 -21.32 -22.73 51.29
C THR J 158 -22.48 -23.59 50.79
N ASP J 159 -23.48 -22.96 50.19
CA ASP J 159 -24.63 -23.68 49.64
C ASP J 159 -24.97 -23.04 48.30
N GLY J 160 -26.19 -23.29 47.82
CA GLY J 160 -26.59 -22.74 46.53
C GLY J 160 -26.90 -21.26 46.59
N ASP J 161 -27.52 -20.80 47.67
CA ASP J 161 -27.93 -19.40 47.75
C ASP J 161 -26.73 -18.47 47.93
N SER J 162 -25.72 -18.91 48.69
CA SER J 162 -24.52 -18.10 48.82
C SER J 162 -23.75 -18.03 47.50
N GLY J 163 -23.75 -19.12 46.74
CA GLY J 163 -23.15 -19.08 45.41
C GLY J 163 -23.89 -18.16 44.47
N LEU J 164 -25.23 -18.19 44.52
CA LEU J 164 -26.02 -17.26 43.71
C LEU J 164 -25.74 -15.82 44.09
N ARG J 165 -25.63 -15.55 45.40
CA ARG J 165 -25.30 -14.20 45.86
C ARG J 165 -23.95 -13.76 45.32
N VAL J 166 -22.93 -14.59 45.48
CA VAL J 166 -21.58 -14.22 45.04
C VAL J 166 -21.55 -14.01 43.53
N ALA J 167 -22.34 -14.78 42.79
CA ALA J 167 -22.38 -14.61 41.33
C ALA J 167 -23.04 -13.28 40.96
N VAL J 168 -24.17 -12.97 41.59
CA VAL J 168 -24.87 -11.72 41.29
C VAL J 168 -24.01 -10.53 41.67
N GLU J 169 -23.27 -10.64 42.78
CA GLU J 169 -22.37 -9.55 43.17
C GLU J 169 -21.19 -9.43 42.22
N ALA J 170 -20.72 -10.57 41.68
CA ALA J 170 -19.69 -10.51 40.65
C ALA J 170 -20.19 -9.75 39.42
N LEU J 171 -21.40 -10.05 38.96
CA LEU J 171 -21.97 -9.27 37.87
C LEU J 171 -22.15 -7.82 38.25
N TYR J 172 -22.40 -7.54 39.53
CA TYR J 172 -22.54 -6.15 39.97
C TYR J 172 -21.23 -5.39 39.85
N ASP J 173 -20.12 -6.01 40.27
CA ASP J 173 -18.82 -5.35 40.11
C ASP J 173 -18.45 -5.22 38.64
N ALA J 174 -18.81 -6.22 37.83
CA ALA J 174 -18.54 -6.16 36.40
C ALA J 174 -19.25 -4.95 35.77
N ALA J 175 -20.57 -4.85 35.97
CA ALA J 175 -21.29 -3.69 35.47
C ALA J 175 -20.80 -2.40 36.11
N ASP J 176 -20.25 -2.49 37.32
CA ASP J 176 -19.78 -1.30 38.02
C ASP J 176 -18.56 -0.72 37.33
N ASP J 177 -17.65 -1.57 36.85
CA ASP J 177 -16.41 -1.09 36.26
C ASP J 177 -16.38 -1.16 34.73
N ASP J 178 -17.42 -1.70 34.09
CA ASP J 178 -17.44 -1.89 32.65
C ASP J 178 -18.78 -1.42 32.10
N SER J 179 -18.74 -0.44 31.18
CA SER J 179 -19.97 0.14 30.64
C SER J 179 -20.71 -0.81 29.71
N ALA J 180 -20.02 -1.79 29.14
CA ALA J 180 -20.66 -2.76 28.25
C ALA J 180 -21.44 -3.83 29.01
N THR J 181 -21.33 -3.88 30.33
CA THR J 181 -22.07 -4.81 31.17
C THR J 181 -23.16 -4.05 31.91
N GLY J 182 -24.39 -4.59 31.86
CA GLY J 182 -25.52 -3.93 32.48
C GLY J 182 -25.74 -4.39 33.91
N GLY J 183 -25.99 -3.43 34.78
CA GLY J 183 -26.30 -3.72 36.17
C GLY J 183 -27.79 -3.89 36.38
N PRO J 184 -28.20 -4.07 37.64
CA PRO J 184 -29.64 -4.09 37.93
C PRO J 184 -30.30 -2.77 37.54
N ASP J 185 -31.46 -2.88 36.91
CA ASP J 185 -32.24 -1.73 36.48
C ASP J 185 -33.48 -1.67 37.38
N LEU J 186 -33.35 -0.94 38.50
CA LEU J 186 -34.47 -0.83 39.42
C LEU J 186 -35.65 -0.10 38.79
N VAL J 187 -35.38 0.81 37.84
CA VAL J 187 -36.46 1.56 37.21
C VAL J 187 -37.34 0.64 36.38
N ARG J 188 -36.73 -0.17 35.52
CA ARG J 188 -37.49 -1.06 34.64
C ARG J 188 -37.73 -2.44 35.25
N GLY J 189 -37.05 -2.78 36.35
CA GLY J 189 -37.22 -4.08 36.94
C GLY J 189 -36.53 -5.20 36.19
N ILE J 190 -35.46 -4.89 35.48
CA ILE J 190 -34.71 -5.87 34.69
C ILE J 190 -33.48 -6.28 35.48
N PHE J 191 -33.26 -7.58 35.58
CA PHE J 191 -32.20 -8.13 36.42
C PHE J 191 -31.44 -9.21 35.68
N PRO J 192 -30.20 -9.51 36.10
CA PRO J 192 -29.45 -10.59 35.45
C PRO J 192 -30.20 -11.91 35.51
N THR J 193 -29.88 -12.79 34.57
CA THR J 193 -30.48 -14.12 34.57
C THR J 193 -29.48 -15.12 35.14
N ALA J 194 -30.00 -16.25 35.60
CA ALA J 194 -29.15 -17.26 36.21
C ALA J 194 -29.79 -18.63 36.09
N VAL J 195 -28.95 -19.64 35.84
CA VAL J 195 -29.33 -21.04 35.88
C VAL J 195 -28.52 -21.70 36.98
N ILE J 196 -29.19 -22.55 37.76
CA ILE J 196 -28.53 -23.35 38.79
C ILE J 196 -28.72 -24.82 38.45
N ILE J 197 -27.66 -25.62 38.65
CA ILE J 197 -27.65 -27.02 38.27
C ILE J 197 -27.15 -27.85 39.45
N ASP J 198 -27.84 -28.95 39.73
CA ASP J 198 -27.36 -29.92 40.71
C ASP J 198 -27.77 -31.31 40.24
N ALA J 199 -27.83 -32.26 41.16
CA ALA J 199 -28.21 -33.63 40.80
C ALA J 199 -29.63 -33.69 40.25
N ASP J 200 -30.50 -32.79 40.69
CA ASP J 200 -31.86 -32.74 40.18
C ASP J 200 -31.94 -32.18 38.76
N GLY J 201 -30.87 -31.58 38.26
CA GLY J 201 -30.89 -31.03 36.92
C GLY J 201 -30.57 -29.56 36.85
N ALA J 202 -30.88 -28.93 35.72
CA ALA J 202 -30.62 -27.51 35.49
C ALA J 202 -31.93 -26.76 35.40
N VAL J 203 -32.07 -25.69 36.20
CA VAL J 203 -33.30 -24.93 36.25
C VAL J 203 -32.98 -23.43 36.26
N ASP J 204 -33.90 -22.66 35.68
CA ASP J 204 -33.79 -21.20 35.68
C ASP J 204 -34.10 -20.65 37.06
N VAL J 205 -33.27 -19.73 37.53
CA VAL J 205 -33.49 -19.10 38.83
C VAL J 205 -34.58 -18.04 38.67
N PRO J 206 -35.59 -18.02 39.55
CA PRO J 206 -36.66 -17.03 39.41
C PRO J 206 -36.14 -15.60 39.47
N GLU J 207 -36.82 -14.71 38.73
CA GLU J 207 -36.43 -13.31 38.70
C GLU J 207 -36.43 -12.71 40.10
N SER J 208 -37.43 -13.06 40.91
CA SER J 208 -37.59 -12.42 42.22
C SER J 208 -36.39 -12.66 43.12
N ARG J 209 -35.84 -13.87 43.11
CA ARG J 209 -34.69 -14.17 43.96
C ARG J 209 -33.50 -13.28 43.61
N ILE J 210 -33.17 -13.19 42.32
CA ILE J 210 -32.07 -12.33 41.87
C ILE J 210 -32.37 -10.87 42.19
N ALA J 211 -33.65 -10.48 42.11
CA ALA J 211 -34.02 -9.12 42.50
C ALA J 211 -33.67 -8.86 43.96
N GLU J 212 -34.11 -9.75 44.85
CA GLU J 212 -33.84 -9.58 46.28
C GLU J 212 -32.34 -9.52 46.55
N LEU J 213 -31.57 -10.40 45.91
CA LEU J 213 -30.13 -10.40 46.13
C LEU J 213 -29.49 -9.10 45.65
N ALA J 214 -29.88 -8.65 44.45
CA ALA J 214 -29.35 -7.39 43.92
C ALA J 214 -29.66 -6.23 44.85
N ARG J 215 -30.90 -6.15 45.32
CA ARG J 215 -31.29 -5.07 46.23
C ARG J 215 -30.49 -5.14 47.53
N ALA J 216 -30.25 -6.35 48.04
CA ALA J 216 -29.39 -6.49 49.21
C ALA J 216 -28.00 -5.96 48.95
N ILE J 217 -27.47 -6.20 47.74
CA ILE J 217 -26.14 -5.71 47.39
C ILE J 217 -26.13 -4.18 47.36
N ILE J 218 -27.11 -3.59 46.66
CA ILE J 218 -27.20 -2.14 46.54
C ILE J 218 -27.27 -1.49 47.91
N GLU J 219 -28.25 -1.90 48.72
CA GLU J 219 -28.39 -1.34 50.06
C GLU J 219 -27.13 -1.56 50.88
N SER J 220 -26.45 -2.70 50.69
CA SER J 220 -25.21 -2.95 51.40
C SER J 220 -24.14 -1.92 51.05
N ARG J 221 -24.04 -1.55 49.77
CA ARG J 221 -22.98 -0.65 49.34
C ARG J 221 -23.34 0.83 49.49
N SER J 222 -24.53 1.15 49.99
CA SER J 222 -24.95 2.54 50.12
C SER J 222 -24.62 3.09 51.51
N THR K 1 -33.86 7.10 4.90
CA THR K 1 -34.97 6.21 5.21
C THR K 1 -35.23 6.18 6.72
N THR K 2 -36.50 6.05 7.10
CA THR K 2 -36.87 5.76 8.47
C THR K 2 -38.13 4.92 8.48
N ILE K 3 -38.08 3.80 9.19
CA ILE K 3 -39.21 2.88 9.38
C ILE K 3 -39.48 2.78 10.87
N VAL K 4 -40.75 2.90 11.26
CA VAL K 4 -41.14 2.78 12.66
C VAL K 4 -42.19 1.67 12.80
N ALA K 5 -42.20 1.04 13.97
CA ALA K 5 -43.19 0.04 14.32
C ALA K 5 -43.47 0.16 15.80
N LEU K 6 -44.75 0.07 16.18
CA LEU K 6 -45.10 0.13 17.59
C LEU K 6 -46.28 -0.79 17.88
N LYS K 7 -46.31 -1.28 19.11
CA LYS K 7 -47.39 -2.13 19.60
C LYS K 7 -48.47 -1.28 20.26
N TYR K 8 -49.72 -1.64 20.03
CA TYR K 8 -50.87 -1.08 20.71
C TYR K 8 -51.74 -2.24 21.20
N PRO K 9 -52.63 -1.99 22.18
CA PRO K 9 -53.48 -3.08 22.68
C PRO K 9 -54.29 -3.76 21.57
N GLY K 10 -53.85 -4.95 21.18
CA GLY K 10 -54.53 -5.76 20.18
C GLY K 10 -53.93 -5.71 18.79
N GLY K 11 -52.79 -5.06 18.61
CA GLY K 11 -52.18 -5.08 17.29
C GLY K 11 -50.88 -4.30 17.24
N VAL K 12 -50.38 -4.15 16.02
CA VAL K 12 -49.16 -3.42 15.73
C VAL K 12 -49.41 -2.48 14.56
N VAL K 13 -48.58 -1.45 14.45
CA VAL K 13 -48.56 -0.59 13.27
C VAL K 13 -47.13 -0.36 12.84
N MET K 14 -46.93 -0.24 11.53
CA MET K 14 -45.63 0.03 10.95
C MET K 14 -45.77 1.08 9.86
N ALA K 15 -44.99 2.15 9.95
CA ALA K 15 -45.06 3.24 8.98
C ALA K 15 -43.67 3.53 8.45
N GLY K 16 -43.62 3.99 7.20
CA GLY K 16 -42.37 4.29 6.54
C GLY K 16 -42.50 5.49 5.64
N ASP K 17 -41.39 6.23 5.53
CA ASP K 17 -41.33 7.42 4.70
C ASP K 17 -41.22 7.03 3.22
N ARG K 18 -41.11 8.04 2.36
CA ARG K 18 -41.24 7.85 0.91
C ARG K 18 -40.02 8.31 0.12
N ARG K 19 -38.92 8.68 0.78
CA ARG K 19 -37.83 9.38 0.14
C ARG K 19 -36.72 8.43 -0.30
N SER K 20 -36.14 8.70 -1.46
CA SER K 20 -34.91 8.08 -1.91
C SER K 20 -33.90 9.17 -2.28
N THR K 21 -32.70 9.09 -1.72
CA THR K 21 -31.64 10.03 -2.01
C THR K 21 -30.45 9.31 -2.61
N GLN K 22 -29.77 10.00 -3.53
CA GLN K 22 -28.53 9.53 -4.16
C GLN K 22 -27.46 10.55 -3.80
N GLY K 23 -26.77 10.32 -2.69
CA GLY K 23 -25.96 11.37 -2.09
C GLY K 23 -26.87 12.43 -1.50
N ASN K 24 -26.70 13.68 -1.94
CA ASN K 24 -27.60 14.74 -1.51
C ASN K 24 -28.80 14.92 -2.44
N MET K 25 -28.70 14.45 -3.68
CA MET K 25 -29.81 14.58 -4.62
C MET K 25 -31.00 13.75 -4.18
N ILE K 26 -32.20 14.30 -4.39
CA ILE K 26 -33.44 13.58 -4.11
C ILE K 26 -33.81 12.80 -5.36
N SER K 27 -33.78 11.46 -5.24
CA SER K 27 -34.00 10.57 -6.37
C SER K 27 -35.35 9.85 -6.31
N GLY K 28 -36.14 10.07 -5.27
CA GLY K 28 -37.44 9.44 -5.16
C GLY K 28 -38.35 10.11 -4.14
N ARG K 29 -39.60 10.36 -4.53
CA ARG K 29 -40.57 11.05 -3.70
C ARG K 29 -41.74 10.15 -3.31
N ASP K 30 -41.70 8.85 -3.66
CA ASP K 30 -42.87 8.02 -3.50
C ASP K 30 -42.53 6.57 -3.14
N VAL K 31 -41.34 6.31 -2.61
CA VAL K 31 -40.92 4.94 -2.36
C VAL K 31 -41.80 4.32 -1.29
N ARG K 32 -42.34 3.14 -1.58
CA ARG K 32 -43.12 2.36 -0.62
C ARG K 32 -42.20 1.32 0.00
N LYS K 33 -41.99 1.43 1.31
CA LYS K 33 -40.97 0.66 2.01
C LYS K 33 -41.54 -0.31 3.03
N VAL K 34 -42.87 -0.45 3.10
CA VAL K 34 -43.53 -1.31 4.08
C VAL K 34 -44.42 -2.28 3.31
N TYR K 35 -44.04 -3.55 3.30
CA TYR K 35 -44.76 -4.58 2.55
C TYR K 35 -45.51 -5.49 3.51
N ILE K 36 -46.71 -5.90 3.10
CA ILE K 36 -47.45 -6.95 3.80
C ILE K 36 -46.91 -8.29 3.32
N THR K 37 -46.20 -9.00 4.19
CA THR K 37 -45.56 -10.25 3.79
C THR K 37 -46.42 -11.48 4.07
N ASP K 38 -47.35 -11.42 5.03
CA ASP K 38 -48.41 -12.41 5.07
C ASP K 38 -49.59 -11.84 5.87
N ASP K 39 -50.64 -12.66 6.00
CA ASP K 39 -51.88 -12.21 6.62
C ASP K 39 -51.68 -11.55 7.97
N TYR K 40 -50.58 -11.84 8.66
CA TYR K 40 -50.34 -11.28 9.98
C TYR K 40 -48.93 -10.72 10.12
N THR K 41 -48.28 -10.35 9.01
CA THR K 41 -46.90 -9.90 9.10
C THR K 41 -46.61 -8.87 8.02
N ALA K 42 -45.99 -7.77 8.44
CA ALA K 42 -45.50 -6.70 7.58
C ALA K 42 -44.01 -6.49 7.82
N THR K 43 -43.29 -6.16 6.76
CA THR K 43 -41.84 -5.97 6.80
C THR K 43 -41.48 -4.60 6.23
N GLY K 44 -40.73 -3.82 7.00
CA GLY K 44 -40.25 -2.53 6.52
C GLY K 44 -38.74 -2.47 6.47
N ILE K 45 -38.18 -2.32 5.28
CA ILE K 45 -36.73 -2.40 5.08
C ILE K 45 -36.16 -0.99 4.96
N ALA K 46 -34.86 -0.87 5.25
CA ALA K 46 -34.11 0.36 5.05
C ALA K 46 -32.77 0.00 4.44
N GLY K 47 -32.41 0.66 3.34
CA GLY K 47 -31.14 0.41 2.70
C GLY K 47 -31.19 0.39 1.19
N THR K 48 -30.28 -0.36 0.57
CA THR K 48 -30.24 -0.47 -0.88
C THR K 48 -31.56 -1.01 -1.41
N ALA K 49 -32.15 -0.27 -2.37
CA ALA K 49 -33.49 -0.60 -2.84
C ALA K 49 -33.56 -2.02 -3.42
N ALA K 50 -32.54 -2.40 -4.19
CA ALA K 50 -32.52 -3.75 -4.77
C ALA K 50 -32.62 -4.81 -3.68
N VAL K 51 -31.78 -4.69 -2.65
CA VAL K 51 -31.77 -5.68 -1.57
C VAL K 51 -33.10 -5.66 -0.82
N ALA K 52 -33.71 -4.48 -0.69
CA ALA K 52 -34.98 -4.36 0.02
C ALA K 52 -36.09 -5.10 -0.72
N VAL K 53 -36.24 -4.83 -2.02
CA VAL K 53 -37.30 -5.50 -2.78
C VAL K 53 -37.05 -6.99 -2.83
N GLU K 54 -35.80 -7.40 -3.02
CA GLU K 54 -35.46 -8.82 -3.01
C GLU K 54 -35.88 -9.47 -1.69
N PHE K 55 -35.51 -8.85 -0.56
CA PHE K 55 -35.89 -9.37 0.75
C PHE K 55 -37.40 -9.52 0.88
N ALA K 56 -38.14 -8.46 0.54
CA ALA K 56 -39.59 -8.48 0.72
C ALA K 56 -40.24 -9.58 -0.12
N ARG K 57 -40.00 -9.55 -1.43
CA ARG K 57 -40.65 -10.50 -2.32
C ARG K 57 -40.27 -11.94 -1.96
N LEU K 58 -38.97 -12.19 -1.79
CA LEU K 58 -38.53 -13.56 -1.52
C LEU K 58 -39.06 -14.05 -0.19
N TYR K 59 -39.13 -13.17 0.82
CA TYR K 59 -39.63 -13.56 2.13
C TYR K 59 -41.11 -13.91 2.07
N ALA K 60 -41.92 -13.04 1.45
CA ALA K 60 -43.34 -13.34 1.29
C ALA K 60 -43.55 -14.66 0.57
N VAL K 61 -42.80 -14.87 -0.52
CA VAL K 61 -42.88 -16.13 -1.26
C VAL K 61 -42.54 -17.31 -0.35
N GLU K 62 -41.56 -17.12 0.54
CA GLU K 62 -41.16 -18.22 1.42
C GLU K 62 -42.28 -18.57 2.40
N LEU K 63 -42.87 -17.56 3.02
CA LEU K 63 -43.95 -17.81 3.97
C LEU K 63 -45.13 -18.51 3.31
N GLU K 64 -45.62 -17.96 2.19
CA GLU K 64 -46.73 -18.62 1.51
C GLU K 64 -46.33 -20.01 1.02
N HIS K 65 -45.08 -20.19 0.63
CA HIS K 65 -44.59 -21.49 0.17
C HIS K 65 -44.73 -22.53 1.27
N TYR K 66 -44.16 -22.27 2.44
CA TYR K 66 -44.33 -23.19 3.56
C TYR K 66 -45.81 -23.42 3.85
N GLU K 67 -46.62 -22.36 3.81
CA GLU K 67 -48.03 -22.50 4.15
C GLU K 67 -48.74 -23.47 3.22
N LYS K 68 -48.57 -23.31 1.90
CA LYS K 68 -49.25 -24.18 0.95
C LYS K 68 -48.67 -25.59 0.97
N LEU K 69 -47.37 -25.73 1.24
CA LEU K 69 -46.77 -27.06 1.27
C LEU K 69 -47.26 -27.86 2.47
N GLU K 70 -47.26 -27.27 3.66
CA GLU K 70 -47.57 -27.97 4.89
C GLU K 70 -49.01 -27.79 5.36
N GLY K 71 -49.79 -26.98 4.65
CA GLY K 71 -51.18 -26.76 5.04
C GLY K 71 -51.37 -25.97 6.32
N VAL K 72 -50.33 -25.31 6.81
CA VAL K 72 -50.39 -24.54 8.05
C VAL K 72 -49.27 -23.52 8.00
N PRO K 73 -49.48 -22.28 8.48
CA PRO K 73 -48.40 -21.30 8.46
C PRO K 73 -47.32 -21.63 9.49
N LEU K 74 -46.16 -21.00 9.28
CA LEU K 74 -45.08 -21.09 10.26
C LEU K 74 -45.49 -20.42 11.56
N THR K 75 -44.95 -20.93 12.67
CA THR K 75 -44.99 -20.18 13.91
C THR K 75 -44.25 -18.86 13.73
N PHE K 76 -44.57 -17.89 14.58
CA PHE K 76 -43.91 -16.59 14.45
C PHE K 76 -42.41 -16.72 14.64
N ALA K 77 -41.99 -17.59 15.56
CA ALA K 77 -40.57 -17.87 15.72
C ALA K 77 -39.96 -18.37 14.41
N GLY K 78 -40.67 -19.26 13.70
CA GLY K 78 -40.18 -19.72 12.41
C GLY K 78 -39.99 -18.59 11.43
N LYS K 79 -40.96 -17.68 11.35
CA LYS K 79 -40.84 -16.53 10.47
C LYS K 79 -39.61 -15.71 10.82
N ILE K 80 -39.43 -15.40 12.11
CA ILE K 80 -38.25 -14.66 12.56
C ILE K 80 -36.98 -15.36 12.10
N ASN K 81 -36.91 -16.68 12.30
CA ASN K 81 -35.70 -17.42 11.96
C ASN K 81 -35.41 -17.32 10.46
N ARG K 82 -36.44 -17.52 9.63
CA ARG K 82 -36.24 -17.45 8.19
C ARG K 82 -35.74 -16.08 7.75
N LEU K 83 -36.34 -15.01 8.30
CA LEU K 83 -35.89 -13.67 7.94
C LEU K 83 -34.42 -13.47 8.34
N ALA K 84 -34.08 -13.83 9.59
CA ALA K 84 -32.70 -13.73 10.04
C ALA K 84 -31.75 -14.46 9.12
N ILE K 85 -32.12 -15.69 8.72
CA ILE K 85 -31.30 -16.47 7.80
C ILE K 85 -31.13 -15.72 6.48
N MET K 86 -32.17 -15.03 6.02
CA MET K 86 -32.05 -14.30 4.76
C MET K 86 -31.07 -13.14 4.89
N VAL K 87 -31.17 -12.36 5.97
CA VAL K 87 -30.26 -11.23 6.16
C VAL K 87 -28.81 -11.72 6.26
N ARG K 88 -28.57 -12.71 7.12
CA ARG K 88 -27.24 -13.29 7.23
C ARG K 88 -26.75 -13.81 5.88
N GLY K 89 -27.67 -14.34 5.07
CA GLY K 89 -27.31 -14.78 3.74
C GLY K 89 -26.86 -13.65 2.84
N ASN K 90 -27.40 -12.45 3.06
CA ASN K 90 -26.95 -11.28 2.30
C ASN K 90 -25.80 -10.53 2.99
N LEU K 91 -25.28 -11.04 4.11
CA LEU K 91 -24.15 -10.37 4.76
C LEU K 91 -23.00 -10.10 3.78
N ALA K 92 -22.70 -11.07 2.91
CA ALA K 92 -21.58 -10.89 1.97
C ALA K 92 -21.81 -9.72 1.04
N ALA K 93 -22.98 -9.64 0.41
CA ALA K 93 -23.28 -8.50 -0.46
C ALA K 93 -23.27 -7.20 0.33
N ALA K 94 -23.82 -7.22 1.55
CA ALA K 94 -23.84 -6.02 2.37
C ALA K 94 -22.43 -5.54 2.69
N MET K 95 -21.45 -6.46 2.73
CA MET K 95 -20.09 -6.06 3.00
C MET K 95 -19.50 -5.16 1.92
N GLN K 96 -20.06 -5.17 0.72
CA GLN K 96 -19.55 -4.37 -0.39
C GLN K 96 -20.51 -3.27 -0.83
N GLY K 97 -21.47 -2.90 0.03
CA GLY K 97 -22.34 -1.76 -0.22
C GLY K 97 -23.81 -2.10 -0.28
N LEU K 98 -24.14 -3.33 -0.69
CA LEU K 98 -25.53 -3.74 -0.86
C LEU K 98 -26.14 -4.16 0.49
N LEU K 99 -26.14 -3.20 1.42
CA LEU K 99 -26.61 -3.42 2.77
C LEU K 99 -28.05 -2.96 2.91
N ALA K 100 -28.87 -3.80 3.55
CA ALA K 100 -30.26 -3.46 3.84
C ALA K 100 -30.70 -4.21 5.09
N LEU K 101 -31.47 -3.53 5.95
CA LEU K 101 -31.92 -4.13 7.19
C LEU K 101 -33.44 -4.11 7.29
N PRO K 102 -34.05 -5.21 7.72
CA PRO K 102 -35.50 -5.24 7.87
C PRO K 102 -35.96 -4.96 9.30
N LEU K 103 -37.18 -4.49 9.44
CA LEU K 103 -37.89 -4.39 10.70
C LEU K 103 -39.19 -5.17 10.55
N LEU K 104 -39.49 -6.03 11.52
CA LEU K 104 -40.56 -7.00 11.40
C LEU K 104 -41.69 -6.65 12.36
N ALA K 105 -42.89 -6.46 11.82
CA ALA K 105 -44.10 -6.27 12.63
C ALA K 105 -45.05 -7.43 12.36
N GLY K 106 -45.71 -7.90 13.41
CA GLY K 106 -46.60 -9.04 13.20
C GLY K 106 -47.58 -9.23 14.34
N TYR K 107 -48.57 -10.08 14.08
CA TYR K 107 -49.58 -10.46 15.06
C TYR K 107 -49.56 -11.98 15.19
N ASP K 108 -49.15 -12.47 16.36
CA ASP K 108 -49.05 -13.90 16.58
C ASP K 108 -50.41 -14.44 17.01
N ILE K 109 -51.06 -15.17 16.10
CA ILE K 109 -52.36 -15.77 16.37
C ILE K 109 -52.32 -16.81 17.47
N HIS K 110 -51.13 -17.18 17.95
CA HIS K 110 -50.99 -18.21 18.97
C HIS K 110 -50.58 -17.65 20.33
N ALA K 111 -50.61 -16.33 20.49
CA ALA K 111 -50.33 -15.74 21.79
C ALA K 111 -51.51 -15.91 22.72
N SER K 112 -51.22 -16.01 24.01
CA SER K 112 -52.25 -16.21 25.03
C SER K 112 -53.31 -15.13 24.96
N ASP K 113 -52.94 -13.90 25.32
CA ASP K 113 -53.87 -12.78 25.27
C ASP K 113 -53.73 -12.03 23.95
N PRO K 114 -54.85 -11.66 23.32
CA PRO K 114 -54.77 -10.92 22.05
C PRO K 114 -54.31 -9.48 22.21
N GLN K 115 -54.23 -8.97 23.43
CA GLN K 115 -53.86 -7.57 23.62
C GLN K 115 -52.37 -7.33 23.41
N SER K 116 -51.54 -8.33 23.70
CA SER K 116 -50.10 -8.22 23.51
C SER K 116 -49.57 -9.20 22.46
N ALA K 117 -50.46 -9.74 21.63
CA ALA K 117 -50.04 -10.63 20.55
C ALA K 117 -49.22 -9.93 19.48
N GLY K 118 -49.14 -8.59 19.52
CA GLY K 118 -48.27 -7.88 18.60
C GLY K 118 -46.81 -8.18 18.88
N ARG K 119 -46.01 -8.07 17.83
CA ARG K 119 -44.59 -8.45 17.87
C ARG K 119 -43.79 -7.52 16.98
N ILE K 120 -42.69 -7.00 17.52
CA ILE K 120 -41.76 -6.15 16.79
C ILE K 120 -40.37 -6.75 16.94
N VAL K 121 -39.75 -7.09 15.82
CA VAL K 121 -38.43 -7.73 15.81
C VAL K 121 -37.48 -6.87 14.99
N SER K 122 -36.29 -6.64 15.52
CA SER K 122 -35.24 -5.94 14.82
C SER K 122 -34.13 -6.90 14.44
N PHE K 123 -33.43 -6.59 13.34
CA PHE K 123 -32.40 -7.45 12.79
C PHE K 123 -31.15 -6.63 12.50
N ASP K 124 -30.01 -7.29 12.48
CA ASP K 124 -28.74 -6.65 12.11
C ASP K 124 -28.16 -7.31 10.87
N ALA K 125 -27.06 -6.75 10.37
CA ALA K 125 -26.47 -7.21 9.12
C ALA K 125 -25.93 -8.64 9.20
N ALA K 126 -25.76 -9.19 10.41
CA ALA K 126 -25.20 -10.52 10.60
C ALA K 126 -26.26 -11.57 10.90
N GLY K 127 -27.53 -11.26 10.71
CA GLY K 127 -28.60 -12.19 11.01
C GLY K 127 -29.09 -12.16 12.44
N GLY K 128 -28.38 -11.48 13.34
CA GLY K 128 -28.87 -11.34 14.69
C GLY K 128 -30.21 -10.64 14.74
N TRP K 129 -31.03 -11.04 15.71
CA TRP K 129 -32.38 -10.51 15.83
C TRP K 129 -32.71 -10.30 17.30
N ASN K 130 -33.76 -9.52 17.53
CA ASN K 130 -34.17 -9.20 18.90
C ASN K 130 -35.66 -8.86 18.89
N ILE K 131 -36.41 -9.51 19.77
CA ILE K 131 -37.81 -9.17 19.99
C ILE K 131 -37.87 -7.95 20.90
N GLU K 132 -38.48 -6.87 20.42
CA GLU K 132 -38.53 -5.62 21.16
C GLU K 132 -39.62 -5.70 22.22
N GLU K 133 -39.22 -5.76 23.49
CA GLU K 133 -40.14 -5.84 24.60
C GLU K 133 -40.43 -4.47 25.23
N GLU K 134 -40.12 -3.38 24.51
CA GLU K 134 -40.34 -2.05 25.04
C GLU K 134 -41.40 -1.24 24.30
N GLY K 135 -42.05 -1.84 23.29
CA GLY K 135 -43.22 -1.25 22.66
C GLY K 135 -43.01 -0.75 21.26
N TYR K 136 -41.81 -0.27 20.93
CA TYR K 136 -41.58 0.37 19.65
C TYR K 136 -40.16 0.13 19.18
N GLN K 137 -39.94 0.36 17.90
CA GLN K 137 -38.61 0.22 17.30
C GLN K 137 -38.61 0.95 15.97
N ALA K 138 -37.41 1.37 15.54
CA ALA K 138 -37.24 2.06 14.26
C ALA K 138 -35.91 1.64 13.65
N VAL K 139 -35.83 1.74 12.32
CA VAL K 139 -34.61 1.43 11.58
C VAL K 139 -34.46 2.47 10.46
N GLY K 140 -33.22 2.85 10.18
CA GLY K 140 -32.94 3.77 9.10
C GLY K 140 -32.06 4.91 9.56
N SER K 141 -31.80 5.83 8.61
CA SER K 141 -30.90 6.95 8.88
C SER K 141 -31.47 7.92 9.90
N GLY K 142 -32.77 7.87 10.17
CA GLY K 142 -33.36 8.74 11.17
C GLY K 142 -34.04 7.97 12.28
N SER K 143 -33.67 6.70 12.45
CA SER K 143 -34.32 5.85 13.44
C SER K 143 -34.03 6.27 14.87
N LEU K 144 -32.93 6.99 15.11
CA LEU K 144 -32.64 7.43 16.47
C LEU K 144 -33.51 8.60 16.87
N PHE K 145 -33.74 9.54 15.95
CA PHE K 145 -34.69 10.61 16.21
C PHE K 145 -36.09 10.06 16.39
N ALA K 146 -36.47 9.10 15.55
CA ALA K 146 -37.81 8.50 15.64
C ALA K 146 -37.98 7.75 16.97
N LYS K 147 -36.96 7.00 17.38
CA LYS K 147 -37.04 6.27 18.64
C LYS K 147 -37.10 7.24 19.82
N SER K 148 -36.26 8.26 19.82
CA SER K 148 -36.28 9.23 20.91
C SER K 148 -37.60 9.99 20.95
N SER K 149 -38.24 10.18 19.81
CA SER K 149 -39.57 10.79 19.78
C SER K 149 -40.62 9.86 20.38
N MET K 150 -40.63 8.60 19.93
CA MET K 150 -41.58 7.64 20.47
C MET K 150 -41.36 7.38 21.95
N LYS K 151 -40.15 7.62 22.46
CA LYS K 151 -39.91 7.47 23.89
C LYS K 151 -40.76 8.44 24.71
N LYS K 152 -41.03 9.62 24.17
CA LYS K 152 -41.88 10.59 24.84
C LYS K 152 -43.34 10.48 24.44
N LEU K 153 -43.62 10.08 23.19
CA LEU K 153 -44.99 10.04 22.72
C LEU K 153 -45.70 8.71 22.98
N TYR K 154 -44.98 7.69 23.44
CA TYR K 154 -45.55 6.34 23.45
C TYR K 154 -46.66 6.19 24.48
N SER K 155 -46.64 6.98 25.56
CA SER K 155 -47.69 6.88 26.56
C SER K 155 -49.06 7.30 26.01
N GLN K 156 -49.09 8.00 24.88
CA GLN K 156 -50.34 8.37 24.24
C GLN K 156 -50.95 7.24 23.42
N VAL K 157 -50.25 6.12 23.27
CA VAL K 157 -50.77 5.00 22.50
C VAL K 157 -51.80 4.26 23.36
N THR K 158 -53.06 4.33 22.96
CA THR K 158 -54.14 3.63 23.65
C THR K 158 -54.98 2.75 22.75
N ASP K 159 -54.77 2.80 21.43
CA ASP K 159 -55.52 2.00 20.47
C ASP K 159 -54.74 2.00 19.17
N GLY K 160 -55.36 1.49 18.11
CA GLY K 160 -54.71 1.48 16.81
C GLY K 160 -54.53 2.88 16.22
N ASP K 161 -55.57 3.71 16.34
CA ASP K 161 -55.54 5.04 15.72
C ASP K 161 -54.48 5.92 16.38
N SER K 162 -54.50 6.02 17.70
CA SER K 162 -53.51 6.82 18.41
C SER K 162 -52.10 6.32 18.13
N GLY K 163 -51.91 5.00 18.11
CA GLY K 163 -50.61 4.45 17.78
C GLY K 163 -50.15 4.82 16.39
N LEU K 164 -51.09 4.82 15.43
CA LEU K 164 -50.76 5.29 14.09
C LEU K 164 -50.34 6.75 14.10
N ARG K 165 -51.02 7.58 14.92
CA ARG K 165 -50.61 8.98 15.03
C ARG K 165 -49.20 9.10 15.57
N VAL K 166 -48.87 8.31 16.60
CA VAL K 166 -47.52 8.36 17.17
C VAL K 166 -46.49 7.91 16.13
N ALA K 167 -46.86 6.94 15.30
CA ALA K 167 -45.96 6.50 14.23
C ALA K 167 -45.71 7.63 13.23
N VAL K 168 -46.79 8.21 12.70
CA VAL K 168 -46.66 9.26 11.70
C VAL K 168 -45.90 10.46 12.27
N GLU K 169 -46.08 10.74 13.56
CA GLU K 169 -45.35 11.86 14.15
C GLU K 169 -43.87 11.51 14.34
N ALA K 170 -43.58 10.26 14.71
CA ALA K 170 -42.18 9.86 14.80
C ALA K 170 -41.48 9.98 13.45
N LEU K 171 -42.17 9.60 12.37
CA LEU K 171 -41.63 9.83 11.04
C LEU K 171 -41.48 11.32 10.74
N TYR K 172 -42.41 12.14 11.25
CA TYR K 172 -42.30 13.58 11.07
C TYR K 172 -41.02 14.10 11.72
N ASP K 173 -40.73 13.67 12.95
CA ASP K 173 -39.52 14.10 13.64
C ASP K 173 -38.27 13.60 12.93
N ALA K 174 -38.28 12.34 12.50
CA ALA K 174 -37.15 11.80 11.73
C ALA K 174 -36.86 12.68 10.52
N ALA K 175 -37.90 12.97 9.72
CA ALA K 175 -37.71 13.86 8.58
C ALA K 175 -37.34 15.28 9.00
N ASP K 176 -37.68 15.67 10.23
CA ASP K 176 -37.30 17.00 10.71
C ASP K 176 -35.79 17.08 10.94
N ASP K 177 -35.19 16.02 11.49
CA ASP K 177 -33.79 16.05 11.86
C ASP K 177 -32.88 15.27 10.92
N ASP K 178 -33.42 14.55 9.95
CA ASP K 178 -32.62 13.75 9.02
C ASP K 178 -33.02 14.06 7.59
N SER K 179 -32.10 14.69 6.84
CA SER K 179 -32.37 15.05 5.45
C SER K 179 -32.55 13.83 4.56
N ALA K 180 -32.13 12.65 5.01
CA ALA K 180 -32.31 11.42 4.23
C ALA K 180 -33.71 10.86 4.34
N THR K 181 -34.51 11.31 5.31
CA THR K 181 -35.89 10.87 5.49
C THR K 181 -36.82 11.97 5.01
N GLY K 182 -37.78 11.61 4.16
CA GLY K 182 -38.68 12.57 3.56
C GLY K 182 -40.00 12.64 4.32
N GLY K 183 -40.38 13.86 4.67
CA GLY K 183 -41.59 14.09 5.43
C GLY K 183 -42.81 14.29 4.55
N PRO K 184 -43.92 14.71 5.16
CA PRO K 184 -45.14 14.94 4.39
C PRO K 184 -44.94 16.02 3.33
N ASP K 185 -45.50 15.79 2.15
CA ASP K 185 -45.44 16.74 1.04
C ASP K 185 -46.89 17.18 0.77
N LEU K 186 -47.29 18.29 1.41
CA LEU K 186 -48.63 18.81 1.21
C LEU K 186 -48.82 19.35 -0.21
N VAL K 187 -47.76 19.75 -0.89
CA VAL K 187 -47.89 20.30 -2.24
C VAL K 187 -48.19 19.19 -3.24
N ARG K 188 -47.45 18.08 -3.16
CA ARG K 188 -47.68 16.96 -4.06
C ARG K 188 -48.72 15.98 -3.56
N GLY K 189 -49.02 15.99 -2.25
CA GLY K 189 -49.99 15.05 -1.71
C GLY K 189 -49.43 13.67 -1.45
N ILE K 190 -48.21 13.58 -0.92
CA ILE K 190 -47.54 12.31 -0.67
C ILE K 190 -47.21 12.23 0.80
N PHE K 191 -47.60 11.14 1.44
CA PHE K 191 -47.45 10.93 2.87
C PHE K 191 -46.86 9.56 3.12
N PRO K 192 -46.31 9.32 4.32
CA PRO K 192 -45.78 7.99 4.64
C PRO K 192 -46.84 6.91 4.47
N THR K 193 -46.38 5.70 4.18
CA THR K 193 -47.27 4.55 4.09
C THR K 193 -47.26 3.80 5.41
N ALA K 194 -48.39 3.19 5.74
CA ALA K 194 -48.51 2.46 7.00
C ALA K 194 -49.32 1.19 6.80
N VAL K 195 -49.03 0.20 7.62
CA VAL K 195 -49.76 -1.06 7.67
C VAL K 195 -50.13 -1.32 9.12
N ILE K 196 -51.38 -1.73 9.35
CA ILE K 196 -51.88 -2.04 10.68
C ILE K 196 -52.27 -3.51 10.71
N ILE K 197 -51.94 -4.20 11.81
CA ILE K 197 -52.16 -5.63 11.93
C ILE K 197 -52.82 -5.90 13.28
N ASP K 198 -54.04 -6.44 13.25
CA ASP K 198 -54.69 -6.91 14.48
C ASP K 198 -55.16 -8.34 14.24
N ALA K 199 -56.11 -8.80 15.07
CA ALA K 199 -56.59 -10.17 14.97
C ALA K 199 -57.29 -10.46 13.65
N ASP K 200 -57.80 -9.42 12.97
CA ASP K 200 -58.42 -9.62 11.67
C ASP K 200 -57.42 -9.65 10.54
N GLY K 201 -56.14 -9.48 10.83
CA GLY K 201 -55.12 -9.56 9.80
C GLY K 201 -54.31 -8.30 9.63
N ALA K 202 -53.62 -8.20 8.50
CA ALA K 202 -52.80 -7.04 8.16
C ALA K 202 -53.43 -6.31 6.98
N VAL K 203 -53.63 -5.00 7.14
CA VAL K 203 -54.27 -4.19 6.09
C VAL K 203 -53.51 -2.88 5.94
N ASP K 204 -53.58 -2.32 4.73
CA ASP K 204 -52.99 -1.02 4.45
C ASP K 204 -53.84 0.08 5.07
N VAL K 205 -53.18 1.02 5.74
CA VAL K 205 -53.87 2.22 6.22
C VAL K 205 -54.10 3.15 5.04
N PRO K 206 -55.32 3.66 4.86
CA PRO K 206 -55.61 4.51 3.69
C PRO K 206 -54.82 5.82 3.72
N GLU K 207 -54.58 6.36 2.52
CA GLU K 207 -53.83 7.60 2.39
C GLU K 207 -54.50 8.74 3.13
N SER K 208 -55.83 8.80 3.10
CA SER K 208 -56.55 9.94 3.67
C SER K 208 -56.40 10.02 5.18
N ARG K 209 -56.33 8.88 5.86
CA ARG K 209 -56.13 8.89 7.31
C ARG K 209 -54.78 9.50 7.66
N ILE K 210 -53.71 9.04 6.99
CA ILE K 210 -52.38 9.55 7.26
C ILE K 210 -52.28 11.03 6.86
N ALA K 211 -52.99 11.43 5.80
CA ALA K 211 -53.00 12.84 5.42
C ALA K 211 -53.66 13.70 6.49
N GLU K 212 -54.77 13.23 7.04
CA GLU K 212 -55.42 13.96 8.13
C GLU K 212 -54.49 14.08 9.33
N LEU K 213 -53.88 12.96 9.74
CA LEU K 213 -52.97 13.01 10.89
C LEU K 213 -51.78 13.91 10.62
N ALA K 214 -51.27 13.91 9.39
CA ALA K 214 -50.12 14.74 9.05
C ALA K 214 -50.48 16.22 9.10
N ARG K 215 -51.62 16.59 8.51
CA ARG K 215 -52.08 17.98 8.60
C ARG K 215 -52.28 18.40 10.05
N ALA K 216 -52.84 17.51 10.87
CA ALA K 216 -53.06 17.83 12.27
C ALA K 216 -51.73 18.05 13.00
N ILE K 217 -50.72 17.25 12.68
CA ILE K 217 -49.41 17.41 13.29
C ILE K 217 -48.77 18.72 12.85
N ILE K 218 -48.84 19.02 11.55
CA ILE K 218 -48.25 20.25 11.02
C ILE K 218 -48.89 21.47 11.66
N GLU K 219 -50.23 21.47 11.76
CA GLU K 219 -50.91 22.59 12.41
C GLU K 219 -50.65 22.63 13.90
N SER K 220 -50.39 21.47 14.52
CA SER K 220 -50.06 21.45 15.95
C SER K 220 -48.69 22.08 16.20
N ARG K 221 -47.75 21.87 15.29
CA ARG K 221 -46.40 22.38 15.50
C ARG K 221 -46.34 23.89 15.26
N SER K 222 -47.21 24.43 14.41
CA SER K 222 -47.15 25.83 14.04
C SER K 222 -48.14 26.71 14.80
N GLY K 223 -49.07 26.11 15.54
CA GLY K 223 -50.05 26.88 16.29
C GLY K 223 -51.38 27.02 15.57
N THR L 1 -24.28 11.13 -22.83
CA THR L 1 -25.55 10.52 -23.19
C THR L 1 -26.71 11.09 -22.38
N THR L 2 -27.85 11.30 -23.03
CA THR L 2 -29.09 11.60 -22.33
C THR L 2 -30.23 10.85 -23.00
N ILE L 3 -31.04 10.18 -22.18
CA ILE L 3 -32.28 9.55 -22.61
C ILE L 3 -33.41 10.15 -21.79
N VAL L 4 -34.51 10.50 -22.45
CA VAL L 4 -35.66 11.06 -21.76
C VAL L 4 -36.89 10.22 -22.08
N ALA L 5 -37.84 10.21 -21.14
CA ALA L 5 -39.13 9.60 -21.37
C ALA L 5 -40.17 10.32 -20.54
N LEU L 6 -41.38 10.48 -21.10
CA LEU L 6 -42.44 11.17 -20.40
C LEU L 6 -43.78 10.59 -20.83
N LYS L 7 -44.75 10.69 -19.92
CA LYS L 7 -46.11 10.22 -20.14
C LYS L 7 -46.99 11.35 -20.65
N TYR L 8 -47.80 11.05 -21.65
CA TYR L 8 -48.84 11.95 -22.14
C TYR L 8 -50.15 11.17 -22.16
N PRO L 9 -51.30 11.88 -22.16
CA PRO L 9 -52.60 11.18 -22.15
C PRO L 9 -52.76 10.21 -23.32
N GLY L 10 -52.59 8.91 -23.04
CA GLY L 10 -52.73 7.87 -24.04
C GLY L 10 -51.45 7.16 -24.42
N GLY L 11 -50.30 7.63 -23.96
CA GLY L 11 -49.07 6.95 -24.32
C GLY L 11 -47.86 7.53 -23.60
N VAL L 12 -46.70 7.10 -24.07
CA VAL L 12 -45.41 7.57 -23.57
C VAL L 12 -44.51 7.86 -24.76
N VAL L 13 -43.57 8.76 -24.55
CA VAL L 13 -42.56 9.07 -25.56
C VAL L 13 -41.19 8.94 -24.90
N MET L 14 -40.22 8.45 -25.67
CA MET L 14 -38.86 8.31 -25.20
C MET L 14 -37.92 8.71 -26.33
N ALA L 15 -36.92 9.52 -26.01
CA ALA L 15 -36.00 10.04 -27.01
C ALA L 15 -34.57 9.94 -26.50
N GLY L 16 -33.64 10.01 -27.43
CA GLY L 16 -32.23 9.87 -27.10
C GLY L 16 -31.36 10.61 -28.08
N ASP L 17 -30.23 11.11 -27.58
CA ASP L 17 -29.25 11.80 -28.39
C ASP L 17 -28.53 10.81 -29.30
N ARG L 18 -27.55 11.32 -30.04
CA ARG L 18 -26.84 10.54 -31.05
C ARG L 18 -25.34 10.53 -30.83
N ARG L 19 -24.87 11.08 -29.72
CA ARG L 19 -23.44 11.32 -29.53
C ARG L 19 -22.76 10.15 -28.83
N SER L 20 -21.55 9.83 -29.29
CA SER L 20 -20.62 8.98 -28.57
C SER L 20 -19.33 9.74 -28.35
N THR L 21 -18.76 9.59 -27.16
CA THR L 21 -17.59 10.35 -26.73
C THR L 21 -16.57 9.42 -26.09
N GLN L 22 -15.29 9.67 -26.37
CA GLN L 22 -14.17 8.97 -25.75
C GLN L 22 -13.36 10.02 -25.01
N GLY L 23 -13.68 10.21 -23.73
CA GLY L 23 -13.06 11.28 -22.96
C GLY L 23 -13.56 12.64 -23.40
N ASN L 24 -12.82 13.29 -24.29
CA ASN L 24 -13.26 14.53 -24.90
C ASN L 24 -13.46 14.43 -26.41
N MET L 25 -12.85 13.46 -27.07
CA MET L 25 -13.02 13.30 -28.51
C MET L 25 -14.43 12.82 -28.84
N ILE L 26 -14.93 13.28 -29.98
CA ILE L 26 -16.22 12.82 -30.49
C ILE L 26 -15.99 11.48 -31.18
N SER L 27 -16.56 10.42 -30.61
CA SER L 27 -16.46 9.08 -31.17
C SER L 27 -17.63 8.74 -32.10
N GLY L 28 -18.72 9.49 -32.03
CA GLY L 28 -19.87 9.19 -32.86
C GLY L 28 -20.91 10.28 -32.90
N ARG L 29 -21.57 10.40 -34.06
CA ARG L 29 -22.59 11.43 -34.26
C ARG L 29 -23.93 10.84 -34.64
N ASP L 30 -24.03 9.52 -34.85
CA ASP L 30 -25.22 8.89 -35.39
C ASP L 30 -25.67 7.71 -34.52
N VAL L 31 -25.34 7.74 -33.23
CA VAL L 31 -25.65 6.61 -32.36
C VAL L 31 -27.14 6.57 -32.07
N ARG L 32 -27.71 5.37 -32.08
CA ARG L 32 -29.11 5.13 -31.76
C ARG L 32 -29.18 4.41 -30.42
N LYS L 33 -29.79 5.06 -29.43
CA LYS L 33 -29.80 4.57 -28.06
C LYS L 33 -31.18 4.23 -27.54
N VAL L 34 -32.20 4.25 -28.39
CA VAL L 34 -33.56 3.87 -28.01
C VAL L 34 -33.99 2.73 -28.91
N TYR L 35 -34.34 1.60 -28.30
CA TYR L 35 -34.67 0.38 -29.04
C TYR L 35 -36.11 -0.02 -28.74
N ILE L 36 -36.87 -0.31 -29.79
CA ILE L 36 -38.19 -0.93 -29.62
C ILE L 36 -37.96 -2.38 -29.21
N THR L 37 -38.24 -2.69 -27.94
CA THR L 37 -37.96 -4.04 -27.43
C THR L 37 -39.15 -4.98 -27.58
N ASP L 38 -40.38 -4.47 -27.51
CA ASP L 38 -41.54 -5.26 -27.93
C ASP L 38 -42.64 -4.29 -28.34
N ASP L 39 -43.72 -4.86 -28.89
CA ASP L 39 -44.78 -4.06 -29.48
C ASP L 39 -45.32 -2.98 -28.55
N TYR L 40 -45.06 -3.09 -27.24
CA TYR L 40 -45.56 -2.10 -26.30
C TYR L 40 -44.50 -1.60 -25.33
N THR L 41 -43.21 -1.88 -25.57
CA THR L 41 -42.15 -1.33 -24.74
C THR L 41 -40.94 -0.98 -25.57
N ALA L 42 -40.29 0.13 -25.22
CA ALA L 42 -39.01 0.53 -25.77
C ALA L 42 -38.04 0.80 -24.63
N THR L 43 -36.76 0.55 -24.89
CA THR L 43 -35.69 0.70 -23.90
C THR L 43 -34.65 1.69 -24.41
N GLY L 44 -34.33 2.69 -23.58
CA GLY L 44 -33.26 3.60 -23.89
C GLY L 44 -32.14 3.49 -22.87
N ILE L 45 -30.94 3.11 -23.32
CA ILE L 45 -29.83 2.80 -22.42
C ILE L 45 -28.79 3.90 -22.50
N ALA L 46 -28.16 4.19 -21.37
CA ALA L 46 -27.00 5.07 -21.30
C ALA L 46 -25.85 4.33 -20.66
N GLY L 47 -24.64 4.51 -21.20
CA GLY L 47 -23.46 3.90 -20.64
C GLY L 47 -22.64 3.21 -21.70
N THR L 48 -21.85 2.23 -21.28
CA THR L 48 -20.96 1.51 -22.17
C THR L 48 -21.73 0.90 -23.33
N ALA L 49 -21.18 1.07 -24.55
CA ALA L 49 -21.91 0.68 -25.75
C ALA L 49 -22.20 -0.81 -25.79
N ALA L 50 -21.18 -1.65 -25.56
CA ALA L 50 -21.35 -3.09 -25.66
C ALA L 50 -22.43 -3.59 -24.70
N VAL L 51 -22.40 -3.12 -23.45
CA VAL L 51 -23.41 -3.53 -22.48
C VAL L 51 -24.79 -3.10 -22.94
N ALA L 52 -24.91 -1.91 -23.54
CA ALA L 52 -26.20 -1.43 -24.00
C ALA L 52 -26.76 -2.33 -25.10
N VAL L 53 -25.91 -2.71 -26.06
CA VAL L 53 -26.37 -3.58 -27.14
C VAL L 53 -26.79 -4.93 -26.58
N GLU L 54 -25.99 -5.48 -25.65
CA GLU L 54 -26.35 -6.75 -25.03
C GLU L 54 -27.70 -6.66 -24.33
N PHE L 55 -27.92 -5.59 -23.58
CA PHE L 55 -29.19 -5.39 -22.90
C PHE L 55 -30.36 -5.35 -23.88
N ALA L 56 -30.23 -4.55 -24.94
CA ALA L 56 -31.34 -4.38 -25.88
C ALA L 56 -31.65 -5.70 -26.58
N ARG L 57 -30.66 -6.28 -27.27
CA ARG L 57 -30.89 -7.50 -28.03
C ARG L 57 -31.38 -8.62 -27.12
N LEU L 58 -30.66 -8.86 -26.01
CA LEU L 58 -31.02 -9.97 -25.13
C LEU L 58 -32.41 -9.77 -24.53
N TYR L 59 -32.76 -8.54 -24.19
CA TYR L 59 -34.07 -8.27 -23.59
C TYR L 59 -35.19 -8.53 -24.59
N ALA L 60 -35.06 -8.00 -25.80
CA ALA L 60 -36.06 -8.26 -26.83
C ALA L 60 -36.22 -9.76 -27.07
N VAL L 61 -35.10 -10.47 -27.21
CA VAL L 61 -35.15 -11.91 -27.41
C VAL L 61 -35.87 -12.60 -26.25
N GLU L 62 -35.59 -12.16 -25.02
CA GLU L 62 -36.19 -12.80 -23.85
C GLU L 62 -37.69 -12.62 -23.84
N LEU L 63 -38.17 -11.40 -24.08
CA LEU L 63 -39.61 -11.16 -24.11
C LEU L 63 -40.29 -11.99 -25.19
N GLU L 64 -39.76 -11.96 -26.41
CA GLU L 64 -40.38 -12.74 -27.48
C GLU L 64 -40.29 -14.25 -27.20
N HIS L 65 -39.24 -14.67 -26.49
CA HIS L 65 -39.08 -16.08 -26.14
C HIS L 65 -40.17 -16.53 -25.19
N TYR L 66 -40.42 -15.76 -24.12
CA TYR L 66 -41.54 -16.07 -23.25
C TYR L 66 -42.85 -16.07 -24.02
N GLU L 67 -43.01 -15.09 -24.92
CA GLU L 67 -44.24 -15.00 -25.71
C GLU L 67 -44.47 -16.28 -26.52
N LYS L 68 -43.44 -16.75 -27.22
CA LYS L 68 -43.61 -17.92 -28.08
C LYS L 68 -43.73 -19.21 -27.28
N LEU L 69 -43.06 -19.30 -26.13
CA LEU L 69 -43.12 -20.53 -25.34
C LEU L 69 -44.45 -20.67 -24.61
N GLU L 70 -44.94 -19.60 -24.00
CA GLU L 70 -46.17 -19.67 -23.21
C GLU L 70 -47.39 -19.14 -23.95
N GLY L 71 -47.24 -18.70 -25.21
CA GLY L 71 -48.37 -18.25 -25.98
C GLY L 71 -48.94 -16.92 -25.59
N VAL L 72 -48.33 -16.23 -24.64
CA VAL L 72 -48.87 -14.98 -24.10
C VAL L 72 -47.71 -14.08 -23.71
N PRO L 73 -47.77 -12.78 -23.97
CA PRO L 73 -46.72 -11.88 -23.48
C PRO L 73 -46.75 -11.77 -21.97
N LEU L 74 -45.61 -11.37 -21.41
CA LEU L 74 -45.50 -11.15 -19.97
C LEU L 74 -46.36 -9.97 -19.56
N THR L 75 -46.85 -10.01 -18.31
CA THR L 75 -47.35 -8.82 -17.68
C THR L 75 -46.24 -7.78 -17.60
N PHE L 76 -46.63 -6.50 -17.59
CA PHE L 76 -45.60 -5.45 -17.62
C PHE L 76 -44.69 -5.55 -16.40
N ALA L 77 -45.25 -5.92 -15.24
CA ALA L 77 -44.42 -6.12 -14.06
C ALA L 77 -43.38 -7.21 -14.29
N GLY L 78 -43.77 -8.27 -15.00
CA GLY L 78 -42.81 -9.32 -15.33
C GLY L 78 -41.69 -8.82 -16.23
N LYS L 79 -42.02 -7.93 -17.18
CA LYS L 79 -40.98 -7.31 -18.00
C LYS L 79 -40.03 -6.49 -17.13
N ILE L 80 -40.60 -5.71 -16.20
CA ILE L 80 -39.77 -4.97 -15.24
C ILE L 80 -38.81 -5.90 -14.53
N ASN L 81 -39.32 -6.99 -13.97
CA ASN L 81 -38.49 -7.88 -13.17
C ASN L 81 -37.39 -8.51 -14.03
N ARG L 82 -37.73 -8.97 -15.24
CA ARG L 82 -36.73 -9.60 -16.08
C ARG L 82 -35.62 -8.61 -16.45
N LEU L 83 -35.99 -7.40 -16.87
CA LEU L 83 -34.97 -6.40 -17.18
C LEU L 83 -34.11 -6.09 -15.95
N ALA L 84 -34.74 -6.01 -14.78
CA ALA L 84 -33.99 -5.69 -13.56
C ALA L 84 -33.00 -6.79 -13.22
N ILE L 85 -33.42 -8.05 -13.34
CA ILE L 85 -32.51 -9.17 -13.08
C ILE L 85 -31.38 -9.18 -14.08
N MET L 86 -31.67 -8.83 -15.35
CA MET L 86 -30.62 -8.74 -16.34
C MET L 86 -29.60 -7.64 -15.99
N VAL L 87 -30.09 -6.50 -15.50
CA VAL L 87 -29.19 -5.43 -15.10
C VAL L 87 -28.34 -5.84 -13.90
N ARG L 88 -28.95 -6.54 -12.94
CA ARG L 88 -28.20 -7.04 -11.80
C ARG L 88 -27.12 -8.02 -12.24
N GLY L 89 -27.41 -8.85 -13.24
CA GLY L 89 -26.47 -9.84 -13.71
C GLY L 89 -25.21 -9.28 -14.35
N ASN L 90 -25.12 -7.96 -14.45
CA ASN L 90 -23.96 -7.29 -15.02
C ASN L 90 -23.19 -6.47 -14.00
N LEU L 91 -23.60 -6.49 -12.73
CA LEU L 91 -22.97 -5.63 -11.72
C LEU L 91 -21.48 -5.90 -11.62
N ALA L 92 -21.05 -7.16 -11.77
CA ALA L 92 -19.64 -7.49 -11.75
C ALA L 92 -18.88 -6.70 -12.80
N ALA L 93 -19.30 -6.80 -14.06
CA ALA L 93 -18.67 -6.05 -15.14
C ALA L 93 -18.80 -4.55 -14.92
N ALA L 94 -19.86 -4.10 -14.26
CA ALA L 94 -20.04 -2.68 -14.00
C ALA L 94 -19.01 -2.16 -13.02
N MET L 95 -18.68 -2.96 -12.00
CA MET L 95 -17.65 -2.54 -11.04
C MET L 95 -16.27 -2.42 -11.69
N GLN L 96 -16.08 -3.04 -12.86
CA GLN L 96 -14.81 -2.97 -13.58
C GLN L 96 -14.86 -2.02 -14.77
N GLY L 97 -15.91 -1.21 -14.89
CA GLY L 97 -15.98 -0.15 -15.87
C GLY L 97 -17.02 -0.35 -16.95
N LEU L 98 -17.57 -1.55 -17.11
CA LEU L 98 -18.57 -1.82 -18.15
C LEU L 98 -19.97 -1.57 -17.58
N LEU L 99 -20.25 -0.29 -17.33
CA LEU L 99 -21.48 0.14 -16.70
C LEU L 99 -22.47 0.67 -17.73
N ALA L 100 -23.73 0.25 -17.61
CA ALA L 100 -24.79 0.75 -18.48
C ALA L 100 -26.12 0.61 -17.75
N LEU L 101 -26.87 1.72 -17.65
CA LEU L 101 -28.18 1.75 -17.04
C LEU L 101 -29.26 1.97 -18.08
N PRO L 102 -30.36 1.21 -18.00
CA PRO L 102 -31.45 1.40 -18.96
C PRO L 102 -32.60 2.21 -18.39
N LEU L 103 -33.47 2.67 -19.28
CA LEU L 103 -34.72 3.33 -18.94
C LEU L 103 -35.82 2.69 -19.77
N LEU L 104 -36.92 2.32 -19.12
CA LEU L 104 -37.96 1.50 -19.72
C LEU L 104 -39.21 2.34 -19.92
N ALA L 105 -39.71 2.38 -21.16
CA ALA L 105 -40.96 3.05 -21.49
C ALA L 105 -41.94 2.01 -22.03
N GLY L 106 -43.20 2.10 -21.61
CA GLY L 106 -44.15 1.09 -22.02
C GLY L 106 -45.58 1.57 -21.99
N TYR L 107 -46.47 0.68 -22.43
CA TYR L 107 -47.91 0.91 -22.42
C TYR L 107 -48.55 -0.39 -21.96
N ASP L 108 -49.12 -0.39 -20.76
CA ASP L 108 -49.70 -1.60 -20.19
C ASP L 108 -51.12 -1.75 -20.74
N ILE L 109 -51.35 -2.81 -21.52
CA ILE L 109 -52.67 -3.06 -22.08
C ILE L 109 -53.64 -3.63 -21.06
N HIS L 110 -53.15 -4.11 -19.92
CA HIS L 110 -54.00 -4.64 -18.87
C HIS L 110 -54.30 -3.61 -17.77
N ALA L 111 -53.93 -2.35 -17.99
CA ALA L 111 -54.23 -1.31 -17.03
C ALA L 111 -55.72 -0.95 -17.08
N SER L 112 -56.22 -0.43 -15.97
CA SER L 112 -57.65 -0.12 -15.87
C SER L 112 -58.00 1.11 -16.70
N ASP L 113 -57.26 2.21 -16.52
CA ASP L 113 -57.55 3.46 -17.21
C ASP L 113 -56.72 3.56 -18.48
N PRO L 114 -57.30 3.42 -19.67
CA PRO L 114 -56.50 3.41 -20.90
C PRO L 114 -55.76 4.71 -21.18
N GLN L 115 -56.14 5.83 -20.55
CA GLN L 115 -55.44 7.08 -20.78
C GLN L 115 -54.18 7.19 -19.95
N SER L 116 -54.13 6.52 -18.79
CA SER L 116 -52.94 6.48 -17.95
C SER L 116 -52.27 5.10 -17.98
N ALA L 117 -52.30 4.43 -19.14
CA ALA L 117 -51.67 3.14 -19.31
C ALA L 117 -50.18 3.24 -19.62
N GLY L 118 -49.63 4.44 -19.71
CA GLY L 118 -48.22 4.59 -19.94
C GLY L 118 -47.40 4.29 -18.70
N ARG L 119 -46.18 3.78 -18.93
CA ARG L 119 -45.30 3.37 -17.85
C ARG L 119 -43.89 3.84 -18.12
N ILE L 120 -43.22 4.30 -17.06
CA ILE L 120 -41.81 4.69 -17.10
C ILE L 120 -41.13 4.08 -15.89
N VAL L 121 -40.14 3.24 -16.12
CA VAL L 121 -39.44 2.50 -15.07
C VAL L 121 -37.96 2.79 -15.19
N SER L 122 -37.31 3.13 -14.08
CA SER L 122 -35.88 3.38 -14.05
C SER L 122 -35.18 2.30 -13.23
N PHE L 123 -33.87 2.18 -13.45
CA PHE L 123 -33.08 1.09 -12.91
C PHE L 123 -31.75 1.61 -12.38
N ASP L 124 -31.11 0.81 -11.53
CA ASP L 124 -29.75 1.10 -11.05
C ASP L 124 -28.87 -0.13 -11.24
N ALA L 125 -27.57 0.07 -11.04
CA ALA L 125 -26.58 -0.96 -11.35
C ALA L 125 -26.75 -2.24 -10.55
N ALA L 126 -27.43 -2.17 -9.40
CA ALA L 126 -27.67 -3.35 -8.57
C ALA L 126 -28.97 -4.06 -8.92
N GLY L 127 -29.70 -3.59 -9.91
CA GLY L 127 -30.96 -4.19 -10.29
C GLY L 127 -32.18 -3.59 -9.64
N GLY L 128 -32.01 -2.57 -8.80
CA GLY L 128 -33.16 -1.87 -8.26
C GLY L 128 -33.98 -1.21 -9.36
N TRP L 129 -35.27 -1.00 -9.07
CA TRP L 129 -36.15 -0.45 -10.09
C TRP L 129 -37.20 0.43 -9.41
N ASN L 130 -37.71 1.40 -10.18
CA ASN L 130 -38.71 2.33 -9.67
C ASN L 130 -39.65 2.69 -10.80
N ILE L 131 -40.95 2.47 -10.59
CA ILE L 131 -41.97 2.90 -11.53
C ILE L 131 -42.25 4.37 -11.26
N GLU L 132 -41.95 5.22 -12.25
CA GLU L 132 -42.07 6.66 -12.04
C GLU L 132 -43.52 7.06 -11.89
N GLU L 133 -43.78 7.94 -10.92
CA GLU L 133 -45.11 8.43 -10.64
C GLU L 133 -45.29 9.92 -10.95
N GLU L 134 -44.25 10.59 -11.44
CA GLU L 134 -44.27 12.03 -11.61
C GLU L 134 -44.35 12.49 -13.07
N GLY L 135 -44.37 11.56 -14.02
CA GLY L 135 -44.71 11.87 -15.41
C GLY L 135 -43.54 11.82 -16.37
N TYR L 136 -42.32 12.08 -15.89
CA TYR L 136 -41.14 12.11 -16.75
C TYR L 136 -39.96 11.52 -16.02
N GLN L 137 -38.87 11.32 -16.75
CA GLN L 137 -37.64 10.74 -16.22
C GLN L 137 -36.57 10.83 -17.30
N ALA L 138 -35.31 10.80 -16.87
CA ALA L 138 -34.17 10.83 -17.77
C ALA L 138 -33.02 10.04 -17.15
N VAL L 139 -32.07 9.65 -17.99
CA VAL L 139 -30.89 8.92 -17.54
C VAL L 139 -29.72 9.27 -18.46
N GLY L 140 -28.55 9.46 -17.87
CA GLY L 140 -27.35 9.81 -18.59
C GLY L 140 -26.69 11.04 -18.02
N SER L 141 -25.58 11.44 -18.65
CA SER L 141 -24.78 12.54 -18.14
C SER L 141 -25.44 13.90 -18.29
N GLY L 142 -26.58 13.98 -18.97
CA GLY L 142 -27.34 15.22 -19.04
C GLY L 142 -28.75 15.03 -18.54
N SER L 143 -28.92 14.09 -17.61
CA SER L 143 -30.27 13.74 -17.15
C SER L 143 -30.83 14.80 -16.21
N LEU L 144 -29.98 15.48 -15.43
CA LEU L 144 -30.49 16.46 -14.48
C LEU L 144 -30.98 17.72 -15.21
N PHE L 145 -30.23 18.18 -16.21
CA PHE L 145 -30.68 19.31 -17.00
C PHE L 145 -31.97 18.98 -17.73
N ALA L 146 -32.05 17.76 -18.30
CA ALA L 146 -33.27 17.34 -18.99
C ALA L 146 -34.45 17.28 -18.03
N LYS L 147 -34.23 16.78 -16.82
CA LYS L 147 -35.33 16.67 -15.86
C LYS L 147 -35.75 18.02 -15.30
N SER L 148 -34.85 19.00 -15.26
CA SER L 148 -35.25 20.33 -14.85
C SER L 148 -36.01 21.03 -15.97
N SER L 149 -35.51 20.93 -17.19
CA SER L 149 -36.27 21.36 -18.36
C SER L 149 -37.70 20.82 -18.32
N MET L 150 -37.83 19.50 -18.17
CA MET L 150 -39.16 18.90 -18.10
C MET L 150 -39.92 19.33 -16.85
N LYS L 151 -39.21 19.69 -15.78
CA LYS L 151 -39.90 20.20 -14.61
C LYS L 151 -40.60 21.52 -14.91
N LYS L 152 -39.98 22.35 -15.76
CA LYS L 152 -40.64 23.60 -16.12
C LYS L 152 -41.56 23.49 -17.33
N LEU L 153 -41.40 22.45 -18.15
CA LEU L 153 -42.14 22.33 -19.39
C LEU L 153 -43.24 21.29 -19.39
N TYR L 154 -43.37 20.50 -18.32
CA TYR L 154 -44.25 19.33 -18.39
C TYR L 154 -45.73 19.72 -18.42
N SER L 155 -46.08 20.89 -17.88
CA SER L 155 -47.47 21.31 -17.85
C SER L 155 -48.04 21.53 -19.25
N GLN L 156 -47.19 21.67 -20.26
CA GLN L 156 -47.63 21.91 -21.63
C GLN L 156 -48.00 20.63 -22.37
N VAL L 157 -47.68 19.46 -21.84
CA VAL L 157 -47.97 18.21 -22.53
C VAL L 157 -49.46 17.92 -22.43
N THR L 158 -50.13 17.89 -23.57
CA THR L 158 -51.53 17.51 -23.65
C THR L 158 -51.83 16.42 -24.66
N ASP L 159 -50.98 16.20 -25.66
CA ASP L 159 -51.17 15.15 -26.64
C ASP L 159 -49.79 14.60 -27.01
N GLY L 160 -49.75 13.80 -28.08
CA GLY L 160 -48.48 13.24 -28.51
C GLY L 160 -47.54 14.30 -29.06
N ASP L 161 -48.08 15.28 -29.79
CA ASP L 161 -47.24 16.32 -30.40
C ASP L 161 -46.53 17.14 -29.32
N SER L 162 -47.27 17.62 -28.33
CA SER L 162 -46.67 18.43 -27.28
C SER L 162 -45.69 17.59 -26.44
N GLY L 163 -46.04 16.34 -26.14
CA GLY L 163 -45.14 15.50 -25.39
C GLY L 163 -43.82 15.28 -26.10
N LEU L 164 -43.89 14.89 -27.38
CA LEU L 164 -42.68 14.72 -28.17
C LEU L 164 -41.87 16.01 -28.24
N ARG L 165 -42.57 17.15 -28.34
CA ARG L 165 -41.89 18.44 -28.35
C ARG L 165 -41.10 18.65 -27.06
N VAL L 166 -41.75 18.45 -25.92
CA VAL L 166 -41.09 18.62 -24.63
C VAL L 166 -39.90 17.68 -24.50
N ALA L 167 -40.04 16.44 -25.00
CA ALA L 167 -38.94 15.49 -24.96
C ALA L 167 -37.75 16.03 -25.74
N VAL L 168 -37.96 16.38 -27.01
CA VAL L 168 -36.85 16.87 -27.83
C VAL L 168 -36.23 18.13 -27.24
N GLU L 169 -37.03 18.96 -26.58
CA GLU L 169 -36.49 20.18 -25.98
C GLU L 169 -35.67 19.87 -24.73
N ALA L 170 -36.09 18.86 -23.96
CA ALA L 170 -35.28 18.42 -22.82
C ALA L 170 -33.94 17.89 -23.30
N LEU L 171 -33.95 17.11 -24.39
CA LEU L 171 -32.67 16.72 -24.98
C LEU L 171 -31.87 17.93 -25.45
N TYR L 172 -32.56 18.98 -25.91
CA TYR L 172 -31.86 20.18 -26.35
C TYR L 172 -31.15 20.86 -25.18
N ASP L 173 -31.82 20.98 -24.04
CA ASP L 173 -31.18 21.57 -22.86
C ASP L 173 -30.04 20.68 -22.35
N ALA L 174 -30.26 19.36 -22.35
CA ALA L 174 -29.21 18.43 -21.95
C ALA L 174 -27.95 18.65 -22.78
N ALA L 175 -28.10 18.68 -24.11
CA ALA L 175 -26.94 18.95 -24.96
C ALA L 175 -26.40 20.37 -24.75
N ASP L 176 -27.27 21.30 -24.35
CA ASP L 176 -26.84 22.67 -24.15
C ASP L 176 -25.92 22.79 -22.96
N ASP L 177 -26.15 22.01 -21.90
CA ASP L 177 -25.36 22.11 -20.67
C ASP L 177 -24.40 20.95 -20.46
N ASP L 178 -24.38 19.95 -21.35
CA ASP L 178 -23.52 18.79 -21.17
C ASP L 178 -22.83 18.46 -22.49
N SER L 179 -21.50 18.50 -22.49
CA SER L 179 -20.76 18.24 -23.72
C SER L 179 -20.87 16.79 -24.17
N ALA L 180 -21.18 15.86 -23.27
CA ALA L 180 -21.31 14.46 -23.62
C ALA L 180 -22.61 14.14 -24.33
N THR L 181 -23.56 15.07 -24.38
CA THR L 181 -24.84 14.88 -25.03
C THR L 181 -24.88 15.70 -26.31
N GLY L 182 -25.15 15.05 -27.43
CA GLY L 182 -25.15 15.73 -28.71
C GLY L 182 -26.47 16.44 -28.98
N GLY L 183 -26.39 17.64 -29.54
CA GLY L 183 -27.55 18.40 -29.92
C GLY L 183 -27.87 18.23 -31.39
N PRO L 184 -28.88 18.97 -31.87
CA PRO L 184 -29.25 18.88 -33.28
C PRO L 184 -28.13 19.35 -34.20
N ASP L 185 -27.73 18.49 -35.12
CA ASP L 185 -26.69 18.78 -36.10
C ASP L 185 -27.37 19.15 -37.42
N LEU L 186 -27.72 20.44 -37.53
CA LEU L 186 -28.39 20.92 -38.73
C LEU L 186 -27.50 20.86 -39.96
N VAL L 187 -26.18 20.85 -39.78
CA VAL L 187 -25.28 20.77 -40.94
C VAL L 187 -25.32 19.39 -41.57
N ARG L 188 -25.16 18.35 -40.74
CA ARG L 188 -25.20 16.98 -41.25
C ARG L 188 -26.62 16.44 -41.36
N GLY L 189 -27.59 17.06 -40.68
CA GLY L 189 -28.95 16.55 -40.69
C GLY L 189 -29.16 15.38 -39.76
N ILE L 190 -28.49 15.35 -38.62
CA ILE L 190 -28.61 14.25 -37.66
C ILE L 190 -29.34 14.78 -36.43
N PHE L 191 -30.42 14.10 -36.05
CA PHE L 191 -31.30 14.54 -34.99
C PHE L 191 -31.56 13.40 -34.02
N PRO L 192 -31.93 13.71 -32.78
CA PRO L 192 -32.21 12.65 -31.81
C PRO L 192 -33.27 11.68 -32.31
N THR L 193 -33.25 10.46 -31.79
CA THR L 193 -34.26 9.48 -32.12
C THR L 193 -35.34 9.44 -31.06
N ALA L 194 -36.53 9.01 -31.46
CA ALA L 194 -37.66 8.92 -30.57
C ALA L 194 -38.48 7.68 -30.90
N VAL L 195 -39.11 7.13 -29.87
CA VAL L 195 -40.14 6.12 -29.99
C VAL L 195 -41.35 6.62 -29.22
N ILE L 196 -42.53 6.44 -29.82
CA ILE L 196 -43.79 6.81 -29.19
C ILE L 196 -44.66 5.56 -29.08
N ILE L 197 -45.30 5.37 -27.93
CA ILE L 197 -46.06 4.16 -27.64
C ILE L 197 -47.44 4.56 -27.18
N ASP L 198 -48.47 4.06 -27.86
CA ASP L 198 -49.85 4.20 -27.40
C ASP L 198 -50.55 2.85 -27.51
N ALA L 199 -51.89 2.86 -27.42
CA ALA L 199 -52.65 1.62 -27.50
C ALA L 199 -52.48 0.93 -28.84
N ASP L 200 -52.07 1.65 -29.87
CA ASP L 200 -51.81 1.05 -31.18
C ASP L 200 -50.41 0.47 -31.31
N GLY L 201 -49.54 0.71 -30.34
CA GLY L 201 -48.22 0.08 -30.31
C GLY L 201 -47.12 1.11 -30.21
N ALA L 202 -45.90 0.63 -30.48
CA ALA L 202 -44.67 1.41 -30.36
C ALA L 202 -44.10 1.65 -31.75
N VAL L 203 -43.96 2.93 -32.11
CA VAL L 203 -43.51 3.32 -33.45
C VAL L 203 -42.28 4.21 -33.30
N ASP L 204 -41.36 4.08 -34.26
CA ASP L 204 -40.24 5.01 -34.39
C ASP L 204 -40.75 6.33 -34.96
N VAL L 205 -40.50 7.42 -34.26
CA VAL L 205 -40.87 8.74 -34.78
C VAL L 205 -39.97 9.08 -35.95
N PRO L 206 -40.51 9.53 -37.09
CA PRO L 206 -39.66 9.84 -38.24
C PRO L 206 -38.69 10.97 -37.94
N GLU L 207 -37.54 10.92 -38.62
CA GLU L 207 -36.47 11.89 -38.39
C GLU L 207 -36.92 13.31 -38.74
N SER L 208 -37.75 13.44 -39.78
CA SER L 208 -38.16 14.76 -40.24
C SER L 208 -39.00 15.47 -39.17
N ARG L 209 -39.82 14.71 -38.43
CA ARG L 209 -40.61 15.30 -37.35
C ARG L 209 -39.71 15.91 -36.29
N ILE L 210 -38.70 15.16 -35.86
CA ILE L 210 -37.74 15.65 -34.87
C ILE L 210 -36.96 16.83 -35.43
N ALA L 211 -36.71 16.84 -36.74
CA ALA L 211 -36.04 17.97 -37.36
C ALA L 211 -36.88 19.23 -37.25
N GLU L 212 -38.17 19.13 -37.60
CA GLU L 212 -39.07 20.27 -37.48
C GLU L 212 -39.14 20.77 -36.04
N LEU L 213 -39.25 19.85 -35.08
CA LEU L 213 -39.27 20.27 -33.68
C LEU L 213 -37.98 20.99 -33.30
N ALA L 214 -36.83 20.45 -33.72
CA ALA L 214 -35.56 21.08 -33.42
C ALA L 214 -35.50 22.50 -33.97
N ARG L 215 -35.90 22.67 -35.23
CA ARG L 215 -35.94 24.01 -35.82
C ARG L 215 -36.85 24.93 -35.02
N ALA L 216 -37.99 24.41 -34.58
CA ALA L 216 -38.90 25.21 -33.75
C ALA L 216 -38.19 25.71 -32.49
N ILE L 217 -37.50 24.81 -31.79
CA ILE L 217 -36.81 25.18 -30.55
C ILE L 217 -35.74 26.22 -30.83
N ILE L 218 -34.89 25.96 -31.83
CA ILE L 218 -33.77 26.86 -32.14
C ILE L 218 -34.29 28.26 -32.47
N GLU L 219 -35.29 28.35 -33.35
CA GLU L 219 -35.82 29.65 -33.74
C GLU L 219 -36.55 30.32 -32.58
N SER L 220 -37.12 29.53 -31.66
CA SER L 220 -37.76 30.12 -30.49
C SER L 220 -36.75 30.65 -29.48
N ARG L 221 -35.52 30.14 -29.49
CA ARG L 221 -34.49 30.62 -28.59
C ARG L 221 -33.57 31.66 -29.23
N SER L 222 -33.62 31.81 -30.55
CA SER L 222 -32.82 32.83 -31.22
C SER L 222 -33.50 34.20 -31.28
N GLY L 223 -34.83 34.24 -31.20
CA GLY L 223 -35.55 35.50 -31.24
C GLY L 223 -36.94 35.38 -31.82
N THR M 1 1.02 1.44 -35.85
CA THR M 1 -0.01 0.85 -36.69
C THR M 1 -1.05 1.89 -37.10
N THR M 2 -1.50 1.83 -38.35
CA THR M 2 -2.66 2.60 -38.78
C THR M 2 -3.36 1.83 -39.89
N ILE M 3 -4.66 1.61 -39.71
CA ILE M 3 -5.51 0.95 -40.71
C ILE M 3 -6.59 1.93 -41.12
N VAL M 4 -6.78 2.10 -42.42
CA VAL M 4 -7.81 2.99 -42.94
C VAL M 4 -8.76 2.20 -43.81
N ALA M 5 -10.01 2.66 -43.87
CA ALA M 5 -11.04 2.09 -44.72
C ALA M 5 -11.96 3.20 -45.19
N LEU M 6 -12.31 3.19 -46.47
CA LEU M 6 -13.21 4.18 -47.02
C LEU M 6 -14.16 3.52 -48.02
N LYS M 7 -15.35 4.09 -48.15
CA LYS M 7 -16.35 3.66 -49.11
C LYS M 7 -16.24 4.48 -50.38
N TYR M 8 -16.25 3.80 -51.53
CA TYR M 8 -16.28 4.49 -52.82
C TYR M 8 -17.51 3.98 -53.58
N PRO M 9 -17.92 4.67 -54.68
CA PRO M 9 -19.13 4.23 -55.41
C PRO M 9 -19.10 2.77 -55.81
N GLY M 10 -19.87 1.94 -55.10
CA GLY M 10 -19.96 0.53 -55.43
C GLY M 10 -18.89 -0.34 -54.83
N GLY M 11 -18.19 0.13 -53.80
CA GLY M 11 -17.15 -0.69 -53.21
C GLY M 11 -16.58 -0.05 -51.96
N VAL M 12 -15.59 -0.74 -51.40
CA VAL M 12 -14.88 -0.29 -50.21
C VAL M 12 -13.41 -0.66 -50.38
N VAL M 13 -12.53 0.13 -49.77
CA VAL M 13 -11.10 -0.16 -49.85
C VAL M 13 -10.49 0.04 -48.46
N MET M 14 -9.55 -0.83 -48.12
CA MET M 14 -8.88 -0.81 -46.83
C MET M 14 -7.38 -0.94 -47.03
N ALA M 15 -6.60 -0.17 -46.28
CA ALA M 15 -5.15 -0.19 -46.42
C ALA M 15 -4.50 -0.07 -45.04
N GLY M 16 -3.27 -0.57 -44.95
CA GLY M 16 -2.57 -0.60 -43.69
C GLY M 16 -1.08 -0.53 -43.87
N ASP M 17 -0.40 0.05 -42.87
CA ASP M 17 1.04 0.22 -42.92
C ASP M 17 1.75 -1.08 -42.55
N ARG M 18 3.09 -1.04 -42.56
CA ARG M 18 3.90 -2.23 -42.43
C ARG M 18 4.79 -2.23 -41.20
N ARG M 19 4.71 -1.23 -40.34
CA ARG M 19 5.65 -1.09 -39.24
C ARG M 19 5.20 -1.87 -38.01
N SER M 20 6.17 -2.51 -37.37
CA SER M 20 6.01 -3.04 -36.02
C SER M 20 7.07 -2.40 -35.15
N THR M 21 6.67 -1.91 -33.97
CA THR M 21 7.59 -1.28 -33.05
C THR M 21 7.53 -1.97 -31.70
N GLN M 22 8.57 -1.72 -30.90
CA GLN M 22 8.66 -2.21 -29.53
C GLN M 22 9.20 -1.04 -28.71
N GLY M 23 8.31 -0.34 -28.01
CA GLY M 23 8.65 0.95 -27.46
C GLY M 23 9.07 1.88 -28.58
N ASN M 24 10.36 2.20 -28.65
CA ASN M 24 10.88 3.03 -29.73
C ASN M 24 11.58 2.23 -30.82
N MET M 25 11.93 0.98 -30.57
CA MET M 25 12.68 0.19 -31.52
C MET M 25 11.79 -0.28 -32.66
N ILE M 26 12.34 -0.27 -33.88
CA ILE M 26 11.65 -0.76 -35.06
C ILE M 26 11.92 -2.26 -35.17
N SER M 27 10.89 -3.05 -34.96
CA SER M 27 10.99 -4.51 -35.02
C SER M 27 10.24 -5.10 -36.20
N GLY M 28 9.74 -4.27 -37.11
CA GLY M 28 9.02 -4.76 -38.27
C GLY M 28 8.88 -3.74 -39.38
N ARG M 29 9.20 -4.12 -40.60
CA ARG M 29 9.13 -3.23 -41.75
C ARG M 29 8.20 -3.73 -42.84
N ASP M 30 7.64 -4.93 -42.72
CA ASP M 30 6.82 -5.53 -43.76
C ASP M 30 5.64 -6.30 -43.17
N VAL M 31 5.12 -5.84 -42.04
CA VAL M 31 4.00 -6.52 -41.40
C VAL M 31 2.74 -6.28 -42.19
N ARG M 32 2.05 -7.35 -42.57
CA ARG M 32 0.82 -7.28 -43.35
C ARG M 32 -0.36 -7.36 -42.39
N LYS M 33 -1.06 -6.25 -42.23
CA LYS M 33 -2.10 -6.12 -41.22
C LYS M 33 -3.51 -6.13 -41.78
N VAL M 34 -3.67 -6.28 -43.10
CA VAL M 34 -4.98 -6.27 -43.75
C VAL M 34 -5.21 -7.66 -44.35
N TYR M 35 -6.14 -8.41 -43.78
CA TYR M 35 -6.43 -9.78 -44.17
C TYR M 35 -7.75 -9.85 -44.93
N ILE M 36 -7.81 -10.71 -45.94
CA ILE M 36 -9.05 -11.04 -46.61
C ILE M 36 -9.68 -12.19 -45.84
N THR M 37 -10.77 -11.91 -45.12
CA THR M 37 -11.36 -12.91 -44.25
C THR M 37 -12.40 -13.78 -44.94
N ASP M 38 -13.07 -13.26 -45.98
CA ASP M 38 -13.87 -14.13 -46.86
C ASP M 38 -14.08 -13.41 -48.18
N ASP M 39 -14.77 -14.10 -49.10
CA ASP M 39 -14.92 -13.64 -50.48
C ASP M 39 -15.44 -12.22 -50.59
N TYR M 40 -16.15 -11.71 -49.56
CA TYR M 40 -16.67 -10.36 -49.62
C TYR M 40 -16.34 -9.55 -48.36
N THR M 41 -15.35 -9.97 -47.59
CA THR M 41 -15.03 -9.18 -46.40
C THR M 41 -13.55 -9.31 -46.05
N ALA M 42 -13.01 -8.22 -45.51
CA ALA M 42 -11.60 -8.11 -45.15
C ALA M 42 -11.49 -7.39 -43.81
N THR M 43 -10.43 -7.71 -43.07
CA THR M 43 -10.23 -7.20 -41.71
C THR M 43 -8.81 -6.68 -41.56
N GLY M 44 -8.68 -5.47 -41.04
CA GLY M 44 -7.38 -4.92 -40.70
C GLY M 44 -7.25 -4.65 -39.21
N ILE M 45 -6.19 -5.13 -38.57
CA ILE M 45 -6.13 -5.11 -37.11
C ILE M 45 -4.99 -4.22 -36.65
N ALA M 46 -5.18 -3.59 -35.49
CA ALA M 46 -4.17 -2.75 -34.87
C ALA M 46 -4.00 -3.18 -33.42
N GLY M 47 -2.76 -3.46 -33.02
CA GLY M 47 -2.47 -3.83 -31.65
C GLY M 47 -1.42 -4.92 -31.62
N THR M 48 -1.44 -5.68 -30.52
CA THR M 48 -0.44 -6.72 -30.31
C THR M 48 -0.61 -7.83 -31.35
N ALA M 49 0.52 -8.29 -31.89
CA ALA M 49 0.51 -9.13 -33.08
C ALA M 49 -0.18 -10.48 -32.82
N ALA M 50 0.08 -11.08 -31.66
CA ALA M 50 -0.50 -12.40 -31.38
C ALA M 50 -2.02 -12.35 -31.43
N VAL M 51 -2.62 -11.36 -30.78
CA VAL M 51 -4.08 -11.24 -30.80
C VAL M 51 -4.58 -10.94 -32.20
N ALA M 52 -3.79 -10.22 -33.00
CA ALA M 52 -4.20 -9.89 -34.36
C ALA M 52 -4.24 -11.14 -35.24
N VAL M 53 -3.16 -11.94 -35.20
CA VAL M 53 -3.13 -13.17 -35.99
C VAL M 53 -4.22 -14.12 -35.55
N GLU M 54 -4.40 -14.26 -34.23
CA GLU M 54 -5.50 -15.09 -33.72
C GLU M 54 -6.84 -14.61 -34.26
N PHE M 55 -7.09 -13.31 -34.22
CA PHE M 55 -8.35 -12.75 -34.70
C PHE M 55 -8.57 -13.05 -36.17
N ALA M 56 -7.60 -12.69 -37.03
CA ALA M 56 -7.77 -12.87 -38.47
C ALA M 56 -7.99 -14.34 -38.80
N ARG M 57 -7.09 -15.20 -38.33
CA ARG M 57 -7.17 -16.63 -38.64
C ARG M 57 -8.48 -17.23 -38.16
N LEU M 58 -8.76 -17.11 -36.86
CA LEU M 58 -9.94 -17.75 -36.30
C LEU M 58 -11.23 -17.16 -36.85
N TYR M 59 -11.20 -15.89 -37.27
CA TYR M 59 -12.39 -15.27 -37.84
C TYR M 59 -12.69 -15.86 -39.22
N ALA M 60 -11.66 -15.92 -40.08
CA ALA M 60 -11.85 -16.55 -41.39
C ALA M 60 -12.32 -17.99 -41.25
N VAL M 61 -11.70 -18.74 -40.33
CA VAL M 61 -12.09 -20.13 -40.11
C VAL M 61 -13.53 -20.20 -39.59
N GLU M 62 -13.97 -19.23 -38.79
CA GLU M 62 -15.33 -19.27 -38.28
C GLU M 62 -16.35 -19.01 -39.39
N LEU M 63 -16.08 -18.01 -40.24
CA LEU M 63 -17.00 -17.72 -41.34
C LEU M 63 -17.11 -18.90 -42.30
N GLU M 64 -15.96 -19.42 -42.76
CA GLU M 64 -16.01 -20.56 -43.67
C GLU M 64 -16.63 -21.78 -43.00
N HIS M 65 -16.39 -21.93 -41.70
CA HIS M 65 -16.98 -23.02 -40.94
C HIS M 65 -18.50 -22.96 -40.99
N TYR M 66 -19.06 -21.79 -40.70
CA TYR M 66 -20.52 -21.64 -40.81
C TYR M 66 -20.98 -21.92 -42.22
N GLU M 67 -20.26 -21.41 -43.23
CA GLU M 67 -20.70 -21.57 -44.61
C GLU M 67 -20.79 -23.04 -45.00
N LYS M 68 -19.72 -23.80 -44.73
CA LYS M 68 -19.72 -25.22 -45.06
C LYS M 68 -20.75 -25.99 -44.24
N LEU M 69 -20.98 -25.58 -42.99
CA LEU M 69 -21.94 -26.30 -42.15
C LEU M 69 -23.37 -26.08 -42.63
N GLU M 70 -23.72 -24.85 -43.02
CA GLU M 70 -25.10 -24.47 -43.29
C GLU M 70 -25.37 -24.23 -44.78
N GLY M 71 -24.41 -24.49 -45.65
CA GLY M 71 -24.61 -24.34 -47.08
C GLY M 71 -24.83 -22.92 -47.57
N VAL M 72 -24.90 -21.94 -46.67
CA VAL M 72 -25.07 -20.54 -47.02
C VAL M 72 -24.15 -19.73 -46.12
N PRO M 73 -23.54 -18.64 -46.61
CA PRO M 73 -22.74 -17.78 -45.73
C PRO M 73 -23.62 -17.00 -44.77
N LEU M 74 -22.96 -16.38 -43.80
CA LEU M 74 -23.65 -15.54 -42.82
C LEU M 74 -24.09 -14.24 -43.45
N THR M 75 -25.20 -13.70 -42.93
CA THR M 75 -25.53 -12.31 -43.23
C THR M 75 -24.46 -11.39 -42.65
N PHE M 76 -24.36 -10.18 -43.22
CA PHE M 76 -23.32 -9.27 -42.75
C PHE M 76 -23.50 -8.93 -41.27
N ALA M 77 -24.75 -8.81 -40.83
CA ALA M 77 -25.02 -8.64 -39.41
C ALA M 77 -24.40 -9.77 -38.60
N GLY M 78 -24.60 -11.01 -39.04
CA GLY M 78 -24.01 -12.14 -38.35
C GLY M 78 -22.49 -12.07 -38.29
N LYS M 79 -21.86 -11.62 -39.38
CA LYS M 79 -20.41 -11.46 -39.37
C LYS M 79 -19.97 -10.43 -38.34
N ILE M 80 -20.67 -9.29 -38.29
CA ILE M 80 -20.37 -8.28 -37.28
C ILE M 80 -20.49 -8.88 -35.89
N ASN M 81 -21.57 -9.65 -35.65
CA ASN M 81 -21.79 -10.23 -34.33
C ASN M 81 -20.67 -11.20 -33.95
N ARG M 82 -20.24 -12.04 -34.89
CA ARG M 82 -19.19 -13.00 -34.58
C ARG M 82 -17.88 -12.30 -34.28
N LEU M 83 -17.52 -11.29 -35.08
CA LEU M 83 -16.30 -10.55 -34.82
C LEU M 83 -16.34 -9.87 -33.45
N ALA M 84 -17.45 -9.16 -33.17
CA ALA M 84 -17.58 -8.46 -31.89
C ALA M 84 -17.51 -9.43 -30.72
N ILE M 85 -18.18 -10.58 -30.83
CA ILE M 85 -18.13 -11.57 -29.76
C ILE M 85 -16.72 -12.08 -29.55
N MET M 86 -16.00 -12.37 -30.64
CA MET M 86 -14.62 -12.82 -30.52
C MET M 86 -13.77 -11.78 -29.83
N VAL M 87 -13.98 -10.50 -30.15
CA VAL M 87 -13.20 -9.44 -29.51
C VAL M 87 -13.54 -9.34 -28.03
N ARG M 88 -14.82 -9.43 -27.68
CA ARG M 88 -15.22 -9.41 -26.28
C ARG M 88 -14.63 -10.58 -25.51
N GLY M 89 -14.43 -11.73 -26.17
CA GLY M 89 -13.83 -12.87 -25.51
C GLY M 89 -12.42 -12.60 -25.00
N ASN M 90 -11.69 -11.72 -25.68
CA ASN M 90 -10.31 -11.40 -25.33
C ASN M 90 -10.20 -10.24 -24.34
N LEU M 91 -11.33 -9.78 -23.78
CA LEU M 91 -11.31 -8.62 -22.91
C LEU M 91 -10.42 -8.84 -21.68
N ALA M 92 -10.44 -10.06 -21.13
CA ALA M 92 -9.62 -10.36 -19.96
C ALA M 92 -8.14 -10.19 -20.27
N ALA M 93 -7.66 -10.83 -21.34
CA ALA M 93 -6.27 -10.65 -21.73
C ALA M 93 -5.99 -9.21 -22.15
N ALA M 94 -6.97 -8.55 -22.77
CA ALA M 94 -6.77 -7.16 -23.21
C ALA M 94 -6.52 -6.25 -22.03
N MET M 95 -7.20 -6.48 -20.91
CA MET M 95 -6.96 -5.68 -19.72
C MET M 95 -5.59 -5.96 -19.09
N GLN M 96 -4.90 -7.00 -19.54
CA GLN M 96 -3.57 -7.33 -19.03
C GLN M 96 -2.45 -6.98 -20.01
N GLY M 97 -2.75 -6.20 -21.04
CA GLY M 97 -1.74 -5.70 -21.96
C GLY M 97 -1.81 -6.25 -23.36
N LEU M 98 -2.62 -7.27 -23.61
CA LEU M 98 -2.69 -7.90 -24.92
C LEU M 98 -3.93 -7.40 -25.68
N LEU M 99 -3.86 -6.12 -26.04
CA LEU M 99 -4.99 -5.42 -26.65
C LEU M 99 -4.81 -5.35 -28.16
N ALA M 100 -5.89 -5.64 -28.89
CA ALA M 100 -5.90 -5.53 -30.34
C ALA M 100 -7.32 -5.29 -30.81
N LEU M 101 -7.48 -4.36 -31.75
CA LEU M 101 -8.78 -3.97 -32.25
C LEU M 101 -8.86 -4.16 -33.75
N PRO M 102 -9.92 -4.77 -34.26
CA PRO M 102 -10.08 -4.93 -35.71
C PRO M 102 -10.95 -3.83 -36.32
N LEU M 103 -10.73 -3.63 -37.61
CA LEU M 103 -11.54 -2.76 -38.45
C LEU M 103 -12.03 -3.58 -39.61
N LEU M 104 -13.35 -3.59 -39.82
CA LEU M 104 -13.99 -4.50 -40.77
C LEU M 104 -14.45 -3.73 -42.00
N ALA M 105 -14.17 -4.30 -43.17
CA ALA M 105 -14.62 -3.75 -44.44
C ALA M 105 -15.31 -4.86 -45.22
N GLY M 106 -16.48 -4.56 -45.78
CA GLY M 106 -17.23 -5.59 -46.49
C GLY M 106 -18.11 -5.04 -47.58
N TYR M 107 -18.59 -5.95 -48.42
CA TYR M 107 -19.59 -5.66 -49.44
C TYR M 107 -20.80 -6.55 -49.17
N ASP M 108 -21.95 -5.93 -48.92
CA ASP M 108 -23.15 -6.66 -48.55
C ASP M 108 -23.90 -7.03 -49.84
N ILE M 109 -23.91 -8.31 -50.18
CA ILE M 109 -24.48 -8.81 -51.42
C ILE M 109 -26.01 -8.84 -51.28
N HIS M 110 -26.50 -8.52 -50.09
CA HIS M 110 -27.93 -8.49 -49.83
C HIS M 110 -28.47 -7.08 -49.64
N ALA M 111 -27.62 -6.06 -49.80
CA ALA M 111 -28.09 -4.69 -49.73
C ALA M 111 -28.92 -4.37 -50.98
N SER M 112 -29.71 -3.30 -50.89
CA SER M 112 -30.59 -2.93 -52.00
C SER M 112 -29.78 -2.32 -53.13
N ASP M 113 -29.10 -1.20 -52.88
CA ASP M 113 -28.36 -0.50 -53.92
C ASP M 113 -26.94 -1.04 -54.00
N PRO M 114 -26.51 -1.57 -55.16
CA PRO M 114 -25.13 -2.05 -55.28
C PRO M 114 -24.08 -0.96 -55.18
N GLN M 115 -24.47 0.32 -55.18
CA GLN M 115 -23.52 1.41 -55.01
C GLN M 115 -23.27 1.75 -53.56
N SER M 116 -24.28 1.62 -52.70
CA SER M 116 -24.14 1.86 -51.27
C SER M 116 -23.96 0.57 -50.47
N ALA M 117 -23.59 -0.52 -51.14
CA ALA M 117 -23.38 -1.80 -50.47
C ALA M 117 -22.05 -1.87 -49.73
N GLY M 118 -21.29 -0.79 -49.69
CA GLY M 118 -20.06 -0.77 -48.92
C GLY M 118 -20.33 -0.73 -47.42
N ARG M 119 -19.45 -1.37 -46.67
CA ARG M 119 -19.63 -1.54 -45.23
C ARG M 119 -18.30 -1.32 -44.53
N ILE M 120 -18.32 -0.53 -43.46
CA ILE M 120 -17.16 -0.27 -42.61
C ILE M 120 -17.63 -0.33 -41.16
N VAL M 121 -17.05 -1.22 -40.37
CA VAL M 121 -17.47 -1.44 -38.99
C VAL M 121 -16.24 -1.33 -38.09
N SER M 122 -16.36 -0.54 -37.01
CA SER M 122 -15.29 -0.42 -36.03
C SER M 122 -15.71 -1.07 -34.71
N PHE M 123 -14.70 -1.44 -33.92
CA PHE M 123 -14.90 -2.21 -32.71
C PHE M 123 -14.06 -1.65 -31.57
N ASP M 124 -14.52 -1.89 -30.34
CA ASP M 124 -13.75 -1.57 -29.14
C ASP M 124 -13.40 -2.87 -28.40
N ALA M 125 -12.67 -2.71 -27.30
CA ALA M 125 -12.14 -3.85 -26.55
C ALA M 125 -13.22 -4.64 -25.80
N ALA M 126 -14.45 -4.13 -25.72
CA ALA M 126 -15.52 -4.79 -25.00
C ALA M 126 -16.51 -5.48 -25.93
N GLY M 127 -16.19 -5.61 -27.22
CA GLY M 127 -17.13 -6.14 -28.17
C GLY M 127 -18.15 -5.16 -28.68
N GLY M 128 -18.06 -3.89 -28.30
CA GLY M 128 -18.90 -2.87 -28.92
C GLY M 128 -18.51 -2.65 -30.38
N TRP M 129 -19.51 -2.31 -31.18
CA TRP M 129 -19.29 -2.15 -32.60
C TRP M 129 -20.16 -1.02 -33.13
N ASN M 130 -19.63 -0.32 -34.13
CA ASN M 130 -20.38 0.75 -34.78
C ASN M 130 -20.19 0.64 -36.29
N ILE M 131 -21.30 0.65 -37.02
CA ILE M 131 -21.28 0.73 -38.47
C ILE M 131 -21.15 2.20 -38.85
N GLU M 132 -20.10 2.52 -39.63
CA GLU M 132 -19.79 3.90 -39.95
C GLU M 132 -20.65 4.37 -41.13
N GLU M 133 -21.36 5.47 -40.94
CA GLU M 133 -22.23 6.03 -41.96
C GLU M 133 -21.64 7.28 -42.61
N GLU M 134 -20.42 7.67 -42.26
CA GLU M 134 -19.82 8.88 -42.78
C GLU M 134 -18.79 8.64 -43.87
N GLY M 135 -18.59 7.39 -44.30
CA GLY M 135 -17.78 7.12 -45.47
C GLY M 135 -16.42 6.54 -45.21
N TYR M 136 -15.73 7.03 -44.18
CA TYR M 136 -14.36 6.59 -43.90
C TYR M 136 -14.23 6.31 -42.41
N GLN M 137 -13.14 5.64 -42.05
CA GLN M 137 -12.81 5.32 -40.66
C GLN M 137 -11.38 4.80 -40.61
N ALA M 138 -10.76 4.93 -39.44
CA ALA M 138 -9.40 4.45 -39.23
C ALA M 138 -9.25 3.94 -37.80
N VAL M 139 -8.23 3.11 -37.60
CA VAL M 139 -7.91 2.53 -36.30
C VAL M 139 -6.40 2.47 -36.15
N GLY M 140 -5.93 2.64 -34.92
CA GLY M 140 -4.52 2.54 -34.61
C GLY M 140 -3.97 3.82 -34.03
N SER M 141 -2.64 3.82 -33.83
CA SER M 141 -1.95 4.93 -33.17
C SER M 141 -1.84 6.17 -34.05
N GLY M 142 -2.08 6.06 -35.35
CA GLY M 142 -2.10 7.24 -36.21
C GLY M 142 -3.46 7.46 -36.84
N SER M 143 -4.50 6.87 -36.25
CA SER M 143 -5.82 6.89 -36.86
C SER M 143 -6.44 8.29 -36.82
N LEU M 144 -6.05 9.12 -35.85
CA LEU M 144 -6.60 10.47 -35.79
C LEU M 144 -6.05 11.34 -36.92
N PHE M 145 -4.76 11.22 -37.21
CA PHE M 145 -4.19 11.94 -38.34
C PHE M 145 -4.80 11.47 -39.65
N ALA M 146 -5.01 10.16 -39.80
CA ALA M 146 -5.59 9.62 -41.02
C ALA M 146 -7.04 10.07 -41.20
N LYS M 147 -7.84 10.01 -40.13
CA LYS M 147 -9.23 10.44 -40.24
C LYS M 147 -9.33 11.94 -40.50
N SER M 148 -8.45 12.73 -39.88
CA SER M 148 -8.48 14.17 -40.10
C SER M 148 -8.06 14.51 -41.53
N SER M 149 -7.11 13.75 -42.08
CA SER M 149 -6.75 13.92 -43.49
C SER M 149 -7.92 13.57 -44.40
N MET M 150 -8.57 12.43 -44.14
CA MET M 150 -9.67 11.99 -44.97
C MET M 150 -10.86 12.94 -44.88
N LYS M 151 -10.98 13.66 -43.76
CA LYS M 151 -12.05 14.65 -43.63
C LYS M 151 -11.92 15.74 -44.69
N LYS M 152 -10.69 16.05 -45.10
CA LYS M 152 -10.47 17.05 -46.15
C LYS M 152 -10.36 16.43 -47.53
N LEU M 153 -9.94 15.16 -47.63
CA LEU M 153 -9.68 14.56 -48.92
C LEU M 153 -10.85 13.75 -49.48
N TYR M 154 -11.88 13.47 -48.68
CA TYR M 154 -12.88 12.50 -49.09
C TYR M 154 -13.71 12.98 -50.28
N SER M 155 -13.85 14.30 -50.46
CA SER M 155 -14.64 14.81 -51.57
C SER M 155 -14.06 14.43 -52.93
N GLN M 156 -12.79 14.02 -52.97
CA GLN M 156 -12.14 13.62 -54.22
C GLN M 156 -12.43 12.17 -54.61
N VAL M 157 -13.21 11.44 -53.82
CA VAL M 157 -13.42 10.01 -54.04
C VAL M 157 -14.64 9.86 -54.95
N THR M 158 -14.38 9.53 -56.22
CA THR M 158 -15.45 9.30 -57.19
C THR M 158 -15.48 7.89 -57.75
N ASP M 159 -14.41 7.12 -57.61
CA ASP M 159 -14.38 5.74 -58.08
C ASP M 159 -13.41 4.96 -57.20
N GLY M 160 -13.02 3.77 -57.66
CA GLY M 160 -12.12 2.95 -56.87
C GLY M 160 -10.71 3.48 -56.85
N ASP M 161 -10.21 3.96 -58.00
CA ASP M 161 -8.85 4.45 -58.07
C ASP M 161 -8.65 5.67 -57.16
N SER M 162 -9.55 6.64 -57.26
CA SER M 162 -9.46 7.82 -56.41
C SER M 162 -9.52 7.46 -54.94
N GLY M 163 -10.39 6.50 -54.58
CA GLY M 163 -10.48 6.07 -53.20
C GLY M 163 -9.19 5.43 -52.71
N LEU M 164 -8.57 4.60 -53.55
CA LEU M 164 -7.28 4.02 -53.20
C LEU M 164 -6.23 5.10 -52.98
N ARG M 165 -6.21 6.11 -53.86
CA ARG M 165 -5.26 7.21 -53.70
C ARG M 165 -5.48 7.94 -52.37
N VAL M 166 -6.73 8.26 -52.05
CA VAL M 166 -7.03 8.95 -50.80
C VAL M 166 -6.62 8.10 -49.61
N ALA M 167 -6.80 6.78 -49.71
CA ALA M 167 -6.40 5.89 -48.61
C ALA M 167 -4.89 5.94 -48.40
N VAL M 168 -4.12 5.78 -49.49
CA VAL M 168 -2.66 5.77 -49.35
C VAL M 168 -2.16 7.13 -48.86
N GLU M 169 -2.82 8.23 -49.24
CA GLU M 169 -2.41 9.53 -48.74
C GLU M 169 -2.76 9.70 -47.26
N ALA M 170 -3.88 9.13 -46.83
CA ALA M 170 -4.23 9.14 -45.42
C ALA M 170 -3.18 8.41 -44.60
N LEU M 171 -2.80 7.21 -45.03
CA LEU M 171 -1.72 6.49 -44.35
C LEU M 171 -0.42 7.27 -44.40
N TYR M 172 -0.20 8.05 -45.48
CA TYR M 172 1.01 8.86 -45.58
C TYR M 172 1.02 9.95 -44.51
N ASP M 173 -0.11 10.64 -44.32
CA ASP M 173 -0.17 11.63 -43.25
C ASP M 173 -0.03 10.99 -41.88
N ALA M 174 -0.64 9.82 -41.69
CA ALA M 174 -0.54 9.10 -40.42
C ALA M 174 0.91 8.78 -40.08
N ALA M 175 1.66 8.25 -41.06
CA ALA M 175 3.08 8.00 -40.83
C ALA M 175 3.87 9.30 -40.70
N ASP M 176 3.38 10.37 -41.32
CA ASP M 176 4.04 11.67 -41.23
C ASP M 176 3.98 12.23 -39.83
N ASP M 177 2.90 11.96 -39.09
CA ASP M 177 2.77 12.49 -37.74
C ASP M 177 2.89 11.46 -36.63
N ASP M 178 2.97 10.17 -36.94
CA ASP M 178 3.04 9.13 -35.93
C ASP M 178 4.22 8.21 -36.22
N SER M 179 5.19 8.17 -35.31
CA SER M 179 6.36 7.33 -35.50
C SER M 179 6.03 5.84 -35.43
N ALA M 180 4.90 5.48 -34.83
CA ALA M 180 4.48 4.08 -34.78
C ALA M 180 3.85 3.61 -36.08
N THR M 181 3.60 4.50 -37.02
CA THR M 181 3.10 4.16 -38.34
C THR M 181 4.23 4.30 -39.35
N GLY M 182 4.39 3.29 -40.21
CA GLY M 182 5.46 3.29 -41.19
C GLY M 182 5.01 3.88 -42.52
N GLY M 183 5.86 4.73 -43.08
CA GLY M 183 5.61 5.34 -44.37
C GLY M 183 6.19 4.54 -45.51
N PRO M 184 6.08 5.05 -46.73
CA PRO M 184 6.65 4.35 -47.90
C PRO M 184 8.17 4.32 -47.83
N ASP M 185 8.72 3.11 -47.75
CA ASP M 185 10.17 2.91 -47.76
C ASP M 185 10.60 2.74 -49.21
N LEU M 186 11.02 3.83 -49.84
CA LEU M 186 11.47 3.75 -51.22
C LEU M 186 12.82 3.08 -51.36
N VAL M 187 13.63 3.05 -50.30
CA VAL M 187 14.92 2.37 -50.36
C VAL M 187 14.72 0.87 -50.44
N ARG M 188 13.97 0.31 -49.49
CA ARG M 188 13.73 -1.13 -49.46
C ARG M 188 12.63 -1.56 -50.42
N GLY M 189 11.77 -0.63 -50.86
CA GLY M 189 10.67 -0.98 -51.73
C GLY M 189 9.47 -1.55 -51.04
N ILE M 190 9.29 -1.28 -49.75
CA ILE M 190 8.14 -1.75 -48.99
C ILE M 190 7.11 -0.64 -48.95
N PHE M 191 5.84 -1.01 -49.12
CA PHE M 191 4.74 -0.06 -49.22
C PHE M 191 3.56 -0.61 -48.45
N PRO M 192 2.60 0.24 -48.08
CA PRO M 192 1.41 -0.25 -47.37
C PRO M 192 0.64 -1.24 -48.23
N THR M 193 -0.08 -2.13 -47.57
CA THR M 193 -0.91 -3.10 -48.27
C THR M 193 -2.36 -2.62 -48.33
N ALA M 194 -3.10 -3.15 -49.28
CA ALA M 194 -4.49 -2.74 -49.46
C ALA M 194 -5.29 -3.87 -50.07
N VAL M 195 -6.56 -3.94 -49.66
CA VAL M 195 -7.56 -4.83 -50.22
C VAL M 195 -8.72 -3.98 -50.71
N ILE M 196 -9.27 -4.33 -51.86
CA ILE M 196 -10.42 -3.63 -52.41
C ILE M 196 -11.55 -4.64 -52.62
N ILE M 197 -12.77 -4.23 -52.27
CA ILE M 197 -13.93 -5.12 -52.29
C ILE M 197 -15.04 -4.43 -53.08
N ASP M 198 -15.53 -5.10 -54.11
CA ASP M 198 -16.72 -4.63 -54.82
C ASP M 198 -17.60 -5.84 -55.11
N ALA M 199 -18.50 -5.70 -56.09
CA ALA M 199 -19.45 -6.77 -56.37
C ALA M 199 -18.76 -8.05 -56.84
N ASP M 200 -17.61 -7.93 -57.49
CA ASP M 200 -16.84 -9.09 -57.90
C ASP M 200 -16.13 -9.79 -56.74
N GLY M 201 -16.10 -9.18 -55.56
CA GLY M 201 -15.43 -9.79 -54.43
C GLY M 201 -14.35 -8.95 -53.80
N ALA M 202 -13.53 -9.57 -52.95
CA ALA M 202 -12.42 -8.91 -52.26
C ALA M 202 -11.11 -9.41 -52.85
N VAL M 203 -10.33 -8.49 -53.42
CA VAL M 203 -9.07 -8.83 -54.04
C VAL M 203 -7.97 -7.96 -53.45
N ASP M 204 -6.74 -8.50 -53.48
CA ASP M 204 -5.57 -7.78 -53.05
C ASP M 204 -5.14 -6.78 -54.12
N VAL M 205 -4.90 -5.55 -53.71
CA VAL M 205 -4.39 -4.54 -54.65
C VAL M 205 -2.90 -4.81 -54.87
N PRO M 206 -2.44 -4.89 -56.12
CA PRO M 206 -1.03 -5.20 -56.37
C PRO M 206 -0.10 -4.12 -55.85
N GLU M 207 1.11 -4.54 -55.47
CA GLU M 207 2.07 -3.63 -54.86
C GLU M 207 2.41 -2.47 -55.80
N SER M 208 2.61 -2.77 -57.09
CA SER M 208 3.09 -1.78 -58.04
C SER M 208 2.25 -0.51 -58.04
N ARG M 209 0.92 -0.65 -58.02
CA ARG M 209 0.07 0.52 -58.09
C ARG M 209 0.13 1.34 -56.80
N ILE M 210 0.17 0.67 -55.65
CA ILE M 210 0.33 1.37 -54.39
C ILE M 210 1.64 2.15 -54.38
N ALA M 211 2.71 1.53 -54.87
CA ALA M 211 3.99 2.22 -54.97
C ALA M 211 3.89 3.44 -55.87
N GLU M 212 3.18 3.33 -56.99
CA GLU M 212 3.02 4.46 -57.89
C GLU M 212 2.29 5.61 -57.22
N LEU M 213 1.19 5.30 -56.52
CA LEU M 213 0.45 6.34 -55.81
C LEU M 213 1.30 6.98 -54.72
N ALA M 214 2.10 6.17 -54.02
CA ALA M 214 2.96 6.70 -52.97
C ALA M 214 4.00 7.66 -53.52
N ARG M 215 4.68 7.26 -54.61
CA ARG M 215 5.66 8.14 -55.23
C ARG M 215 5.03 9.41 -55.77
N ALA M 216 3.83 9.29 -56.35
CA ALA M 216 3.13 10.48 -56.82
C ALA M 216 2.82 11.43 -55.67
N ILE M 217 2.43 10.89 -54.51
CA ILE M 217 2.19 11.72 -53.34
C ILE M 217 3.48 12.42 -52.92
N ILE M 218 4.56 11.66 -52.80
CA ILE M 218 5.84 12.22 -52.34
C ILE M 218 6.28 13.35 -53.26
N GLU M 219 6.32 13.08 -54.57
CA GLU M 219 6.67 14.13 -55.53
C GLU M 219 5.73 15.31 -55.44
N SER M 220 4.45 15.07 -55.14
CA SER M 220 3.48 16.16 -55.05
C SER M 220 3.72 17.02 -53.81
N ARG M 221 4.28 16.44 -52.75
CA ARG M 221 4.54 17.19 -51.52
C ARG M 221 5.79 18.05 -51.61
N SER M 222 6.63 17.85 -52.61
CA SER M 222 7.89 18.59 -52.72
C SER M 222 7.76 19.75 -53.70
N THR N 1 22.81 -14.26 -22.82
CA THR N 1 22.47 -15.12 -23.95
C THR N 1 22.30 -14.33 -25.23
N THR N 2 22.78 -14.89 -26.34
CA THR N 2 22.53 -14.33 -27.67
C THR N 2 22.50 -15.46 -28.67
N ILE N 3 21.40 -15.53 -29.43
CA ILE N 3 21.22 -16.52 -30.48
C ILE N 3 21.08 -15.78 -31.80
N VAL N 4 21.82 -16.22 -32.81
CA VAL N 4 21.82 -15.61 -34.14
C VAL N 4 21.38 -16.65 -35.16
N ALA N 5 20.81 -16.17 -36.26
CA ALA N 5 20.34 -17.03 -37.35
C ALA N 5 20.30 -16.21 -38.62
N LEU N 6 20.89 -16.74 -39.70
CA LEU N 6 20.89 -16.02 -40.97
C LEU N 6 20.74 -17.01 -42.11
N LYS N 7 20.08 -16.56 -43.17
CA LYS N 7 19.91 -17.34 -44.39
C LYS N 7 21.10 -17.13 -45.31
N TYR N 8 21.51 -18.19 -45.98
CA TYR N 8 22.52 -18.15 -47.02
C TYR N 8 21.97 -18.87 -48.24
N PRO N 9 22.55 -18.65 -49.42
CA PRO N 9 22.04 -19.32 -50.63
C PRO N 9 21.96 -20.83 -50.48
N GLY N 10 20.74 -21.36 -50.46
CA GLY N 10 20.52 -22.79 -50.35
C GLY N 10 20.34 -23.32 -48.94
N GLY N 11 20.45 -22.48 -47.92
CA GLY N 11 20.30 -22.98 -46.58
C GLY N 11 20.19 -21.88 -45.55
N VAL N 12 20.30 -22.29 -44.28
CA VAL N 12 20.20 -21.38 -43.14
C VAL N 12 21.18 -21.84 -42.08
N VAL N 13 21.59 -20.90 -41.22
CA VAL N 13 22.53 -21.18 -40.15
C VAL N 13 22.02 -20.53 -38.87
N MET N 14 22.37 -21.15 -37.74
CA MET N 14 22.01 -20.62 -36.43
C MET N 14 23.08 -20.98 -35.43
N ALA N 15 23.46 -20.02 -34.59
CA ALA N 15 24.51 -20.25 -33.60
C ALA N 15 24.14 -19.56 -32.30
N GLY N 16 24.71 -20.07 -31.21
CA GLY N 16 24.45 -19.52 -29.89
C GLY N 16 25.67 -19.64 -29.00
N ASP N 17 25.73 -18.74 -28.02
CA ASP N 17 26.84 -18.69 -27.08
C ASP N 17 26.70 -19.80 -26.04
N ARG N 18 27.66 -19.86 -25.12
CA ARG N 18 27.74 -20.93 -24.14
C ARG N 18 27.58 -20.47 -22.70
N ARG N 19 27.35 -19.17 -22.47
CA ARG N 19 27.39 -18.63 -21.12
C ARG N 19 26.06 -18.82 -20.41
N SER N 20 26.14 -18.93 -19.08
CA SER N 20 24.98 -18.88 -18.20
C SER N 20 25.34 -18.09 -16.96
N THR N 21 24.49 -17.13 -16.60
CA THR N 21 24.70 -16.29 -15.43
C THR N 21 23.45 -16.27 -14.58
N GLN N 22 23.62 -15.84 -13.32
CA GLN N 22 22.50 -15.43 -12.48
C GLN N 22 22.95 -14.14 -11.78
N GLY N 23 22.42 -13.02 -12.23
CA GLY N 23 22.89 -11.73 -11.77
C GLY N 23 24.22 -11.38 -12.38
N ASN N 24 25.28 -11.36 -11.55
CA ASN N 24 26.63 -11.12 -12.03
C ASN N 24 27.46 -12.39 -12.15
N MET N 25 27.18 -13.40 -11.32
CA MET N 25 28.04 -14.58 -11.25
C MET N 25 27.88 -15.44 -12.49
N ILE N 26 29.01 -15.88 -13.04
CA ILE N 26 29.02 -16.83 -14.15
C ILE N 26 28.78 -18.22 -13.59
N SER N 27 27.72 -18.88 -14.06
CA SER N 27 27.33 -20.18 -13.55
C SER N 27 27.33 -21.28 -14.60
N GLY N 28 27.58 -20.93 -15.86
CA GLY N 28 27.68 -21.92 -16.92
C GLY N 28 28.64 -21.43 -17.99
N ARG N 29 29.52 -22.33 -18.44
CA ARG N 29 30.51 -21.97 -19.45
C ARG N 29 30.37 -22.76 -20.74
N ASP N 30 29.54 -23.80 -20.77
CA ASP N 30 29.48 -24.71 -21.90
C ASP N 30 28.04 -25.08 -22.24
N VAL N 31 27.10 -24.20 -21.94
CA VAL N 31 25.69 -24.50 -22.17
C VAL N 31 25.41 -24.53 -23.67
N ARG N 32 24.64 -25.52 -24.10
CA ARG N 32 24.22 -25.66 -25.48
C ARG N 32 22.79 -25.14 -25.61
N LYS N 33 22.60 -24.12 -26.45
CA LYS N 33 21.32 -23.45 -26.58
C LYS N 33 20.67 -23.60 -27.94
N VAL N 34 21.28 -24.34 -28.86
CA VAL N 34 20.75 -24.55 -30.21
C VAL N 34 20.50 -26.03 -30.40
N TYR N 35 19.24 -26.40 -30.65
CA TYR N 35 18.82 -27.78 -30.74
C TYR N 35 18.30 -28.10 -32.13
N ILE N 36 18.82 -29.18 -32.72
CA ILE N 36 18.21 -29.75 -33.92
C ILE N 36 16.88 -30.37 -33.51
N THR N 37 15.78 -29.66 -33.77
CA THR N 37 14.47 -30.14 -33.32
C THR N 37 13.86 -31.13 -34.29
N ASP N 38 14.18 -31.05 -35.59
CA ASP N 38 13.80 -32.10 -36.52
C ASP N 38 14.74 -32.04 -37.71
N ASP N 39 14.60 -33.02 -38.61
CA ASP N 39 15.53 -33.21 -39.71
C ASP N 39 15.81 -31.92 -40.48
N TYR N 40 14.88 -30.98 -40.48
CA TYR N 40 15.06 -29.74 -41.24
C TYR N 40 14.87 -28.48 -40.40
N THR N 41 14.71 -28.58 -39.08
CA THR N 41 14.55 -27.37 -38.28
C THR N 41 15.39 -27.46 -37.02
N ALA N 42 15.95 -26.30 -36.64
CA ALA N 42 16.67 -26.11 -35.39
C ALA N 42 16.05 -24.96 -34.61
N THR N 43 16.06 -25.07 -33.29
CA THR N 43 15.47 -24.09 -32.39
C THR N 43 16.53 -23.62 -31.40
N GLY N 44 16.86 -22.33 -31.45
CA GLY N 44 17.65 -21.70 -30.42
C GLY N 44 16.72 -21.04 -29.43
N ILE N 45 17.17 -20.88 -28.19
CA ILE N 45 16.33 -20.29 -27.15
C ILE N 45 17.19 -19.37 -26.28
N ALA N 46 16.55 -18.35 -25.71
CA ALA N 46 17.17 -17.45 -24.75
C ALA N 46 16.25 -17.28 -23.54
N GLY N 47 16.83 -17.36 -22.35
CA GLY N 47 16.05 -17.13 -21.14
C GLY N 47 16.22 -18.19 -20.06
N THR N 48 15.18 -18.39 -19.27
CA THR N 48 15.25 -19.34 -18.16
C THR N 48 15.59 -20.73 -18.66
N ALA N 49 16.69 -21.29 -18.13
CA ALA N 49 17.20 -22.58 -18.63
C ALA N 49 16.15 -23.67 -18.53
N ALA N 50 15.40 -23.69 -17.43
CA ALA N 50 14.34 -24.68 -17.27
C ALA N 50 13.34 -24.60 -18.42
N VAL N 51 12.78 -23.41 -18.63
CA VAL N 51 11.78 -23.21 -19.69
C VAL N 51 12.38 -23.49 -21.06
N ALA N 52 13.68 -23.18 -21.25
CA ALA N 52 14.32 -23.44 -22.53
C ALA N 52 14.39 -24.94 -22.82
N VAL N 53 14.92 -25.72 -21.86
CA VAL N 53 15.04 -27.16 -22.08
C VAL N 53 13.67 -27.79 -22.25
N GLU N 54 12.70 -27.35 -21.47
CA GLU N 54 11.34 -27.84 -21.63
C GLU N 54 10.82 -27.56 -23.04
N PHE N 55 11.00 -26.32 -23.52
CA PHE N 55 10.59 -25.95 -24.87
C PHE N 55 11.21 -26.88 -25.91
N ALA N 56 12.54 -27.03 -25.87
CA ALA N 56 13.22 -27.83 -26.90
C ALA N 56 12.75 -29.28 -26.87
N ARG N 57 12.80 -29.91 -25.70
CA ARG N 57 12.44 -31.31 -25.58
C ARG N 57 11.01 -31.57 -26.03
N LEU N 58 10.05 -30.86 -25.42
CA LEU N 58 8.66 -31.09 -25.76
C LEU N 58 8.37 -30.73 -27.21
N TYR N 59 9.07 -29.73 -27.76
CA TYR N 59 8.81 -29.33 -29.14
C TYR N 59 9.24 -30.41 -30.12
N ALA N 60 10.46 -30.93 -29.96
CA ALA N 60 10.90 -32.03 -30.83
C ALA N 60 9.99 -33.24 -30.67
N VAL N 61 9.62 -33.57 -29.42
CA VAL N 61 8.72 -34.70 -29.17
C VAL N 61 7.39 -34.50 -29.89
N GLU N 62 6.87 -33.27 -29.90
CA GLU N 62 5.59 -33.00 -30.55
C GLU N 62 5.70 -33.15 -32.06
N LEU N 63 6.76 -32.60 -32.66
CA LEU N 63 6.93 -32.72 -34.10
C LEU N 63 7.02 -34.18 -34.53
N GLU N 64 7.93 -34.95 -33.92
CA GLU N 64 8.04 -36.35 -34.31
C GLU N 64 6.78 -37.13 -33.95
N HIS N 65 6.05 -36.67 -32.94
CA HIS N 65 4.80 -37.31 -32.56
C HIS N 65 3.76 -37.20 -33.68
N TYR N 66 3.57 -35.99 -34.20
CA TYR N 66 2.70 -35.84 -35.37
C TYR N 66 3.21 -36.67 -36.54
N GLU N 67 4.52 -36.67 -36.76
CA GLU N 67 5.04 -37.37 -37.93
C GLU N 67 4.78 -38.87 -37.86
N LYS N 68 4.88 -39.45 -36.66
CA LYS N 68 4.62 -40.88 -36.53
C LYS N 68 3.13 -41.19 -36.52
N LEU N 69 2.30 -40.28 -35.99
CA LEU N 69 0.86 -40.53 -35.99
C LEU N 69 0.28 -40.47 -37.40
N GLU N 70 0.76 -39.53 -38.22
CA GLU N 70 0.12 -39.25 -39.50
C GLU N 70 0.94 -39.66 -40.71
N GLY N 71 2.18 -40.10 -40.54
CA GLY N 71 2.99 -40.58 -41.64
C GLY N 71 3.60 -39.51 -42.52
N VAL N 72 3.32 -38.24 -42.25
CA VAL N 72 3.91 -37.13 -43.00
C VAL N 72 4.30 -36.05 -42.00
N PRO N 73 5.45 -35.39 -42.16
CA PRO N 73 5.81 -34.32 -41.22
C PRO N 73 4.87 -33.13 -41.36
N LEU N 74 4.79 -32.36 -40.28
CA LEU N 74 4.03 -31.12 -40.32
C LEU N 74 4.60 -30.18 -41.38
N THR N 75 3.71 -29.41 -41.99
CA THR N 75 4.15 -28.31 -42.83
C THR N 75 4.83 -27.26 -41.98
N PHE N 76 5.70 -26.47 -42.61
CA PHE N 76 6.49 -25.51 -41.84
C PHE N 76 5.60 -24.49 -41.13
N ALA N 77 4.50 -24.09 -41.76
CA ALA N 77 3.53 -23.23 -41.07
C ALA N 77 2.97 -23.92 -39.84
N GLY N 78 2.71 -25.23 -39.93
CA GLY N 78 2.25 -25.97 -38.78
C GLY N 78 3.27 -25.96 -37.65
N LYS N 79 4.55 -26.15 -37.99
CA LYS N 79 5.59 -26.12 -36.97
C LYS N 79 5.67 -24.75 -36.29
N ILE N 80 5.61 -23.67 -37.08
CA ILE N 80 5.56 -22.32 -36.51
C ILE N 80 4.40 -22.22 -35.54
N ASN N 81 3.21 -22.62 -35.99
CA ASN N 81 2.01 -22.48 -35.17
C ASN N 81 2.15 -23.25 -33.86
N ARG N 82 2.76 -24.45 -33.91
CA ARG N 82 2.91 -25.23 -32.69
C ARG N 82 3.88 -24.57 -31.72
N LEU N 83 5.02 -24.09 -32.22
CA LEU N 83 5.97 -23.40 -31.34
C LEU N 83 5.33 -22.17 -30.71
N ALA N 84 4.59 -21.40 -31.52
CA ALA N 84 3.90 -20.22 -31.00
C ALA N 84 2.89 -20.58 -29.92
N ILE N 85 2.07 -21.60 -30.18
CA ILE N 85 1.05 -22.03 -29.22
C ILE N 85 1.71 -22.48 -27.92
N MET N 86 2.88 -23.12 -28.02
CA MET N 86 3.61 -23.53 -26.82
C MET N 86 4.07 -22.31 -26.01
N VAL N 87 4.69 -21.34 -26.69
CA VAL N 87 5.17 -20.14 -25.99
C VAL N 87 4.03 -19.42 -25.30
N ARG N 88 2.94 -19.15 -26.04
CA ARG N 88 1.77 -18.54 -25.43
C ARG N 88 1.27 -19.37 -24.26
N GLY N 89 1.38 -20.69 -24.36
CA GLY N 89 1.04 -21.55 -23.24
C GLY N 89 1.88 -21.28 -22.01
N ASN N 90 3.14 -20.87 -22.21
CA ASN N 90 4.00 -20.54 -21.08
C ASN N 90 3.94 -19.07 -20.68
N LEU N 91 3.15 -18.24 -21.38
CA LEU N 91 3.07 -16.82 -21.05
C LEU N 91 2.77 -16.56 -19.56
N ALA N 92 1.88 -17.37 -18.97
CA ALA N 92 1.49 -17.14 -17.57
C ALA N 92 2.70 -17.23 -16.65
N ALA N 93 3.44 -18.35 -16.71
CA ALA N 93 4.63 -18.50 -15.89
C ALA N 93 5.69 -17.46 -16.27
N ALA N 94 5.76 -17.11 -17.55
CA ALA N 94 6.75 -16.14 -18.01
C ALA N 94 6.53 -14.78 -17.37
N MET N 95 5.26 -14.40 -17.17
CA MET N 95 4.96 -13.11 -16.56
C MET N 95 5.50 -13.01 -15.13
N GLN N 96 5.71 -14.13 -14.45
CA GLN N 96 6.23 -14.12 -13.10
C GLN N 96 7.72 -14.44 -13.02
N GLY N 97 8.43 -14.43 -14.14
CA GLY N 97 9.88 -14.55 -14.16
C GLY N 97 10.44 -15.76 -14.85
N LEU N 98 9.62 -16.76 -15.21
CA LEU N 98 10.11 -17.96 -15.89
C LEU N 98 9.91 -17.79 -17.40
N LEU N 99 10.65 -16.85 -17.96
CA LEU N 99 10.46 -16.39 -19.33
C LEU N 99 11.55 -16.93 -20.24
N ALA N 100 11.15 -17.37 -21.44
CA ALA N 100 12.08 -17.88 -22.43
C ALA N 100 11.51 -17.66 -23.82
N LEU N 101 12.35 -17.19 -24.75
CA LEU N 101 11.95 -16.89 -26.11
C LEU N 101 12.72 -17.76 -27.10
N PRO N 102 12.05 -18.38 -28.06
CA PRO N 102 12.75 -19.18 -29.08
C PRO N 102 12.93 -18.45 -30.41
N LEU N 103 13.99 -18.81 -31.12
CA LEU N 103 14.23 -18.43 -32.50
C LEU N 103 14.28 -19.71 -33.33
N LEU N 104 13.50 -19.75 -34.41
CA LEU N 104 13.34 -20.95 -35.23
C LEU N 104 14.02 -20.77 -36.58
N ALA N 105 14.77 -21.78 -37.01
CA ALA N 105 15.39 -21.80 -38.33
C ALA N 105 15.06 -23.11 -39.02
N GLY N 106 14.76 -23.05 -40.32
CA GLY N 106 14.37 -24.27 -41.01
C GLY N 106 14.59 -24.19 -42.50
N TYR N 107 14.49 -25.36 -43.13
CA TYR N 107 14.52 -25.51 -44.59
C TYR N 107 13.21 -26.13 -45.02
N ASP N 108 12.38 -25.35 -45.71
CA ASP N 108 11.06 -25.84 -46.13
C ASP N 108 11.24 -26.69 -47.39
N ILE N 109 11.19 -28.01 -47.21
CA ILE N 109 11.35 -28.93 -48.33
C ILE N 109 10.20 -28.87 -49.32
N HIS N 110 9.13 -28.14 -49.00
CA HIS N 110 8.00 -27.95 -49.90
C HIS N 110 7.99 -26.57 -50.54
N ALA N 111 8.97 -25.73 -50.25
CA ALA N 111 9.04 -24.41 -50.87
C ALA N 111 9.29 -24.53 -52.36
N SER N 112 8.83 -23.51 -53.11
CA SER N 112 8.97 -23.54 -54.56
C SER N 112 10.44 -23.48 -54.97
N ASP N 113 11.15 -22.43 -54.55
CA ASP N 113 12.55 -22.27 -54.88
C ASP N 113 13.40 -22.90 -53.79
N PRO N 114 14.10 -24.01 -54.08
CA PRO N 114 14.93 -24.65 -53.05
C PRO N 114 16.15 -23.83 -52.64
N GLN N 115 16.50 -22.77 -53.38
CA GLN N 115 17.61 -21.92 -52.95
C GLN N 115 17.15 -20.96 -51.86
N SER N 116 15.98 -20.34 -52.03
CA SER N 116 15.41 -19.42 -51.05
C SER N 116 14.48 -20.14 -50.07
N ALA N 117 14.70 -21.42 -49.83
CA ALA N 117 13.87 -22.19 -48.92
C ALA N 117 14.31 -22.09 -47.46
N GLY N 118 15.32 -21.27 -47.18
CA GLY N 118 15.66 -20.99 -45.80
C GLY N 118 14.56 -20.20 -45.12
N ARG N 119 14.45 -20.39 -43.80
CA ARG N 119 13.37 -19.80 -43.02
C ARG N 119 13.89 -19.41 -41.65
N ILE N 120 13.55 -18.20 -41.21
CA ILE N 120 13.86 -17.71 -39.87
C ILE N 120 12.60 -17.08 -39.30
N VAL N 121 12.16 -17.57 -38.15
CA VAL N 121 10.92 -17.14 -37.52
C VAL N 121 11.22 -16.76 -36.07
N SER N 122 10.82 -15.56 -35.68
CA SER N 122 11.03 -15.08 -34.32
C SER N 122 9.70 -15.01 -33.58
N PHE N 123 9.80 -15.02 -32.24
CA PHE N 123 8.65 -15.20 -31.37
C PHE N 123 8.73 -14.25 -30.18
N ASP N 124 7.55 -13.81 -29.71
CA ASP N 124 7.44 -13.04 -28.48
C ASP N 124 6.71 -13.85 -27.42
N ALA N 125 6.68 -13.31 -26.20
CA ALA N 125 6.13 -14.05 -25.07
C ALA N 125 4.65 -14.37 -25.22
N ALA N 126 3.93 -13.64 -26.07
CA ALA N 126 2.50 -13.83 -26.23
C ALA N 126 2.15 -14.80 -27.36
N GLY N 127 3.13 -15.50 -27.92
CA GLY N 127 2.88 -16.38 -29.03
C GLY N 127 2.88 -15.75 -30.39
N GLY N 128 3.22 -14.45 -30.48
CA GLY N 128 3.35 -13.81 -31.78
C GLY N 128 4.59 -14.33 -32.51
N TRP N 129 4.47 -14.45 -33.82
CA TRP N 129 5.55 -14.96 -34.65
C TRP N 129 5.72 -14.09 -35.88
N ASN N 130 6.95 -14.00 -36.37
CA ASN N 130 7.24 -13.25 -37.58
C ASN N 130 8.26 -14.02 -38.40
N ILE N 131 7.89 -14.33 -39.65
CA ILE N 131 8.81 -14.94 -40.61
C ILE N 131 9.71 -13.83 -41.14
N GLU N 132 10.99 -13.88 -40.77
CA GLU N 132 11.90 -12.78 -41.11
C GLU N 132 12.19 -12.78 -42.60
N GLU N 133 12.03 -11.60 -43.22
CA GLU N 133 12.16 -11.44 -44.66
C GLU N 133 13.35 -10.57 -45.04
N GLU N 134 14.28 -10.34 -44.11
CA GLU N 134 15.47 -9.53 -44.38
C GLU N 134 16.78 -10.28 -44.25
N GLY N 135 16.75 -11.55 -43.83
CA GLY N 135 17.96 -12.36 -43.91
C GLY N 135 18.51 -12.90 -42.60
N TYR N 136 18.51 -12.08 -41.55
CA TYR N 136 19.08 -12.47 -40.27
C TYR N 136 18.16 -12.06 -39.14
N GLN N 137 18.41 -12.63 -37.97
CA GLN N 137 17.62 -12.37 -36.77
C GLN N 137 18.39 -12.90 -35.56
N ALA N 138 18.16 -12.27 -34.41
CA ALA N 138 18.84 -12.65 -33.18
C ALA N 138 17.92 -12.37 -32.01
N VAL N 139 18.07 -13.17 -30.95
CA VAL N 139 17.28 -12.99 -29.74
C VAL N 139 18.19 -13.22 -28.53
N GLY N 140 17.96 -12.44 -27.48
CA GLY N 140 18.73 -12.56 -26.25
C GLY N 140 19.20 -11.22 -25.75
N SER N 141 19.94 -11.27 -24.64
CA SER N 141 20.39 -10.05 -23.96
C SER N 141 21.36 -9.23 -24.81
N GLY N 142 21.95 -9.83 -25.84
CA GLY N 142 22.83 -9.11 -26.74
C GLY N 142 22.40 -9.24 -28.18
N SER N 143 21.08 -9.29 -28.41
CA SER N 143 20.58 -9.53 -29.77
C SER N 143 20.77 -8.30 -30.65
N LEU N 144 20.53 -7.10 -30.11
CA LEU N 144 20.61 -5.90 -30.94
C LEU N 144 22.05 -5.60 -31.35
N PHE N 145 23.02 -5.98 -30.52
CA PHE N 145 24.41 -5.93 -30.97
C PHE N 145 24.63 -6.85 -32.15
N ALA N 146 24.10 -8.08 -32.07
CA ALA N 146 24.30 -9.06 -33.14
C ALA N 146 23.62 -8.61 -34.43
N LYS N 147 22.40 -8.07 -34.34
CA LYS N 147 21.69 -7.64 -35.52
C LYS N 147 22.34 -6.39 -36.11
N SER N 148 22.82 -5.49 -35.26
CA SER N 148 23.50 -4.30 -35.76
C SER N 148 24.82 -4.65 -36.45
N SER N 149 25.50 -5.70 -35.99
CA SER N 149 26.70 -6.17 -36.66
C SER N 149 26.36 -6.84 -37.99
N MET N 150 25.40 -7.77 -37.96
CA MET N 150 24.99 -8.46 -39.18
C MET N 150 24.41 -7.49 -40.21
N LYS N 151 23.93 -6.33 -39.76
CA LYS N 151 23.49 -5.30 -40.70
C LYS N 151 24.62 -4.90 -41.64
N LYS N 152 25.85 -4.85 -41.13
CA LYS N 152 27.01 -4.47 -41.93
C LYS N 152 27.72 -5.67 -42.54
N LEU N 153 27.67 -6.83 -41.89
CA LEU N 153 28.41 -8.00 -42.35
C LEU N 153 27.63 -8.89 -43.29
N TYR N 154 26.30 -8.72 -43.40
CA TYR N 154 25.48 -9.67 -44.13
C TYR N 154 25.73 -9.65 -45.63
N SER N 155 26.24 -8.53 -46.17
CA SER N 155 26.53 -8.48 -47.60
C SER N 155 27.63 -9.44 -48.01
N GLN N 156 28.49 -9.83 -47.06
CA GLN N 156 29.54 -10.81 -47.34
C GLN N 156 29.01 -12.23 -47.46
N VAL N 157 27.75 -12.47 -47.07
CA VAL N 157 27.21 -13.82 -47.07
C VAL N 157 26.93 -14.25 -48.50
N THR N 158 27.60 -15.32 -48.94
CA THR N 158 27.43 -15.87 -50.28
C THR N 158 27.28 -17.38 -50.31
N ASP N 159 27.77 -18.10 -49.31
CA ASP N 159 27.62 -19.55 -49.25
C ASP N 159 27.42 -19.93 -47.79
N GLY N 160 27.62 -21.21 -47.46
CA GLY N 160 27.49 -21.64 -46.08
C GLY N 160 28.64 -21.16 -45.22
N ASP N 161 29.85 -21.14 -45.78
CA ASP N 161 31.03 -20.73 -45.02
C ASP N 161 30.96 -19.27 -44.62
N SER N 162 30.68 -18.38 -45.58
CA SER N 162 30.61 -16.96 -45.27
C SER N 162 29.50 -16.66 -44.28
N GLY N 163 28.34 -17.30 -44.45
CA GLY N 163 27.25 -17.08 -43.52
C GLY N 163 27.56 -17.55 -42.12
N LEU N 164 28.20 -18.72 -42.00
CA LEU N 164 28.61 -19.19 -40.67
C LEU N 164 29.62 -18.25 -40.04
N ARG N 165 30.59 -17.78 -40.84
CA ARG N 165 31.56 -16.81 -40.34
C ARG N 165 30.85 -15.57 -39.80
N VAL N 166 29.89 -15.04 -40.57
CA VAL N 166 29.15 -13.86 -40.13
C VAL N 166 28.40 -14.15 -38.83
N ALA N 167 27.82 -15.34 -38.71
CA ALA N 167 27.11 -15.69 -37.47
C ALA N 167 28.05 -15.69 -36.27
N VAL N 168 29.19 -16.38 -36.39
CA VAL N 168 30.16 -16.43 -35.30
C VAL N 168 30.63 -15.02 -34.94
N GLU N 169 30.78 -14.16 -35.95
CA GLU N 169 31.24 -12.80 -35.67
C GLU N 169 30.16 -11.96 -35.00
N ALA N 170 28.90 -12.20 -35.33
CA ALA N 170 27.81 -11.50 -34.64
C ALA N 170 27.73 -11.92 -33.18
N LEU N 171 27.93 -13.21 -32.90
CA LEU N 171 28.02 -13.64 -31.52
C LEU N 171 29.24 -13.03 -30.83
N TYR N 172 30.34 -12.86 -31.57
CA TYR N 172 31.53 -12.25 -31.00
C TYR N 172 31.26 -10.80 -30.61
N ASP N 173 30.57 -10.05 -31.47
CA ASP N 173 30.22 -8.67 -31.12
C ASP N 173 29.23 -8.61 -29.96
N ALA N 174 28.25 -9.51 -29.98
CA ALA N 174 27.29 -9.57 -28.87
C ALA N 174 28.01 -9.76 -27.54
N ALA N 175 28.86 -10.80 -27.45
CA ALA N 175 29.65 -11.01 -26.25
C ALA N 175 30.61 -9.87 -25.99
N ASP N 176 31.00 -9.13 -27.04
CA ASP N 176 31.90 -7.99 -26.85
C ASP N 176 31.21 -6.85 -26.13
N ASP N 177 29.92 -6.64 -26.37
CA ASP N 177 29.19 -5.55 -25.75
C ASP N 177 28.22 -5.99 -24.65
N ASP N 178 28.03 -7.30 -24.44
CA ASP N 178 27.04 -7.79 -23.48
C ASP N 178 27.68 -8.85 -22.60
N SER N 179 27.76 -8.55 -21.28
CA SER N 179 28.38 -9.48 -20.34
C SER N 179 27.58 -10.76 -20.16
N ALA N 180 26.28 -10.74 -20.46
CA ALA N 180 25.47 -11.94 -20.35
C ALA N 180 25.72 -12.94 -21.48
N THR N 181 26.46 -12.55 -22.51
CA THR N 181 26.80 -13.42 -23.63
C THR N 181 28.28 -13.75 -23.58
N GLY N 182 28.62 -15.03 -23.66
CA GLY N 182 30.00 -15.46 -23.55
C GLY N 182 30.68 -15.48 -24.92
N GLY N 183 31.93 -15.03 -24.93
CA GLY N 183 32.73 -15.07 -26.13
C GLY N 183 33.51 -16.37 -26.23
N PRO N 184 34.37 -16.48 -27.23
CA PRO N 184 35.22 -17.67 -27.34
C PRO N 184 36.18 -17.76 -26.17
N ASP N 185 36.22 -18.93 -25.54
CA ASP N 185 37.11 -19.21 -24.41
C ASP N 185 38.31 -19.98 -24.96
N LEU N 186 39.44 -19.28 -25.11
CA LEU N 186 40.61 -19.91 -25.72
C LEU N 186 41.46 -20.68 -24.72
N VAL N 187 41.22 -20.53 -23.42
CA VAL N 187 41.94 -21.31 -22.42
C VAL N 187 41.26 -22.65 -22.18
N ARG N 188 39.93 -22.68 -22.20
CA ARG N 188 39.16 -23.90 -21.99
C ARG N 188 38.75 -24.57 -23.29
N GLY N 189 38.89 -23.89 -24.43
CA GLY N 189 38.47 -24.47 -25.70
C GLY N 189 36.97 -24.58 -25.87
N ILE N 190 36.23 -23.59 -25.39
CA ILE N 190 34.77 -23.56 -25.51
C ILE N 190 34.41 -22.47 -26.51
N PHE N 191 33.49 -22.79 -27.42
CA PHE N 191 33.12 -21.91 -28.51
C PHE N 191 31.62 -22.04 -28.75
N PRO N 192 31.01 -21.03 -29.37
CA PRO N 192 29.58 -21.10 -29.66
C PRO N 192 29.22 -22.33 -30.47
N THR N 193 28.00 -22.82 -30.28
CA THR N 193 27.51 -23.94 -31.07
C THR N 193 26.72 -23.44 -32.27
N ALA N 194 26.66 -24.27 -33.30
CA ALA N 194 25.97 -23.88 -34.52
C ALA N 194 25.35 -25.09 -35.20
N VAL N 195 24.18 -24.88 -35.78
CA VAL N 195 23.50 -25.86 -36.62
C VAL N 195 23.29 -25.23 -37.99
N ILE N 196 23.54 -26.01 -39.04
CA ILE N 196 23.33 -25.56 -40.41
C ILE N 196 22.34 -26.48 -41.07
N ILE N 197 21.42 -25.92 -41.85
CA ILE N 197 20.35 -26.68 -42.49
C ILE N 197 20.33 -26.36 -43.98
N ASP N 198 20.41 -27.41 -44.79
CA ASP N 198 20.22 -27.26 -46.23
C ASP N 198 19.25 -28.31 -46.75
N ALA N 199 19.24 -28.54 -48.07
CA ALA N 199 18.34 -29.54 -48.63
C ALA N 199 18.70 -30.96 -48.21
N ASP N 200 19.90 -31.16 -47.66
CA ASP N 200 20.27 -32.46 -47.10
C ASP N 200 19.84 -32.61 -45.64
N GLY N 201 19.37 -31.54 -45.00
CA GLY N 201 18.97 -31.64 -43.61
C GLY N 201 19.71 -30.73 -42.66
N ALA N 202 19.56 -30.99 -41.36
CA ALA N 202 20.16 -30.17 -40.31
C ALA N 202 21.31 -30.94 -39.67
N VAL N 203 22.50 -30.37 -39.72
CA VAL N 203 23.68 -31.00 -39.14
C VAL N 203 24.35 -30.03 -38.19
N ASP N 204 25.06 -30.61 -37.21
CA ASP N 204 25.84 -29.86 -36.24
C ASP N 204 27.18 -29.47 -36.85
N VAL N 205 27.49 -28.18 -36.84
CA VAL N 205 28.82 -27.73 -37.23
C VAL N 205 29.83 -28.25 -36.21
N PRO N 206 30.89 -28.94 -36.63
CA PRO N 206 31.86 -29.45 -35.66
C PRO N 206 32.54 -28.34 -34.88
N GLU N 207 33.00 -28.69 -33.67
CA GLU N 207 33.64 -27.72 -32.78
C GLU N 207 34.85 -27.08 -33.45
N SER N 208 35.63 -27.87 -34.19
CA SER N 208 36.87 -27.37 -34.79
C SER N 208 36.60 -26.24 -35.78
N ARG N 209 35.51 -26.35 -36.54
CA ARG N 209 35.17 -25.32 -37.51
C ARG N 209 34.91 -23.98 -36.82
N ILE N 210 34.14 -24.00 -35.72
CA ILE N 210 33.80 -22.77 -35.04
C ILE N 210 35.01 -22.19 -34.32
N ALA N 211 35.87 -23.05 -33.78
CA ALA N 211 37.09 -22.53 -33.16
C ALA N 211 38.01 -21.90 -34.22
N GLU N 212 38.06 -22.49 -35.41
CA GLU N 212 38.79 -21.89 -36.52
C GLU N 212 38.28 -20.49 -36.81
N LEU N 213 36.97 -20.37 -37.10
CA LEU N 213 36.41 -19.06 -37.40
C LEU N 213 36.59 -18.08 -36.24
N ALA N 214 36.50 -18.58 -35.02
CA ALA N 214 36.58 -17.73 -33.83
C ALA N 214 37.96 -17.11 -33.70
N ARG N 215 39.00 -17.94 -33.68
CA ARG N 215 40.36 -17.40 -33.58
C ARG N 215 40.71 -16.59 -34.81
N ALA N 216 40.07 -16.89 -35.96
CA ALA N 216 40.25 -16.03 -37.13
C ALA N 216 39.72 -14.63 -36.88
N ILE N 217 38.56 -14.53 -36.22
CA ILE N 217 38.01 -13.22 -35.88
C ILE N 217 38.91 -12.50 -34.87
N ILE N 218 39.25 -13.20 -33.77
CA ILE N 218 40.11 -12.61 -32.74
C ILE N 218 41.39 -12.07 -33.36
N GLU N 219 42.09 -12.92 -34.12
CA GLU N 219 43.32 -12.50 -34.80
C GLU N 219 43.06 -11.32 -35.73
N SER N 220 41.90 -11.30 -36.40
CA SER N 220 41.57 -10.19 -37.28
C SER N 220 41.48 -8.89 -36.50
N ARG N 221 40.92 -8.93 -35.30
CA ARG N 221 40.69 -7.70 -34.55
C ARG N 221 41.93 -7.21 -33.82
N SER N 222 42.79 -8.13 -33.33
CA SER N 222 43.96 -7.70 -32.58
C SER N 222 45.00 -7.05 -33.50
N GLY N 223 45.36 -7.73 -34.58
CA GLY N 223 46.36 -7.21 -35.51
C GLY N 223 46.90 -8.26 -36.46
N MET O 1 22.34 62.58 27.10
CA MET O 1 21.06 61.96 27.42
C MET O 1 19.96 63.00 27.56
N GLU O 2 20.10 63.87 28.57
CA GLU O 2 19.05 64.85 28.86
C GLU O 2 19.04 65.96 27.80
N GLN O 3 20.22 66.47 27.44
CA GLN O 3 20.28 67.52 26.44
C GLN O 3 19.90 66.99 25.05
N ALA O 4 20.17 65.71 24.78
CA ALA O 4 19.73 65.13 23.52
C ALA O 4 18.22 64.98 23.48
N MET O 5 17.61 64.58 24.59
CA MET O 5 16.16 64.47 24.65
C MET O 5 15.49 65.83 24.59
N ARG O 6 16.13 66.87 25.11
CA ARG O 6 15.55 68.21 24.97
C ARG O 6 15.78 68.78 23.57
N GLU O 7 16.87 68.40 22.90
CA GLU O 7 17.05 68.78 21.50
C GLU O 7 15.98 68.13 20.63
N ARG O 8 15.71 66.84 20.85
CA ARG O 8 14.62 66.18 20.13
C ARG O 8 13.28 66.84 20.45
N SER O 9 13.00 67.03 21.74
CA SER O 9 11.72 67.62 22.16
C SER O 9 11.51 68.98 21.50
N GLU O 10 12.55 69.82 21.47
CA GLU O 10 12.42 71.13 20.86
C GLU O 10 12.27 71.03 19.35
N LEU O 11 13.02 70.12 18.71
CA LEU O 11 12.86 69.92 17.26
C LEU O 11 11.41 69.62 16.91
N ALA O 12 10.79 68.71 17.67
CA ALA O 12 9.39 68.40 17.43
C ALA O 12 8.49 69.58 17.73
N ARG O 13 8.74 70.27 18.85
CA ARG O 13 7.90 71.41 19.23
C ARG O 13 7.92 72.51 18.17
N LYS O 14 9.12 72.88 17.73
CA LYS O 14 9.24 73.92 16.71
C LYS O 14 8.64 73.45 15.38
N GLY O 15 8.83 72.16 15.06
CA GLY O 15 8.19 71.63 13.87
C GLY O 15 6.68 71.79 13.89
N ILE O 16 6.05 71.43 15.01
CA ILE O 16 4.60 71.53 15.11
C ILE O 16 4.15 72.98 15.16
N ALA O 17 4.91 73.84 15.83
CA ALA O 17 4.56 75.26 15.91
C ALA O 17 4.59 75.93 14.54
N ARG O 18 5.31 75.34 13.58
CA ARG O 18 5.39 75.88 12.23
C ARG O 18 4.29 75.35 11.32
N ALA O 19 3.63 74.26 11.70
CA ALA O 19 2.60 73.64 10.87
C ALA O 19 1.24 74.31 11.06
N LYS O 20 0.32 74.00 10.15
CA LYS O 20 -1.03 74.55 10.20
C LYS O 20 -1.81 73.97 11.38
N SER O 21 -2.85 74.69 11.79
CA SER O 21 -3.59 74.36 12.99
C SER O 21 -4.82 73.50 12.69
N VAL O 22 -5.19 72.68 13.67
CA VAL O 22 -6.30 71.74 13.57
C VAL O 22 -7.15 71.84 14.83
N VAL O 23 -8.47 71.72 14.67
CA VAL O 23 -9.41 71.75 15.78
C VAL O 23 -10.40 70.60 15.62
N ALA O 24 -10.73 69.95 16.74
CA ALA O 24 -11.73 68.89 16.80
C ALA O 24 -12.66 69.18 17.97
N LEU O 25 -13.95 69.35 17.69
CA LEU O 25 -14.91 69.83 18.67
C LEU O 25 -16.05 68.84 18.87
N ALA O 26 -16.69 68.92 20.02
CA ALA O 26 -17.84 68.08 20.34
C ALA O 26 -19.12 68.88 20.15
N TYR O 27 -20.05 68.33 19.37
CA TYR O 27 -21.33 69.00 19.17
C TYR O 27 -22.45 67.97 19.27
N ALA O 28 -23.70 68.47 19.23
CA ALA O 28 -24.86 67.65 19.57
C ALA O 28 -25.00 66.43 18.66
N GLY O 29 -24.47 66.51 17.45
CA GLY O 29 -24.56 65.41 16.51
C GLY O 29 -23.33 64.52 16.44
N GLY O 30 -22.32 64.78 17.25
CA GLY O 30 -21.11 63.98 17.23
C GLY O 30 -19.85 64.80 17.41
N VAL O 31 -18.88 64.62 16.51
CA VAL O 31 -17.61 65.33 16.59
C VAL O 31 -17.34 66.01 15.25
N LEU O 32 -16.71 67.17 15.31
CA LEU O 32 -16.42 68.00 14.16
C LEU O 32 -14.92 68.20 14.00
N PHE O 33 -14.40 67.94 12.81
CA PHE O 33 -12.99 68.07 12.50
C PHE O 33 -12.81 69.18 11.47
N VAL O 34 -12.09 70.24 11.86
CA VAL O 34 -11.83 71.39 10.99
C VAL O 34 -10.32 71.62 10.96
N ALA O 35 -9.76 71.69 9.75
CA ALA O 35 -8.33 71.92 9.61
C ALA O 35 -8.06 72.82 8.41
N GLU O 36 -7.13 73.76 8.57
CA GLU O 36 -6.68 74.60 7.47
C GLU O 36 -5.87 73.76 6.51
N ASN O 37 -6.42 73.47 5.34
CA ASN O 37 -5.74 72.59 4.40
C ASN O 37 -5.78 73.15 2.99
N PRO O 38 -4.65 73.65 2.48
CA PRO O 38 -4.63 74.15 1.10
C PRO O 38 -4.71 73.06 0.06
N SER O 39 -4.41 71.81 0.41
CA SER O 39 -4.32 70.74 -0.55
C SER O 39 -5.71 70.31 -1.04
N ARG O 40 -5.72 69.70 -2.22
CA ARG O 40 -6.95 69.17 -2.80
C ARG O 40 -7.14 67.68 -2.53
N SER O 41 -6.05 66.92 -2.36
CA SER O 41 -6.13 65.48 -2.22
C SER O 41 -5.39 64.91 -1.02
N LEU O 42 -4.59 65.71 -0.31
CA LEU O 42 -3.86 65.25 0.86
C LEU O 42 -4.64 65.61 2.11
N GLN O 43 -4.87 64.62 2.97
CA GLN O 43 -5.81 64.74 4.08
C GLN O 43 -5.09 64.77 5.42
N LYS O 44 -5.62 65.57 6.35
CA LYS O 44 -5.15 65.62 7.73
C LYS O 44 -6.13 64.99 8.70
N ILE O 45 -7.38 64.78 8.29
CA ILE O 45 -8.40 64.14 9.11
C ILE O 45 -8.86 62.89 8.37
N SER O 46 -9.03 61.80 9.12
CA SER O 46 -9.37 60.54 8.47
C SER O 46 -10.17 59.65 9.41
N GLU O 47 -10.76 58.62 8.81
CA GLU O 47 -11.52 57.62 9.54
C GLU O 47 -10.56 56.54 10.06
N LEU O 48 -10.77 56.12 11.31
CA LEU O 48 -10.04 54.99 11.87
C LEU O 48 -10.91 53.75 11.96
N TYR O 49 -12.04 53.85 12.66
CA TYR O 49 -12.96 52.74 12.79
C TYR O 49 -14.38 53.29 12.86
N ASP O 50 -15.35 52.38 12.97
CA ASP O 50 -16.76 52.71 12.82
C ASP O 50 -17.16 54.02 13.49
N ARG O 51 -16.78 54.19 14.75
CA ARG O 51 -17.12 55.39 15.51
C ARG O 51 -15.89 56.15 15.98
N VAL O 52 -14.71 55.85 15.43
CA VAL O 52 -13.47 56.45 15.88
C VAL O 52 -12.80 57.15 14.70
N GLY O 53 -12.41 58.42 14.91
CA GLY O 53 -11.78 59.22 13.89
C GLY O 53 -10.49 59.83 14.39
N PHE O 54 -9.77 60.44 13.45
CA PHE O 54 -8.37 60.81 13.61
C PHE O 54 -8.12 62.17 12.97
N ALA O 55 -7.42 63.04 13.69
CA ALA O 55 -6.97 64.33 13.17
C ALA O 55 -5.50 64.50 13.53
N ALA O 56 -4.77 65.25 12.70
CA ALA O 56 -3.34 65.32 12.90
C ALA O 56 -2.79 66.67 12.43
N ALA O 57 -1.70 67.08 13.07
CA ALA O 57 -0.97 68.30 12.69
C ALA O 57 0.52 68.00 12.64
N GLY O 58 1.20 68.63 11.69
CA GLY O 58 2.65 68.50 11.58
C GLY O 58 3.13 68.09 10.20
N LYS O 59 4.24 67.35 10.15
CA LYS O 59 4.79 66.87 8.90
C LYS O 59 3.91 65.76 8.33
N PHE O 60 3.56 65.87 7.04
CA PHE O 60 2.49 65.05 6.49
C PHE O 60 2.85 63.57 6.50
N ASN O 61 3.98 63.20 5.90
CA ASN O 61 4.31 61.78 5.77
C ASN O 61 4.40 61.07 7.10
N GLU O 62 4.69 61.80 8.18
CA GLU O 62 4.83 61.17 9.48
C GLU O 62 3.49 60.89 10.14
N PHE O 63 2.58 61.87 10.16
CA PHE O 63 1.26 61.57 10.70
C PHE O 63 0.43 60.72 9.74
N ASP O 64 0.81 60.67 8.47
CA ASP O 64 0.21 59.69 7.56
C ASP O 64 0.68 58.29 7.92
N ASN O 65 1.99 58.11 8.16
CA ASN O 65 2.48 56.84 8.67
C ASN O 65 1.72 56.42 9.93
N LEU O 66 1.59 57.34 10.89
CA LEU O 66 0.88 57.02 12.12
C LEU O 66 -0.60 56.70 11.87
N ARG O 67 -1.20 57.38 10.89
CA ARG O 67 -2.60 57.12 10.57
C ARG O 67 -2.78 55.71 9.99
N ARG O 68 -1.90 55.33 9.07
CA ARG O 68 -1.93 53.97 8.53
C ARG O 68 -1.69 52.94 9.62
N GLY O 69 -0.79 53.24 10.56
CA GLY O 69 -0.55 52.33 11.66
C GLY O 69 -1.77 52.16 12.56
N GLY O 70 -2.49 53.24 12.83
CA GLY O 70 -3.69 53.14 13.64
C GLY O 70 -4.82 52.43 12.92
N ILE O 71 -4.94 52.63 11.61
CA ILE O 71 -5.92 51.89 10.83
C ILE O 71 -5.60 50.40 10.87
N GLN O 72 -4.34 50.05 10.65
CA GLN O 72 -3.91 48.66 10.73
C GLN O 72 -4.26 48.05 12.08
N PHE O 73 -3.89 48.74 13.16
CA PHE O 73 -4.19 48.24 14.50
C PHE O 73 -5.68 48.02 14.69
N ALA O 74 -6.48 49.02 14.32
CA ALA O 74 -7.93 48.93 14.55
C ALA O 74 -8.55 47.77 13.77
N ASP O 75 -8.22 47.66 12.48
CA ASP O 75 -8.77 46.57 11.67
C ASP O 75 -8.34 45.21 12.21
N THR O 76 -7.05 45.06 12.50
CA THR O 76 -6.53 43.79 13.00
C THR O 76 -7.22 43.38 14.29
N ARG O 77 -7.37 44.32 15.22
CA ARG O 77 -8.01 44.01 16.49
C ARG O 77 -9.49 43.68 16.31
N GLY O 78 -10.20 44.48 15.50
CA GLY O 78 -11.60 44.19 15.23
C GLY O 78 -11.81 42.84 14.58
N TYR O 79 -10.82 42.38 13.81
CA TYR O 79 -10.89 41.05 13.23
C TYR O 79 -10.60 39.98 14.27
N ALA O 80 -9.58 40.18 15.10
CA ALA O 80 -9.23 39.19 16.12
C ALA O 80 -10.37 39.00 17.12
N TYR O 81 -11.08 40.08 17.44
CA TYR O 81 -12.16 40.00 18.43
C TYR O 81 -13.50 40.32 17.81
N ASP O 82 -14.03 41.49 18.09
CA ASP O 82 -15.26 41.97 17.47
C ASP O 82 -15.05 43.43 17.09
N ARG O 83 -15.96 43.94 16.25
CA ARG O 83 -15.87 45.35 15.87
C ARG O 83 -16.22 46.26 17.05
N ARG O 84 -17.12 45.82 17.93
CA ARG O 84 -17.47 46.60 19.12
C ARG O 84 -16.34 46.69 20.14
N ASP O 85 -15.33 45.82 20.06
CA ASP O 85 -14.23 45.86 21.02
C ASP O 85 -13.22 46.96 20.73
N VAL O 86 -13.25 47.55 19.53
CA VAL O 86 -12.37 48.65 19.19
C VAL O 86 -12.91 49.93 19.82
N THR O 87 -12.06 50.61 20.60
CA THR O 87 -12.45 51.82 21.28
C THR O 87 -11.42 52.92 21.01
N GLY O 88 -11.89 54.17 21.05
CA GLY O 88 -10.97 55.30 20.92
C GLY O 88 -9.94 55.34 22.03
N ARG O 89 -10.29 54.85 23.22
CA ARG O 89 -9.33 54.73 24.29
C ARG O 89 -8.17 53.83 23.90
N GLN O 90 -8.47 52.70 23.26
CA GLN O 90 -7.42 51.77 22.83
C GLN O 90 -6.49 52.43 21.81
N LEU O 91 -7.06 53.12 20.82
CA LEU O 91 -6.24 53.75 19.81
C LEU O 91 -5.43 54.91 20.37
N ALA O 92 -5.96 55.64 21.34
CA ALA O 92 -5.17 56.67 22.00
C ALA O 92 -4.03 56.04 22.80
N ASN O 93 -4.29 54.89 23.43
CA ASN O 93 -3.25 54.18 24.16
C ASN O 93 -2.12 53.74 23.22
N VAL O 94 -2.48 53.07 22.13
CA VAL O 94 -1.49 52.57 21.18
C VAL O 94 -0.75 53.72 20.53
N TYR O 95 -1.45 54.81 20.21
CA TYR O 95 -0.78 55.99 19.67
C TYR O 95 0.19 56.58 20.67
N ALA O 96 -0.17 56.58 21.96
CA ALA O 96 0.74 57.06 22.99
C ALA O 96 2.00 56.21 23.03
N GLN O 97 1.84 54.89 23.13
CA GLN O 97 3.00 53.99 23.15
C GLN O 97 3.87 54.18 21.92
N THR O 98 3.24 54.30 20.74
CA THR O 98 3.97 54.40 19.50
C THR O 98 4.76 55.70 19.40
N LEU O 99 4.11 56.82 19.73
CA LEU O 99 4.81 58.11 19.65
C LEU O 99 5.90 58.21 20.71
N GLY O 100 5.70 57.61 21.89
CA GLY O 100 6.78 57.56 22.86
C GLY O 100 7.98 56.80 22.33
N THR O 101 7.72 55.62 21.75
CA THR O 101 8.81 54.83 21.16
C THR O 101 9.54 55.60 20.07
N ILE O 102 8.78 56.22 19.15
CA ILE O 102 9.40 56.98 18.07
C ILE O 102 10.23 58.13 18.64
N PHE O 103 9.69 58.83 19.64
CA PHE O 103 10.41 59.97 20.20
C PHE O 103 11.71 59.52 20.87
N THR O 104 11.71 58.36 21.50
CA THR O 104 12.89 57.93 22.25
C THR O 104 13.92 57.20 21.40
N GLU O 105 13.53 56.56 20.30
CA GLU O 105 14.43 55.67 19.58
C GLU O 105 14.68 56.06 18.13
N GLN O 106 13.74 56.72 17.46
CA GLN O 106 13.86 56.98 16.04
C GLN O 106 15.04 57.89 15.74
N ALA O 107 15.52 57.82 14.49
CA ALA O 107 16.62 58.69 14.06
C ALA O 107 16.25 60.16 14.23
N LYS O 108 15.01 60.52 13.95
CA LYS O 108 14.48 61.85 14.18
C LYS O 108 13.09 61.68 14.78
N PRO O 109 12.75 62.44 15.83
CA PRO O 109 11.40 62.33 16.39
C PRO O 109 10.36 62.84 15.41
N TYR O 110 9.16 62.27 15.51
CA TYR O 110 8.07 62.69 14.64
C TYR O 110 7.54 64.03 15.08
N GLU O 111 7.46 64.97 14.14
CA GLU O 111 6.98 66.33 14.41
C GLU O 111 5.47 66.38 14.14
N VAL O 112 4.73 65.66 14.98
CA VAL O 112 3.29 65.49 14.80
C VAL O 112 2.57 65.67 16.13
N GLU O 113 1.27 65.90 16.04
CA GLU O 113 0.37 65.88 17.18
C GLU O 113 -0.98 65.34 16.71
N LEU O 114 -1.50 64.35 17.43
CA LEU O 114 -2.65 63.59 16.98
C LEU O 114 -3.83 63.76 17.94
N CYS O 115 -5.03 63.62 17.39
CA CYS O 115 -6.27 63.59 18.15
C CYS O 115 -7.09 62.39 17.70
N VAL O 116 -7.53 61.58 18.66
CA VAL O 116 -8.39 60.43 18.40
C VAL O 116 -9.71 60.69 19.10
N ALA O 117 -10.80 60.71 18.33
CA ALA O 117 -12.12 61.00 18.87
C ALA O 117 -13.05 59.82 18.63
N GLU O 118 -13.96 59.59 19.58
CA GLU O 118 -14.93 58.51 19.46
C GLU O 118 -16.30 59.03 19.87
N VAL O 119 -17.31 58.69 19.07
CA VAL O 119 -18.69 59.05 19.40
C VAL O 119 -19.45 57.78 19.73
N ALA O 120 -20.72 57.92 20.08
CA ALA O 120 -21.52 56.77 20.49
C ALA O 120 -21.99 55.97 19.28
N HIS O 121 -22.25 54.69 19.51
CA HIS O 121 -22.81 53.85 18.47
C HIS O 121 -24.27 54.23 18.23
N TYR O 122 -24.80 53.77 17.10
CA TYR O 122 -26.18 54.09 16.75
C TYR O 122 -27.14 53.58 17.82
N GLY O 123 -28.12 54.40 18.16
CA GLY O 123 -29.08 54.04 19.17
C GLY O 123 -28.58 54.07 20.60
N GLU O 124 -27.30 54.34 20.81
CA GLU O 124 -26.73 54.42 22.15
C GLU O 124 -26.51 55.88 22.52
N THR O 125 -26.75 56.21 23.79
CA THR O 125 -26.50 57.55 24.30
C THR O 125 -25.23 57.52 25.15
N LYS O 126 -24.26 58.34 24.75
CA LYS O 126 -22.94 58.37 25.35
C LYS O 126 -22.17 59.58 24.83
N ARG O 127 -21.71 60.44 25.74
CA ARG O 127 -21.06 61.67 25.33
C ARG O 127 -19.74 61.37 24.63
N PRO O 128 -19.36 62.17 23.64
CA PRO O 128 -18.14 61.90 22.87
C PRO O 128 -16.89 61.96 23.72
N GLU O 129 -15.84 61.30 23.24
CA GLU O 129 -14.53 61.30 23.88
C GLU O 129 -13.50 61.84 22.90
N LEU O 130 -12.61 62.69 23.40
CA LEU O 130 -11.52 63.23 22.61
C LEU O 130 -10.21 63.05 23.37
N TYR O 131 -9.22 62.49 22.69
CA TYR O 131 -7.89 62.29 23.25
C TYR O 131 -6.86 63.00 22.37
N ARG O 132 -5.83 63.56 23.01
CA ARG O 132 -4.76 64.26 22.31
C ARG O 132 -3.42 63.66 22.73
N ILE O 133 -2.63 63.24 21.73
CA ILE O 133 -1.32 62.64 21.95
C ILE O 133 -0.27 63.53 21.28
N THR O 134 0.78 63.86 22.03
CA THR O 134 1.83 64.74 21.57
C THR O 134 3.06 63.93 21.11
N TYR O 135 4.10 64.65 20.70
CA TYR O 135 5.24 64.03 20.02
C TYR O 135 6.00 63.04 20.89
N ASP O 136 5.88 63.14 22.22
CA ASP O 136 6.60 62.25 23.11
C ASP O 136 5.70 61.20 23.77
N GLY O 137 4.54 60.94 23.18
CA GLY O 137 3.64 59.97 23.76
C GLY O 137 2.88 60.45 24.97
N SER O 138 2.91 61.75 25.26
CA SER O 138 2.05 62.29 26.29
C SER O 138 0.60 62.26 25.82
N ILE O 139 -0.30 61.79 26.68
CA ILE O 139 -1.69 61.60 26.31
C ILE O 139 -2.56 62.39 27.28
N ALA O 140 -3.57 63.06 26.74
CA ALA O 140 -4.46 63.89 27.54
C ALA O 140 -5.90 63.69 27.09
N ASP O 141 -6.81 63.70 28.06
CA ASP O 141 -8.24 63.50 27.82
C ASP O 141 -8.93 64.86 27.88
N GLU O 142 -9.72 65.17 26.85
CA GLU O 142 -10.34 66.49 26.75
C GLU O 142 -11.85 66.36 26.54
N PRO O 143 -12.67 66.99 27.38
CA PRO O 143 -14.12 66.77 27.32
C PRO O 143 -14.85 67.54 26.21
N HIS O 144 -14.29 68.66 25.74
CA HIS O 144 -15.02 69.52 24.82
C HIS O 144 -14.40 69.60 23.44
N PHE O 145 -13.09 69.81 23.34
CA PHE O 145 -12.43 69.88 22.05
C PHE O 145 -10.92 69.81 22.24
N VAL O 146 -10.22 69.70 21.12
CA VAL O 146 -8.77 69.64 21.07
C VAL O 146 -8.29 70.60 19.99
N VAL O 147 -7.30 71.42 20.33
CA VAL O 147 -6.61 72.29 19.38
C VAL O 147 -5.16 71.87 19.35
N MET O 148 -4.62 71.67 18.15
CA MET O 148 -3.23 71.28 18.05
C MET O 148 -2.64 71.82 16.76
N GLY O 149 -1.37 72.19 16.82
CA GLY O 149 -0.65 72.69 15.66
C GLY O 149 -0.58 74.20 15.63
N GLY O 150 0.54 74.71 15.13
CA GLY O 150 0.75 76.14 14.98
C GLY O 150 0.71 76.86 16.31
N THR O 151 0.34 78.14 16.26
CA THR O 151 0.11 78.93 17.46
C THR O 151 -1.25 78.56 18.02
N THR O 152 -1.24 77.80 19.13
CA THR O 152 -2.44 77.15 19.67
C THR O 152 -3.25 78.05 20.62
N GLU O 153 -2.58 78.66 21.60
CA GLU O 153 -3.28 79.42 22.63
C GLU O 153 -4.30 80.41 22.07
N PRO O 154 -4.03 81.19 21.02
CA PRO O 154 -5.09 82.03 20.44
C PRO O 154 -6.36 81.28 20.08
N ILE O 155 -6.25 80.15 19.36
CA ILE O 155 -7.44 79.37 19.01
C ILE O 155 -8.12 78.84 20.27
N ALA O 156 -7.32 78.33 21.23
CA ALA O 156 -7.87 77.82 22.47
C ALA O 156 -8.71 78.87 23.18
N ASN O 157 -8.26 80.13 23.20
CA ASN O 157 -9.01 81.18 23.86
C ASN O 157 -10.39 81.36 23.23
N ALA O 158 -10.42 81.61 21.92
CA ALA O 158 -11.69 81.77 21.21
C ALA O 158 -12.63 80.63 21.53
N LEU O 159 -12.13 79.39 21.51
CA LEU O 159 -12.97 78.26 21.86
C LEU O 159 -13.44 78.35 23.32
N LYS O 160 -12.58 78.81 24.22
CA LYS O 160 -12.92 78.88 25.64
C LYS O 160 -14.12 79.79 25.91
N GLU O 161 -14.29 80.82 25.09
CA GLU O 161 -15.41 81.75 25.23
C GLU O 161 -16.43 81.65 24.10
N SER O 162 -16.24 80.74 23.15
CA SER O 162 -17.20 80.53 22.08
C SER O 162 -17.83 79.14 22.09
N TYR O 163 -17.27 78.18 22.81
CA TYR O 163 -17.82 76.83 22.78
C TYR O 163 -19.12 76.75 23.57
N ALA O 164 -20.08 76.01 23.02
CA ALA O 164 -21.33 75.72 23.70
C ALA O 164 -21.64 74.25 23.46
N GLU O 165 -21.82 73.49 24.54
CA GLU O 165 -22.14 72.07 24.41
C GLU O 165 -23.45 71.89 23.67
N ASN O 166 -23.53 70.79 22.92
CA ASN O 166 -24.73 70.44 22.16
C ASN O 166 -25.06 71.50 21.10
N ALA O 167 -24.04 72.17 20.58
CA ALA O 167 -24.26 73.15 19.52
C ALA O 167 -24.60 72.44 18.21
N SER O 168 -25.36 73.14 17.37
CA SER O 168 -25.66 72.62 16.05
C SER O 168 -24.40 72.51 15.20
N LEU O 169 -24.47 71.68 14.16
CA LEU O 169 -23.35 71.58 13.24
C LEU O 169 -23.09 72.91 12.54
N THR O 170 -24.15 73.57 12.09
CA THR O 170 -24.01 74.84 11.37
C THR O 170 -23.45 75.92 12.30
N ASP O 171 -23.79 75.87 13.58
CA ASP O 171 -23.15 76.77 14.54
C ASP O 171 -21.71 76.35 14.81
N ALA O 172 -21.49 75.04 14.97
CA ALA O 172 -20.19 74.56 15.42
C ALA O 172 -19.09 74.82 14.40
N LEU O 173 -19.37 74.61 13.12
CA LEU O 173 -18.34 74.91 12.11
C LEU O 173 -18.03 76.39 12.08
N ARG O 174 -19.05 77.24 12.17
CA ARG O 174 -18.84 78.68 12.19
C ARG O 174 -17.96 79.08 13.36
N ILE O 175 -18.24 78.54 14.55
CA ILE O 175 -17.41 78.78 15.72
C ILE O 175 -15.97 78.33 15.46
N ALA O 176 -15.82 77.12 14.93
CA ALA O 176 -14.48 76.57 14.69
C ALA O 176 -13.67 77.45 13.76
N VAL O 177 -14.29 77.87 12.65
CA VAL O 177 -13.61 78.76 11.71
C VAL O 177 -13.23 80.07 12.39
N ALA O 178 -14.13 80.60 13.21
CA ALA O 178 -13.83 81.83 13.96
C ALA O 178 -12.57 81.64 14.81
N ALA O 179 -12.49 80.51 15.52
CA ALA O 179 -11.32 80.26 16.36
C ALA O 179 -10.07 80.06 15.52
N LEU O 180 -10.20 79.44 14.34
CA LEU O 180 -9.04 79.25 13.47
C LEU O 180 -8.51 80.58 12.95
N ARG O 181 -9.42 81.51 12.62
CA ARG O 181 -8.99 82.81 12.11
C ARG O 181 -8.12 83.54 13.11
N ALA O 182 -8.54 83.56 14.39
CA ALA O 182 -7.74 84.16 15.44
C ALA O 182 -6.46 83.37 15.65
N GLY O 183 -5.44 83.68 14.85
CA GLY O 183 -4.17 82.96 14.91
C GLY O 183 -3.54 82.81 13.55
N THR O 194 -9.70 85.57 6.41
CA THR O 194 -10.94 84.91 6.05
C THR O 194 -10.68 83.51 5.48
N LEU O 195 -11.39 82.51 6.02
CA LEU O 195 -11.22 81.12 5.64
C LEU O 195 -12.44 80.64 4.88
N GLY O 196 -12.22 80.02 3.72
CA GLY O 196 -13.31 79.51 2.91
C GLY O 196 -13.19 78.03 2.60
N VAL O 197 -14.07 77.54 1.72
CA VAL O 197 -14.09 76.11 1.39
C VAL O 197 -12.77 75.69 0.73
N ALA O 198 -12.21 76.56 -0.11
CA ALA O 198 -10.98 76.23 -0.80
C ALA O 198 -9.77 76.15 0.13
N SER O 199 -9.89 76.63 1.36
CA SER O 199 -8.78 76.64 2.31
C SER O 199 -8.99 75.69 3.49
N LEU O 200 -10.07 74.91 3.49
CA LEU O 200 -10.44 74.12 4.66
C LEU O 200 -10.71 72.67 4.28
N GLU O 201 -10.51 71.80 5.26
CA GLU O 201 -10.94 70.41 5.20
C GLU O 201 -11.73 70.12 6.48
N VAL O 202 -12.92 69.55 6.32
CA VAL O 202 -13.82 69.31 7.44
C VAL O 202 -14.52 67.96 7.29
N ALA O 203 -14.76 67.33 8.44
CA ALA O 203 -15.48 66.06 8.49
C ALA O 203 -16.17 65.95 9.83
N VAL O 204 -17.04 64.95 9.97
CA VAL O 204 -17.77 64.75 11.22
C VAL O 204 -17.84 63.27 11.57
N LEU O 205 -17.85 63.00 12.87
CA LEU O 205 -18.33 61.74 13.42
C LEU O 205 -19.81 61.94 13.74
N ASP O 206 -20.66 61.36 12.90
CA ASP O 206 -22.10 61.53 12.96
C ASP O 206 -22.69 60.36 13.76
N ALA O 207 -22.87 60.57 15.06
CA ALA O 207 -23.43 59.55 15.94
C ALA O 207 -24.80 59.06 15.48
N ASN O 208 -25.46 59.78 14.58
CA ASN O 208 -26.74 59.39 14.01
C ASN O 208 -26.60 58.34 12.91
N ARG O 209 -25.37 58.01 12.50
CA ARG O 209 -25.14 57.05 11.43
C ARG O 209 -25.12 55.63 11.99
N PRO O 210 -25.77 54.66 11.33
CA PRO O 210 -25.87 53.32 11.93
C PRO O 210 -24.52 52.61 12.07
N ARG O 211 -23.74 52.51 11.00
CA ARG O 211 -22.44 51.83 11.07
C ARG O 211 -21.28 52.82 11.15
N ARG O 212 -20.78 53.27 10.01
CA ARG O 212 -19.62 54.16 9.98
C ARG O 212 -20.06 55.61 10.19
N ALA O 213 -19.54 56.23 11.25
CA ALA O 213 -19.92 57.58 11.62
C ALA O 213 -19.12 58.66 10.90
N PHE O 214 -17.89 58.35 10.46
CA PHE O 214 -17.08 59.34 9.78
C PHE O 214 -17.70 59.73 8.45
N ARG O 215 -17.62 61.02 8.13
CA ARG O 215 -18.20 61.55 6.90
C ARG O 215 -17.54 62.87 6.56
N ARG O 216 -17.08 63.01 5.32
CA ARG O 216 -16.45 64.27 4.91
C ARG O 216 -17.51 65.28 4.49
N ILE O 217 -17.23 66.55 4.78
CA ILE O 217 -18.12 67.63 4.34
C ILE O 217 -17.39 68.45 3.30
N THR O 218 -17.60 68.14 2.02
CA THR O 218 -16.77 68.67 0.96
C THR O 218 -17.60 69.41 -0.07
N GLY O 219 -16.99 70.44 -0.66
CA GLY O 219 -17.51 71.04 -1.88
C GLY O 219 -18.82 71.77 -1.66
N SER O 220 -19.79 71.47 -2.54
CA SER O 220 -21.05 72.20 -2.55
C SER O 220 -21.83 72.00 -1.27
N ALA O 221 -21.67 70.85 -0.61
CA ALA O 221 -22.30 70.64 0.69
C ALA O 221 -21.60 71.45 1.77
N LEU O 222 -20.28 71.59 1.68
CA LEU O 222 -19.56 72.46 2.60
C LEU O 222 -19.83 73.92 2.30
N GLN O 223 -19.91 74.27 1.01
CA GLN O 223 -20.27 75.63 0.63
C GLN O 223 -21.65 76.00 1.18
N ALA O 224 -22.64 75.13 0.98
CA ALA O 224 -23.97 75.36 1.53
C ALA O 224 -23.93 75.45 3.05
N LEU O 225 -23.11 74.60 3.69
CA LEU O 225 -22.99 74.66 5.15
C LEU O 225 -22.44 76.01 5.60
N LEU O 226 -21.51 76.58 4.84
CA LEU O 226 -20.99 77.89 5.14
C LEU O 226 -21.53 78.95 4.17
N MET P 1 29.92 56.71 30.38
CA MET P 1 29.28 55.58 31.05
C MET P 1 28.75 55.99 32.42
N GLU P 2 29.66 56.30 33.34
CA GLU P 2 29.25 56.74 34.67
C GLU P 2 28.44 58.04 34.60
N GLN P 3 28.90 58.98 33.79
CA GLN P 3 28.13 60.20 33.56
C GLN P 3 26.78 59.90 32.92
N ALA P 4 26.77 58.98 31.94
CA ALA P 4 25.52 58.61 31.29
C ALA P 4 24.52 58.04 32.28
N MET P 5 24.97 57.11 33.15
CA MET P 5 24.07 56.57 34.17
C MET P 5 23.61 57.64 35.14
N ARG P 6 24.48 58.61 35.45
CA ARG P 6 24.09 59.69 36.34
C ARG P 6 22.96 60.53 35.73
N GLU P 7 23.13 60.97 34.49
CA GLU P 7 22.09 61.79 33.87
C GLU P 7 20.84 60.99 33.54
N ARG P 8 20.95 59.66 33.38
CA ARG P 8 19.75 58.85 33.29
C ARG P 8 18.98 58.86 34.60
N SER P 9 19.69 58.61 35.71
CA SER P 9 19.06 58.68 37.03
C SER P 9 18.41 60.04 37.25
N GLU P 10 19.06 61.11 36.79
CA GLU P 10 18.50 62.45 36.98
C GLU P 10 17.27 62.66 36.11
N LEU P 11 17.30 62.19 34.86
CA LEU P 11 16.15 62.34 33.98
C LEU P 11 14.94 61.62 34.57
N ALA P 12 15.13 60.39 35.04
CA ALA P 12 14.02 59.64 35.63
C ALA P 12 13.53 60.31 36.90
N ARG P 13 14.45 60.68 37.80
CA ARG P 13 14.07 61.30 39.06
C ARG P 13 13.27 62.58 38.83
N LYS P 14 13.76 63.44 37.94
CA LYS P 14 13.07 64.70 37.66
C LYS P 14 11.72 64.44 36.98
N GLY P 15 11.66 63.43 36.12
CA GLY P 15 10.38 63.08 35.51
C GLY P 15 9.35 62.66 36.54
N ILE P 16 9.75 61.82 37.49
CA ILE P 16 8.84 61.43 38.56
C ILE P 16 8.51 62.61 39.46
N ALA P 17 9.44 63.58 39.57
CA ALA P 17 9.19 64.75 40.40
C ALA P 17 7.97 65.53 39.92
N ARG P 18 7.88 65.75 38.61
CA ARG P 18 6.77 66.50 38.03
C ARG P 18 5.49 65.67 37.92
N ALA P 19 5.43 64.50 38.55
CA ALA P 19 4.30 63.60 38.43
C ALA P 19 3.38 63.71 39.64
N LYS P 20 2.12 63.36 39.44
CA LYS P 20 1.13 63.42 40.50
C LYS P 20 1.29 62.23 41.44
N SER P 21 0.86 62.42 42.69
CA SER P 21 1.18 61.50 43.77
C SER P 21 0.16 60.37 43.87
N VAL P 22 0.65 59.19 44.22
CA VAL P 22 -0.16 58.00 44.48
C VAL P 22 0.27 57.44 45.83
N VAL P 23 -0.70 56.97 46.62
CA VAL P 23 -0.40 56.31 47.88
C VAL P 23 -1.23 55.04 48.02
N ALA P 24 -0.65 54.07 48.72
CA ALA P 24 -1.28 52.77 48.98
C ALA P 24 -1.15 52.44 50.45
N LEU P 25 -2.26 52.04 51.07
CA LEU P 25 -2.34 51.86 52.52
C LEU P 25 -2.86 50.47 52.87
N ALA P 26 -2.33 49.90 53.94
CA ALA P 26 -2.87 48.67 54.51
C ALA P 26 -3.93 49.03 55.55
N TYR P 27 -5.09 48.39 55.46
CA TYR P 27 -6.18 48.68 56.38
C TYR P 27 -6.97 47.40 56.64
N ALA P 28 -8.01 47.53 57.47
CA ALA P 28 -8.74 46.37 57.97
C ALA P 28 -9.29 45.51 56.85
N GLY P 29 -9.86 46.14 55.82
CA GLY P 29 -10.42 45.41 54.71
C GLY P 29 -9.44 44.98 53.65
N GLY P 30 -8.16 45.29 53.79
CA GLY P 30 -7.19 44.89 52.79
C GLY P 30 -6.18 45.99 52.48
N VAL P 31 -6.14 46.43 51.21
CA VAL P 31 -5.29 47.53 50.80
C VAL P 31 -6.11 48.54 50.02
N LEU P 32 -5.78 49.82 50.16
CA LEU P 32 -6.48 50.90 49.47
C LEU P 32 -5.47 51.69 48.65
N PHE P 33 -5.77 51.87 47.36
CA PHE P 33 -4.99 52.73 46.47
C PHE P 33 -5.77 54.01 46.22
N VAL P 34 -5.14 55.15 46.47
CA VAL P 34 -5.70 56.44 46.08
C VAL P 34 -4.65 57.21 45.31
N ALA P 35 -5.08 57.86 44.23
CA ALA P 35 -4.15 58.55 43.34
C ALA P 35 -4.75 59.84 42.84
N GLU P 36 -3.92 60.89 42.81
CA GLU P 36 -4.30 62.15 42.17
C GLU P 36 -4.41 61.92 40.67
N ASN P 37 -5.63 61.92 40.16
CA ASN P 37 -5.86 61.67 38.74
C ASN P 37 -7.10 62.43 38.28
N PRO P 38 -6.93 63.50 37.50
CA PRO P 38 -8.09 64.22 36.97
C PRO P 38 -8.72 63.57 35.74
N SER P 39 -8.16 62.47 35.25
CA SER P 39 -8.63 61.89 34.01
C SER P 39 -9.92 61.12 34.23
N ARG P 40 -10.53 60.73 33.12
CA ARG P 40 -11.76 59.94 33.10
C ARG P 40 -11.53 58.50 32.71
N SER P 41 -10.62 58.24 31.77
CA SER P 41 -10.42 56.90 31.22
C SER P 41 -8.99 56.41 31.27
N LEU P 42 -8.03 57.22 31.70
CA LEU P 42 -6.63 56.81 31.79
C LEU P 42 -6.30 56.51 33.25
N GLN P 43 -6.16 55.23 33.56
CA GLN P 43 -6.06 54.77 34.94
C GLN P 43 -4.61 54.58 35.35
N LYS P 44 -4.31 54.89 36.61
CA LYS P 44 -2.99 54.67 37.19
C LYS P 44 -2.94 53.44 38.09
N ILE P 45 -4.10 52.92 38.49
CA ILE P 45 -4.22 51.76 39.37
C ILE P 45 -4.95 50.67 38.61
N SER P 46 -4.53 49.42 38.80
CA SER P 46 -5.11 48.34 38.03
C SER P 46 -4.98 47.02 38.79
N GLU P 47 -5.80 46.05 38.38
CA GLU P 47 -5.70 44.70 38.89
C GLU P 47 -4.55 43.98 38.21
N LEU P 48 -3.73 43.28 39.01
CA LEU P 48 -2.66 42.44 38.49
C LEU P 48 -3.07 40.97 38.49
N TYR P 49 -3.40 40.43 39.66
CA TYR P 49 -3.89 39.05 39.75
C TYR P 49 -4.93 38.98 40.85
N ASP P 50 -5.43 37.76 41.08
CA ASP P 50 -6.56 37.52 41.99
C ASP P 50 -6.50 38.38 43.24
N ARG P 51 -5.35 38.38 43.93
CA ARG P 51 -5.20 39.14 45.15
C ARG P 51 -4.03 40.13 45.07
N VAL P 52 -3.63 40.51 43.86
CA VAL P 52 -2.47 41.39 43.65
C VAL P 52 -2.92 42.59 42.85
N GLY P 53 -2.62 43.79 43.38
CA GLY P 53 -2.93 45.04 42.73
C GLY P 53 -1.67 45.83 42.41
N PHE P 54 -1.87 46.92 41.67
CA PHE P 54 -0.80 47.66 41.01
C PHE P 54 -1.08 49.16 41.08
N ALA P 55 -0.07 49.93 41.45
CA ALA P 55 -0.14 51.38 41.45
C ALA P 55 1.11 51.94 40.80
N ALA P 56 0.98 53.09 40.14
CA ALA P 56 2.09 53.64 39.38
C ALA P 56 2.01 55.16 39.35
N ALA P 57 3.19 55.79 39.34
CA ALA P 57 3.30 57.24 39.21
C ALA P 57 4.34 57.56 38.15
N GLY P 58 4.08 58.61 37.37
CA GLY P 58 5.02 59.03 36.35
C GLY P 58 4.44 59.14 34.95
N LYS P 59 5.22 58.71 33.95
CA LYS P 59 4.80 58.82 32.56
C LYS P 59 3.84 57.70 32.20
N PHE P 60 2.67 58.07 31.66
CA PHE P 60 1.58 57.11 31.51
C PHE P 60 1.95 55.96 30.59
N ASN P 61 2.45 56.27 29.39
CA ASN P 61 2.73 55.21 28.42
C ASN P 61 3.73 54.20 28.97
N GLU P 62 4.69 54.66 29.78
CA GLU P 62 5.72 53.78 30.32
C GLU P 62 5.17 52.87 31.41
N PHE P 63 4.52 53.43 32.43
CA PHE P 63 3.99 52.53 33.47
C PHE P 63 2.78 51.74 32.98
N ASP P 64 2.17 52.13 31.86
CA ASP P 64 1.15 51.30 31.25
C ASP P 64 1.79 50.11 30.53
N ASN P 65 2.93 50.34 29.86
CA ASN P 65 3.72 49.23 29.36
C ASN P 65 4.06 48.26 30.49
N LEU P 66 4.61 48.78 31.60
CA LEU P 66 4.98 47.91 32.71
C LEU P 66 3.74 47.22 33.30
N ARG P 67 2.62 47.91 33.33
CA ARG P 67 1.38 47.30 33.82
C ARG P 67 0.99 46.10 32.98
N ARG P 68 1.01 46.26 31.65
CA ARG P 68 0.66 45.17 30.76
C ARG P 68 1.65 44.03 30.88
N GLY P 69 2.94 44.34 30.98
CA GLY P 69 3.93 43.29 31.18
C GLY P 69 3.70 42.51 32.46
N GLY P 70 3.26 43.20 33.52
CA GLY P 70 2.96 42.52 34.76
C GLY P 70 1.75 41.61 34.63
N ILE P 71 0.69 42.07 33.96
CA ILE P 71 -0.47 41.22 33.73
C ILE P 71 -0.08 39.99 32.91
N GLN P 72 0.79 40.18 31.91
CA GLN P 72 1.26 39.06 31.11
C GLN P 72 2.02 38.06 31.96
N PHE P 73 2.98 38.54 32.77
CA PHE P 73 3.75 37.67 33.64
C PHE P 73 2.85 36.88 34.58
N ALA P 74 1.89 37.56 35.21
CA ALA P 74 1.02 36.91 36.19
C ALA P 74 0.14 35.86 35.53
N ASP P 75 -0.50 36.21 34.40
CA ASP P 75 -1.38 35.27 33.74
C ASP P 75 -0.61 34.05 33.21
N THR P 76 0.55 34.27 32.61
CA THR P 76 1.32 33.16 32.09
C THR P 76 1.82 32.25 33.21
N ARG P 77 2.30 32.83 34.31
CA ARG P 77 2.72 32.01 35.44
C ARG P 77 1.55 31.22 36.01
N GLY P 78 0.37 31.86 36.09
CA GLY P 78 -0.80 31.16 36.60
C GLY P 78 -1.26 30.02 35.71
N TYR P 79 -1.13 30.17 34.39
CA TYR P 79 -1.48 29.07 33.50
C TYR P 79 -0.43 27.96 33.53
N ALA P 80 0.85 28.32 33.71
CA ALA P 80 1.88 27.28 33.77
C ALA P 80 1.80 26.46 35.05
N TYR P 81 1.31 27.06 36.13
CA TYR P 81 1.24 26.37 37.42
C TYR P 81 -0.19 26.47 37.91
N ASP P 82 -0.42 27.10 39.06
CA ASP P 82 -1.76 27.36 39.59
C ASP P 82 -1.91 28.84 39.88
N ARG P 83 -3.16 29.27 40.00
CA ARG P 83 -3.41 30.67 40.34
C ARG P 83 -2.81 31.04 41.69
N ARG P 84 -2.71 30.08 42.61
CA ARG P 84 -2.22 30.37 43.94
C ARG P 84 -0.70 30.43 44.03
N ASP P 85 0.02 29.94 43.02
CA ASP P 85 1.47 30.11 43.00
C ASP P 85 1.89 31.50 42.55
N VAL P 86 0.96 32.30 42.05
CA VAL P 86 1.25 33.70 41.72
C VAL P 86 1.22 34.52 43.01
N THR P 87 2.33 35.18 43.32
CA THR P 87 2.44 36.00 44.51
C THR P 87 2.80 37.43 44.15
N GLY P 88 2.42 38.36 45.03
CA GLY P 88 2.83 39.73 44.84
C GLY P 88 4.34 39.90 44.85
N ARG P 89 5.02 39.14 45.70
CA ARG P 89 6.48 39.22 45.77
C ARG P 89 7.12 38.86 44.44
N GLN P 90 6.55 37.88 43.73
CA GLN P 90 7.04 37.54 42.40
C GLN P 90 6.96 38.74 41.46
N LEU P 91 5.77 39.35 41.38
CA LEU P 91 5.59 40.51 40.52
C LEU P 91 6.56 41.63 40.88
N ALA P 92 6.76 41.88 42.18
CA ALA P 92 7.72 42.89 42.60
C ALA P 92 9.13 42.52 42.17
N ASN P 93 9.48 41.23 42.24
CA ASN P 93 10.81 40.78 41.86
C ASN P 93 11.07 41.00 40.37
N VAL P 94 10.20 40.46 39.52
CA VAL P 94 10.36 40.63 38.08
C VAL P 94 10.22 42.09 37.68
N TYR P 95 9.52 42.90 38.47
CA TYR P 95 9.47 44.33 38.20
C TYR P 95 10.81 44.99 38.50
N ALA P 96 11.47 44.57 39.59
CA ALA P 96 12.82 45.06 39.86
C ALA P 96 13.78 44.69 38.74
N GLN P 97 13.72 43.44 38.28
CA GLN P 97 14.60 42.99 37.20
C GLN P 97 14.33 43.77 35.91
N THR P 98 13.05 43.89 35.53
CA THR P 98 12.69 44.55 34.29
C THR P 98 13.05 46.03 34.32
N LEU P 99 12.80 46.71 35.45
CA LEU P 99 13.16 48.12 35.55
C LEU P 99 14.66 48.32 35.62
N GLY P 100 15.41 47.32 36.09
CA GLY P 100 16.86 47.40 35.99
C GLY P 100 17.33 47.35 34.55
N THR P 101 16.84 46.35 33.79
CA THR P 101 17.21 46.26 32.38
C THR P 101 16.79 47.51 31.62
N ILE P 102 15.56 47.98 31.86
CA ILE P 102 15.08 49.20 31.21
C ILE P 102 15.99 50.37 31.56
N PHE P 103 16.33 50.50 32.84
CA PHE P 103 17.12 51.65 33.29
C PHE P 103 18.48 51.68 32.62
N THR P 104 19.12 50.51 32.45
CA THR P 104 20.47 50.52 31.90
C THR P 104 20.53 50.41 30.39
N GLU P 105 19.51 49.86 29.74
CA GLU P 105 19.61 49.45 28.34
C GLU P 105 18.72 50.22 27.38
N GLN P 106 17.52 50.63 27.79
CA GLN P 106 16.63 51.33 26.86
C GLN P 106 17.23 52.66 26.43
N ALA P 107 16.72 53.18 25.30
CA ALA P 107 17.21 54.45 24.79
C ALA P 107 16.97 55.59 25.77
N LYS P 108 15.86 55.54 26.52
CA LYS P 108 15.55 56.49 27.57
C LYS P 108 15.08 55.73 28.80
N PRO P 109 15.55 56.09 29.99
CA PRO P 109 15.07 55.41 31.19
C PRO P 109 13.59 55.68 31.42
N TYR P 110 12.93 54.73 32.08
CA TYR P 110 11.51 54.88 32.38
C TYR P 110 11.32 55.85 33.53
N GLU P 111 10.51 56.88 33.31
CA GLU P 111 10.17 57.84 34.35
C GLU P 111 8.94 57.35 35.10
N VAL P 112 9.15 56.29 35.88
CA VAL P 112 8.06 55.60 36.56
C VAL P 112 8.47 55.21 37.98
N GLU P 113 7.47 55.03 38.83
CA GLU P 113 7.63 54.50 40.17
C GLU P 113 6.45 53.57 40.44
N LEU P 114 6.74 52.34 40.86
CA LEU P 114 5.74 51.29 40.94
C LEU P 114 5.50 50.84 42.38
N CYS P 115 4.29 50.34 42.63
CA CYS P 115 3.94 49.68 43.88
C CYS P 115 3.08 48.47 43.55
N VAL P 116 3.47 47.31 44.10
CA VAL P 116 2.70 46.09 43.97
C VAL P 116 2.20 45.70 45.35
N ALA P 117 0.90 45.38 45.46
CA ALA P 117 0.31 45.05 46.74
C ALA P 117 -0.38 43.70 46.67
N GLU P 118 -0.37 42.98 47.79
CA GLU P 118 -1.03 41.68 47.88
C GLU P 118 -1.80 41.58 49.18
N VAL P 119 -3.06 41.12 49.09
CA VAL P 119 -3.84 40.85 50.29
C VAL P 119 -3.97 39.33 50.45
N ALA P 120 -4.69 38.90 51.48
CA ALA P 120 -4.84 37.49 51.75
C ALA P 120 -5.91 36.88 50.86
N HIS P 121 -5.70 35.61 50.51
CA HIS P 121 -6.75 34.85 49.85
C HIS P 121 -7.95 34.70 50.79
N TYR P 122 -9.11 34.44 50.19
CA TYR P 122 -10.36 34.45 50.95
C TYR P 122 -10.31 33.45 52.10
N GLY P 123 -10.70 33.90 53.28
CA GLY P 123 -10.74 33.06 54.46
C GLY P 123 -9.41 32.81 55.14
N GLU P 124 -8.31 33.36 54.60
CA GLU P 124 -6.99 33.15 55.18
C GLU P 124 -6.54 34.38 55.95
N THR P 125 -5.70 34.16 56.95
CA THR P 125 -5.17 35.22 57.81
C THR P 125 -3.75 35.55 57.36
N LYS P 126 -3.58 36.75 56.79
CA LYS P 126 -2.26 37.21 56.36
C LYS P 126 -2.32 38.72 56.24
N ARG P 127 -1.35 39.39 56.86
CA ARG P 127 -1.30 40.85 56.77
C ARG P 127 -0.85 41.25 55.37
N PRO P 128 -1.50 42.26 54.75
CA PRO P 128 -1.12 42.69 53.39
C PRO P 128 0.37 42.95 53.21
N GLU P 129 0.85 42.78 51.97
CA GLU P 129 2.23 43.08 51.62
C GLU P 129 2.25 44.21 50.61
N LEU P 130 3.25 45.10 50.76
CA LEU P 130 3.39 46.24 49.87
C LEU P 130 4.86 46.39 49.47
N TYR P 131 5.09 46.49 48.17
CA TYR P 131 6.42 46.59 47.58
C TYR P 131 6.49 47.84 46.72
N ARG P 132 7.64 48.52 46.80
CA ARG P 132 7.92 49.69 45.97
C ARG P 132 9.10 49.40 45.07
N ILE P 133 8.93 49.66 43.77
CA ILE P 133 9.97 49.46 42.77
C ILE P 133 10.32 50.81 42.16
N THR P 134 11.60 51.16 42.21
CA THR P 134 12.13 52.43 41.74
C THR P 134 12.52 52.33 40.26
N TYR P 135 12.65 53.49 39.61
CA TYR P 135 12.99 53.57 38.20
C TYR P 135 14.28 52.82 37.85
N ASP P 136 15.13 52.53 38.84
CA ASP P 136 16.40 51.86 38.60
C ASP P 136 16.38 50.39 39.01
N GLY P 137 15.22 49.83 39.31
CA GLY P 137 15.12 48.47 39.76
C GLY P 137 15.25 48.28 41.26
N SER P 138 15.41 49.35 42.02
CA SER P 138 15.46 49.23 43.47
C SER P 138 14.10 48.81 44.01
N ILE P 139 14.10 47.75 44.82
CA ILE P 139 12.88 47.18 45.38
C ILE P 139 12.95 47.30 46.89
N ALA P 140 11.81 47.56 47.52
CA ALA P 140 11.77 47.64 48.97
C ALA P 140 10.42 47.17 49.49
N ASP P 141 10.45 46.37 50.54
CA ASP P 141 9.27 45.91 51.26
C ASP P 141 8.94 46.89 52.37
N GLU P 142 7.72 47.42 52.37
CA GLU P 142 7.35 48.33 53.45
C GLU P 142 6.03 47.88 54.06
N PRO P 143 5.90 47.95 55.39
CA PRO P 143 4.80 47.24 56.06
C PRO P 143 3.46 47.94 56.05
N HIS P 144 3.41 49.27 55.92
CA HIS P 144 2.15 49.98 56.16
C HIS P 144 1.67 50.79 54.97
N PHE P 145 2.50 51.70 54.44
CA PHE P 145 2.06 52.57 53.37
C PHE P 145 3.19 52.80 52.37
N VAL P 146 2.81 53.12 51.14
CA VAL P 146 3.76 53.41 50.07
C VAL P 146 3.32 54.70 49.39
N VAL P 147 4.25 55.65 49.28
CA VAL P 147 4.03 56.92 48.61
C VAL P 147 4.92 56.99 47.39
N MET P 148 4.35 57.44 46.26
CA MET P 148 5.10 57.56 45.02
C MET P 148 4.67 58.84 44.31
N GLY P 149 5.62 59.47 43.62
CA GLY P 149 5.32 60.62 42.79
C GLY P 149 5.37 61.96 43.48
N GLY P 150 5.81 62.99 42.75
CA GLY P 150 5.86 64.36 43.24
C GLY P 150 6.74 64.50 44.46
N THR P 151 6.45 65.53 45.25
CA THR P 151 7.15 65.78 46.51
C THR P 151 6.59 64.83 47.55
N THR P 152 7.35 63.78 47.87
CA THR P 152 6.82 62.68 48.67
C THR P 152 6.99 62.91 50.18
N GLU P 153 8.08 63.53 50.61
CA GLU P 153 8.35 63.63 52.04
C GLU P 153 7.22 64.25 52.85
N PRO P 154 6.53 65.31 52.40
CA PRO P 154 5.34 65.75 53.17
C PRO P 154 4.29 64.67 53.33
N ILE P 155 3.93 63.99 52.23
CA ILE P 155 2.84 63.00 52.27
C ILE P 155 3.23 61.83 53.16
N ALA P 156 4.43 61.29 52.94
CA ALA P 156 4.91 60.17 53.74
C ALA P 156 4.99 60.54 55.22
N ASN P 157 5.51 61.72 55.53
CA ASN P 157 5.56 62.15 56.93
C ASN P 157 4.17 62.31 57.52
N ALA P 158 3.19 62.71 56.70
CA ALA P 158 1.82 62.78 57.18
C ALA P 158 1.29 61.39 57.53
N LEU P 159 1.53 60.41 56.65
CA LEU P 159 1.08 59.05 56.95
C LEU P 159 1.79 58.48 58.17
N LYS P 160 3.06 58.86 58.38
CA LYS P 160 3.77 58.46 59.58
C LYS P 160 3.07 58.97 60.84
N GLU P 161 2.39 60.12 60.74
CA GLU P 161 1.74 60.73 61.88
C GLU P 161 0.32 60.23 62.10
N SER P 162 -0.39 59.84 61.03
CA SER P 162 -1.83 59.59 61.13
C SER P 162 -2.21 58.19 60.66
N TYR P 163 -1.27 57.25 60.61
CA TYR P 163 -1.62 55.88 60.23
C TYR P 163 -2.05 55.08 61.45
N ALA P 164 -3.11 54.30 61.28
CA ALA P 164 -3.60 53.38 62.30
C ALA P 164 -3.90 52.05 61.63
N GLU P 165 -3.40 50.96 62.20
CA GLU P 165 -3.65 49.64 61.65
C GLU P 165 -5.13 49.28 61.79
N ASN P 166 -5.65 48.57 60.79
CA ASN P 166 -7.02 48.09 60.78
C ASN P 166 -8.04 49.23 60.89
N ALA P 167 -7.69 50.38 60.33
CA ALA P 167 -8.64 51.48 60.23
C ALA P 167 -9.72 51.15 59.20
N SER P 168 -10.93 51.66 59.45
CA SER P 168 -12.02 51.46 58.52
C SER P 168 -11.68 52.04 57.15
N LEU P 169 -12.43 51.59 56.13
CA LEU P 169 -12.24 52.12 54.79
C LEU P 169 -12.38 53.63 54.76
N THR P 170 -13.39 54.15 55.48
CA THR P 170 -13.58 55.60 55.57
C THR P 170 -12.36 56.27 56.20
N ASP P 171 -11.88 55.73 57.31
CA ASP P 171 -10.72 56.30 57.99
C ASP P 171 -9.50 56.31 57.08
N ALA P 172 -9.20 55.16 56.47
CA ALA P 172 -8.03 55.06 55.60
C ALA P 172 -8.13 56.01 54.41
N LEU P 173 -9.34 56.16 53.87
CA LEU P 173 -9.52 57.08 52.75
C LEU P 173 -9.27 58.53 53.19
N ARG P 174 -9.84 58.93 54.33
CA ARG P 174 -9.65 60.30 54.80
C ARG P 174 -8.19 60.58 55.13
N ILE P 175 -7.50 59.62 55.76
CA ILE P 175 -6.10 59.80 56.09
C ILE P 175 -5.26 59.89 54.83
N ALA P 176 -5.52 59.02 53.86
CA ALA P 176 -4.77 59.03 52.61
C ALA P 176 -4.94 60.35 51.88
N VAL P 177 -6.19 60.79 51.70
CA VAL P 177 -6.44 62.02 50.94
C VAL P 177 -5.92 63.24 51.69
N ALA P 178 -6.02 63.22 53.02
CA ALA P 178 -5.46 64.30 53.82
C ALA P 178 -3.95 64.41 53.62
N ALA P 179 -3.24 63.28 53.68
CA ALA P 179 -1.80 63.30 53.43
C ALA P 179 -1.51 63.77 52.01
N LEU P 180 -2.30 63.31 51.04
CA LEU P 180 -2.13 63.71 49.65
C LEU P 180 -2.16 65.23 49.51
N ARG P 181 -3.22 65.86 49.91
CA ARG P 181 -3.31 67.29 49.79
C ARG P 181 -2.28 67.95 50.62
N ALA P 182 -1.97 67.40 51.79
CA ALA P 182 -0.93 67.99 52.63
C ALA P 182 0.39 68.07 51.88
N GLY P 183 0.66 67.12 50.98
CA GLY P 183 1.77 67.26 50.06
C GLY P 183 1.46 68.01 48.80
N SER P 184 0.17 68.29 48.55
CA SER P 184 -0.30 68.96 47.34
C SER P 184 0.24 68.30 46.07
N THR P 194 -7.44 71.65 46.76
CA THR P 194 -8.83 71.23 46.67
C THR P 194 -8.99 70.04 45.74
N LEU P 195 -9.41 68.91 46.30
CA LEU P 195 -9.58 67.67 45.55
C LEU P 195 -10.96 67.10 45.81
N GLY P 196 -11.27 66.03 45.10
CA GLY P 196 -12.57 65.39 45.26
C GLY P 196 -12.72 64.25 44.28
N VAL P 197 -13.98 63.90 44.01
CA VAL P 197 -14.27 62.76 43.13
C VAL P 197 -13.79 63.00 41.71
N ALA P 198 -13.73 64.27 41.29
CA ALA P 198 -13.26 64.61 39.95
C ALA P 198 -11.74 64.60 39.84
N SER P 199 -11.02 64.43 40.95
CA SER P 199 -9.56 64.47 40.94
C SER P 199 -8.91 63.21 41.51
N LEU P 200 -9.68 62.17 41.82
CA LEU P 200 -9.14 60.99 42.48
C LEU P 200 -9.46 59.74 41.69
N GLU P 201 -8.50 58.83 41.62
CA GLU P 201 -8.72 57.45 41.18
C GLU P 201 -8.48 56.55 42.38
N VAL P 202 -9.50 55.82 42.79
CA VAL P 202 -9.52 55.09 44.05
C VAL P 202 -9.93 53.65 43.79
N ALA P 203 -9.21 52.71 44.41
CA ALA P 203 -9.56 51.31 44.32
C ALA P 203 -9.10 50.60 45.59
N VAL P 204 -9.48 49.34 45.73
CA VAL P 204 -9.10 48.53 46.87
C VAL P 204 -8.81 47.11 46.45
N LEU P 205 -7.88 46.47 47.18
CA LEU P 205 -7.74 45.03 47.22
C LEU P 205 -8.49 44.58 48.47
N ASP P 206 -9.69 44.04 48.26
CA ASP P 206 -10.64 43.71 49.32
C ASP P 206 -10.48 42.25 49.71
N ALA P 207 -9.91 42.01 50.89
CA ALA P 207 -9.68 40.64 51.35
C ALA P 207 -10.97 39.90 51.70
N ASN P 208 -12.14 40.51 51.49
CA ASN P 208 -13.41 39.84 51.72
C ASN P 208 -14.01 39.23 50.46
N ARG P 209 -13.61 39.69 49.29
CA ARG P 209 -14.12 39.10 48.06
C ARG P 209 -13.56 37.69 47.90
N PRO P 210 -14.36 36.74 47.39
CA PRO P 210 -13.90 35.35 47.35
C PRO P 210 -12.82 35.10 46.31
N ARG P 211 -12.96 35.63 45.11
CA ARG P 211 -12.03 35.34 44.03
C ARG P 211 -11.17 36.56 43.69
N ARG P 212 -11.73 37.50 42.94
CA ARG P 212 -11.01 38.68 42.50
C ARG P 212 -11.19 39.79 43.52
N ALA P 213 -10.08 40.23 44.12
CA ALA P 213 -10.12 41.18 45.22
C ALA P 213 -10.06 42.64 44.78
N PHE P 214 -9.66 42.91 43.54
CA PHE P 214 -9.55 44.29 43.08
C PHE P 214 -10.95 44.85 42.79
N ARG P 215 -11.20 46.06 43.29
CA ARG P 215 -12.53 46.65 43.21
C ARG P 215 -12.40 48.17 43.18
N ARG P 216 -13.02 48.80 42.17
CA ARG P 216 -12.98 50.25 42.05
C ARG P 216 -14.11 50.90 42.81
N ILE P 217 -13.83 52.07 43.39
CA ILE P 217 -14.79 52.85 44.16
C ILE P 217 -14.95 54.18 43.42
N THR P 218 -16.01 54.30 42.63
CA THR P 218 -16.20 55.49 41.79
C THR P 218 -17.58 56.08 42.01
N GLY P 219 -17.71 57.35 41.65
CA GLY P 219 -19.02 57.98 41.55
C GLY P 219 -19.68 58.15 42.90
N SER P 220 -20.97 57.80 42.97
CA SER P 220 -21.77 58.02 44.17
C SER P 220 -21.17 57.33 45.38
N ALA P 221 -20.66 56.11 45.20
CA ALA P 221 -20.05 55.39 46.32
C ALA P 221 -18.81 56.12 46.84
N LEU P 222 -17.97 56.61 45.92
CA LEU P 222 -16.79 57.36 46.33
C LEU P 222 -17.17 58.64 47.05
N GLN P 223 -18.20 59.34 46.56
CA GLN P 223 -18.70 60.53 47.24
C GLN P 223 -19.17 60.19 48.66
N ALA P 224 -19.91 59.09 48.80
CA ALA P 224 -20.41 58.70 50.12
C ALA P 224 -19.27 58.31 51.06
N LEU P 225 -18.18 57.76 50.51
CA LEU P 225 -17.06 57.38 51.36
C LEU P 225 -16.23 58.59 51.79
N LEU P 226 -16.02 59.55 50.89
CA LEU P 226 -15.17 60.69 51.19
C LEU P 226 -15.71 61.51 52.35
N VAL P 227 -16.92 62.04 52.20
CA VAL P 227 -17.53 62.92 53.18
C VAL P 227 -18.54 62.13 54.01
N ASP P 228 -18.48 62.28 55.32
CA ASP P 228 -19.39 61.57 56.21
C ASP P 228 -19.93 62.50 57.29
N MET Q 1 39.13 53.20 26.33
CA MET Q 1 39.40 51.91 26.94
C MET Q 1 39.76 52.05 28.42
N GLU Q 2 40.92 52.65 28.69
CA GLU Q 2 41.35 52.82 30.07
C GLU Q 2 40.38 53.72 30.84
N GLN Q 3 39.82 54.73 30.16
CA GLN Q 3 38.81 55.56 30.80
C GLN Q 3 37.55 54.75 31.10
N ALA Q 4 37.09 53.95 30.14
CA ALA Q 4 35.87 53.18 30.33
C ALA Q 4 36.03 52.16 31.46
N MET Q 5 37.17 51.47 31.49
CA MET Q 5 37.41 50.51 32.57
C MET Q 5 37.57 51.22 33.91
N ARG Q 6 38.18 52.41 33.91
CA ARG Q 6 38.23 53.22 35.12
C ARG Q 6 36.82 53.50 35.65
N GLU Q 7 35.91 53.91 34.76
CA GLU Q 7 34.57 54.28 35.18
C GLU Q 7 33.74 53.07 35.58
N ARG Q 8 33.93 51.93 34.91
CA ARG Q 8 33.21 50.72 35.31
C ARG Q 8 33.67 50.25 36.68
N SER Q 9 34.99 50.12 36.86
CA SER Q 9 35.53 49.71 38.15
C SER Q 9 35.08 50.65 39.25
N GLU Q 10 35.12 51.96 39.01
CA GLU Q 10 34.74 52.91 40.05
C GLU Q 10 33.25 52.84 40.34
N LEU Q 11 32.42 52.77 39.30
CA LEU Q 11 30.97 52.70 39.50
C LEU Q 11 30.61 51.47 40.33
N ALA Q 12 31.14 50.31 39.96
CA ALA Q 12 30.82 49.09 40.70
C ALA Q 12 31.37 49.16 42.12
N ARG Q 13 32.56 49.72 42.30
CA ARG Q 13 33.18 49.79 43.62
C ARG Q 13 32.38 50.68 44.56
N LYS Q 14 31.97 51.85 44.09
CA LYS Q 14 31.15 52.73 44.91
C LYS Q 14 29.78 52.10 45.19
N GLY Q 15 29.18 51.49 44.17
CA GLY Q 15 27.87 50.87 44.35
C GLY Q 15 27.90 49.76 45.40
N ILE Q 16 28.95 48.94 45.39
CA ILE Q 16 29.09 47.91 46.41
C ILE Q 16 29.39 48.56 47.76
N ALA Q 17 30.15 49.65 47.76
CA ALA Q 17 30.51 50.32 49.00
C ALA Q 17 29.29 50.88 49.71
N ARG Q 18 28.29 51.33 48.96
CA ARG Q 18 27.08 51.88 49.59
C ARG Q 18 26.17 50.81 50.17
N ALA Q 19 26.33 49.55 49.76
CA ALA Q 19 25.42 48.50 50.19
C ALA Q 19 25.79 47.98 51.58
N LYS Q 20 24.84 47.29 52.20
CA LYS Q 20 25.07 46.66 53.49
C LYS Q 20 26.09 45.52 53.35
N SER Q 21 26.47 44.96 54.50
CA SER Q 21 27.56 43.99 54.55
C SER Q 21 27.03 42.59 54.86
N VAL Q 22 27.75 41.59 54.36
CA VAL Q 22 27.44 40.18 54.57
C VAL Q 22 28.70 39.46 55.00
N VAL Q 23 28.57 38.54 55.96
CA VAL Q 23 29.68 37.75 56.47
C VAL Q 23 29.33 36.27 56.34
N ALA Q 24 30.32 35.48 55.94
CA ALA Q 24 30.21 34.02 55.91
C ALA Q 24 31.40 33.44 56.65
N LEU Q 25 31.16 32.43 57.48
CA LEU Q 25 32.22 31.85 58.30
C LEU Q 25 32.11 30.34 58.31
N ALA Q 26 33.25 29.68 58.47
CA ALA Q 26 33.26 28.25 58.76
C ALA Q 26 33.12 28.04 60.26
N TYR Q 27 32.26 27.10 60.64
CA TYR Q 27 32.12 26.75 62.05
C TYR Q 27 31.97 25.23 62.16
N ALA Q 28 31.97 24.76 63.41
CA ALA Q 28 32.08 23.33 63.68
C ALA Q 28 30.99 22.52 62.98
N GLY Q 29 29.80 23.10 62.83
CA GLY Q 29 28.69 22.43 62.20
C GLY Q 29 28.50 22.69 60.72
N GLY Q 30 29.35 23.50 60.10
CA GLY Q 30 29.21 23.79 58.69
C GLY Q 30 29.60 25.21 58.32
N VAL Q 31 28.70 25.94 57.66
CA VAL Q 31 28.97 27.32 57.27
C VAL Q 31 27.83 28.20 57.75
N LEU Q 32 28.18 29.38 58.26
CA LEU Q 32 27.22 30.36 58.75
C LEU Q 32 27.20 31.59 57.86
N PHE Q 33 26.02 31.93 57.36
CA PHE Q 33 25.76 33.15 56.61
C PHE Q 33 24.98 34.11 57.51
N VAL Q 34 25.54 35.29 57.73
CA VAL Q 34 24.87 36.36 58.48
C VAL Q 34 24.92 37.62 57.61
N ALA Q 35 23.75 38.19 57.32
CA ALA Q 35 23.68 39.37 56.48
C ALA Q 35 22.77 40.41 57.11
N GLU Q 36 23.23 41.65 57.13
CA GLU Q 36 22.38 42.78 57.52
C GLU Q 36 21.27 42.94 56.48
N ASN Q 37 20.04 42.66 56.88
CA ASN Q 37 18.91 42.69 55.95
C ASN Q 37 17.66 43.08 56.72
N PRO Q 38 17.22 44.33 56.63
CA PRO Q 38 15.98 44.74 57.31
C PRO Q 38 14.73 44.19 56.66
N SER Q 39 14.82 43.67 55.43
CA SER Q 39 13.63 43.30 54.68
C SER Q 39 12.97 42.06 55.27
N ARG Q 40 11.67 41.93 55.02
CA ARG Q 40 10.87 40.81 55.50
C ARG Q 40 10.86 39.65 54.50
N SER Q 41 10.86 39.96 53.20
CA SER Q 41 10.61 38.96 52.17
C SER Q 41 11.73 38.86 51.14
N LEU Q 42 12.74 39.71 51.20
CA LEU Q 42 13.81 39.73 50.21
C LEU Q 42 15.10 39.22 50.83
N GLN Q 43 15.80 38.36 50.08
CA GLN Q 43 16.89 37.57 50.62
C GLN Q 43 18.22 37.94 49.98
N LYS Q 44 19.26 38.01 50.80
CA LYS Q 44 20.64 38.13 50.35
C LYS Q 44 21.37 36.80 50.39
N ILE Q 45 20.78 35.78 51.00
CA ILE Q 45 21.39 34.47 51.18
C ILE Q 45 20.44 33.44 50.61
N SER Q 46 20.99 32.46 49.88
CA SER Q 46 20.14 31.49 49.20
C SER Q 46 20.87 30.17 49.07
N GLU Q 47 20.08 29.09 49.05
CA GLU Q 47 20.59 27.79 48.64
C GLU Q 47 20.88 27.80 47.14
N LEU Q 48 21.99 27.17 46.76
CA LEU Q 48 22.26 26.87 45.36
C LEU Q 48 22.05 25.39 45.05
N TYR Q 49 22.71 24.51 45.80
CA TYR Q 49 22.57 23.08 45.59
C TYR Q 49 22.70 22.38 46.93
N ASP Q 50 22.58 21.04 46.90
CA ASP Q 50 22.55 20.19 48.08
C ASP Q 50 23.43 20.70 49.22
N ARG Q 51 24.72 20.85 48.97
CA ARG Q 51 25.67 21.27 49.99
C ARG Q 51 26.31 22.61 49.65
N VAL Q 52 25.73 23.37 48.73
CA VAL Q 52 26.35 24.59 48.23
C VAL Q 52 25.39 25.76 48.45
N GLY Q 53 25.89 26.80 49.11
CA GLY Q 53 25.13 27.99 49.43
C GLY Q 53 25.66 29.27 48.80
N PHE Q 54 24.82 30.29 48.79
CA PHE Q 54 25.05 31.53 48.06
C PHE Q 54 24.76 32.71 48.98
N ALA Q 55 25.66 33.68 49.00
CA ALA Q 55 25.45 34.95 49.70
C ALA Q 55 25.86 36.09 48.80
N ALA Q 56 25.21 37.23 48.94
CA ALA Q 56 25.45 38.32 48.01
C ALA Q 56 25.28 39.67 48.69
N ALA Q 57 26.04 40.65 48.22
CA ALA Q 57 25.95 42.03 48.68
C ALA Q 57 25.90 42.96 47.47
N GLY Q 58 25.12 44.03 47.58
CA GLY Q 58 25.04 45.01 46.51
C GLY Q 58 23.64 45.32 46.03
N LYS Q 59 23.48 45.46 44.71
CA LYS Q 59 22.19 45.82 44.11
C LYS Q 59 21.35 44.56 43.93
N PHE Q 60 20.12 44.59 44.46
CA PHE Q 60 19.35 43.35 44.65
C PHE Q 60 19.04 42.67 43.32
N ASN Q 61 18.47 43.40 42.36
CA ASN Q 61 18.04 42.77 41.12
C ASN Q 61 19.20 42.08 40.40
N GLU Q 62 20.40 42.66 40.50
CA GLU Q 62 21.56 42.13 39.80
C GLU Q 62 22.07 40.83 40.45
N PHE Q 63 22.28 40.83 41.77
CA PHE Q 63 22.74 39.57 42.38
C PHE Q 63 21.62 38.55 42.48
N ASP Q 64 20.36 38.97 42.34
CA ASP Q 64 19.27 38.01 42.24
C ASP Q 64 19.26 37.35 40.86
N ASN Q 65 19.52 38.14 39.82
CA ASN Q 65 19.76 37.56 38.49
C ASN Q 65 20.89 36.53 38.56
N LEU Q 66 22.03 36.93 39.13
CA LEU Q 66 23.16 36.01 39.20
C LEU Q 66 22.82 34.78 40.05
N ARG Q 67 22.03 34.99 41.10
CA ARG Q 67 21.62 33.87 41.96
C ARG Q 67 20.76 32.87 41.20
N ARG Q 68 19.81 33.36 40.41
CA ARG Q 68 18.97 32.48 39.59
C ARG Q 68 19.81 31.78 38.53
N GLY Q 69 20.75 32.49 37.91
CA GLY Q 69 21.66 31.85 36.97
C GLY Q 69 22.49 30.76 37.63
N GLY Q 70 22.85 30.95 38.90
CA GLY Q 70 23.56 29.91 39.61
C GLY Q 70 22.70 28.69 39.88
N ILE Q 71 21.44 28.90 40.27
CA ILE Q 71 20.54 27.77 40.48
C ILE Q 71 20.31 27.01 39.18
N GLN Q 72 20.13 27.74 38.07
CA GLN Q 72 19.98 27.10 36.77
C GLN Q 72 21.23 26.29 36.40
N PHE Q 73 22.41 26.87 36.65
CA PHE Q 73 23.64 26.15 36.35
C PHE Q 73 23.73 24.86 37.15
N ALA Q 74 23.51 24.94 38.47
CA ALA Q 74 23.68 23.78 39.32
C ALA Q 74 22.66 22.69 39.00
N ASP Q 75 21.39 23.07 38.84
CA ASP Q 75 20.36 22.09 38.54
C ASP Q 75 20.59 21.44 37.17
N THR Q 76 20.94 22.24 36.16
CA THR Q 76 21.18 21.68 34.83
C THR Q 76 22.41 20.77 34.83
N ARG Q 77 23.47 21.16 35.53
CA ARG Q 77 24.67 20.32 35.57
C ARG Q 77 24.42 19.03 36.33
N GLY Q 78 23.67 19.10 37.43
CA GLY Q 78 23.34 17.90 38.17
C GLY Q 78 22.49 16.94 37.35
N TYR Q 79 21.47 17.46 36.67
CA TYR Q 79 20.63 16.61 35.82
C TYR Q 79 21.42 16.05 34.64
N ALA Q 80 22.37 16.81 34.11
CA ALA Q 80 23.16 16.33 32.98
C ALA Q 80 24.12 15.22 33.39
N TYR Q 81 24.72 15.34 34.58
CA TYR Q 81 25.68 14.35 35.05
C TYR Q 81 25.11 13.69 36.28
N ASP Q 82 25.47 14.13 37.48
CA ASP Q 82 24.87 13.64 38.71
C ASP Q 82 24.97 14.70 39.78
N ARG Q 83 24.08 14.61 40.77
CA ARG Q 83 24.03 15.58 41.85
C ARG Q 83 25.37 15.71 42.57
N ARG Q 84 26.12 14.61 42.67
CA ARG Q 84 27.41 14.64 43.35
C ARG Q 84 28.54 15.17 42.46
N ASP Q 85 28.26 15.45 41.19
CA ASP Q 85 29.24 16.10 40.33
C ASP Q 85 29.20 17.62 40.46
N VAL Q 86 28.17 18.18 41.09
CA VAL Q 86 28.04 19.62 41.27
C VAL Q 86 28.82 20.03 42.50
N THR Q 87 29.82 20.90 42.31
CA THR Q 87 30.66 21.36 43.39
C THR Q 87 30.51 22.87 43.58
N GLY Q 88 30.94 23.34 44.75
CA GLY Q 88 30.98 24.78 44.98
C GLY Q 88 32.06 25.47 44.17
N ARG Q 89 33.17 24.78 43.91
CA ARG Q 89 34.22 25.35 43.08
C ARG Q 89 33.72 25.60 41.67
N GLN Q 90 32.88 24.70 41.15
CA GLN Q 90 32.28 24.92 39.83
C GLN Q 90 31.47 26.20 39.79
N LEU Q 91 30.56 26.37 40.76
CA LEU Q 91 29.72 27.56 40.79
C LEU Q 91 30.56 28.83 40.95
N ALA Q 92 31.61 28.76 41.78
CA ALA Q 92 32.52 29.90 41.91
C ALA Q 92 33.17 30.23 40.57
N ASN Q 93 33.63 29.21 39.86
CA ASN Q 93 34.29 29.42 38.57
C ASN Q 93 33.33 30.07 37.57
N VAL Q 94 32.12 29.53 37.44
CA VAL Q 94 31.18 30.05 36.46
C VAL Q 94 30.71 31.45 36.85
N TYR Q 95 30.66 31.73 38.16
CA TYR Q 95 30.34 33.08 38.61
C TYR Q 95 31.45 34.06 38.25
N ALA Q 96 32.71 33.61 38.33
CA ALA Q 96 33.83 34.47 37.94
C ALA Q 96 33.80 34.77 36.45
N GLN Q 97 33.58 33.74 35.62
CA GLN Q 97 33.48 33.95 34.19
C GLN Q 97 32.32 34.89 33.86
N THR Q 98 31.12 34.55 34.32
CA THR Q 98 29.93 35.35 34.04
C THR Q 98 30.12 36.79 34.48
N LEU Q 99 30.62 37.00 35.71
CA LEU Q 99 30.78 38.34 36.23
C LEU Q 99 31.82 39.13 35.45
N GLY Q 100 32.90 38.47 35.00
CA GLY Q 100 33.83 39.15 34.12
C GLY Q 100 33.17 39.62 32.85
N THR Q 101 32.37 38.74 32.22
CA THR Q 101 31.68 39.12 30.99
C THR Q 101 30.71 40.29 31.22
N ILE Q 102 29.94 40.23 32.30
CA ILE Q 102 29.05 41.35 32.64
C ILE Q 102 29.85 42.63 32.82
N PHE Q 103 30.97 42.55 33.53
CA PHE Q 103 31.75 43.75 33.83
C PHE Q 103 32.34 44.37 32.58
N THR Q 104 32.67 43.56 31.56
CA THR Q 104 33.30 44.15 30.38
C THR Q 104 32.31 44.52 29.29
N GLU Q 105 31.15 43.85 29.20
CA GLU Q 105 30.30 43.97 28.03
C GLU Q 105 28.90 44.49 28.28
N GLN Q 106 28.38 44.40 29.51
CA GLN Q 106 27.03 44.91 29.76
C GLN Q 106 27.01 46.44 29.71
N ALA Q 107 25.80 46.99 29.65
CA ALA Q 107 25.64 48.44 29.60
C ALA Q 107 26.19 49.09 30.87
N LYS Q 108 25.83 48.54 32.03
CA LYS Q 108 26.39 48.96 33.30
C LYS Q 108 26.91 47.73 34.02
N PRO Q 109 28.11 47.77 34.59
CA PRO Q 109 28.60 46.62 35.35
C PRO Q 109 27.72 46.34 36.56
N TYR Q 110 27.62 45.07 36.92
CA TYR Q 110 26.86 44.68 38.10
C TYR Q 110 27.56 45.17 39.36
N GLU Q 111 26.79 45.80 40.25
CA GLU Q 111 27.32 46.27 41.53
C GLU Q 111 27.04 45.22 42.61
N VAL Q 112 27.74 44.09 42.48
CA VAL Q 112 27.51 42.95 43.35
C VAL Q 112 28.85 42.37 43.81
N GLU Q 113 28.79 41.67 44.94
CA GLU Q 113 29.89 40.85 45.45
C GLU Q 113 29.29 39.56 45.96
N LEU Q 114 29.82 38.43 45.46
CA LEU Q 114 29.18 37.13 45.67
C LEU Q 114 30.10 36.19 46.45
N CYS Q 115 29.48 35.33 47.25
CA CYS Q 115 30.18 34.29 47.99
C CYS Q 115 29.48 32.95 47.77
N VAL Q 116 30.26 31.94 47.41
CA VAL Q 116 29.78 30.57 47.26
C VAL Q 116 30.46 29.72 48.32
N ALA Q 117 29.66 28.99 49.10
CA ALA Q 117 30.21 28.15 50.15
C ALA Q 117 29.79 26.70 49.93
N GLU Q 118 30.62 25.77 50.42
CA GLU Q 118 30.32 24.35 50.29
C GLU Q 118 30.76 23.62 51.54
N VAL Q 119 29.85 22.83 52.11
CA VAL Q 119 30.17 21.96 53.24
C VAL Q 119 30.31 20.53 52.73
N ALA Q 120 30.65 19.61 53.62
CA ALA Q 120 30.81 18.21 53.24
C ALA Q 120 29.45 17.54 53.10
N HIS Q 121 29.45 16.42 52.36
CA HIS Q 121 28.27 15.59 52.29
C HIS Q 121 28.08 14.82 53.60
N TYR Q 122 26.86 14.34 53.82
CA TYR Q 122 26.53 13.69 55.08
C TYR Q 122 27.39 12.46 55.29
N GLY Q 123 28.06 12.41 56.45
CA GLY Q 123 28.91 11.29 56.78
C GLY Q 123 30.32 11.37 56.24
N GLU Q 124 30.74 12.52 55.73
CA GLU Q 124 32.07 12.70 55.19
C GLU Q 124 32.79 13.81 55.94
N THR Q 125 34.10 13.67 56.06
CA THR Q 125 34.95 14.62 56.78
C THR Q 125 35.82 15.36 55.78
N LYS Q 126 35.33 16.52 55.32
CA LYS Q 126 36.13 17.46 54.55
C LYS Q 126 35.81 18.86 55.03
N ARG Q 127 36.82 19.77 54.94
CA ARG Q 127 36.53 21.04 55.56
C ARG Q 127 35.79 21.97 54.60
N PRO Q 128 35.00 22.91 55.13
CA PRO Q 128 34.20 23.79 54.26
C PRO Q 128 35.08 24.64 53.35
N GLU Q 129 34.48 25.06 52.23
CA GLU Q 129 35.14 25.92 51.26
C GLU Q 129 34.36 27.21 51.11
N LEU Q 130 35.09 28.33 51.10
CA LEU Q 130 34.51 29.66 50.94
C LEU Q 130 35.14 30.34 49.74
N TYR Q 131 34.32 30.76 48.79
CA TYR Q 131 34.76 31.42 47.58
C TYR Q 131 34.16 32.81 47.49
N ARG Q 132 34.99 33.76 47.05
CA ARG Q 132 34.60 35.16 46.92
C ARG Q 132 34.83 35.60 45.48
N ILE Q 133 33.79 36.14 44.85
CA ILE Q 133 33.83 36.63 43.48
C ILE Q 133 33.44 38.10 43.50
N THR Q 134 34.30 38.96 42.97
CA THR Q 134 34.08 40.40 43.03
C THR Q 134 33.41 40.88 41.73
N TYR Q 135 33.20 42.19 41.65
CA TYR Q 135 32.39 42.73 40.55
C TYR Q 135 33.05 42.54 39.19
N ASP Q 136 34.37 42.50 39.13
CA ASP Q 136 35.06 42.34 37.86
C ASP Q 136 35.36 40.88 37.53
N GLY Q 137 34.79 39.94 38.29
CA GLY Q 137 35.01 38.54 38.03
C GLY Q 137 36.26 37.96 38.67
N SER Q 138 36.94 38.72 39.51
CA SER Q 138 38.08 38.17 40.25
C SER Q 138 37.59 37.22 41.32
N ILE Q 139 38.27 36.08 41.43
CA ILE Q 139 37.86 35.01 42.33
C ILE Q 139 39.00 34.75 43.32
N ALA Q 140 38.63 34.39 44.55
CA ALA Q 140 39.59 34.10 45.59
C ALA Q 140 39.00 33.08 46.56
N ASP Q 141 39.85 32.20 47.07
CA ASP Q 141 39.45 31.16 48.02
C ASP Q 141 39.89 31.58 49.42
N GLU Q 142 38.93 31.62 50.34
CA GLU Q 142 39.26 31.93 51.72
C GLU Q 142 39.11 30.68 52.59
N PRO Q 143 39.91 30.54 53.64
CA PRO Q 143 39.82 29.34 54.49
C PRO Q 143 38.90 29.51 55.69
N HIS Q 144 38.57 30.75 56.04
CA HIS Q 144 37.92 31.00 57.32
C HIS Q 144 36.63 31.81 57.20
N PHE Q 145 36.70 32.96 56.54
CA PHE Q 145 35.55 33.85 56.48
C PHE Q 145 35.62 34.71 55.23
N VAL Q 146 34.47 35.26 54.85
CA VAL Q 146 34.33 36.15 53.72
C VAL Q 146 33.48 37.33 54.15
N VAL Q 147 33.96 38.55 53.86
CA VAL Q 147 33.23 39.78 54.11
C VAL Q 147 32.94 40.44 52.77
N MET Q 148 31.70 40.89 52.59
CA MET Q 148 31.31 41.52 51.34
C MET Q 148 30.46 42.76 51.60
N GLY Q 149 30.65 43.78 50.77
CA GLY Q 149 29.77 44.93 50.78
C GLY Q 149 30.05 45.94 51.88
N GLY Q 150 29.90 47.22 51.54
CA GLY Q 150 30.09 48.27 52.52
C GLY Q 150 31.57 48.45 52.88
N THR Q 151 31.77 49.05 54.04
CA THR Q 151 33.12 49.25 54.58
C THR Q 151 33.60 47.92 55.17
N THR Q 152 34.44 47.23 54.40
CA THR Q 152 34.83 45.86 54.75
C THR Q 152 35.95 45.80 55.77
N GLU Q 153 36.76 46.85 55.90
CA GLU Q 153 37.96 46.78 56.74
C GLU Q 153 37.66 46.54 58.21
N PRO Q 154 36.74 47.27 58.87
CA PRO Q 154 36.52 47.00 60.31
C PRO Q 154 35.96 45.61 60.57
N ILE Q 155 35.04 45.13 59.72
CA ILE Q 155 34.47 43.80 59.91
C ILE Q 155 35.54 42.74 59.72
N ALA Q 156 36.32 42.86 58.64
CA ALA Q 156 37.42 41.94 58.38
C ALA Q 156 38.37 41.86 59.57
N ASN Q 157 38.87 43.01 60.01
CA ASN Q 157 39.81 43.02 61.13
C ASN Q 157 39.19 42.43 62.39
N ALA Q 158 37.93 42.81 62.69
CA ALA Q 158 37.24 42.26 63.85
C ALA Q 158 37.24 40.74 63.84
N LEU Q 159 36.86 40.15 62.69
CA LEU Q 159 36.91 38.69 62.59
C LEU Q 159 38.33 38.17 62.74
N LYS Q 160 39.31 38.86 62.14
CA LYS Q 160 40.69 38.40 62.23
C LYS Q 160 41.18 38.32 63.67
N GLU Q 161 40.70 39.22 64.53
CA GLU Q 161 41.10 39.24 65.93
C GLU Q 161 40.14 38.49 66.85
N SER Q 162 39.03 37.98 66.32
CA SER Q 162 38.10 37.22 67.13
C SER Q 162 37.85 35.80 66.64
N TYR Q 163 38.28 35.44 65.43
CA TYR Q 163 37.90 34.17 64.84
C TYR Q 163 38.66 33.01 65.46
N ALA Q 164 37.94 31.94 65.79
CA ALA Q 164 38.52 30.69 66.23
C ALA Q 164 37.86 29.55 65.45
N GLU Q 165 38.68 28.62 64.95
CA GLU Q 165 38.16 27.52 64.16
C GLU Q 165 37.24 26.64 65.00
N ASN Q 166 36.34 25.94 64.30
CA ASN Q 166 35.44 24.97 64.92
C ASN Q 166 34.61 25.56 66.05
N ALA Q 167 34.31 26.86 65.96
CA ALA Q 167 33.46 27.48 66.96
C ALA Q 167 32.06 26.86 66.93
N SER Q 168 31.39 26.92 68.07
CA SER Q 168 30.01 26.46 68.12
C SER Q 168 29.13 27.40 67.29
N LEU Q 169 27.87 27.00 67.10
CA LEU Q 169 26.96 27.83 66.32
C LEU Q 169 26.73 29.17 66.99
N THR Q 170 26.39 29.15 68.29
CA THR Q 170 26.12 30.39 69.01
C THR Q 170 27.35 31.29 69.02
N ASP Q 171 28.54 30.70 69.22
CA ASP Q 171 29.77 31.49 69.17
C ASP Q 171 29.98 32.12 67.81
N ALA Q 172 29.71 31.37 66.74
CA ALA Q 172 29.85 31.92 65.39
C ALA Q 172 28.86 33.06 65.15
N LEU Q 173 27.65 32.94 65.70
CA LEU Q 173 26.64 33.98 65.51
C LEU Q 173 27.03 35.25 66.26
N ARG Q 174 27.48 35.11 67.51
CA ARG Q 174 27.87 36.28 68.28
C ARG Q 174 29.11 36.95 67.68
N ILE Q 175 30.09 36.15 67.26
CA ILE Q 175 31.30 36.72 66.66
C ILE Q 175 30.97 37.41 65.34
N ALA Q 176 29.99 36.89 64.59
CA ALA Q 176 29.63 37.49 63.32
C ALA Q 176 28.86 38.79 63.50
N VAL Q 177 27.83 38.77 64.35
CA VAL Q 177 27.04 39.96 64.59
C VAL Q 177 27.89 41.05 65.23
N ALA Q 178 28.83 40.65 66.10
CA ALA Q 178 29.77 41.61 66.66
C ALA Q 178 30.66 42.21 65.58
N ALA Q 179 31.15 41.36 64.67
CA ALA Q 179 32.00 41.87 63.59
C ALA Q 179 31.24 42.83 62.68
N LEU Q 180 29.93 42.59 62.49
CA LEU Q 180 29.16 43.46 61.60
C LEU Q 180 29.04 44.86 62.17
N ARG Q 181 28.79 44.99 63.47
CA ARG Q 181 28.70 46.30 64.11
C ARG Q 181 30.07 46.98 64.16
N ALA Q 182 30.65 47.26 63.01
CA ALA Q 182 31.96 47.89 62.91
C ALA Q 182 32.17 48.48 61.53
N LEU Q 195 21.12 45.37 66.08
CA LEU Q 195 21.18 44.22 65.18
C LEU Q 195 20.47 43.00 65.76
N GLY Q 196 19.14 43.02 65.68
CA GLY Q 196 18.32 41.92 66.16
C GLY Q 196 17.77 41.08 65.04
N VAL Q 197 16.65 40.41 65.33
CA VAL Q 197 16.03 39.51 64.35
C VAL Q 197 15.46 40.30 63.19
N ALA Q 198 14.78 41.42 63.48
CA ALA Q 198 14.11 42.19 62.43
C ALA Q 198 15.08 42.92 61.50
N SER Q 199 16.39 42.92 61.81
CA SER Q 199 17.38 43.57 60.95
C SER Q 199 18.52 42.62 60.57
N LEU Q 200 18.28 41.31 60.62
CA LEU Q 200 19.28 40.33 60.24
C LEU Q 200 18.61 39.18 59.50
N GLU Q 201 19.33 38.62 58.53
CA GLU Q 201 18.97 37.38 57.87
C GLU Q 201 20.12 36.40 58.07
N VAL Q 202 19.81 35.24 58.65
CA VAL Q 202 20.81 34.27 59.08
C VAL Q 202 20.41 32.89 58.56
N ALA Q 203 21.38 32.18 57.99
CA ALA Q 203 21.14 30.82 57.51
C ALA Q 203 22.45 30.04 57.58
N VAL Q 204 22.32 28.71 57.63
CA VAL Q 204 23.50 27.86 57.72
C VAL Q 204 23.45 26.81 56.61
N LEU Q 205 24.65 26.43 56.16
CA LEU Q 205 24.89 25.17 55.46
C LEU Q 205 25.28 24.16 56.53
N ASP Q 206 24.32 23.32 56.92
CA ASP Q 206 24.46 22.39 58.03
C ASP Q 206 24.96 21.05 57.50
N ALA Q 207 26.23 20.76 57.73
CA ALA Q 207 26.83 19.51 57.28
C ALA Q 207 26.24 18.28 57.96
N ASN Q 208 25.41 18.46 58.99
CA ASN Q 208 24.78 17.35 59.67
C ASN Q 208 23.48 16.93 59.00
N ARG Q 209 23.10 17.57 57.91
CA ARG Q 209 21.83 17.19 57.27
C ARG Q 209 22.08 16.19 56.15
N PRO Q 210 21.17 15.22 55.95
CA PRO Q 210 21.48 14.13 55.03
C PRO Q 210 21.37 14.52 53.56
N ARG Q 211 20.35 15.29 53.17
CA ARG Q 211 20.07 15.55 51.78
C ARG Q 211 20.38 16.99 51.37
N ARG Q 212 19.74 17.97 52.00
CA ARG Q 212 19.94 19.38 51.67
C ARG Q 212 20.46 20.10 52.91
N ALA Q 213 21.62 20.74 52.76
CA ALA Q 213 22.32 21.35 53.88
C ALA Q 213 21.78 22.72 54.26
N PHE Q 214 21.16 23.44 53.33
CA PHE Q 214 20.77 24.82 53.57
C PHE Q 214 19.54 24.88 54.47
N ARG Q 215 19.59 25.73 55.49
CA ARG Q 215 18.41 25.98 56.31
C ARG Q 215 18.54 27.35 56.97
N ARG Q 216 17.44 28.09 57.00
CA ARG Q 216 17.43 29.41 57.60
C ARG Q 216 17.20 29.32 59.10
N ILE Q 217 17.66 30.34 59.82
CA ILE Q 217 17.44 30.47 61.26
C ILE Q 217 16.73 31.79 61.47
N THR Q 218 15.48 31.73 61.90
CA THR Q 218 14.61 32.89 61.91
C THR Q 218 13.76 32.91 63.17
N GLY Q 219 13.26 34.10 63.50
CA GLY Q 219 12.23 34.24 64.53
C GLY Q 219 12.72 33.85 65.91
N SER Q 220 11.90 33.08 66.62
CA SER Q 220 12.19 32.74 68.00
C SER Q 220 13.46 31.89 68.13
N ALA Q 221 13.70 31.01 67.15
CA ALA Q 221 14.94 30.23 67.17
C ALA Q 221 16.16 31.13 67.05
N LEU Q 222 16.11 32.10 66.13
CA LEU Q 222 17.22 33.03 65.98
C LEU Q 222 17.39 33.89 67.23
N GLN Q 223 16.29 34.29 67.86
CA GLN Q 223 16.38 35.07 69.10
C GLN Q 223 17.05 34.26 70.20
N ALA Q 224 16.66 32.99 70.35
CA ALA Q 224 17.31 32.12 71.32
C ALA Q 224 18.78 31.94 70.99
N LEU Q 225 19.14 31.95 69.72
CA LEU Q 225 20.56 31.85 69.35
C LEU Q 225 21.31 33.15 69.59
N LEU Q 226 20.64 34.30 69.45
CA LEU Q 226 21.31 35.59 69.60
C LEU Q 226 21.87 35.77 71.01
N VAL Q 227 21.00 35.68 72.01
CA VAL Q 227 21.43 35.85 73.39
C VAL Q 227 21.38 34.52 74.14
N MET R 1 42.62 54.87 16.19
CA MET R 1 43.33 53.64 15.83
C MET R 1 44.59 53.46 16.68
N GLU R 2 45.55 54.38 16.56
CA GLU R 2 46.74 54.29 17.39
C GLU R 2 46.40 54.55 18.86
N GLN R 3 45.44 55.44 19.11
CA GLN R 3 44.98 55.71 20.47
C GLN R 3 44.44 54.44 21.12
N ALA R 4 43.47 53.81 20.47
CA ALA R 4 42.84 52.61 21.02
C ALA R 4 43.87 51.51 21.24
N MET R 5 44.64 51.16 20.21
CA MET R 5 45.56 50.04 20.32
C MET R 5 46.65 50.31 21.35
N ARG R 6 47.12 51.56 21.44
CA ARG R 6 48.04 51.94 22.51
C ARG R 6 47.41 51.65 23.87
N GLU R 7 46.20 52.18 24.11
CA GLU R 7 45.55 51.99 25.40
C GLU R 7 45.34 50.51 25.72
N ARG R 8 44.98 49.72 24.71
CA ARG R 8 44.72 48.30 24.96
C ARG R 8 46.01 47.58 25.33
N SER R 9 47.07 47.77 24.54
CA SER R 9 48.34 47.10 24.83
C SER R 9 48.86 47.48 26.20
N GLU R 10 48.68 48.74 26.61
CA GLU R 10 49.17 49.13 27.92
C GLU R 10 48.25 48.68 29.05
N LEU R 11 46.94 48.54 28.78
CA LEU R 11 46.05 47.95 29.77
C LEU R 11 46.43 46.50 30.04
N ALA R 12 46.64 45.73 28.98
CA ALA R 12 47.02 44.33 29.15
C ALA R 12 48.40 44.19 29.77
N ARG R 13 49.35 45.05 29.34
CA ARG R 13 50.68 45.02 29.93
C ARG R 13 50.63 45.29 31.43
N LYS R 14 49.86 46.31 31.83
CA LYS R 14 49.71 46.60 33.26
C LYS R 14 49.03 45.44 33.98
N GLY R 15 48.03 44.82 33.35
CA GLY R 15 47.36 43.70 33.98
C GLY R 15 48.30 42.54 34.25
N ILE R 16 49.09 42.17 33.24
CA ILE R 16 50.02 41.04 33.38
C ILE R 16 51.08 41.37 34.42
N ALA R 17 51.57 42.61 34.42
CA ALA R 17 52.64 42.99 35.35
C ALA R 17 52.21 42.87 36.80
N ARG R 18 50.92 43.04 37.08
CA ARG R 18 50.41 43.01 38.45
C ARG R 18 50.14 41.60 38.96
N ALA R 19 50.33 40.58 38.12
CA ALA R 19 50.02 39.21 38.51
C ALA R 19 51.29 38.45 38.91
N LYS R 20 51.08 37.34 39.61
CA LYS R 20 52.20 36.52 40.04
C LYS R 20 52.81 35.79 38.84
N SER R 21 54.06 35.36 39.02
CA SER R 21 54.87 34.86 37.92
C SER R 21 54.87 33.33 37.87
N VAL R 22 55.00 32.82 36.65
CA VAL R 22 55.06 31.38 36.37
C VAL R 22 56.35 31.10 35.62
N VAL R 23 56.95 29.94 35.91
CA VAL R 23 58.17 29.49 35.26
C VAL R 23 57.97 28.07 34.75
N ALA R 24 58.48 27.80 33.54
CA ALA R 24 58.44 26.46 32.97
C ALA R 24 59.79 26.14 32.35
N LEU R 25 60.37 24.98 32.72
CA LEU R 25 61.68 24.61 32.22
C LEU R 25 61.70 23.16 31.75
N ALA R 26 62.47 22.89 30.71
CA ALA R 26 62.67 21.53 30.22
C ALA R 26 63.80 20.88 31.02
N TYR R 27 63.50 19.75 31.65
CA TYR R 27 64.49 18.99 32.40
C TYR R 27 64.56 17.57 31.85
N ALA R 28 65.47 16.78 32.42
CA ALA R 28 65.76 15.45 31.89
C ALA R 28 64.52 14.56 31.83
N GLY R 29 63.57 14.76 32.72
CA GLY R 29 62.35 13.96 32.72
C GLY R 29 61.20 14.52 31.93
N GLY R 30 61.32 15.71 31.37
CA GLY R 30 60.23 16.30 30.62
C GLY R 30 60.15 17.80 30.78
N VAL R 31 58.99 18.32 31.20
CA VAL R 31 58.81 19.74 31.44
C VAL R 31 58.29 19.94 32.86
N LEU R 32 58.78 21.00 33.52
CA LEU R 32 58.39 21.34 34.87
C LEU R 32 57.73 22.71 34.87
N PHE R 33 56.49 22.75 35.36
CA PHE R 33 55.76 23.99 35.61
C PHE R 33 55.77 24.28 37.10
N VAL R 34 56.11 25.52 37.45
CA VAL R 34 56.02 25.99 38.83
C VAL R 34 55.41 27.39 38.81
N ALA R 35 54.39 27.61 39.61
CA ALA R 35 53.68 28.88 39.62
C ALA R 35 53.39 29.32 41.05
N GLU R 36 53.59 30.61 41.31
CA GLU R 36 53.26 31.18 42.61
C GLU R 36 51.75 31.23 42.75
N ASN R 37 51.19 30.34 43.56
CA ASN R 37 49.74 30.23 43.68
C ASN R 37 49.34 29.88 45.11
N PRO R 38 48.82 30.86 45.86
CA PRO R 38 48.39 30.60 47.24
C PRO R 38 47.02 29.94 47.37
N SER R 39 46.40 29.54 46.27
CA SER R 39 45.07 28.96 46.30
C SER R 39 45.14 27.44 46.44
N ARG R 40 44.23 26.90 47.25
CA ARG R 40 44.11 25.45 47.36
C ARG R 40 43.22 24.86 46.28
N SER R 41 42.39 25.67 45.62
CA SER R 41 41.40 25.18 44.68
C SER R 41 41.59 25.68 43.26
N LEU R 42 42.20 26.85 43.06
CA LEU R 42 42.28 27.48 41.75
C LEU R 42 43.64 27.20 41.14
N GLN R 43 43.65 26.79 39.87
CA GLN R 43 44.85 26.26 39.23
C GLN R 43 45.22 27.12 38.02
N LYS R 44 46.52 27.39 37.89
CA LYS R 44 47.07 28.09 36.73
C LYS R 44 47.79 27.17 35.74
N ILE R 45 48.12 25.95 36.15
CA ILE R 45 48.78 24.98 35.29
C ILE R 45 47.80 23.84 35.04
N SER R 46 47.66 23.44 33.77
CA SER R 46 46.68 22.44 33.40
C SER R 46 47.25 21.50 32.34
N GLU R 47 46.53 20.40 32.13
CA GLU R 47 46.79 19.48 31.03
C GLU R 47 45.92 19.85 29.84
N LEU R 48 46.52 19.87 28.65
CA LEU R 48 45.76 20.02 27.42
C LEU R 48 45.53 18.69 26.71
N TYR R 49 46.60 17.94 26.46
CA TYR R 49 46.47 16.65 25.80
C TYR R 49 47.54 15.72 26.36
N ASP R 50 47.54 14.47 25.85
CA ASP R 50 48.41 13.42 26.35
C ASP R 50 49.81 13.92 26.70
N ARG R 51 50.46 14.59 25.75
CA ARG R 51 51.82 15.07 25.92
C ARG R 51 51.90 16.59 25.80
N VAL R 52 50.80 17.29 26.11
CA VAL R 52 50.74 18.73 25.93
C VAL R 52 50.18 19.38 27.19
N GLY R 53 50.93 20.33 27.75
CA GLY R 53 50.55 20.99 28.98
C GLY R 53 50.45 22.51 28.85
N PHE R 54 49.77 23.13 29.81
CA PHE R 54 49.33 24.51 29.73
C PHE R 54 49.69 25.25 31.03
N ALA R 55 50.18 26.48 30.89
CA ALA R 55 50.48 27.30 32.06
C ALA R 55 50.23 28.76 31.71
N ALA R 56 49.46 29.45 32.55
CA ALA R 56 49.00 30.79 32.25
C ALA R 56 49.39 31.77 33.36
N ALA R 57 49.36 33.05 33.01
CA ALA R 57 49.61 34.13 33.96
C ALA R 57 48.65 35.27 33.69
N GLY R 58 48.15 35.89 34.76
CA GLY R 58 47.30 37.06 34.62
C GLY R 58 45.94 36.94 35.27
N LYS R 59 44.90 37.32 34.54
CA LYS R 59 43.53 37.33 35.07
C LYS R 59 42.94 35.93 34.95
N PHE R 60 42.41 35.41 36.06
CA PHE R 60 42.08 33.99 36.13
C PHE R 60 40.96 33.60 35.18
N ASN R 61 39.85 34.34 35.22
CA ASN R 61 38.70 33.96 34.39
C ASN R 61 39.05 33.96 32.91
N GLU R 62 39.96 34.86 32.50
CA GLU R 62 40.30 34.98 31.08
C GLU R 62 41.20 33.85 30.61
N PHE R 63 42.24 33.50 31.38
CA PHE R 63 43.08 32.39 30.95
C PHE R 63 42.46 31.04 31.26
N ASP R 64 41.47 30.99 32.15
CA ASP R 64 40.66 29.78 32.30
C ASP R 64 39.73 29.62 31.10
N ASN R 65 39.19 30.74 30.60
CA ASN R 65 38.51 30.71 29.31
C ASN R 65 39.40 30.12 28.22
N LEU R 66 40.57 30.74 28.01
CA LEU R 66 41.48 30.23 27.00
C LEU R 66 41.90 28.79 27.27
N ARG R 67 41.93 28.39 28.54
CA ARG R 67 42.31 27.03 28.89
C ARG R 67 41.26 26.03 28.43
N ARG R 68 39.99 26.26 28.81
CA ARG R 68 38.91 25.40 28.35
C ARG R 68 38.78 25.42 26.83
N GLY R 69 39.03 26.56 26.20
CA GLY R 69 39.01 26.61 24.75
C GLY R 69 40.10 25.76 24.13
N GLY R 70 41.29 25.76 24.74
CA GLY R 70 42.35 24.89 24.24
C GLY R 70 42.04 23.42 24.43
N ILE R 71 41.47 23.06 25.59
CA ILE R 71 41.06 21.67 25.81
C ILE R 71 40.02 21.25 24.79
N GLN R 72 39.06 22.14 24.51
CA GLN R 72 38.04 21.85 23.50
C GLN R 72 38.68 21.63 22.13
N PHE R 73 39.50 22.59 21.69
CA PHE R 73 40.16 22.46 20.39
C PHE R 73 40.97 21.18 20.29
N ALA R 74 41.69 20.83 21.36
CA ALA R 74 42.51 19.62 21.36
C ALA R 74 41.64 18.38 21.23
N ASP R 75 40.65 18.22 22.10
CA ASP R 75 39.80 17.03 22.07
C ASP R 75 39.08 16.89 20.75
N THR R 76 38.56 18.00 20.22
CA THR R 76 37.88 17.96 18.93
C THR R 76 38.83 17.53 17.82
N ARG R 77 40.04 18.11 17.81
CA ARG R 77 41.01 17.74 16.78
C ARG R 77 41.37 16.26 16.88
N GLY R 78 41.56 15.76 18.10
CA GLY R 78 41.89 14.34 18.26
C GLY R 78 40.76 13.42 17.91
N TYR R 79 39.51 13.87 18.06
CA TYR R 79 38.38 13.04 17.65
C TYR R 79 38.17 13.08 16.15
N ALA R 80 38.49 14.19 15.49
CA ALA R 80 38.30 14.29 14.05
C ALA R 80 39.31 13.47 13.28
N TYR R 81 40.51 13.28 13.85
CA TYR R 81 41.57 12.52 13.21
C TYR R 81 42.02 11.45 14.17
N ASP R 82 43.15 11.66 14.85
CA ASP R 82 43.62 10.74 15.87
C ASP R 82 44.33 11.55 16.94
N ARG R 83 44.46 10.97 18.14
CA ARG R 83 45.16 11.66 19.22
C ARG R 83 46.56 12.08 18.80
N ARG R 84 47.22 11.23 18.01
CA ARG R 84 48.63 11.44 17.67
C ARG R 84 48.86 12.69 16.83
N ASP R 85 47.83 13.17 16.14
CA ASP R 85 47.98 14.34 15.28
C ASP R 85 47.93 15.66 16.06
N VAL R 86 47.61 15.62 17.35
CA VAL R 86 47.56 16.83 18.17
C VAL R 86 48.97 17.17 18.62
N THR R 87 49.42 18.38 18.29
CA THR R 87 50.76 18.83 18.62
C THR R 87 50.68 20.09 19.47
N GLY R 88 51.69 20.28 20.32
CA GLY R 88 51.79 21.52 21.06
C GLY R 88 51.89 22.74 20.16
N ARG R 89 52.49 22.57 18.99
CA ARG R 89 52.58 23.67 18.04
C ARG R 89 51.20 24.10 17.55
N GLN R 90 50.31 23.13 17.32
CA GLN R 90 48.93 23.46 16.97
C GLN R 90 48.29 24.32 18.04
N LEU R 91 48.38 23.90 19.30
CA LEU R 91 47.77 24.64 20.40
C LEU R 91 48.33 26.06 20.48
N ALA R 92 49.67 26.19 20.39
CA ALA R 92 50.27 27.50 20.41
C ALA R 92 49.80 28.36 19.25
N ASN R 93 49.64 27.75 18.07
CA ASN R 93 49.22 28.47 16.88
C ASN R 93 47.81 29.03 17.05
N VAL R 94 46.85 28.17 17.38
CA VAL R 94 45.48 28.61 17.57
C VAL R 94 45.35 29.53 18.78
N TYR R 95 46.28 29.45 19.74
CA TYR R 95 46.31 30.41 20.83
C TYR R 95 46.76 31.78 20.35
N ALA R 96 47.73 31.82 19.44
CA ALA R 96 48.15 33.08 18.85
C ALA R 96 47.01 33.72 18.07
N GLN R 97 46.33 32.93 17.24
CA GLN R 97 45.20 33.45 16.48
C GLN R 97 44.09 33.94 17.39
N THR R 98 43.74 33.12 18.39
CA THR R 98 42.69 33.47 19.33
C THR R 98 43.00 34.78 20.05
N LEU R 99 44.21 34.87 20.62
CA LEU R 99 44.57 36.08 21.37
C LEU R 99 44.71 37.29 20.46
N GLY R 100 45.02 37.08 19.18
CA GLY R 100 44.98 38.19 18.24
C GLY R 100 43.58 38.74 18.08
N THR R 101 42.63 37.86 17.75
CA THR R 101 41.23 38.28 17.62
C THR R 101 40.73 38.94 18.90
N ILE R 102 41.00 38.33 20.05
CA ILE R 102 40.58 38.89 21.33
C ILE R 102 41.20 40.27 21.54
N PHE R 103 42.49 40.39 21.24
CA PHE R 103 43.19 41.65 21.53
C PHE R 103 42.67 42.79 20.66
N THR R 104 42.31 42.50 19.41
CA THR R 104 41.85 43.58 18.53
C THR R 104 40.35 43.84 18.60
N GLU R 105 39.55 42.83 18.96
CA GLU R 105 38.11 42.91 18.74
C GLU R 105 37.24 42.77 19.98
N GLN R 106 37.79 42.40 21.13
CA GLN R 106 36.96 42.18 22.30
C GLN R 106 36.69 43.50 23.04
N ALA R 107 35.74 43.45 23.97
CA ALA R 107 35.41 44.63 24.76
C ALA R 107 36.63 45.13 25.53
N LYS R 108 37.28 44.25 26.28
CA LYS R 108 38.53 44.56 26.95
C LYS R 108 39.54 43.47 26.59
N PRO R 109 40.75 43.83 26.17
CA PRO R 109 41.74 42.80 25.83
C PRO R 109 42.06 41.94 27.05
N TYR R 110 42.45 40.69 26.78
CA TYR R 110 42.70 39.75 27.85
C TYR R 110 44.04 40.05 28.54
N GLU R 111 44.01 40.03 29.87
CA GLU R 111 45.20 40.30 30.68
C GLU R 111 45.92 39.00 31.04
N VAL R 112 46.40 38.31 30.01
CA VAL R 112 46.92 36.97 30.14
C VAL R 112 48.20 36.80 29.34
N GLU R 113 48.98 35.78 29.72
CA GLU R 113 50.16 35.36 28.99
C GLU R 113 50.23 33.85 29.11
N LEU R 114 50.26 33.15 27.97
CA LEU R 114 50.11 31.71 27.92
C LEU R 114 51.42 31.02 27.58
N CYS R 115 51.53 29.77 28.00
CA CYS R 115 52.66 28.90 27.68
C CYS R 115 52.14 27.50 27.44
N VAL R 116 52.57 26.91 26.33
CA VAL R 116 52.18 25.55 25.95
C VAL R 116 53.44 24.73 25.77
N ALA R 117 53.50 23.59 26.46
CA ALA R 117 54.67 22.72 26.42
C ALA R 117 54.30 21.36 25.86
N GLU R 118 55.27 20.73 25.19
CA GLU R 118 55.08 19.38 24.67
C GLU R 118 56.32 18.54 24.98
N VAL R 119 56.08 17.35 25.53
CA VAL R 119 57.11 16.34 25.67
C VAL R 119 56.88 15.26 24.62
N ALA R 120 57.87 14.40 24.45
CA ALA R 120 57.76 13.32 23.48
C ALA R 120 56.76 12.26 23.95
N HIS R 121 56.29 11.46 23.00
CA HIS R 121 55.54 10.28 23.36
C HIS R 121 56.49 9.23 23.95
N TYR R 122 55.91 8.21 24.58
CA TYR R 122 56.67 7.29 25.43
C TYR R 122 57.93 6.77 24.76
N GLY R 123 57.79 5.94 23.74
CA GLY R 123 58.95 5.31 23.14
C GLY R 123 59.85 6.23 22.34
N GLU R 124 59.44 7.46 22.11
CA GLU R 124 60.15 8.35 21.20
C GLU R 124 61.17 9.21 21.94
N THR R 125 62.16 9.69 21.21
CA THR R 125 63.19 10.59 21.72
C THR R 125 63.06 11.92 20.99
N LYS R 126 62.40 12.87 21.62
CA LYS R 126 62.16 14.19 21.05
C LYS R 126 62.38 15.23 22.14
N ARG R 127 63.21 16.23 21.85
CA ARG R 127 63.47 17.27 22.82
C ARG R 127 62.21 18.11 23.06
N PRO R 128 62.00 18.56 24.29
CA PRO R 128 60.76 19.25 24.62
C PRO R 128 60.56 20.53 23.82
N GLU R 129 59.31 20.98 23.76
CA GLU R 129 58.95 22.21 23.07
C GLU R 129 58.26 23.14 24.07
N LEU R 130 58.69 24.40 24.06
CA LEU R 130 58.10 25.43 24.93
C LEU R 130 57.68 26.61 24.07
N TYR R 131 56.40 26.95 24.14
CA TYR R 131 55.84 28.07 23.40
C TYR R 131 55.29 29.11 24.37
N ARG R 132 55.54 30.39 24.07
CA ARG R 132 55.06 31.50 24.87
C ARG R 132 54.22 32.41 23.97
N ILE R 133 52.95 32.58 24.31
CA ILE R 133 52.04 33.43 23.54
C ILE R 133 51.65 34.61 24.40
N THR R 134 51.74 35.81 23.85
CA THR R 134 51.48 37.04 24.58
C THR R 134 50.07 37.55 24.33
N TYR R 135 49.70 38.61 25.06
CA TYR R 135 48.33 39.11 25.05
C TYR R 135 47.89 39.63 23.69
N ASP R 136 48.82 40.06 22.84
CA ASP R 136 48.47 40.56 21.53
C ASP R 136 48.58 39.49 20.44
N GLY R 137 48.71 38.22 20.83
CA GLY R 137 48.83 37.15 19.86
C GLY R 137 50.23 36.88 19.38
N SER R 138 51.24 37.57 19.92
CA SER R 138 52.61 37.28 19.55
C SER R 138 53.02 35.93 20.11
N ILE R 139 53.68 35.13 19.28
CA ILE R 139 54.08 33.78 19.66
C ILE R 139 55.59 33.65 19.53
N ALA R 140 56.22 33.05 20.53
CA ALA R 140 57.67 32.91 20.60
C ALA R 140 58.03 31.49 20.95
N ASP R 141 59.10 31.01 20.33
CA ASP R 141 59.57 29.63 20.46
C ASP R 141 60.80 29.62 21.37
N GLU R 142 60.70 28.94 22.51
CA GLU R 142 61.81 28.96 23.44
C GLU R 142 62.36 27.57 23.70
N PRO R 143 63.68 27.42 23.78
CA PRO R 143 64.27 26.07 23.87
C PRO R 143 64.51 25.59 25.29
N HIS R 144 64.60 26.51 26.25
CA HIS R 144 65.05 26.16 27.60
C HIS R 144 64.01 26.47 28.68
N PHE R 145 63.49 27.69 28.72
CA PHE R 145 62.52 28.05 29.75
C PHE R 145 61.58 29.12 29.23
N VAL R 146 60.52 29.35 30.00
CA VAL R 146 59.53 30.39 29.72
C VAL R 146 59.10 31.00 31.04
N VAL R 147 59.07 32.33 31.08
CA VAL R 147 58.68 33.09 32.27
C VAL R 147 57.50 33.99 31.89
N MET R 148 56.48 34.03 32.76
CA MET R 148 55.31 34.83 32.48
C MET R 148 54.84 35.54 33.74
N GLY R 149 54.25 36.72 33.55
CA GLY R 149 53.64 37.45 34.65
C GLY R 149 54.62 38.11 35.59
N GLY R 150 54.18 39.17 36.26
CA GLY R 150 55.05 39.88 37.18
C GLY R 150 56.18 40.61 36.46
N THR R 151 57.23 40.90 37.21
CA THR R 151 58.41 41.56 36.68
C THR R 151 59.37 40.48 36.19
N THR R 152 59.25 40.14 34.90
CA THR R 152 59.89 38.94 34.37
C THR R 152 61.41 39.04 34.27
N GLU R 153 61.96 40.25 34.19
CA GLU R 153 63.38 40.41 33.90
C GLU R 153 64.29 39.71 34.90
N PRO R 154 64.16 39.92 36.22
CA PRO R 154 65.05 39.21 37.15
C PRO R 154 64.92 37.70 37.09
N ILE R 155 63.74 37.18 36.78
CA ILE R 155 63.57 35.72 36.69
C ILE R 155 64.25 35.19 35.44
N ALA R 156 64.07 35.87 34.31
CA ALA R 156 64.72 35.45 33.08
C ALA R 156 66.25 35.57 33.19
N ASN R 157 66.73 36.49 34.00
CA ASN R 157 68.17 36.64 34.18
C ASN R 157 68.72 35.56 35.12
N ALA R 158 68.06 35.34 36.25
CA ALA R 158 68.48 34.29 37.17
C ALA R 158 68.44 32.92 36.49
N LEU R 159 67.43 32.70 35.65
CA LEU R 159 67.39 31.46 34.86
C LEU R 159 68.51 31.44 33.82
N LYS R 160 68.74 32.57 33.15
CA LYS R 160 69.83 32.64 32.18
C LYS R 160 71.17 32.28 32.81
N GLU R 161 71.32 32.56 34.12
CA GLU R 161 72.55 32.25 34.83
C GLU R 161 72.60 30.80 35.35
N SER R 162 71.52 30.31 35.93
CA SER R 162 71.56 29.09 36.73
C SER R 162 70.95 27.87 36.07
N TYR R 163 70.61 27.94 34.78
CA TYR R 163 69.96 26.82 34.11
C TYR R 163 70.99 25.99 33.35
N ALA R 164 70.88 24.67 33.48
CA ALA R 164 71.63 23.72 32.68
C ALA R 164 70.67 22.65 32.16
N GLU R 165 70.95 22.16 30.95
CA GLU R 165 70.11 21.13 30.37
C GLU R 165 70.20 19.84 31.18
N ASN R 166 69.14 19.04 31.12
CA ASN R 166 69.12 17.68 31.65
C ASN R 166 69.33 17.63 33.16
N ALA R 167 68.90 18.66 33.88
CA ALA R 167 68.96 18.62 35.33
C ALA R 167 67.93 17.61 35.87
N SER R 168 68.20 17.11 37.07
CA SER R 168 67.25 16.22 37.70
C SER R 168 66.01 17.01 38.14
N LEU R 169 64.98 16.27 38.58
CA LEU R 169 63.73 16.90 38.97
C LEU R 169 63.92 17.86 40.14
N THR R 170 64.75 17.47 41.12
CA THR R 170 64.95 18.31 42.28
C THR R 170 65.81 19.53 41.95
N ASP R 171 66.84 19.35 41.12
CA ASP R 171 67.62 20.49 40.64
C ASP R 171 66.73 21.50 39.94
N ALA R 172 65.95 21.03 38.96
CA ALA R 172 65.07 21.93 38.21
C ALA R 172 64.08 22.63 39.13
N LEU R 173 63.46 21.88 40.04
CA LEU R 173 62.51 22.49 40.96
C LEU R 173 63.17 23.59 41.78
N ARG R 174 64.37 23.32 42.32
CA ARG R 174 65.02 24.27 43.20
C ARG R 174 65.49 25.52 42.45
N ILE R 175 66.11 25.34 41.28
CA ILE R 175 66.52 26.50 40.50
C ILE R 175 65.29 27.30 40.07
N ALA R 176 64.15 26.63 39.91
CA ALA R 176 62.92 27.31 39.52
C ALA R 176 62.38 28.18 40.65
N VAL R 177 62.25 27.59 41.86
CA VAL R 177 61.78 28.37 43.00
C VAL R 177 62.78 29.48 43.33
N ALA R 178 64.06 29.27 43.02
CA ALA R 178 65.05 30.32 43.20
C ALA R 178 64.80 31.47 42.22
N ALA R 179 64.58 31.15 40.94
CA ALA R 179 64.30 32.18 39.96
C ALA R 179 63.03 32.95 40.29
N LEU R 180 62.02 32.26 40.84
CA LEU R 180 60.84 32.96 41.32
C LEU R 180 61.15 33.82 42.54
N ARG R 181 62.09 33.37 43.39
CA ARG R 181 62.44 34.12 44.59
C ARG R 181 63.06 35.47 44.27
N ALA R 182 63.58 35.64 43.05
CA ALA R 182 64.24 36.89 42.65
C ALA R 182 63.23 37.91 42.13
N GLY R 183 62.15 38.13 42.89
CA GLY R 183 61.13 39.09 42.50
C GLY R 183 59.80 38.85 43.16
N LEU R 195 58.38 31.02 49.73
CA LEU R 195 57.83 30.21 48.65
C LEU R 195 57.97 28.73 48.94
N GLY R 196 56.97 28.18 49.64
CA GLY R 196 56.97 26.76 49.97
C GLY R 196 55.83 26.02 49.31
N VAL R 197 55.42 24.90 49.90
CA VAL R 197 54.35 24.09 49.32
C VAL R 197 53.02 24.82 49.41
N ALA R 198 52.78 25.52 50.51
CA ALA R 198 51.49 26.16 50.73
C ALA R 198 51.25 27.34 49.79
N SER R 199 52.31 27.88 49.17
CA SER R 199 52.18 29.05 48.29
C SER R 199 52.67 28.76 46.88
N LEU R 200 52.78 27.49 46.51
CA LEU R 200 53.22 27.13 45.16
C LEU R 200 52.29 26.07 44.56
N GLU R 201 52.25 26.04 43.23
CA GLU R 201 51.59 25.00 42.46
C GLU R 201 52.61 24.43 41.49
N VAL R 202 52.86 23.13 41.58
CA VAL R 202 53.92 22.47 40.83
C VAL R 202 53.33 21.29 40.06
N ALA R 203 53.71 21.16 38.80
CA ALA R 203 53.29 20.04 37.98
C ALA R 203 54.37 19.76 36.95
N VAL R 204 54.28 18.59 36.32
CA VAL R 204 55.27 18.15 35.34
C VAL R 204 54.58 17.41 34.20
N LEU R 205 55.08 17.63 32.98
CA LEU R 205 54.83 16.73 31.87
C LEU R 205 55.98 15.72 31.87
N ASP R 206 55.70 14.51 32.33
CA ASP R 206 56.71 13.47 32.50
C ASP R 206 56.70 12.58 31.27
N ALA R 207 57.75 12.68 30.47
CA ALA R 207 57.87 11.86 29.27
C ALA R 207 58.00 10.37 29.59
N ASN R 208 58.16 10.00 30.86
CA ASN R 208 58.28 8.60 31.24
C ASN R 208 56.94 7.90 31.37
N ARG R 209 55.85 8.65 31.47
CA ARG R 209 54.53 8.05 31.57
C ARG R 209 54.07 7.53 30.20
N PRO R 210 53.42 6.40 30.15
CA PRO R 210 52.98 5.87 28.89
C PRO R 210 51.88 6.59 28.08
N ARG R 211 50.88 7.07 28.77
CA ARG R 211 49.75 7.70 28.17
C ARG R 211 49.67 9.15 28.40
N ARG R 212 49.25 9.49 29.59
CA ARG R 212 49.08 10.86 30.01
C ARG R 212 50.24 11.37 30.82
N ALA R 213 51.04 12.19 30.21
CA ALA R 213 52.19 12.77 30.81
C ALA R 213 51.99 13.75 31.90
N PHE R 214 50.85 14.40 31.93
CA PHE R 214 50.65 15.45 32.92
C PHE R 214 50.44 14.86 34.31
N ARG R 215 51.14 15.43 35.29
CA ARG R 215 51.12 14.93 36.66
C ARG R 215 51.31 16.12 37.60
N ARG R 216 50.65 16.09 38.75
CA ARG R 216 50.72 17.18 39.71
C ARG R 216 51.57 16.77 40.91
N ILE R 217 52.46 17.66 41.34
CA ILE R 217 53.31 17.43 42.51
C ILE R 217 52.75 18.27 43.64
N THR R 218 52.17 17.61 44.64
CA THR R 218 51.48 18.30 45.72
C THR R 218 51.69 17.58 47.03
N GLY R 219 51.48 18.31 48.12
CA GLY R 219 51.48 17.70 49.45
C GLY R 219 52.83 17.19 49.87
N SER R 220 52.82 16.01 50.52
CA SER R 220 54.05 15.44 51.07
C SER R 220 55.11 15.23 50.01
N ALA R 221 54.69 14.90 48.77
CA ALA R 221 55.66 14.70 47.71
C ALA R 221 56.36 16.01 47.34
N LEU R 222 55.60 17.11 47.23
CA LEU R 222 56.22 18.38 46.91
C LEU R 222 57.09 18.88 48.05
N GLN R 223 56.64 18.69 49.29
CA GLN R 223 57.47 19.05 50.44
C GLN R 223 58.77 18.25 50.45
N ALA R 224 58.69 16.97 50.07
CA ALA R 224 59.88 16.13 50.05
C ALA R 224 60.89 16.58 49.00
N LEU R 225 60.41 17.20 47.92
CA LEU R 225 61.29 17.68 46.86
C LEU R 225 61.90 19.05 47.17
N LEU R 226 61.74 19.55 48.40
CA LEU R 226 62.26 20.85 48.77
C LEU R 226 63.05 20.78 50.07
N MET S 1 37.47 59.83 8.78
CA MET S 1 37.77 59.29 7.46
C MET S 1 39.25 59.43 7.12
N GLU S 2 39.71 60.68 7.01
CA GLU S 2 41.06 60.94 6.56
C GLU S 2 42.09 60.58 7.63
N GLN S 3 41.80 60.90 8.89
CA GLN S 3 42.70 60.53 9.98
C GLN S 3 42.74 59.01 10.18
N ALA S 4 41.57 58.36 10.07
CA ALA S 4 41.52 56.91 10.27
C ALA S 4 42.42 56.18 9.29
N MET S 5 42.38 56.56 8.01
CA MET S 5 43.24 55.91 7.02
C MET S 5 44.70 56.25 7.24
N ARG S 6 44.99 57.43 7.76
CA ARG S 6 46.38 57.80 8.05
C ARG S 6 46.96 56.94 9.16
N GLU S 7 46.21 56.79 10.27
CA GLU S 7 46.68 55.96 11.37
C GLU S 7 46.67 54.48 11.01
N ARG S 8 45.79 54.07 10.09
CA ARG S 8 45.79 52.68 9.64
C ARG S 8 47.02 52.39 8.81
N SER S 9 47.26 53.19 7.77
CA SER S 9 48.43 52.99 6.93
C SER S 9 49.71 53.10 7.75
N GLU S 10 49.77 54.04 8.69
CA GLU S 10 50.96 54.19 9.52
C GLU S 10 51.14 52.99 10.44
N LEU S 11 50.06 52.55 11.09
CA LEU S 11 50.15 51.40 11.99
C LEU S 11 50.65 50.16 11.26
N ALA S 12 50.03 49.85 10.12
CA ALA S 12 50.44 48.66 9.38
C ALA S 12 51.87 48.79 8.87
N ARG S 13 52.19 49.92 8.23
CA ARG S 13 53.54 50.10 7.68
C ARG S 13 54.60 49.96 8.75
N LYS S 14 54.47 50.72 9.84
CA LYS S 14 55.44 50.64 10.92
C LYS S 14 55.49 49.24 11.51
N GLY S 15 54.35 48.57 11.60
CA GLY S 15 54.34 47.20 12.09
C GLY S 15 55.19 46.27 11.23
N ILE S 16 55.10 46.44 9.91
CA ILE S 16 55.94 45.64 9.01
C ILE S 16 57.40 46.05 9.14
N ALA S 17 57.67 47.33 9.42
CA ALA S 17 59.05 47.80 9.49
C ALA S 17 59.80 47.19 10.67
N ARG S 18 59.11 46.97 11.79
CA ARG S 18 59.75 46.41 12.97
C ARG S 18 60.00 44.92 12.86
N ALA S 19 59.52 44.27 11.81
CA ALA S 19 59.62 42.82 11.68
C ALA S 19 60.89 42.43 10.93
N LYS S 20 61.16 41.12 10.91
CA LYS S 20 62.35 40.61 10.24
C LYS S 20 62.15 40.60 8.73
N SER S 21 63.26 40.49 8.01
CA SER S 21 63.27 40.59 6.56
C SER S 21 63.10 39.23 5.90
N VAL S 22 62.46 39.23 4.73
CA VAL S 22 62.25 38.04 3.94
C VAL S 22 62.60 38.37 2.49
N VAL S 23 63.31 37.46 1.83
CA VAL S 23 63.76 37.63 0.45
C VAL S 23 63.29 36.44 -0.38
N ALA S 24 62.69 36.73 -1.53
CA ALA S 24 62.30 35.73 -2.52
C ALA S 24 63.02 36.03 -3.82
N LEU S 25 63.70 35.04 -4.38
CA LEU S 25 64.69 35.25 -5.43
C LEU S 25 64.47 34.26 -6.56
N ALA S 26 64.25 34.76 -7.76
CA ALA S 26 64.18 33.90 -8.93
C ALA S 26 65.58 33.45 -9.32
N TYR S 27 65.76 32.14 -9.48
CA TYR S 27 67.06 31.60 -9.84
C TYR S 27 66.87 30.48 -10.87
N ALA S 28 67.99 29.93 -11.35
CA ALA S 28 67.96 29.03 -12.49
C ALA S 28 67.16 27.76 -12.21
N GLY S 29 67.10 27.34 -10.94
CA GLY S 29 66.33 26.16 -10.59
C GLY S 29 64.88 26.43 -10.25
N GLY S 30 64.47 27.70 -10.20
CA GLY S 30 63.11 28.04 -9.85
C GLY S 30 63.03 29.29 -9.01
N VAL S 31 62.51 29.17 -7.78
CA VAL S 31 62.44 30.30 -6.86
C VAL S 31 63.01 29.88 -5.51
N LEU S 32 63.63 30.83 -4.83
CA LEU S 32 64.32 30.60 -3.57
C LEU S 32 63.74 31.51 -2.50
N PHE S 33 63.36 30.94 -1.37
CA PHE S 33 62.83 31.68 -0.23
C PHE S 33 63.83 31.62 0.91
N VAL S 34 64.29 32.79 1.37
CA VAL S 34 65.16 32.89 2.53
C VAL S 34 64.57 33.92 3.48
N ALA S 35 64.41 33.54 4.75
CA ALA S 35 63.83 34.44 5.74
C ALA S 35 64.57 34.33 7.05
N GLU S 36 64.79 35.46 7.70
CA GLU S 36 65.30 35.46 9.07
C GLU S 36 64.26 34.82 9.98
N ASN S 37 64.61 33.69 10.59
CA ASN S 37 63.68 33.01 11.47
C ASN S 37 64.42 32.28 12.58
N PRO S 38 64.36 32.78 13.83
CA PRO S 38 65.00 32.06 14.93
C PRO S 38 64.25 30.82 15.36
N SER S 39 62.97 30.71 15.04
CA SER S 39 62.17 29.58 15.51
C SER S 39 62.50 28.32 14.74
N ARG S 40 62.31 27.18 15.40
CA ARG S 40 62.51 25.88 14.76
C ARG S 40 61.25 25.37 14.08
N SER S 41 60.07 25.71 14.59
CA SER S 41 58.82 25.15 14.08
C SER S 41 57.83 26.19 13.59
N LEU S 42 58.03 27.47 13.89
CA LEU S 42 57.16 28.53 13.37
C LEU S 42 57.70 29.03 12.04
N GLN S 43 56.85 29.01 11.02
CA GLN S 43 57.27 29.21 9.64
C GLN S 43 56.65 30.45 9.03
N LYS S 44 57.44 31.19 8.26
CA LYS S 44 56.99 32.32 7.47
C LYS S 44 56.85 31.99 5.99
N ILE S 45 57.38 30.85 5.56
CA ILE S 45 57.33 30.41 4.17
C ILE S 45 56.52 29.12 4.11
N SER S 46 55.74 28.95 3.04
CA SER S 46 54.84 27.81 2.99
C SER S 46 54.47 27.48 1.55
N GLU S 47 54.09 26.23 1.35
CA GLU S 47 53.49 25.80 0.11
C GLU S 47 52.05 26.34 0.02
N LEU S 48 51.65 26.75 -1.17
CA LEU S 48 50.26 27.06 -1.47
C LEU S 48 49.65 26.01 -2.39
N TYR S 49 50.22 25.84 -3.58
CA TYR S 49 49.73 24.84 -4.51
C TYR S 49 50.93 24.28 -5.27
N ASP S 50 50.64 23.37 -6.22
CA ASP S 50 51.65 22.56 -6.90
C ASP S 50 52.93 23.34 -7.22
N ARG S 51 52.80 24.44 -7.94
CA ARG S 51 53.94 25.25 -8.33
C ARG S 51 53.89 26.65 -7.74
N VAL S 52 53.09 26.86 -6.69
CA VAL S 52 52.87 28.20 -6.14
C VAL S 52 53.26 28.19 -4.67
N GLY S 53 54.17 29.09 -4.29
CA GLY S 53 54.64 29.22 -2.94
C GLY S 53 54.32 30.60 -2.34
N PHE S 54 54.52 30.68 -1.03
CA PHE S 54 54.05 31.79 -0.20
C PHE S 54 55.17 32.21 0.75
N ALA S 55 55.35 33.53 0.89
CA ALA S 55 56.26 34.08 1.88
C ALA S 55 55.63 35.33 2.48
N ALA S 56 55.94 35.60 3.74
CA ALA S 56 55.27 36.70 4.43
C ALA S 56 56.20 37.31 5.48
N ALA S 57 56.00 38.61 5.72
CA ALA S 57 56.70 39.33 6.77
C ALA S 57 55.69 40.05 7.65
N GLY S 58 56.01 40.13 8.93
CA GLY S 58 55.18 40.89 9.86
C GLY S 58 54.71 40.12 11.08
N LYS S 59 53.43 40.28 11.41
CA LYS S 59 52.85 39.69 12.61
C LYS S 59 52.37 38.27 12.31
N PHE S 60 52.82 37.31 13.11
CA PHE S 60 52.72 35.90 12.72
C PHE S 60 51.28 35.45 12.56
N ASN S 61 50.44 35.67 13.57
CA ASN S 61 49.08 35.16 13.53
C ASN S 61 48.31 35.70 12.32
N GLU S 62 48.62 36.92 11.90
CA GLU S 62 47.87 37.54 10.82
C GLU S 62 48.28 36.99 9.45
N PHE S 63 49.58 36.98 9.13
CA PHE S 63 49.95 36.39 7.86
C PHE S 63 49.83 34.88 7.85
N ASP S 64 49.68 34.25 9.03
CA ASP S 64 49.33 32.83 9.06
C ASP S 64 47.86 32.63 8.77
N ASN S 65 47.01 33.52 9.28
CA ASN S 65 45.61 33.52 8.85
C ASN S 65 45.51 33.66 7.34
N LEU S 66 46.22 34.64 6.77
CA LEU S 66 46.20 34.81 5.32
C LEU S 66 46.79 33.62 4.59
N ARG S 67 47.80 32.98 5.19
CA ARG S 67 48.38 31.77 4.60
C ARG S 67 47.34 30.67 4.49
N ARG S 68 46.68 30.35 5.61
CA ARG S 68 45.65 29.32 5.61
C ARG S 68 44.51 29.66 4.67
N GLY S 69 44.13 30.94 4.63
CA GLY S 69 43.12 31.35 3.66
C GLY S 69 43.55 31.08 2.23
N GLY S 70 44.81 31.38 1.91
CA GLY S 70 45.29 31.14 0.56
C GLY S 70 45.29 29.66 0.19
N ILE S 71 45.73 28.81 1.12
CA ILE S 71 45.68 27.37 0.88
C ILE S 71 44.25 26.91 0.68
N GLN S 72 43.31 27.45 1.46
CA GLN S 72 41.90 27.11 1.30
C GLN S 72 41.39 27.50 -0.08
N PHE S 73 41.73 28.71 -0.54
CA PHE S 73 41.29 29.15 -1.86
C PHE S 73 41.87 28.26 -2.96
N ALA S 74 43.17 27.98 -2.88
CA ALA S 74 43.81 27.16 -3.90
C ALA S 74 43.18 25.77 -3.97
N ASP S 75 43.05 25.10 -2.81
CA ASP S 75 42.50 23.76 -2.81
C ASP S 75 41.05 23.74 -3.27
N THR S 76 40.26 24.75 -2.87
CA THR S 76 38.86 24.78 -3.27
C THR S 76 38.72 25.00 -4.78
N ARG S 77 39.48 25.93 -5.35
CA ARG S 77 39.42 26.15 -6.78
C ARG S 77 39.90 24.93 -7.55
N GLY S 78 41.05 24.37 -7.15
CA GLY S 78 41.56 23.19 -7.82
C GLY S 78 40.62 22.01 -7.75
N TYR S 79 39.83 21.92 -6.67
CA TYR S 79 38.81 20.86 -6.59
C TYR S 79 37.62 21.18 -7.48
N ALA S 80 37.18 22.43 -7.50
CA ALA S 80 36.00 22.79 -8.28
C ALA S 80 36.27 22.71 -9.78
N TYR S 81 37.51 22.96 -10.19
CA TYR S 81 37.88 22.90 -11.60
C TYR S 81 38.95 21.83 -11.80
N ASP S 82 40.16 22.26 -12.15
CA ASP S 82 41.30 21.35 -12.22
C ASP S 82 42.49 22.03 -11.57
N ARG S 83 43.44 21.20 -11.12
CA ARG S 83 44.66 21.73 -10.52
C ARG S 83 45.40 22.65 -11.48
N ARG S 84 45.32 22.36 -12.78
CA ARG S 84 45.98 23.17 -13.80
C ARG S 84 45.37 24.56 -13.98
N ASP S 85 44.26 24.85 -13.30
CA ASP S 85 43.63 26.16 -13.36
C ASP S 85 44.05 27.07 -12.21
N VAL S 86 44.68 26.53 -11.18
CA VAL S 86 45.19 27.34 -10.07
C VAL S 86 46.51 27.97 -10.52
N THR S 87 46.59 29.29 -10.45
CA THR S 87 47.77 30.02 -10.88
C THR S 87 48.18 31.00 -9.80
N GLY S 88 49.44 31.45 -9.88
CA GLY S 88 49.93 32.44 -8.95
C GLY S 88 49.21 33.77 -9.06
N ARG S 89 48.80 34.14 -10.28
CA ARG S 89 48.08 35.40 -10.46
C ARG S 89 46.74 35.38 -9.73
N GLN S 90 46.07 34.23 -9.73
CA GLN S 90 44.81 34.12 -8.99
C GLN S 90 45.04 34.33 -7.49
N LEU S 91 46.02 33.62 -6.92
CA LEU S 91 46.31 33.75 -5.50
C LEU S 91 46.66 35.19 -5.14
N ALA S 92 47.56 35.80 -5.91
CA ALA S 92 47.90 37.20 -5.67
C ALA S 92 46.70 38.11 -5.78
N ASN S 93 45.77 37.80 -6.70
CA ASN S 93 44.61 38.64 -6.89
C ASN S 93 43.66 38.57 -5.70
N VAL S 94 43.32 37.35 -5.27
CA VAL S 94 42.46 37.20 -4.10
C VAL S 94 43.15 37.73 -2.84
N TYR S 95 44.49 37.76 -2.83
CA TYR S 95 45.19 38.38 -1.70
C TYR S 95 45.06 39.89 -1.73
N ALA S 96 45.14 40.49 -2.93
CA ALA S 96 44.93 41.93 -3.03
C ALA S 96 43.53 42.31 -2.56
N GLN S 97 42.52 41.58 -3.04
CA GLN S 97 41.14 41.87 -2.63
C GLN S 97 40.96 41.67 -1.13
N THR S 98 41.40 40.52 -0.62
CA THR S 98 41.21 40.21 0.79
C THR S 98 41.90 41.24 1.68
N LEU S 99 43.17 41.52 1.40
CA LEU S 99 43.91 42.50 2.19
C LEU S 99 43.32 43.90 2.07
N GLY S 100 42.73 44.22 0.91
CA GLY S 100 42.02 45.48 0.81
C GLY S 100 40.84 45.57 1.77
N THR S 101 40.02 44.51 1.80
CA THR S 101 38.91 44.48 2.74
C THR S 101 39.40 44.53 4.19
N ILE S 102 40.47 43.80 4.51
CA ILE S 102 41.01 43.82 5.86
C ILE S 102 41.45 45.23 6.24
N PHE S 103 42.25 45.86 5.38
CA PHE S 103 42.75 47.20 5.66
C PHE S 103 41.61 48.20 5.83
N THR S 104 40.54 48.03 5.05
CA THR S 104 39.45 48.98 5.09
C THR S 104 38.50 48.76 6.27
N GLU S 105 38.29 47.51 6.69
CA GLU S 105 37.17 47.19 7.58
C GLU S 105 37.50 46.40 8.83
N GLN S 106 38.71 45.85 8.97
CA GLN S 106 39.01 45.11 10.19
C GLN S 106 39.15 46.06 11.37
N ALA S 107 39.01 45.51 12.58
CA ALA S 107 39.16 46.31 13.80
C ALA S 107 40.54 46.95 13.88
N LYS S 108 41.53 46.33 13.23
CA LYS S 108 42.90 46.78 13.17
C LYS S 108 43.45 46.22 11.86
N PRO S 109 44.23 46.99 11.11
CA PRO S 109 44.76 46.46 9.85
C PRO S 109 45.76 45.35 10.10
N TYR S 110 45.98 44.55 9.05
CA TYR S 110 46.98 43.50 9.11
C TYR S 110 48.37 44.06 8.84
N GLU S 111 49.31 43.77 9.74
CA GLU S 111 50.69 44.22 9.59
C GLU S 111 51.49 43.11 8.90
N VAL S 112 51.18 42.91 7.62
CA VAL S 112 51.74 41.82 6.85
C VAL S 112 52.23 42.34 5.50
N GLU S 113 53.17 41.61 4.92
CA GLU S 113 53.58 41.83 3.53
C GLU S 113 53.78 40.46 2.89
N LEU S 114 53.06 40.21 1.80
CA LEU S 114 52.99 38.90 1.17
C LEU S 114 53.75 38.88 -0.15
N CYS S 115 54.34 37.72 -0.44
CA CYS S 115 54.88 37.42 -1.75
C CYS S 115 54.33 36.06 -2.18
N VAL S 116 53.81 35.99 -3.39
CA VAL S 116 53.34 34.75 -4.00
C VAL S 116 54.21 34.48 -5.22
N ALA S 117 54.77 33.28 -5.29
CA ALA S 117 55.69 32.93 -6.37
C ALA S 117 55.16 31.71 -7.12
N GLU S 118 55.46 31.65 -8.42
CA GLU S 118 55.07 30.50 -9.23
C GLU S 118 56.17 30.18 -10.23
N VAL S 119 56.59 28.91 -10.27
CA VAL S 119 57.49 28.42 -11.30
C VAL S 119 56.68 27.63 -12.30
N ALA S 120 57.32 27.17 -13.38
CA ALA S 120 56.62 26.46 -14.43
C ALA S 120 56.30 25.03 -14.01
N HIS S 121 55.28 24.46 -14.65
CA HIS S 121 55.00 23.05 -14.49
C HIS S 121 56.13 22.22 -15.10
N TYR S 122 56.29 21.00 -14.59
CA TYR S 122 57.41 20.16 -14.98
C TYR S 122 57.45 19.96 -16.49
N GLY S 123 58.65 20.07 -17.06
CA GLY S 123 58.84 19.90 -18.48
C GLY S 123 58.56 21.13 -19.32
N GLU S 124 58.05 22.20 -18.73
CA GLU S 124 57.68 23.40 -19.48
C GLU S 124 58.68 24.52 -19.22
N THR S 125 58.75 25.44 -20.17
CA THR S 125 59.67 26.57 -20.13
C THR S 125 58.85 27.85 -19.93
N LYS S 126 58.77 28.30 -18.68
CA LYS S 126 58.11 29.54 -18.33
C LYS S 126 58.90 30.19 -17.21
N ARG S 127 59.31 31.44 -17.42
CA ARG S 127 60.11 32.12 -16.41
C ARG S 127 59.28 32.39 -15.15
N PRO S 128 59.91 32.36 -13.97
CA PRO S 128 59.15 32.46 -12.73
C PRO S 128 58.37 33.75 -12.64
N GLU S 129 57.38 33.75 -11.74
CA GLU S 129 56.56 34.93 -11.46
C GLU S 129 56.60 35.21 -9.96
N LEU S 130 56.80 36.48 -9.62
CA LEU S 130 56.79 36.93 -8.23
C LEU S 130 55.83 38.10 -8.10
N TYR S 131 54.86 37.96 -7.20
CA TYR S 131 53.91 39.02 -6.90
C TYR S 131 54.08 39.46 -5.46
N ARG S 132 54.02 40.77 -5.25
CA ARG S 132 54.07 41.37 -3.92
C ARG S 132 52.72 42.00 -3.62
N ILE S 133 52.15 41.66 -2.46
CA ILE S 133 50.89 42.24 -2.00
C ILE S 133 51.16 42.87 -0.64
N THR S 134 50.89 44.17 -0.53
CA THR S 134 51.19 44.92 0.67
C THR S 134 49.96 45.00 1.57
N TYR S 135 50.11 45.73 2.69
CA TYR S 135 49.12 45.72 3.75
C TYR S 135 47.79 46.33 3.34
N ASP S 136 47.76 47.17 2.31
CA ASP S 136 46.54 47.83 1.88
C ASP S 136 45.95 47.19 0.63
N GLY S 137 46.51 46.09 0.15
CA GLY S 137 46.02 45.41 -1.03
C GLY S 137 46.70 45.80 -2.32
N SER S 138 47.72 46.66 -2.29
CA SER S 138 48.44 47.00 -3.49
C SER S 138 49.23 45.81 -4.00
N ILE S 139 49.01 45.45 -5.26
CA ILE S 139 49.66 44.29 -5.87
C ILE S 139 50.66 44.78 -6.89
N ALA S 140 51.84 44.16 -6.90
CA ALA S 140 52.93 44.57 -7.76
C ALA S 140 53.59 43.35 -8.38
N ASP S 141 54.01 43.49 -9.63
CA ASP S 141 54.61 42.42 -10.41
C ASP S 141 56.13 42.64 -10.40
N GLU S 142 56.86 41.72 -9.78
CA GLU S 142 58.30 41.98 -9.68
C GLU S 142 59.10 40.95 -10.46
N PRO S 143 60.17 41.36 -11.14
CA PRO S 143 60.82 40.49 -12.13
C PRO S 143 61.73 39.41 -11.55
N HIS S 144 62.59 39.76 -10.59
CA HIS S 144 63.64 38.84 -10.14
C HIS S 144 63.58 38.51 -8.67
N PHE S 145 63.24 39.48 -7.82
CA PHE S 145 63.27 39.26 -6.38
C PHE S 145 62.22 40.14 -5.72
N VAL S 146 61.94 39.84 -4.46
CA VAL S 146 61.01 40.60 -3.63
C VAL S 146 61.58 40.62 -2.21
N VAL S 147 61.67 41.81 -1.64
CA VAL S 147 62.12 42.02 -0.27
C VAL S 147 60.94 42.52 0.54
N MET S 148 60.72 41.93 1.71
CA MET S 148 59.59 42.31 2.55
C MET S 148 60.04 42.41 4.00
N GLY S 149 59.61 43.45 4.68
CA GLY S 149 59.88 43.61 6.09
C GLY S 149 61.23 44.25 6.36
N GLY S 150 61.35 44.84 7.55
CA GLY S 150 62.55 45.53 7.93
C GLY S 150 62.81 46.72 7.02
N THR S 151 64.08 47.11 6.96
CA THR S 151 64.51 48.19 6.07
C THR S 151 64.92 47.56 4.75
N THR S 152 64.07 47.70 3.74
CA THR S 152 64.23 46.97 2.48
C THR S 152 65.17 47.66 1.50
N GLU S 153 65.60 48.89 1.77
CA GLU S 153 66.49 49.57 0.83
C GLU S 153 67.87 48.93 0.76
N PRO S 154 68.56 48.64 1.88
CA PRO S 154 69.88 47.99 1.75
C PRO S 154 69.82 46.64 1.06
N ILE S 155 68.88 45.80 1.46
CA ILE S 155 68.74 44.48 0.85
C ILE S 155 68.38 44.61 -0.62
N ALA S 156 67.53 45.57 -0.96
CA ALA S 156 67.08 45.73 -2.35
C ALA S 156 68.23 46.21 -3.23
N ASN S 157 69.07 47.11 -2.72
CA ASN S 157 70.21 47.56 -3.51
C ASN S 157 71.26 46.46 -3.64
N ALA S 158 71.54 45.75 -2.54
CA ALA S 158 72.47 44.63 -2.58
C ALA S 158 72.04 43.60 -3.63
N LEU S 159 70.76 43.24 -3.62
CA LEU S 159 70.26 42.28 -4.60
C LEU S 159 70.28 42.89 -6.00
N LYS S 160 69.98 44.18 -6.13
CA LYS S 160 70.00 44.81 -7.45
C LYS S 160 71.41 44.79 -8.04
N GLU S 161 72.44 44.81 -7.20
CA GLU S 161 73.81 44.83 -7.69
C GLU S 161 74.45 43.44 -7.79
N SER S 162 73.95 42.46 -7.05
CA SER S 162 74.56 41.13 -7.03
C SER S 162 73.65 40.05 -7.61
N TYR S 163 72.59 40.42 -8.31
CA TYR S 163 71.64 39.43 -8.79
C TYR S 163 72.12 38.77 -10.08
N ALA S 164 71.96 37.45 -10.14
CA ALA S 164 72.12 36.69 -11.36
C ALA S 164 70.89 35.80 -11.50
N GLU S 165 70.16 35.95 -12.61
CA GLU S 165 69.01 35.09 -12.86
C GLU S 165 69.42 33.62 -12.85
N ASN S 166 70.34 33.25 -13.73
CA ASN S 166 70.76 31.87 -13.90
C ASN S 166 71.80 31.43 -12.89
N ALA S 167 71.73 31.97 -11.67
CA ALA S 167 72.61 31.54 -10.59
C ALA S 167 72.15 30.19 -10.03
N SER S 168 73.08 29.45 -9.45
CA SER S 168 72.77 28.15 -8.87
C SER S 168 72.04 28.33 -7.54
N LEU S 169 71.61 27.21 -6.96
CA LEU S 169 70.95 27.24 -5.66
C LEU S 169 71.90 27.77 -4.58
N THR S 170 73.13 27.27 -4.57
CA THR S 170 74.12 27.75 -3.61
C THR S 170 74.44 29.23 -3.84
N ASP S 171 74.69 29.60 -5.10
CA ASP S 171 75.02 30.99 -5.41
C ASP S 171 73.89 31.92 -5.00
N ALA S 172 72.68 31.67 -5.49
CA ALA S 172 71.55 32.52 -5.15
C ALA S 172 71.31 32.56 -3.65
N LEU S 173 71.53 31.43 -2.97
CA LEU S 173 71.36 31.39 -1.52
C LEU S 173 72.32 32.36 -0.84
N ARG S 174 73.62 32.25 -1.13
CA ARG S 174 74.58 33.11 -0.48
C ARG S 174 74.43 34.57 -0.90
N ILE S 175 73.89 34.81 -2.09
CA ILE S 175 73.54 36.18 -2.50
C ILE S 175 72.46 36.74 -1.59
N ALA S 176 71.36 35.98 -1.43
CA ALA S 176 70.26 36.45 -0.59
C ALA S 176 70.70 36.61 0.86
N VAL S 177 71.52 35.69 1.36
CA VAL S 177 72.03 35.80 2.72
C VAL S 177 72.90 37.04 2.87
N ALA S 178 73.76 37.30 1.89
CA ALA S 178 74.61 38.48 1.93
C ALA S 178 73.78 39.76 1.93
N ALA S 179 72.68 39.78 1.18
CA ALA S 179 71.83 40.96 1.17
C ALA S 179 71.09 41.13 2.49
N LEU S 180 70.59 40.03 3.06
CA LEU S 180 69.94 40.09 4.36
C LEU S 180 70.90 40.60 5.43
N ARG S 181 72.16 40.16 5.37
CA ARG S 181 73.17 40.70 6.28
C ARG S 181 73.39 42.19 6.02
N ALA S 182 73.39 42.59 4.74
CA ALA S 182 73.53 44.00 4.40
C ALA S 182 72.36 44.83 4.92
N GLY S 183 71.21 44.21 5.20
CA GLY S 183 70.08 44.93 5.73
C GLY S 183 69.90 44.80 7.24
N SER S 184 71.00 44.80 7.98
CA SER S 184 70.93 44.73 9.44
C SER S 184 72.16 45.34 10.09
N LEU S 195 74.72 34.84 10.70
CA LEU S 195 73.48 34.46 10.04
C LEU S 195 73.62 33.07 9.42
N GLY S 196 73.24 32.04 10.18
CA GLY S 196 73.40 30.66 9.74
C GLY S 196 72.13 29.84 9.80
N VAL S 197 72.29 28.52 9.91
CA VAL S 197 71.15 27.60 9.85
C VAL S 197 70.21 27.85 11.01
N ALA S 198 70.75 28.08 12.21
CA ALA S 198 69.92 28.23 13.41
C ALA S 198 69.05 29.47 13.38
N SER S 199 69.24 30.38 12.43
CA SER S 199 68.48 31.62 12.36
C SER S 199 67.95 31.89 10.96
N LEU S 200 67.74 30.84 10.17
CA LEU S 200 67.23 30.99 8.81
C LEU S 200 66.19 29.93 8.52
N GLU S 201 65.14 30.35 7.82
CA GLU S 201 64.16 29.45 7.21
C GLU S 201 64.30 29.56 5.71
N VAL S 202 64.53 28.42 5.05
CA VAL S 202 64.89 28.38 3.64
C VAL S 202 64.04 27.33 2.93
N ALA S 203 63.43 27.72 1.82
CA ALA S 203 62.65 26.79 1.00
C ALA S 203 62.87 27.13 -0.46
N VAL S 204 62.31 26.32 -1.34
CA VAL S 204 62.54 26.46 -2.78
C VAL S 204 61.31 25.97 -3.53
N LEU S 205 60.95 26.73 -4.57
CA LEU S 205 60.06 26.26 -5.64
C LEU S 205 60.96 25.68 -6.73
N ASP S 206 61.13 24.36 -6.69
CA ASP S 206 62.03 23.64 -7.58
C ASP S 206 61.25 23.23 -8.83
N ALA S 207 61.57 23.85 -9.96
CA ALA S 207 60.86 23.57 -11.21
C ALA S 207 61.10 22.16 -11.73
N ASN S 208 62.07 21.43 -11.16
CA ASN S 208 62.41 20.10 -11.66
C ASN S 208 61.62 18.97 -10.99
N ARG S 209 61.04 19.22 -9.81
CA ARG S 209 60.21 18.19 -9.20
C ARG S 209 58.96 17.94 -10.05
N PRO S 210 58.47 16.70 -10.10
CA PRO S 210 57.42 16.36 -11.06
C PRO S 210 56.08 17.05 -10.78
N ARG S 211 55.65 17.13 -9.52
CA ARG S 211 54.37 17.76 -9.22
C ARG S 211 54.51 18.90 -8.21
N ARG S 212 54.78 18.60 -6.94
CA ARG S 212 54.86 19.64 -5.92
C ARG S 212 56.26 20.25 -5.92
N ALA S 213 56.38 21.50 -6.35
CA ALA S 213 57.67 22.15 -6.45
C ALA S 213 58.24 22.58 -5.11
N PHE S 214 57.40 22.71 -4.08
CA PHE S 214 57.86 23.22 -2.81
C PHE S 214 58.75 22.21 -2.10
N ARG S 215 59.83 22.70 -1.52
CA ARG S 215 60.80 21.84 -0.82
C ARG S 215 61.55 22.68 0.21
N ARG S 216 61.59 22.21 1.45
CA ARG S 216 62.35 22.92 2.46
C ARG S 216 63.81 22.50 2.44
N ILE S 217 64.66 23.36 2.97
CA ILE S 217 66.11 23.11 3.05
C ILE S 217 66.52 23.30 4.51
N THR S 218 66.79 22.19 5.18
CA THR S 218 66.99 22.16 6.63
C THR S 218 68.39 21.67 6.99
N GLY S 219 68.73 21.89 8.25
CA GLY S 219 69.87 21.29 8.93
C GLY S 219 71.15 21.12 8.15
N SER S 220 71.65 19.87 8.11
CA SER S 220 72.94 19.59 7.49
C SER S 220 72.95 19.92 6.00
N ALA S 221 71.81 19.78 5.33
CA ALA S 221 71.74 20.14 3.92
C ALA S 221 71.96 21.64 3.73
N LEU S 222 71.26 22.46 4.52
CA LEU S 222 71.44 23.90 4.44
C LEU S 222 72.85 24.31 4.84
N GLN S 223 73.41 23.66 5.88
CA GLN S 223 74.79 23.93 6.27
C GLN S 223 75.74 23.62 5.13
N ALA S 224 75.49 22.54 4.40
CA ALA S 224 76.29 22.23 3.22
C ALA S 224 76.08 23.27 2.13
N LEU S 225 74.92 23.90 2.09
CA LEU S 225 74.68 24.95 1.11
C LEU S 225 75.29 26.30 1.50
N LEU S 226 75.60 26.50 2.78
CA LEU S 226 76.16 27.77 3.23
C LEU S 226 77.68 27.83 3.10
N VAL S 227 78.37 26.71 3.32
CA VAL S 227 79.82 26.65 3.18
C VAL S 227 80.15 25.71 2.02
N ASP S 228 81.34 25.90 1.45
CA ASP S 228 81.78 25.07 0.34
C ASP S 228 82.27 23.71 0.83
N MET T 1 28.24 66.15 8.43
CA MET T 1 27.89 65.35 7.26
C MET T 1 28.71 65.73 6.04
N GLU T 2 28.61 67.00 5.63
CA GLU T 2 29.39 67.47 4.49
C GLU T 2 30.88 67.49 4.79
N GLN T 3 31.26 67.41 6.07
CA GLN T 3 32.66 67.20 6.42
C GLN T 3 33.13 65.81 6.00
N ALA T 4 32.34 64.79 6.32
CA ALA T 4 32.67 63.43 5.91
C ALA T 4 32.69 63.30 4.40
N MET T 5 31.74 63.94 3.71
CA MET T 5 31.72 63.88 2.25
C MET T 5 32.87 64.67 1.64
N ARG T 6 33.27 65.77 2.28
CA ARG T 6 34.54 66.42 1.95
C ARG T 6 35.68 65.42 1.97
N GLU T 7 35.86 64.75 3.11
CA GLU T 7 37.03 63.87 3.28
C GLU T 7 36.99 62.71 2.30
N ARG T 8 35.82 62.09 2.11
CA ARG T 8 35.72 60.97 1.18
C ARG T 8 36.01 61.42 -0.25
N SER T 9 35.42 62.55 -0.66
CA SER T 9 35.66 63.07 -2.00
C SER T 9 37.15 63.34 -2.23
N GLU T 10 37.82 63.92 -1.22
CA GLU T 10 39.23 64.25 -1.39
C GLU T 10 40.10 63.01 -1.39
N LEU T 11 39.81 62.06 -0.51
CA LEU T 11 40.57 60.80 -0.48
C LEU T 11 40.48 60.09 -1.83
N ALA T 12 39.26 60.00 -2.38
CA ALA T 12 39.10 59.31 -3.66
C ALA T 12 39.77 60.09 -4.79
N ARG T 13 39.55 61.41 -4.83
CA ARG T 13 40.13 62.22 -5.91
C ARG T 13 41.65 62.14 -5.89
N LYS T 14 42.25 62.31 -4.72
CA LYS T 14 43.70 62.20 -4.60
C LYS T 14 44.18 60.79 -4.94
N GLY T 15 43.38 59.77 -4.63
CA GLY T 15 43.74 58.41 -5.06
C GLY T 15 43.80 58.28 -6.57
N ILE T 16 42.79 58.82 -7.26
CA ILE T 16 42.78 58.75 -8.72
C ILE T 16 43.92 59.58 -9.31
N ALA T 17 44.25 60.70 -8.66
CA ALA T 17 45.27 61.60 -9.19
C ALA T 17 46.65 60.95 -9.19
N ARG T 18 46.91 60.04 -8.25
CA ARG T 18 48.21 59.39 -8.15
C ARG T 18 48.34 58.17 -9.05
N ALA T 19 47.29 57.80 -9.79
CA ALA T 19 47.33 56.62 -10.64
C ALA T 19 47.71 57.00 -12.06
N LYS T 20 48.21 56.01 -12.80
CA LYS T 20 48.50 56.21 -14.21
C LYS T 20 47.21 56.34 -15.00
N SER T 21 47.33 56.90 -16.21
CA SER T 21 46.18 57.36 -16.96
C SER T 21 45.76 56.37 -18.04
N VAL T 22 44.47 56.39 -18.36
CA VAL T 22 43.84 55.53 -19.35
C VAL T 22 43.01 56.39 -20.27
N VAL T 23 42.98 56.03 -21.56
CA VAL T 23 42.27 56.79 -22.58
C VAL T 23 41.50 55.81 -23.48
N ALA T 24 40.26 56.18 -23.82
CA ALA T 24 39.44 55.38 -24.72
C ALA T 24 38.85 56.28 -25.80
N LEU T 25 39.09 55.91 -27.06
CA LEU T 25 38.68 56.73 -28.20
C LEU T 25 37.74 55.95 -29.10
N ALA T 26 36.85 56.67 -29.78
CA ALA T 26 36.05 56.10 -30.84
C ALA T 26 36.81 56.24 -32.16
N TYR T 27 36.99 55.12 -32.87
CA TYR T 27 37.69 55.12 -34.14
C TYR T 27 36.89 54.33 -35.16
N ALA T 28 37.39 54.29 -36.39
CA ALA T 28 36.63 53.75 -37.51
C ALA T 28 36.22 52.30 -37.27
N GLY T 29 37.09 51.50 -36.67
CA GLY T 29 36.76 50.11 -36.41
C GLY T 29 35.97 49.86 -35.16
N GLY T 30 35.78 50.87 -34.32
CA GLY T 30 35.05 50.69 -33.09
C GLY T 30 35.55 51.56 -31.95
N VAL T 31 36.09 50.94 -30.90
CA VAL T 31 36.62 51.68 -29.76
C VAL T 31 38.02 51.16 -29.45
N LEU T 32 38.89 52.08 -29.01
CA LEU T 32 40.27 51.79 -28.69
C LEU T 32 40.53 52.12 -27.22
N PHE T 33 41.13 51.17 -26.50
CA PHE T 33 41.54 51.35 -25.12
C PHE T 33 43.07 51.35 -25.07
N VAL T 34 43.65 52.46 -24.61
CA VAL T 34 45.10 52.60 -24.43
C VAL T 34 45.34 52.98 -22.98
N ALA T 35 46.15 52.19 -22.28
CA ALA T 35 46.40 52.41 -20.87
C ALA T 35 47.90 52.30 -20.58
N GLU T 36 48.37 53.18 -19.69
CA GLU T 36 49.71 53.04 -19.12
C GLU T 36 49.70 51.87 -18.13
N ASN T 37 50.41 50.80 -18.47
CA ASN T 37 50.43 49.61 -17.63
C ASN T 37 51.78 48.91 -17.78
N PRO T 38 52.70 49.10 -16.84
CA PRO T 38 53.99 48.41 -16.92
C PRO T 38 53.93 46.95 -16.49
N SER T 39 52.79 46.49 -15.99
CA SER T 39 52.72 45.15 -15.41
C SER T 39 52.78 44.08 -16.49
N ARG T 40 53.25 42.90 -16.09
CA ARG T 40 53.36 41.77 -17.01
C ARG T 40 52.01 41.09 -17.22
N SER T 41 51.19 41.02 -16.18
CA SER T 41 49.97 40.22 -16.26
C SER T 41 48.75 40.82 -15.56
N LEU T 42 48.86 42.01 -14.97
CA LEU T 42 47.74 42.65 -14.28
C LEU T 42 47.23 43.78 -15.17
N GLN T 43 45.94 43.73 -15.51
CA GLN T 43 45.38 44.59 -16.55
C GLN T 43 44.34 45.53 -15.99
N LYS T 44 44.16 46.66 -16.69
CA LYS T 44 43.17 47.67 -16.34
C LYS T 44 42.01 47.72 -17.33
N ILE T 45 42.15 47.08 -18.49
CA ILE T 45 41.11 47.03 -19.52
C ILE T 45 40.64 45.59 -19.62
N SER T 46 39.35 45.40 -19.86
CA SER T 46 38.81 44.05 -19.89
C SER T 46 37.52 44.00 -20.69
N GLU T 47 37.23 42.82 -21.22
CA GLU T 47 35.94 42.56 -21.84
C GLU T 47 34.85 42.46 -20.77
N LEU T 48 33.69 43.03 -21.06
CA LEU T 48 32.51 42.87 -20.22
C LEU T 48 31.49 41.93 -20.85
N TYR T 49 31.00 42.27 -22.04
CA TYR T 49 30.03 41.42 -22.73
C TYR T 49 30.33 41.51 -24.22
N ASP T 50 29.50 40.81 -25.02
CA ASP T 50 29.74 40.64 -26.44
C ASP T 50 30.31 41.88 -27.12
N ARG T 51 29.63 43.02 -26.95
CA ARG T 51 30.05 44.26 -27.58
C ARG T 51 30.36 45.34 -26.55
N VAL T 52 30.55 44.97 -25.28
CA VAL T 52 30.74 45.92 -24.20
C VAL T 52 32.11 45.71 -23.58
N GLY T 53 32.90 46.78 -23.54
CA GLY T 53 34.23 46.75 -22.96
C GLY T 53 34.37 47.62 -21.72
N PHE T 54 35.43 47.36 -20.95
CA PHE T 54 35.64 47.95 -19.63
C PHE T 54 37.03 48.54 -19.54
N ALA T 55 37.14 49.71 -18.92
CA ALA T 55 38.43 50.30 -18.62
C ALA T 55 38.35 50.97 -17.26
N ALA T 56 39.49 51.08 -16.58
CA ALA T 56 39.46 51.58 -15.20
C ALA T 56 40.77 52.26 -14.86
N ALA T 57 40.71 53.15 -13.88
CA ALA T 57 41.87 53.84 -13.36
C ALA T 57 41.76 53.94 -11.84
N GLY T 58 42.88 53.75 -11.15
CA GLY T 58 42.90 53.84 -9.70
C GLY T 58 43.50 52.64 -9.00
N LYS T 59 42.97 52.31 -7.82
CA LYS T 59 43.51 51.21 -7.03
C LYS T 59 43.04 49.87 -7.61
N PHE T 60 43.98 48.95 -7.79
CA PHE T 60 43.73 47.78 -8.62
C PHE T 60 42.62 46.90 -8.06
N ASN T 61 42.71 46.54 -6.78
CA ASN T 61 41.75 45.59 -6.23
C ASN T 61 40.33 46.13 -6.31
N GLU T 62 40.16 47.44 -6.22
CA GLU T 62 38.82 48.03 -6.20
C GLU T 62 38.18 47.99 -7.58
N PHE T 63 38.86 48.53 -8.60
CA PHE T 63 38.26 48.47 -9.94
C PHE T 63 38.26 47.05 -10.49
N ASP T 64 39.08 46.15 -9.93
CA ASP T 64 38.94 44.74 -10.25
C ASP T 64 37.65 44.18 -9.69
N ASN T 65 37.37 44.48 -8.41
CA ASN T 65 36.08 44.08 -7.84
C ASN T 65 34.91 44.60 -8.67
N LEU T 66 35.00 45.86 -9.11
CA LEU T 66 33.94 46.38 -9.98
C LEU T 66 33.90 45.65 -11.32
N ARG T 67 35.07 45.24 -11.82
CA ARG T 67 35.11 44.49 -13.07
C ARG T 67 34.37 43.16 -12.93
N ARG T 68 34.68 42.41 -11.87
CA ARG T 68 33.97 41.17 -11.60
C ARG T 68 32.47 41.41 -11.44
N GLY T 69 32.10 42.44 -10.69
CA GLY T 69 30.69 42.73 -10.49
C GLY T 69 29.97 43.01 -11.79
N GLY T 70 30.62 43.74 -12.71
CA GLY T 70 30.01 44.00 -14.00
C GLY T 70 29.90 42.77 -14.86
N ILE T 71 30.93 41.92 -14.87
CA ILE T 71 30.86 40.69 -15.64
C ILE T 71 29.76 39.79 -15.11
N GLN T 72 29.61 39.71 -13.79
CA GLN T 72 28.53 38.95 -13.18
C GLN T 72 27.17 39.51 -13.59
N PHE T 73 27.01 40.83 -13.51
CA PHE T 73 25.74 41.45 -13.90
C PHE T 73 25.41 41.14 -15.35
N ALA T 74 26.37 41.34 -16.26
CA ALA T 74 26.12 41.14 -17.68
C ALA T 74 25.80 39.69 -18.01
N ASP T 75 26.61 38.75 -17.50
CA ASP T 75 26.34 37.34 -17.78
C ASP T 75 24.98 36.92 -17.22
N THR T 76 24.65 37.35 -16.01
CA THR T 76 23.38 36.96 -15.40
C THR T 76 22.21 37.51 -16.19
N ARG T 77 22.25 38.81 -16.55
CA ARG T 77 21.17 39.39 -17.34
C ARG T 77 21.05 38.70 -18.68
N GLY T 78 22.17 38.46 -19.35
CA GLY T 78 22.19 37.71 -20.60
C GLY T 78 21.74 36.27 -20.46
N TYR T 79 21.62 35.77 -19.23
CA TYR T 79 21.04 34.45 -19.03
C TYR T 79 19.53 34.52 -18.77
N ALA T 80 19.09 35.46 -17.93
CA ALA T 80 17.66 35.59 -17.65
C ALA T 80 16.91 36.17 -18.85
N TYR T 81 17.54 37.09 -19.58
CA TYR T 81 17.06 37.65 -20.83
C TYR T 81 18.11 37.35 -21.90
N ASP T 82 17.77 37.58 -23.17
CA ASP T 82 18.73 37.21 -24.21
C ASP T 82 19.98 38.10 -24.13
N ARG T 83 21.05 37.63 -24.80
CA ARG T 83 22.31 38.36 -24.75
C ARG T 83 22.19 39.73 -25.42
N ARG T 84 21.34 39.85 -26.44
CA ARG T 84 21.11 41.14 -27.08
C ARG T 84 20.53 42.18 -26.13
N ASP T 85 19.90 41.75 -25.05
CA ASP T 85 19.31 42.66 -24.08
C ASP T 85 20.33 43.31 -23.16
N VAL T 86 21.58 42.86 -23.19
CA VAL T 86 22.64 43.50 -22.41
C VAL T 86 23.18 44.68 -23.20
N THR T 87 23.22 45.85 -22.58
CA THR T 87 23.69 47.07 -23.24
C THR T 87 24.71 47.77 -22.35
N GLY T 88 25.52 48.61 -22.97
CA GLY T 88 26.47 49.41 -22.21
C GLY T 88 25.79 50.41 -21.31
N ARG T 89 24.59 50.87 -21.70
CA ARG T 89 23.85 51.81 -20.87
C ARG T 89 23.46 51.17 -19.54
N GLN T 90 23.08 49.90 -19.55
CA GLN T 90 22.73 49.20 -18.32
C GLN T 90 23.93 49.05 -17.41
N LEU T 91 25.06 48.62 -17.97
CA LEU T 91 26.25 48.41 -17.16
C LEU T 91 26.78 49.72 -16.58
N ALA T 92 26.73 50.79 -17.37
CA ALA T 92 27.12 52.10 -16.85
C ALA T 92 26.17 52.54 -15.74
N ASN T 93 24.87 52.27 -15.92
CA ASN T 93 23.89 52.62 -14.89
C ASN T 93 24.18 51.87 -13.58
N VAL T 94 24.37 50.56 -13.67
CA VAL T 94 24.62 49.76 -12.48
C VAL T 94 25.96 50.13 -11.84
N TYR T 95 26.94 50.53 -12.65
CA TYR T 95 28.17 51.05 -12.07
C TYR T 95 27.93 52.37 -11.36
N ALA T 96 26.97 53.17 -11.85
CA ALA T 96 26.64 54.42 -11.16
C ALA T 96 26.00 54.13 -9.80
N GLN T 97 25.03 53.22 -9.76
CA GLN T 97 24.40 52.88 -8.49
C GLN T 97 25.40 52.24 -7.54
N THR T 98 26.25 51.36 -8.06
CA THR T 98 27.21 50.63 -7.23
C THR T 98 28.25 51.57 -6.65
N LEU T 99 28.85 52.41 -7.47
CA LEU T 99 29.83 53.37 -6.97
C LEU T 99 29.18 54.43 -6.08
N GLY T 100 27.91 54.73 -6.30
CA GLY T 100 27.21 55.62 -5.40
C GLY T 100 27.07 55.04 -4.00
N THR T 101 26.64 53.78 -3.92
CA THR T 101 26.52 53.14 -2.62
C THR T 101 27.88 52.91 -1.97
N ILE T 102 28.89 52.53 -2.77
CA ILE T 102 30.24 52.37 -2.24
C ILE T 102 30.74 53.67 -1.66
N PHE T 103 30.56 54.77 -2.39
CA PHE T 103 31.02 56.07 -1.90
C PHE T 103 30.26 56.50 -0.65
N THR T 104 28.97 56.17 -0.57
CA THR T 104 28.15 56.68 0.52
C THR T 104 28.33 55.87 1.80
N GLU T 105 28.39 54.54 1.70
CA GLU T 105 28.22 53.67 2.86
C GLU T 105 29.45 52.86 3.26
N GLN T 106 30.33 52.53 2.32
CA GLN T 106 31.48 51.69 2.65
C GLN T 106 32.43 52.42 3.60
N ALA T 107 33.34 51.65 4.21
CA ALA T 107 34.28 52.23 5.17
C ALA T 107 35.27 53.17 4.48
N LYS T 108 35.56 52.93 3.20
CA LYS T 108 36.42 53.80 2.42
C LYS T 108 35.86 53.84 1.00
N PRO T 109 35.72 55.02 0.40
CA PRO T 109 35.27 55.08 -1.00
C PRO T 109 36.30 54.46 -1.92
N TYR T 110 35.82 53.87 -3.01
CA TYR T 110 36.71 53.30 -4.00
C TYR T 110 37.45 54.40 -4.75
N GLU T 111 38.77 54.28 -4.80
CA GLU T 111 39.60 55.25 -5.53
C GLU T 111 39.69 54.86 -7.00
N VAL T 112 38.54 54.89 -7.67
CA VAL T 112 38.43 54.36 -9.02
C VAL T 112 37.73 55.36 -9.93
N GLU T 113 37.95 55.19 -11.23
CA GLU T 113 37.19 55.83 -12.28
C GLU T 113 37.01 54.80 -13.37
N LEU T 114 35.77 54.59 -13.81
CA LEU T 114 35.43 53.53 -14.74
C LEU T 114 34.98 54.11 -16.07
N CYS T 115 35.18 53.32 -17.13
CA CYS T 115 34.67 53.63 -18.46
C CYS T 115 34.04 52.38 -19.03
N VAL T 116 32.77 52.49 -19.41
CA VAL T 116 32.04 51.42 -20.08
C VAL T 116 31.86 51.84 -21.53
N ALA T 117 32.30 51.00 -22.46
CA ALA T 117 32.20 51.31 -23.87
C ALA T 117 31.38 50.25 -24.59
N GLU T 118 30.76 50.65 -25.70
CA GLU T 118 29.96 49.72 -26.48
C GLU T 118 30.08 50.07 -27.96
N VAL T 119 30.33 49.05 -28.78
CA VAL T 119 30.32 49.20 -30.24
C VAL T 119 28.98 48.69 -30.76
N ALA T 120 28.87 48.55 -32.07
CA ALA T 120 27.65 48.05 -32.68
C ALA T 120 27.74 46.53 -32.85
N HIS T 121 26.57 45.90 -32.92
CA HIS T 121 26.52 44.49 -33.28
C HIS T 121 26.89 44.31 -34.75
N TYR T 122 27.36 43.11 -35.08
CA TYR T 122 27.85 42.85 -36.43
C TYR T 122 26.76 43.11 -37.46
N GLY T 123 27.10 43.86 -38.49
CA GLY T 123 26.19 44.16 -39.57
C GLY T 123 25.31 45.38 -39.36
N GLU T 124 25.26 45.91 -38.15
CA GLU T 124 24.47 47.10 -37.86
C GLU T 124 25.36 48.34 -37.86
N THR T 125 24.72 49.49 -38.06
CA THR T 125 25.39 50.78 -38.12
C THR T 125 24.99 51.58 -36.90
N LYS T 126 25.92 51.75 -35.96
CA LYS T 126 25.65 52.44 -34.71
C LYS T 126 26.94 53.05 -34.18
N ARG T 127 26.91 54.35 -33.92
CA ARG T 127 28.10 55.05 -33.46
C ARG T 127 28.47 54.56 -32.06
N PRO T 128 29.76 54.38 -31.78
CA PRO T 128 30.17 53.85 -30.47
C PRO T 128 29.68 54.73 -29.32
N GLU T 129 29.59 54.12 -28.15
CA GLU T 129 29.12 54.79 -26.94
C GLU T 129 30.17 54.67 -25.85
N LEU T 130 30.42 55.79 -25.17
CA LEU T 130 31.39 55.85 -24.08
C LEU T 130 30.76 56.49 -22.86
N TYR T 131 30.86 55.79 -21.72
CA TYR T 131 30.36 56.28 -20.45
C TYR T 131 31.50 56.34 -19.43
N ARG T 132 31.57 57.44 -18.70
CA ARG T 132 32.54 57.65 -17.63
C ARG T 132 31.79 57.69 -16.31
N ILE T 133 32.18 56.82 -15.38
CA ILE T 133 31.58 56.78 -14.04
C ILE T 133 32.67 57.13 -13.05
N THR T 134 32.46 58.20 -12.29
CA THR T 134 33.46 58.67 -11.33
C THR T 134 33.22 58.04 -9.96
N TYR T 135 34.07 58.39 -9.01
CA TYR T 135 34.14 57.68 -7.73
C TYR T 135 32.87 57.78 -6.90
N ASP T 136 32.05 58.80 -7.13
CA ASP T 136 30.86 59.03 -6.32
C ASP T 136 29.58 58.55 -7.01
N GLY T 137 29.69 57.81 -8.10
CA GLY T 137 28.53 57.38 -8.85
C GLY T 137 28.05 58.35 -9.89
N SER T 138 28.74 59.48 -10.07
CA SER T 138 28.38 60.41 -11.14
C SER T 138 28.65 59.77 -12.50
N ILE T 139 27.68 59.87 -13.40
CA ILE T 139 27.77 59.24 -14.71
C ILE T 139 27.80 60.33 -15.77
N ALA T 140 28.64 60.12 -16.79
CA ALA T 140 28.88 61.10 -17.83
C ALA T 140 28.87 60.40 -19.18
N ASP T 141 28.27 61.07 -20.17
CA ASP T 141 28.04 60.51 -21.50
C ASP T 141 28.95 61.24 -22.48
N GLU T 142 29.93 60.52 -23.04
CA GLU T 142 30.89 61.17 -23.93
C GLU T 142 30.81 60.59 -25.34
N PRO T 143 31.08 61.41 -26.37
CA PRO T 143 30.85 60.96 -27.76
C PRO T 143 32.10 60.52 -28.49
N HIS T 144 33.27 60.97 -28.06
CA HIS T 144 34.52 60.71 -28.78
C HIS T 144 35.54 59.98 -27.93
N PHE T 145 35.84 60.50 -26.73
CA PHE T 145 36.89 59.91 -25.90
C PHE T 145 36.55 60.09 -24.44
N VAL T 146 37.06 59.17 -23.63
CA VAL T 146 37.05 59.29 -22.17
C VAL T 146 38.50 59.22 -21.70
N VAL T 147 38.83 60.03 -20.71
CA VAL T 147 40.17 60.09 -20.14
C VAL T 147 40.04 59.96 -18.63
N MET T 148 40.81 59.05 -18.04
CA MET T 148 40.73 58.79 -16.60
C MET T 148 42.12 58.67 -16.01
N GLY T 149 42.25 59.08 -14.76
CA GLY T 149 43.45 58.80 -13.99
C GLY T 149 44.55 59.84 -14.18
N GLY T 150 45.30 60.07 -13.10
CA GLY T 150 46.39 61.02 -13.11
C GLY T 150 45.90 62.44 -13.34
N THR T 151 46.82 63.26 -13.85
CA THR T 151 46.49 64.62 -14.26
C THR T 151 45.94 64.55 -15.68
N THR T 152 44.62 64.66 -15.81
CA THR T 152 43.95 64.37 -17.07
C THR T 152 43.83 65.56 -18.00
N GLU T 153 43.89 66.78 -17.45
CA GLU T 153 43.62 67.97 -18.26
C GLU T 153 44.57 68.12 -19.46
N PRO T 154 45.88 67.94 -19.33
CA PRO T 154 46.72 67.93 -20.55
C PRO T 154 46.31 66.88 -21.56
N ILE T 155 45.93 65.69 -21.09
CA ILE T 155 45.51 64.62 -22.01
C ILE T 155 44.27 65.06 -22.79
N ALA T 156 43.29 65.62 -22.08
CA ALA T 156 42.05 66.03 -22.75
C ALA T 156 42.26 67.24 -23.64
N ASN T 157 43.27 68.07 -23.35
CA ASN T 157 43.60 69.16 -24.25
C ASN T 157 44.21 68.62 -25.55
N ALA T 158 45.25 67.79 -25.42
CA ALA T 158 45.92 67.25 -26.59
C ALA T 158 44.97 66.42 -27.44
N LEU T 159 44.05 65.68 -26.80
CA LEU T 159 43.07 64.92 -27.56
C LEU T 159 42.01 65.85 -28.16
N LYS T 160 41.60 66.87 -27.42
CA LYS T 160 40.67 67.85 -27.95
C LYS T 160 41.23 68.54 -29.19
N GLU T 161 42.56 68.55 -29.33
CA GLU T 161 43.20 69.08 -30.53
C GLU T 161 43.35 68.03 -31.63
N SER T 162 44.00 66.91 -31.34
CA SER T 162 44.42 65.97 -32.38
C SER T 162 43.32 64.99 -32.81
N TYR T 163 42.21 64.91 -32.09
CA TYR T 163 41.21 63.90 -32.41
C TYR T 163 40.45 64.23 -33.68
N ALA T 164 40.17 63.19 -34.47
CA ALA T 164 39.32 63.29 -35.64
C ALA T 164 38.45 62.05 -35.73
N GLU T 165 37.19 62.23 -36.13
CA GLU T 165 36.27 61.12 -36.23
C GLU T 165 36.71 60.13 -37.30
N ASN T 166 36.38 58.85 -37.07
CA ASN T 166 36.56 57.78 -38.06
C ASN T 166 38.01 57.66 -38.52
N ALA T 167 38.96 57.90 -37.62
CA ALA T 167 40.35 57.68 -37.94
C ALA T 167 40.66 56.19 -37.96
N SER T 168 41.73 55.83 -38.67
CA SER T 168 42.15 54.44 -38.70
C SER T 168 42.73 54.03 -37.35
N LEU T 169 43.01 52.74 -37.20
CA LEU T 169 43.52 52.24 -35.93
C LEU T 169 44.91 52.78 -35.64
N THR T 170 45.76 52.89 -36.67
CA THR T 170 47.12 53.37 -36.46
C THR T 170 47.11 54.84 -36.03
N ASP T 171 46.33 55.67 -36.71
CA ASP T 171 46.25 57.09 -36.36
C ASP T 171 45.65 57.27 -34.96
N ALA T 172 44.55 56.57 -34.68
CA ALA T 172 43.90 56.69 -33.37
C ALA T 172 44.85 56.27 -32.25
N LEU T 173 45.57 55.17 -32.45
CA LEU T 173 46.57 54.77 -31.46
C LEU T 173 47.65 55.84 -31.31
N ARG T 174 48.07 56.44 -32.42
CA ARG T 174 49.17 57.41 -32.35
C ARG T 174 48.76 58.66 -31.59
N ILE T 175 47.55 59.18 -31.84
CA ILE T 175 47.12 60.35 -31.09
C ILE T 175 46.77 59.99 -29.66
N ALA T 176 46.41 58.72 -29.42
CA ALA T 176 46.14 58.27 -28.06
C ALA T 176 47.42 58.28 -27.22
N VAL T 177 48.47 57.58 -27.69
CA VAL T 177 49.73 57.58 -26.98
C VAL T 177 50.36 58.96 -26.99
N ALA T 178 50.06 59.77 -28.01
CA ALA T 178 50.54 61.14 -28.05
C ALA T 178 49.95 61.95 -26.91
N ALA T 179 48.64 61.87 -26.71
CA ALA T 179 48.02 62.49 -25.55
C ALA T 179 48.63 61.97 -24.26
N LEU T 180 48.57 60.65 -24.06
CA LEU T 180 49.13 60.00 -22.88
C LEU T 180 50.53 60.49 -22.53
N ARG T 181 51.35 60.73 -23.55
CA ARG T 181 52.71 61.22 -23.32
C ARG T 181 52.74 62.55 -22.58
N ALA T 182 51.67 63.34 -22.64
CA ALA T 182 51.61 64.63 -21.98
C ALA T 182 51.20 64.48 -20.51
N GLY T 183 52.00 63.71 -19.78
CA GLY T 183 51.74 63.47 -18.37
C GLY T 183 53.01 63.33 -17.55
N THR T 194 58.20 57.99 -26.09
CA THR T 194 58.90 56.92 -25.41
C THR T 194 57.95 56.09 -24.55
N LEU T 195 57.07 55.33 -25.21
CA LEU T 195 56.11 54.44 -24.54
C LEU T 195 55.99 53.18 -25.39
N GLY T 196 56.81 52.17 -25.06
CA GLY T 196 56.89 50.96 -25.84
C GLY T 196 55.80 49.96 -25.47
N VAL T 197 56.01 48.73 -25.95
CA VAL T 197 55.06 47.66 -25.67
C VAL T 197 55.10 47.27 -24.19
N ALA T 198 56.29 47.28 -23.60
CA ALA T 198 56.48 46.85 -22.21
C ALA T 198 55.87 47.81 -21.19
N SER T 199 55.24 48.90 -21.64
CA SER T 199 54.61 49.86 -20.73
C SER T 199 53.20 50.24 -21.14
N LEU T 200 52.60 49.50 -22.08
CA LEU T 200 51.27 49.82 -22.58
C LEU T 200 50.37 48.59 -22.56
N GLU T 201 49.09 48.83 -22.29
CA GLU T 201 48.04 47.83 -22.41
C GLU T 201 47.01 48.38 -23.39
N VAL T 202 46.87 47.73 -24.55
CA VAL T 202 46.04 48.23 -25.64
C VAL T 202 45.08 47.14 -26.08
N ALA T 203 43.80 47.49 -26.15
CA ALA T 203 42.76 46.59 -26.64
C ALA T 203 41.78 47.39 -27.50
N VAL T 204 40.87 46.67 -28.15
CA VAL T 204 39.87 47.30 -29.00
C VAL T 204 38.54 46.55 -28.92
N LEU T 205 37.46 47.30 -29.01
CA LEU T 205 36.15 46.78 -29.34
C LEU T 205 36.00 46.91 -30.85
N ASP T 206 36.12 45.78 -31.55
CA ASP T 206 36.15 45.73 -33.00
C ASP T 206 34.77 45.32 -33.50
N ALA T 207 34.02 46.29 -34.04
CA ALA T 207 32.66 46.03 -34.49
C ALA T 207 32.58 45.04 -35.65
N ASN T 208 33.71 44.60 -36.21
CA ASN T 208 33.68 43.79 -37.41
C ASN T 208 33.79 42.29 -37.15
N ARG T 209 33.90 41.88 -35.89
CA ARG T 209 33.85 40.43 -35.69
C ARG T 209 32.47 40.02 -35.19
N PRO T 210 32.04 38.79 -35.50
CA PRO T 210 30.60 38.50 -35.47
C PRO T 210 29.96 38.54 -34.09
N ARG T 211 30.65 38.07 -33.06
CA ARG T 211 30.05 37.99 -31.73
C ARG T 211 30.81 38.85 -30.72
N ARG T 212 31.99 38.42 -30.27
CA ARG T 212 32.73 39.13 -29.25
C ARG T 212 33.66 40.14 -29.92
N ALA T 213 33.47 41.43 -29.60
CA ALA T 213 34.23 42.49 -30.23
C ALA T 213 35.54 42.80 -29.53
N PHE T 214 35.70 42.35 -28.29
CA PHE T 214 36.89 42.68 -27.51
C PHE T 214 38.08 41.86 -28.01
N ARG T 215 39.22 42.52 -28.20
CA ARG T 215 40.45 41.82 -28.52
C ARG T 215 41.63 42.65 -28.06
N ARG T 216 42.75 41.98 -27.83
CA ARG T 216 43.96 42.61 -27.31
C ARG T 216 45.01 42.76 -28.40
N ILE T 217 45.84 43.79 -28.27
CA ILE T 217 46.94 44.04 -29.19
C ILE T 217 48.23 43.95 -28.37
N THR T 218 49.02 42.90 -28.62
CA THR T 218 50.18 42.60 -27.80
C THR T 218 51.39 42.28 -28.67
N GLY T 219 52.57 42.56 -28.14
CA GLY T 219 53.80 42.03 -28.72
C GLY T 219 54.10 42.60 -30.09
N SER T 220 54.37 41.70 -31.04
CA SER T 220 54.80 42.11 -32.38
C SER T 220 53.71 42.90 -33.10
N ALA T 221 52.44 42.58 -32.85
CA ALA T 221 51.36 43.33 -33.47
C ALA T 221 51.32 44.77 -32.96
N LEU T 222 51.47 44.95 -31.65
CA LEU T 222 51.46 46.30 -31.08
C LEU T 222 52.70 47.07 -31.51
N GLN T 223 53.85 46.41 -31.58
CA GLN T 223 55.08 47.08 -32.01
C GLN T 223 54.97 47.52 -33.47
N ALA T 224 54.61 46.60 -34.37
CA ALA T 224 54.45 46.95 -35.77
C ALA T 224 53.36 48.00 -35.96
N LEU T 225 52.36 48.02 -35.07
CA LEU T 225 51.30 49.02 -35.17
C LEU T 225 51.73 50.40 -34.69
N LEU T 226 52.65 50.45 -33.71
CA LEU T 226 53.04 51.73 -33.14
C LEU T 226 53.80 52.60 -34.14
N VAL T 227 54.67 52.00 -34.94
CA VAL T 227 55.49 52.75 -35.89
C VAL T 227 54.70 53.06 -37.15
N MET U 1 21.26 66.85 17.01
CA MET U 1 19.88 66.80 16.55
C MET U 1 19.58 67.91 15.55
N GLU U 2 19.60 69.16 16.03
CA GLU U 2 19.28 70.31 15.20
C GLU U 2 20.21 70.43 14.01
N GLN U 3 21.46 70.83 14.25
CA GLN U 3 22.38 71.07 13.15
C GLN U 3 22.85 69.81 12.46
N ALA U 4 22.48 68.62 12.96
CA ALA U 4 22.69 67.41 12.18
C ALA U 4 21.71 67.34 11.02
N MET U 5 20.41 67.44 11.32
CA MET U 5 19.41 67.52 10.26
C MET U 5 19.59 68.78 9.41
N ARG U 6 20.15 69.84 9.99
CA ARG U 6 20.42 71.04 9.22
C ARG U 6 21.59 70.84 8.26
N GLU U 7 22.64 70.15 8.71
CA GLU U 7 23.71 69.78 7.80
C GLU U 7 23.19 68.88 6.69
N ARG U 8 22.29 67.96 7.01
CA ARG U 8 21.68 67.11 5.99
C ARG U 8 20.93 67.95 4.96
N SER U 9 19.91 68.69 5.41
CA SER U 9 19.10 69.49 4.50
C SER U 9 19.95 70.50 3.73
N GLU U 10 21.09 70.90 4.29
CA GLU U 10 21.97 71.82 3.58
C GLU U 10 22.75 71.11 2.49
N LEU U 11 23.22 69.88 2.75
CA LEU U 11 23.87 69.09 1.71
C LEU U 11 22.90 68.80 0.57
N ALA U 12 21.67 68.44 0.91
CA ALA U 12 20.67 68.18 -0.13
C ALA U 12 20.35 69.44 -0.91
N ARG U 13 20.13 70.56 -0.20
CA ARG U 13 19.79 71.81 -0.86
C ARG U 13 20.89 72.25 -1.81
N LYS U 14 22.15 72.21 -1.35
CA LYS U 14 23.26 72.57 -2.23
C LYS U 14 23.42 71.57 -3.36
N GLY U 15 23.05 70.30 -3.14
CA GLY U 15 23.13 69.33 -4.22
C GLY U 15 22.12 69.63 -5.32
N ILE U 16 20.86 69.86 -4.95
CA ILE U 16 19.83 70.16 -5.94
C ILE U 16 20.10 71.50 -6.62
N ALA U 17 20.65 72.46 -5.88
CA ALA U 17 20.87 73.80 -6.44
C ALA U 17 21.86 73.77 -7.59
N ARG U 18 22.82 72.82 -7.57
CA ARG U 18 23.83 72.75 -8.60
C ARG U 18 23.40 71.96 -9.84
N ALA U 19 22.22 71.36 -9.82
CA ALA U 19 21.78 70.52 -10.92
C ALA U 19 21.05 71.34 -11.98
N LYS U 20 20.76 70.70 -13.11
CA LYS U 20 19.97 71.33 -14.16
C LYS U 20 18.48 71.23 -13.82
N SER U 21 17.70 72.11 -14.43
CA SER U 21 16.33 72.36 -14.00
C SER U 21 15.31 71.61 -14.86
N VAL U 22 14.12 71.42 -14.27
CA VAL U 22 13.03 70.65 -14.83
C VAL U 22 11.72 71.39 -14.52
N VAL U 23 10.79 71.38 -15.47
CA VAL U 23 9.50 72.02 -15.32
C VAL U 23 8.41 71.08 -15.81
N ALA U 24 7.24 71.17 -15.17
CA ALA U 24 6.05 70.44 -15.58
C ALA U 24 4.86 71.39 -15.55
N LEU U 25 4.06 71.38 -16.62
CA LEU U 25 2.94 72.30 -16.75
C LEU U 25 1.69 71.56 -17.19
N ALA U 26 0.58 71.81 -16.51
CA ALA U 26 -0.69 71.25 -16.92
C ALA U 26 -1.23 72.03 -18.13
N TYR U 27 -1.39 71.32 -19.25
CA TYR U 27 -1.89 71.95 -20.48
C TYR U 27 -3.13 71.21 -20.97
N ALA U 28 -3.74 71.75 -22.03
CA ALA U 28 -5.03 71.28 -22.51
C ALA U 28 -5.01 69.81 -22.92
N GLY U 29 -3.85 69.26 -23.27
CA GLY U 29 -3.77 67.87 -23.67
C GLY U 29 -3.31 66.94 -22.55
N GLY U 30 -2.88 67.52 -21.43
CA GLY U 30 -2.41 66.70 -20.32
C GLY U 30 -1.34 67.38 -19.48
N VAL U 31 -0.14 66.81 -19.43
CA VAL U 31 0.95 67.37 -18.66
C VAL U 31 2.21 67.41 -19.52
N LEU U 32 2.91 68.54 -19.46
CA LEU U 32 4.14 68.75 -20.22
C LEU U 32 5.35 68.66 -19.29
N PHE U 33 6.30 67.82 -19.68
CA PHE U 33 7.57 67.63 -18.99
C PHE U 33 8.70 68.17 -19.86
N VAL U 34 9.37 69.21 -19.39
CA VAL U 34 10.50 69.81 -20.11
C VAL U 34 11.68 69.93 -19.15
N ALA U 35 12.78 69.27 -19.48
CA ALA U 35 13.98 69.29 -18.65
C ALA U 35 15.19 69.66 -19.49
N GLU U 36 16.17 70.30 -18.86
CA GLU U 36 17.43 70.63 -19.50
C GLU U 36 18.36 69.42 -19.37
N ASN U 37 18.55 68.69 -20.48
CA ASN U 37 19.33 67.47 -20.44
C ASN U 37 20.19 67.34 -21.69
N PRO U 38 21.51 67.50 -21.58
CA PRO U 38 22.37 67.36 -22.76
C PRO U 38 22.62 65.93 -23.18
N SER U 39 22.39 64.95 -22.31
CA SER U 39 22.69 63.57 -22.62
C SER U 39 21.75 63.03 -23.69
N ARG U 40 22.13 61.89 -24.26
CA ARG U 40 21.30 61.17 -25.21
C ARG U 40 20.85 59.81 -24.71
N SER U 41 21.42 59.31 -23.61
CA SER U 41 21.11 57.99 -23.09
C SER U 41 20.54 57.99 -21.68
N LEU U 42 20.72 59.07 -20.91
CA LEU U 42 20.35 59.11 -19.50
C LEU U 42 19.26 60.14 -19.31
N GLN U 43 18.13 59.72 -18.73
CA GLN U 43 16.89 60.49 -18.79
C GLN U 43 16.46 60.97 -17.39
N LYS U 44 15.93 62.18 -17.35
CA LYS U 44 15.38 62.76 -16.13
C LYS U 44 13.86 62.70 -16.07
N ILE U 45 13.21 62.29 -17.16
CA ILE U 45 11.76 62.19 -17.22
C ILE U 45 11.42 60.77 -17.68
N SER U 46 10.45 60.14 -17.00
CA SER U 46 10.16 58.75 -17.28
C SER U 46 8.71 58.45 -16.95
N GLU U 47 8.22 57.36 -17.55
CA GLU U 47 6.88 56.86 -17.28
C GLU U 47 6.87 56.07 -15.98
N LEU U 48 5.80 56.21 -15.22
CA LEU U 48 5.55 55.36 -14.05
C LEU U 48 4.44 54.35 -14.34
N TYR U 49 3.26 54.82 -14.73
CA TYR U 49 2.14 53.94 -14.96
C TYR U 49 1.25 54.55 -16.04
N ASP U 50 0.17 53.84 -16.37
CA ASP U 50 -0.70 54.18 -17.50
C ASP U 50 -0.92 55.67 -17.66
N ARG U 51 -1.32 56.34 -16.58
CA ARG U 51 -1.59 57.78 -16.61
C ARG U 51 -0.73 58.54 -15.61
N VAL U 52 0.39 57.96 -15.18
CA VAL U 52 1.26 58.56 -14.16
C VAL U 52 2.66 58.70 -14.73
N GLY U 53 3.22 59.92 -14.63
CA GLY U 53 4.55 60.21 -15.12
C GLY U 53 5.43 60.78 -14.02
N PHE U 54 6.73 60.80 -14.31
CA PHE U 54 7.77 61.03 -13.31
C PHE U 54 8.82 61.97 -13.86
N ALA U 55 9.18 62.98 -13.07
CA ALA U 55 10.29 63.88 -13.40
C ALA U 55 11.15 64.05 -12.16
N ALA U 56 12.43 64.37 -12.38
CA ALA U 56 13.36 64.44 -11.26
C ALA U 56 14.49 65.39 -11.59
N ALA U 57 15.08 65.97 -10.54
CA ALA U 57 16.26 66.80 -10.66
C ALA U 57 17.21 66.49 -9.51
N GLY U 58 18.51 66.52 -9.80
CA GLY U 58 19.51 66.29 -8.78
C GLY U 58 20.59 65.30 -9.16
N LYS U 59 20.90 64.36 -8.27
CA LYS U 59 21.92 63.35 -8.54
C LYS U 59 21.28 62.17 -9.27
N PHE U 60 21.87 61.80 -10.41
CA PHE U 60 21.22 60.86 -11.31
C PHE U 60 20.93 59.53 -10.64
N ASN U 61 21.97 58.88 -10.08
CA ASN U 61 21.79 57.54 -9.55
C ASN U 61 20.73 57.49 -8.46
N GLU U 62 20.58 58.56 -7.69
CA GLU U 62 19.63 58.56 -6.59
C GLU U 62 18.19 58.63 -7.10
N PHE U 63 17.89 59.58 -7.99
CA PHE U 63 16.52 59.63 -8.48
C PHE U 63 16.22 58.55 -9.51
N ASP U 64 17.24 57.88 -10.06
CA ASP U 64 17.00 56.69 -10.86
C ASP U 64 16.65 55.50 -9.97
N ASN U 65 17.33 55.38 -8.83
CA ASN U 65 16.87 54.46 -7.79
C ASN U 65 15.41 54.70 -7.46
N LEU U 66 15.07 55.96 -7.15
CA LEU U 66 13.68 56.27 -6.81
C LEU U 66 12.74 55.98 -7.97
N ARG U 67 13.19 56.19 -9.20
CA ARG U 67 12.35 55.93 -10.37
C ARG U 67 12.03 54.44 -10.48
N ARG U 68 13.05 53.59 -10.38
CA ARG U 68 12.84 52.15 -10.41
C ARG U 68 11.96 51.70 -9.24
N GLY U 69 12.13 52.32 -8.08
CA GLY U 69 11.26 51.98 -6.95
C GLY U 69 9.81 52.35 -7.20
N GLY U 70 9.59 53.46 -7.91
CA GLY U 70 8.24 53.85 -8.25
C GLY U 70 7.60 52.91 -9.25
N ILE U 71 8.33 52.54 -10.31
CA ILE U 71 7.81 51.57 -11.26
C ILE U 71 7.51 50.24 -10.56
N GLN U 72 8.41 49.80 -9.67
CA GLN U 72 8.19 48.57 -8.91
C GLN U 72 6.90 48.65 -8.09
N PHE U 73 6.75 49.74 -7.33
CA PHE U 73 5.55 49.91 -6.50
C PHE U 73 4.30 49.88 -7.35
N ALA U 74 4.26 50.70 -8.39
CA ALA U 74 3.06 50.80 -9.23
C ALA U 74 2.71 49.44 -9.83
N ASP U 75 3.66 48.79 -10.50
CA ASP U 75 3.39 47.50 -11.12
C ASP U 75 2.89 46.49 -10.09
N THR U 76 3.52 46.46 -8.91
CA THR U 76 3.08 45.51 -7.88
C THR U 76 1.65 45.81 -7.44
N ARG U 77 1.30 47.08 -7.27
CA ARG U 77 -0.06 47.42 -6.88
C ARG U 77 -1.07 47.05 -7.95
N GLY U 78 -0.73 47.29 -9.22
CA GLY U 78 -1.65 46.97 -10.29
C GLY U 78 -1.87 45.47 -10.45
N TYR U 79 -0.80 44.68 -10.27
CA TYR U 79 -0.98 43.23 -10.29
C TYR U 79 -1.78 42.75 -9.08
N ALA U 80 -1.50 43.32 -7.90
CA ALA U 80 -2.21 42.90 -6.69
C ALA U 80 -3.69 43.26 -6.74
N TYR U 81 -4.05 44.37 -7.40
CA TYR U 81 -5.44 44.81 -7.49
C TYR U 81 -5.77 44.94 -8.96
N ASP U 82 -6.10 46.15 -9.43
CA ASP U 82 -6.27 46.43 -10.84
C ASP U 82 -5.46 47.66 -11.21
N ARG U 83 -5.15 47.77 -12.50
CA ARG U 83 -4.40 48.93 -12.98
C ARG U 83 -5.12 50.23 -12.69
N ARG U 84 -6.46 50.20 -12.64
CA ARG U 84 -7.23 51.41 -12.34
C ARG U 84 -7.12 51.84 -10.89
N ASP U 85 -6.58 51.00 -10.01
CA ASP U 85 -6.40 51.39 -8.62
C ASP U 85 -5.11 52.15 -8.38
N VAL U 86 -4.17 52.10 -9.33
CA VAL U 86 -2.92 52.83 -9.22
C VAL U 86 -3.18 54.29 -9.58
N THR U 87 -2.88 55.19 -8.64
CA THR U 87 -3.10 56.61 -8.84
C THR U 87 -1.81 57.37 -8.53
N GLY U 88 -1.74 58.60 -9.05
CA GLY U 88 -0.59 59.45 -8.77
C GLY U 88 -0.51 59.87 -7.32
N ARG U 89 -1.66 59.94 -6.63
CA ARG U 89 -1.65 60.23 -5.21
C ARG U 89 -0.87 59.17 -4.43
N GLN U 90 -1.03 57.90 -4.79
CA GLN U 90 -0.32 56.84 -4.10
C GLN U 90 1.17 56.89 -4.37
N LEU U 91 1.55 57.11 -5.63
CA LEU U 91 2.96 57.21 -5.98
C LEU U 91 3.63 58.37 -5.24
N ALA U 92 2.98 59.54 -5.26
CA ALA U 92 3.52 60.68 -4.53
C ALA U 92 3.60 60.41 -3.03
N ASN U 93 2.60 59.71 -2.49
CA ASN U 93 2.59 59.38 -1.06
C ASN U 93 3.78 58.50 -0.70
N VAL U 94 4.00 57.44 -1.46
CA VAL U 94 5.09 56.52 -1.15
C VAL U 94 6.44 57.18 -1.45
N TYR U 95 6.49 58.15 -2.36
CA TYR U 95 7.72 58.91 -2.54
C TYR U 95 7.99 59.84 -1.36
N ALA U 96 6.93 60.38 -0.76
CA ALA U 96 7.08 61.22 0.42
C ALA U 96 7.61 60.40 1.60
N GLN U 97 6.99 59.24 1.85
CA GLN U 97 7.46 58.37 2.93
C GLN U 97 8.88 57.87 2.67
N THR U 98 9.17 57.47 1.43
CA THR U 98 10.49 56.93 1.10
C THR U 98 11.56 57.99 1.28
N LEU U 99 11.36 59.17 0.68
CA LEU U 99 12.35 60.23 0.84
C LEU U 99 12.45 60.69 2.28
N GLY U 100 11.37 60.55 3.06
CA GLY U 100 11.44 60.83 4.48
C GLY U 100 12.42 59.92 5.19
N THR U 101 12.21 58.61 5.08
CA THR U 101 13.10 57.68 5.77
C THR U 101 14.53 57.73 5.22
N ILE U 102 14.68 58.02 3.92
CA ILE U 102 16.03 58.23 3.38
C ILE U 102 16.68 59.42 4.05
N PHE U 103 15.92 60.52 4.20
CA PHE U 103 16.49 61.74 4.75
C PHE U 103 16.89 61.56 6.21
N THR U 104 16.07 60.87 7.00
CA THR U 104 16.37 60.77 8.42
C THR U 104 17.25 59.59 8.79
N GLU U 105 17.32 58.56 7.97
CA GLU U 105 17.94 57.31 8.40
C GLU U 105 19.17 56.89 7.61
N GLN U 106 19.29 57.27 6.34
CA GLN U 106 20.39 56.77 5.53
C GLN U 106 21.69 57.52 5.84
N ALA U 107 22.79 56.98 5.32
CA ALA U 107 24.11 57.56 5.58
C ALA U 107 24.22 58.97 5.01
N LYS U 108 23.71 59.19 3.80
CA LYS U 108 23.72 60.50 3.18
C LYS U 108 22.33 60.79 2.64
N PRO U 109 21.76 61.97 2.93
CA PRO U 109 20.44 62.29 2.39
C PRO U 109 20.49 62.36 0.86
N TYR U 110 19.40 61.92 0.23
CA TYR U 110 19.33 61.99 -1.22
C TYR U 110 19.26 63.43 -1.69
N GLU U 111 20.05 63.75 -2.71
CA GLU U 111 20.06 65.09 -3.30
C GLU U 111 19.18 65.09 -4.55
N VAL U 112 17.87 64.95 -4.31
CA VAL U 112 16.90 64.79 -5.38
C VAL U 112 15.67 65.64 -5.12
N GLU U 113 14.92 65.89 -6.18
CA GLU U 113 13.61 66.52 -6.09
C GLU U 113 12.73 65.92 -7.18
N LEU U 114 11.55 65.45 -6.79
CA LEU U 114 10.72 64.62 -7.65
C LEU U 114 9.39 65.30 -7.94
N CYS U 115 8.82 64.97 -9.09
CA CYS U 115 7.46 65.35 -9.46
C CYS U 115 6.76 64.13 -10.03
N VAL U 116 5.55 63.88 -9.54
CA VAL U 116 4.68 62.82 -10.02
C VAL U 116 3.41 63.46 -10.57
N ALA U 117 3.08 63.15 -11.81
CA ALA U 117 1.95 63.79 -12.49
C ALA U 117 0.93 62.75 -12.93
N GLU U 118 -0.35 63.10 -12.88
CA GLU U 118 -1.38 62.20 -13.37
C GLU U 118 -2.36 62.95 -14.25
N VAL U 119 -2.67 62.39 -15.41
CA VAL U 119 -3.70 62.90 -16.29
C VAL U 119 -4.91 61.99 -16.20
N ALA U 120 -6.01 62.45 -16.79
CA ALA U 120 -7.24 61.68 -16.76
C ALA U 120 -7.10 60.40 -17.59
N HIS U 121 -7.82 59.36 -17.19
CA HIS U 121 -7.92 58.18 -18.02
C HIS U 121 -8.68 58.51 -19.30
N TYR U 122 -8.38 57.77 -20.37
CA TYR U 122 -8.93 58.09 -21.67
C TYR U 122 -10.46 58.12 -21.61
N GLY U 123 -11.04 59.12 -22.25
CA GLY U 123 -12.48 59.28 -22.23
C GLY U 123 -13.03 59.70 -20.88
N GLU U 124 -12.21 60.22 -20.00
CA GLU U 124 -12.66 60.78 -18.73
C GLU U 124 -12.22 62.23 -18.65
N THR U 125 -12.89 62.98 -17.78
CA THR U 125 -12.63 64.40 -17.60
C THR U 125 -12.29 64.65 -16.14
N LYS U 126 -11.00 64.51 -15.81
CA LYS U 126 -10.46 64.95 -14.53
C LYS U 126 -9.25 65.82 -14.81
N ARG U 127 -9.06 66.85 -13.99
CA ARG U 127 -7.98 67.78 -14.30
C ARG U 127 -6.64 67.19 -13.84
N PRO U 128 -5.58 67.45 -14.60
CA PRO U 128 -4.28 66.86 -14.26
C PRO U 128 -3.80 67.29 -12.89
N GLU U 129 -3.07 66.39 -12.22
CA GLU U 129 -2.52 66.64 -10.90
C GLU U 129 -1.00 66.68 -11.00
N LEU U 130 -0.40 67.71 -10.41
CA LEU U 130 1.05 67.77 -10.26
C LEU U 130 1.41 67.55 -8.80
N TYR U 131 2.48 66.80 -8.55
CA TYR U 131 2.94 66.53 -7.21
C TYR U 131 4.44 66.78 -7.14
N ARG U 132 4.86 67.50 -6.10
CA ARG U 132 6.26 67.84 -5.87
C ARG U 132 6.67 67.26 -4.52
N ILE U 133 7.63 66.34 -4.55
CA ILE U 133 8.19 65.73 -3.35
C ILE U 133 9.64 66.17 -3.23
N THR U 134 9.96 66.87 -2.15
CA THR U 134 11.30 67.42 -1.96
C THR U 134 12.16 66.46 -1.16
N TYR U 135 13.43 66.85 -0.94
CA TYR U 135 14.43 65.91 -0.44
C TYR U 135 14.08 65.34 0.93
N ASP U 136 13.35 66.09 1.75
CA ASP U 136 13.07 65.68 3.12
C ASP U 136 11.76 64.90 3.26
N GLY U 137 11.04 64.67 2.17
CA GLY U 137 9.75 64.02 2.24
C GLY U 137 8.57 64.95 2.27
N SER U 138 8.79 66.25 2.14
CA SER U 138 7.67 67.19 2.03
C SER U 138 7.00 67.01 0.67
N ILE U 139 5.67 67.02 0.68
CA ILE U 139 4.88 66.75 -0.51
C ILE U 139 3.88 67.88 -0.71
N ALA U 140 3.71 68.30 -1.95
CA ALA U 140 2.77 69.37 -2.27
C ALA U 140 2.08 69.06 -3.59
N ASP U 141 0.85 69.56 -3.74
CA ASP U 141 0.09 69.40 -4.96
C ASP U 141 -0.01 70.73 -5.69
N GLU U 142 0.19 70.70 -7.00
CA GLU U 142 0.15 71.86 -7.86
C GLU U 142 -0.85 71.65 -8.99
N PRO U 143 -1.67 72.67 -9.28
CA PRO U 143 -2.64 72.56 -10.38
C PRO U 143 -2.11 73.11 -11.70
N HIS U 144 -1.07 73.94 -11.64
CA HIS U 144 -0.58 74.66 -12.80
C HIS U 144 0.81 74.19 -13.23
N PHE U 145 1.83 74.37 -12.40
CA PHE U 145 3.18 74.00 -12.81
C PHE U 145 4.02 73.64 -11.59
N VAL U 146 5.14 72.98 -11.87
CA VAL U 146 6.15 72.62 -10.88
C VAL U 146 7.52 72.91 -11.48
N VAL U 147 8.39 73.52 -10.69
CA VAL U 147 9.77 73.79 -11.08
C VAL U 147 10.69 73.13 -10.05
N MET U 148 11.71 72.43 -10.54
CA MET U 148 12.65 71.73 -9.67
C MET U 148 14.06 71.83 -10.25
N GLY U 149 15.05 71.98 -9.39
CA GLY U 149 16.41 71.88 -9.88
C GLY U 149 16.98 73.21 -10.32
N GLY U 150 18.29 73.37 -10.11
CA GLY U 150 18.97 74.61 -10.41
C GLY U 150 18.51 75.73 -9.50
N THR U 151 18.80 76.95 -9.94
CA THR U 151 18.25 78.15 -9.31
C THR U 151 16.86 78.38 -9.90
N THR U 152 15.83 78.24 -9.06
CA THR U 152 14.48 77.97 -9.54
C THR U 152 13.60 79.20 -9.69
N GLU U 153 13.67 80.16 -8.77
CA GLU U 153 12.65 81.21 -8.73
C GLU U 153 12.67 82.20 -9.90
N PRO U 154 13.78 82.37 -10.64
CA PRO U 154 13.64 83.05 -11.92
C PRO U 154 12.75 82.30 -12.89
N ILE U 155 12.75 80.96 -12.83
CA ILE U 155 11.91 80.15 -13.69
C ILE U 155 10.48 80.11 -13.17
N ALA U 156 10.30 80.05 -11.85
CA ALA U 156 8.96 80.09 -11.28
C ALA U 156 8.29 81.44 -11.53
N ASN U 157 9.05 82.53 -11.39
CA ASN U 157 8.52 83.85 -11.69
C ASN U 157 8.25 84.02 -13.18
N ALA U 158 9.19 83.58 -14.02
CA ALA U 158 8.96 83.64 -15.46
C ALA U 158 7.75 82.80 -15.88
N LEU U 159 7.41 81.77 -15.11
CA LEU U 159 6.21 80.99 -15.40
C LEU U 159 4.96 81.70 -14.91
N LYS U 160 4.98 82.25 -13.70
CA LYS U 160 3.77 82.81 -13.09
C LYS U 160 3.15 83.89 -13.98
N GLU U 161 3.97 84.70 -14.63
CA GLU U 161 3.47 85.78 -15.45
C GLU U 161 3.23 85.37 -16.91
N SER U 162 3.69 84.20 -17.33
CA SER U 162 3.55 83.77 -18.71
C SER U 162 2.73 82.50 -18.87
N TYR U 163 2.04 82.05 -17.83
CA TYR U 163 1.30 80.80 -17.86
C TYR U 163 -0.19 81.06 -17.84
N ALA U 164 -0.93 80.38 -18.70
CA ALA U 164 -2.38 80.39 -18.71
C ALA U 164 -2.89 78.95 -18.79
N GLU U 165 -4.03 78.70 -18.14
CA GLU U 165 -4.58 77.36 -18.09
C GLU U 165 -4.97 76.88 -19.48
N ASN U 166 -4.95 75.55 -19.64
CA ASN U 166 -5.43 74.89 -20.85
C ASN U 166 -4.73 75.38 -22.11
N ALA U 167 -3.49 75.84 -21.97
CA ALA U 167 -2.71 76.22 -23.13
C ALA U 167 -2.45 75.02 -24.04
N SER U 168 -2.10 75.30 -25.28
CA SER U 168 -1.83 74.23 -26.24
C SER U 168 -0.40 73.72 -26.07
N LEU U 169 -0.10 72.60 -26.74
CA LEU U 169 1.21 71.97 -26.61
C LEU U 169 2.31 72.87 -27.14
N THR U 170 2.09 73.50 -28.29
CA THR U 170 3.09 74.43 -28.83
C THR U 170 3.26 75.64 -27.92
N ASP U 171 2.15 76.18 -27.42
CA ASP U 171 2.21 77.32 -26.50
C ASP U 171 2.92 76.94 -25.20
N ALA U 172 2.42 75.89 -24.54
CA ALA U 172 3.01 75.48 -23.26
C ALA U 172 4.48 75.14 -23.41
N LEU U 173 4.86 74.48 -24.51
CA LEU U 173 6.27 74.22 -24.76
C LEU U 173 7.04 75.51 -24.94
N ARG U 174 6.47 76.48 -25.66
CA ARG U 174 7.14 77.76 -25.86
C ARG U 174 7.44 78.44 -24.54
N ILE U 175 6.40 78.65 -23.72
CA ILE U 175 6.59 79.36 -22.47
C ILE U 175 7.40 78.53 -21.47
N ALA U 176 7.46 77.21 -21.63
CA ALA U 176 8.28 76.38 -20.76
C ALA U 176 9.75 76.51 -21.09
N VAL U 177 10.11 76.37 -22.39
CA VAL U 177 11.49 76.57 -22.81
C VAL U 177 11.93 78.01 -22.51
N ALA U 178 11.03 78.97 -22.70
CA ALA U 178 11.36 80.37 -22.41
C ALA U 178 11.58 80.58 -20.91
N ALA U 179 10.69 80.03 -20.08
CA ALA U 179 10.82 80.22 -18.64
C ALA U 179 12.06 79.53 -18.10
N LEU U 180 12.41 78.36 -18.66
CA LEU U 180 13.65 77.70 -18.27
C LEU U 180 14.88 78.58 -18.50
N ARG U 181 14.86 79.40 -19.56
CA ARG U 181 16.06 80.13 -19.96
C ARG U 181 16.51 81.13 -18.90
N ALA U 182 15.59 81.68 -18.11
CA ALA U 182 15.96 82.59 -17.03
C ALA U 182 16.79 81.87 -15.98
N GLY U 183 18.03 81.53 -16.33
CA GLY U 183 18.90 80.81 -15.41
C GLY U 183 20.19 80.34 -16.05
N LEU U 195 17.02 77.72 -25.74
CA LEU U 195 17.68 76.42 -25.80
C LEU U 195 17.44 75.76 -27.17
N GLY U 196 17.89 74.51 -27.30
CA GLY U 196 17.76 73.78 -28.54
C GLY U 196 17.37 72.34 -28.31
N VAL U 197 17.32 71.58 -29.41
CA VAL U 197 16.93 70.17 -29.33
C VAL U 197 18.02 69.35 -28.65
N ALA U 198 19.29 69.67 -28.92
CA ALA U 198 20.40 68.86 -28.42
C ALA U 198 20.52 68.90 -26.90
N SER U 199 19.95 69.90 -26.24
CA SER U 199 20.09 70.07 -24.80
C SER U 199 18.74 70.07 -24.09
N LEU U 200 17.75 69.40 -24.66
CA LEU U 200 16.42 69.35 -24.06
C LEU U 200 15.88 67.93 -24.05
N GLU U 201 15.22 67.58 -22.96
CA GLU U 201 14.49 66.33 -22.82
C GLU U 201 13.02 66.67 -22.58
N VAL U 202 12.16 66.28 -23.51
CA VAL U 202 10.76 66.69 -23.50
C VAL U 202 9.89 65.45 -23.66
N ALA U 203 8.78 65.43 -22.91
CA ALA U 203 7.80 64.35 -23.03
C ALA U 203 6.50 64.82 -22.40
N VAL U 204 5.41 64.11 -22.71
CA VAL U 204 4.08 64.50 -22.27
C VAL U 204 3.36 63.31 -21.65
N LEU U 205 2.45 63.62 -20.73
CA LEU U 205 1.37 62.72 -20.34
C LEU U 205 0.15 63.18 -21.14
N ASP U 206 -0.16 62.41 -22.19
CA ASP U 206 -1.21 62.75 -23.15
C ASP U 206 -2.50 62.08 -22.72
N ALA U 207 -3.46 62.87 -22.24
CA ALA U 207 -4.74 62.35 -21.78
C ALA U 207 -5.60 61.80 -22.92
N ASN U 208 -5.11 61.82 -24.17
CA ASN U 208 -5.90 61.36 -25.29
C ASN U 208 -5.53 59.96 -25.78
N ARG U 209 -4.37 59.45 -25.38
CA ARG U 209 -4.06 58.10 -25.83
C ARG U 209 -4.80 57.07 -24.98
N PRO U 210 -5.15 55.92 -25.57
CA PRO U 210 -6.11 55.02 -24.89
C PRO U 210 -5.68 54.54 -23.52
N ARG U 211 -4.41 54.17 -23.33
CA ARG U 211 -3.96 53.69 -22.04
C ARG U 211 -2.64 54.34 -21.61
N ARG U 212 -1.57 54.06 -22.34
CA ARG U 212 -0.25 54.54 -21.97
C ARG U 212 -0.09 55.98 -22.45
N ALA U 213 -0.24 56.92 -21.50
CA ALA U 213 -0.25 58.34 -21.83
C ALA U 213 1.15 58.92 -22.01
N PHE U 214 2.18 58.26 -21.52
CA PHE U 214 3.53 58.81 -21.61
C PHE U 214 4.03 58.73 -23.04
N ARG U 215 4.57 59.85 -23.54
CA ARG U 215 5.04 59.91 -24.92
C ARG U 215 6.21 60.89 -25.00
N ARG U 216 7.33 60.44 -25.54
CA ARG U 216 8.49 61.31 -25.72
C ARG U 216 8.40 62.04 -27.06
N ILE U 217 8.80 63.30 -27.05
CA ILE U 217 8.81 64.15 -28.24
C ILE U 217 10.25 64.57 -28.48
N THR U 218 10.87 64.00 -29.51
CA THR U 218 12.29 64.18 -29.76
C THR U 218 12.55 64.49 -31.22
N GLY U 219 13.72 65.07 -31.47
CA GLY U 219 14.26 65.14 -32.83
C GLY U 219 13.48 66.07 -33.73
N SER U 220 13.12 65.55 -34.91
CA SER U 220 12.43 66.36 -35.91
C SER U 220 11.10 66.87 -35.40
N ALA U 221 10.41 66.06 -34.59
CA ALA U 221 9.15 66.50 -34.00
C ALA U 221 9.37 67.66 -33.04
N LEU U 222 10.24 67.46 -32.03
CA LEU U 222 10.49 68.48 -31.03
C LEU U 222 10.97 69.78 -31.67
N GLN U 223 11.88 69.68 -32.64
CA GLN U 223 12.32 70.87 -33.37
C GLN U 223 11.15 71.53 -34.10
N ALA U 224 10.43 70.76 -34.90
CA ALA U 224 9.33 71.31 -35.70
C ALA U 224 8.22 71.90 -34.83
N LEU U 225 8.15 71.55 -33.56
CA LEU U 225 7.13 72.10 -32.67
C LEU U 225 7.46 73.51 -32.19
N LEU U 226 8.48 74.15 -32.76
CA LEU U 226 8.88 75.50 -32.38
C LEU U 226 9.13 76.32 -33.65
N VAL U 227 8.07 76.52 -34.44
CA VAL U 227 8.17 77.24 -35.70
C VAL U 227 7.13 78.36 -35.78
N THR V 1 -26.42 23.30 0.45
CA THR V 1 -26.35 24.75 0.32
C THR V 1 -26.58 25.18 -1.13
N THR V 2 -27.35 26.24 -1.33
CA THR V 2 -27.50 26.84 -2.64
C THR V 2 -27.58 28.35 -2.51
N ILE V 3 -26.72 29.03 -3.24
CA ILE V 3 -26.75 30.49 -3.37
C ILE V 3 -27.04 30.83 -4.82
N VAL V 4 -27.91 31.82 -5.03
CA VAL V 4 -28.23 32.27 -6.38
C VAL V 4 -28.07 33.77 -6.46
N ALA V 5 -27.80 34.25 -7.68
CA ALA V 5 -27.71 35.69 -7.94
C ALA V 5 -28.17 35.93 -9.37
N LEU V 6 -28.87 37.05 -9.57
CA LEU V 6 -29.30 37.41 -10.92
C LEU V 6 -29.34 38.93 -11.04
N LYS V 7 -29.09 39.40 -12.27
CA LYS V 7 -29.14 40.82 -12.59
C LYS V 7 -30.54 41.20 -13.03
N TYR V 8 -30.99 42.36 -12.55
CA TYR V 8 -32.26 42.94 -12.99
C TYR V 8 -32.01 44.38 -13.41
N PRO V 9 -32.92 44.98 -14.19
CA PRO V 9 -32.68 46.35 -14.68
C PRO V 9 -32.37 47.34 -13.58
N GLY V 10 -31.10 47.72 -13.47
CA GLY V 10 -30.66 48.68 -12.50
C GLY V 10 -30.06 48.12 -11.23
N GLY V 11 -29.78 46.81 -11.18
CA GLY V 11 -29.20 46.25 -9.98
C GLY V 11 -29.06 44.74 -10.07
N VAL V 12 -28.87 44.13 -8.89
CA VAL V 12 -28.61 42.71 -8.78
C VAL V 12 -29.21 42.21 -7.47
N VAL V 13 -29.60 40.93 -7.45
CA VAL V 13 -30.15 40.30 -6.26
C VAL V 13 -29.40 39.01 -6.00
N MET V 14 -29.20 38.69 -4.72
CA MET V 14 -28.55 37.46 -4.29
C MET V 14 -29.34 36.87 -3.14
N ALA V 15 -29.55 35.56 -3.16
CA ALA V 15 -30.33 34.89 -2.13
C ALA V 15 -29.68 33.56 -1.78
N GLY V 16 -29.92 33.12 -0.54
CA GLY V 16 -29.34 31.89 -0.06
C GLY V 16 -30.29 31.15 0.87
N ASP V 17 -30.07 29.83 0.93
CA ASP V 17 -30.83 28.93 1.78
C ASP V 17 -30.35 29.02 3.23
N ARG V 18 -31.07 28.34 4.12
CA ARG V 18 -30.84 28.43 5.56
C ARG V 18 -30.40 27.12 6.18
N ARG V 19 -30.15 26.08 5.39
CA ARG V 19 -29.88 24.76 5.92
C ARG V 19 -28.40 24.55 6.18
N SER V 20 -28.11 23.78 7.23
CA SER V 20 -26.77 23.26 7.50
C SER V 20 -26.89 21.80 7.85
N THR V 21 -26.07 20.96 7.23
CA THR V 21 -26.06 19.53 7.53
C THR V 21 -24.63 19.08 7.85
N GLN V 22 -24.56 17.93 8.50
CA GLN V 22 -23.31 17.22 8.77
C GLN V 22 -23.58 15.79 8.33
N GLY V 23 -23.23 15.49 7.07
CA GLY V 23 -23.68 14.26 6.46
C GLY V 23 -25.16 14.34 6.14
N ASN V 24 -25.96 13.48 6.76
CA ASN V 24 -27.41 13.52 6.60
C ASN V 24 -28.14 14.23 7.73
N MET V 25 -27.49 14.40 8.89
CA MET V 25 -28.13 15.06 10.00
C MET V 25 -28.30 16.55 9.73
N ILE V 26 -29.50 17.06 9.92
CA ILE V 26 -29.74 18.49 9.78
C ILE V 26 -29.15 19.19 10.99
N SER V 27 -28.16 20.06 10.75
CA SER V 27 -27.40 20.72 11.80
C SER V 27 -27.61 22.22 11.81
N GLY V 28 -28.63 22.73 11.12
CA GLY V 28 -28.89 24.15 11.07
C GLY V 28 -30.12 24.48 10.25
N ARG V 29 -30.99 25.34 10.78
CA ARG V 29 -32.22 25.71 10.10
C ARG V 29 -32.32 27.21 9.82
N ASP V 30 -31.36 28.02 10.27
CA ASP V 30 -31.46 29.46 10.13
C ASP V 30 -30.12 30.08 9.75
N VAL V 31 -29.33 29.37 8.94
CA VAL V 31 -27.99 29.83 8.60
C VAL V 31 -28.07 30.96 7.59
N ARG V 32 -27.36 32.05 7.87
CA ARG V 32 -27.27 33.19 6.96
C ARG V 32 -25.98 33.09 6.17
N LYS V 33 -26.11 32.97 4.85
CA LYS V 33 -24.99 32.67 3.98
C LYS V 33 -24.67 33.78 2.99
N VAL V 34 -25.48 34.83 2.92
CA VAL V 34 -25.27 35.96 2.02
C VAL V 34 -24.89 37.17 2.86
N TYR V 35 -23.64 37.59 2.77
CA TYR V 35 -23.10 38.68 3.57
C TYR V 35 -22.94 39.94 2.71
N ILE V 36 -23.22 41.09 3.30
CA ILE V 36 -23.01 42.38 2.64
C ILE V 36 -21.59 42.82 2.96
N THR V 37 -20.68 42.61 2.01
CA THR V 37 -19.27 42.89 2.30
C THR V 37 -18.94 44.38 2.17
N ASP V 38 -19.56 45.09 1.24
CA ASP V 38 -19.45 46.55 1.26
C ASP V 38 -20.70 47.16 0.65
N ASP V 39 -20.73 48.50 0.61
CA ASP V 39 -21.92 49.25 0.22
C ASP V 39 -22.50 48.77 -1.11
N TYR V 40 -21.65 48.28 -2.01
CA TYR V 40 -22.10 47.86 -3.33
C TYR V 40 -21.68 46.42 -3.63
N THR V 41 -21.47 45.60 -2.60
CA THR V 41 -20.99 44.24 -2.82
C THR V 41 -21.51 43.30 -1.76
N ALA V 42 -22.02 42.15 -2.20
CA ALA V 42 -22.44 41.04 -1.36
C ALA V 42 -21.81 39.75 -1.86
N THR V 43 -21.30 38.94 -0.93
CA THR V 43 -20.78 37.60 -1.22
C THR V 43 -21.67 36.55 -0.57
N GLY V 44 -21.98 35.50 -1.34
CA GLY V 44 -22.68 34.36 -0.78
C GLY V 44 -21.84 33.10 -0.92
N ILE V 45 -21.58 32.41 0.18
CA ILE V 45 -20.58 31.35 0.19
C ILE V 45 -21.27 30.00 0.41
N ALA V 46 -20.64 28.94 -0.11
CA ALA V 46 -21.13 27.58 0.03
C ALA V 46 -19.96 26.68 0.41
N GLY V 47 -20.19 25.77 1.34
CA GLY V 47 -19.15 24.89 1.80
C GLY V 47 -19.07 24.89 3.32
N THR V 48 -17.91 24.51 3.84
CA THR V 48 -17.76 24.36 5.27
C THR V 48 -17.82 25.70 5.98
N ALA V 49 -18.56 25.76 7.08
CA ALA V 49 -18.97 27.03 7.67
C ALA V 49 -17.78 27.86 8.14
N ALA V 50 -16.73 27.22 8.64
CA ALA V 50 -15.58 27.98 9.13
C ALA V 50 -14.90 28.74 8.01
N VAL V 51 -14.67 28.08 6.87
CA VAL V 51 -14.07 28.75 5.72
C VAL V 51 -14.99 29.83 5.19
N ALA V 52 -16.31 29.62 5.26
CA ALA V 52 -17.26 30.62 4.78
C ALA V 52 -17.21 31.87 5.65
N VAL V 53 -17.33 31.71 6.96
CA VAL V 53 -17.34 32.86 7.85
C VAL V 53 -16.02 33.61 7.81
N GLU V 54 -14.89 32.88 7.76
CA GLU V 54 -13.60 33.56 7.68
C GLU V 54 -13.44 34.27 6.34
N PHE V 55 -13.95 33.67 5.26
CA PHE V 55 -13.96 34.35 3.97
C PHE V 55 -14.73 35.67 4.06
N ALA V 56 -15.95 35.63 4.61
CA ALA V 56 -16.79 36.82 4.63
C ALA V 56 -16.16 37.93 5.48
N ARG V 57 -15.82 37.61 6.73
CA ARG V 57 -15.21 38.60 7.61
C ARG V 57 -13.93 39.16 7.02
N LEU V 58 -13.02 38.26 6.62
CA LEU V 58 -11.72 38.71 6.10
C LEU V 58 -11.89 39.58 4.86
N TYR V 59 -12.84 39.23 3.99
CA TYR V 59 -13.06 39.98 2.77
C TYR V 59 -13.57 41.39 3.07
N ALA V 60 -14.63 41.49 3.89
CA ALA V 60 -15.14 42.80 4.27
C ALA V 60 -14.04 43.66 4.89
N VAL V 61 -13.30 43.09 5.84
CA VAL V 61 -12.24 43.82 6.53
C VAL V 61 -11.19 44.30 5.54
N GLU V 62 -10.88 43.48 4.53
CA GLU V 62 -9.89 43.89 3.54
C GLU V 62 -10.40 45.06 2.70
N LEU V 63 -11.64 44.97 2.21
CA LEU V 63 -12.18 46.01 1.35
C LEU V 63 -12.26 47.35 2.08
N GLU V 64 -12.87 47.36 3.27
CA GLU V 64 -12.92 48.61 4.02
C GLU V 64 -11.53 49.07 4.43
N HIS V 65 -10.62 48.12 4.68
CA HIS V 65 -9.25 48.46 5.03
C HIS V 65 -8.59 49.27 3.93
N TYR V 66 -8.67 48.78 2.68
CA TYR V 66 -8.12 49.54 1.56
C TYR V 66 -8.81 50.89 1.41
N GLU V 67 -10.15 50.92 1.54
CA GLU V 67 -10.85 52.18 1.38
C GLU V 67 -10.37 53.21 2.40
N LYS V 68 -10.10 52.78 3.64
CA LYS V 68 -9.66 53.72 4.66
C LYS V 68 -8.20 54.11 4.46
N LEU V 69 -7.35 53.19 4.01
CA LEU V 69 -5.96 53.53 3.79
C LEU V 69 -5.78 54.49 2.63
N GLU V 70 -6.51 54.28 1.54
CA GLU V 70 -6.31 55.05 0.32
C GLU V 70 -7.38 56.09 0.07
N GLY V 71 -8.42 56.16 0.90
CA GLY V 71 -9.43 57.20 0.77
C GLY V 71 -10.38 57.04 -0.40
N VAL V 72 -10.38 55.89 -1.05
CA VAL V 72 -11.24 55.63 -2.21
C VAL V 72 -11.38 54.11 -2.32
N PRO V 73 -12.59 53.57 -2.52
CA PRO V 73 -12.75 52.12 -2.55
C PRO V 73 -12.09 51.49 -3.77
N LEU V 74 -11.78 50.21 -3.64
CA LEU V 74 -11.22 49.45 -4.74
C LEU V 74 -12.17 49.46 -5.94
N THR V 75 -11.61 49.42 -7.13
CA THR V 75 -12.41 49.12 -8.29
C THR V 75 -12.99 47.72 -8.17
N PHE V 76 -14.05 47.45 -8.94
CA PHE V 76 -14.68 46.13 -8.85
C PHE V 76 -13.71 45.04 -9.25
N ALA V 77 -12.90 45.28 -10.30
CA ALA V 77 -11.87 44.32 -10.69
C ALA V 77 -10.94 44.01 -9.53
N GLY V 78 -10.55 45.04 -8.78
CA GLY V 78 -9.73 44.79 -7.60
C GLY V 78 -10.41 43.87 -6.60
N LYS V 79 -11.71 44.05 -6.39
CA LYS V 79 -12.45 43.20 -5.47
C LYS V 79 -12.47 41.75 -5.95
N ILE V 80 -12.75 41.55 -7.24
CA ILE V 80 -12.67 40.22 -7.84
C ILE V 80 -11.30 39.60 -7.58
N ASN V 81 -10.24 40.38 -7.84
CA ASN V 81 -8.89 39.85 -7.73
C ASN V 81 -8.59 39.43 -6.29
N ARG V 82 -8.92 40.28 -5.32
CA ARG V 82 -8.65 39.94 -3.93
C ARG V 82 -9.43 38.70 -3.51
N LEU V 83 -10.71 38.63 -3.87
CA LEU V 83 -11.49 37.45 -3.53
C LEU V 83 -10.87 36.18 -4.11
N ALA V 84 -10.41 36.25 -5.36
CA ALA V 84 -9.77 35.10 -5.98
C ALA V 84 -8.46 34.75 -5.28
N ILE V 85 -7.72 35.75 -4.81
CA ILE V 85 -6.46 35.47 -4.11
C ILE V 85 -6.74 34.74 -2.81
N MET V 86 -7.79 35.16 -2.09
CA MET V 86 -8.17 34.47 -0.85
C MET V 86 -8.57 33.02 -1.13
N VAL V 87 -9.49 32.83 -2.07
CA VAL V 87 -9.99 31.50 -2.39
C VAL V 87 -8.85 30.59 -2.84
N ARG V 88 -7.94 31.11 -3.66
CA ARG V 88 -6.75 30.36 -4.05
C ARG V 88 -5.90 30.03 -2.83
N GLY V 89 -5.79 30.98 -1.90
CA GLY V 89 -4.99 30.75 -0.71
C GLY V 89 -5.50 29.60 0.13
N ASN V 90 -6.80 29.32 0.05
CA ASN V 90 -7.37 28.21 0.83
C ASN V 90 -7.34 26.86 0.08
N LEU V 91 -6.67 26.77 -1.07
CA LEU V 91 -6.77 25.57 -1.90
C LEU V 91 -6.22 24.34 -1.18
N ALA V 92 -5.09 24.47 -0.49
CA ALA V 92 -4.50 23.34 0.21
C ALA V 92 -5.48 22.78 1.25
N ALA V 93 -6.03 23.64 2.10
CA ALA V 93 -7.02 23.21 3.08
C ALA V 93 -8.25 22.61 2.42
N ALA V 94 -8.64 23.14 1.25
CA ALA V 94 -9.76 22.58 0.52
C ALA V 94 -9.48 21.14 0.10
N MET V 95 -8.24 20.86 -0.33
CA MET V 95 -7.88 19.49 -0.66
C MET V 95 -8.03 18.56 0.55
N GLN V 96 -7.85 19.09 1.75
CA GLN V 96 -7.99 18.31 2.98
C GLN V 96 -9.43 18.23 3.47
N GLY V 97 -10.38 18.80 2.74
CA GLY V 97 -11.79 18.69 3.07
C GLY V 97 -12.47 19.99 3.46
N LEU V 98 -11.72 21.06 3.69
CA LEU V 98 -12.30 22.33 4.14
C LEU V 98 -12.53 23.24 2.92
N LEU V 99 -13.43 22.81 2.05
CA LEU V 99 -13.69 23.47 0.79
C LEU V 99 -14.87 24.44 0.91
N ALA V 100 -14.71 25.63 0.32
CA ALA V 100 -15.78 26.62 0.31
C ALA V 100 -15.57 27.56 -0.87
N LEU V 101 -16.63 27.78 -1.66
CA LEU V 101 -16.58 28.65 -2.81
C LEU V 101 -17.53 29.84 -2.63
N PRO V 102 -17.12 31.04 -3.04
CA PRO V 102 -18.02 32.19 -2.98
C PRO V 102 -18.61 32.55 -4.33
N LEU V 103 -19.77 33.19 -4.29
CA LEU V 103 -20.41 33.80 -5.44
C LEU V 103 -20.52 35.28 -5.16
N LEU V 104 -20.04 36.10 -6.09
CA LEU V 104 -19.93 37.54 -5.89
C LEU V 104 -21.04 38.26 -6.65
N ALA V 105 -21.68 39.21 -5.98
CA ALA V 105 -22.66 40.10 -6.61
C ALA V 105 -22.32 41.53 -6.21
N GLY V 106 -22.47 42.45 -7.16
CA GLY V 106 -22.12 43.83 -6.90
C GLY V 106 -22.77 44.78 -7.89
N TYR V 107 -22.54 46.08 -7.65
CA TYR V 107 -23.01 47.15 -8.50
C TYR V 107 -21.84 48.08 -8.77
N ASP V 108 -21.37 48.12 -10.02
CA ASP V 108 -20.18 48.89 -10.39
C ASP V 108 -20.58 50.34 -10.61
N ILE V 109 -20.22 51.20 -9.63
CA ILE V 109 -20.59 52.61 -9.66
C ILE V 109 -19.80 53.34 -10.74
N HIS V 110 -18.89 52.63 -11.39
CA HIS V 110 -18.06 53.21 -12.44
C HIS V 110 -18.41 52.64 -13.82
N ALA V 111 -19.57 52.02 -13.96
CA ALA V 111 -20.02 51.52 -15.26
C ALA V 111 -20.75 52.64 -16.01
N SER V 112 -20.64 52.61 -17.34
CA SER V 112 -21.28 53.64 -18.16
C SER V 112 -22.79 53.49 -18.12
N ASP V 113 -23.29 52.29 -18.35
CA ASP V 113 -24.74 52.05 -18.38
C ASP V 113 -25.20 51.65 -16.99
N PRO V 114 -25.98 52.48 -16.29
CA PRO V 114 -26.49 52.08 -14.98
C PRO V 114 -27.54 50.98 -15.05
N GLN V 115 -28.12 50.72 -16.22
CA GLN V 115 -29.10 49.63 -16.34
C GLN V 115 -28.43 48.27 -16.22
N SER V 116 -27.18 48.14 -16.69
CA SER V 116 -26.45 46.89 -16.68
C SER V 116 -25.26 46.91 -15.73
N ALA V 117 -25.26 47.83 -14.76
CA ALA V 117 -24.15 47.95 -13.83
C ALA V 117 -24.03 46.76 -12.88
N GLY V 118 -25.06 45.92 -12.78
CA GLY V 118 -24.96 44.74 -11.95
C GLY V 118 -23.84 43.82 -12.41
N ARG V 119 -23.28 43.09 -11.45
CA ARG V 119 -22.14 42.22 -11.69
C ARG V 119 -22.28 40.95 -10.87
N ILE V 120 -22.08 39.80 -11.51
CA ILE V 120 -22.05 38.51 -10.82
C ILE V 120 -20.81 37.77 -11.29
N VAL V 121 -19.98 37.34 -10.34
CA VAL V 121 -18.73 36.64 -10.62
C VAL V 121 -18.76 35.30 -9.89
N SER V 122 -18.46 34.23 -10.60
CA SER V 122 -18.36 32.91 -10.00
C SER V 122 -16.90 32.49 -9.89
N PHE V 123 -16.60 31.70 -8.85
CA PHE V 123 -15.25 31.28 -8.52
C PHE V 123 -15.18 29.77 -8.41
N ASP V 124 -13.96 29.25 -8.41
CA ASP V 124 -13.71 27.82 -8.24
C ASP V 124 -12.63 27.62 -7.19
N ALA V 125 -12.30 26.35 -6.95
CA ALA V 125 -11.39 26.01 -5.85
C ALA V 125 -9.99 26.57 -6.07
N ALA V 126 -9.56 26.73 -7.31
CA ALA V 126 -8.22 27.21 -7.63
C ALA V 126 -8.13 28.73 -7.76
N GLY V 127 -9.21 29.45 -7.43
CA GLY V 127 -9.24 30.88 -7.57
C GLY V 127 -9.54 31.40 -8.97
N GLY V 128 -9.88 30.52 -9.91
CA GLY V 128 -10.41 30.99 -11.18
C GLY V 128 -11.75 31.68 -10.99
N TRP V 129 -12.03 32.64 -11.87
CA TRP V 129 -13.22 33.47 -11.74
C TRP V 129 -13.75 33.78 -13.13
N ASN V 130 -15.07 34.02 -13.20
CA ASN V 130 -15.68 34.43 -14.45
C ASN V 130 -16.85 35.36 -14.16
N ILE V 131 -16.85 36.50 -14.82
CA ILE V 131 -17.96 37.45 -14.73
C ILE V 131 -19.07 36.93 -15.64
N GLU V 132 -20.22 36.62 -15.04
CA GLU V 132 -21.29 35.96 -15.78
C GLU V 132 -22.04 36.95 -16.66
N GLU V 133 -22.14 36.63 -17.95
CA GLU V 133 -22.74 37.52 -18.92
C GLU V 133 -24.21 37.20 -19.21
N GLU V 134 -24.70 36.04 -18.82
CA GLU V 134 -26.04 35.61 -19.20
C GLU V 134 -27.12 35.96 -18.17
N GLY V 135 -26.77 36.63 -17.06
CA GLY V 135 -27.73 37.24 -16.17
C GLY V 135 -27.82 36.61 -14.80
N TYR V 136 -27.61 35.30 -14.69
CA TYR V 136 -27.81 34.61 -13.42
C TYR V 136 -26.68 33.63 -13.19
N GLN V 137 -26.57 33.16 -11.94
CA GLN V 137 -25.55 32.20 -11.53
C GLN V 137 -25.96 31.59 -10.20
N ALA V 138 -25.45 30.39 -9.94
CA ALA V 138 -25.70 29.68 -8.69
C ALA V 138 -24.43 28.96 -8.27
N VAL V 139 -24.35 28.67 -6.97
CA VAL V 139 -23.26 27.88 -6.41
C VAL V 139 -23.82 27.01 -5.30
N GLY V 140 -23.18 25.88 -5.06
CA GLY V 140 -23.56 24.96 -4.02
C GLY V 140 -24.07 23.64 -4.58
N SER V 141 -24.57 22.80 -3.66
CA SER V 141 -25.03 21.47 -4.03
C SER V 141 -26.32 21.50 -4.84
N GLY V 142 -27.11 22.57 -4.75
CA GLY V 142 -28.28 22.74 -5.58
C GLY V 142 -28.09 23.69 -6.73
N SER V 143 -26.85 24.06 -7.07
CA SER V 143 -26.61 25.06 -8.09
C SER V 143 -27.10 24.59 -9.46
N LEU V 144 -27.03 23.29 -9.72
CA LEU V 144 -27.50 22.77 -11.00
C LEU V 144 -29.00 23.03 -11.18
N PHE V 145 -29.80 22.61 -10.20
CA PHE V 145 -31.25 22.78 -10.30
C PHE V 145 -31.64 24.24 -10.32
N ALA V 146 -30.94 25.08 -9.56
CA ALA V 146 -31.25 26.51 -9.55
C ALA V 146 -30.94 27.15 -10.89
N LYS V 147 -29.78 26.84 -11.46
CA LYS V 147 -29.44 27.40 -12.77
C LYS V 147 -30.40 26.92 -13.85
N SER V 148 -30.85 25.66 -13.76
CA SER V 148 -31.80 25.15 -14.74
C SER V 148 -33.21 25.69 -14.54
N SER V 149 -33.56 26.12 -13.31
CA SER V 149 -34.83 26.78 -13.09
C SER V 149 -34.81 28.22 -13.59
N MET V 150 -33.72 28.94 -13.30
CA MET V 150 -33.58 30.30 -13.81
C MET V 150 -33.44 30.32 -15.32
N LYS V 151 -32.93 29.24 -15.92
CA LYS V 151 -32.85 29.17 -17.38
C LYS V 151 -34.24 29.26 -18.00
N LYS V 152 -35.27 28.81 -17.29
CA LYS V 152 -36.64 28.88 -17.77
C LYS V 152 -37.40 30.09 -17.24
N LEU V 153 -36.99 30.64 -16.10
CA LEU V 153 -37.76 31.71 -15.47
C LEU V 153 -37.17 33.10 -15.66
N TYR V 154 -35.97 33.22 -16.22
CA TYR V 154 -35.28 34.51 -16.22
C TYR V 154 -35.94 35.55 -17.12
N SER V 155 -36.68 35.12 -18.14
CA SER V 155 -37.33 36.06 -19.04
C SER V 155 -38.43 36.86 -18.37
N GLN V 156 -38.92 36.42 -17.21
CA GLN V 156 -39.92 37.16 -16.47
C GLN V 156 -39.34 38.31 -15.66
N VAL V 157 -38.02 38.41 -15.57
CA VAL V 157 -37.37 39.40 -14.71
C VAL V 157 -37.36 40.73 -15.43
N THR V 158 -38.14 41.70 -14.91
CA THR V 158 -38.17 43.04 -15.46
C THR V 158 -37.84 44.13 -14.44
N ASP V 159 -37.76 43.79 -13.16
CA ASP V 159 -37.45 44.75 -12.11
C ASP V 159 -36.99 43.97 -10.88
N GLY V 160 -36.75 44.69 -9.78
CA GLY V 160 -36.26 44.05 -8.57
C GLY V 160 -37.24 43.06 -7.97
N ASP V 161 -38.54 43.30 -8.12
CA ASP V 161 -39.53 42.43 -7.50
C ASP V 161 -39.63 41.09 -8.23
N SER V 162 -39.78 41.13 -9.56
CA SER V 162 -39.81 39.89 -10.33
C SER V 162 -38.48 39.15 -10.23
N GLY V 163 -37.37 39.88 -10.17
CA GLY V 163 -36.07 39.23 -10.01
C GLY V 163 -35.95 38.52 -8.67
N LEU V 164 -36.34 39.22 -7.59
CA LEU V 164 -36.35 38.59 -6.27
C LEU V 164 -37.20 37.33 -6.26
N ARG V 165 -38.40 37.41 -6.87
CA ARG V 165 -39.27 36.24 -6.88
C ARG V 165 -38.66 35.09 -7.68
N VAL V 166 -38.03 35.38 -8.82
CA VAL V 166 -37.40 34.33 -9.60
C VAL V 166 -36.26 33.69 -8.81
N ALA V 167 -35.52 34.49 -8.04
CA ALA V 167 -34.46 33.93 -7.20
C ALA V 167 -35.04 33.01 -6.13
N VAL V 168 -36.08 33.47 -5.44
CA VAL V 168 -36.71 32.66 -4.40
C VAL V 168 -37.24 31.35 -4.98
N GLU V 169 -37.76 31.41 -6.21
CA GLU V 169 -38.26 30.19 -6.84
C GLU V 169 -37.13 29.27 -7.25
N ALA V 170 -35.99 29.82 -7.68
CA ALA V 170 -34.83 29.00 -7.97
C ALA V 170 -34.36 28.26 -6.72
N LEU V 171 -34.29 28.97 -5.59
CA LEU V 171 -33.97 28.30 -4.33
C LEU V 171 -35.02 27.26 -3.97
N TYR V 172 -36.28 27.53 -4.29
CA TYR V 172 -37.33 26.56 -4.02
C TYR V 172 -37.12 25.28 -4.82
N ASP V 173 -36.72 25.40 -6.09
CA ASP V 173 -36.43 24.21 -6.89
C ASP V 173 -35.20 23.48 -6.36
N ALA V 174 -34.15 24.24 -6.01
CA ALA V 174 -32.93 23.62 -5.48
C ALA V 174 -33.25 22.79 -4.25
N ALA V 175 -33.91 23.39 -3.24
CA ALA V 175 -34.30 22.63 -2.07
C ALA V 175 -35.31 21.52 -2.40
N ASP V 176 -36.05 21.68 -3.51
CA ASP V 176 -36.98 20.64 -3.91
C ASP V 176 -36.25 19.38 -4.39
N ASP V 177 -35.11 19.55 -5.05
CA ASP V 177 -34.39 18.42 -5.64
C ASP V 177 -33.07 18.11 -4.95
N ASP V 178 -32.68 18.85 -3.92
CA ASP V 178 -31.42 18.62 -3.23
C ASP V 178 -31.65 18.73 -1.73
N SER V 179 -31.46 17.62 -1.02
CA SER V 179 -31.74 17.58 0.41
C SER V 179 -30.79 18.47 1.22
N ALA V 180 -29.60 18.77 0.69
CA ALA V 180 -28.64 19.63 1.38
C ALA V 180 -29.01 21.10 1.31
N THR V 181 -30.14 21.44 0.70
CA THR V 181 -30.59 22.82 0.57
C THR V 181 -31.95 22.95 1.25
N GLY V 182 -32.10 23.98 2.08
CA GLY V 182 -33.32 24.15 2.85
C GLY V 182 -34.39 24.92 2.09
N GLY V 183 -35.63 24.46 2.24
CA GLY V 183 -36.77 25.13 1.65
C GLY V 183 -37.44 26.06 2.64
N PRO V 184 -38.49 26.74 2.19
CA PRO V 184 -39.25 27.60 3.12
C PRO V 184 -39.86 26.77 4.23
N ASP V 185 -39.60 27.19 5.47
CA ASP V 185 -40.13 26.50 6.66
C ASP V 185 -41.35 27.28 7.11
N LEU V 186 -42.54 26.83 6.69
CA LEU V 186 -43.77 27.53 7.04
C LEU V 186 -44.16 27.26 8.49
N VAL V 187 -43.78 26.11 9.03
CA VAL V 187 -44.10 25.82 10.43
C VAL V 187 -43.28 26.71 11.36
N ARG V 188 -42.01 26.91 11.05
CA ARG V 188 -41.13 27.71 11.89
C ARG V 188 -41.05 29.18 11.48
N GLY V 189 -41.48 29.50 10.27
CA GLY V 189 -41.37 30.88 9.80
C GLY V 189 -39.98 31.29 9.35
N ILE V 190 -39.18 30.34 8.85
CA ILE V 190 -37.83 30.62 8.37
C ILE V 190 -37.84 30.52 6.85
N PHE V 191 -37.23 31.50 6.20
CA PHE V 191 -37.22 31.61 4.75
C PHE V 191 -35.81 31.95 4.29
N PRO V 192 -35.51 31.77 3.01
CA PRO V 192 -34.19 32.17 2.51
C PRO V 192 -33.90 33.64 2.79
N THR V 193 -32.62 33.98 2.78
CA THR V 193 -32.23 35.38 2.92
C THR V 193 -31.88 35.95 1.56
N ALA V 194 -31.95 37.27 1.46
CA ALA V 194 -31.64 37.94 0.21
C ALA V 194 -31.08 39.32 0.48
N VAL V 195 -30.05 39.68 -0.30
CA VAL V 195 -29.50 41.03 -0.35
C VAL V 195 -29.73 41.56 -1.76
N ILE V 196 -30.14 42.82 -1.86
CA ILE V 196 -30.37 43.47 -3.13
C ILE V 196 -29.46 44.69 -3.21
N ILE V 197 -28.94 44.95 -4.41
CA ILE V 197 -27.98 46.03 -4.62
C ILE V 197 -28.42 46.84 -5.83
N ASP V 198 -28.70 48.12 -5.61
CA ASP V 198 -29.01 49.07 -6.67
C ASP V 198 -28.02 50.25 -6.56
N ALA V 199 -28.29 51.30 -7.32
CA ALA V 199 -27.44 52.49 -7.26
C ALA V 199 -27.41 53.08 -5.86
N ASP V 200 -28.47 52.87 -5.08
CA ASP V 200 -28.53 53.36 -3.71
C ASP V 200 -27.82 52.46 -2.71
N GLY V 201 -27.17 51.40 -3.16
CA GLY V 201 -26.36 50.56 -2.30
C GLY V 201 -26.92 49.17 -2.14
N ALA V 202 -26.44 48.49 -1.10
CA ALA V 202 -26.81 47.12 -0.78
C ALA V 202 -27.63 47.11 0.50
N VAL V 203 -28.85 46.57 0.42
CA VAL V 203 -29.71 46.45 1.59
C VAL V 203 -30.22 45.02 1.70
N ASP V 204 -30.56 44.63 2.93
CA ASP V 204 -31.16 43.34 3.19
C ASP V 204 -32.62 43.35 2.76
N VAL V 205 -33.03 42.30 2.06
CA VAL V 205 -34.45 42.16 1.71
C VAL V 205 -35.22 41.76 2.96
N PRO V 206 -36.30 42.47 3.31
CA PRO V 206 -37.05 42.11 4.52
C PRO V 206 -37.64 40.72 4.43
N GLU V 207 -37.71 40.04 5.58
CA GLU V 207 -38.18 38.67 5.60
C GLU V 207 -39.63 38.54 5.13
N SER V 208 -40.46 39.55 5.41
CA SER V 208 -41.88 39.48 5.07
C SER V 208 -42.09 39.32 3.56
N ARG V 209 -41.29 40.03 2.76
CA ARG V 209 -41.43 39.95 1.31
C ARG V 209 -41.11 38.55 0.80
N ILE V 210 -40.01 37.96 1.30
CA ILE V 210 -39.66 36.60 0.92
C ILE V 210 -40.73 35.61 1.37
N ALA V 211 -41.35 35.87 2.51
CA ALA V 211 -42.46 35.02 2.94
C ALA V 211 -43.64 35.11 1.96
N GLU V 212 -43.99 36.33 1.56
CA GLU V 212 -45.04 36.52 0.57
C GLU V 212 -44.77 35.73 -0.70
N LEU V 213 -43.59 35.94 -1.30
CA LEU V 213 -43.26 35.25 -2.54
C LEU V 213 -43.23 33.74 -2.35
N ALA V 214 -42.73 33.28 -1.20
CA ALA V 214 -42.66 31.85 -0.94
C ALA V 214 -44.04 31.23 -0.91
N ARG V 215 -44.97 31.85 -0.17
CA ARG V 215 -46.34 31.32 -0.14
C ARG V 215 -46.99 31.39 -1.50
N ALA V 216 -46.69 32.45 -2.27
CA ALA V 216 -47.20 32.54 -3.63
C ALA V 216 -46.76 31.35 -4.47
N ILE V 217 -45.47 31.01 -4.40
CA ILE V 217 -44.96 29.89 -5.18
C ILE V 217 -45.57 28.57 -4.72
N ILE V 218 -45.66 28.38 -3.40
CA ILE V 218 -46.23 27.14 -2.86
C ILE V 218 -47.67 26.97 -3.34
N GLU V 219 -48.48 28.03 -3.21
CA GLU V 219 -49.86 27.96 -3.69
C GLU V 219 -49.91 27.70 -5.19
N SER V 220 -49.00 28.33 -5.95
CA SER V 220 -49.00 28.14 -7.40
C SER V 220 -48.68 26.69 -7.76
N ARG V 221 -47.97 25.96 -6.89
CA ARG V 221 -47.66 24.57 -7.18
C ARG V 221 -48.58 23.58 -6.47
N SER V 222 -49.43 24.04 -5.56
CA SER V 222 -50.40 23.16 -4.93
C SER V 222 -51.62 22.91 -5.80
N GLY V 223 -51.88 23.77 -6.77
CA GLY V 223 -53.07 23.67 -7.60
C GLY V 223 -54.07 24.77 -7.30
N THR W 1 -19.79 11.20 27.02
CA THR W 1 -20.02 12.53 27.56
C THR W 1 -21.26 13.18 26.93
N THR W 2 -22.05 13.89 27.74
CA THR W 2 -23.15 14.69 27.23
C THR W 2 -23.21 16.01 27.98
N ILE W 3 -23.21 17.11 27.22
CA ILE W 3 -23.34 18.46 27.75
C ILE W 3 -24.60 19.07 27.14
N VAL W 4 -25.44 19.68 27.99
CA VAL W 4 -26.68 20.29 27.54
C VAL W 4 -26.68 21.76 27.95
N ALA W 5 -27.28 22.59 27.09
CA ALA W 5 -27.50 24.00 27.38
C ALA W 5 -28.86 24.39 26.82
N LEU W 6 -29.59 25.22 27.56
CA LEU W 6 -30.89 25.67 27.06
C LEU W 6 -31.20 27.05 27.63
N LYS W 7 -31.96 27.83 26.83
CA LYS W 7 -32.37 29.17 27.19
C LYS W 7 -33.71 29.14 27.93
N TYR W 8 -33.85 30.05 28.89
CA TYR W 8 -35.13 30.33 29.53
C TYR W 8 -35.28 31.84 29.63
N PRO W 9 -36.52 32.34 29.79
CA PRO W 9 -36.71 33.79 29.90
C PRO W 9 -35.82 34.41 30.96
N GLY W 10 -34.79 35.14 30.51
CA GLY W 10 -33.89 35.85 31.40
C GLY W 10 -32.60 35.14 31.74
N GLY W 11 -32.29 34.00 31.12
CA GLY W 11 -31.05 33.33 31.43
C GLY W 11 -30.85 32.08 30.60
N VAL W 12 -29.79 31.36 30.93
CA VAL W 12 -29.41 30.13 30.25
C VAL W 12 -28.83 29.17 31.27
N VAL W 13 -29.08 27.88 31.08
CA VAL W 13 -28.56 26.85 31.97
C VAL W 13 -27.74 25.86 31.15
N MET W 14 -26.73 25.27 31.80
CA MET W 14 -25.88 24.27 31.15
C MET W 14 -25.47 23.22 32.18
N ALA W 15 -25.67 21.94 31.84
CA ALA W 15 -25.35 20.84 32.74
C ALA W 15 -24.57 19.76 32.00
N GLY W 16 -23.86 18.95 32.76
CA GLY W 16 -23.04 17.89 32.20
C GLY W 16 -22.93 16.71 33.13
N ASP W 17 -22.70 15.53 32.53
CA ASP W 17 -22.57 14.29 33.27
C ASP W 17 -21.17 14.15 33.87
N ARG W 18 -20.95 13.06 34.60
CA ARG W 18 -19.75 12.90 35.40
C ARG W 18 -18.90 11.70 34.98
N ARG W 19 -19.24 11.04 33.87
CA ARG W 19 -18.58 9.80 33.51
C ARG W 19 -17.34 10.05 32.65
N SER W 20 -16.30 9.27 32.91
CA SER W 20 -15.15 9.17 32.01
C SER W 20 -14.96 7.71 31.63
N THR W 21 -14.86 7.45 30.34
CA THR W 21 -14.65 6.12 29.82
C THR W 21 -13.33 6.05 29.07
N GLN W 22 -12.82 4.82 28.96
CA GLN W 22 -11.61 4.52 28.18
C GLN W 22 -11.91 3.21 27.45
N GLY W 23 -12.36 3.33 26.20
CA GLY W 23 -13.04 2.22 25.55
C GLY W 23 -14.32 1.91 26.27
N ASN W 24 -14.46 0.67 26.76
CA ASN W 24 -15.62 0.30 27.56
C ASN W 24 -15.38 0.47 29.06
N MET W 25 -14.12 0.55 29.48
CA MET W 25 -13.84 0.65 30.91
C MET W 25 -14.22 2.01 31.46
N ILE W 26 -14.75 2.02 32.69
CA ILE W 26 -15.15 3.25 33.35
C ILE W 26 -13.94 3.78 34.11
N SER W 27 -13.35 4.85 33.60
CA SER W 27 -12.15 5.45 34.16
C SER W 27 -12.45 6.68 35.01
N GLY W 28 -13.73 7.04 35.18
CA GLY W 28 -14.07 8.19 35.98
C GLY W 28 -15.53 8.27 36.36
N ARG W 29 -15.81 8.65 37.61
CA ARG W 29 -17.17 8.72 38.11
C ARG W 29 -17.58 10.11 38.59
N ASP W 30 -16.65 11.07 38.68
CA ASP W 30 -16.97 12.37 39.25
C ASP W 30 -16.37 13.51 38.46
N VAL W 31 -16.26 13.36 37.14
CA VAL W 31 -15.60 14.38 36.33
C VAL W 31 -16.47 15.63 36.27
N ARG W 32 -15.84 16.79 36.40
CA ARG W 32 -16.52 18.08 36.32
C ARG W 32 -16.25 18.68 34.94
N LYS W 33 -17.28 18.67 34.09
CA LYS W 33 -17.12 19.02 32.68
C LYS W 33 -17.67 20.38 32.32
N VAL W 34 -18.30 21.11 33.25
CA VAL W 34 -18.84 22.43 32.99
C VAL W 34 -18.09 23.43 33.86
N TYR W 35 -17.48 24.42 33.22
CA TYR W 35 -16.64 25.41 33.89
C TYR W 35 -17.25 26.79 33.74
N ILE W 36 -17.24 27.56 34.82
CA ILE W 36 -17.52 28.99 34.74
C ILE W 36 -16.26 29.64 34.18
N THR W 37 -16.35 30.19 32.97
CA THR W 37 -15.20 30.79 32.33
C THR W 37 -15.11 32.31 32.52
N ASP W 38 -16.23 32.98 32.78
CA ASP W 38 -16.18 34.32 33.38
C ASP W 38 -17.53 34.60 34.03
N ASP W 39 -17.64 35.78 34.64
CA ASP W 39 -18.80 36.13 35.46
C ASP W 39 -20.13 35.96 34.72
N TYR W 40 -20.11 35.96 33.38
CA TYR W 40 -21.34 35.78 32.62
C TYR W 40 -21.24 34.69 31.56
N THR W 41 -20.21 33.84 31.61
CA THR W 41 -20.00 32.85 30.56
C THR W 41 -19.53 31.54 31.18
N ALA W 42 -20.09 30.44 30.68
CA ALA W 42 -19.77 29.09 31.11
C ALA W 42 -19.57 28.19 29.90
N THR W 43 -18.50 27.40 29.92
CA THR W 43 -18.14 26.51 28.83
C THR W 43 -18.19 25.06 29.33
N GLY W 44 -18.88 24.21 28.59
CA GLY W 44 -18.89 22.78 28.86
C GLY W 44 -18.35 22.03 27.66
N ILE W 45 -17.49 21.05 27.91
CA ILE W 45 -16.72 20.43 26.84
C ILE W 45 -17.01 18.93 26.77
N ALA W 46 -16.84 18.37 25.58
CA ALA W 46 -16.91 16.93 25.36
C ALA W 46 -15.69 16.48 24.56
N GLY W 47 -15.13 15.33 24.92
CA GLY W 47 -13.99 14.80 24.21
C GLY W 47 -12.81 14.45 25.08
N THR W 48 -11.60 14.53 24.51
CA THR W 48 -10.39 14.13 25.24
C THR W 48 -10.16 15.02 26.44
N ALA W 49 -10.00 14.41 27.61
CA ALA W 49 -9.94 15.15 28.87
C ALA W 49 -8.83 16.20 28.86
N ALA W 50 -7.67 15.84 28.33
CA ALA W 50 -6.55 16.78 28.31
C ALA W 50 -6.89 18.04 27.51
N VAL W 51 -7.44 17.85 26.30
CA VAL W 51 -7.80 18.99 25.47
C VAL W 51 -8.95 19.78 26.08
N ALA W 52 -9.85 19.11 26.79
CA ALA W 52 -10.97 19.80 27.43
C ALA W 52 -10.46 20.70 28.56
N VAL W 53 -9.57 20.18 29.41
CA VAL W 53 -9.05 21.00 30.50
C VAL W 53 -8.21 22.15 29.96
N GLU W 54 -7.36 21.87 28.96
CA GLU W 54 -6.58 22.96 28.37
C GLU W 54 -7.48 24.02 27.77
N PHE W 55 -8.59 23.61 27.15
CA PHE W 55 -9.53 24.57 26.59
C PHE W 55 -10.15 25.44 27.67
N ALA W 56 -10.65 24.82 28.73
CA ALA W 56 -11.31 25.59 29.79
C ALA W 56 -10.34 26.58 30.43
N ARG W 57 -9.19 26.10 30.88
CA ARG W 57 -8.24 26.96 31.58
C ARG W 57 -7.72 28.07 30.66
N LEU W 58 -7.29 27.70 29.45
CA LEU W 58 -6.74 28.70 28.55
C LEU W 58 -7.79 29.72 28.15
N TYR W 59 -9.05 29.30 28.03
CA TYR W 59 -10.11 30.21 27.63
C TYR W 59 -10.42 31.20 28.74
N ALA W 60 -10.57 30.73 29.97
CA ALA W 60 -10.83 31.64 31.09
C ALA W 60 -9.67 32.60 31.28
N VAL W 61 -8.44 32.09 31.25
CA VAL W 61 -7.25 32.93 31.37
C VAL W 61 -7.23 33.97 30.25
N GLU W 62 -7.64 33.59 29.05
CA GLU W 62 -7.64 34.54 27.93
C GLU W 62 -8.65 35.66 28.17
N LEU W 63 -9.89 35.31 28.52
CA LEU W 63 -10.92 36.33 28.72
C LEU W 63 -10.51 37.31 29.83
N GLU W 64 -10.15 36.78 31.01
CA GLU W 64 -9.75 37.66 32.09
C GLU W 64 -8.49 38.44 31.75
N HIS W 65 -7.63 37.87 30.91
CA HIS W 65 -6.46 38.59 30.42
C HIS W 65 -6.88 39.81 29.62
N TYR W 66 -7.84 39.65 28.70
CA TYR W 66 -8.30 40.79 27.92
C TYR W 66 -8.91 41.86 28.82
N GLU W 67 -9.80 41.47 29.74
CA GLU W 67 -10.45 42.51 30.53
C GLU W 67 -9.50 43.16 31.53
N LYS W 68 -8.44 42.47 31.95
CA LYS W 68 -7.44 43.12 32.78
C LYS W 68 -6.55 44.05 31.97
N LEU W 69 -6.28 43.71 30.72
CA LEU W 69 -5.45 44.58 29.89
C LEU W 69 -6.21 45.83 29.46
N GLU W 70 -7.51 45.70 29.19
CA GLU W 70 -8.29 46.77 28.58
C GLU W 70 -9.36 47.36 29.50
N GLY W 71 -9.45 46.88 30.75
CA GLY W 71 -10.41 47.44 31.68
C GLY W 71 -11.87 47.25 31.32
N VAL W 72 -12.17 46.39 30.35
CA VAL W 72 -13.55 46.13 29.94
C VAL W 72 -13.59 44.73 29.34
N PRO W 73 -14.56 43.90 29.73
CA PRO W 73 -14.64 42.55 29.16
C PRO W 73 -14.90 42.58 27.66
N LEU W 74 -14.57 41.46 27.01
CA LEU W 74 -14.89 41.31 25.60
C LEU W 74 -16.40 41.33 25.39
N THR W 75 -16.81 41.82 24.22
CA THR W 75 -18.17 41.55 23.78
C THR W 75 -18.37 40.05 23.62
N PHE W 76 -19.63 39.62 23.64
CA PHE W 76 -19.90 38.19 23.52
C PHE W 76 -19.47 37.66 22.16
N ALA W 77 -19.65 38.47 21.11
CA ALA W 77 -19.16 38.07 19.79
C ALA W 77 -17.66 37.82 19.82
N GLY W 78 -16.90 38.70 20.49
CA GLY W 78 -15.47 38.49 20.61
C GLY W 78 -15.14 37.20 21.33
N LYS W 79 -15.89 36.89 22.38
CA LYS W 79 -15.66 35.64 23.10
C LYS W 79 -15.89 34.44 22.19
N ILE W 80 -17.00 34.45 21.45
CA ILE W 80 -17.24 33.42 20.44
C ILE W 80 -16.05 33.30 19.50
N ASN W 81 -15.53 34.44 19.05
CA ASN W 81 -14.45 34.43 18.07
C ASN W 81 -13.19 33.79 18.64
N ARG W 82 -12.78 34.21 19.85
CA ARG W 82 -11.59 33.63 20.45
C ARG W 82 -11.75 32.14 20.69
N LEU W 83 -12.91 31.72 21.20
CA LEU W 83 -13.14 30.30 21.40
C LEU W 83 -13.04 29.53 20.09
N ALA W 84 -13.62 30.07 19.02
CA ALA W 84 -13.56 29.42 17.72
C ALA W 84 -12.12 29.31 17.22
N ILE W 85 -11.32 30.36 17.41
CA ILE W 85 -9.91 30.31 17.03
C ILE W 85 -9.19 29.21 17.81
N MET W 86 -9.44 29.13 19.11
CA MET W 86 -8.78 28.11 19.93
C MET W 86 -9.17 26.71 19.47
N VAL W 87 -10.44 26.50 19.16
CA VAL W 87 -10.89 25.18 18.67
C VAL W 87 -10.25 24.87 17.33
N ARG W 88 -10.15 25.87 16.46
CA ARG W 88 -9.57 25.65 15.13
C ARG W 88 -8.09 25.29 15.24
N GLY W 89 -7.37 25.91 16.18
CA GLY W 89 -5.95 25.62 16.32
C GLY W 89 -5.64 24.18 16.69
N ASN W 90 -6.62 23.45 17.20
CA ASN W 90 -6.44 22.07 17.64
C ASN W 90 -6.78 21.05 16.56
N LEU W 91 -7.06 21.49 15.33
CA LEU W 91 -7.61 20.59 14.32
C LEU W 91 -6.64 19.47 13.96
N ALA W 92 -5.35 19.79 13.85
CA ALA W 92 -4.36 18.76 13.55
C ALA W 92 -4.37 17.67 14.61
N ALA W 93 -4.28 18.07 15.88
CA ALA W 93 -4.32 17.10 16.97
C ALA W 93 -5.64 16.34 17.01
N ALA W 94 -6.73 17.00 16.61
CA ALA W 94 -8.03 16.35 16.62
C ALA W 94 -8.12 15.25 15.56
N MET W 95 -7.51 15.48 14.39
CA MET W 95 -7.49 14.45 13.36
C MET W 95 -6.68 13.23 13.80
N GLN W 96 -5.76 13.39 14.74
CA GLN W 96 -4.97 12.29 15.26
C GLN W 96 -5.56 11.66 16.52
N GLY W 97 -6.77 12.05 16.90
CA GLY W 97 -7.50 11.43 18.00
C GLY W 97 -7.80 12.35 19.16
N LEU W 98 -7.05 13.43 19.33
CA LEU W 98 -7.24 14.35 20.46
C LEU W 98 -8.30 15.39 20.11
N LEU W 99 -9.53 14.92 19.95
CA LEU W 99 -10.65 15.76 19.54
C LEU W 99 -11.48 16.17 20.75
N ALA W 100 -11.83 17.45 20.82
CA ALA W 100 -12.72 17.95 21.87
C ALA W 100 -13.54 19.10 21.29
N LEU W 101 -14.86 19.05 21.50
CA LEU W 101 -15.75 20.11 21.07
C LEU W 101 -16.36 20.80 22.28
N PRO W 102 -16.36 22.12 22.31
CA PRO W 102 -16.97 22.84 23.43
C PRO W 102 -18.40 23.29 23.12
N LEU W 103 -19.07 23.78 24.16
CA LEU W 103 -20.42 24.31 24.09
C LEU W 103 -20.45 25.51 25.01
N LEU W 104 -20.98 26.62 24.49
CA LEU W 104 -20.88 27.92 25.13
C LEU W 104 -22.26 28.39 25.58
N ALA W 105 -22.35 28.78 26.85
CA ALA W 105 -23.56 29.39 27.38
C ALA W 105 -23.20 30.73 28.01
N GLY W 106 -24.03 31.74 27.80
CA GLY W 106 -23.70 33.05 28.35
C GLY W 106 -24.90 33.96 28.47
N TYR W 107 -24.71 35.05 29.19
CA TYR W 107 -25.70 36.11 29.34
C TYR W 107 -25.07 37.41 28.86
N ASP W 108 -25.51 37.89 27.71
CA ASP W 108 -24.97 39.12 27.13
C ASP W 108 -25.55 40.31 27.87
N ILE W 109 -24.73 40.93 28.73
CA ILE W 109 -25.20 42.10 29.47
C ILE W 109 -25.44 43.28 28.55
N HIS W 110 -24.79 43.32 27.39
CA HIS W 110 -24.98 44.38 26.41
C HIS W 110 -26.12 44.08 25.43
N ALA W 111 -27.00 43.14 25.77
CA ALA W 111 -28.10 42.81 24.89
C ALA W 111 -29.24 43.79 25.07
N SER W 112 -29.96 44.05 23.97
CA SER W 112 -31.07 45.00 24.00
C SER W 112 -32.16 44.53 24.96
N ASP W 113 -32.70 43.34 24.74
CA ASP W 113 -33.76 42.80 25.57
C ASP W 113 -33.17 41.84 26.60
N PRO W 114 -33.14 42.19 27.88
CA PRO W 114 -32.55 41.29 28.88
C PRO W 114 -33.32 39.99 29.07
N GLN W 115 -34.59 39.92 28.67
CA GLN W 115 -35.34 38.67 28.82
C GLN W 115 -34.83 37.60 27.87
N SER W 116 -34.34 37.98 26.69
CA SER W 116 -33.80 37.05 25.72
C SER W 116 -32.30 37.20 25.53
N ALA W 117 -31.61 37.79 26.51
CA ALA W 117 -30.17 37.95 26.43
C ALA W 117 -29.41 36.64 26.53
N GLY W 118 -30.08 35.54 26.86
CA GLY W 118 -29.39 34.27 26.96
C GLY W 118 -28.84 33.82 25.61
N ARG W 119 -27.67 33.19 25.65
CA ARG W 119 -26.95 32.83 24.44
C ARG W 119 -26.38 31.43 24.54
N ILE W 120 -26.51 30.67 23.45
CA ILE W 120 -25.95 29.33 23.31
C ILE W 120 -25.20 29.26 21.99
N VAL W 121 -23.94 28.87 22.04
CA VAL W 121 -23.10 28.74 20.85
C VAL W 121 -22.56 27.32 20.79
N SER W 122 -22.68 26.70 19.62
CA SER W 122 -22.08 25.40 19.38
C SER W 122 -20.93 25.55 18.38
N PHE W 123 -20.02 24.57 18.41
CA PHE W 123 -18.80 24.62 17.62
C PHE W 123 -18.54 23.26 16.99
N ASP W 124 -17.74 23.26 15.93
CA ASP W 124 -17.25 22.04 15.32
C ASP W 124 -15.72 22.06 15.28
N ALA W 125 -15.14 20.92 14.89
CA ALA W 125 -13.69 20.77 14.92
C ALA W 125 -12.97 21.76 14.02
N ALA W 126 -13.66 22.33 13.03
CA ALA W 126 -13.05 23.25 12.10
C ALA W 126 -13.04 24.69 12.60
N GLY W 127 -13.49 24.94 13.82
CA GLY W 127 -13.69 26.29 14.30
C GLY W 127 -15.01 26.91 13.90
N GLY W 128 -15.76 26.27 13.01
CA GLY W 128 -17.08 26.79 12.67
C GLY W 128 -17.98 26.84 13.89
N TRP W 129 -18.70 27.94 14.01
CA TRP W 129 -19.53 28.19 15.18
C TRP W 129 -20.93 28.60 14.73
N ASN W 130 -21.90 28.35 15.60
CA ASN W 130 -23.28 28.74 15.33
C ASN W 130 -23.93 29.19 16.62
N ILE W 131 -24.50 30.40 16.59
CA ILE W 131 -25.34 30.89 17.68
C ILE W 131 -26.70 30.21 17.53
N GLU W 132 -27.08 29.40 18.52
CA GLU W 132 -28.33 28.66 18.44
C GLU W 132 -29.50 29.59 18.70
N GLU W 133 -30.48 29.58 17.79
CA GLU W 133 -31.66 30.42 17.90
C GLU W 133 -32.93 29.58 18.01
N GLU W 134 -32.82 28.34 18.47
CA GLU W 134 -33.98 27.50 18.71
C GLU W 134 -34.08 27.02 20.15
N GLY W 135 -33.31 27.60 21.07
CA GLY W 135 -33.56 27.41 22.49
C GLY W 135 -32.62 26.50 23.25
N TYR W 136 -32.20 25.39 22.65
CA TYR W 136 -31.39 24.39 23.34
C TYR W 136 -30.34 23.84 22.40
N GLN W 137 -29.40 23.10 22.99
CA GLN W 137 -28.27 22.51 22.26
C GLN W 137 -27.60 21.52 23.18
N ALA W 138 -26.83 20.61 22.59
CA ALA W 138 -26.10 19.60 23.35
C ALA W 138 -24.93 19.11 22.52
N VAL W 139 -23.81 18.83 23.19
CA VAL W 139 -22.63 18.27 22.54
C VAL W 139 -22.24 16.99 23.26
N GLY W 140 -21.67 16.06 22.51
CA GLY W 140 -21.15 14.83 23.07
C GLY W 140 -21.76 13.60 22.42
N SER W 141 -21.37 12.44 22.95
CA SER W 141 -21.79 11.17 22.36
C SER W 141 -23.28 10.92 22.56
N GLY W 142 -23.87 11.45 23.62
CA GLY W 142 -25.31 11.31 23.83
C GLY W 142 -26.08 12.56 23.45
N SER W 143 -25.46 13.42 22.62
CA SER W 143 -26.08 14.71 22.33
C SER W 143 -27.32 14.59 21.47
N LEU W 144 -27.42 13.53 20.65
CA LEU W 144 -28.62 13.35 19.83
C LEU W 144 -29.81 12.96 20.69
N PHE W 145 -29.61 12.00 21.60
CA PHE W 145 -30.67 11.65 22.53
C PHE W 145 -31.10 12.85 23.38
N ALA W 146 -30.13 13.67 23.79
CA ALA W 146 -30.44 14.83 24.61
C ALA W 146 -31.24 15.87 23.83
N LYS W 147 -30.79 16.20 22.62
CA LYS W 147 -31.52 17.16 21.79
C LYS W 147 -32.93 16.65 21.48
N SER W 148 -33.08 15.35 21.25
CA SER W 148 -34.38 14.81 20.91
C SER W 148 -35.30 14.75 22.13
N SER W 149 -34.73 14.62 23.33
CA SER W 149 -35.53 14.73 24.54
C SER W 149 -35.98 16.18 24.77
N MET W 150 -35.05 17.13 24.60
CA MET W 150 -35.40 18.52 24.79
C MET W 150 -36.39 19.00 23.74
N LYS W 151 -36.41 18.36 22.57
CA LYS W 151 -37.40 18.72 21.56
C LYS W 151 -38.82 18.50 22.07
N LYS W 152 -39.02 17.47 22.88
CA LYS W 152 -40.34 17.20 23.46
C LYS W 152 -40.55 17.92 24.78
N LEU W 153 -39.48 18.22 25.52
CA LEU W 153 -39.63 18.81 26.85
C LEU W 153 -39.51 20.32 26.88
N TYR W 154 -39.19 20.97 25.76
CA TYR W 154 -38.82 22.39 25.82
C TYR W 154 -40.03 23.29 26.09
N SER W 155 -41.21 22.90 25.62
CA SER W 155 -42.41 23.71 25.86
C SER W 155 -42.73 23.85 27.34
N GLN W 156 -42.10 23.07 28.22
CA GLN W 156 -42.29 23.17 29.66
C GLN W 156 -41.41 24.23 30.30
N VAL W 157 -40.44 24.78 29.57
CA VAL W 157 -39.50 25.73 30.15
C VAL W 157 -40.15 27.10 30.22
N THR W 158 -40.35 27.60 31.44
CA THR W 158 -40.90 28.92 31.66
C THR W 158 -40.07 29.79 32.60
N ASP W 159 -39.03 29.25 33.22
CA ASP W 159 -38.14 30.01 34.09
C ASP W 159 -36.88 29.18 34.30
N GLY W 160 -36.11 29.52 35.34
CA GLY W 160 -34.88 28.79 35.62
C GLY W 160 -35.13 27.41 36.17
N ASP W 161 -36.15 27.26 37.01
CA ASP W 161 -36.45 25.96 37.61
C ASP W 161 -36.81 24.93 36.56
N SER W 162 -37.77 25.25 35.69
CA SER W 162 -38.16 24.32 34.64
C SER W 162 -37.02 24.10 33.65
N GLY W 163 -36.18 25.11 33.44
CA GLY W 163 -35.04 24.93 32.55
C GLY W 163 -34.03 23.92 33.09
N LEU W 164 -33.68 24.06 34.37
CA LEU W 164 -32.78 23.09 35.00
C LEU W 164 -33.42 21.70 35.02
N ARG W 165 -34.72 21.62 35.30
CA ARG W 165 -35.43 20.35 35.28
C ARG W 165 -35.29 19.67 33.93
N VAL W 166 -35.64 20.38 32.86
CA VAL W 166 -35.55 19.83 31.51
C VAL W 166 -34.12 19.43 31.18
N ALA W 167 -33.15 20.25 31.60
CA ALA W 167 -31.75 19.92 31.34
C ALA W 167 -31.36 18.59 31.97
N VAL W 168 -31.64 18.43 33.27
CA VAL W 168 -31.28 17.20 33.96
C VAL W 168 -32.04 16.01 33.40
N GLU W 169 -33.27 16.21 32.93
CA GLU W 169 -33.98 15.09 32.30
C GLU W 169 -33.37 14.73 30.95
N ALA W 170 -32.88 15.72 30.20
CA ALA W 170 -32.20 15.42 28.93
C ALA W 170 -30.92 14.65 29.18
N LEU W 171 -30.15 15.04 30.20
CA LEU W 171 -28.99 14.24 30.58
C LEU W 171 -29.41 12.84 31.00
N TYR W 172 -30.57 12.72 31.66
CA TYR W 172 -31.05 11.39 32.06
C TYR W 172 -31.33 10.52 30.84
N ASP W 173 -31.96 11.08 29.81
CA ASP W 173 -32.18 10.31 28.59
C ASP W 173 -30.86 9.99 27.89
N ALA W 174 -29.93 10.94 27.91
CA ALA W 174 -28.61 10.72 27.33
C ALA W 174 -27.93 9.50 27.95
N ALA W 175 -27.86 9.46 29.28
CA ALA W 175 -27.30 8.29 29.94
C ALA W 175 -28.17 7.05 29.78
N ASP W 176 -29.47 7.25 29.53
CA ASP W 176 -30.37 6.11 29.31
C ASP W 176 -30.04 5.39 28.01
N ASP W 177 -29.62 6.12 26.98
CA ASP W 177 -29.35 5.50 25.69
C ASP W 177 -27.88 5.48 25.28
N ASP W 178 -27.00 6.12 26.04
CA ASP W 178 -25.58 6.19 25.69
C ASP W 178 -24.75 5.70 26.88
N SER W 179 -24.05 4.58 26.69
CA SER W 179 -23.24 4.01 27.76
C SER W 179 -22.04 4.87 28.12
N ALA W 180 -21.64 5.79 27.23
CA ALA W 180 -20.53 6.69 27.51
C ALA W 180 -20.95 7.91 28.32
N THR W 181 -22.24 8.07 28.59
CA THR W 181 -22.78 9.16 29.39
C THR W 181 -23.26 8.60 30.72
N GLY W 182 -22.90 9.27 31.82
CA GLY W 182 -23.17 8.75 33.15
C GLY W 182 -24.43 9.34 33.74
N GLY W 183 -25.29 8.46 34.24
CA GLY W 183 -26.52 8.86 34.90
C GLY W 183 -26.30 9.09 36.39
N PRO W 184 -27.37 9.44 37.11
CA PRO W 184 -27.24 9.67 38.54
C PRO W 184 -26.83 8.40 39.27
N ASP W 185 -25.84 8.53 40.16
CA ASP W 185 -25.36 7.41 40.96
C ASP W 185 -25.96 7.56 42.36
N LEU W 186 -27.11 6.94 42.56
CA LEU W 186 -27.80 7.03 43.85
C LEU W 186 -27.09 6.29 44.97
N VAL W 187 -26.12 5.43 44.65
CA VAL W 187 -25.35 4.74 45.68
C VAL W 187 -24.17 5.58 46.15
N ARG W 188 -23.39 6.11 45.21
CA ARG W 188 -22.28 6.99 45.57
C ARG W 188 -22.70 8.43 45.81
N GLY W 189 -23.91 8.80 45.41
CA GLY W 189 -24.36 10.17 45.58
C GLY W 189 -23.74 11.15 44.61
N ILE W 190 -23.53 10.73 43.37
CA ILE W 190 -22.91 11.57 42.35
C ILE W 190 -23.96 11.89 41.29
N PHE W 191 -24.11 13.17 40.99
CA PHE W 191 -25.11 13.68 40.06
C PHE W 191 -24.43 14.62 39.08
N PRO W 192 -25.08 14.92 37.95
CA PRO W 192 -24.50 15.89 37.01
C PRO W 192 -24.29 17.26 37.64
N THR W 193 -23.39 18.04 37.03
CA THR W 193 -23.14 19.39 37.48
C THR W 193 -23.87 20.37 36.58
N ALA W 194 -24.18 21.55 37.13
CA ALA W 194 -24.95 22.53 36.39
C ALA W 194 -24.48 23.93 36.76
N VAL W 195 -24.58 24.83 35.78
CA VAL W 195 -24.29 26.24 35.93
C VAL W 195 -25.47 27.00 35.35
N ILE W 196 -25.95 28.00 36.09
CA ILE W 196 -27.06 28.84 35.63
C ILE W 196 -26.54 30.27 35.52
N ILE W 197 -27.00 31.00 34.51
CA ILE W 197 -26.53 32.35 34.23
C ILE W 197 -27.74 33.24 33.97
N ASP W 198 -27.80 34.37 34.66
CA ASP W 198 -28.79 35.40 34.38
C ASP W 198 -28.10 36.76 34.53
N ALA W 199 -28.90 37.82 34.71
CA ALA W 199 -28.34 39.16 34.80
C ALA W 199 -27.52 39.38 36.07
N ASP W 200 -27.69 38.52 37.08
CA ASP W 200 -26.82 38.58 38.25
C ASP W 200 -25.51 37.85 38.07
N GLY W 201 -25.36 37.07 36.99
CA GLY W 201 -24.13 36.37 36.74
C GLY W 201 -24.28 34.88 36.57
N ALA W 202 -23.17 34.15 36.74
CA ALA W 202 -23.12 32.70 36.55
C ALA W 202 -22.77 32.04 37.87
N VAL W 203 -23.57 31.06 38.29
CA VAL W 203 -23.36 30.37 39.54
C VAL W 203 -23.49 28.86 39.34
N ASP W 204 -22.71 28.13 40.13
CA ASP W 204 -22.79 26.66 40.16
C ASP W 204 -24.04 26.25 40.91
N VAL W 205 -24.87 25.42 40.27
CA VAL W 205 -26.07 24.90 40.94
C VAL W 205 -25.63 23.93 42.04
N PRO W 206 -26.15 24.07 43.27
CA PRO W 206 -25.73 23.17 44.35
C PRO W 206 -26.13 21.73 44.06
N GLU W 207 -25.32 20.81 44.58
CA GLU W 207 -25.50 19.39 44.31
C GLU W 207 -26.90 18.92 44.70
N SER W 208 -27.36 19.32 45.87
CA SER W 208 -28.61 18.80 46.41
C SER W 208 -29.81 19.12 45.52
N ARG W 209 -29.77 20.25 44.82
CA ARG W 209 -30.87 20.62 43.93
C ARG W 209 -30.96 19.66 42.75
N ILE W 210 -29.82 19.41 42.09
CA ILE W 210 -29.77 18.46 40.99
C ILE W 210 -30.11 17.06 41.46
N ALA W 211 -29.74 16.71 42.70
CA ALA W 211 -30.15 15.44 43.27
C ALA W 211 -31.66 15.35 43.43
N GLU W 212 -32.28 16.43 43.92
CA GLU W 212 -33.74 16.48 44.03
C GLU W 212 -34.38 16.23 42.67
N LEU W 213 -33.95 16.98 41.65
CA LEU W 213 -34.52 16.78 40.32
C LEU W 213 -34.32 15.36 39.83
N ALA W 214 -33.13 14.80 40.05
CA ALA W 214 -32.84 13.43 39.60
C ALA W 214 -33.77 12.42 40.27
N ARG W 215 -33.95 12.54 41.58
CA ARG W 215 -34.87 11.63 42.29
C ARG W 215 -36.28 11.76 41.76
N ALA W 216 -36.76 12.99 41.55
CA ALA W 216 -38.09 13.18 40.99
C ALA W 216 -38.22 12.50 39.64
N ILE W 217 -37.18 12.62 38.79
CA ILE W 217 -37.22 12.01 37.47
C ILE W 217 -37.25 10.49 37.58
N ILE W 218 -36.41 9.93 38.44
CA ILE W 218 -36.34 8.47 38.59
C ILE W 218 -37.68 7.92 39.05
N GLU W 219 -38.24 8.50 40.13
CA GLU W 219 -39.52 8.01 40.61
C GLU W 219 -40.63 8.25 39.60
N SER W 220 -40.48 9.27 38.73
CA SER W 220 -41.45 9.45 37.66
C SER W 220 -41.34 8.34 36.62
N ARG W 221 -40.12 7.90 36.32
CA ARG W 221 -39.91 6.82 35.36
C ARG W 221 -40.25 5.45 35.94
N SER W 222 -40.29 5.32 37.27
CA SER W 222 -40.61 4.04 37.89
C SER W 222 -42.12 3.80 37.98
N GLY W 223 -42.93 4.85 37.87
CA GLY W 223 -44.37 4.70 37.96
C GLY W 223 -45.07 4.89 36.62
N THR X 1 4.21 -4.59 35.26
CA THR X 1 4.39 -3.51 36.22
C THR X 1 3.07 -3.19 36.91
N THR X 2 3.13 -2.83 38.19
CA THR X 2 1.95 -2.39 38.91
C THR X 2 2.37 -1.46 40.04
N ILE X 3 1.90 -0.22 39.99
CA ILE X 3 2.05 0.74 41.07
C ILE X 3 0.69 0.93 41.72
N VAL X 4 0.65 0.93 43.05
CA VAL X 4 -0.58 1.14 43.80
C VAL X 4 -0.39 2.31 44.74
N ALA X 5 -1.50 3.00 45.03
CA ALA X 5 -1.51 4.06 46.02
C ALA X 5 -2.89 4.09 46.68
N LEU X 6 -2.89 4.32 48.00
CA LEU X 6 -4.15 4.41 48.71
C LEU X 6 -4.01 5.39 49.88
N LYS X 7 -5.14 6.01 50.24
CA LYS X 7 -5.20 6.99 51.31
C LYS X 7 -5.58 6.32 52.62
N TYR X 8 -4.94 6.73 53.70
CA TYR X 8 -5.29 6.29 55.04
C TYR X 8 -5.47 7.51 55.93
N PRO X 9 -6.18 7.37 57.05
CA PRO X 9 -6.40 8.53 57.94
C PRO X 9 -5.09 9.19 58.36
N GLY X 10 -4.81 10.34 57.75
CA GLY X 10 -3.63 11.12 58.07
C GLY X 10 -2.51 11.06 57.06
N GLY X 11 -2.66 10.32 55.97
CA GLY X 11 -1.59 10.25 54.99
C GLY X 11 -1.96 9.38 53.81
N VAL X 12 -0.93 9.02 53.04
CA VAL X 12 -1.12 8.23 51.83
C VAL X 12 0.10 7.32 51.67
N VAL X 13 -0.11 6.18 51.01
CA VAL X 13 0.96 5.20 50.81
C VAL X 13 0.96 4.74 49.36
N MET X 14 2.16 4.48 48.84
CA MET X 14 2.36 4.01 47.47
C MET X 14 3.38 2.87 47.46
N ALA X 15 3.15 1.87 46.61
CA ALA X 15 4.05 0.73 46.54
C ALA X 15 4.12 0.21 45.12
N GLY X 16 5.28 -0.33 44.75
CA GLY X 16 5.48 -0.86 43.41
C GLY X 16 6.27 -2.16 43.46
N ASP X 17 6.09 -2.96 42.41
CA ASP X 17 6.76 -4.23 42.27
C ASP X 17 8.18 -4.04 41.72
N ARG X 18 8.91 -5.14 41.55
CA ARG X 18 10.32 -5.09 41.23
C ARG X 18 10.66 -5.64 39.84
N ARG X 19 9.65 -6.01 39.05
CA ARG X 19 9.90 -6.78 37.84
C ARG X 19 10.14 -5.89 36.62
N SER X 20 11.07 -6.31 35.78
CA SER X 20 11.22 -5.79 34.43
C SER X 20 11.22 -6.97 33.46
N THR X 21 10.42 -6.87 32.40
CA THR X 21 10.43 -7.89 31.36
C THR X 21 10.76 -7.25 30.01
N GLN X 22 10.90 -8.11 29.00
CA GLN X 22 11.08 -7.68 27.62
C GLN X 22 10.47 -8.78 26.75
N GLY X 23 9.20 -8.56 26.35
CA GLY X 23 8.41 -9.64 25.82
C GLY X 23 8.04 -10.63 26.90
N ASN X 24 8.59 -11.84 26.83
CA ASN X 24 8.37 -12.85 27.87
C ASN X 24 9.54 -12.99 28.82
N MET X 25 10.74 -12.58 28.42
CA MET X 25 11.93 -12.82 29.23
C MET X 25 11.96 -11.91 30.46
N ILE X 26 12.41 -12.45 31.58
CA ILE X 26 12.64 -11.67 32.79
C ILE X 26 13.96 -10.92 32.63
N SER X 27 13.88 -9.58 32.60
CA SER X 27 15.08 -8.77 32.47
C SER X 27 15.38 -7.94 33.71
N GLY X 28 14.60 -8.11 34.78
CA GLY X 28 14.83 -7.36 36.00
C GLY X 28 14.08 -7.89 37.20
N ARG X 29 14.78 -8.03 38.32
CA ARG X 29 14.19 -8.52 39.56
C ARG X 29 14.24 -7.50 40.69
N ASP X 30 14.87 -6.35 40.47
CA ASP X 30 15.16 -5.41 41.56
C ASP X 30 14.83 -3.98 41.18
N VAL X 31 13.97 -3.78 40.18
CA VAL X 31 13.71 -2.43 39.67
C VAL X 31 12.95 -1.63 40.71
N ARG X 32 13.48 -0.44 41.03
CA ARG X 32 12.87 0.45 42.01
C ARG X 32 12.09 1.52 41.25
N LYS X 33 10.76 1.49 41.40
CA LYS X 33 9.88 2.30 40.57
C LYS X 33 9.17 3.42 41.33
N VAL X 34 9.14 3.37 42.65
CA VAL X 34 8.52 4.42 43.45
C VAL X 34 9.61 5.39 43.91
N TYR X 35 9.48 6.65 43.50
CA TYR X 35 10.48 7.66 43.79
C TYR X 35 9.93 8.70 44.77
N ILE X 36 10.79 9.16 45.67
CA ILE X 36 10.48 10.28 46.55
C ILE X 36 10.83 11.54 45.76
N THR X 37 9.83 12.15 45.12
CA THR X 37 10.09 13.27 44.23
C THR X 37 10.24 14.59 44.97
N ASP X 38 9.59 14.75 46.13
CA ASP X 38 9.94 15.83 47.03
C ASP X 38 9.44 15.49 48.43
N ASP X 39 9.66 16.43 49.37
CA ASP X 39 9.41 16.16 50.78
C ASP X 39 8.01 15.65 51.06
N TYR X 40 7.04 16.00 50.21
CA TYR X 40 5.67 15.55 50.42
C TYR X 40 5.09 14.93 49.15
N THR X 41 5.92 14.45 48.23
CA THR X 41 5.43 13.92 46.97
C THR X 41 6.23 12.70 46.55
N ALA X 42 5.51 11.64 46.18
CA ALA X 42 6.07 10.40 45.68
C ALA X 42 5.41 10.03 44.35
N THR X 43 6.23 9.59 43.39
CA THR X 43 5.78 9.26 42.05
C THR X 43 6.13 7.82 41.72
N GLY X 44 5.14 7.05 41.28
CA GLY X 44 5.36 5.70 40.77
C GLY X 44 5.10 5.70 39.28
N ILE X 45 5.87 4.91 38.54
CA ILE X 45 5.77 4.95 37.08
C ILE X 45 5.63 3.53 36.53
N ALA X 46 4.92 3.41 35.41
CA ALA X 46 4.82 2.14 34.70
C ALA X 46 5.04 2.38 33.21
N GLY X 47 5.80 1.50 32.57
CA GLY X 47 6.09 1.67 31.16
C GLY X 47 7.56 1.64 30.80
N THR X 48 7.92 2.25 29.67
CA THR X 48 9.30 2.24 29.20
C THR X 48 10.25 2.79 30.27
N ALA X 49 11.36 2.09 30.50
CA ALA X 49 12.24 2.41 31.62
C ALA X 49 12.92 3.76 31.44
N ALA X 50 13.42 4.05 30.23
CA ALA X 50 14.10 5.32 30.00
C ALA X 50 13.16 6.50 30.24
N VAL X 51 11.94 6.43 29.71
CA VAL X 51 10.96 7.48 29.93
C VAL X 51 10.63 7.59 31.41
N ALA X 52 10.60 6.47 32.13
CA ALA X 52 10.30 6.49 33.56
C ALA X 52 11.38 7.24 34.33
N VAL X 53 12.64 6.84 34.16
CA VAL X 53 13.74 7.48 34.88
C VAL X 53 13.81 8.96 34.53
N GLU X 54 13.66 9.29 33.24
CA GLU X 54 13.65 10.69 32.85
C GLU X 54 12.54 11.45 33.56
N PHE X 55 11.34 10.85 33.62
CA PHE X 55 10.21 11.49 34.29
C PHE X 55 10.52 11.78 35.75
N ALA X 56 11.00 10.77 36.48
CA ALA X 56 11.23 10.94 37.91
C ALA X 56 12.33 11.95 38.18
N ARG X 57 13.51 11.75 37.57
CA ARG X 57 14.64 12.65 37.82
C ARG X 57 14.30 14.08 37.42
N LEU X 58 13.85 14.27 36.17
CA LEU X 58 13.55 15.62 35.70
C LEU X 58 12.44 16.26 36.53
N TYR X 59 11.46 15.46 36.98
CA TYR X 59 10.34 16.01 37.73
C TYR X 59 10.80 16.51 39.10
N ALA X 60 11.52 15.68 39.85
CA ALA X 60 12.02 16.11 41.15
C ALA X 60 12.93 17.34 41.01
N VAL X 61 13.82 17.31 40.01
CA VAL X 61 14.69 18.46 39.76
C VAL X 61 13.87 19.71 39.44
N GLU X 62 12.73 19.55 38.77
CA GLU X 62 11.90 20.70 38.43
C GLU X 62 11.24 21.29 39.67
N LEU X 63 10.63 20.43 40.50
CA LEU X 63 10.01 20.90 41.74
C LEU X 63 11.03 21.64 42.60
N GLU X 64 12.19 21.02 42.86
CA GLU X 64 13.18 21.69 43.68
C GLU X 64 13.70 22.96 43.00
N HIS X 65 13.76 22.96 41.67
CA HIS X 65 14.15 24.16 40.93
C HIS X 65 13.23 25.32 41.28
N TYR X 66 11.93 25.11 41.20
CA TYR X 66 11.00 26.18 41.58
C TYR X 66 11.16 26.56 43.04
N GLU X 67 11.30 25.55 43.91
CA GLU X 67 11.37 25.82 45.35
C GLU X 67 12.58 26.68 45.70
N LYS X 68 13.71 26.47 45.01
CA LYS X 68 14.90 27.27 45.28
C LYS X 68 14.87 28.61 44.57
N LEU X 69 14.21 28.70 43.41
CA LEU X 69 14.16 29.96 42.70
C LEU X 69 13.23 30.97 43.36
N GLU X 70 12.06 30.53 43.82
CA GLU X 70 11.06 31.45 44.36
C GLU X 70 10.94 31.37 45.88
N GLY X 71 11.76 30.58 46.55
CA GLY X 71 11.75 30.49 48.00
C GLY X 71 10.56 29.80 48.61
N VAL X 72 9.65 29.25 47.80
CA VAL X 72 8.45 28.58 48.30
C VAL X 72 8.16 27.40 47.38
N PRO X 73 7.72 26.26 47.90
CA PRO X 73 7.34 25.15 47.02
C PRO X 73 6.06 25.46 46.24
N LEU X 74 5.85 24.68 45.19
CA LEU X 74 4.63 24.79 44.41
C LEU X 74 3.43 24.36 45.24
N THR X 75 2.27 24.91 44.90
CA THR X 75 1.03 24.32 45.40
C THR X 75 0.85 22.94 44.76
N PHE X 76 -0.07 22.15 45.32
CA PHE X 76 -0.23 20.80 44.80
C PHE X 76 -0.80 20.83 43.38
N ALA X 77 -1.72 21.75 43.12
CA ALA X 77 -2.21 21.93 41.75
C ALA X 77 -1.07 22.29 40.81
N GLY X 78 -0.06 23.01 41.29
CA GLY X 78 1.09 23.31 40.46
C GLY X 78 1.89 22.07 40.13
N LYS X 79 2.15 21.22 41.13
CA LYS X 79 2.88 19.97 40.89
C LYS X 79 2.12 19.11 39.89
N ILE X 80 0.81 18.95 40.09
CA ILE X 80 -0.02 18.20 39.15
C ILE X 80 0.14 18.75 37.75
N ASN X 81 -0.03 20.07 37.59
CA ASN X 81 0.03 20.66 36.26
C ASN X 81 1.38 20.43 35.60
N ARG X 82 2.47 20.55 36.36
CA ARG X 82 3.80 20.34 35.79
C ARG X 82 3.96 18.90 35.32
N LEU X 83 3.59 17.94 36.17
CA LEU X 83 3.72 16.54 35.78
C LEU X 83 2.89 16.24 34.52
N ALA X 84 1.62 16.67 34.52
CA ALA X 84 0.76 16.46 33.37
C ALA X 84 1.35 17.08 32.10
N ILE X 85 1.98 18.25 32.24
CA ILE X 85 2.60 18.90 31.09
C ILE X 85 3.76 18.07 30.56
N MET X 86 4.58 17.51 31.45
CA MET X 86 5.70 16.67 31.02
C MET X 86 5.20 15.42 30.29
N VAL X 87 4.24 14.70 30.90
CA VAL X 87 3.66 13.53 30.26
C VAL X 87 3.10 13.88 28.89
N ARG X 88 2.42 15.03 28.78
CA ARG X 88 1.95 15.49 27.47
C ARG X 88 3.13 15.72 26.53
N GLY X 89 4.26 16.21 27.07
CA GLY X 89 5.42 16.43 26.24
C GLY X 89 5.96 15.17 25.61
N ASN X 90 5.79 14.03 26.28
CA ASN X 90 6.28 12.76 25.74
C ASN X 90 5.26 12.04 24.85
N LEU X 91 4.32 12.75 24.22
CA LEU X 91 3.24 12.05 23.52
C LEU X 91 3.69 11.48 22.18
N ALA X 92 4.61 12.13 21.47
CA ALA X 92 5.08 11.58 20.20
C ALA X 92 5.86 10.28 20.40
N ALA X 93 6.89 10.33 21.26
CA ALA X 93 7.61 9.12 21.63
C ALA X 93 6.65 8.06 22.18
N ALA X 94 5.62 8.50 22.91
CA ALA X 94 4.61 7.56 23.39
C ALA X 94 3.90 6.87 22.23
N MET X 95 3.55 7.63 21.19
CA MET X 95 2.89 7.04 20.03
C MET X 95 3.81 6.08 19.29
N GLN X 96 5.13 6.32 19.33
CA GLN X 96 6.07 5.43 18.65
C GLN X 96 6.56 4.29 19.54
N GLY X 97 6.07 4.19 20.78
CA GLY X 97 6.32 3.04 21.62
C GLY X 97 6.99 3.36 22.95
N LEU X 98 7.52 4.56 23.11
CA LEU X 98 8.21 4.94 24.34
C LEU X 98 7.22 5.48 25.37
N LEU X 99 6.29 4.60 25.76
CA LEU X 99 5.17 4.98 26.62
C LEU X 99 5.47 4.69 28.08
N ALA X 100 5.12 5.64 28.94
CA ALA X 100 5.20 5.45 30.38
C ALA X 100 4.23 6.42 31.04
N LEU X 101 3.42 5.92 31.96
CA LEU X 101 2.46 6.72 32.70
C LEU X 101 2.83 6.79 34.17
N PRO X 102 2.72 7.96 34.79
CA PRO X 102 2.93 8.07 36.23
C PRO X 102 1.62 7.99 37.01
N LEU X 103 1.78 7.67 38.29
CA LEU X 103 0.76 7.80 39.31
C LEU X 103 1.38 8.63 40.42
N LEU X 104 0.64 9.64 40.88
CA LEU X 104 1.14 10.59 41.86
C LEU X 104 0.46 10.37 43.20
N ALA X 105 1.23 10.49 44.28
CA ALA X 105 0.67 10.48 45.62
C ALA X 105 1.42 11.47 46.49
N GLY X 106 0.70 12.37 47.15
CA GLY X 106 1.33 13.38 47.95
C GLY X 106 0.48 13.78 49.14
N TYR X 107 1.12 14.46 50.09
CA TYR X 107 0.47 15.02 51.27
C TYR X 107 0.47 16.54 51.13
N ASP X 108 -0.72 17.13 51.00
CA ASP X 108 -0.85 18.56 50.81
C ASP X 108 -0.74 19.25 52.17
N ILE X 109 0.34 20.00 52.39
CA ILE X 109 0.52 20.71 53.64
C ILE X 109 -0.42 21.90 53.78
N HIS X 110 -1.06 22.32 52.69
CA HIS X 110 -2.01 23.42 52.72
C HIS X 110 -3.46 22.96 52.64
N ALA X 111 -3.71 21.67 52.78
CA ALA X 111 -5.08 21.17 52.76
C ALA X 111 -5.81 21.59 54.03
N SER X 112 -7.14 21.65 53.92
CA SER X 112 -7.99 22.09 55.02
C SER X 112 -7.92 21.15 56.21
N ASP X 113 -8.42 19.93 56.04
CA ASP X 113 -8.43 18.95 57.12
C ASP X 113 -7.18 18.09 57.03
N PRO X 114 -6.30 18.11 58.04
CA PRO X 114 -5.05 17.34 57.95
C PRO X 114 -5.27 15.83 57.81
N GLN X 115 -6.42 15.30 58.23
CA GLN X 115 -6.67 13.87 58.04
C GLN X 115 -6.95 13.54 56.58
N SER X 116 -7.63 14.44 55.86
CA SER X 116 -7.96 14.25 54.45
C SER X 116 -6.99 14.99 53.53
N ALA X 117 -5.74 15.12 53.93
CA ALA X 117 -4.72 15.79 53.13
C ALA X 117 -4.04 14.86 52.12
N GLY X 118 -4.48 13.61 52.02
CA GLY X 118 -3.92 12.70 51.05
C GLY X 118 -4.38 13.01 49.63
N ARG X 119 -3.48 12.77 48.68
CA ARG X 119 -3.73 13.10 47.29
C ARG X 119 -3.18 11.98 46.39
N ILE X 120 -4.01 11.55 45.44
CA ILE X 120 -3.66 10.53 44.46
C ILE X 120 -4.13 11.02 43.10
N VAL X 121 -3.21 11.15 42.16
CA VAL X 121 -3.52 11.71 40.84
C VAL X 121 -3.07 10.74 39.77
N SER X 122 -4.02 10.26 38.97
CA SER X 122 -3.70 9.42 37.82
C SER X 122 -3.59 10.26 36.56
N PHE X 123 -2.78 9.78 35.62
CA PHE X 123 -2.46 10.51 34.40
C PHE X 123 -2.62 9.59 33.20
N ASP X 124 -2.85 10.19 32.03
CA ASP X 124 -2.90 9.43 30.78
C ASP X 124 -1.86 9.98 29.81
N ALA X 125 -1.79 9.36 28.62
CA ALA X 125 -0.71 9.63 27.70
C ALA X 125 -0.74 11.07 27.16
N ALA X 126 -1.92 11.66 27.06
CA ALA X 126 -2.06 13.03 26.57
C ALA X 126 -1.95 14.08 27.66
N GLY X 127 -1.51 13.70 28.86
CA GLY X 127 -1.41 14.64 29.96
C GLY X 127 -2.70 14.90 30.70
N GLY X 128 -3.79 14.23 30.33
CA GLY X 128 -4.98 14.30 31.16
C GLY X 128 -4.73 13.70 32.53
N TRP X 129 -5.37 14.28 33.54
CA TRP X 129 -5.15 13.87 34.91
C TRP X 129 -6.47 13.87 35.67
N ASN X 130 -6.54 13.02 36.70
CA ASN X 130 -7.71 12.91 37.54
C ASN X 130 -7.26 12.75 38.98
N ILE X 131 -7.75 13.62 39.85
CA ILE X 131 -7.52 13.52 41.29
C ILE X 131 -8.49 12.47 41.82
N GLU X 132 -7.94 11.37 42.31
CA GLU X 132 -8.76 10.23 42.72
C GLU X 132 -9.37 10.50 44.10
N GLU X 133 -10.70 10.54 44.15
CA GLU X 133 -11.42 10.83 45.38
C GLU X 133 -12.09 9.59 45.98
N GLU X 134 -11.77 8.40 45.48
CA GLU X 134 -12.31 7.16 46.03
C GLU X 134 -11.26 6.37 46.82
N GLY X 135 -10.11 6.97 47.11
CA GLY X 135 -9.20 6.39 48.08
C GLY X 135 -7.98 5.67 47.53
N TYR X 136 -8.13 4.95 46.42
CA TYR X 136 -7.04 4.13 45.90
C TYR X 136 -6.97 4.25 44.39
N GLN X 137 -5.84 3.82 43.84
CA GLN X 137 -5.62 3.80 42.39
C GLN X 137 -4.39 2.93 42.11
N ALA X 138 -4.27 2.51 40.86
CA ALA X 138 -3.13 1.71 40.43
C ALA X 138 -2.89 2.00 38.95
N VAL X 139 -1.64 1.77 38.52
CA VAL X 139 -1.27 1.93 37.12
C VAL X 139 -0.33 0.80 36.72
N GLY X 140 -0.44 0.37 35.48
CA GLY X 140 0.38 -0.71 34.95
C GLY X 140 -0.46 -1.86 34.42
N SER X 141 0.25 -2.90 33.96
CA SER X 141 -0.39 -4.05 33.36
C SER X 141 -1.23 -4.85 34.35
N GLY X 142 -0.93 -4.76 35.64
CA GLY X 142 -1.72 -5.40 36.67
C GLY X 142 -2.62 -4.46 37.44
N SER X 143 -2.80 -3.23 36.98
CA SER X 143 -3.54 -2.23 37.74
C SER X 143 -5.00 -2.61 37.94
N LEU X 144 -5.60 -3.32 36.97
CA LEU X 144 -6.99 -3.72 37.14
C LEU X 144 -7.14 -4.75 38.26
N PHE X 145 -6.18 -5.69 38.36
CA PHE X 145 -6.24 -6.68 39.43
C PHE X 145 -6.01 -6.03 40.79
N ALA X 146 -5.09 -5.08 40.87
CA ALA X 146 -4.81 -4.40 42.13
C ALA X 146 -5.98 -3.50 42.55
N LYS X 147 -6.59 -2.80 41.59
CA LYS X 147 -7.75 -1.98 41.90
C LYS X 147 -8.93 -2.84 42.33
N SER X 148 -9.15 -3.97 41.64
CA SER X 148 -10.25 -4.85 42.00
C SER X 148 -10.01 -5.57 43.33
N SER X 149 -8.75 -5.76 43.73
CA SER X 149 -8.47 -6.26 45.07
C SER X 149 -8.68 -5.18 46.12
N MET X 150 -8.17 -3.97 45.85
CA MET X 150 -8.32 -2.88 46.81
C MET X 150 -9.79 -2.51 47.00
N LYS X 151 -10.62 -2.74 45.99
CA LYS X 151 -12.06 -2.51 46.14
C LYS X 151 -12.61 -3.34 47.29
N LYS X 152 -12.20 -4.60 47.39
CA LYS X 152 -12.68 -5.49 48.44
C LYS X 152 -11.92 -5.34 49.75
N LEU X 153 -10.65 -4.90 49.71
CA LEU X 153 -9.82 -4.85 50.90
C LEU X 153 -9.67 -3.47 51.50
N TYR X 154 -10.32 -2.45 50.93
CA TYR X 154 -10.11 -1.09 51.42
C TYR X 154 -10.80 -0.86 52.77
N SER X 155 -11.87 -1.59 53.04
CA SER X 155 -12.59 -1.43 54.30
C SER X 155 -11.71 -1.72 55.51
N GLN X 156 -10.66 -2.52 55.34
CA GLN X 156 -9.76 -2.85 56.44
C GLN X 156 -8.71 -1.78 56.70
N VAL X 157 -8.69 -0.71 55.92
CA VAL X 157 -7.70 0.36 56.09
C VAL X 157 -8.18 1.27 57.21
N THR X 158 -7.47 1.25 58.34
CA THR X 158 -7.79 2.11 59.47
C THR X 158 -6.63 2.97 59.96
N ASP X 159 -5.39 2.64 59.60
CA ASP X 159 -4.24 3.46 59.95
C ASP X 159 -3.14 3.14 58.95
N GLY X 160 -1.92 3.60 59.25
CA GLY X 160 -0.82 3.45 58.30
C GLY X 160 -0.48 2.01 58.00
N ASP X 161 -0.26 1.21 59.05
CA ASP X 161 0.19 -0.17 58.85
C ASP X 161 -0.85 -0.99 58.09
N SER X 162 -2.14 -0.76 58.38
CA SER X 162 -3.17 -1.51 57.68
C SER X 162 -3.23 -1.13 56.21
N GLY X 163 -3.11 0.17 55.90
CA GLY X 163 -3.07 0.58 54.51
C GLY X 163 -1.87 0.02 53.76
N LEU X 164 -0.72 -0.05 54.43
CA LEU X 164 0.46 -0.65 53.81
C LEU X 164 0.23 -2.14 53.55
N ARG X 165 -0.40 -2.83 54.50
CA ARG X 165 -0.71 -4.25 54.31
C ARG X 165 -1.65 -4.44 53.11
N VAL X 166 -2.64 -3.55 52.98
CA VAL X 166 -3.57 -3.64 51.86
C VAL X 166 -2.84 -3.36 50.54
N ALA X 167 -1.89 -2.43 50.55
CA ALA X 167 -1.12 -2.14 49.34
C ALA X 167 -0.29 -3.34 48.92
N VAL X 168 0.38 -3.99 49.89
CA VAL X 168 1.20 -5.15 49.58
C VAL X 168 0.34 -6.31 49.11
N GLU X 169 -0.85 -6.47 49.70
CA GLU X 169 -1.73 -7.55 49.26
C GLU X 169 -2.24 -7.30 47.85
N ALA X 170 -2.58 -6.04 47.54
CA ALA X 170 -3.01 -5.70 46.18
C ALA X 170 -1.92 -5.99 45.17
N LEU X 171 -0.67 -5.60 45.49
CA LEU X 171 0.44 -5.95 44.60
C LEU X 171 0.59 -7.46 44.48
N TYR X 172 0.34 -8.20 45.56
CA TYR X 172 0.42 -9.65 45.51
C TYR X 172 -0.58 -10.22 44.52
N ASP X 173 -1.82 -9.73 44.57
CA ASP X 173 -2.84 -10.21 43.63
C ASP X 173 -2.50 -9.83 42.20
N ALA X 174 -2.06 -8.59 41.98
CA ALA X 174 -1.64 -8.17 40.65
C ALA X 174 -0.58 -9.11 40.08
N ALA X 175 0.45 -9.41 40.90
CA ALA X 175 1.45 -10.37 40.46
C ALA X 175 0.87 -11.76 40.28
N ASP X 176 -0.21 -12.08 40.99
CA ASP X 176 -0.85 -13.39 40.86
C ASP X 176 -1.54 -13.54 39.52
N ASP X 177 -2.06 -12.45 38.95
CA ASP X 177 -2.81 -12.53 37.71
C ASP X 177 -2.09 -11.95 36.49
N ASP X 178 -1.02 -11.17 36.69
CA ASP X 178 -0.31 -10.51 35.60
C ASP X 178 1.14 -10.95 35.62
N SER X 179 1.55 -11.68 34.59
CA SER X 179 2.91 -12.23 34.55
C SER X 179 3.98 -11.16 34.38
N ALA X 180 3.60 -9.92 34.06
CA ALA X 180 4.54 -8.83 33.98
C ALA X 180 4.79 -8.14 35.31
N THR X 181 3.99 -8.46 36.34
CA THR X 181 4.15 -7.91 37.68
C THR X 181 4.85 -8.94 38.55
N GLY X 182 5.95 -8.53 39.19
CA GLY X 182 6.68 -9.43 40.06
C GLY X 182 6.08 -9.47 41.46
N GLY X 183 6.02 -10.67 42.02
CA GLY X 183 5.59 -10.86 43.38
C GLY X 183 6.77 -11.01 44.31
N PRO X 184 6.50 -11.31 45.58
CA PRO X 184 7.60 -11.51 46.54
C PRO X 184 8.45 -12.71 46.12
N ASP X 185 9.76 -12.49 46.02
CA ASP X 185 10.72 -13.55 45.74
C ASP X 185 11.30 -14.01 47.07
N LEU X 186 10.71 -15.08 47.62
CA LEU X 186 11.14 -15.57 48.93
C LEU X 186 12.53 -16.18 48.90
N VAL X 187 13.03 -16.58 47.73
CA VAL X 187 14.36 -17.19 47.64
C VAL X 187 15.44 -16.13 47.61
N ARG X 188 15.30 -15.14 46.72
CA ARG X 188 16.30 -14.08 46.61
C ARG X 188 16.13 -13.00 47.68
N GLY X 189 14.96 -12.89 48.29
CA GLY X 189 14.75 -11.87 49.29
C GLY X 189 14.47 -10.49 48.71
N ILE X 190 13.79 -10.42 47.58
CA ILE X 190 13.45 -9.16 46.92
C ILE X 190 11.95 -8.96 47.03
N PHE X 191 11.55 -7.80 47.54
CA PHE X 191 10.16 -7.49 47.86
C PHE X 191 9.77 -6.17 47.24
N PRO X 192 8.47 -5.91 47.08
CA PRO X 192 8.04 -4.60 46.57
C PRO X 192 8.57 -3.46 47.42
N THR X 193 8.71 -2.29 46.79
CA THR X 193 9.09 -1.09 47.52
C THR X 193 7.85 -0.26 47.84
N ALA X 194 7.99 0.59 48.85
CA ALA X 194 6.86 1.40 49.28
C ALA X 194 7.37 2.68 49.92
N VAL X 195 6.67 3.77 49.67
CA VAL X 195 6.89 5.06 50.32
C VAL X 195 5.60 5.48 50.98
N ILE X 196 5.71 6.03 52.18
CA ILE X 196 4.54 6.52 52.92
C ILE X 196 4.74 7.99 53.23
N ILE X 197 3.67 8.77 53.12
CA ILE X 197 3.73 10.22 53.29
C ILE X 197 2.66 10.63 54.29
N ASP X 198 3.09 11.26 55.39
CA ASP X 198 2.18 11.82 56.38
C ASP X 198 2.53 13.28 56.64
N ALA X 199 2.00 13.87 57.71
CA ALA X 199 2.27 15.28 58.00
C ALA X 199 3.75 15.55 58.25
N ASP X 200 4.54 14.53 58.52
CA ASP X 200 5.98 14.70 58.72
C ASP X 200 6.79 14.44 57.47
N GLY X 201 6.15 14.17 56.33
CA GLY X 201 6.88 14.02 55.09
C GLY X 201 6.76 12.67 54.42
N ALA X 202 7.67 12.39 53.50
CA ALA X 202 7.65 11.18 52.69
C ALA X 202 8.89 10.34 53.02
N VAL X 203 8.67 9.14 53.56
CA VAL X 203 9.76 8.27 53.98
C VAL X 203 9.63 6.93 53.29
N ASP X 204 10.79 6.29 53.07
CA ASP X 204 10.85 4.94 52.54
C ASP X 204 10.40 3.94 53.60
N VAL X 205 9.52 3.02 53.21
CA VAL X 205 9.16 1.93 54.11
C VAL X 205 10.32 0.94 54.18
N PRO X 206 10.80 0.58 55.37
CA PRO X 206 11.90 -0.39 55.46
C PRO X 206 11.48 -1.74 54.92
N GLU X 207 12.44 -2.45 54.31
CA GLU X 207 12.13 -3.68 53.58
C GLU X 207 11.60 -4.76 54.52
N SER X 208 12.09 -4.79 55.75
CA SER X 208 11.73 -5.86 56.69
C SER X 208 10.22 -5.91 56.92
N ARG X 209 9.57 -4.74 57.04
CA ARG X 209 8.13 -4.71 57.28
C ARG X 209 7.36 -5.23 56.07
N ILE X 210 7.79 -4.83 54.86
CA ILE X 210 7.21 -5.36 53.64
C ILE X 210 7.33 -6.88 53.62
N ALA X 211 8.51 -7.40 54.01
CA ALA X 211 8.73 -8.84 53.99
C ALA X 211 7.82 -9.55 54.97
N GLU X 212 7.63 -8.98 56.15
CA GLU X 212 6.74 -9.61 57.13
C GLU X 212 5.29 -9.61 56.65
N LEU X 213 4.82 -8.49 56.10
CA LEU X 213 3.47 -8.46 55.57
C LEU X 213 3.29 -9.48 54.44
N ALA X 214 4.26 -9.55 53.53
CA ALA X 214 4.20 -10.51 52.45
C ALA X 214 4.15 -11.95 52.99
N ARG X 215 4.96 -12.26 54.00
CA ARG X 215 4.95 -13.59 54.57
C ARG X 215 3.61 -13.91 55.22
N ALA X 216 2.98 -12.91 55.85
CA ALA X 216 1.66 -13.12 56.43
C ALA X 216 0.64 -13.43 55.33
N ILE X 217 0.71 -12.71 54.21
CA ILE X 217 -0.23 -12.94 53.11
C ILE X 217 -0.04 -14.34 52.54
N ILE X 218 1.21 -14.71 52.24
CA ILE X 218 1.50 -16.03 51.70
C ILE X 218 1.00 -17.12 52.65
N GLU X 219 1.35 -16.98 53.94
CA GLU X 219 0.91 -17.96 54.93
C GLU X 219 -0.61 -18.05 54.97
N SER X 220 -1.30 -16.93 54.79
CA SER X 220 -2.76 -16.93 54.87
C SER X 220 -3.41 -17.56 53.65
N ARG X 221 -2.76 -17.49 52.49
CA ARG X 221 -3.34 -18.06 51.28
C ARG X 221 -2.92 -19.50 51.04
N SER X 222 -2.12 -20.08 51.92
CA SER X 222 -1.71 -21.47 51.77
C SER X 222 -2.75 -22.42 52.35
N THR Y 1 28.04 -11.43 17.96
CA THR Y 1 28.74 -10.75 19.05
C THR Y 1 28.22 -11.21 20.40
N THR Y 2 29.12 -11.49 21.33
CA THR Y 2 28.77 -11.70 22.73
C THR Y 2 29.77 -10.97 23.61
N ILE Y 3 29.25 -10.17 24.54
CA ILE Y 3 30.04 -9.46 25.53
C ILE Y 3 29.59 -9.94 26.90
N VAL Y 4 30.53 -10.31 27.75
CA VAL Y 4 30.22 -10.71 29.11
C VAL Y 4 30.96 -9.78 30.07
N ALA Y 5 30.36 -9.60 31.24
CA ALA Y 5 31.00 -8.86 32.31
C ALA Y 5 30.48 -9.40 33.63
N LEU Y 6 31.35 -9.42 34.64
CA LEU Y 6 30.97 -9.97 35.93
C LEU Y 6 31.85 -9.39 37.02
N LYS Y 7 31.29 -9.29 38.22
CA LYS Y 7 32.01 -8.81 39.39
C LYS Y 7 32.72 -9.97 40.08
N TYR Y 8 33.86 -9.68 40.66
CA TYR Y 8 34.54 -10.58 41.57
C TYR Y 8 34.96 -9.76 42.80
N PRO Y 9 35.27 -10.44 43.91
CA PRO Y 9 35.68 -9.71 45.12
C PRO Y 9 36.81 -8.71 44.85
N GLY Y 10 36.48 -7.42 44.87
CA GLY Y 10 37.46 -6.38 44.69
C GLY Y 10 37.64 -5.86 43.28
N GLY Y 11 36.85 -6.34 42.32
CA GLY Y 11 37.03 -5.87 40.96
C GLY Y 11 35.96 -6.41 40.03
N VAL Y 12 36.22 -6.24 38.74
CA VAL Y 12 35.26 -6.58 37.70
C VAL Y 12 36.03 -6.96 36.44
N VAL Y 13 35.49 -7.91 35.68
CA VAL Y 13 36.12 -8.37 34.45
C VAL Y 13 35.10 -8.38 33.32
N MET Y 14 35.57 -8.00 32.12
CA MET Y 14 34.75 -8.00 30.92
C MET Y 14 35.51 -8.68 29.79
N ALA Y 15 34.78 -9.36 28.92
CA ALA Y 15 35.40 -10.07 27.81
C ALA Y 15 34.47 -10.05 26.60
N GLY Y 16 35.07 -10.08 25.42
CA GLY Y 16 34.31 -10.08 24.18
C GLY Y 16 34.98 -10.93 23.13
N ASP Y 17 34.16 -11.48 22.23
CA ASP Y 17 34.66 -12.35 21.17
C ASP Y 17 35.25 -11.52 20.04
N ARG Y 18 35.68 -12.20 18.98
CA ARG Y 18 36.43 -11.55 17.90
C ARG Y 18 35.77 -11.72 16.53
N ARG Y 19 34.50 -12.12 16.50
CA ARG Y 19 33.84 -12.44 15.23
C ARG Y 19 33.11 -11.22 14.68
N SER Y 20 33.17 -11.07 13.35
CA SER Y 20 32.29 -10.18 12.62
C SER Y 20 31.66 -10.94 11.46
N THR Y 21 30.36 -10.84 11.33
CA THR Y 21 29.62 -11.45 10.24
C THR Y 21 28.81 -10.38 9.50
N GLN Y 22 28.41 -10.73 8.28
CA GLN Y 22 27.33 -10.03 7.58
C GLN Y 22 26.58 -11.07 6.76
N GLY Y 23 25.30 -11.26 7.07
CA GLY Y 23 24.62 -12.46 6.60
C GLY Y 23 25.18 -13.67 7.31
N ASN Y 24 25.53 -14.69 6.51
CA ASN Y 24 26.15 -15.89 7.06
C ASN Y 24 27.66 -15.93 6.85
N MET Y 25 28.23 -14.93 6.18
CA MET Y 25 29.66 -14.89 5.89
C MET Y 25 30.46 -14.35 7.08
N ILE Y 26 31.56 -15.02 7.39
CA ILE Y 26 32.51 -14.50 8.37
C ILE Y 26 33.30 -13.38 7.69
N SER Y 27 33.13 -12.16 8.18
CA SER Y 27 33.84 -11.00 7.64
C SER Y 27 34.92 -10.47 8.58
N GLY Y 28 35.07 -11.05 9.77
CA GLY Y 28 36.08 -10.61 10.70
C GLY Y 28 36.45 -11.65 11.74
N ARG Y 29 37.74 -11.78 12.04
CA ARG Y 29 38.24 -12.82 12.92
C ARG Y 29 39.00 -12.31 14.14
N ASP Y 30 39.24 -11.00 14.24
CA ASP Y 30 40.01 -10.47 15.37
C ASP Y 30 39.50 -9.10 15.77
N VAL Y 31 38.18 -8.92 15.76
CA VAL Y 31 37.57 -7.66 16.14
C VAL Y 31 37.80 -7.40 17.63
N ARG Y 32 38.14 -6.16 17.97
CA ARG Y 32 38.25 -5.74 19.36
C ARG Y 32 36.94 -5.06 19.74
N LYS Y 33 36.20 -5.69 20.66
CA LYS Y 33 34.90 -5.19 21.04
C LYS Y 33 34.85 -4.61 22.45
N VAL Y 34 35.89 -4.83 23.25
CA VAL Y 34 35.97 -4.32 24.61
C VAL Y 34 37.05 -3.24 24.66
N TYR Y 35 36.67 -2.05 25.12
CA TYR Y 35 37.54 -0.88 25.12
C TYR Y 35 37.73 -0.37 26.54
N ILE Y 36 38.95 0.02 26.87
CA ILE Y 36 39.23 0.71 28.12
C ILE Y 36 38.87 2.18 27.92
N THR Y 37 37.79 2.63 28.56
CA THR Y 37 37.31 3.99 28.35
C THR Y 37 37.91 4.99 29.33
N ASP Y 38 38.26 4.57 30.54
CA ASP Y 38 39.14 5.36 31.38
C ASP Y 38 39.78 4.45 32.42
N ASP Y 39 40.64 5.04 33.26
CA ASP Y 39 41.47 4.27 34.17
C ASP Y 39 40.68 3.27 35.00
N TYR Y 40 39.39 3.51 35.20
CA TYR Y 40 38.59 2.60 36.04
C TYR Y 40 37.33 2.11 35.36
N THR Y 41 37.15 2.33 34.06
CA THR Y 41 35.96 1.85 33.38
C THR Y 41 36.30 1.34 31.99
N ALA Y 42 35.64 0.24 31.62
CA ALA Y 42 35.69 -0.32 30.28
C ALA Y 42 34.28 -0.59 29.79
N THR Y 43 34.07 -0.43 28.48
CA THR Y 43 32.78 -0.67 27.85
C THR Y 43 32.97 -1.62 26.68
N GLY Y 44 32.13 -2.65 26.60
CA GLY Y 44 32.11 -3.56 25.46
C GLY Y 44 30.79 -3.41 24.73
N ILE Y 45 30.85 -3.34 23.41
CA ILE Y 45 29.67 -3.00 22.62
C ILE Y 45 29.32 -4.17 21.70
N ALA Y 46 28.03 -4.27 21.37
CA ALA Y 46 27.53 -5.26 20.42
C ALA Y 46 26.65 -4.55 19.40
N GLY Y 47 26.90 -4.82 18.12
CA GLY Y 47 26.05 -4.26 17.08
C GLY Y 47 26.79 -3.70 15.88
N THR Y 48 26.20 -2.69 15.25
CA THR Y 48 26.79 -2.08 14.05
C THR Y 48 28.18 -1.55 14.37
N ALA Y 49 29.18 -2.05 13.64
CA ALA Y 49 30.57 -1.75 13.95
C ALA Y 49 30.83 -0.24 13.97
N ALA Y 50 30.31 0.48 12.98
CA ALA Y 50 30.50 1.93 12.93
C ALA Y 50 29.96 2.59 14.20
N VAL Y 51 28.72 2.28 14.57
CA VAL Y 51 28.12 2.88 15.77
C VAL Y 51 28.89 2.49 17.02
N ALA Y 52 29.42 1.25 17.07
CA ALA Y 52 30.16 0.81 18.25
C ALA Y 52 31.46 1.61 18.41
N VAL Y 53 32.24 1.71 17.32
CA VAL Y 53 33.48 2.48 17.38
C VAL Y 53 33.19 3.94 17.76
N GLU Y 54 32.16 4.53 17.15
CA GLU Y 54 31.82 5.90 17.48
C GLU Y 54 31.47 6.04 18.95
N PHE Y 55 30.65 5.11 19.47
CA PHE Y 55 30.32 5.10 20.90
C PHE Y 55 31.57 5.10 21.76
N ALA Y 56 32.47 4.16 21.51
CA ALA Y 56 33.63 4.00 22.40
C ALA Y 56 34.56 5.20 22.34
N ARG Y 57 34.94 5.62 21.12
CA ARG Y 57 35.83 6.76 20.98
C ARG Y 57 35.21 8.02 21.58
N LEU Y 58 33.99 8.36 21.16
CA LEU Y 58 33.32 9.56 21.64
C LEU Y 58 33.11 9.53 23.15
N TYR Y 59 32.91 8.34 23.73
CA TYR Y 59 32.68 8.24 25.17
C TYR Y 59 33.97 8.46 25.95
N ALA Y 60 35.05 7.79 25.54
CA ALA Y 60 36.34 8.03 26.18
C ALA Y 60 36.72 9.51 26.10
N VAL Y 61 36.57 10.10 24.91
CA VAL Y 61 36.87 11.52 24.74
C VAL Y 61 35.99 12.37 25.65
N GLU Y 62 34.72 11.99 25.81
CA GLU Y 62 33.82 12.75 26.67
C GLU Y 62 34.28 12.72 28.12
N LEU Y 63 34.60 11.53 28.63
CA LEU Y 63 35.04 11.41 30.02
C LEU Y 63 36.33 12.20 30.27
N GLU Y 64 37.35 11.96 29.46
CA GLU Y 64 38.61 12.68 29.65
C GLU Y 64 38.43 14.18 29.46
N HIS Y 65 37.50 14.58 28.59
CA HIS Y 65 37.16 15.98 28.42
C HIS Y 65 36.67 16.59 29.73
N TYR Y 66 35.64 15.97 30.34
CA TYR Y 66 35.15 16.50 31.61
C TYR Y 66 36.24 16.53 32.65
N GLU Y 67 37.05 15.47 32.73
CA GLU Y 67 38.10 15.42 33.75
C GLU Y 67 39.09 16.56 33.59
N LYS Y 68 39.51 16.84 32.35
CA LYS Y 68 40.47 17.92 32.14
C LYS Y 68 39.83 19.29 32.37
N LEU Y 69 38.55 19.45 32.02
CA LEU Y 69 37.90 20.75 32.23
C LEU Y 69 37.73 21.05 33.71
N GLU Y 70 37.19 20.12 34.47
CA GLU Y 70 36.81 20.37 35.87
C GLU Y 70 37.83 19.86 36.88
N GLY Y 71 38.90 19.23 36.44
CA GLY Y 71 39.94 18.81 37.37
C GLY Y 71 39.59 17.64 38.24
N VAL Y 72 38.52 16.92 37.93
CA VAL Y 72 38.12 15.71 38.67
C VAL Y 72 37.28 14.85 37.75
N PRO Y 73 37.45 13.54 37.77
CA PRO Y 73 36.59 12.67 36.94
C PRO Y 73 35.15 12.70 37.39
N LEU Y 74 34.27 12.29 36.47
CA LEU Y 74 32.84 12.20 36.77
C LEU Y 74 32.59 11.09 37.78
N THR Y 75 31.61 11.31 38.66
CA THR Y 75 31.10 10.23 39.47
C THR Y 75 30.61 9.11 38.57
N PHE Y 76 30.65 7.87 39.08
CA PHE Y 76 30.24 6.74 38.26
C PHE Y 76 28.82 6.92 37.73
N ALA Y 77 27.93 7.44 38.59
CA ALA Y 77 26.57 7.73 38.15
C ALA Y 77 26.57 8.68 36.95
N GLY Y 78 27.37 9.74 37.02
CA GLY Y 78 27.48 10.65 35.89
C GLY Y 78 27.95 9.96 34.63
N LYS Y 79 28.91 9.03 34.76
CA LYS Y 79 29.38 8.26 33.61
C LYS Y 79 28.23 7.46 33.00
N ILE Y 80 27.47 6.76 33.84
CA ILE Y 80 26.29 6.04 33.38
C ILE Y 80 25.37 6.99 32.60
N ASN Y 81 25.13 8.18 33.16
CA ASN Y 81 24.22 9.13 32.53
C ASN Y 81 24.71 9.49 31.13
N ARG Y 82 25.98 9.89 31.01
CA ARG Y 82 26.50 10.28 29.71
C ARG Y 82 26.39 9.15 28.69
N LEU Y 83 26.75 7.93 29.08
CA LEU Y 83 26.66 6.81 28.16
C LEU Y 83 25.21 6.59 27.68
N ALA Y 84 24.27 6.62 28.63
CA ALA Y 84 22.86 6.44 28.27
C ALA Y 84 22.38 7.54 27.33
N ILE Y 85 22.74 8.80 27.62
CA ILE Y 85 22.35 9.91 26.76
C ILE Y 85 22.90 9.73 25.35
N MET Y 86 24.11 9.19 25.24
CA MET Y 86 24.69 8.93 23.92
C MET Y 86 23.85 7.88 23.17
N VAL Y 87 23.51 6.78 23.84
CA VAL Y 87 22.71 5.74 23.19
C VAL Y 87 21.36 6.29 22.73
N ARG Y 88 20.65 6.95 23.65
CA ARG Y 88 19.39 7.60 23.29
C ARG Y 88 19.58 8.52 22.10
N GLY Y 89 20.74 9.19 22.02
CA GLY Y 89 21.04 10.00 20.85
C GLY Y 89 21.05 9.19 19.57
N ASN Y 90 21.60 7.98 19.62
CA ASN Y 90 21.64 7.13 18.43
C ASN Y 90 20.33 6.37 18.18
N LEU Y 91 19.32 6.54 19.04
CA LEU Y 91 18.07 5.78 18.91
C LEU Y 91 17.50 5.77 17.49
N ALA Y 92 17.50 6.92 16.80
CA ALA Y 92 16.83 7.01 15.50
C ALA Y 92 17.52 6.14 14.46
N ALA Y 93 18.82 6.38 14.25
CA ALA Y 93 19.59 5.53 13.34
C ALA Y 93 19.48 4.06 13.73
N ALA Y 94 19.36 3.77 15.03
CA ALA Y 94 19.11 2.39 15.43
C ALA Y 94 17.77 1.89 14.91
N MET Y 95 16.73 2.73 14.96
CA MET Y 95 15.44 2.36 14.41
C MET Y 95 15.50 2.15 12.90
N GLN Y 96 16.47 2.76 12.21
CA GLN Y 96 16.63 2.52 10.79
C GLN Y 96 17.76 1.56 10.45
N GLY Y 97 18.28 0.82 11.42
CA GLY Y 97 19.22 -0.26 11.16
C GLY Y 97 20.63 -0.06 11.68
N LEU Y 98 20.95 1.05 12.32
CA LEU Y 98 22.28 1.20 12.90
C LEU Y 98 22.24 1.04 14.42
N LEU Y 99 21.90 -0.17 14.87
CA LEU Y 99 21.69 -0.43 16.28
C LEU Y 99 22.95 -0.99 16.93
N ALA Y 100 23.22 -0.54 18.16
CA ALA Y 100 24.38 -1.01 18.90
C ALA Y 100 24.17 -0.72 20.38
N LEU Y 101 24.30 -1.77 21.22
CA LEU Y 101 24.11 -1.63 22.66
C LEU Y 101 25.45 -1.78 23.39
N PRO Y 102 25.70 -0.92 24.38
CA PRO Y 102 26.92 -1.06 25.18
C PRO Y 102 26.67 -1.73 26.53
N LEU Y 103 27.73 -2.34 27.07
CA LEU Y 103 27.75 -2.88 28.42
C LEU Y 103 28.92 -2.22 29.14
N LEU Y 104 28.64 -1.68 30.32
CA LEU Y 104 29.60 -0.90 31.08
C LEU Y 104 30.06 -1.69 32.30
N ALA Y 105 31.37 -1.76 32.51
CA ALA Y 105 31.95 -2.42 33.68
C ALA Y 105 32.99 -1.49 34.27
N GLY Y 106 32.85 -1.17 35.57
CA GLY Y 106 33.74 -0.20 36.16
C GLY Y 106 34.03 -0.48 37.61
N TYR Y 107 35.00 0.26 38.15
CA TYR Y 107 35.36 0.19 39.56
C TYR Y 107 35.14 1.58 40.17
N ASP Y 108 34.28 1.65 41.18
CA ASP Y 108 33.94 2.93 41.80
C ASP Y 108 34.93 3.20 42.91
N ILE Y 109 35.85 4.13 42.67
CA ILE Y 109 36.83 4.50 43.67
C ILE Y 109 36.16 5.21 44.85
N HIS Y 110 34.95 5.75 44.66
CA HIS Y 110 34.22 6.44 45.70
C HIS Y 110 33.18 5.56 46.38
N ALA Y 111 33.18 4.26 46.11
CA ALA Y 111 32.22 3.37 46.75
C ALA Y 111 32.57 3.18 48.22
N SER Y 112 31.55 2.89 49.02
CA SER Y 112 31.74 2.74 50.46
C SER Y 112 32.59 1.51 50.77
N ASP Y 113 32.24 0.36 50.18
CA ASP Y 113 32.92 -0.90 50.47
C ASP Y 113 33.87 -1.22 49.32
N PRO Y 114 35.18 -1.25 49.56
CA PRO Y 114 36.13 -1.37 48.43
C PRO Y 114 36.15 -2.74 47.75
N GLN Y 115 35.64 -3.79 48.38
CA GLN Y 115 35.65 -5.10 47.73
C GLN Y 115 34.37 -5.39 46.95
N SER Y 116 33.31 -4.61 47.16
CA SER Y 116 32.10 -4.68 46.35
C SER Y 116 31.95 -3.44 45.47
N ALA Y 117 33.08 -2.81 45.12
CA ALA Y 117 33.07 -1.60 44.31
C ALA Y 117 32.94 -1.89 42.81
N GLY Y 118 32.94 -3.15 42.40
CA GLY Y 118 32.71 -3.48 41.01
C GLY Y 118 31.28 -3.13 40.59
N ARG Y 119 31.15 -2.70 39.34
CA ARG Y 119 29.90 -2.17 38.81
C ARG Y 119 29.63 -2.75 37.42
N ILE Y 120 28.41 -3.24 37.22
CA ILE Y 120 27.93 -3.74 35.93
C ILE Y 120 26.67 -2.98 35.57
N VAL Y 121 26.70 -2.27 34.46
CA VAL Y 121 25.57 -1.46 34.01
C VAL Y 121 25.20 -1.89 32.59
N SER Y 122 23.95 -2.26 32.40
CA SER Y 122 23.43 -2.66 31.09
C SER Y 122 22.51 -1.59 30.53
N PHE Y 123 22.42 -1.53 29.20
CA PHE Y 123 21.71 -0.48 28.49
C PHE Y 123 20.81 -1.07 27.41
N ASP Y 124 19.88 -0.24 26.93
CA ASP Y 124 19.00 -0.60 25.84
C ASP Y 124 18.95 0.54 24.83
N ALA Y 125 18.30 0.27 23.69
CA ALA Y 125 18.31 1.21 22.57
C ALA Y 125 17.67 2.55 22.91
N ALA Y 126 16.79 2.60 23.90
CA ALA Y 126 16.08 3.82 24.26
C ALA Y 126 16.80 4.64 25.32
N GLY Y 127 18.00 4.23 25.73
CA GLY Y 127 18.74 4.94 26.75
C GLY Y 127 18.48 4.48 28.17
N GLY Y 128 17.60 3.50 28.38
CA GLY Y 128 17.40 2.96 29.70
C GLY Y 128 18.64 2.22 30.18
N TRP Y 129 18.90 2.31 31.48
CA TRP Y 129 20.07 1.69 32.06
C TRP Y 129 19.68 1.00 33.36
N ASN Y 130 20.36 -0.11 33.66
CA ASN Y 130 20.14 -0.81 34.92
C ASN Y 130 21.48 -1.27 35.46
N ILE Y 131 21.78 -0.85 36.69
CA ILE Y 131 22.93 -1.38 37.41
C ILE Y 131 22.59 -2.80 37.85
N GLU Y 132 23.32 -3.77 37.32
CA GLU Y 132 23.04 -5.17 37.65
C GLU Y 132 23.49 -5.47 39.08
N GLU Y 133 22.63 -6.16 39.83
CA GLU Y 133 22.88 -6.49 41.22
C GLU Y 133 22.88 -8.00 41.45
N GLU Y 134 23.13 -8.77 40.39
CA GLU Y 134 23.19 -10.23 40.50
C GLU Y 134 24.57 -10.81 40.19
N GLY Y 135 25.54 -9.99 39.78
CA GLY Y 135 26.92 -10.42 39.65
C GLY Y 135 27.44 -10.44 38.23
N TYR Y 136 26.60 -10.76 37.26
CA TYR Y 136 27.04 -10.93 35.88
C TYR Y 136 26.03 -10.30 34.93
N GLN Y 137 26.45 -10.14 33.68
CA GLN Y 137 25.62 -9.60 32.62
C GLN Y 137 26.29 -9.88 31.29
N ALA Y 138 25.48 -9.87 30.22
CA ALA Y 138 25.97 -10.08 28.86
C ALA Y 138 25.10 -9.31 27.89
N VAL Y 139 25.67 -9.03 26.72
CA VAL Y 139 24.93 -8.33 25.66
C VAL Y 139 25.43 -8.86 24.33
N GLY Y 140 24.50 -9.15 23.42
CA GLY Y 140 24.81 -9.64 22.10
C GLY Y 140 23.94 -10.82 21.74
N SER Y 141 24.18 -11.35 20.54
CA SER Y 141 23.36 -12.44 20.01
C SER Y 141 23.55 -13.75 20.75
N GLY Y 142 24.61 -13.88 21.54
CA GLY Y 142 24.81 -15.06 22.34
C GLY Y 142 24.77 -14.74 23.83
N SER Y 143 24.11 -13.64 24.17
CA SER Y 143 24.11 -13.16 25.54
C SER Y 143 23.29 -14.05 26.46
N LEU Y 144 22.28 -14.73 25.94
CA LEU Y 144 21.45 -15.57 26.80
C LEU Y 144 22.10 -16.92 27.07
N PHE Y 145 22.84 -17.46 26.10
CA PHE Y 145 23.66 -18.64 26.35
C PHE Y 145 24.72 -18.34 27.41
N ALA Y 146 25.42 -17.22 27.24
CA ALA Y 146 26.48 -16.86 28.18
C ALA Y 146 25.92 -16.53 29.55
N LYS Y 147 24.75 -15.89 29.61
CA LYS Y 147 24.16 -15.53 30.89
C LYS Y 147 23.65 -16.77 31.61
N SER Y 148 23.09 -17.73 30.87
CA SER Y 148 22.64 -18.96 31.51
C SER Y 148 23.79 -19.87 31.89
N SER Y 149 24.94 -19.76 31.19
CA SER Y 149 26.14 -20.46 31.63
C SER Y 149 26.70 -19.83 32.91
N MET Y 150 26.73 -18.50 32.97
CA MET Y 150 27.20 -17.82 34.17
C MET Y 150 26.27 -18.05 35.35
N LYS Y 151 24.98 -18.30 35.08
CA LYS Y 151 24.05 -18.63 36.15
C LYS Y 151 24.51 -19.87 36.92
N LYS Y 152 25.16 -20.81 36.23
CA LYS Y 152 25.65 -22.03 36.86
C LYS Y 152 27.11 -21.95 37.30
N LEU Y 153 27.92 -21.18 36.59
CA LEU Y 153 29.35 -21.09 36.89
C LEU Y 153 29.69 -19.99 37.88
N TYR Y 154 28.73 -19.16 38.30
CA TYR Y 154 29.10 -17.97 39.06
C TYR Y 154 29.56 -18.28 40.47
N SER Y 155 29.07 -19.36 41.08
CA SER Y 155 29.46 -19.66 42.46
C SER Y 155 30.94 -19.95 42.59
N GLN Y 156 31.62 -20.30 41.50
CA GLN Y 156 33.06 -20.55 41.51
C GLN Y 156 33.89 -19.28 41.46
N VAL Y 157 33.25 -18.12 41.33
CA VAL Y 157 33.97 -16.84 41.22
C VAL Y 157 34.35 -16.39 42.62
N THR Y 158 35.65 -16.33 42.89
CA THR Y 158 36.15 -15.87 44.19
C THR Y 158 37.29 -14.88 44.11
N ASP Y 159 37.96 -14.75 42.96
CA ASP Y 159 38.98 -13.71 42.78
C ASP Y 159 39.02 -13.35 41.30
N GLY Y 160 40.12 -12.73 40.87
CA GLY Y 160 40.24 -12.35 39.47
C GLY Y 160 40.43 -13.53 38.54
N ASP Y 161 41.19 -14.54 38.98
CA ASP Y 161 41.46 -15.70 38.14
C ASP Y 161 40.17 -16.47 37.83
N SER Y 162 39.41 -16.83 38.87
CA SER Y 162 38.19 -17.59 38.67
C SER Y 162 37.18 -16.80 37.83
N GLY Y 163 36.97 -15.53 38.18
CA GLY Y 163 36.03 -14.72 37.42
C GLY Y 163 36.41 -14.59 35.96
N LEU Y 164 37.71 -14.39 35.69
CA LEU Y 164 38.18 -14.35 34.31
C LEU Y 164 37.90 -15.66 33.61
N ARG Y 165 38.15 -16.78 34.28
CA ARG Y 165 37.95 -18.09 33.64
C ARG Y 165 36.49 -18.32 33.31
N VAL Y 166 35.57 -18.02 34.24
CA VAL Y 166 34.16 -18.21 33.96
C VAL Y 166 33.67 -17.21 32.91
N ALA Y 167 34.35 -16.07 32.77
CA ALA Y 167 34.04 -15.18 31.66
C ALA Y 167 34.42 -15.82 30.33
N VAL Y 168 35.64 -16.38 30.25
CA VAL Y 168 36.09 -17.03 29.01
C VAL Y 168 35.21 -18.24 28.69
N GLU Y 169 34.74 -18.94 29.72
CA GLU Y 169 33.88 -20.09 29.48
C GLU Y 169 32.46 -19.68 29.08
N ALA Y 170 31.96 -18.57 29.63
CA ALA Y 170 30.69 -18.05 29.15
C ALA Y 170 30.77 -17.67 27.69
N LEU Y 171 31.85 -16.99 27.29
CA LEU Y 171 32.05 -16.71 25.88
C LEU Y 171 32.15 -18.00 25.07
N TYR Y 172 32.76 -19.03 25.65
CA TYR Y 172 32.90 -20.30 24.94
C TYR Y 172 31.53 -20.93 24.68
N ASP Y 173 30.67 -20.94 25.70
CA ASP Y 173 29.32 -21.48 25.53
C ASP Y 173 28.52 -20.67 24.51
N ALA Y 174 28.58 -19.34 24.62
CA ALA Y 174 27.89 -18.48 23.67
C ALA Y 174 28.32 -18.80 22.24
N ALA Y 175 29.64 -18.84 22.00
CA ALA Y 175 30.15 -19.19 20.67
C ALA Y 175 29.75 -20.60 20.28
N ASP Y 176 29.52 -21.47 21.27
CA ASP Y 176 29.15 -22.85 20.98
C ASP Y 176 27.72 -22.95 20.47
N ASP Y 177 26.82 -22.08 20.95
CA ASP Y 177 25.42 -22.14 20.55
C ASP Y 177 24.99 -21.05 19.57
N ASP Y 178 25.83 -20.04 19.33
CA ASP Y 178 25.46 -18.91 18.48
C ASP Y 178 26.52 -18.74 17.39
N SER Y 179 26.15 -19.01 16.14
CA SER Y 179 27.10 -18.93 15.04
C SER Y 179 27.60 -17.52 14.78
N ALA Y 180 27.00 -16.50 15.39
CA ALA Y 180 27.47 -15.12 15.25
C ALA Y 180 28.47 -14.73 16.33
N THR Y 181 28.87 -15.67 17.19
CA THR Y 181 29.89 -15.43 18.21
C THR Y 181 31.04 -16.40 17.97
N GLY Y 182 32.25 -15.88 17.91
CA GLY Y 182 33.42 -16.68 17.58
C GLY Y 182 34.09 -17.26 18.81
N GLY Y 183 34.41 -18.55 18.74
CA GLY Y 183 35.16 -19.20 19.80
C GLY Y 183 36.64 -19.06 19.59
N PRO Y 184 37.44 -19.70 20.45
CA PRO Y 184 38.89 -19.65 20.27
C PRO Y 184 39.30 -20.31 18.96
N ASP Y 185 40.27 -19.71 18.29
CA ASP Y 185 40.81 -20.21 17.03
C ASP Y 185 42.23 -20.70 17.33
N LEU Y 186 42.37 -22.01 17.55
CA LEU Y 186 43.68 -22.57 17.88
C LEU Y 186 44.59 -22.65 16.66
N VAL Y 187 44.04 -22.68 15.45
CA VAL Y 187 44.88 -22.71 14.26
C VAL Y 187 45.53 -21.35 14.02
N ARG Y 188 44.80 -20.27 14.29
CA ARG Y 188 45.30 -18.93 14.03
C ARG Y 188 45.90 -18.26 15.26
N GLY Y 189 45.56 -18.73 16.46
CA GLY Y 189 46.05 -18.10 17.67
C GLY Y 189 45.22 -16.92 18.13
N ILE Y 190 43.98 -16.79 17.66
CA ILE Y 190 43.11 -15.67 18.01
C ILE Y 190 42.17 -16.13 19.11
N PHE Y 191 42.10 -15.36 20.19
CA PHE Y 191 41.31 -15.69 21.35
C PHE Y 191 40.52 -14.45 21.78
N PRO Y 192 39.42 -14.63 22.50
CA PRO Y 192 38.65 -13.48 22.99
C PRO Y 192 39.49 -12.49 23.78
N THR Y 193 39.04 -11.24 23.85
CA THR Y 193 39.74 -10.20 24.58
C THR Y 193 39.07 -9.94 25.92
N ALA Y 194 39.85 -9.40 26.86
CA ALA Y 194 39.33 -9.17 28.20
C ALA Y 194 40.02 -7.99 28.84
N VAL Y 195 39.27 -7.29 29.69
CA VAL Y 195 39.77 -6.23 30.55
C VAL Y 195 39.43 -6.61 31.99
N ILE Y 196 40.37 -6.38 32.90
CA ILE Y 196 40.13 -6.58 34.32
C ILE Y 196 40.37 -5.25 35.03
N ILE Y 197 39.55 -4.96 36.03
CA ILE Y 197 39.55 -3.65 36.69
C ILE Y 197 39.53 -3.87 38.20
N ASP Y 198 40.55 -3.35 38.88
CA ASP Y 198 40.61 -3.36 40.33
C ASP Y 198 40.87 -1.95 40.85
N ALA Y 199 41.19 -1.83 42.15
CA ALA Y 199 41.45 -0.52 42.72
C ALA Y 199 42.71 0.12 42.15
N ASP Y 200 43.58 -0.67 41.53
CA ASP Y 200 44.75 -0.14 40.85
C ASP Y 200 44.47 0.28 39.42
N GLY Y 201 43.26 0.05 38.92
CA GLY Y 201 42.85 0.54 37.63
C GLY Y 201 42.40 -0.57 36.69
N ALA Y 202 42.25 -0.21 35.42
CA ALA Y 202 41.77 -1.11 34.38
C ALA Y 202 42.94 -1.47 33.48
N VAL Y 203 43.18 -2.77 33.33
CA VAL Y 203 44.29 -3.28 32.52
C VAL Y 203 43.77 -4.34 31.58
N ASP Y 204 44.41 -4.42 30.40
CA ASP Y 204 44.11 -5.46 29.43
C ASP Y 204 44.71 -6.80 29.87
N VAL Y 205 43.95 -7.87 29.66
CA VAL Y 205 44.46 -9.22 29.93
C VAL Y 205 45.26 -9.69 28.71
N PRO Y 206 46.52 -10.10 28.88
CA PRO Y 206 47.29 -10.57 27.73
C PRO Y 206 46.62 -11.75 27.05
N GLU Y 207 46.80 -11.83 25.73
CA GLU Y 207 46.13 -12.85 24.94
C GLU Y 207 46.55 -14.26 25.35
N SER Y 208 47.83 -14.43 25.70
CA SER Y 208 48.34 -15.75 26.06
C SER Y 208 47.60 -16.33 27.27
N ARG Y 209 47.18 -15.46 28.19
CA ARG Y 209 46.40 -15.91 29.35
C ARG Y 209 45.05 -16.48 28.92
N ILE Y 210 44.34 -15.75 28.05
CA ILE Y 210 43.07 -16.23 27.52
C ILE Y 210 43.28 -17.50 26.70
N ALA Y 211 44.44 -17.64 26.08
CA ALA Y 211 44.75 -18.86 25.35
C ALA Y 211 44.89 -20.04 26.30
N GLU Y 212 45.59 -19.83 27.42
CA GLU Y 212 45.70 -20.87 28.43
C GLU Y 212 44.33 -21.30 28.93
N LEU Y 213 43.51 -20.33 29.35
CA LEU Y 213 42.17 -20.65 29.86
C LEU Y 213 41.33 -21.33 28.77
N ALA Y 214 41.48 -20.90 27.53
CA ALA Y 214 40.74 -21.50 26.42
C ALA Y 214 41.09 -22.98 26.27
N ARG Y 215 42.38 -23.29 26.16
CA ARG Y 215 42.81 -24.68 26.08
C ARG Y 215 42.30 -25.49 27.27
N ALA Y 216 42.37 -24.91 28.47
CA ALA Y 216 41.88 -25.61 29.65
C ALA Y 216 40.40 -25.96 29.51
N ILE Y 217 39.60 -25.03 28.98
CA ILE Y 217 38.18 -25.31 28.77
C ILE Y 217 38.00 -26.41 27.73
N ILE Y 218 38.71 -26.30 26.61
CA ILE Y 218 38.56 -27.27 25.51
C ILE Y 218 38.86 -28.68 25.98
N GLU Y 219 40.03 -28.87 26.59
CA GLU Y 219 40.38 -30.22 27.06
C GLU Y 219 39.46 -30.65 28.19
N SER Y 220 39.05 -29.72 29.05
CA SER Y 220 38.08 -30.05 30.09
C SER Y 220 36.77 -30.55 29.51
N ARG Y 221 36.46 -30.21 28.26
CA ARG Y 221 35.28 -30.73 27.59
C ARG Y 221 35.58 -31.88 26.64
N SER Y 222 36.85 -32.20 26.42
CA SER Y 222 37.18 -33.38 25.63
C SER Y 222 37.14 -34.64 26.48
N GLY Y 223 38.03 -34.73 27.47
CA GLY Y 223 38.08 -35.88 28.35
C GLY Y 223 39.45 -36.54 28.40
N THR Z 1 33.22 -4.98 -10.75
CA THR Z 1 34.43 -4.39 -10.20
C THR Z 1 35.01 -5.25 -9.10
N THR Z 2 36.33 -5.43 -9.12
CA THR Z 2 37.05 -6.07 -8.03
C THR Z 2 38.33 -5.30 -7.77
N ILE Z 3 38.59 -5.00 -6.50
CA ILE Z 3 39.83 -4.36 -6.06
C ILE Z 3 40.49 -5.29 -5.06
N VAL Z 4 41.78 -5.52 -5.24
CA VAL Z 4 42.55 -6.37 -4.34
C VAL Z 4 43.68 -5.56 -3.72
N ALA Z 5 44.10 -6.00 -2.53
CA ALA Z 5 45.27 -5.43 -1.86
C ALA Z 5 45.88 -6.50 -0.98
N LEU Z 6 47.20 -6.60 -1.01
CA LEU Z 6 47.88 -7.57 -0.17
C LEU Z 6 49.21 -7.00 0.29
N LYS Z 7 49.60 -7.35 1.52
CA LYS Z 7 50.86 -6.92 2.11
C LYS Z 7 51.96 -7.89 1.72
N TYR Z 8 53.15 -7.36 1.46
CA TYR Z 8 54.34 -8.16 1.23
C TYR Z 8 55.47 -7.62 2.10
N PRO Z 9 56.48 -8.44 2.40
CA PRO Z 9 57.55 -7.99 3.30
C PRO Z 9 58.27 -6.75 2.78
N GLY Z 10 57.85 -5.58 3.26
CA GLY Z 10 58.42 -4.32 2.83
C GLY Z 10 57.45 -3.36 2.19
N GLY Z 11 56.16 -3.69 2.08
CA GLY Z 11 55.22 -2.78 1.48
C GLY Z 11 53.88 -3.44 1.23
N VAL Z 12 53.12 -2.86 0.32
CA VAL Z 12 51.78 -3.32 0.00
C VAL Z 12 51.54 -3.10 -1.49
N VAL Z 13 50.74 -3.99 -2.09
CA VAL Z 13 50.38 -3.87 -3.49
C VAL Z 13 48.86 -3.88 -3.60
N MET Z 14 48.32 -2.99 -4.44
CA MET Z 14 46.89 -2.92 -4.68
C MET Z 14 46.63 -2.90 -6.18
N ALA Z 15 45.60 -3.61 -6.61
CA ALA Z 15 45.30 -3.73 -8.03
C ALA Z 15 43.80 -3.67 -8.26
N GLY Z 16 43.41 -3.21 -9.45
CA GLY Z 16 42.01 -3.13 -9.80
C GLY Z 16 41.81 -3.45 -11.27
N ASP Z 17 40.56 -3.81 -11.60
CA ASP Z 17 40.19 -4.17 -12.95
C ASP Z 17 39.77 -2.91 -13.73
N ARG Z 18 39.28 -3.10 -14.96
CA ARG Z 18 39.06 -2.00 -15.88
C ARG Z 18 37.65 -1.97 -16.46
N ARG Z 19 36.71 -2.74 -15.92
CA ARG Z 19 35.39 -2.88 -16.51
C ARG Z 19 34.39 -1.94 -15.84
N SER Z 20 33.56 -1.29 -16.65
CA SER Z 20 32.38 -0.59 -16.19
C SER Z 20 31.15 -1.22 -16.84
N THR Z 21 30.15 -1.53 -16.03
CA THR Z 21 28.91 -2.13 -16.52
C THR Z 21 27.73 -1.21 -16.26
N GLN Z 22 26.64 -1.47 -16.97
CA GLN Z 22 25.35 -0.79 -16.77
C GLN Z 22 24.29 -1.87 -16.95
N GLY Z 23 23.94 -2.53 -15.85
CA GLY Z 23 23.25 -3.80 -15.94
C GLY Z 23 24.18 -4.86 -16.48
N ASN Z 24 23.83 -5.46 -17.61
CA ASN Z 24 24.70 -6.41 -18.28
C ASN Z 24 25.46 -5.79 -19.45
N MET Z 25 25.08 -4.59 -19.88
CA MET Z 25 25.82 -3.92 -20.94
C MET Z 25 27.17 -3.42 -20.41
N ILE Z 26 28.19 -3.53 -21.25
CA ILE Z 26 29.52 -3.06 -20.91
C ILE Z 26 29.62 -1.60 -21.33
N SER Z 27 29.82 -0.72 -20.36
CA SER Z 27 29.93 0.71 -20.61
C SER Z 27 31.34 1.23 -20.39
N GLY Z 28 32.29 0.36 -20.07
CA GLY Z 28 33.68 0.78 -19.90
C GLY Z 28 34.66 -0.38 -19.97
N ARG Z 29 35.80 -0.16 -20.64
CA ARG Z 29 36.83 -1.18 -20.78
C ARG Z 29 38.19 -0.78 -20.28
N ASP Z 30 38.39 0.49 -19.89
CA ASP Z 30 39.71 0.95 -19.46
C ASP Z 30 39.60 1.85 -18.24
N VAL Z 31 38.61 1.60 -17.39
CA VAL Z 31 38.41 2.44 -16.21
C VAL Z 31 39.56 2.23 -15.23
N ARG Z 32 40.05 3.35 -14.68
CA ARG Z 32 41.10 3.32 -13.67
C ARG Z 32 40.45 3.51 -12.30
N LYS Z 33 40.56 2.49 -11.45
CA LYS Z 33 39.89 2.47 -10.16
C LYS Z 33 40.85 2.51 -8.98
N VAL Z 34 42.15 2.52 -9.23
CA VAL Z 34 43.18 2.56 -8.19
C VAL Z 34 43.87 3.91 -8.27
N TYR Z 35 43.78 4.69 -7.19
CA TYR Z 35 44.27 6.06 -7.16
C TYR Z 35 45.36 6.22 -6.11
N ILE Z 36 46.49 6.78 -6.51
CA ILE Z 36 47.50 7.23 -5.56
C ILE Z 36 46.97 8.49 -4.89
N THR Z 37 46.56 8.38 -3.62
CA THR Z 37 45.95 9.51 -2.93
C THR Z 37 46.96 10.34 -2.15
N ASP Z 38 48.09 9.76 -1.73
CA ASP Z 38 49.22 10.56 -1.27
C ASP Z 38 50.47 9.70 -1.33
N ASP Z 39 51.62 10.34 -1.03
CA ASP Z 39 52.93 9.72 -1.27
C ASP Z 39 53.02 8.30 -0.74
N TYR Z 40 52.25 7.96 0.29
CA TYR Z 40 52.35 6.64 0.89
C TYR Z 40 51.01 5.92 1.02
N THR Z 41 49.93 6.44 0.42
CA THR Z 41 48.66 5.73 0.46
C THR Z 41 47.99 5.76 -0.90
N ALA Z 42 47.39 4.62 -1.26
CA ALA Z 42 46.57 4.46 -2.44
C ALA Z 42 45.19 3.96 -2.02
N THR Z 43 44.17 4.40 -2.77
CA THR Z 43 42.78 4.09 -2.46
C THR Z 43 42.11 3.55 -3.71
N GLY Z 44 41.51 2.37 -3.61
CA GLY Z 44 40.77 1.77 -4.71
C GLY Z 44 39.32 1.58 -4.33
N ILE Z 45 38.40 1.94 -5.22
CA ILE Z 45 36.99 2.02 -4.88
C ILE Z 45 36.19 1.07 -5.77
N ALA Z 46 35.09 0.56 -5.23
CA ALA Z 46 34.12 -0.22 -5.99
C ALA Z 46 32.74 0.41 -5.83
N GLY Z 47 32.06 0.62 -6.95
CA GLY Z 47 30.69 1.14 -6.87
C GLY Z 47 30.34 2.17 -7.92
N THR Z 48 29.44 3.10 -7.56
CA THR Z 48 29.00 4.12 -8.50
C THR Z 48 30.17 5.03 -8.89
N ALA Z 49 30.35 5.21 -10.19
CA ALA Z 49 31.55 5.88 -10.70
C ALA Z 49 31.65 7.31 -10.18
N ALA Z 50 30.55 8.06 -10.20
CA ALA Z 50 30.58 9.44 -9.71
C ALA Z 50 31.01 9.48 -8.25
N VAL Z 51 30.40 8.63 -7.42
CA VAL Z 51 30.76 8.58 -6.01
C VAL Z 51 32.22 8.17 -5.84
N ALA Z 52 32.71 7.27 -6.70
CA ALA Z 52 34.10 6.83 -6.59
C ALA Z 52 35.07 7.96 -6.92
N VAL Z 53 34.81 8.70 -8.00
CA VAL Z 53 35.72 9.77 -8.41
C VAL Z 53 35.69 10.90 -7.39
N GLU Z 54 34.51 11.26 -6.88
CA GLU Z 54 34.45 12.32 -5.88
C GLU Z 54 35.11 11.88 -4.57
N PHE Z 55 34.94 10.60 -4.21
CA PHE Z 55 35.65 10.04 -3.06
C PHE Z 55 37.15 10.22 -3.20
N ALA Z 56 37.71 9.72 -4.31
CA ALA Z 56 39.17 9.76 -4.49
C ALA Z 56 39.68 11.18 -4.53
N ARG Z 57 39.07 12.04 -5.36
CA ARG Z 57 39.56 13.40 -5.52
C ARG Z 57 39.46 14.17 -4.20
N LEU Z 58 38.29 14.15 -3.57
CA LEU Z 58 38.11 14.86 -2.32
C LEU Z 58 39.04 14.34 -1.24
N TYR Z 59 39.35 13.04 -1.27
CA TYR Z 59 40.19 12.45 -0.24
C TYR Z 59 41.65 12.87 -0.41
N ALA Z 60 42.18 12.78 -1.63
CA ALA Z 60 43.53 13.25 -1.89
C ALA Z 60 43.67 14.72 -1.54
N VAL Z 61 42.71 15.53 -1.98
CA VAL Z 61 42.75 16.96 -1.67
C VAL Z 61 42.65 17.22 -0.18
N GLU Z 62 41.94 16.35 0.56
CA GLU Z 62 41.83 16.55 2.00
C GLU Z 62 43.15 16.23 2.70
N LEU Z 63 43.77 15.11 2.33
CA LEU Z 63 45.06 14.77 2.92
C LEU Z 63 46.09 15.86 2.66
N GLU Z 64 46.25 16.26 1.39
CA GLU Z 64 47.22 17.30 1.10
C GLU Z 64 46.84 18.64 1.73
N HIS Z 65 45.54 18.89 1.87
CA HIS Z 65 45.07 20.11 2.54
C HIS Z 65 45.58 20.18 3.97
N TYR Z 66 45.31 19.13 4.74
CA TYR Z 66 45.86 19.06 6.10
C TYR Z 66 47.38 19.19 6.07
N GLU Z 67 48.02 18.55 5.10
CA GLU Z 67 49.49 18.55 5.04
C GLU Z 67 50.03 19.97 4.90
N LYS Z 68 49.45 20.76 4.00
CA LYS Z 68 49.94 22.12 3.78
C LYS Z 68 49.52 23.07 4.90
N LEU Z 69 48.36 22.82 5.52
CA LEU Z 69 47.94 23.68 6.61
C LEU Z 69 48.82 23.50 7.84
N GLU Z 70 49.15 22.26 8.19
CA GLU Z 70 49.82 21.96 9.45
C GLU Z 70 51.31 21.65 9.30
N GLY Z 71 51.82 21.56 8.08
CA GLY Z 71 53.24 21.32 7.85
C GLY Z 71 53.67 19.87 7.93
N VAL Z 72 52.86 19.00 8.54
CA VAL Z 72 53.20 17.58 8.68
C VAL Z 72 51.97 16.78 8.25
N PRO Z 73 52.12 15.68 7.52
CA PRO Z 73 50.95 14.90 7.10
C PRO Z 73 50.25 14.24 8.29
N LEU Z 74 49.04 13.75 8.00
CA LEU Z 74 48.26 13.03 8.99
C LEU Z 74 48.89 11.67 9.29
N THR Z 75 48.70 11.20 10.52
CA THR Z 75 49.03 9.83 10.84
C THR Z 75 48.09 8.89 10.08
N PHE Z 76 48.51 7.63 9.95
CA PHE Z 76 47.68 6.69 9.21
C PHE Z 76 46.32 6.50 9.87
N ALA Z 77 46.26 6.57 11.20
CA ALA Z 77 44.98 6.52 11.90
C ALA Z 77 44.11 7.70 11.50
N GLY Z 78 44.70 8.88 11.36
CA GLY Z 78 43.94 10.04 10.92
C GLY Z 78 43.42 9.90 9.50
N LYS Z 79 44.24 9.33 8.60
CA LYS Z 79 43.79 9.08 7.24
C LYS Z 79 42.63 8.10 7.22
N ILE Z 80 42.72 7.03 8.02
CA ILE Z 80 41.60 6.11 8.17
C ILE Z 80 40.35 6.86 8.59
N ASN Z 81 40.47 7.69 9.64
CA ASN Z 81 39.29 8.38 10.16
C ASN Z 81 38.68 9.31 9.12
N ARG Z 82 39.53 9.99 8.34
CA ARG Z 82 39.02 10.88 7.30
C ARG Z 82 38.25 10.09 6.25
N LEU Z 83 38.85 9.00 5.73
CA LEU Z 83 38.16 8.21 4.72
C LEU Z 83 36.83 7.67 5.27
N ALA Z 84 36.83 7.17 6.51
CA ALA Z 84 35.62 6.60 7.09
C ALA Z 84 34.54 7.67 7.26
N ILE Z 85 34.90 8.85 7.74
CA ILE Z 85 33.92 9.92 7.91
C ILE Z 85 33.33 10.32 6.56
N MET Z 86 34.19 10.45 5.55
CA MET Z 86 33.70 10.79 4.21
C MET Z 86 32.72 9.74 3.71
N VAL Z 87 33.06 8.46 3.88
CA VAL Z 87 32.17 7.38 3.44
C VAL Z 87 30.84 7.44 4.18
N ARG Z 88 30.87 7.72 5.49
CA ARG Z 88 29.64 7.81 6.26
C ARG Z 88 28.77 8.96 5.78
N GLY Z 89 29.39 10.07 5.35
CA GLY Z 89 28.63 11.22 4.88
C GLY Z 89 27.75 10.93 3.66
N ASN Z 90 28.05 9.86 2.92
CA ASN Z 90 27.31 9.52 1.71
C ASN Z 90 26.31 8.39 1.94
N LEU Z 91 25.96 8.11 3.20
CA LEU Z 91 25.09 6.98 3.49
C LEU Z 91 23.70 7.16 2.90
N ALA Z 92 23.19 8.40 2.88
CA ALA Z 92 21.87 8.64 2.31
C ALA Z 92 21.85 8.35 0.82
N ALA Z 93 22.80 8.93 0.08
CA ALA Z 93 22.90 8.67 -1.35
C ALA Z 93 23.11 7.19 -1.64
N ALA Z 94 23.90 6.52 -0.80
CA ALA Z 94 24.10 5.09 -0.96
C ALA Z 94 22.79 4.32 -0.77
N MET Z 95 21.99 4.73 0.22
CA MET Z 95 20.69 4.11 0.42
C MET Z 95 19.79 4.36 -0.79
N GLN Z 96 19.92 5.53 -1.42
CA GLN Z 96 19.17 5.85 -2.63
C GLN Z 96 19.73 5.16 -3.87
N GLY Z 97 20.91 4.54 -3.79
CA GLY Z 97 21.48 3.79 -4.90
C GLY Z 97 22.86 4.22 -5.34
N LEU Z 98 23.40 5.31 -4.81
CA LEU Z 98 24.73 5.79 -5.19
C LEU Z 98 25.77 5.26 -4.21
N LEU Z 99 25.93 3.94 -4.25
CA LEU Z 99 26.79 3.23 -3.31
C LEU Z 99 28.20 3.10 -3.85
N ALA Z 100 29.18 3.28 -2.97
CA ALA Z 100 30.59 3.13 -3.32
C ALA Z 100 31.39 2.89 -2.05
N LEU Z 101 32.27 1.89 -2.08
CA LEU Z 101 33.07 1.50 -0.94
C LEU Z 101 34.55 1.53 -1.30
N PRO Z 102 35.37 2.17 -0.48
CA PRO Z 102 36.81 2.21 -0.74
C PRO Z 102 37.57 1.08 -0.04
N LEU Z 103 38.83 0.94 -0.44
CA LEU Z 103 39.79 0.03 0.16
C LEU Z 103 41.11 0.78 0.21
N LEU Z 104 41.70 0.87 1.39
CA LEU Z 104 42.85 1.72 1.65
C LEU Z 104 44.09 0.87 1.84
N ALA Z 105 45.14 1.17 1.09
CA ALA Z 105 46.42 0.48 1.22
C ALA Z 105 47.52 1.51 1.42
N GLY Z 106 48.32 1.33 2.47
CA GLY Z 106 49.31 2.33 2.81
C GLY Z 106 50.56 1.73 3.41
N TYR Z 107 51.52 2.60 3.70
CA TYR Z 107 52.80 2.24 4.30
C TYR Z 107 53.07 3.25 5.40
N ASP Z 108 52.87 2.85 6.66
CA ASP Z 108 52.99 3.74 7.80
C ASP Z 108 54.47 4.00 8.08
N ILE Z 109 54.92 5.23 7.80
CA ILE Z 109 56.33 5.56 8.00
C ILE Z 109 56.69 5.74 9.47
N HIS Z 110 55.71 5.68 10.37
CA HIS Z 110 55.97 5.76 11.80
C HIS Z 110 55.82 4.40 12.49
N ALA Z 111 55.60 3.34 11.73
CA ALA Z 111 55.55 2.01 12.31
C ALA Z 111 56.93 1.61 12.83
N SER Z 112 56.93 0.78 13.87
CA SER Z 112 58.19 0.35 14.47
C SER Z 112 58.95 -0.58 13.54
N ASP Z 113 58.28 -1.61 13.01
CA ASP Z 113 58.91 -2.59 12.14
C ASP Z 113 58.64 -2.21 10.69
N PRO Z 114 59.60 -1.63 9.97
CA PRO Z 114 59.33 -1.17 8.60
C PRO Z 114 59.09 -2.28 7.60
N GLN Z 115 59.39 -3.55 7.94
CA GLN Z 115 59.05 -4.63 7.03
C GLN Z 115 57.56 -4.96 7.08
N SER Z 116 56.94 -4.84 8.24
CA SER Z 116 55.49 -5.00 8.38
C SER Z 116 54.78 -3.66 8.49
N ALA Z 117 55.30 -2.62 7.84
CA ALA Z 117 54.71 -1.30 7.90
C ALA Z 117 53.53 -1.11 6.96
N GLY Z 118 53.30 -2.07 6.05
CA GLY Z 118 52.13 -1.99 5.19
C GLY Z 118 50.84 -2.14 5.99
N ARG Z 119 49.79 -1.51 5.48
CA ARG Z 119 48.47 -1.52 6.12
C ARG Z 119 47.40 -1.65 5.05
N ILE Z 120 46.34 -2.40 5.38
CA ILE Z 120 45.16 -2.53 4.54
C ILE Z 120 43.93 -2.31 5.41
N VAL Z 121 43.03 -1.42 4.97
CA VAL Z 121 41.83 -1.07 5.73
C VAL Z 121 40.63 -1.15 4.80
N SER Z 122 39.59 -1.85 5.25
CA SER Z 122 38.35 -2.01 4.50
C SER Z 122 37.24 -1.22 5.16
N PHE Z 123 36.21 -0.89 4.38
CA PHE Z 123 35.17 0.05 4.80
C PHE Z 123 33.80 -0.47 4.39
N ASP Z 124 32.79 -0.08 5.17
CA ASP Z 124 31.39 -0.32 4.86
C ASP Z 124 30.66 0.99 4.61
N ALA Z 125 29.42 0.88 4.16
CA ALA Z 125 28.64 2.06 3.79
C ALA Z 125 28.34 2.99 4.95
N ALA Z 126 28.53 2.53 6.19
CA ALA Z 126 28.16 3.31 7.37
C ALA Z 126 29.35 4.00 8.02
N GLY Z 127 30.53 3.94 7.42
CA GLY Z 127 31.72 4.50 8.02
C GLY Z 127 32.52 3.53 8.87
N GLY Z 128 32.03 2.30 9.04
CA GLY Z 128 32.81 1.30 9.74
C GLY Z 128 34.04 0.91 8.94
N TRP Z 129 35.11 0.63 9.67
CA TRP Z 129 36.41 0.35 9.05
C TRP Z 129 37.12 -0.74 9.83
N ASN Z 130 37.94 -1.52 9.13
CA ASN Z 130 38.68 -2.62 9.74
C ASN Z 130 40.08 -2.66 9.14
N ILE Z 131 41.09 -2.50 9.99
CA ILE Z 131 42.47 -2.68 9.56
C ILE Z 131 42.72 -4.18 9.43
N GLU Z 132 43.09 -4.61 8.23
CA GLU Z 132 43.23 -6.04 7.96
C GLU Z 132 44.48 -6.58 8.64
N GLU Z 133 44.30 -7.54 9.54
CA GLU Z 133 45.43 -8.19 10.18
C GLU Z 133 45.58 -9.62 9.70
N GLU Z 134 45.51 -9.82 8.38
CA GLU Z 134 45.62 -11.16 7.83
C GLU Z 134 46.30 -11.21 6.46
N GLY Z 135 46.76 -10.09 5.91
CA GLY Z 135 47.59 -10.13 4.73
C GLY Z 135 46.98 -9.58 3.45
N TYR Z 136 45.74 -9.97 3.16
CA TYR Z 136 45.08 -9.58 1.91
C TYR Z 136 43.66 -9.14 2.21
N GLN Z 137 43.03 -8.54 1.20
CA GLN Z 137 41.66 -8.05 1.28
C GLN Z 137 41.22 -7.65 -0.12
N ALA Z 138 39.90 -7.62 -0.33
CA ALA Z 138 39.34 -7.27 -1.62
C ALA Z 138 37.95 -6.69 -1.41
N VAL Z 139 37.49 -5.91 -2.40
CA VAL Z 139 36.18 -5.29 -2.36
C VAL Z 139 35.60 -5.30 -3.77
N GLY Z 140 34.29 -5.50 -3.87
CA GLY Z 140 33.60 -5.47 -5.14
C GLY Z 140 32.81 -6.74 -5.39
N SER Z 141 32.15 -6.76 -6.55
CA SER Z 141 31.29 -7.90 -6.89
C SER Z 141 32.06 -9.20 -7.03
N GLY Z 142 33.35 -9.15 -7.31
CA GLY Z 142 34.19 -10.32 -7.40
C GLY Z 142 35.12 -10.53 -6.22
N SER Z 143 34.91 -9.80 -5.12
CA SER Z 143 35.85 -9.83 -4.01
C SER Z 143 35.91 -11.19 -3.33
N LEU Z 144 34.83 -11.97 -3.38
CA LEU Z 144 34.84 -13.27 -2.73
C LEU Z 144 35.72 -14.26 -3.48
N PHE Z 145 35.62 -14.28 -4.81
CA PHE Z 145 36.47 -15.14 -5.61
C PHE Z 145 37.94 -14.74 -5.45
N ALA Z 146 38.21 -13.44 -5.38
CA ALA Z 146 39.59 -12.97 -5.24
C ALA Z 146 40.16 -13.31 -3.87
N LYS Z 147 39.40 -13.04 -2.81
CA LYS Z 147 39.87 -13.38 -1.47
C LYS Z 147 40.09 -14.88 -1.34
N SER Z 148 39.20 -15.68 -1.91
CA SER Z 148 39.38 -17.12 -1.84
C SER Z 148 40.56 -17.59 -2.68
N SER Z 149 40.90 -16.86 -3.75
CA SER Z 149 42.10 -17.20 -4.52
C SER Z 149 43.36 -16.86 -3.72
N MET Z 150 43.39 -15.67 -3.12
CA MET Z 150 44.55 -15.27 -2.34
C MET Z 150 44.71 -16.13 -1.10
N LYS Z 151 43.62 -16.73 -0.62
CA LYS Z 151 43.74 -17.66 0.50
C LYS Z 151 44.63 -18.85 0.14
N LYS Z 152 44.58 -19.28 -1.12
CA LYS Z 152 45.44 -20.37 -1.57
C LYS Z 152 46.79 -19.90 -2.07
N LEU Z 153 46.86 -18.71 -2.67
CA LEU Z 153 48.09 -18.25 -3.32
C LEU Z 153 48.99 -17.42 -2.41
N TYR Z 154 48.53 -17.03 -1.22
CA TYR Z 154 49.25 -16.03 -0.44
C TYR Z 154 50.52 -16.58 0.20
N SER Z 155 50.60 -17.90 0.41
CA SER Z 155 51.83 -18.47 0.95
C SER Z 155 53.02 -18.33 0.00
N GLN Z 156 52.77 -17.95 -1.24
CA GLN Z 156 53.83 -17.78 -2.23
C GLN Z 156 54.38 -16.36 -2.28
N VAL Z 157 53.86 -15.45 -1.48
CA VAL Z 157 54.28 -14.05 -1.49
C VAL Z 157 55.51 -13.91 -0.60
N THR Z 158 56.65 -13.59 -1.22
CA THR Z 158 57.90 -13.39 -0.50
C THR Z 158 58.56 -12.06 -0.78
N ASP Z 159 58.18 -11.36 -1.84
CA ASP Z 159 58.72 -10.04 -2.15
C ASP Z 159 57.63 -9.23 -2.85
N GLY Z 160 58.03 -8.19 -3.57
CA GLY Z 160 57.06 -7.39 -4.28
C GLY Z 160 56.56 -8.04 -5.56
N ASP Z 161 57.41 -8.80 -6.23
CA ASP Z 161 57.03 -9.38 -7.52
C ASP Z 161 56.04 -10.53 -7.34
N SER Z 162 56.26 -11.39 -6.35
CA SER Z 162 55.29 -12.45 -6.08
C SER Z 162 53.97 -11.86 -5.59
N GLY Z 163 54.04 -10.77 -4.82
CA GLY Z 163 52.82 -10.12 -4.39
C GLY Z 163 52.03 -9.54 -5.54
N LEU Z 164 52.72 -8.88 -6.48
CA LEU Z 164 52.04 -8.34 -7.66
C LEU Z 164 51.47 -9.46 -8.52
N ARG Z 165 52.22 -10.57 -8.66
CA ARG Z 165 51.74 -11.70 -9.44
C ARG Z 165 50.48 -12.29 -8.84
N VAL Z 166 50.48 -12.49 -7.52
CA VAL Z 166 49.30 -13.03 -6.85
C VAL Z 166 48.14 -12.06 -6.94
N ALA Z 167 48.41 -10.75 -6.88
CA ALA Z 167 47.35 -9.76 -7.04
C ALA Z 167 46.69 -9.88 -8.41
N VAL Z 168 47.50 -9.88 -9.47
CA VAL Z 168 46.94 -9.98 -10.82
C VAL Z 168 46.22 -11.31 -11.01
N GLU Z 169 46.75 -12.38 -10.43
CA GLU Z 169 46.08 -13.68 -10.54
C GLU Z 169 44.74 -13.66 -9.81
N ALA Z 170 44.67 -12.96 -8.67
CA ALA Z 170 43.41 -12.85 -7.95
C ALA Z 170 42.38 -12.08 -8.76
N LEU Z 171 42.80 -10.97 -9.39
CA LEU Z 171 41.90 -10.29 -10.31
C LEU Z 171 41.50 -11.20 -11.47
N TYR Z 172 42.39 -12.11 -11.87
CA TYR Z 172 42.08 -13.04 -12.95
C TYR Z 172 40.96 -13.99 -12.53
N ASP Z 173 41.05 -14.54 -11.31
CA ASP Z 173 39.99 -15.40 -10.83
C ASP Z 173 38.67 -14.63 -10.65
N ALA Z 174 38.76 -13.44 -10.07
CA ALA Z 174 37.58 -12.60 -9.89
C ALA Z 174 36.87 -12.35 -11.22
N ALA Z 175 37.63 -11.96 -12.25
CA ALA Z 175 37.03 -11.75 -13.56
C ALA Z 175 36.55 -13.07 -14.16
N ASP Z 176 37.20 -14.17 -13.82
CA ASP Z 176 36.83 -15.47 -14.37
C ASP Z 176 35.46 -15.90 -13.89
N ASP Z 177 35.13 -15.60 -12.63
CA ASP Z 177 33.85 -16.05 -12.06
C ASP Z 177 32.81 -14.95 -11.95
N ASP Z 178 33.18 -13.68 -12.13
CA ASP Z 178 32.25 -12.57 -12.03
C ASP Z 178 32.25 -11.81 -13.35
N SER Z 179 31.11 -11.81 -14.04
CA SER Z 179 31.03 -11.11 -15.32
C SER Z 179 31.04 -9.60 -15.17
N ALA Z 180 30.89 -9.09 -13.95
CA ALA Z 180 31.00 -7.66 -13.69
C ALA Z 180 32.44 -7.23 -13.44
N THR Z 181 33.39 -8.15 -13.53
CA THR Z 181 34.81 -7.86 -13.37
C THR Z 181 35.53 -8.19 -14.67
N GLY Z 182 36.30 -7.23 -15.17
CA GLY Z 182 37.00 -7.41 -16.43
C GLY Z 182 38.34 -8.09 -16.25
N GLY Z 183 38.62 -9.05 -17.13
CA GLY Z 183 39.91 -9.70 -17.16
C GLY Z 183 40.83 -9.07 -18.19
N PRO Z 184 41.99 -9.68 -18.40
CA PRO Z 184 42.93 -9.15 -19.40
C PRO Z 184 42.35 -9.26 -20.81
N ASP Z 185 42.35 -8.14 -21.53
CA ASP Z 185 41.93 -8.10 -22.92
C ASP Z 185 43.19 -8.05 -23.77
N LEU Z 186 43.61 -9.21 -24.28
CA LEU Z 186 44.82 -9.29 -25.07
C LEU Z 186 44.64 -8.81 -26.51
N VAL Z 187 43.41 -8.64 -26.97
CA VAL Z 187 43.20 -8.12 -28.32
C VAL Z 187 43.15 -6.59 -28.34
N ARG Z 188 42.83 -5.96 -27.21
CA ARG Z 188 42.90 -4.51 -27.08
C ARG Z 188 44.13 -4.05 -26.32
N GLY Z 189 44.75 -4.92 -25.53
CA GLY Z 189 45.92 -4.55 -24.77
C GLY Z 189 45.65 -3.87 -23.46
N ILE Z 190 44.45 -4.04 -22.89
CA ILE Z 190 44.06 -3.39 -21.64
C ILE Z 190 44.16 -4.40 -20.51
N PHE Z 191 44.86 -4.02 -19.45
CA PHE Z 191 45.16 -4.89 -18.33
C PHE Z 191 44.81 -4.19 -17.03
N PRO Z 192 44.63 -4.94 -15.94
CA PRO Z 192 44.37 -4.30 -14.65
C PRO Z 192 45.45 -3.29 -14.30
N THR Z 193 45.07 -2.30 -13.50
CA THR Z 193 46.02 -1.33 -12.99
C THR Z 193 46.50 -1.74 -11.61
N ALA Z 194 47.70 -1.27 -11.25
CA ALA Z 194 48.28 -1.63 -9.96
C ALA Z 194 49.11 -0.46 -9.45
N VAL Z 195 49.16 -0.37 -8.11
CA VAL Z 195 50.01 0.57 -7.40
C VAL Z 195 50.77 -0.21 -6.34
N ILE Z 196 52.07 0.08 -6.20
CA ILE Z 196 52.92 -0.59 -5.23
C ILE Z 196 53.54 0.47 -4.32
N ILE Z 197 53.53 0.20 -3.02
CA ILE Z 197 53.93 1.17 -2.01
C ILE Z 197 54.96 0.52 -1.08
N ASP Z 198 56.12 1.14 -0.95
CA ASP Z 198 57.13 0.68 0.01
C ASP Z 198 57.71 1.91 0.69
N ALA Z 199 58.88 1.75 1.31
CA ALA Z 199 59.51 2.85 2.05
C ALA Z 199 59.82 4.02 1.13
N ASP Z 200 59.99 3.77 -0.16
CA ASP Z 200 60.26 4.84 -1.10
C ASP Z 200 59.02 5.60 -1.53
N GLY Z 201 57.82 5.09 -1.25
CA GLY Z 201 56.59 5.76 -1.58
C GLY Z 201 55.66 4.86 -2.37
N ALA Z 202 54.68 5.50 -3.01
CA ALA Z 202 53.65 4.81 -3.79
C ALA Z 202 53.83 5.16 -5.25
N VAL Z 203 53.96 4.13 -6.10
CA VAL Z 203 54.24 4.32 -7.51
C VAL Z 203 53.32 3.42 -8.33
N ASP Z 204 52.86 3.94 -9.47
CA ASP Z 204 52.05 3.16 -10.40
C ASP Z 204 52.88 2.06 -11.03
N VAL Z 205 52.37 0.83 -10.97
CA VAL Z 205 53.03 -0.26 -11.68
C VAL Z 205 52.85 -0.07 -13.18
N PRO Z 206 53.93 -0.07 -13.97
CA PRO Z 206 53.78 0.06 -15.43
C PRO Z 206 52.98 -1.10 -15.99
N GLU Z 207 52.12 -0.80 -16.96
CA GLU Z 207 51.14 -1.79 -17.42
C GLU Z 207 51.80 -2.98 -18.10
N SER Z 208 52.99 -2.79 -18.68
CA SER Z 208 53.64 -3.86 -19.43
C SER Z 208 53.98 -5.04 -18.51
N ARG Z 209 54.44 -4.75 -17.29
CA ARG Z 209 54.73 -5.79 -16.32
C ARG Z 209 53.47 -6.58 -15.96
N ILE Z 210 52.36 -5.87 -15.75
CA ILE Z 210 51.09 -6.53 -15.48
C ILE Z 210 50.67 -7.38 -16.67
N ALA Z 211 50.94 -6.89 -17.88
CA ALA Z 211 50.61 -7.65 -19.09
C ALA Z 211 51.38 -8.96 -19.13
N GLU Z 212 52.68 -8.91 -18.84
CA GLU Z 212 53.48 -10.12 -18.85
C GLU Z 212 53.02 -11.10 -17.78
N LEU Z 213 52.68 -10.59 -16.59
CA LEU Z 213 52.11 -11.47 -15.57
C LEU Z 213 50.79 -12.08 -16.03
N ALA Z 214 50.00 -11.33 -16.81
CA ALA Z 214 48.76 -11.87 -17.35
C ALA Z 214 49.05 -13.00 -18.33
N ARG Z 215 50.04 -12.82 -19.22
CA ARG Z 215 50.44 -13.91 -20.11
C ARG Z 215 50.88 -15.13 -19.32
N ALA Z 216 51.64 -14.92 -18.23
CA ALA Z 216 52.06 -16.03 -17.38
C ALA Z 216 50.85 -16.78 -16.83
N ILE Z 217 49.87 -16.06 -16.32
CA ILE Z 217 48.68 -16.70 -15.73
C ILE Z 217 47.92 -17.47 -16.81
N ILE Z 218 47.58 -16.79 -17.91
CA ILE Z 218 46.80 -17.42 -18.97
C ILE Z 218 47.49 -18.68 -19.48
N GLU Z 219 48.81 -18.62 -19.70
CA GLU Z 219 49.51 -19.79 -20.21
C GLU Z 219 49.55 -20.90 -19.16
N SER Z 220 49.73 -20.54 -17.89
CA SER Z 220 49.78 -21.55 -16.84
C SER Z 220 48.43 -22.20 -16.60
N ARG Z 221 47.34 -21.58 -17.06
CA ARG Z 221 46.01 -22.14 -16.90
C ARG Z 221 45.51 -22.88 -18.13
N SER Z 222 46.29 -22.88 -19.23
CA SER Z 222 45.87 -23.50 -20.47
C SER Z 222 46.21 -24.98 -20.55
N GLY Z 223 46.49 -25.61 -19.41
CA GLY Z 223 46.80 -27.03 -19.39
C GLY Z 223 47.12 -27.56 -18.00
N THR AA 1 16.03 10.37 -30.22
CA THR AA 1 17.20 11.25 -30.15
C THR AA 1 18.49 10.45 -30.23
N THR AA 2 19.41 10.87 -31.09
CA THR AA 2 20.72 10.25 -31.19
C THR AA 2 21.76 11.32 -31.46
N ILE AA 3 22.78 11.37 -30.60
CA ILE AA 3 23.94 12.24 -30.77
C ILE AA 3 25.16 11.35 -30.99
N VAL AA 4 25.92 11.64 -32.04
CA VAL AA 4 27.14 10.90 -32.34
C VAL AA 4 28.32 11.86 -32.27
N ALA AA 5 29.48 11.31 -31.90
CA ALA AA 5 30.72 12.06 -31.88
C ALA AA 5 31.86 11.09 -32.14
N LEU AA 6 32.76 11.44 -33.05
CA LEU AA 6 33.89 10.59 -33.36
C LEU AA 6 35.14 11.44 -33.61
N LYS AA 7 36.29 10.86 -33.30
CA LYS AA 7 37.58 11.52 -33.50
C LYS AA 7 38.16 11.16 -34.86
N TYR AA 8 38.74 12.16 -35.51
CA TYR AA 8 39.42 11.96 -36.78
C TYR AA 8 40.82 12.55 -36.68
N PRO AA 9 41.74 12.17 -37.60
CA PRO AA 9 43.09 12.74 -37.56
C PRO AA 9 43.09 14.26 -37.54
N GLY AA 10 43.32 14.84 -36.37
CA GLY AA 10 43.40 16.27 -36.21
C GLY AA 10 42.15 16.97 -35.74
N GLY AA 11 41.09 16.24 -35.40
CA GLY AA 11 39.89 16.91 -34.95
C GLY AA 11 38.83 15.95 -34.45
N VAL AA 12 37.64 16.50 -34.25
CA VAL AA 12 36.50 15.75 -33.74
C VAL AA 12 35.24 16.24 -34.44
N VAL AA 13 34.30 15.32 -34.64
CA VAL AA 13 33.02 15.60 -35.29
C VAL AA 13 31.89 15.22 -34.33
N MET AA 14 30.83 16.03 -34.33
CA MET AA 14 29.62 15.67 -33.57
C MET AA 14 28.39 16.00 -34.38
N ALA AA 15 27.49 15.03 -34.51
CA ALA AA 15 26.27 15.20 -35.31
C ALA AA 15 25.06 14.79 -34.49
N GLY AA 16 23.92 15.34 -34.86
CA GLY AA 16 22.71 15.19 -34.07
C GLY AA 16 21.45 15.14 -34.92
N ASP AA 17 20.44 14.45 -34.39
CA ASP AA 17 19.13 14.23 -34.98
C ASP AA 17 18.26 15.48 -34.83
N ARG AA 18 17.22 15.57 -35.66
CA ARG AA 18 16.30 16.69 -35.66
C ARG AA 18 14.93 16.36 -35.08
N ARG AA 19 14.70 15.11 -34.69
CA ARG AA 19 13.35 14.67 -34.34
C ARG AA 19 13.03 14.99 -32.89
N SER AA 20 11.76 15.33 -32.65
CA SER AA 20 11.22 15.46 -31.30
C SER AA 20 9.92 14.67 -31.24
N THR AA 21 9.80 13.79 -30.25
CA THR AA 21 8.61 13.00 -30.05
C THR AA 21 7.94 13.35 -28.72
N GLN AA 22 6.66 13.02 -28.62
CA GLN AA 22 5.88 13.09 -27.38
C GLN AA 22 5.11 11.77 -27.29
N GLY AA 23 5.77 10.75 -26.74
CA GLY AA 23 5.26 9.40 -26.85
C GLY AA 23 5.49 8.86 -28.24
N ASN AA 24 4.40 8.52 -28.95
CA ASN AA 24 4.51 8.08 -30.33
C ASN AA 24 4.29 9.19 -31.34
N MET AA 25 3.82 10.35 -30.92
CA MET AA 25 3.55 11.44 -31.84
C MET AA 25 4.82 12.23 -32.15
N ILE AA 26 4.90 12.73 -33.37
CA ILE AA 26 6.03 13.57 -33.80
C ILE AA 26 5.79 14.99 -33.30
N SER AA 27 6.69 15.48 -32.45
CA SER AA 27 6.58 16.82 -31.88
C SER AA 27 7.48 17.84 -32.58
N GLY AA 28 8.43 17.39 -33.38
CA GLY AA 28 9.32 18.32 -34.05
C GLY AA 28 10.17 17.67 -35.12
N ARG AA 29 10.50 18.43 -36.16
CA ARG AA 29 11.25 17.91 -37.29
C ARG AA 29 12.56 18.64 -37.55
N ASP AA 30 12.84 19.73 -36.83
CA ASP AA 30 14.03 20.52 -37.08
C ASP AA 30 14.72 20.94 -35.78
N VAL AA 31 14.68 20.08 -34.77
CA VAL AA 31 15.34 20.37 -33.51
C VAL AA 31 16.85 20.35 -33.70
N ARG AA 32 17.52 21.39 -33.23
CA ARG AA 32 18.98 21.48 -33.28
C ARG AA 32 19.49 21.12 -31.89
N LYS AA 33 20.18 19.98 -31.80
CA LYS AA 33 20.53 19.37 -30.53
C LYS AA 33 22.02 19.41 -30.23
N VAL AA 34 22.84 19.86 -31.17
CA VAL AA 34 24.29 19.93 -31.00
C VAL AA 34 24.68 21.41 -30.97
N TYR AA 35 25.16 21.87 -29.83
CA TYR AA 35 25.49 23.27 -29.61
C TYR AA 35 27.01 23.46 -29.56
N ILE AA 36 27.46 24.61 -30.04
CA ILE AA 36 28.85 25.03 -29.91
C ILE AA 36 28.95 25.80 -28.60
N THR AA 37 29.61 25.21 -27.59
CA THR AA 37 29.65 25.81 -26.27
C THR AA 37 30.81 26.78 -26.08
N ASP AA 38 31.96 26.53 -26.72
CA ASP AA 38 32.99 27.55 -26.83
C ASP AA 38 33.84 27.26 -28.05
N ASP AA 39 34.79 28.15 -28.32
CA ASP AA 39 35.57 28.09 -29.56
C ASP AA 39 36.16 26.72 -29.84
N TYR AA 40 36.33 25.88 -28.82
CA TYR AA 40 36.92 24.56 -29.01
C TYR AA 40 36.12 23.43 -28.39
N THR AA 41 34.88 23.68 -27.94
CA THR AA 41 34.06 22.59 -27.43
C THR AA 41 32.63 22.74 -27.91
N ALA AA 42 32.03 21.59 -28.26
CA ALA AA 42 30.64 21.50 -28.67
C ALA AA 42 29.95 20.41 -27.85
N THR AA 43 28.68 20.65 -27.53
CA THR AA 43 27.90 19.79 -26.65
C THR AA 43 26.64 19.32 -27.36
N GLY AA 44 26.40 18.00 -27.33
CA GLY AA 44 25.18 17.44 -27.89
C GLY AA 44 24.38 16.70 -26.83
N ILE AA 45 23.12 17.06 -26.63
CA ILE AA 45 22.36 16.58 -25.50
C ILE AA 45 21.23 15.67 -25.98
N ALA AA 46 20.83 14.74 -25.12
CA ALA AA 46 19.74 13.82 -25.40
C ALA AA 46 18.86 13.72 -24.16
N GLY AA 47 17.58 14.00 -24.30
CA GLY AA 47 16.66 13.95 -23.18
C GLY AA 47 15.59 15.01 -23.33
N THR AA 48 14.99 15.36 -22.19
CA THR AA 48 13.89 16.32 -22.19
C THR AA 48 14.38 17.70 -22.60
N ALA AA 49 13.60 18.38 -23.44
CA ALA AA 49 14.07 19.56 -24.14
C ALA AA 49 14.52 20.65 -23.18
N ALA AA 50 13.70 20.96 -22.17
CA ALA AA 50 14.01 22.07 -21.27
C ALA AA 50 15.36 21.89 -20.61
N VAL AA 51 15.61 20.69 -20.06
CA VAL AA 51 16.89 20.42 -19.40
C VAL AA 51 18.03 20.54 -20.40
N ALA AA 52 17.83 20.07 -21.63
CA ALA AA 52 18.88 20.14 -22.64
C ALA AA 52 19.25 21.58 -22.94
N VAL AA 53 18.24 22.41 -23.25
CA VAL AA 53 18.50 23.79 -23.63
C VAL AA 53 19.19 24.55 -22.49
N GLU AA 54 18.67 24.43 -21.27
CA GLU AA 54 19.29 25.17 -20.18
C GLU AA 54 20.67 24.61 -19.83
N PHE AA 55 20.90 23.32 -20.08
CA PHE AA 55 22.25 22.77 -19.99
C PHE AA 55 23.19 23.51 -20.94
N ALA AA 56 22.82 23.57 -22.22
CA ALA AA 56 23.68 24.20 -23.21
C ALA AA 56 23.95 25.67 -22.86
N ARG AA 57 22.90 26.43 -22.61
CA ARG AA 57 23.07 27.86 -22.33
C ARG AA 57 23.89 28.07 -21.06
N LEU AA 58 23.49 27.44 -19.96
CA LEU AA 58 24.17 27.66 -18.69
C LEU AA 58 25.64 27.24 -18.76
N TYR AA 59 25.92 26.18 -19.51
CA TYR AA 59 27.29 25.69 -19.63
C TYR AA 59 28.15 26.67 -20.45
N ALA AA 60 27.66 27.07 -21.62
CA ALA AA 60 28.41 28.05 -22.43
C ALA AA 60 28.67 29.32 -21.62
N VAL AA 61 27.63 29.81 -20.94
CA VAL AA 61 27.79 31.02 -20.13
C VAL AA 61 28.80 30.81 -19.02
N GLU AA 62 28.86 29.61 -18.45
CA GLU AA 62 29.81 29.36 -17.38
C GLU AA 62 31.25 29.37 -17.90
N LEU AA 63 31.49 28.71 -19.04
CA LEU AA 63 32.84 28.69 -19.60
C LEU AA 63 33.30 30.10 -19.95
N GLU AA 64 32.45 30.86 -20.64
CA GLU AA 64 32.83 32.24 -20.97
C GLU AA 64 32.94 33.10 -19.72
N HIS AA 65 32.21 32.75 -18.67
CA HIS AA 65 32.28 33.49 -17.41
C HIS AA 65 33.65 33.33 -16.76
N TYR AA 66 34.12 32.09 -16.66
CA TYR AA 66 35.47 31.88 -16.13
C TYR AA 66 36.51 32.54 -17.02
N GLU AA 67 36.35 32.44 -18.35
CA GLU AA 67 37.33 33.03 -19.25
C GLU AA 67 37.41 34.54 -19.08
N LYS AA 68 36.26 35.21 -18.92
CA LYS AA 68 36.27 36.66 -18.77
C LYS AA 68 36.73 37.08 -17.38
N LEU AA 69 36.41 36.30 -16.35
CA LEU AA 69 36.81 36.69 -15.00
C LEU AA 69 38.32 36.51 -14.80
N GLU AA 70 38.90 35.47 -15.38
CA GLU AA 70 40.30 35.14 -15.12
C GLU AA 70 41.23 35.42 -16.29
N GLY AA 71 40.71 35.87 -17.44
CA GLY AA 71 41.52 36.16 -18.59
C GLY AA 71 42.12 34.96 -19.30
N VAL AA 72 41.74 33.74 -18.92
CA VAL AA 72 42.26 32.52 -19.54
C VAL AA 72 41.15 31.47 -19.49
N PRO AA 73 40.97 30.67 -20.53
CA PRO AA 73 39.93 29.63 -20.49
C PRO AA 73 40.31 28.49 -19.56
N LEU AA 74 39.28 27.75 -19.15
CA LEU AA 74 39.47 26.58 -18.30
C LEU AA 74 40.21 25.48 -19.05
N THR AA 75 41.01 24.71 -18.32
CA THR AA 75 41.56 23.49 -18.86
C THR AA 75 40.43 22.50 -19.16
N PHE AA 76 40.60 21.72 -20.22
CA PHE AA 76 39.57 20.79 -20.63
C PHE AA 76 39.10 19.90 -19.47
N ALA AA 77 40.02 19.56 -18.57
CA ALA AA 77 39.64 18.87 -17.33
C ALA AA 77 38.61 19.69 -16.56
N GLY AA 78 38.88 20.98 -16.39
CA GLY AA 78 37.92 21.84 -15.70
C GLY AA 78 36.58 21.90 -16.39
N LYS AA 79 36.59 21.91 -17.73
CA LYS AA 79 35.33 21.91 -18.47
C LYS AA 79 34.54 20.63 -18.20
N ILE AA 80 35.22 19.48 -18.26
CA ILE AA 80 34.57 18.20 -17.95
C ILE AA 80 33.98 18.25 -16.55
N ASN AA 81 34.76 18.72 -15.58
CA ASN AA 81 34.31 18.72 -14.18
C ASN AA 81 33.10 19.62 -14.00
N ARG AA 82 33.10 20.79 -14.63
CA ARG AA 82 31.96 21.70 -14.51
C ARG AA 82 30.70 21.07 -15.11
N LEU AA 83 30.80 20.51 -16.31
CA LEU AA 83 29.63 19.87 -16.92
C LEU AA 83 29.10 18.74 -16.04
N ALA AA 84 29.99 17.89 -15.55
CA ALA AA 84 29.58 16.81 -14.66
C ALA AA 84 28.85 17.35 -13.43
N ILE AA 85 29.41 18.40 -12.81
CA ILE AA 85 28.78 18.98 -11.63
C ILE AA 85 27.38 19.48 -11.97
N MET AA 86 27.20 20.00 -13.18
CA MET AA 86 25.87 20.47 -13.58
C MET AA 86 24.89 19.32 -13.68
N VAL AA 87 25.29 18.22 -14.34
CA VAL AA 87 24.40 17.08 -14.49
C VAL AA 87 24.03 16.48 -13.14
N ARG AA 88 25.03 16.26 -12.29
CA ARG AA 88 24.77 15.86 -10.90
C ARG AA 88 23.81 16.84 -10.24
N GLY AA 89 23.91 18.13 -10.57
CA GLY AA 89 22.96 19.09 -10.08
C GLY AA 89 21.54 18.75 -10.50
N ASN AA 90 21.37 18.25 -11.73
CA ASN AA 90 20.02 17.93 -12.21
C ASN AA 90 19.57 16.51 -11.85
N LEU AA 91 20.40 15.72 -11.15
CA LEU AA 91 20.04 14.35 -10.81
C LEU AA 91 18.64 14.22 -10.20
N ALA AA 92 18.24 15.16 -9.33
CA ALA AA 92 16.96 15.03 -8.64
C ALA AA 92 15.79 15.16 -9.61
N ALA AA 93 15.74 16.27 -10.35
CA ALA AA 93 14.74 16.43 -11.39
C ALA AA 93 14.75 15.25 -12.35
N ALA AA 94 15.93 14.70 -12.64
CA ALA AA 94 16.02 13.52 -13.48
C ALA AA 94 15.27 12.36 -12.85
N MET AA 95 15.48 12.14 -11.54
CA MET AA 95 14.75 11.09 -10.85
C MET AA 95 13.24 11.32 -10.92
N GLN AA 96 12.81 12.58 -10.99
CA GLN AA 96 11.39 12.87 -11.16
C GLN AA 96 10.93 12.88 -12.61
N GLY AA 97 11.84 12.64 -13.56
CA GLY AA 97 11.45 12.51 -14.96
C GLY AA 97 12.11 13.48 -15.91
N LEU AA 98 12.81 14.51 -15.42
CA LEU AA 98 13.45 15.50 -16.29
C LEU AA 98 14.90 15.09 -16.54
N LEU AA 99 15.04 14.03 -17.32
CA LEU AA 99 16.34 13.42 -17.60
C LEU AA 99 16.89 13.94 -18.92
N ALA AA 100 18.18 14.28 -18.91
CA ALA AA 100 18.87 14.70 -20.12
C ALA AA 100 20.37 14.51 -19.90
N LEU AA 101 21.00 13.72 -20.77
CA LEU AA 101 22.42 13.44 -20.69
C LEU AA 101 23.18 14.20 -21.77
N PRO AA 102 24.33 14.79 -21.44
CA PRO AA 102 25.14 15.46 -22.46
C PRO AA 102 26.25 14.58 -22.99
N LEU AA 103 26.70 14.88 -24.20
CA LEU AA 103 27.86 14.26 -24.81
C LEU AA 103 28.79 15.39 -25.26
N LEU AA 104 30.03 15.36 -24.79
CA LEU AA 104 30.95 16.46 -24.98
C LEU AA 104 31.98 16.09 -26.03
N ALA AA 105 32.18 16.98 -27.00
CA ALA AA 105 33.27 16.87 -27.97
C ALA AA 105 34.13 18.12 -27.87
N GLY AA 106 35.45 17.94 -27.90
CA GLY AA 106 36.35 19.05 -27.72
C GLY AA 106 37.68 18.85 -28.40
N TYR AA 107 38.46 19.92 -28.42
CA TYR AA 107 39.81 19.93 -28.98
C TYR AA 107 40.72 20.60 -27.96
N ASP AA 108 41.55 19.79 -27.29
CA ASP AA 108 42.42 20.31 -26.24
C ASP AA 108 43.59 21.04 -26.88
N ILE AA 109 43.67 22.35 -26.67
CA ILE AA 109 44.75 23.16 -27.23
C ILE AA 109 46.04 23.04 -26.43
N HIS AA 110 45.99 22.40 -25.25
CA HIS AA 110 47.18 22.14 -24.45
C HIS AA 110 47.61 20.68 -24.51
N ALA AA 111 47.06 19.89 -25.44
CA ALA AA 111 47.43 18.50 -25.56
C ALA AA 111 48.85 18.37 -26.10
N SER AA 112 49.49 17.24 -25.75
CA SER AA 112 50.85 16.99 -26.23
C SER AA 112 50.88 16.83 -27.74
N ASP AA 113 50.08 15.90 -28.27
CA ASP AA 113 50.04 15.64 -29.69
C ASP AA 113 48.87 16.40 -30.31
N PRO AA 114 49.12 17.44 -31.10
CA PRO AA 114 47.99 18.18 -31.71
C PRO AA 114 47.19 17.37 -32.71
N GLN AA 115 47.72 16.26 -33.21
CA GLN AA 115 46.97 15.45 -34.17
C GLN AA 115 45.93 14.56 -33.51
N SER AA 116 46.11 14.24 -32.23
CA SER AA 116 45.15 13.44 -31.47
C SER AA 116 44.54 14.24 -30.33
N ALA AA 117 44.52 15.57 -30.46
CA ALA AA 117 43.97 16.43 -29.42
C ALA AA 117 42.45 16.31 -29.29
N GLY AA 118 41.79 15.56 -30.18
CA GLY AA 118 40.37 15.37 -30.06
C GLY AA 118 39.99 14.70 -28.75
N ARG AA 119 38.82 15.07 -28.23
CA ARG AA 119 38.35 14.60 -26.94
C ARG AA 119 36.86 14.32 -27.01
N ILE AA 120 36.44 13.18 -26.46
CA ILE AA 120 35.03 12.80 -26.40
C ILE AA 120 34.75 12.30 -24.99
N VAL AA 121 33.83 12.98 -24.29
CA VAL AA 121 33.53 12.67 -22.90
C VAL AA 121 32.03 12.41 -22.76
N SER AA 122 31.69 11.30 -22.13
CA SER AA 122 30.29 10.92 -21.90
C SER AA 122 29.96 11.03 -20.42
N PHE AA 123 28.68 11.24 -20.13
CA PHE AA 123 28.22 11.54 -18.78
C PHE AA 123 26.98 10.72 -18.45
N ASP AA 124 26.78 10.46 -17.15
CA ASP AA 124 25.61 9.75 -16.67
C ASP AA 124 24.80 10.65 -15.74
N ALA AA 125 23.65 10.14 -15.31
CA ALA AA 125 22.70 10.94 -14.55
C ALA AA 125 23.25 11.44 -13.22
N ALA AA 126 24.23 10.76 -12.64
CA ALA AA 126 24.78 11.12 -11.34
C ALA AA 126 26.04 11.97 -11.44
N GLY AA 127 26.39 12.43 -12.63
CA GLY AA 127 27.59 13.22 -12.82
C GLY AA 127 28.83 12.44 -13.12
N GLY AA 128 28.76 11.11 -13.13
CA GLY AA 128 29.91 10.33 -13.55
C GLY AA 128 30.26 10.62 -15.01
N TRP AA 129 31.55 10.78 -15.25
CA TRP AA 129 32.04 11.11 -16.58
C TRP AA 129 33.12 10.11 -16.99
N ASN AA 130 33.23 9.89 -18.29
CA ASN AA 130 34.24 8.99 -18.85
C ASN AA 130 34.79 9.61 -20.12
N ILE AA 131 36.11 9.79 -20.16
CA ILE AA 131 36.77 10.21 -21.39
C ILE AA 131 36.89 8.99 -22.29
N GLU AA 132 36.29 9.07 -23.47
CA GLU AA 132 36.27 7.94 -24.38
C GLU AA 132 37.64 7.78 -25.03
N GLU AA 133 38.09 6.52 -25.11
CA GLU AA 133 39.42 6.21 -25.62
C GLU AA 133 39.40 5.37 -26.89
N GLU AA 134 38.23 4.97 -27.39
CA GLU AA 134 38.16 4.15 -28.59
C GLU AA 134 37.60 4.91 -29.79
N GLY AA 135 37.66 6.25 -29.76
CA GLY AA 135 37.43 7.03 -30.96
C GLY AA 135 36.03 7.56 -31.18
N TYR AA 136 35.00 6.82 -30.81
CA TYR AA 136 33.63 7.23 -31.09
C TYR AA 136 32.76 6.97 -29.88
N GLN AA 137 31.63 7.68 -29.84
CA GLN AA 137 30.67 7.57 -28.75
C GLN AA 137 29.35 8.17 -29.21
N ALA AA 138 28.25 7.66 -28.66
CA ALA AA 138 26.92 8.13 -28.98
C ALA AA 138 26.07 8.11 -27.72
N VAL AA 139 25.01 8.92 -27.73
CA VAL AA 139 24.07 8.96 -26.61
C VAL AA 139 22.66 9.15 -27.17
N GLY AA 140 21.69 8.57 -26.47
CA GLY AA 140 20.30 8.72 -26.82
C GLY AA 140 19.62 7.39 -27.09
N SER AA 141 18.38 7.47 -27.59
CA SER AA 141 17.58 6.28 -27.81
C SER AA 141 18.16 5.39 -28.90
N GLY AA 142 18.86 5.97 -29.87
CA GLY AA 142 19.50 5.21 -30.92
C GLY AA 142 20.98 4.98 -30.74
N SER AA 143 21.53 5.23 -29.56
CA SER AA 143 22.98 5.22 -29.37
C SER AA 143 23.57 3.83 -29.54
N LEU AA 144 22.79 2.78 -29.28
CA LEU AA 144 23.29 1.42 -29.45
C LEU AA 144 23.51 1.11 -30.93
N PHE AA 145 22.48 1.33 -31.75
CA PHE AA 145 22.60 1.10 -33.19
C PHE AA 145 23.68 1.98 -33.80
N ALA AA 146 23.71 3.26 -33.42
CA ALA AA 146 24.74 4.17 -33.91
C ALA AA 146 26.13 3.69 -33.53
N LYS AA 147 26.31 3.27 -32.27
CA LYS AA 147 27.61 2.84 -31.80
C LYS AA 147 28.08 1.56 -32.48
N SER AA 148 27.15 0.67 -32.82
CA SER AA 148 27.55 -0.53 -33.56
C SER AA 148 27.90 -0.21 -35.01
N SER AA 149 27.11 0.66 -35.64
CA SER AA 149 27.43 1.10 -36.99
C SER AA 149 28.81 1.73 -37.04
N MET AA 150 29.12 2.59 -36.07
CA MET AA 150 30.46 3.18 -36.00
C MET AA 150 31.51 2.13 -35.65
N LYS AA 151 31.12 1.09 -34.91
CA LYS AA 151 32.05 0.00 -34.65
C LYS AA 151 32.47 -0.68 -35.95
N LYS AA 152 31.56 -0.78 -36.92
CA LYS AA 152 31.93 -1.35 -38.21
C LYS AA 152 32.53 -0.33 -39.18
N LEU AA 153 32.27 0.96 -39.00
CA LEU AA 153 32.63 1.98 -39.98
C LEU AA 153 33.81 2.85 -39.56
N TYR AA 154 34.37 2.66 -38.37
CA TYR AA 154 35.38 3.60 -37.87
C TYR AA 154 36.72 3.45 -38.57
N SER AA 155 37.02 2.29 -39.16
CA SER AA 155 38.29 2.12 -39.88
C SER AA 155 38.35 2.93 -41.17
N GLN AA 156 37.26 3.59 -41.56
CA GLN AA 156 37.23 4.39 -42.77
C GLN AA 156 37.48 5.86 -42.52
N VAL AA 157 37.75 6.25 -41.28
CA VAL AA 157 37.95 7.64 -40.92
C VAL AA 157 39.44 7.96 -41.04
N THR AA 158 39.80 8.70 -42.10
CA THR AA 158 41.17 9.13 -42.32
C THR AA 158 41.35 10.64 -42.33
N ASP AA 159 40.26 11.41 -42.43
CA ASP AA 159 40.32 12.86 -42.40
C ASP AA 159 38.99 13.39 -41.87
N GLY AA 160 38.79 14.70 -42.00
CA GLY AA 160 37.56 15.30 -41.50
C GLY AA 160 36.33 14.89 -42.29
N ASP AA 161 36.45 14.84 -43.61
CA ASP AA 161 35.29 14.53 -44.45
C ASP AA 161 34.84 13.09 -44.22
N SER AA 162 35.79 12.15 -44.20
CA SER AA 162 35.45 10.76 -43.93
C SER AA 162 34.79 10.59 -42.57
N GLY AA 163 35.32 11.27 -41.55
CA GLY AA 163 34.71 11.19 -40.23
C GLY AA 163 33.30 11.74 -40.21
N LEU AA 164 33.09 12.90 -40.85
CA LEU AA 164 31.75 13.47 -40.94
C LEU AA 164 30.79 12.50 -41.60
N ARG AA 165 31.19 11.92 -42.73
CA ARG AA 165 30.32 10.99 -43.45
C ARG AA 165 30.00 9.77 -42.58
N VAL AA 166 30.99 9.25 -41.86
CA VAL AA 166 30.72 8.11 -40.97
C VAL AA 166 29.73 8.51 -39.88
N ALA AA 167 29.83 9.74 -39.38
CA ALA AA 167 28.89 10.21 -38.37
C ALA AA 167 27.48 10.28 -38.92
N VAL AA 168 27.32 10.91 -40.09
CA VAL AA 168 26.01 11.01 -40.73
C VAL AA 168 25.43 9.62 -41.00
N GLU AA 169 26.28 8.68 -41.38
CA GLU AA 169 25.80 7.32 -41.65
C GLU AA 169 25.36 6.64 -40.36
N ALA AA 170 26.10 6.83 -39.27
CA ALA AA 170 25.68 6.27 -37.99
C ALA AA 170 24.34 6.84 -37.55
N LEU AA 171 24.14 8.15 -37.75
CA LEU AA 171 22.83 8.74 -37.48
C LEU AA 171 21.76 8.12 -38.38
N TYR AA 172 22.12 7.80 -39.63
CA TYR AA 172 21.17 7.17 -40.54
C TYR AA 172 20.74 5.79 -40.03
N ASP AA 173 21.70 4.98 -39.58
CA ASP AA 173 21.35 3.69 -39.01
C ASP AA 173 20.54 3.84 -37.73
N ALA AA 174 20.92 4.81 -36.89
CA ALA AA 174 20.16 5.08 -35.66
C ALA AA 174 18.70 5.38 -35.96
N ALA AA 175 18.45 6.27 -36.93
CA ALA AA 175 17.08 6.55 -37.33
C ALA AA 175 16.43 5.35 -38.00
N ASP AA 176 17.24 4.49 -38.63
CA ASP AA 176 16.70 3.32 -39.31
C ASP AA 176 16.16 2.29 -38.32
N ASP AA 177 16.80 2.16 -37.16
CA ASP AA 177 16.45 1.12 -36.21
C ASP AA 177 15.69 1.66 -34.99
N ASP AA 178 15.44 2.95 -34.91
CA ASP AA 178 14.79 3.53 -33.73
C ASP AA 178 13.90 4.70 -34.17
N SER AA 179 12.60 4.60 -33.86
CA SER AA 179 11.63 5.58 -34.33
C SER AA 179 11.69 6.90 -33.58
N ALA AA 180 12.33 6.94 -32.41
CA ALA AA 180 12.53 8.20 -31.72
C ALA AA 180 13.59 9.07 -32.39
N THR AA 181 14.38 8.50 -33.30
CA THR AA 181 15.42 9.21 -34.02
C THR AA 181 14.99 9.40 -35.47
N GLY AA 182 15.05 10.64 -35.95
CA GLY AA 182 14.61 10.97 -37.29
C GLY AA 182 15.78 11.00 -38.27
N GLY AA 183 15.54 10.46 -39.46
CA GLY AA 183 16.53 10.47 -40.51
C GLY AA 183 16.41 11.68 -41.39
N PRO AA 184 17.05 11.65 -42.56
CA PRO AA 184 16.91 12.76 -43.50
C PRO AA 184 15.51 12.80 -44.10
N ASP AA 185 14.98 14.00 -44.24
CA ASP AA 185 13.68 14.24 -44.86
C ASP AA 185 13.96 14.86 -46.23
N LEU AA 186 13.90 14.05 -47.28
CA LEU AA 186 14.18 14.55 -48.62
C LEU AA 186 13.06 15.45 -49.14
N VAL AA 187 11.85 15.34 -48.59
CA VAL AA 187 10.77 16.22 -49.01
C VAL AA 187 10.93 17.61 -48.40
N ARG AA 188 11.09 17.67 -47.08
CA ARG AA 188 11.22 18.94 -46.39
C ARG AA 188 12.63 19.51 -46.42
N GLY AA 189 13.61 18.73 -46.86
CA GLY AA 189 14.98 19.20 -46.88
C GLY AA 189 15.52 19.50 -45.49
N ILE AA 190 15.30 18.57 -44.55
CA ILE AA 190 15.85 18.66 -43.20
C ILE AA 190 16.78 17.48 -43.00
N PHE AA 191 17.97 17.76 -42.48
CA PHE AA 191 19.03 16.78 -42.33
C PHE AA 191 19.66 16.98 -40.95
N PRO AA 192 20.35 15.95 -40.44
CA PRO AA 192 21.03 16.10 -39.14
C PRO AA 192 21.95 17.31 -39.11
N THR AA 193 22.26 17.82 -37.94
CA THR AA 193 23.21 18.93 -37.83
C THR AA 193 24.56 18.41 -37.38
N ALA AA 194 25.61 19.14 -37.73
CA ALA AA 194 26.96 18.69 -37.41
C ALA AA 194 27.83 19.88 -37.03
N VAL AA 195 28.82 19.60 -36.20
CA VAL AA 195 29.84 20.56 -35.80
C VAL AA 195 31.19 19.86 -35.94
N ILE AA 196 32.12 20.53 -36.62
CA ILE AA 196 33.49 20.07 -36.76
C ILE AA 196 34.36 20.91 -35.85
N ILE AA 197 35.36 20.29 -35.23
CA ILE AA 197 36.27 21.01 -34.34
C ILE AA 197 37.69 20.57 -34.64
N ASP AA 198 38.53 21.52 -35.07
CA ASP AA 198 39.97 21.26 -35.18
C ASP AA 198 40.77 22.37 -34.53
N ALA AA 199 42.07 22.47 -34.84
CA ALA AA 199 42.89 23.49 -34.20
C ALA AA 199 42.41 24.89 -34.52
N ASP AA 200 41.72 25.07 -35.65
CA ASP AA 200 41.19 26.38 -36.02
C ASP AA 200 39.90 26.73 -35.30
N GLY AA 201 39.29 25.78 -34.57
CA GLY AA 201 38.13 26.08 -33.76
C GLY AA 201 36.97 25.16 -34.07
N ALA AA 202 35.78 25.59 -33.66
CA ALA AA 202 34.55 24.84 -33.83
C ALA AA 202 33.66 25.57 -34.84
N VAL AA 203 33.18 24.82 -35.84
CA VAL AA 203 32.45 25.40 -36.96
C VAL AA 203 31.27 24.50 -37.29
N ASP AA 204 30.09 25.10 -37.48
CA ASP AA 204 28.92 24.37 -37.95
C ASP AA 204 29.16 23.85 -39.36
N VAL AA 205 28.90 22.56 -39.56
CA VAL AA 205 29.00 21.96 -40.88
C VAL AA 205 27.81 22.42 -41.72
N PRO AA 206 28.03 23.05 -42.87
CA PRO AA 206 26.91 23.57 -43.66
C PRO AA 206 25.98 22.45 -44.13
N GLU AA 207 24.73 22.83 -44.39
CA GLU AA 207 23.69 21.83 -44.66
C GLU AA 207 23.91 21.12 -45.99
N SER AA 208 24.45 21.80 -47.00
CA SER AA 208 24.62 21.17 -48.31
C SER AA 208 25.53 19.96 -48.23
N ARG AA 209 26.57 20.02 -47.39
CA ARG AA 209 27.51 18.92 -47.27
C ARG AA 209 26.82 17.68 -46.67
N ILE AA 210 26.10 17.88 -45.57
CA ILE AA 210 25.39 16.78 -44.93
C ILE AA 210 24.33 16.21 -45.87
N ALA AA 211 23.60 17.09 -46.56
CA ALA AA 211 22.57 16.63 -47.49
C ALA AA 211 23.17 15.80 -48.61
N GLU AA 212 24.32 16.22 -49.14
CA GLU AA 212 24.99 15.46 -50.18
C GLU AA 212 25.41 14.08 -49.66
N LEU AA 213 26.06 14.05 -48.49
CA LEU AA 213 26.44 12.76 -47.90
C LEU AA 213 25.23 11.86 -47.72
N ALA AA 214 24.15 12.41 -47.16
CA ALA AA 214 22.94 11.63 -46.91
C ALA AA 214 22.37 11.06 -48.20
N ARG AA 215 22.36 11.86 -49.27
CA ARG AA 215 21.86 11.35 -50.54
C ARG AA 215 22.74 10.21 -51.06
N ALA AA 216 24.07 10.37 -50.93
CA ALA AA 216 24.96 9.29 -51.36
C ALA AA 216 24.70 8.01 -50.58
N ILE AA 217 24.38 8.13 -49.29
CA ILE AA 217 24.07 6.96 -48.47
C ILE AA 217 22.75 6.34 -48.92
N ILE AA 218 21.72 7.17 -49.09
CA ILE AA 218 20.40 6.66 -49.48
C ILE AA 218 20.48 5.91 -50.80
N GLU AA 219 21.08 6.53 -51.82
CA GLU AA 219 21.13 5.86 -53.11
C GLU AA 219 22.12 4.71 -53.12
N SER AA 220 23.14 4.75 -52.26
CA SER AA 220 24.03 3.59 -52.14
C SER AA 220 23.27 2.40 -51.59
N ARG AA 221 22.38 2.61 -50.62
CA ARG AA 221 21.54 1.55 -50.11
C ARG AA 221 20.30 1.31 -50.97
N SER AA 222 20.10 2.10 -52.02
CA SER AA 222 18.99 1.89 -52.94
C SER AA 222 19.41 0.97 -54.08
N GLY AA 223 20.09 1.53 -55.08
CA GLY AA 223 20.54 0.75 -56.22
C GLY AA 223 21.88 1.21 -56.76
N THR BA 1 -10.63 23.10 -25.14
CA THR BA 1 -9.96 24.33 -25.58
C THR BA 1 -9.08 24.07 -26.78
N THR BA 2 -9.08 24.99 -27.74
CA THR BA 2 -8.14 24.95 -28.84
C THR BA 2 -7.68 26.36 -29.16
N ILE BA 3 -6.37 26.57 -29.20
CA ILE BA 3 -5.75 27.81 -29.58
C ILE BA 3 -4.96 27.55 -30.86
N VAL BA 4 -5.21 28.36 -31.88
CA VAL BA 4 -4.51 28.22 -33.16
C VAL BA 4 -3.69 29.47 -33.42
N ALA BA 5 -2.62 29.29 -34.19
CA ALA BA 5 -1.79 30.40 -34.64
C ALA BA 5 -1.13 29.98 -35.95
N LEU BA 6 -1.10 30.90 -36.91
CA LEU BA 6 -0.44 30.64 -38.18
C LEU BA 6 0.16 31.94 -38.71
N LYS BA 7 1.24 31.78 -39.47
CA LYS BA 7 1.92 32.90 -40.12
C LYS BA 7 1.34 33.14 -41.51
N TYR BA 8 1.20 34.40 -41.87
CA TYR BA 8 0.91 34.80 -43.24
C TYR BA 8 1.97 35.82 -43.64
N PRO BA 9 2.12 36.08 -44.96
CA PRO BA 9 3.15 37.05 -45.39
C PRO BA 9 3.03 38.38 -44.68
N GLY BA 10 3.98 38.65 -43.78
CA GLY BA 10 4.00 39.91 -43.06
C GLY BA 10 3.11 39.97 -41.84
N GLY BA 11 2.81 38.84 -41.23
CA GLY BA 11 1.99 38.87 -40.03
C GLY BA 11 1.78 37.49 -39.44
N VAL BA 12 1.16 37.49 -38.26
CA VAL BA 12 0.77 36.29 -37.55
C VAL BA 12 -0.67 36.47 -37.10
N VAL BA 13 -1.40 35.35 -36.97
CA VAL BA 13 -2.78 35.37 -36.52
C VAL BA 13 -2.97 34.26 -35.50
N MET BA 14 -3.68 34.58 -34.41
CA MET BA 14 -3.96 33.61 -33.36
C MET BA 14 -5.44 33.70 -32.98
N ALA BA 15 -6.13 32.56 -33.01
CA ALA BA 15 -7.52 32.51 -32.63
C ALA BA 15 -7.73 31.48 -31.54
N GLY BA 16 -8.87 31.55 -30.88
CA GLY BA 16 -9.17 30.64 -29.78
C GLY BA 16 -10.66 30.56 -29.55
N ASP BA 17 -11.10 29.40 -29.06
CA ASP BA 17 -12.51 29.13 -28.82
C ASP BA 17 -12.97 29.81 -27.54
N ARG BA 18 -14.22 29.56 -27.17
CA ARG BA 18 -14.84 30.23 -26.03
C ARG BA 18 -15.36 29.27 -24.96
N ARG BA 19 -15.14 27.97 -25.12
CA ARG BA 19 -15.78 27.00 -24.24
C ARG BA 19 -14.96 26.75 -22.98
N SER BA 20 -15.65 26.70 -21.84
CA SER BA 20 -15.07 26.28 -20.59
C SER BA 20 -15.87 25.10 -20.05
N THR BA 21 -15.17 24.05 -19.64
CA THR BA 21 -15.80 22.84 -19.14
C THR BA 21 -15.21 22.45 -17.79
N GLN BA 22 -16.00 21.71 -17.02
CA GLN BA 22 -15.58 21.12 -15.75
C GLN BA 22 -16.06 19.66 -15.78
N GLY BA 23 -15.17 18.76 -16.13
CA GLY BA 23 -15.60 17.42 -16.51
C GLY BA 23 -16.31 17.49 -17.84
N ASN BA 24 -17.50 16.87 -17.90
CA ASN BA 24 -18.32 16.95 -19.10
C ASN BA 24 -19.27 18.14 -19.10
N MET BA 25 -19.38 18.87 -17.99
CA MET BA 25 -20.36 19.95 -17.88
C MET BA 25 -19.85 21.23 -18.51
N ILE BA 26 -20.69 21.88 -19.32
CA ILE BA 26 -20.38 23.19 -19.85
C ILE BA 26 -20.40 24.20 -18.71
N SER BA 27 -19.24 24.81 -18.43
CA SER BA 27 -19.14 25.82 -17.39
C SER BA 27 -18.87 27.21 -17.95
N GLY BA 28 -18.82 27.37 -19.28
CA GLY BA 28 -18.59 28.66 -19.87
C GLY BA 28 -18.75 28.67 -21.38
N ARG BA 29 -19.31 29.75 -21.92
CA ARG BA 29 -19.56 29.86 -23.35
C ARG BA 29 -18.88 31.06 -24.00
N ASP BA 30 -18.20 31.91 -23.22
CA ASP BA 30 -17.69 33.17 -23.76
C ASP BA 30 -16.30 33.50 -23.22
N VAL BA 31 -15.51 32.48 -22.91
CA VAL BA 31 -14.17 32.72 -22.40
C VAL BA 31 -13.29 33.29 -23.51
N ARG BA 32 -12.60 34.38 -23.21
CA ARG BA 32 -11.60 34.93 -24.11
C ARG BA 32 -10.24 34.37 -23.71
N LYS BA 33 -9.65 33.54 -24.56
CA LYS BA 33 -8.44 32.81 -24.24
C LYS BA 33 -7.19 33.36 -24.93
N VAL BA 34 -7.34 34.35 -25.79
CA VAL BA 34 -6.22 34.95 -26.51
C VAL BA 34 -6.06 36.37 -25.99
N TYR BA 35 -4.89 36.67 -25.44
CA TYR BA 35 -4.62 37.94 -24.80
C TYR BA 35 -3.52 38.68 -25.54
N ILE BA 36 -3.74 39.95 -25.83
CA ILE BA 36 -2.67 40.84 -26.28
C ILE BA 36 -1.81 41.14 -25.07
N THR BA 37 -0.56 40.67 -25.08
CA THR BA 37 0.34 40.87 -23.95
C THR BA 37 1.25 42.07 -24.10
N ASP BA 38 1.69 42.39 -25.32
CA ASP BA 38 2.28 43.69 -25.58
C ASP BA 38 2.00 44.08 -27.03
N ASP BA 39 2.49 45.26 -27.42
CA ASP BA 39 2.12 45.84 -28.71
C ASP BA 39 2.39 44.91 -29.90
N TYR BA 40 3.30 43.94 -29.75
CA TYR BA 40 3.60 43.03 -30.83
C TYR BA 40 3.53 41.57 -30.39
N THR BA 41 2.85 41.27 -29.30
CA THR BA 41 2.86 39.92 -28.74
C THR BA 41 1.50 39.58 -28.16
N ALA BA 42 0.93 38.48 -28.64
CA ALA BA 42 -0.27 37.88 -28.09
C ALA BA 42 0.02 36.44 -27.68
N THR BA 43 -0.51 36.04 -26.53
CA THR BA 43 -0.40 34.67 -26.05
C THR BA 43 -1.80 34.08 -25.87
N GLY BA 44 -1.96 32.82 -26.28
CA GLY BA 44 -3.19 32.10 -26.06
C GLY BA 44 -2.96 30.84 -25.25
N ILE BA 45 -3.69 30.67 -24.16
CA ILE BA 45 -3.43 29.61 -23.20
C ILE BA 45 -4.53 28.55 -23.29
N ALA BA 46 -4.18 27.34 -22.87
CA ALA BA 46 -5.14 26.26 -22.70
C ALA BA 46 -4.88 25.57 -21.37
N GLY BA 47 -5.95 25.15 -20.70
CA GLY BA 47 -5.84 24.40 -19.46
C GLY BA 47 -6.59 25.10 -18.33
N THR BA 48 -6.00 25.04 -17.13
CA THR BA 48 -6.66 25.50 -15.92
C THR BA 48 -6.81 27.03 -15.92
N ALA BA 49 -8.04 27.49 -15.69
CA ALA BA 49 -8.38 28.90 -15.88
C ALA BA 49 -7.55 29.81 -14.99
N ALA BA 50 -7.46 29.48 -13.70
CA ALA BA 50 -6.69 30.31 -12.77
C ALA BA 50 -5.26 30.46 -13.24
N VAL BA 51 -4.60 29.35 -13.55
CA VAL BA 51 -3.22 29.39 -14.02
C VAL BA 51 -3.11 30.19 -15.31
N ALA BA 52 -4.09 30.05 -16.20
CA ALA BA 52 -4.03 30.77 -17.47
C ALA BA 52 -4.10 32.28 -17.26
N VAL BA 53 -5.11 32.74 -16.52
CA VAL BA 53 -5.25 34.17 -16.26
C VAL BA 53 -4.01 34.71 -15.58
N GLU BA 54 -3.52 33.98 -14.56
CA GLU BA 54 -2.27 34.38 -13.91
C GLU BA 54 -1.14 34.54 -14.91
N PHE BA 55 -1.02 33.57 -15.85
CA PHE BA 55 0.03 33.63 -16.86
C PHE BA 55 -0.09 34.88 -17.71
N ALA BA 56 -1.30 35.19 -18.18
CA ALA BA 56 -1.49 36.33 -19.07
C ALA BA 56 -1.17 37.64 -18.36
N ARG BA 57 -1.84 37.88 -17.22
CA ARG BA 57 -1.65 39.14 -16.50
C ARG BA 57 -0.20 39.30 -16.07
N LEU BA 58 0.36 38.27 -15.43
CA LEU BA 58 1.74 38.36 -14.94
C LEU BA 58 2.72 38.58 -16.08
N TYR BA 59 2.51 37.90 -17.21
CA TYR BA 59 3.42 38.03 -18.34
C TYR BA 59 3.40 39.46 -18.90
N ALA BA 60 2.20 39.99 -19.15
CA ALA BA 60 2.11 41.36 -19.65
C ALA BA 60 2.77 42.34 -18.68
N VAL BA 61 2.49 42.19 -17.38
CA VAL BA 61 3.09 43.07 -16.37
C VAL BA 61 4.61 42.95 -16.41
N GLU BA 62 5.14 41.74 -16.64
CA GLU BA 62 6.58 41.58 -16.64
C GLU BA 62 7.23 42.27 -17.84
N LEU BA 63 6.68 42.03 -19.04
CA LEU BA 63 7.26 42.66 -20.23
C LEU BA 63 7.22 44.18 -20.12
N GLU BA 64 6.05 44.74 -19.78
CA GLU BA 64 5.98 46.19 -19.63
C GLU BA 64 6.88 46.69 -18.51
N HIS BA 65 7.07 45.86 -17.47
CA HIS BA 65 7.97 46.22 -16.38
C HIS BA 65 9.39 46.40 -16.88
N TYR BA 66 9.88 45.44 -17.67
CA TYR BA 66 11.21 45.59 -18.25
C TYR BA 66 11.28 46.82 -19.14
N GLU BA 67 10.24 47.04 -19.96
CA GLU BA 67 10.29 48.17 -20.90
C GLU BA 67 10.37 49.49 -20.16
N LYS BA 68 9.62 49.64 -19.07
CA LYS BA 68 9.66 50.90 -18.31
C LYS BA 68 10.97 51.04 -17.54
N LEU BA 69 11.51 49.92 -17.02
CA LEU BA 69 12.74 50.01 -16.25
C LEU BA 69 13.94 50.39 -17.13
N GLU BA 70 14.08 49.72 -18.27
CA GLU BA 70 15.29 49.86 -19.08
C GLU BA 70 15.10 50.77 -20.29
N GLY BA 71 13.92 51.37 -20.46
CA GLY BA 71 13.64 52.24 -21.59
C GLY BA 71 13.52 51.56 -22.93
N VAL BA 72 13.56 50.24 -22.98
CA VAL BA 72 13.49 49.50 -24.25
C VAL BA 72 12.71 48.21 -24.04
N PRO BA 73 11.99 47.78 -25.06
CA PRO BA 73 11.33 46.48 -24.98
C PRO BA 73 12.32 45.32 -25.13
N LEU BA 74 11.99 44.22 -24.48
CA LEU BA 74 12.80 43.01 -24.54
C LEU BA 74 12.93 42.52 -25.98
N THR BA 75 14.01 41.79 -26.24
CA THR BA 75 14.10 41.05 -27.48
C THR BA 75 13.06 39.93 -27.47
N PHE BA 76 12.69 39.47 -28.67
CA PHE BA 76 11.71 38.39 -28.73
C PHE BA 76 12.25 37.12 -28.09
N ALA BA 77 13.56 36.87 -28.21
CA ALA BA 77 14.18 35.77 -27.49
C ALA BA 77 14.00 35.94 -25.98
N GLY BA 78 14.24 37.15 -25.48
CA GLY BA 78 14.02 37.41 -24.06
C GLY BA 78 12.58 37.18 -23.66
N LYS BA 79 11.63 37.57 -24.51
CA LYS BA 79 10.23 37.32 -24.23
C LYS BA 79 9.95 35.82 -24.12
N ILE BA 80 10.50 35.04 -25.05
CA ILE BA 80 10.34 33.59 -25.00
C ILE BA 80 10.91 33.04 -23.71
N ASN BA 81 12.11 33.49 -23.33
CA ASN BA 81 12.74 32.96 -22.13
C ASN BA 81 11.91 33.30 -20.89
N ARG BA 82 11.37 34.51 -20.82
CA ARG BA 82 10.56 34.88 -19.66
C ARG BA 82 9.31 34.02 -19.58
N LEU BA 83 8.61 33.85 -20.70
CA LEU BA 83 7.41 33.03 -20.69
C LEU BA 83 7.73 31.58 -20.31
N ALA BA 84 8.85 31.07 -20.81
CA ALA BA 84 9.24 29.69 -20.52
C ALA BA 84 9.61 29.51 -19.05
N ILE BA 85 10.25 30.52 -18.46
CA ILE BA 85 10.54 30.46 -17.03
C ILE BA 85 9.25 30.48 -16.22
N MET BA 86 8.31 31.35 -16.59
CA MET BA 86 7.02 31.38 -15.92
C MET BA 86 6.32 30.03 -16.00
N VAL BA 87 6.39 29.38 -17.17
CA VAL BA 87 5.78 28.06 -17.33
C VAL BA 87 6.47 27.05 -16.40
N ARG BA 88 7.80 27.04 -16.41
CA ARG BA 88 8.54 26.10 -15.57
C ARG BA 88 8.22 26.30 -14.09
N GLY BA 89 7.97 27.55 -13.68
CA GLY BA 89 7.67 27.82 -12.28
C GLY BA 89 6.41 27.15 -11.77
N ASN BA 90 5.49 26.78 -12.67
CA ASN BA 90 4.23 26.16 -12.29
C ASN BA 90 4.25 24.64 -12.44
N LEU BA 91 5.42 24.04 -12.67
CA LEU BA 91 5.48 22.60 -12.90
C LEU BA 91 5.03 21.83 -11.67
N ALA BA 92 5.45 22.27 -10.48
CA ALA BA 92 5.01 21.61 -9.25
C ALA BA 92 3.49 21.59 -9.14
N ALA BA 93 2.86 22.76 -9.31
CA ALA BA 93 1.41 22.83 -9.30
C ALA BA 93 0.80 22.09 -10.49
N ALA BA 94 1.52 22.04 -11.62
CA ALA BA 94 0.97 21.38 -12.80
C ALA BA 94 0.85 19.88 -12.61
N MET BA 95 1.81 19.27 -11.92
CA MET BA 95 1.74 17.83 -11.71
C MET BA 95 0.64 17.44 -10.74
N GLN BA 96 0.09 18.38 -9.98
CA GLN BA 96 -1.02 18.11 -9.09
C GLN BA 96 -2.37 18.56 -9.67
N GLY BA 97 -2.40 18.94 -10.94
CA GLY BA 97 -3.64 19.21 -11.65
C GLY BA 97 -3.79 20.61 -12.21
N LEU BA 98 -3.03 21.58 -11.70
CA LEU BA 98 -3.16 22.97 -12.15
C LEU BA 98 -2.24 23.20 -13.34
N LEU BA 99 -2.59 22.56 -14.45
CA LEU BA 99 -1.80 22.58 -15.67
C LEU BA 99 -2.37 23.61 -16.66
N ALA BA 100 -1.48 24.31 -17.34
CA ALA BA 100 -1.87 25.26 -18.38
C ALA BA 100 -0.66 25.52 -19.27
N LEU BA 101 -0.88 25.44 -20.59
CA LEU BA 101 0.17 25.66 -21.57
C LEU BA 101 -0.14 26.90 -22.41
N PRO BA 102 0.84 27.79 -22.60
CA PRO BA 102 0.64 28.93 -23.48
C PRO BA 102 1.16 28.67 -24.90
N LEU BA 103 0.69 29.52 -25.81
CA LEU BA 103 1.13 29.54 -27.20
C LEU BA 103 1.43 30.99 -27.56
N LEU BA 104 2.64 31.24 -28.01
CA LEU BA 104 3.15 32.60 -28.18
C LEU BA 104 3.15 32.97 -29.65
N ALA BA 105 2.37 33.99 -30.02
CA ALA BA 105 2.37 34.55 -31.36
C ALA BA 105 2.88 35.98 -31.28
N GLY BA 106 3.92 36.29 -32.06
CA GLY BA 106 4.52 37.60 -32.02
C GLY BA 106 4.94 38.07 -33.41
N TYR BA 107 5.39 39.32 -33.44
CA TYR BA 107 5.95 39.92 -34.65
C TYR BA 107 7.29 40.53 -34.27
N ASP BA 108 8.37 39.96 -34.78
CA ASP BA 108 9.73 40.40 -34.41
C ASP BA 108 10.04 41.67 -35.19
N ILE BA 109 9.93 42.82 -34.52
CA ILE BA 109 10.22 44.10 -35.15
C ILE BA 109 11.71 44.30 -35.43
N HIS BA 110 12.57 43.48 -34.84
CA HIS BA 110 14.00 43.53 -35.07
C HIS BA 110 14.47 42.50 -36.09
N ALA BA 111 13.55 41.84 -36.79
CA ALA BA 111 13.93 40.84 -37.78
C ALA BA 111 14.37 41.51 -39.08
N SER BA 112 15.17 40.77 -39.85
CA SER BA 112 15.65 41.25 -41.13
C SER BA 112 14.50 41.40 -42.12
N ASP BA 113 14.03 40.28 -42.65
CA ASP BA 113 12.90 40.28 -43.58
C ASP BA 113 11.61 40.49 -42.80
N PRO BA 114 10.88 41.59 -43.02
CA PRO BA 114 9.64 41.82 -42.26
C PRO BA 114 8.48 40.93 -42.68
N GLN BA 115 8.56 40.26 -43.84
CA GLN BA 115 7.50 39.35 -44.23
C GLN BA 115 7.56 38.04 -43.44
N SER BA 116 8.76 37.55 -43.16
CA SER BA 116 8.97 36.40 -42.30
C SER BA 116 9.19 36.78 -40.84
N ALA BA 117 8.69 37.96 -40.43
CA ALA BA 117 8.89 38.43 -39.07
C ALA BA 117 7.89 37.86 -38.08
N GLY BA 118 6.86 37.16 -38.55
CA GLY BA 118 5.94 36.50 -37.65
C GLY BA 118 6.59 35.35 -36.90
N ARG BA 119 6.11 35.12 -35.69
CA ARG BA 119 6.73 34.17 -34.78
C ARG BA 119 5.66 33.35 -34.06
N ILE BA 120 5.87 32.04 -33.99
CA ILE BA 120 4.99 31.13 -33.27
C ILE BA 120 5.86 30.20 -32.44
N VAL BA 121 5.64 30.21 -31.13
CA VAL BA 121 6.47 29.46 -30.18
C VAL BA 121 5.53 28.65 -29.29
N SER BA 122 5.73 27.34 -29.24
CA SER BA 122 4.97 26.48 -28.35
C SER BA 122 5.82 26.07 -27.15
N PHE BA 123 5.12 25.70 -26.07
CA PHE BA 123 5.74 25.40 -24.79
C PHE BA 123 5.20 24.09 -24.24
N ASP BA 124 6.00 23.45 -23.39
CA ASP BA 124 5.55 22.28 -22.64
C ASP BA 124 5.57 22.58 -21.15
N ALA BA 125 5.05 21.62 -20.37
CA ALA BA 125 4.89 21.83 -18.94
C ALA BA 125 6.24 22.08 -18.24
N ALA BA 126 7.32 21.56 -18.79
CA ALA BA 126 8.65 21.73 -18.21
C ALA BA 126 9.32 23.02 -18.66
N GLY BA 127 8.61 23.91 -19.33
CA GLY BA 127 9.20 25.13 -19.83
C GLY BA 127 9.95 24.99 -21.13
N GLY BA 128 10.07 23.78 -21.68
CA GLY BA 128 10.63 23.62 -23.00
C GLY BA 128 9.84 24.41 -24.03
N TRP BA 129 10.55 24.94 -25.02
CA TRP BA 129 9.93 25.82 -26.00
C TRP BA 129 10.52 25.57 -27.37
N ASN BA 130 9.69 25.76 -28.40
CA ASN BA 130 10.14 25.59 -29.77
C ASN BA 130 9.52 26.66 -30.65
N ILE BA 131 10.34 27.28 -31.50
CA ILE BA 131 9.90 28.25 -32.48
C ILE BA 131 9.46 27.49 -33.72
N GLU BA 132 8.15 27.54 -34.01
CA GLU BA 132 7.60 26.73 -35.10
C GLU BA 132 8.05 27.25 -36.45
N GLU BA 133 8.57 26.35 -37.27
CA GLU BA 133 9.12 26.70 -38.58
C GLU BA 133 8.28 26.18 -39.73
N GLU BA 134 7.17 25.48 -39.46
CA GLU BA 134 6.30 24.98 -40.52
C GLU BA 134 5.01 25.79 -40.67
N GLY BA 135 4.95 26.97 -40.05
CA GLY BA 135 3.89 27.91 -40.37
C GLY BA 135 2.74 28.01 -39.38
N TYR BA 136 2.26 26.88 -38.88
CA TYR BA 136 1.09 26.86 -38.01
C TYR BA 136 1.40 26.06 -36.75
N GLN BA 137 0.51 26.19 -35.77
CA GLN BA 137 0.64 25.50 -34.49
C GLN BA 137 -0.66 25.70 -33.70
N ALA BA 138 -0.96 24.73 -32.84
CA ALA BA 138 -2.13 24.81 -31.97
C ALA BA 138 -1.79 24.21 -30.62
N VAL BA 139 -2.67 24.44 -29.65
CA VAL BA 139 -2.52 23.88 -28.31
C VAL BA 139 -3.91 23.68 -27.72
N GLY BA 140 -4.09 22.57 -27.02
CA GLY BA 140 -5.35 22.28 -26.35
C GLY BA 140 -5.87 20.92 -26.75
N SER BA 141 -6.99 20.54 -26.11
CA SER BA 141 -7.59 19.23 -26.32
C SER BA 141 -8.04 19.00 -27.76
N GLY BA 142 -8.11 20.05 -28.58
CA GLY BA 142 -8.43 19.89 -29.99
C GLY BA 142 -7.29 20.30 -30.90
N SER BA 143 -6.08 20.41 -30.33
CA SER BA 143 -4.94 20.87 -31.11
C SER BA 143 -4.58 19.92 -32.23
N LEU BA 144 -4.83 18.63 -32.03
CA LEU BA 144 -4.46 17.64 -33.05
C LEU BA 144 -5.33 17.78 -34.30
N PHE BA 145 -6.65 17.86 -34.11
CA PHE BA 145 -7.55 18.03 -35.25
C PHE BA 145 -7.30 19.37 -35.94
N ALA BA 146 -7.01 20.42 -35.16
CA ALA BA 146 -6.77 21.73 -35.74
C ALA BA 146 -5.49 21.73 -36.57
N LYS BA 147 -4.43 21.09 -36.08
CA LYS BA 147 -3.19 21.04 -36.84
C LYS BA 147 -3.35 20.18 -38.08
N SER BA 148 -4.05 19.06 -37.97
CA SER BA 148 -4.29 18.23 -39.15
C SER BA 148 -5.16 18.93 -40.18
N SER BA 149 -6.03 19.85 -39.74
CA SER BA 149 -6.83 20.64 -40.68
C SER BA 149 -5.98 21.70 -41.36
N MET BA 150 -5.17 22.41 -40.58
CA MET BA 150 -4.27 23.43 -41.15
C MET BA 150 -3.26 22.80 -42.11
N LYS BA 151 -2.90 21.54 -41.89
CA LYS BA 151 -2.00 20.86 -42.81
C LYS BA 151 -2.57 20.82 -44.22
N LYS BA 152 -3.89 20.77 -44.35
CA LYS BA 152 -4.53 20.76 -45.66
C LYS BA 152 -4.91 22.15 -46.14
N LEU BA 153 -5.35 23.03 -45.25
CA LEU BA 153 -5.85 24.34 -45.69
C LEU BA 153 -4.78 25.42 -45.75
N TYR BA 154 -3.56 25.15 -45.28
CA TYR BA 154 -2.56 26.22 -45.17
C TYR BA 154 -2.08 26.74 -46.52
N SER BA 155 -2.17 25.93 -47.59
CA SER BA 155 -1.77 26.39 -48.90
C SER BA 155 -2.58 27.60 -49.37
N GLN BA 156 -3.78 27.79 -48.83
CA GLN BA 156 -4.62 28.92 -49.20
C GLN BA 156 -4.19 30.24 -48.55
N VAL BA 157 -3.27 30.21 -47.60
CA VAL BA 157 -2.94 31.39 -46.81
C VAL BA 157 -1.98 32.26 -47.63
N THR BA 158 -2.47 33.41 -48.09
CA THR BA 158 -1.66 34.38 -48.82
C THR BA 158 -1.68 35.77 -48.23
N ASP BA 159 -2.69 36.12 -47.43
CA ASP BA 159 -2.78 37.42 -46.79
C ASP BA 159 -3.32 37.23 -45.38
N GLY BA 160 -3.70 38.33 -44.75
CA GLY BA 160 -4.32 38.24 -43.43
C GLY BA 160 -5.73 37.70 -43.47
N ASP BA 161 -6.45 37.94 -44.56
CA ASP BA 161 -7.83 37.46 -44.66
C ASP BA 161 -7.86 35.95 -44.86
N SER BA 162 -7.04 35.43 -45.77
CA SER BA 162 -6.98 33.99 -45.96
C SER BA 162 -6.48 33.29 -44.71
N GLY BA 163 -5.49 33.88 -44.02
CA GLY BA 163 -5.00 33.32 -42.79
C GLY BA 163 -6.06 33.29 -41.70
N LEU BA 164 -6.84 34.38 -41.59
CA LEU BA 164 -7.91 34.40 -40.60
C LEU BA 164 -8.98 33.36 -40.93
N ARG BA 165 -9.28 33.18 -42.22
CA ARG BA 165 -10.24 32.16 -42.61
C ARG BA 165 -9.76 30.77 -42.24
N VAL BA 166 -8.49 30.45 -42.55
CA VAL BA 166 -7.96 29.13 -42.26
C VAL BA 166 -7.88 28.91 -40.75
N ALA BA 167 -7.57 29.95 -39.99
CA ALA BA 167 -7.54 29.82 -38.53
C ALA BA 167 -8.93 29.52 -37.98
N VAL BA 168 -9.93 30.30 -38.42
CA VAL BA 168 -11.29 30.07 -37.95
C VAL BA 168 -11.77 28.68 -38.32
N GLU BA 169 -11.45 28.22 -39.53
CA GLU BA 169 -11.88 26.90 -39.97
C GLU BA 169 -11.17 25.80 -39.18
N ALA BA 170 -9.90 26.02 -38.84
CA ALA BA 170 -9.19 25.07 -37.98
C ALA BA 170 -9.86 24.97 -36.62
N LEU BA 171 -10.26 26.11 -36.05
CA LEU BA 171 -11.03 26.06 -34.82
C LEU BA 171 -12.36 25.34 -35.02
N TYR BA 172 -12.94 25.45 -36.22
CA TYR BA 172 -14.21 24.77 -36.49
C TYR BA 172 -14.04 23.26 -36.50
N ASP BA 173 -12.98 22.77 -37.15
CA ASP BA 173 -12.71 21.34 -37.13
C ASP BA 173 -12.40 20.85 -35.72
N ALA BA 174 -11.56 21.62 -35.00
CA ALA BA 174 -11.27 21.30 -33.60
C ALA BA 174 -12.55 21.12 -32.80
N ALA BA 175 -13.46 22.10 -32.87
CA ALA BA 175 -14.72 21.99 -32.16
C ALA BA 175 -15.57 20.83 -32.67
N ASP BA 176 -15.46 20.50 -33.96
CA ASP BA 176 -16.28 19.45 -34.54
C ASP BA 176 -15.86 18.08 -34.03
N ASP BA 177 -14.57 17.87 -33.74
CA ASP BA 177 -14.08 16.57 -33.30
C ASP BA 177 -13.69 16.53 -31.83
N ASP BA 178 -13.90 17.62 -31.09
CA ASP BA 178 -13.52 17.69 -29.68
C ASP BA 178 -14.61 18.43 -28.92
N SER BA 179 -15.21 17.75 -27.93
CA SER BA 179 -16.29 18.34 -27.15
C SER BA 179 -15.81 19.38 -26.15
N ALA BA 180 -14.54 19.32 -25.76
CA ALA BA 180 -13.97 20.35 -24.87
C ALA BA 180 -13.69 21.65 -25.59
N THR BA 181 -13.87 21.70 -26.91
CA THR BA 181 -13.72 22.91 -27.70
C THR BA 181 -15.08 23.32 -28.24
N GLY BA 182 -15.41 24.60 -28.09
CA GLY BA 182 -16.69 25.11 -28.54
C GLY BA 182 -16.67 25.57 -29.98
N GLY BA 183 -17.80 25.39 -30.66
CA GLY BA 183 -17.98 25.88 -32.00
C GLY BA 183 -18.79 27.16 -32.04
N PRO BA 184 -18.93 27.75 -33.22
CA PRO BA 184 -19.71 29.00 -33.34
C PRO BA 184 -21.16 28.78 -32.93
N ASP BA 185 -21.59 29.53 -31.90
CA ASP BA 185 -22.95 29.45 -31.38
C ASP BA 185 -23.79 30.48 -32.13
N LEU BA 186 -24.48 30.02 -33.18
CA LEU BA 186 -25.29 30.94 -33.99
C LEU BA 186 -26.49 31.47 -33.21
N VAL BA 187 -26.98 30.72 -32.24
CA VAL BA 187 -28.13 31.20 -31.44
C VAL BA 187 -27.70 32.36 -30.57
N ARG BA 188 -26.80 32.10 -29.62
CA ARG BA 188 -26.36 33.15 -28.70
C ARG BA 188 -25.52 34.21 -29.38
N GLY BA 189 -24.90 33.88 -30.51
CA GLY BA 189 -24.07 34.85 -31.22
C GLY BA 189 -22.65 34.93 -30.74
N ILE BA 190 -22.14 33.89 -30.09
CA ILE BA 190 -20.77 33.86 -29.59
C ILE BA 190 -19.91 33.12 -30.59
N PHE BA 191 -18.69 33.63 -30.81
CA PHE BA 191 -17.79 33.13 -31.83
C PHE BA 191 -16.38 33.13 -31.26
N PRO BA 192 -15.44 32.41 -31.88
CA PRO BA 192 -14.06 32.44 -31.40
C PRO BA 192 -13.46 33.83 -31.52
N THR BA 193 -12.48 34.12 -30.68
CA THR BA 193 -11.78 35.40 -30.76
C THR BA 193 -10.48 35.23 -31.52
N ALA BA 194 -10.01 36.33 -32.09
CA ALA BA 194 -8.77 36.30 -32.87
C ALA BA 194 -8.03 37.62 -32.72
N VAL BA 195 -6.70 37.52 -32.68
CA VAL BA 195 -5.81 38.66 -32.66
C VAL BA 195 -4.90 38.54 -33.87
N ILE BA 196 -4.67 39.66 -34.56
CA ILE BA 196 -3.82 39.70 -35.74
C ILE BA 196 -2.68 40.69 -35.48
N ILE BA 197 -1.48 40.31 -35.90
CA ILE BA 197 -0.28 41.10 -35.63
C ILE BA 197 0.49 41.27 -36.93
N ASP BA 198 0.88 42.50 -37.22
CA ASP BA 198 1.80 42.80 -38.32
C ASP BA 198 2.76 43.89 -37.86
N ALA BA 199 3.44 44.52 -38.82
CA ALA BA 199 4.39 45.58 -38.48
C ALA BA 199 3.70 46.79 -37.87
N ASP BA 200 2.39 46.91 -38.03
CA ASP BA 200 1.62 47.98 -37.39
C ASP BA 200 1.19 47.63 -35.98
N GLY BA 201 1.61 46.49 -35.44
CA GLY BA 201 1.29 46.10 -34.09
C GLY BA 201 0.34 44.92 -34.00
N ALA BA 202 -0.22 44.73 -32.81
CA ALA BA 202 -1.17 43.67 -32.54
C ALA BA 202 -2.54 44.30 -32.26
N VAL BA 203 -3.58 43.76 -32.90
CA VAL BA 203 -4.92 44.33 -32.80
C VAL BA 203 -5.93 43.19 -32.73
N ASP BA 204 -6.98 43.41 -31.93
CA ASP BA 204 -8.10 42.47 -31.88
C ASP BA 204 -8.83 42.45 -33.21
N VAL BA 205 -9.14 41.25 -33.69
CA VAL BA 205 -9.96 41.11 -34.89
C VAL BA 205 -11.43 41.27 -34.53
N PRO BA 206 -12.18 42.12 -35.23
CA PRO BA 206 -13.58 42.37 -34.84
C PRO BA 206 -14.44 41.12 -34.92
N GLU BA 207 -15.45 41.07 -34.05
CA GLU BA 207 -16.35 39.92 -33.98
C GLU BA 207 -17.06 39.68 -35.30
N SER BA 208 -17.45 40.76 -35.99
CA SER BA 208 -18.26 40.64 -37.20
C SER BA 208 -17.54 39.80 -38.26
N ARG BA 209 -16.23 40.00 -38.41
CA ARG BA 209 -15.47 39.27 -39.42
C ARG BA 209 -15.43 37.77 -39.09
N ILE BA 210 -15.23 37.43 -37.83
CA ILE BA 210 -15.23 36.02 -37.43
C ILE BA 210 -16.62 35.42 -37.62
N ALA BA 211 -17.66 36.20 -37.36
CA ALA BA 211 -19.03 35.70 -37.57
C ALA BA 211 -19.29 35.39 -39.03
N GLU BA 212 -18.90 36.30 -39.93
CA GLU BA 212 -19.14 36.05 -41.35
C GLU BA 212 -18.30 34.88 -41.86
N LEU BA 213 -17.06 34.77 -41.40
CA LEU BA 213 -16.23 33.63 -41.79
C LEU BA 213 -16.87 32.32 -41.32
N ALA BA 214 -17.30 32.29 -40.06
CA ALA BA 214 -17.93 31.10 -39.51
C ALA BA 214 -19.16 30.71 -40.31
N ARG BA 215 -20.02 31.68 -40.63
CA ARG BA 215 -21.22 31.38 -41.40
C ARG BA 215 -20.87 30.85 -42.79
N ALA BA 216 -19.88 31.46 -43.44
CA ALA BA 216 -19.42 30.96 -44.74
C ALA BA 216 -18.99 29.51 -44.65
N ILE BA 217 -18.24 29.15 -43.60
CA ILE BA 217 -17.81 27.77 -43.41
C ILE BA 217 -19.01 26.86 -43.17
N ILE BA 218 -19.95 27.29 -42.32
CA ILE BA 218 -21.10 26.46 -41.96
C ILE BA 218 -21.92 26.12 -43.20
N GLU BA 219 -22.23 27.11 -44.03
CA GLU BA 219 -23.00 26.79 -45.22
C GLU BA 219 -22.16 26.02 -46.23
N SER BA 220 -20.87 26.33 -46.33
CA SER BA 220 -20.00 25.58 -47.22
C SER BA 220 -19.99 24.09 -46.86
N ARG BA 221 -20.18 23.76 -45.59
CA ARG BA 221 -20.32 22.36 -45.18
C ARG BA 221 -21.73 21.85 -45.34
N SER BA 222 -22.73 22.74 -45.41
CA SER BA 222 -24.13 22.34 -45.44
C SER BA 222 -24.65 22.01 -46.83
N GLY BA 223 -23.94 22.40 -47.88
CA GLY BA 223 -24.41 22.20 -49.24
C GLY BA 223 -25.59 23.11 -49.58
C27 M9G CA . 11.39 -22.92 8.54
C25 M9G CA . 10.03 -23.10 8.69
C26 M9G CA . 8.96 -22.33 7.95
O24 M9G CA . 9.85 -24.07 9.59
N23 M9G CA . 11.08 -24.50 10.01
C22 M9G CA . 12.00 -23.82 9.39
C20 M9G CA . 13.50 -24.00 9.56
O21 M9G CA . 14.28 -23.25 9.02
C38 M9G CA . 13.70 -30.07 13.63
C32 M9G CA . 15.71 -29.93 12.43
C36 M9G CA . 17.07 -31.32 10.98
C33 M9G CA . 16.83 -29.68 13.23
C16 M9G CA . 16.08 -25.60 9.24
C18 M9G CA . 15.37 -25.35 10.60
C28 M9G CA . 15.62 -26.63 11.47
C29 M9G CA . 15.14 -26.63 12.96
C40 M9G CA . 14.01 -28.08 14.96
C39 M9G CA . 13.77 -29.40 15.12
C31 M9G CA . 14.31 -29.29 12.79
C37 M9G CA . 15.84 -30.76 11.29
C35 M9G CA . 18.19 -31.06 11.79
C34 M9G CA . 18.06 -30.24 12.91
N30 M9G CA . 14.53 -27.89 13.54
N19 M9G CA . 13.99 -25.15 10.41
O17 M9G CA . 15.50 -26.15 8.33
O41 M9G CA . 15.26 -25.68 13.61
C10 M9G CA . 19.83 -32.01 4.30
C13 M9G CA . 19.07 -28.96 8.48
C01 M9G CA . 19.44 -24.58 7.71
C02 M9G CA . 18.20 -25.41 7.83
C03 M9G CA . 18.58 -26.96 7.80
C05 M9G CA . 19.03 -28.95 7.06
C06 M9G CA . 19.28 -30.01 6.16
C07 M9G CA . 18.94 -31.33 6.45
C09 M9G CA . 19.22 -32.33 5.52
C11 M9G CA . 20.17 -30.68 4.01
C12 M9G CA . 19.89 -29.70 4.94
F08 M9G CA . 18.34 -31.65 7.65
N04 M9G CA . 18.74 -27.70 6.70
N14 M9G CA . 18.79 -27.73 8.88
N15 M9G CA . 17.52 -25.16 9.07
C27 M9G DA . -5.60 -17.56 20.02
C25 M9G DA . -6.61 -17.89 19.15
C26 M9G DA . -6.76 -17.39 17.73
O24 M9G DA . -7.43 -18.73 19.78
N23 M9G DA . -6.95 -18.93 21.04
C22 M9G DA . -5.85 -18.24 21.20
C20 M9G DA . -5.03 -18.21 22.46
O21 M9G DA . -4.06 -17.51 22.59
C38 M9G DA . -9.25 -22.03 26.71
C32 M9G DA . -7.08 -22.50 27.49
C36 M9G DA . -5.82 -22.59 29.54
C33 M9G DA . -6.68 -23.80 27.17
C16 M9G DA . -3.44 -19.95 24.53
C18 M9G DA . -4.72 -19.13 24.78
C28 M9G DA . -5.49 -19.89 25.89
C29 M9G DA . -6.72 -19.23 26.58
C40 M9G DA . -9.24 -19.74 27.51
C39 M9G DA . -9.97 -20.87 27.62
C31 M9G DA . -8.02 -21.67 26.52
C37 M9G DA . -6.64 -21.89 28.68
C35 M9G DA . -5.41 -23.91 29.22
C34 M9G DA . -5.85 -24.50 28.04
N30 M9G DA . -7.92 -20.12 26.86
N19 M9G DA . -5.47 -19.11 23.58
O17 M9G DA . -3.34 -20.67 23.56
O41 M9G DA . -6.70 -18.11 26.85
C10 M9G DA . 0.28 -28.08 25.51
C13 M9G DA . -2.34 -23.75 26.86
C01 M9G DA . 0.01 -20.03 26.10
C02 M9G DA . -1.12 -20.59 25.31
C03 M9G DA . -1.43 -22.09 25.81
C05 M9G DA . -1.29 -24.24 26.04
C06 M9G DA . -0.81 -25.56 25.88
C07 M9G DA . -1.59 -26.68 26.12
C09 M9G DA . -1.05 -27.95 25.93
C11 M9G DA . 1.06 -26.96 25.27
C12 M9G DA . 0.51 -25.70 25.46
F08 M9G DA . -2.89 -26.56 26.53
N04 M9G DA . -0.77 -23.18 25.43
N14 M9G DA . -2.40 -22.45 26.69
N15 M9G DA . -2.31 -19.83 25.53
C27 M9G EA . -21.84 -6.92 13.92
C25 M9G EA . -21.77 -7.21 12.58
C26 M9G EA . -20.49 -7.56 11.83
O24 M9G EA . -23.01 -7.13 12.09
N23 M9G EA . -23.86 -6.79 13.10
C22 M9G EA . -23.17 -6.67 14.21
C20 M9G EA . -23.65 -6.30 15.59
O21 M9G EA . -22.92 -5.66 16.30
C38 M9G EA . -30.78 -7.11 16.56
C32 M9G EA . -29.70 -7.56 18.60
C36 M9G EA . -29.84 -9.31 20.27
C33 M9G EA . -29.75 -6.60 19.62
C16 M9G EA . -24.44 -7.12 18.46
C18 M9G EA . -25.20 -6.23 17.46
C28 M9G EA . -26.67 -6.24 17.91
C29 M9G EA . -27.65 -5.17 17.35
C40 M9G EA . -30.18 -4.81 16.38
C39 M9G EA . -30.94 -5.71 15.72
C31 M9G EA . -29.59 -7.12 17.08
C37 M9G EA . -29.74 -8.93 18.94
C35 M9G EA . -29.88 -8.34 21.28
C34 M9G EA . -29.84 -6.98 20.96
N30 M9G EA . -29.04 -5.63 16.96
N19 M9G EA . -24.99 -6.69 16.13
O17 M9G EA . -24.10 -8.25 18.15
O41 M9G EA . -27.30 -4.07 17.23
C10 M9G EA . -25.51 -13.86 24.21
C13 M9G EA . -26.41 -9.08 22.28
C01 M9G EA . -22.82 -6.48 21.83
C02 M9G EA . -23.44 -7.36 20.80
C03 M9G EA . -24.53 -8.32 21.48
C05 M9G EA . -25.41 -10.07 22.42
C06 M9G EA . -25.50 -11.36 23.00
C07 M9G EA . -26.61 -12.19 22.84
C09 M9G EA . -26.61 -13.45 23.45
C11 M9G EA . -24.41 -13.03 24.36
C12 M9G EA . -24.41 -11.78 23.75
F08 M9G EA . -27.69 -11.78 22.09
N04 M9G EA . -24.29 -9.56 21.92
N14 M9G EA . -25.84 -8.03 21.70
N15 M9G EA . -24.14 -6.56 19.82
C27 M9G FA . -14.27 0.58 -22.34
C25 M9G FA . -13.72 -0.68 -22.25
C26 M9G FA . -13.06 -1.27 -21.02
O24 M9G FA . -13.86 -1.27 -23.44
N23 M9G FA . -14.50 -0.41 -24.28
C22 M9G FA . -14.74 0.71 -23.64
C20 M9G FA . -15.44 1.92 -24.22
O21 M9G FA . -15.49 2.95 -23.57
C38 M9G FA . -17.27 0.90 -31.69
C32 M9G FA . -18.81 2.37 -30.69
C36 M9G FA . -21.20 2.67 -30.89
C33 M9G FA . -18.62 3.75 -30.78
C16 M9G FA . -17.96 3.38 -25.32
C18 M9G FA . -16.69 3.01 -26.12
C28 M9G FA . -17.13 2.75 -27.59
C29 M9G FA . -16.07 2.93 -28.72
C40 M9G FA . -15.38 2.36 -31.29
C39 M9G FA . -15.72 1.30 -32.05
C31 M9G FA . -17.56 1.42 -30.53
C37 M9G FA . -20.10 1.83 -30.74
C35 M9G FA . -21.00 4.06 -30.99
C34 M9G FA . -19.72 4.59 -30.94
N30 M9G FA . -16.30 2.28 -30.07
N19 M9G FA . -16.05 1.87 -25.60
O17 M9G FA . -18.49 2.58 -24.58
O41 M9G FA . -15.10 3.54 -28.52
C10 M9G FA . -26.91 2.95 -26.50
C13 M9G FA . -22.09 4.56 -27.62
C01 M9G FA . -19.70 6.63 -24.54
C02 M9G FA . -19.75 5.16 -24.82
C03 M9G FA . -20.97 4.83 -25.79
C05 M9G FA . -22.92 4.23 -26.52
C06 M9G FA . -24.25 3.79 -26.54
C07 M9G FA . -24.76 2.99 -27.58
C09 M9G FA . -26.09 2.58 -27.57
C11 M9G FA . -26.42 3.74 -25.47
C12 M9G FA . -25.09 4.16 -25.48
F08 M9G FA . -23.96 2.61 -28.63
N04 M9G FA . -22.18 4.41 -25.42
N14 M9G FA . -20.92 4.91 -27.14
N15 M9G FA . -18.55 4.77 -25.51
C27 M9G GA . -25.98 0.82 -5.25
C25 M9G GA . -25.36 0.01 -6.19
C26 M9G GA . -24.12 -0.82 -5.97
O24 M9G GA . -26.08 0.10 -7.32
N23 M9G GA . -27.11 0.96 -7.11
C22 M9G GA . -27.07 1.39 -5.87
C20 M9G GA . -28.04 2.35 -5.23
O21 M9G GA . -27.79 2.79 -4.13
C38 M9G GA . -34.09 2.32 -9.43
C32 M9G GA . -34.71 3.16 -7.31
C36 M9G GA . -36.49 2.75 -5.73
C33 M9G GA . -34.91 4.55 -7.18
C16 M9G GA . -30.60 3.21 -3.92
C18 M9G GA . -30.21 3.66 -5.35
C28 M9G GA . -31.54 3.78 -6.15
C29 M9G GA . -31.57 4.42 -7.58
C40 M9G GA . -32.79 4.27 -10.03
C39 M9G GA . -33.87 3.58 -10.46
C31 M9G GA . -33.58 2.64 -8.29
C37 M9G GA . -35.51 2.27 -6.59
C35 M9G GA . -36.69 4.15 -5.60
C34 M9G GA . -35.89 5.03 -6.33
N30 M9G GA . -32.55 3.84 -8.58
N19 M9G GA . -29.30 2.75 -5.95
O17 M9G GA . -30.52 2.05 -3.58
O41 M9G GA . -30.85 5.30 -7.85
C10 M9G GA . -37.42 -0.09 1.10
C13 M9G GA . -35.20 3.53 -1.92
C01 M9G GA . -31.18 5.03 -0.69
C02 M9G GA . -31.49 3.90 -1.63
C03 M9G GA . -33.06 3.53 -1.56
C05 M9G GA . -34.89 2.54 -0.96
C06 M9G GA . -35.77 1.65 -0.29
C07 M9G GA . -36.74 0.94 -0.97
C09 M9G GA . -37.57 0.07 -0.27
C11 M9G GA . -36.44 0.63 1.78
C12 M9G GA . -35.62 1.49 1.08
F08 M9G GA . -36.88 1.09 -2.33
N04 M9G GA . -33.58 2.58 -0.78
N14 M9G GA . -34.05 4.11 -2.26
N15 M9G GA . -31.12 4.27 -2.96
C27 M9G HA . 3.75 -8.26 -25.59
C25 M9G HA . 3.81 -9.45 -24.87
C26 M9G HA . 3.26 -9.66 -23.48
O24 M9G HA . 4.45 -10.35 -25.62
N23 M9G HA . 4.79 -9.75 -26.81
C22 M9G HA . 4.38 -8.49 -26.80
C20 M9G HA . 4.56 -7.51 -27.92
O21 M9G HA . 4.25 -6.35 -27.82
C38 M9G HA . 7.40 -11.77 -33.56
C32 M9G HA . 6.29 -9.89 -34.43
C36 M9G HA . 4.76 -9.44 -36.25
C33 M9G HA . 7.11 -8.84 -34.86
C16 M9G HA . 4.03 -6.52 -30.79
C18 M9G HA . 5.35 -7.20 -30.33
C28 M9G HA . 5.85 -8.03 -31.53
C29 M9G HA . 7.28 -8.63 -31.42
C40 M9G HA . 8.99 -10.59 -32.19
C39 M9G HA . 8.71 -11.85 -32.57
C31 M9G HA . 6.70 -10.74 -33.17
C37 M9G HA . 5.11 -10.19 -35.14
C35 M9G HA . 5.59 -8.39 -36.67
C34 M9G HA . 6.76 -8.09 -35.97
N30 M9G HA . 7.64 -9.89 -32.19
N19 M9G HA . 5.14 -8.03 -29.21
O17 M9G HA . 2.95 -6.92 -30.42
O41 M9G HA . 8.08 -8.11 -30.75
C10 M9G HA . -1.80 -7.23 -37.67
C13 M9G HA . 2.82 -6.39 -35.44
C01 M9G HA . 3.20 -3.22 -32.37
C02 M9G HA . 2.95 -4.67 -32.16
C03 M9G HA . 2.57 -5.37 -33.55
C05 M9G HA . 1.44 -6.20 -35.21
C06 M9G HA . 0.37 -6.57 -36.04
C07 M9G HA . 0.44 -7.68 -36.88
C09 M9G HA . -0.65 -8.02 -37.68
C11 M9G HA . -1.87 -6.12 -36.83
C12 M9G HA . -0.79 -5.79 -36.03
F08 M9G HA . 1.55 -8.47 -36.91
N04 M9G HA . 1.34 -5.58 -34.04
N14 M9G HA . 3.47 -5.88 -34.41
N15 M9G HA . 4.14 -5.32 -31.70
C27 M9G IA . 15.19 -19.12 -11.93
C25 M9G IA . 14.51 -19.73 -10.89
C26 M9G IA . 13.08 -19.48 -10.50
O24 M9G IA . 15.38 -20.58 -10.30
N23 M9G IA . 16.56 -20.51 -10.96
C22 M9G IA . 16.46 -19.64 -11.94
C20 M9G IA . 17.56 -19.28 -12.89
O21 M9G IA . 17.61 -18.20 -13.42
C38 M9G IA . 21.29 -25.49 -13.01
C32 M9G IA . 21.68 -24.39 -15.05
C36 M9G IA . 23.58 -23.82 -16.43
C33 M9G IA . 21.02 -24.93 -16.17
C16 M9G IA . 19.24 -19.56 -15.45
C18 M9G IA . 19.69 -20.02 -14.04
C28 M9G IA . 20.55 -21.29 -14.26
C29 M9G IA . 21.45 -21.72 -13.07
C40 M9G IA . 22.46 -23.83 -11.68
C39 M9G IA . 22.13 -25.14 -11.64
C31 M9G IA . 20.99 -24.39 -13.62
C37 M9G IA . 22.96 -23.84 -15.19
C35 M9G IA . 22.92 -24.37 -17.55
C34 M9G IA . 21.65 -24.91 -17.41
N30 M9G IA . 21.63 -23.19 -12.79
N19 M9G IA . 18.62 -20.31 -13.17
O17 M9G IA . 18.14 -19.82 -15.90
O41 M9G IA . 21.96 -20.90 -12.41
C10 M9G IA . 18.96 -22.45 -23.85
C13 M9G IA . 21.14 -21.43 -19.20
C01 M9G IA . 20.83 -17.17 -17.96
C02 M9G IA . 19.94 -18.31 -17.56
C03 M9G IA . 20.27 -19.57 -18.49
C05 M9G IA . 20.19 -20.97 -20.13
C06 M9G IA . 19.80 -21.52 -21.36
C07 M9G IA . 19.86 -22.89 -21.64
C09 M9G IA . 19.44 -23.34 -22.88
C11 M9G IA . 18.90 -21.09 -23.57
C12 M9G IA . 19.32 -20.63 -22.32
F08 M9G IA . 20.32 -23.77 -20.69
N04 M9G IA . 19.69 -19.85 -19.66
N14 M9G IA . 21.15 -20.55 -18.21
N15 M9G IA . 20.25 -18.76 -16.24
C27 M9G JA . -15.85 19.95 9.49
C25 M9G JA . -14.87 19.61 10.41
C26 M9G JA . -13.40 19.40 10.10
O24 M9G JA . -15.45 19.51 11.60
N23 M9G JA . -16.77 19.77 11.47
C22 M9G JA . -17.03 20.05 10.20
C20 M9G JA . -18.39 20.38 9.66
O21 M9G JA . -18.89 19.73 8.78
C38 M9G JA . -21.22 24.66 14.53
C32 M9G JA . -22.18 25.31 12.47
C36 M9G JA . -22.57 27.32 11.19
C33 M9G JA . -23.52 24.95 12.33
C16 M9G JA . -20.44 22.38 8.23
C18 M9G JA . -20.46 21.73 9.63
C28 M9G JA . -21.35 22.62 10.53
C29 M9G JA . -21.82 22.01 11.90
C40 M9G JA . -22.11 22.44 14.57
C39 M9G JA . -21.44 23.28 15.38
C31 M9G JA . -21.19 24.35 13.26
C37 M9G JA . -21.70 26.50 11.89
C35 M9G JA . -23.94 26.96 11.06
C34 M9G JA . -24.41 25.77 11.63
N30 M9G JA . -21.72 22.85 13.16
N19 M9G JA . -19.17 21.54 10.21
O17 M9G JA . -19.50 22.99 7.82
O41 M9G JA . -22.22 20.93 11.93
C10 M9G JA . -22.24 30.32 4.74
C13 M9G JA . -23.24 25.98 7.46
C01 M9G JA . -22.81 22.15 5.26
C02 M9G JA . -21.80 22.84 6.11
C03 M9G JA . -22.28 24.33 6.44
C05 M9G JA . -22.55 26.47 6.32
C06 M9G JA . -22.46 27.79 5.84
C07 M9G JA . -22.46 28.90 6.68
C09 M9G JA . -22.35 30.16 6.13
C11 M9G JA . -22.24 29.22 3.91
C12 M9G JA . -22.35 27.95 4.47
F08 M9G JA . -22.55 28.74 8.05
N04 M9G JA . -21.99 25.42 5.73
N14 M9G JA . -23.03 24.67 7.50
N15 M9G JA . -21.71 22.22 7.41
C27 M9G KA . -6.19 9.57 24.78
C25 M9G KA . -4.82 9.63 24.59
C26 M9G KA . -4.14 9.90 23.27
O24 M9G KA . -4.24 9.40 25.77
N23 M9G KA . -5.21 9.21 26.70
C22 M9G KA . -6.39 9.31 26.12
C20 M9G KA . -7.72 9.16 26.81
O21 M9G KA . -8.67 8.71 26.20
C38 M9G KA . -6.41 10.43 33.94
C32 M9G KA . -8.61 11.15 33.44
C36 M9G KA . -10.09 13.04 33.66
C33 M9G KA . -9.54 10.33 34.08
C16 M9G KA . -10.17 10.33 28.21
C18 M9G KA . -9.13 9.38 28.85
C28 M9G KA . -9.04 9.69 30.38
C29 M9G KA . -8.39 8.59 31.27
C40 M9G KA . -6.81 8.12 33.45
C39 M9G KA . -5.90 8.89 34.06
C31 M9G KA . -7.25 10.52 32.94
C37 M9G KA . -8.89 12.51 33.22
C35 M9G KA . -11.03 12.21 34.31
C34 M9G KA . -10.75 10.86 34.52
N30 M9G KA . -7.54 9.01 32.47
N19 M9G KA . -7.87 9.55 28.24
O17 M9G KA . -9.82 11.27 27.53
O41 M9G KA . -8.54 7.48 31.01
C10 M9G KA . -14.50 17.97 30.23
C13 M9G KA . -12.94 13.04 30.90
C01 M9G KA . -13.90 10.24 27.59
C02 M9G KA . -12.62 10.95 27.86
C03 M9G KA . -12.85 12.07 28.96
C05 M9G KA . -13.30 13.98 29.89
C06 M9G KA . -13.68 15.33 30.04
C07 M9G KA . -13.20 16.12 31.09
C09 M9G KA . -13.62 17.44 31.18
C11 M9G KA . -14.97 17.18 29.19
C12 M9G KA . -14.55 15.85 29.10
F08 M9G KA . -12.33 15.60 32.01
N04 M9G KA . -13.23 13.33 28.73
N14 M9G KA . -12.67 11.90 30.29
N15 M9G KA . -11.64 10.05 28.44
C27 M9G LA . 11.98 -0.18 24.25
C25 M9G LA . 12.61 0.58 23.27
C26 M9G LA . 11.92 1.30 22.14
O24 M9G LA . 13.93 0.52 23.50
N23 M9G LA . 14.14 -0.25 24.62
C22 M9G LA . 12.98 -0.66 25.07
C20 M9G LA . 12.76 -1.54 26.28
O21 M9G LA . 12.08 -2.53 26.19
C38 M9G LA . 18.41 -1.47 30.86
C32 M9G LA . 16.52 -1.84 32.20
C36 M9G LA . 15.78 -3.46 33.85
C33 M9G LA . 16.20 -0.80 33.09
C16 M9G LA . 11.80 -1.71 29.41
C18 M9G LA . 13.05 -2.17 28.63
C28 M9G LA . 14.20 -2.32 29.66
C29 M9G LA . 15.43 -3.22 29.30
C40 M9G LA . 18.13 -3.53 29.63
C39 M9G LA . 19.07 -2.58 29.86
C31 M9G LA . 17.10 -1.56 30.77
C37 M9G LA . 16.30 -3.18 32.60
C35 M9G LA . 15.47 -2.41 34.73
C34 M9G LA . 15.68 -1.08 34.34
N30 M9G LA . 16.80 -2.82 29.84
N19 M9G LA . 13.36 -1.23 27.62
O17 M9G LA . 11.41 -0.57 29.34
O41 M9G LA . 15.29 -4.15 28.63
C10 M9G LA . 9.98 2.70 36.79
C13 M9G LA . 11.93 -1.21 33.92
C01 M9G LA . 9.06 -3.46 31.37
C02 M9G LA . 9.93 -2.30 30.99
C03 M9G LA . 10.54 -1.62 32.30
C05 M9G LA . 10.83 -0.30 34.00
C06 M9G LA . 10.59 0.71 34.95
C07 M9G LA . 11.62 1.42 35.55
C09 M9G LA . 11.31 2.41 36.49
C11 M9G LA . 8.94 1.99 36.18
C12 M9G LA . 9.26 1.00 35.26
F08 M9G LA . 12.94 1.14 35.26
N04 M9G LA . 10.02 -0.60 32.98
N14 M9G LA . 11.71 -1.98 32.87
N15 M9G LA . 11.07 -2.74 30.25
C27 M9G MA . 25.52 -1.38 8.06
C25 M9G MA . 25.43 -0.35 7.12
C26 M9G MA . 24.37 0.74 7.09
O24 M9G MA . 26.42 -0.52 6.24
N23 M9G MA . 27.14 -1.61 6.61
C22 M9G MA . 26.63 -2.13 7.69
C20 M9G MA . 27.17 -3.36 8.38
O21 M9G MA . 26.46 -4.25 8.77
C38 M9G MA . 34.81 -2.75 7.81
C32 M9G MA . 34.27 -4.13 9.63
C36 M9G MA . 35.04 -4.43 11.90
C33 M9G MA . 34.37 -5.51 9.40
C16 M9G MA . 28.94 -4.75 10.67
C18 M9G MA . 29.29 -4.55 9.17
C28 M9G MA . 30.82 -4.33 9.09
C29 M9G MA . 31.49 -4.55 7.69
C40 M9G MA . 33.68 -4.09 6.15
C39 M9G MA . 34.64 -3.16 6.23
C31 M9G MA . 33.77 -3.18 8.47
C37 M9G MA . 34.61 -3.59 10.89
C35 M9G MA . 35.14 -5.82 11.67
C34 M9G MA . 34.80 -6.35 10.42
N30 M9G MA . 32.87 -3.99 7.44
N19 M9G MA . 28.66 -3.43 8.57
O17 M9G MA . 28.72 -3.79 11.38
O41 M9G MA . 30.93 -5.12 6.87
C10 M9G MA . 32.47 -3.72 18.68
C13 M9G MA . 32.01 -5.71 13.89
C01 M9G MA . 28.29 -7.84 12.86
C02 M9G MA . 28.60 -6.39 12.60
C03 M9G MA . 29.92 -6.00 13.41
C05 M9G MA . 31.22 -5.27 14.98
C06 M9G MA . 31.66 -4.74 16.21
C07 M9G MA . 32.82 -3.96 16.29
C09 M9G MA . 33.21 -3.45 17.52
C11 M9G MA . 31.31 -4.50 18.58
C12 M9G MA . 30.92 -5.00 17.35
F08 M9G MA . 33.56 -3.69 15.17
N04 M9G MA . 29.96 -5.47 14.64
N14 M9G MA . 31.17 -6.15 12.96
N15 M9G MA . 28.90 -6.16 11.21
C27 M9G NA . 23.89 5.58 -11.69
C25 M9G NA . 23.08 6.70 -11.82
C26 M9G NA . 22.20 7.29 -10.74
O24 M9G NA . 23.24 7.16 -13.06
N23 M9G NA . 24.12 6.36 -13.72
C22 M9G NA . 24.52 5.41 -12.91
C20 M9G NA . 25.50 4.33 -13.27
O21 M9G NA . 25.39 3.20 -12.83
C38 M9G NA . 29.92 7.78 -17.97
C32 M9G NA . 31.19 6.12 -16.87
C36 M9G NA . 32.83 4.46 -17.50
C33 M9G NA . 32.04 6.54 -15.83
C16 M9G NA . 28.32 3.12 -13.35
C18 M9G NA . 27.55 3.66 -14.58
C28 M9G NA . 28.61 4.19 -15.57
C29 M9G NA . 28.10 4.60 -16.99
C40 M9G NA . 28.31 6.39 -19.04
C39 M9G NA . 28.62 7.69 -18.96
C31 M9G NA . 29.79 6.83 -17.09
C37 M9G NA . 31.60 5.07 -17.70
C35 M9G NA . 33.68 4.90 -16.46
C34 M9G NA . 33.27 5.94 -15.63
N30 M9G NA . 28.69 5.83 -17.66
N19 M9G NA . 26.63 4.67 -14.21
O17 M9G NA . 28.43 3.79 -12.34
O41 M9G NA . 27.29 3.94 -17.51
C10 M9G NA . 36.37 3.40 -9.52
C13 M9G NA . 32.86 2.79 -13.31
C01 M9G NA . 29.76 -0.30 -12.55
C02 M9G NA . 29.65 1.17 -12.38
C03 M9G NA . 31.10 1.83 -12.48
C05 M9G NA . 33.06 2.58 -11.93
C06 M9G NA . 34.18 2.89 -11.14
C07 M9G NA . 35.00 3.98 -11.43
C09 M9G NA . 36.10 4.22 -10.61
C11 M9G NA . 35.55 2.31 -9.24
C12 M9G NA . 34.45 2.05 -10.06
F08 M9G NA . 34.73 4.80 -12.49
N04 M9G NA . 31.96 1.99 -11.47
N14 M9G NA . 31.65 2.32 -13.60
N15 M9G NA . 28.91 1.74 -13.47
C27 M9G OA . 8.17 16.45 -19.86
C25 M9G OA . 7.59 17.15 -18.82
C26 M9G OA . 7.67 16.80 -17.35
O24 M9G OA . 6.93 18.17 -19.36
N23 M9G OA . 7.09 18.14 -20.71
C22 M9G OA . 7.83 17.11 -21.02
C20 M9G OA . 8.25 16.70 -22.42
O21 M9G OA . 8.44 15.53 -22.68
C38 M9G OA . 8.07 22.65 -26.67
C32 M9G OA . 9.55 21.22 -27.82
C36 M9G OA . 9.91 20.43 -30.08
C33 M9G OA . 10.89 21.63 -27.74
C16 M9G OA . 10.26 16.72 -24.79
C18 M9G OA . 8.81 17.25 -24.78
C28 M9G OA . 8.79 18.37 -25.87
C29 M9G OA . 7.41 18.96 -26.31
C40 M9G OA . 6.13 21.23 -27.08
C39 M9G OA . 6.54 22.51 -27.25
C31 M9G OA . 8.58 21.46 -26.59
C37 M9G OA . 9.07 20.63 -28.99
C35 M9G OA . 11.26 20.84 -29.99
C34 M9G OA . 11.74 21.42 -28.82
N30 M9G OA . 7.36 20.44 -26.63
N19 M9G OA . 8.43 17.73 -23.50
O17 M9G OA . 11.04 17.01 -23.91
O41 M9G OA . 6.47 18.29 -26.38
C10 M9G OA . 18.63 18.72 -27.42
C13 M9G OA . 13.46 18.14 -28.01
C01 M9G OA . 11.95 14.08 -26.93
C02 M9G OA . 11.96 15.32 -26.09
C03 M9G OA . 12.86 16.44 -26.79
C05 M9G OA . 14.60 17.62 -27.34
C06 M9G OA . 15.94 18.03 -27.39
C07 M9G OA . 16.30 19.37 -27.57
C09 M9G OA . 17.65 19.71 -27.59
C11 M9G OA . 18.26 17.39 -27.24
C12 M9G OA . 16.92 17.06 -27.21
F08 M9G OA . 15.35 20.33 -27.73
N04 M9G OA . 14.16 16.58 -26.61
N14 M9G OA . 12.42 17.40 -27.64
N15 M9G OA . 10.64 15.85 -25.96
C27 M9G PA . -9.62 22.97 -10.87
C25 M9G PA . -9.40 23.21 -9.52
C26 M9G PA . -8.31 22.59 -8.68
O24 M9G PA . -10.31 24.09 -9.11
N23 M9G PA . -11.12 24.41 -10.17
C22 M9G PA . -10.70 23.74 -11.23
C20 M9G PA . -11.33 23.83 -12.60
O21 M9G PA . -11.39 22.87 -13.33
C38 M9G PA . -14.99 30.18 -12.43
C32 M9G PA . -14.17 29.85 -14.61
C36 M9G PA . -12.96 31.00 -16.36
C33 M9G PA . -15.21 29.56 -15.50
C16 M9G PA . -11.43 25.24 -15.47
C18 M9G PA . -12.48 25.23 -14.35
C28 M9G PA . -13.30 26.54 -14.50
C29 M9G PA . -14.65 26.64 -13.71
C40 M9G PA . -16.34 28.21 -12.28
C39 M9G PA . -16.07 29.32 -11.56
C31 M9G PA . -14.27 29.34 -13.12
C37 M9G PA . -13.05 30.56 -15.05
C35 M9G PA . -14.02 30.71 -17.26
C34 M9G PA . -15.14 30.00 -16.83
N30 M9G PA . -15.06 27.95 -13.08
N19 M9G PA . -11.89 25.15 -13.07
O17 M9G PA . -10.28 25.56 -15.26
O41 M9G PA . -15.32 25.69 -13.61
C10 M9G PA . -7.31 30.69 -21.16
C13 M9G PA . -11.46 28.42 -18.91
C01 M9G PA . -11.40 23.97 -19.07
C02 M9G PA . -10.95 24.86 -17.95
C03 M9G PA . -10.89 26.37 -18.46
C05 M9G PA . -10.12 28.21 -19.30
C06 M9G PA . -9.20 29.09 -19.91
C07 M9G PA . -9.26 30.47 -19.73
C09 M9G PA . -8.31 31.27 -20.37
C11 M9G PA . -7.26 29.31 -21.32
C12 M9G PA . -8.21 28.51 -20.69
F08 M9G PA . -10.23 31.04 -18.95
N04 M9G PA . -9.83 26.95 -19.01
N14 M9G PA . -11.90 27.28 -18.39
N15 M9G PA . -11.88 24.84 -16.86
#